data_9BUZ
#
_entry.id   9BUZ
#
_cell.length_a   1.00
_cell.length_b   1.00
_cell.length_c   1.00
_cell.angle_alpha   90.00
_cell.angle_beta   90.00
_cell.angle_gamma   90.00
#
_symmetry.space_group_name_H-M   'P 1'
#
loop_
_entity.id
_entity.type
_entity.pdbx_description
1 polymer 'Proteasome subunit alpha'
2 polymer 'Proteasome subunit beta'
3 water water
#
loop_
_entity_poly.entity_id
_entity_poly.type
_entity_poly.pdbx_seq_one_letter_code
_entity_poly.pdbx_strand_id
1 'polypeptide(L)'
;MQQGQMAYDRAITVFSPDGRLFQYEYAREAVKKGSTALGMKFANGVLLISDKKVRSRLIEQNSIEKIQLIDDYVAAVTSG
LVADARVLVDFARISAQQEKVTYGSLVNIENLVKRVADQMQQYTQYGGVRPYGVSLIFAGIDQIGPRLFDCDPAGTINEY
KATAIGSGKDAVVSFLEREYKENLPEKEAVTLGIKALKSSLEEGEELKAPEIASITVGNKYRIYDQEEVKKFL
;
A,B,C,D,E,F,G,O,P,Q,R,S,T,U
2 'polypeptide(L)'
;MNQTLETGTTTVGITLKDAVIMATERRVTMENFIMHKNGKKLFQIDTYTGMTIAGLVGDAQVLVRYMKAELELYRLQRRV
NMPIEAVATLLSNMLNQVKYMPYMVQLLVGGIDTAPHVFSIDAAGGSVEDIYASTGSGSPFVYGVLESQYSEKMTVDEGV
DLVIRAISAAKQRDSASGGMIDVAVITRKDGYVQLPTDQIESRIRKLGLIL
;
H,I,J,K,L,M,N,V,W,X,Y,Z,a,b
#
# COMPACT_ATOMS: atom_id res chain seq x y z
N GLN A 5 -52.94 -58.55 -13.46
CA GLN A 5 -53.16 -57.69 -14.61
C GLN A 5 -51.90 -57.62 -15.46
N MET A 6 -51.85 -58.46 -16.50
CA MET A 6 -50.69 -58.51 -17.38
C MET A 6 -50.43 -57.16 -18.05
N ALA A 7 -51.41 -56.27 -18.07
CA ALA A 7 -51.26 -54.97 -18.70
C ALA A 7 -50.75 -53.89 -17.77
N TYR A 8 -50.76 -54.14 -16.45
CA TYR A 8 -50.38 -53.13 -15.47
C TYR A 8 -49.32 -53.64 -14.50
N ASP A 9 -48.56 -54.66 -14.88
CA ASP A 9 -47.51 -55.26 -14.01
C ASP A 9 -46.16 -55.20 -14.73
N ARG A 10 -45.85 -54.07 -15.37
CA ARG A 10 -44.59 -53.88 -16.09
C ARG A 10 -43.75 -52.75 -15.54
N ALA A 11 -44.39 -51.70 -15.02
CA ALA A 11 -43.70 -50.50 -14.57
C ALA A 11 -44.17 -50.13 -13.17
N ILE A 12 -43.26 -49.57 -12.38
CA ILE A 12 -43.59 -49.16 -11.03
C ILE A 12 -44.50 -47.95 -11.05
N THR A 13 -44.38 -47.10 -12.06
CA THR A 13 -45.06 -45.81 -12.10
C THR A 13 -46.42 -45.87 -12.80
N VAL A 14 -47.14 -46.99 -12.65
CA VAL A 14 -48.43 -47.16 -13.28
C VAL A 14 -49.39 -47.75 -12.25
N PHE A 15 -50.50 -47.06 -12.03
CA PHE A 15 -51.56 -47.56 -11.17
C PHE A 15 -52.49 -48.45 -11.98
N SER A 16 -53.02 -49.48 -11.34
CA SER A 16 -54.04 -50.29 -11.96
C SER A 16 -55.40 -49.63 -11.81
N PRO A 17 -56.36 -49.99 -12.66
CA PRO A 17 -57.71 -49.41 -12.53
C PRO A 17 -58.29 -49.54 -11.13
N ASP A 18 -57.82 -50.49 -10.34
CA ASP A 18 -58.26 -50.65 -8.95
C ASP A 18 -57.39 -49.85 -7.99
N GLY A 19 -56.40 -49.12 -8.51
CA GLY A 19 -55.52 -48.35 -7.66
C GLY A 19 -54.50 -49.19 -6.92
N ARG A 20 -53.56 -49.80 -7.64
CA ARG A 20 -52.55 -50.66 -7.06
C ARG A 20 -51.22 -50.47 -7.77
N LEU A 21 -50.19 -51.10 -7.20
CA LEU A 21 -48.84 -51.09 -7.75
C LEU A 21 -48.31 -52.52 -7.71
N PHE A 22 -48.57 -53.26 -8.79
CA PHE A 22 -48.17 -54.66 -8.82
C PHE A 22 -46.66 -54.80 -8.70
N GLN A 23 -45.91 -53.93 -9.39
CA GLN A 23 -44.45 -53.97 -9.27
C GLN A 23 -44.03 -53.71 -7.84
N TYR A 24 -44.90 -53.12 -7.04
CA TYR A 24 -44.61 -52.93 -5.62
C TYR A 24 -45.01 -54.15 -4.81
N GLU A 25 -46.17 -54.74 -5.14
CA GLU A 25 -46.58 -55.96 -4.47
C GLU A 25 -45.67 -57.12 -4.81
N TYR A 26 -45.01 -57.05 -5.97
CA TYR A 26 -44.08 -58.11 -6.36
C TYR A 26 -42.81 -58.07 -5.52
N ALA A 27 -42.25 -56.88 -5.34
CA ALA A 27 -41.05 -56.76 -4.53
C ALA A 27 -41.24 -57.34 -3.14
N ARG A 28 -42.47 -57.31 -2.63
CA ARG A 28 -42.76 -57.93 -1.34
C ARG A 28 -42.75 -59.45 -1.43
N GLU A 29 -42.70 -60.01 -2.63
CA GLU A 29 -42.61 -61.46 -2.77
C GLU A 29 -41.18 -61.94 -2.71
N ALA A 30 -40.23 -61.07 -3.06
CA ALA A 30 -38.82 -61.45 -2.98
C ALA A 30 -38.34 -61.44 -1.54
N VAL A 31 -39.05 -60.75 -0.65
CA VAL A 31 -38.65 -60.71 0.75
C VAL A 31 -39.00 -62.04 1.43
N LYS A 32 -40.18 -62.56 1.15
CA LYS A 32 -40.61 -63.81 1.76
C LYS A 32 -39.71 -64.99 1.41
N LYS A 33 -38.79 -64.82 0.46
CA LYS A 33 -37.82 -65.85 0.13
C LYS A 33 -36.65 -65.89 1.11
N GLY A 34 -36.44 -64.81 1.86
CA GLY A 34 -35.31 -64.73 2.76
C GLY A 34 -35.54 -65.46 4.07
N SER A 35 -34.46 -65.61 4.81
CA SER A 35 -34.51 -66.28 6.10
C SER A 35 -35.44 -65.54 7.04
N THR A 36 -35.73 -66.17 8.18
CA THR A 36 -36.66 -65.65 9.16
C THR A 36 -35.91 -64.97 10.30
N ALA A 37 -36.53 -63.96 10.90
CA ALA A 37 -35.95 -63.24 12.01
C ALA A 37 -37.03 -62.44 12.70
N LEU A 38 -36.72 -61.93 13.89
CA LEU A 38 -37.69 -61.19 14.68
C LEU A 38 -36.97 -60.29 15.67
N GLY A 39 -37.76 -59.60 16.49
CA GLY A 39 -37.23 -58.72 17.50
C GLY A 39 -38.28 -58.47 18.56
N MET A 40 -37.83 -58.35 19.80
CA MET A 40 -38.72 -58.23 20.94
C MET A 40 -38.13 -57.26 21.96
N LYS A 41 -38.99 -56.44 22.53
CA LYS A 41 -38.62 -55.57 23.64
C LYS A 41 -38.86 -56.29 24.95
N PHE A 42 -38.40 -55.68 26.03
CA PHE A 42 -38.57 -56.25 27.37
C PHE A 42 -38.14 -55.20 28.38
N ALA A 43 -37.79 -55.65 29.58
CA ALA A 43 -37.44 -54.75 30.68
C ALA A 43 -36.13 -54.05 30.37
N ASN A 44 -36.21 -52.78 29.99
CA ASN A 44 -35.04 -51.93 29.83
C ASN A 44 -34.10 -52.47 28.75
N GLY A 45 -34.67 -53.10 27.72
CA GLY A 45 -33.83 -53.62 26.67
C GLY A 45 -34.65 -54.05 25.47
N VAL A 46 -33.93 -54.66 24.52
CA VAL A 46 -34.52 -55.16 23.28
C VAL A 46 -33.49 -56.08 22.65
N LEU A 47 -33.94 -56.94 21.75
CA LEU A 47 -33.07 -57.96 21.18
C LEU A 47 -33.51 -58.29 19.76
N LEU A 48 -32.75 -59.20 19.15
CA LEU A 48 -33.02 -59.69 17.80
C LEU A 48 -32.65 -61.16 17.73
N ILE A 49 -33.20 -61.84 16.73
CA ILE A 49 -32.89 -63.23 16.45
C ILE A 49 -33.05 -63.47 14.96
N SER A 50 -32.22 -64.37 14.42
CA SER A 50 -32.26 -64.72 13.01
C SER A 50 -32.29 -66.23 12.86
N ASP A 51 -32.94 -66.69 11.79
CA ASP A 51 -33.05 -68.11 11.50
C ASP A 51 -31.79 -68.54 10.75
N LYS A 52 -30.71 -68.72 11.50
CA LYS A 52 -29.47 -69.20 10.94
C LYS A 52 -29.70 -70.50 10.18
N LYS A 53 -29.32 -70.51 8.91
CA LYS A 53 -29.41 -71.69 8.06
C LYS A 53 -28.01 -72.27 7.85
N VAL A 54 -27.88 -73.56 8.14
CA VAL A 54 -26.59 -74.22 7.98
C VAL A 54 -26.13 -74.08 6.54
N ARG A 55 -24.82 -73.95 6.36
CA ARG A 55 -24.20 -73.86 5.05
C ARG A 55 -22.98 -74.76 5.02
N SER A 56 -22.29 -74.76 3.88
CA SER A 56 -21.09 -75.57 3.75
C SER A 56 -20.06 -75.14 4.79
N ARG A 57 -19.30 -76.13 5.28
CA ARG A 57 -18.25 -75.84 6.23
C ARG A 57 -17.16 -74.95 5.64
N LEU A 58 -17.21 -74.71 4.33
CA LEU A 58 -16.16 -73.96 3.64
C LEU A 58 -16.30 -72.46 3.79
N ILE A 59 -17.36 -71.98 4.43
CA ILE A 59 -17.64 -70.55 4.53
C ILE A 59 -17.29 -70.10 5.94
N GLU A 60 -16.56 -68.98 6.04
CA GLU A 60 -16.23 -68.43 7.34
C GLU A 60 -17.49 -68.01 8.08
N GLN A 61 -17.62 -68.49 9.32
CA GLN A 61 -18.80 -68.28 10.12
C GLN A 61 -18.87 -66.87 10.69
N ASN A 62 -17.93 -65.99 10.34
CA ASN A 62 -17.95 -64.61 10.79
C ASN A 62 -18.48 -63.65 9.74
N SER A 63 -19.02 -64.16 8.62
CA SER A 63 -19.65 -63.33 7.62
C SER A 63 -21.06 -63.77 7.28
N ILE A 64 -21.45 -64.97 7.70
CA ILE A 64 -22.79 -65.49 7.45
C ILE A 64 -23.79 -64.75 8.34
N GLU A 65 -23.30 -64.16 9.42
CA GLU A 65 -24.16 -63.51 10.40
C GLU A 65 -24.91 -62.37 9.74
N LYS A 66 -26.24 -62.42 9.82
CA LYS A 66 -27.04 -61.33 9.28
C LYS A 66 -27.21 -60.19 10.27
N ILE A 67 -26.97 -60.45 11.54
CA ILE A 67 -27.03 -59.40 12.57
C ILE A 67 -25.90 -58.42 12.31
N GLN A 68 -26.25 -57.21 11.89
CA GLN A 68 -25.29 -56.18 11.55
C GLN A 68 -25.48 -54.99 12.48
N LEU A 69 -24.37 -54.41 12.92
CA LEU A 69 -24.39 -53.24 13.79
C LEU A 69 -24.35 -51.98 12.94
N ILE A 70 -25.14 -50.99 13.33
CA ILE A 70 -25.04 -49.67 12.72
C ILE A 70 -24.27 -48.73 13.63
N ASP A 71 -24.40 -48.92 14.93
CA ASP A 71 -23.56 -48.25 15.92
C ASP A 71 -23.60 -49.11 17.18
N ASP A 72 -22.73 -48.77 18.13
CA ASP A 72 -22.65 -49.53 19.36
C ASP A 72 -23.95 -49.53 20.14
N TYR A 73 -24.95 -48.77 19.70
CA TYR A 73 -26.25 -48.74 20.35
C TYR A 73 -27.40 -48.97 19.38
N VAL A 74 -27.11 -49.36 18.13
CA VAL A 74 -28.14 -49.67 17.15
C VAL A 74 -27.66 -50.83 16.30
N ALA A 75 -28.59 -51.70 15.93
CA ALA A 75 -28.31 -52.84 15.09
C ALA A 75 -29.43 -53.01 14.08
N ALA A 76 -29.35 -54.08 13.30
CA ALA A 76 -30.36 -54.37 12.31
C ALA A 76 -30.13 -55.75 11.71
N VAL A 77 -31.17 -56.25 11.04
CA VAL A 77 -31.12 -57.49 10.29
C VAL A 77 -32.10 -57.38 9.14
N THR A 78 -31.81 -58.07 8.05
CA THR A 78 -32.50 -57.85 6.79
C THR A 78 -32.89 -59.17 6.14
N SER A 79 -33.86 -59.08 5.23
CA SER A 79 -34.33 -60.23 4.48
C SER A 79 -34.60 -59.82 3.04
N GLY A 80 -34.20 -60.66 2.10
CA GLY A 80 -34.45 -60.42 0.69
C GLY A 80 -33.20 -60.44 -0.16
N LEU A 81 -33.20 -59.68 -1.24
CA LEU A 81 -32.05 -59.60 -2.12
C LEU A 81 -30.81 -59.19 -1.34
N VAL A 82 -29.88 -60.13 -1.18
CA VAL A 82 -28.71 -59.88 -0.35
C VAL A 82 -27.86 -58.77 -0.96
N ALA A 83 -27.89 -58.64 -2.28
CA ALA A 83 -27.09 -57.62 -2.93
C ALA A 83 -27.53 -56.22 -2.53
N ASP A 84 -28.84 -56.01 -2.38
CA ASP A 84 -29.33 -54.71 -1.99
C ASP A 84 -29.21 -54.49 -0.48
N ALA A 85 -29.44 -55.54 0.31
CA ALA A 85 -29.30 -55.42 1.75
C ALA A 85 -27.94 -54.86 2.12
N ARG A 86 -26.88 -55.39 1.52
CA ARG A 86 -25.53 -54.93 1.82
C ARG A 86 -25.40 -53.44 1.56
N VAL A 87 -26.28 -52.88 0.75
CA VAL A 87 -26.15 -51.47 0.37
C VAL A 87 -26.81 -50.57 1.39
N LEU A 88 -28.06 -50.87 1.73
CA LEU A 88 -28.80 -50.03 2.67
C LEU A 88 -28.09 -49.98 4.02
N VAL A 89 -27.61 -51.13 4.49
CA VAL A 89 -26.89 -51.16 5.75
C VAL A 89 -25.72 -50.20 5.70
N ASP A 90 -25.01 -50.14 4.57
CA ASP A 90 -23.96 -49.15 4.43
C ASP A 90 -24.55 -47.75 4.35
N PHE A 91 -25.72 -47.61 3.72
CA PHE A 91 -26.39 -46.32 3.71
C PHE A 91 -26.80 -45.90 5.11
N ALA A 92 -27.25 -46.86 5.91
CA ALA A 92 -27.60 -46.56 7.29
C ALA A 92 -26.38 -46.21 8.11
N ARG A 93 -25.29 -46.96 7.93
CA ARG A 93 -24.07 -46.69 8.68
C ARG A 93 -23.51 -45.32 8.35
N ILE A 94 -23.97 -44.73 7.25
CA ILE A 94 -23.48 -43.41 6.86
C ILE A 94 -24.43 -42.33 7.35
N SER A 95 -25.73 -42.58 7.25
CA SER A 95 -26.71 -41.62 7.76
C SER A 95 -26.52 -41.41 9.26
N ALA A 96 -26.18 -42.47 9.98
CA ALA A 96 -26.00 -42.36 11.42
C ALA A 96 -24.84 -41.41 11.74
N GLN A 97 -23.76 -41.50 10.98
CA GLN A 97 -22.63 -40.62 11.24
C GLN A 97 -22.93 -39.17 10.88
N GLN A 98 -23.81 -38.94 9.91
CA GLN A 98 -24.19 -37.58 9.58
C GLN A 98 -24.85 -36.88 10.76
N GLU A 99 -25.64 -37.63 11.54
CA GLU A 99 -26.26 -37.05 12.71
C GLU A 99 -25.23 -36.73 13.78
N LYS A 100 -24.44 -37.72 14.16
CA LYS A 100 -23.39 -37.50 15.15
C LYS A 100 -22.54 -36.29 14.79
N VAL A 101 -22.28 -36.09 13.51
CA VAL A 101 -21.52 -34.93 13.08
C VAL A 101 -22.36 -33.67 13.17
N THR A 102 -23.66 -33.79 12.88
CA THR A 102 -24.51 -32.61 12.83
C THR A 102 -24.99 -32.23 14.23
N TYR A 103 -25.34 -33.23 15.04
CA TYR A 103 -25.90 -33.00 16.35
C TYR A 103 -25.00 -33.46 17.49
N GLY A 104 -23.85 -34.02 17.20
CA GLY A 104 -22.92 -34.43 18.23
C GLY A 104 -23.19 -35.77 18.86
N SER A 105 -24.38 -36.32 18.60
CA SER A 105 -24.77 -37.59 19.18
C SER A 105 -26.05 -38.07 18.51
N LEU A 106 -26.05 -39.34 18.12
CA LEU A 106 -27.26 -39.97 17.59
C LEU A 106 -28.30 -39.91 18.69
N VAL A 107 -29.07 -38.83 18.67
CA VAL A 107 -29.97 -38.54 19.77
C VAL A 107 -31.25 -39.36 19.63
N ASN A 108 -31.66 -39.67 18.41
CA ASN A 108 -32.87 -40.41 18.17
C ASN A 108 -32.65 -41.40 17.03
N ILE A 109 -33.51 -42.42 17.00
CA ILE A 109 -33.40 -43.45 15.97
C ILE A 109 -34.31 -43.13 14.80
N GLU A 110 -35.48 -42.55 15.06
CA GLU A 110 -36.43 -42.27 14.01
C GLU A 110 -35.87 -41.27 13.01
N ASN A 111 -34.93 -40.46 13.48
CA ASN A 111 -34.23 -39.50 12.60
C ASN A 111 -33.36 -40.30 11.62
N LEU A 112 -33.08 -41.59 11.92
CA LEU A 112 -32.27 -42.42 11.05
C LEU A 112 -33.13 -43.26 10.13
N VAL A 113 -34.00 -44.08 10.70
CA VAL A 113 -34.91 -44.90 9.91
C VAL A 113 -35.59 -44.07 8.85
N LYS A 114 -35.85 -42.81 9.14
CA LYS A 114 -36.53 -41.94 8.19
C LYS A 114 -35.65 -41.65 6.98
N ARG A 115 -34.36 -41.40 7.21
CA ARG A 115 -33.47 -41.13 6.09
C ARG A 115 -33.40 -42.29 5.13
N VAL A 116 -33.72 -43.50 5.61
CA VAL A 116 -33.68 -44.68 4.76
C VAL A 116 -34.94 -44.78 3.91
N ALA A 117 -36.09 -44.90 4.58
CA ALA A 117 -37.36 -44.98 3.87
C ALA A 117 -37.46 -43.92 2.79
N ASP A 118 -36.93 -42.73 3.05
CA ASP A 118 -36.91 -41.69 2.04
C ASP A 118 -36.08 -42.10 0.84
N GLN A 119 -35.03 -42.89 1.07
CA GLN A 119 -34.20 -43.36 -0.03
C GLN A 119 -34.88 -44.48 -0.80
N MET A 120 -35.78 -45.19 -0.14
CA MET A 120 -36.45 -46.33 -0.77
C MET A 120 -37.70 -45.88 -1.52
N GLN A 121 -38.52 -45.05 -0.89
CA GLN A 121 -39.68 -44.49 -1.58
C GLN A 121 -39.24 -43.75 -2.84
N GLN A 122 -38.04 -43.18 -2.82
CA GLN A 122 -37.52 -42.48 -3.99
C GLN A 122 -37.52 -43.38 -5.21
N TYR A 123 -37.17 -44.65 -5.02
CA TYR A 123 -37.09 -45.60 -6.12
C TYR A 123 -38.43 -46.25 -6.44
N THR A 124 -39.54 -45.62 -6.01
CA THR A 124 -40.87 -46.16 -6.26
C THR A 124 -41.71 -45.25 -7.13
N GLN A 125 -41.43 -43.94 -7.15
CA GLN A 125 -42.23 -42.99 -7.91
C GLN A 125 -41.56 -42.50 -9.17
N TYR A 126 -40.33 -42.96 -9.46
CA TYR A 126 -39.60 -42.58 -10.65
C TYR A 126 -39.33 -43.80 -11.52
N GLY A 127 -39.39 -43.60 -12.83
CA GLY A 127 -39.16 -44.68 -13.76
C GLY A 127 -37.69 -44.84 -14.11
N GLY A 128 -37.37 -46.01 -14.63
CA GLY A 128 -36.00 -46.34 -14.97
C GLY A 128 -35.19 -46.91 -13.83
N VAL A 129 -35.83 -47.20 -12.69
CA VAL A 129 -35.16 -47.77 -11.53
C VAL A 129 -36.15 -48.67 -10.79
N ARG A 130 -35.65 -49.81 -10.33
CA ARG A 130 -36.47 -50.74 -9.59
C ARG A 130 -36.36 -50.46 -8.09
N PRO A 131 -37.38 -50.81 -7.32
CA PRO A 131 -37.29 -50.64 -5.87
C PRO A 131 -36.23 -51.55 -5.27
N TYR A 132 -36.17 -51.52 -3.95
CA TYR A 132 -35.30 -52.43 -3.21
C TYR A 132 -36.10 -53.66 -2.79
N GLY A 133 -35.50 -54.83 -2.96
CA GLY A 133 -36.18 -56.06 -2.62
C GLY A 133 -35.85 -56.56 -1.23
N VAL A 134 -36.11 -55.73 -0.22
CA VAL A 134 -35.76 -56.08 1.15
C VAL A 134 -36.63 -55.29 2.11
N SER A 135 -36.90 -55.89 3.26
CA SER A 135 -37.38 -55.20 4.45
C SER A 135 -36.38 -55.44 5.56
N LEU A 136 -36.37 -54.57 6.55
CA LEU A 136 -35.36 -54.60 7.59
C LEU A 136 -35.99 -54.52 8.96
N ILE A 137 -35.15 -54.75 9.97
CA ILE A 137 -35.47 -54.51 11.36
C ILE A 137 -34.39 -53.61 11.92
N PHE A 138 -34.80 -52.68 12.79
CA PHE A 138 -33.89 -51.80 13.49
C PHE A 138 -34.16 -51.88 14.98
N ALA A 139 -33.10 -51.87 15.78
CA ALA A 139 -33.23 -51.89 17.22
C ALA A 139 -32.07 -51.12 17.83
N GLY A 140 -32.26 -50.69 19.06
CA GLY A 140 -31.24 -49.94 19.74
C GLY A 140 -31.83 -49.08 20.85
N ILE A 141 -30.94 -48.34 21.49
CA ILE A 141 -31.28 -47.51 22.64
C ILE A 141 -31.06 -46.06 22.26
N ASP A 142 -32.02 -45.22 22.62
CA ASP A 142 -31.89 -43.78 22.45
C ASP A 142 -32.24 -43.07 23.75
N GLN A 143 -32.28 -41.73 23.69
CA GLN A 143 -32.64 -40.89 24.87
C GLN A 143 -33.95 -41.41 25.43
N ILE A 144 -34.90 -41.79 24.57
CA ILE A 144 -36.18 -42.32 25.00
C ILE A 144 -35.98 -43.66 25.71
N GLY A 145 -35.39 -44.63 25.02
CA GLY A 145 -35.20 -45.94 25.56
C GLY A 145 -35.16 -46.99 24.47
N PRO A 146 -35.56 -48.22 24.81
CA PRO A 146 -35.57 -49.28 23.81
C PRO A 146 -36.55 -48.97 22.69
N ARG A 147 -36.09 -49.18 21.45
CA ARG A 147 -36.90 -48.95 20.27
C ARG A 147 -36.87 -50.20 19.40
N LEU A 148 -37.72 -50.20 18.38
CA LEU A 148 -37.82 -51.34 17.47
C LEU A 148 -38.72 -50.93 16.32
N PHE A 149 -38.20 -51.01 15.10
CA PHE A 149 -38.89 -50.54 13.91
C PHE A 149 -38.84 -51.59 12.81
N ASP A 150 -39.43 -51.23 11.67
CA ASP A 150 -39.41 -52.06 10.48
C ASP A 150 -39.68 -51.16 9.28
N CYS A 151 -39.21 -51.61 8.12
CA CYS A 151 -39.33 -50.81 6.90
C CYS A 151 -39.59 -51.73 5.73
N ASP A 152 -40.66 -51.44 4.99
CA ASP A 152 -41.01 -52.22 3.79
C ASP A 152 -40.35 -51.54 2.59
N PRO A 153 -40.33 -52.17 1.40
CA PRO A 153 -39.62 -51.64 0.23
C PRO A 153 -40.04 -50.25 -0.18
N ALA A 154 -41.24 -49.79 0.21
CA ALA A 154 -41.72 -48.49 -0.22
C ALA A 154 -41.42 -47.39 0.78
N GLY A 155 -41.10 -47.72 2.02
CA GLY A 155 -40.83 -46.73 3.05
C GLY A 155 -41.81 -46.72 4.19
N THR A 156 -42.76 -47.65 4.21
CA THR A 156 -43.71 -47.71 5.31
C THR A 156 -42.99 -48.00 6.62
N ILE A 157 -43.15 -47.11 7.58
CA ILE A 157 -42.52 -47.22 8.89
C ILE A 157 -43.60 -47.54 9.91
N ASN A 158 -43.23 -48.32 10.91
CA ASN A 158 -44.11 -48.67 12.01
C ASN A 158 -43.26 -49.12 13.18
N GLU A 159 -43.59 -48.64 14.37
CA GLU A 159 -42.85 -49.00 15.58
C GLU A 159 -43.64 -50.04 16.35
N TYR A 160 -42.97 -51.11 16.75
CA TYR A 160 -43.61 -52.27 17.34
C TYR A 160 -43.02 -52.58 18.71
N LYS A 161 -43.78 -53.35 19.49
CA LYS A 161 -43.21 -54.01 20.66
C LYS A 161 -42.58 -55.34 20.29
N ALA A 162 -42.90 -55.86 19.11
CA ALA A 162 -42.30 -57.08 18.60
C ALA A 162 -42.70 -57.23 17.14
N THR A 163 -41.92 -58.01 16.41
CA THR A 163 -42.12 -58.13 14.97
C THR A 163 -41.25 -59.27 14.46
N ALA A 164 -41.61 -59.75 13.28
CA ALA A 164 -40.86 -60.81 12.61
C ALA A 164 -40.64 -60.41 11.16
N ILE A 165 -39.87 -61.23 10.46
CA ILE A 165 -39.47 -60.93 9.08
C ILE A 165 -38.98 -62.22 8.45
N GLY A 166 -39.18 -62.35 7.15
CA GLY A 166 -38.73 -63.49 6.40
C GLY A 166 -39.86 -64.29 5.80
N SER A 167 -39.74 -65.61 5.91
CA SER A 167 -40.74 -66.51 5.35
C SER A 167 -41.78 -66.90 6.40
N GLY A 168 -41.32 -67.19 7.61
CA GLY A 168 -42.22 -67.59 8.68
C GLY A 168 -42.79 -66.39 9.42
N LYS A 169 -42.88 -65.26 8.71
CA LYS A 169 -43.33 -64.04 9.36
C LYS A 169 -44.71 -64.19 9.96
N ASP A 170 -45.72 -64.44 9.12
CA ASP A 170 -47.09 -64.53 9.61
C ASP A 170 -47.22 -65.61 10.68
N ALA A 171 -46.51 -66.72 10.52
CA ALA A 171 -46.57 -67.79 11.51
C ALA A 171 -46.10 -67.31 12.87
N VAL A 172 -45.14 -66.39 12.89
CA VAL A 172 -44.58 -65.92 14.15
C VAL A 172 -45.52 -64.95 14.83
N VAL A 173 -45.86 -63.86 14.13
CA VAL A 173 -46.75 -62.85 14.69
C VAL A 173 -48.00 -63.51 15.26
N SER A 174 -48.49 -64.57 14.61
CA SER A 174 -49.60 -65.32 15.17
C SER A 174 -49.26 -65.83 16.56
N PHE A 175 -48.29 -66.74 16.63
CA PHE A 175 -47.82 -67.23 17.93
C PHE A 175 -47.54 -66.07 18.87
N LEU A 176 -46.73 -65.12 18.43
CA LEU A 176 -46.25 -64.05 19.29
C LEU A 176 -47.36 -63.11 19.73
N GLU A 177 -48.37 -62.86 18.90
CA GLU A 177 -49.49 -62.02 19.29
C GLU A 177 -50.27 -62.61 20.45
N ARG A 178 -50.10 -63.90 20.73
CA ARG A 178 -50.83 -64.56 21.80
C ARG A 178 -50.05 -64.66 23.09
N GLU A 179 -48.74 -64.95 23.03
CA GLU A 179 -47.95 -65.27 24.21
C GLU A 179 -46.96 -64.18 24.60
N TYR A 180 -46.98 -63.04 23.91
CA TYR A 180 -46.03 -61.98 24.22
C TYR A 180 -46.41 -61.29 25.52
N LYS A 181 -45.38 -60.89 26.28
CA LYS A 181 -45.56 -60.17 27.53
C LYS A 181 -44.52 -59.07 27.62
N GLU A 182 -44.90 -57.98 28.26
CA GLU A 182 -44.06 -56.80 28.36
C GLU A 182 -43.21 -56.82 29.63
N ASN A 183 -42.13 -56.04 29.59
CA ASN A 183 -41.26 -55.86 30.75
C ASN A 183 -40.84 -57.20 31.33
N LEU A 184 -40.33 -58.06 30.50
CA LEU A 184 -39.85 -59.35 30.95
C LEU A 184 -38.35 -59.33 31.16
N PRO A 185 -37.81 -60.30 31.88
CA PRO A 185 -36.36 -60.44 31.97
C PRO A 185 -35.76 -60.80 30.62
N GLU A 186 -34.43 -60.85 30.58
CA GLU A 186 -33.74 -61.11 29.33
C GLU A 186 -34.00 -62.53 28.85
N LYS A 187 -33.41 -63.51 29.54
CA LYS A 187 -33.52 -64.89 29.08
C LYS A 187 -34.97 -65.37 29.04
N GLU A 188 -35.80 -64.88 29.97
CA GLU A 188 -37.22 -65.23 29.94
C GLU A 188 -37.86 -64.87 28.61
N ALA A 189 -37.40 -63.80 27.97
CA ALA A 189 -37.93 -63.40 26.68
C ALA A 189 -37.29 -64.16 25.53
N VAL A 190 -36.01 -64.53 25.66
CA VAL A 190 -35.35 -65.29 24.60
C VAL A 190 -36.03 -66.63 24.39
N THR A 191 -36.17 -67.40 25.48
CA THR A 191 -36.84 -68.69 25.38
C THR A 191 -38.21 -68.55 24.75
N LEU A 192 -38.87 -67.42 24.96
CA LEU A 192 -40.13 -67.15 24.29
C LEU A 192 -39.92 -66.95 22.80
N GLY A 193 -38.85 -66.24 22.43
CA GLY A 193 -38.63 -65.95 21.02
C GLY A 193 -38.30 -67.18 20.22
N ILE A 194 -37.30 -67.94 20.64
CA ILE A 194 -36.94 -69.17 19.95
C ILE A 194 -38.15 -70.05 19.77
N LYS A 195 -39.11 -69.95 20.68
CA LYS A 195 -40.31 -70.77 20.59
C LYS A 195 -41.18 -70.33 19.42
N ALA A 196 -41.55 -69.04 19.37
CA ALA A 196 -42.30 -68.54 18.23
C ALA A 196 -41.58 -68.82 16.93
N LEU A 197 -40.25 -68.76 16.94
CA LEU A 197 -39.49 -69.19 15.78
C LEU A 197 -39.68 -70.68 15.54
N LYS A 198 -39.47 -71.48 16.58
CA LYS A 198 -39.71 -72.91 16.48
C LYS A 198 -41.10 -73.21 15.91
N SER A 199 -42.07 -72.34 16.18
CA SER A 199 -43.42 -72.56 15.66
C SER A 199 -43.45 -72.50 14.14
N SER A 200 -43.03 -71.38 13.56
CA SER A 200 -43.06 -71.22 12.11
C SER A 200 -42.21 -72.26 11.39
N LEU A 201 -41.29 -72.90 12.10
CA LEU A 201 -40.41 -73.87 11.46
C LEU A 201 -41.20 -75.08 10.98
N GLU A 202 -40.80 -75.62 9.83
CA GLU A 202 -41.36 -76.86 9.36
C GLU A 202 -40.91 -78.01 10.26
N GLU A 203 -41.76 -79.02 10.38
CA GLU A 203 -41.47 -80.12 11.29
C GLU A 203 -40.16 -80.81 10.91
N GLY A 204 -39.86 -80.88 9.62
CA GLY A 204 -38.67 -81.59 9.18
C GLY A 204 -37.39 -80.91 9.62
N GLU A 205 -37.47 -79.63 9.95
CA GLU A 205 -36.28 -78.86 10.32
C GLU A 205 -36.28 -78.55 11.81
N GLU A 206 -35.13 -78.11 12.32
CA GLU A 206 -34.98 -77.70 13.69
C GLU A 206 -34.24 -76.36 13.71
N LEU A 207 -33.60 -76.05 14.84
CA LEU A 207 -32.89 -74.79 15.01
C LEU A 207 -31.39 -75.06 14.98
N LYS A 208 -30.67 -74.23 14.23
CA LYS A 208 -29.26 -74.48 13.92
C LYS A 208 -28.41 -73.29 14.35
N ALA A 209 -28.18 -73.19 15.65
CA ALA A 209 -27.32 -72.15 16.21
C ALA A 209 -27.73 -70.79 15.67
N PRO A 210 -28.95 -70.35 15.97
CA PRO A 210 -29.42 -69.05 15.46
C PRO A 210 -28.59 -67.90 16.04
N GLU A 211 -28.70 -66.75 15.37
CA GLU A 211 -28.05 -65.54 15.84
C GLU A 211 -28.93 -64.84 16.85
N ILE A 212 -28.32 -64.28 17.88
CA ILE A 212 -29.03 -63.46 18.85
C ILE A 212 -28.15 -62.27 19.19
N ALA A 213 -28.78 -61.16 19.55
CA ALA A 213 -28.07 -59.93 19.90
C ALA A 213 -29.01 -59.07 20.72
N SER A 214 -28.66 -58.87 21.98
CA SER A 214 -29.48 -58.08 22.89
C SER A 214 -28.73 -56.84 23.32
N ILE A 215 -29.38 -56.05 24.17
CA ILE A 215 -28.80 -54.84 24.70
C ILE A 215 -29.66 -54.37 25.86
N THR A 216 -29.06 -53.54 26.70
CA THR A 216 -29.74 -53.01 27.87
C THR A 216 -29.26 -51.59 28.13
N VAL A 217 -30.11 -50.80 28.79
CA VAL A 217 -29.82 -49.40 29.01
C VAL A 217 -28.47 -49.25 29.68
N GLY A 218 -27.80 -48.13 29.42
CA GLY A 218 -26.50 -47.86 29.97
C GLY A 218 -25.40 -48.80 29.51
N ASN A 219 -25.69 -49.67 28.55
CA ASN A 219 -24.74 -50.66 28.07
C ASN A 219 -24.62 -50.57 26.56
N LYS A 220 -23.97 -51.57 25.99
CA LYS A 220 -23.82 -51.72 24.55
C LYS A 220 -24.34 -53.09 24.14
N TYR A 221 -24.33 -53.33 22.83
CA TYR A 221 -24.83 -54.58 22.32
C TYR A 221 -23.93 -55.73 22.73
N ARG A 222 -24.50 -56.94 22.72
CA ARG A 222 -23.79 -58.14 23.14
C ARG A 222 -24.17 -59.27 22.19
N ILE A 223 -23.22 -59.70 21.38
CA ILE A 223 -23.40 -60.86 20.49
C ILE A 223 -22.81 -62.05 21.24
N TYR A 224 -23.66 -62.76 21.98
CA TYR A 224 -23.15 -63.89 22.72
C TYR A 224 -23.07 -65.12 21.83
N ASP A 225 -22.10 -65.98 22.14
CA ASP A 225 -21.69 -67.01 21.21
C ASP A 225 -22.67 -68.18 21.19
N GLN A 226 -22.55 -68.99 20.14
CA GLN A 226 -23.38 -70.18 19.99
C GLN A 226 -23.40 -71.03 21.24
N GLU A 227 -22.31 -71.02 22.02
CA GLU A 227 -22.29 -71.80 23.26
C GLU A 227 -23.50 -71.50 24.12
N GLU A 228 -23.68 -70.23 24.48
CA GLU A 228 -24.84 -69.83 25.27
C GLU A 228 -26.15 -70.00 24.50
N VAL A 229 -26.08 -70.10 23.16
CA VAL A 229 -27.29 -70.25 22.38
C VAL A 229 -27.94 -71.60 22.64
N LYS A 230 -27.13 -72.64 22.82
CA LYS A 230 -27.67 -73.97 23.09
C LYS A 230 -28.63 -73.94 24.27
N LYS A 231 -28.38 -73.04 25.21
CA LYS A 231 -29.14 -72.98 26.44
C LYS A 231 -30.45 -72.23 26.25
N GLN B 5 -60.77 -47.65 -21.23
CA GLN B 5 -60.01 -47.57 -22.47
C GLN B 5 -58.63 -48.19 -22.28
N MET B 6 -58.50 -49.47 -22.63
CA MET B 6 -57.22 -50.16 -22.47
C MET B 6 -56.10 -49.50 -23.25
N ALA B 7 -56.43 -48.65 -24.23
CA ALA B 7 -55.44 -47.98 -25.04
C ALA B 7 -54.98 -46.65 -24.47
N TYR B 8 -55.71 -46.10 -23.50
CA TYR B 8 -55.42 -44.77 -22.97
C TYR B 8 -55.30 -44.78 -21.45
N ASP B 9 -55.01 -45.94 -20.85
CA ASP B 9 -54.90 -46.06 -19.38
C ASP B 9 -53.51 -46.61 -19.03
N ARG B 10 -52.45 -46.11 -19.67
CA ARG B 10 -51.08 -46.54 -19.43
C ARG B 10 -50.18 -45.43 -18.94
N ALA B 11 -50.42 -44.20 -19.38
CA ALA B 11 -49.56 -43.07 -19.07
C ALA B 11 -50.40 -41.90 -18.57
N ILE B 12 -49.81 -41.13 -17.65
CA ILE B 12 -50.50 -39.98 -17.10
C ILE B 12 -50.63 -38.87 -18.14
N THR B 13 -49.68 -38.79 -19.06
CA THR B 13 -49.57 -37.67 -20.00
C THR B 13 -50.32 -37.94 -21.30
N VAL B 14 -51.44 -38.64 -21.25
CA VAL B 14 -52.22 -38.97 -22.44
C VAL B 14 -53.69 -38.73 -22.14
N PHE B 15 -54.32 -37.87 -22.94
CA PHE B 15 -55.75 -37.65 -22.85
C PHE B 15 -56.49 -38.70 -23.67
N SER B 16 -57.65 -39.10 -23.19
CA SER B 16 -58.52 -39.96 -23.96
C SER B 16 -59.31 -39.15 -24.97
N PRO B 17 -59.82 -39.79 -26.02
CA PRO B 17 -60.64 -39.06 -27.00
C PRO B 17 -61.78 -38.28 -26.38
N ASP B 18 -62.23 -38.67 -25.19
CA ASP B 18 -63.27 -37.93 -24.47
C ASP B 18 -62.68 -36.87 -23.55
N GLY B 19 -61.37 -36.71 -23.56
CA GLY B 19 -60.73 -35.72 -22.70
C GLY B 19 -60.69 -36.13 -21.24
N ARG B 20 -59.93 -37.16 -20.91
CA ARG B 20 -59.82 -37.66 -19.55
C ARG B 20 -58.40 -38.11 -19.25
N LEU B 21 -58.18 -38.44 -17.99
CA LEU B 21 -56.88 -38.93 -17.51
C LEU B 21 -57.16 -40.14 -16.62
N PHE B 22 -57.19 -41.31 -17.24
CA PHE B 22 -57.51 -42.52 -16.48
C PHE B 22 -56.48 -42.78 -15.39
N GLN B 23 -55.21 -42.58 -15.70
CA GLN B 23 -54.17 -42.74 -14.69
C GLN B 23 -54.39 -41.78 -13.53
N TYR B 24 -55.16 -40.71 -13.77
CA TYR B 24 -55.50 -39.80 -12.68
C TYR B 24 -56.75 -40.27 -11.95
N GLU B 25 -57.74 -40.78 -12.69
CA GLU B 25 -58.92 -41.31 -12.05
C GLU B 25 -58.60 -42.57 -11.27
N TYR B 26 -57.52 -43.27 -11.66
CA TYR B 26 -57.14 -44.48 -10.96
C TYR B 26 -56.54 -44.15 -9.59
N ALA B 27 -55.66 -43.16 -9.55
CA ALA B 27 -55.06 -42.76 -8.27
C ALA B 27 -56.11 -42.42 -7.24
N ARG B 28 -57.27 -41.94 -7.69
CA ARG B 28 -58.38 -41.66 -6.77
C ARG B 28 -59.03 -42.93 -6.26
N GLU B 29 -58.68 -44.08 -6.84
CA GLU B 29 -59.22 -45.34 -6.35
C GLU B 29 -58.37 -45.91 -5.23
N ALA B 30 -57.09 -45.54 -5.17
CA ALA B 30 -56.24 -45.99 -4.08
C ALA B 30 -56.53 -45.23 -2.80
N VAL B 31 -57.17 -44.06 -2.90
CA VAL B 31 -57.50 -43.29 -1.72
C VAL B 31 -58.67 -43.92 -0.98
N LYS B 32 -59.69 -44.34 -1.73
CA LYS B 32 -60.87 -44.94 -1.13
C LYS B 32 -60.56 -46.23 -0.37
N LYS B 33 -59.35 -46.76 -0.49
CA LYS B 33 -58.94 -47.92 0.29
C LYS B 33 -58.51 -47.54 1.70
N GLY B 34 -58.21 -46.27 1.95
CA GLY B 34 -57.72 -45.86 3.26
C GLY B 34 -58.84 -45.66 4.25
N SER B 35 -58.43 -45.52 5.51
CA SER B 35 -59.37 -45.32 6.60
C SER B 35 -60.18 -44.05 6.38
N THR B 36 -61.21 -43.87 7.19
CA THR B 36 -62.13 -42.76 7.07
C THR B 36 -61.79 -41.67 8.07
N ALA B 37 -62.06 -40.42 7.71
CA ALA B 37 -61.81 -39.28 8.58
C ALA B 37 -62.59 -38.08 8.05
N LEU B 38 -62.66 -37.04 8.88
CA LEU B 38 -63.42 -35.86 8.52
C LEU B 38 -62.93 -34.67 9.32
N GLY B 39 -63.59 -33.53 9.11
CA GLY B 39 -63.25 -32.31 9.81
C GLY B 39 -64.43 -31.35 9.76
N MET B 40 -64.60 -30.62 10.86
CA MET B 40 -65.75 -29.74 11.02
C MET B 40 -65.33 -28.46 11.73
N LYS B 41 -65.86 -27.34 11.26
CA LYS B 41 -65.70 -26.07 11.93
C LYS B 41 -66.82 -25.87 12.93
N PHE B 42 -66.70 -24.81 13.73
CA PHE B 42 -67.70 -24.49 14.74
C PHE B 42 -67.36 -23.12 15.32
N ALA B 43 -67.85 -22.86 16.53
CA ALA B 43 -67.69 -21.56 17.15
C ALA B 43 -66.23 -21.34 17.53
N ASN B 44 -65.54 -20.53 16.74
CA ASN B 44 -64.18 -20.09 17.06
C ASN B 44 -63.21 -21.27 17.12
N GLY B 45 -63.45 -22.28 16.31
CA GLY B 45 -62.58 -23.43 16.32
C GLY B 45 -62.84 -24.35 15.14
N VAL B 46 -62.14 -25.48 15.18
CA VAL B 46 -62.24 -26.51 14.15
C VAL B 46 -61.59 -27.76 14.71
N LEU B 47 -61.91 -28.90 14.13
CA LEU B 47 -61.45 -30.17 14.67
C LEU B 47 -61.28 -31.19 13.56
N LEU B 48 -60.84 -32.38 13.95
CA LEU B 48 -60.64 -33.52 13.05
C LEU B 48 -61.00 -34.80 13.78
N ILE B 49 -61.27 -35.84 13.00
CA ILE B 49 -61.54 -37.17 13.52
C ILE B 49 -61.08 -38.20 12.51
N SER B 50 -60.61 -39.34 12.99
CA SER B 50 -60.15 -40.43 12.14
C SER B 50 -60.80 -41.73 12.57
N ASP B 51 -61.00 -42.62 11.60
CA ASP B 51 -61.61 -43.93 11.86
C ASP B 51 -60.50 -44.87 12.31
N LYS B 52 -60.11 -44.74 13.57
CA LYS B 52 -59.12 -45.63 14.15
C LYS B 52 -59.55 -47.08 13.98
N LYS B 53 -58.68 -47.87 13.35
CA LYS B 53 -58.89 -49.29 13.17
C LYS B 53 -58.00 -50.07 14.12
N VAL B 54 -58.63 -50.98 14.89
CA VAL B 54 -57.88 -51.78 15.84
C VAL B 54 -56.79 -52.55 15.10
N ARG B 55 -55.66 -52.73 15.76
CA ARG B 55 -54.54 -53.49 15.23
C ARG B 55 -54.01 -54.42 16.32
N SER B 56 -52.96 -55.16 15.99
CA SER B 56 -52.36 -56.06 16.95
C SER B 56 -51.86 -55.26 18.16
N ARG B 57 -51.97 -55.89 19.33
CA ARG B 57 -51.47 -55.25 20.55
C ARG B 57 -49.97 -55.02 20.50
N LEU B 58 -49.29 -55.57 19.50
CA LEU B 58 -47.84 -55.51 19.43
C LEU B 58 -47.32 -54.19 18.89
N ILE B 59 -48.20 -53.29 18.46
CA ILE B 59 -47.80 -52.04 17.84
C ILE B 59 -47.98 -50.91 18.84
N GLU B 60 -46.97 -50.05 18.95
CA GLU B 60 -47.06 -48.91 19.85
C GLU B 60 -48.17 -47.98 19.40
N GLN B 61 -49.06 -47.64 20.33
CA GLN B 61 -50.23 -46.83 20.06
C GLN B 61 -49.91 -45.37 19.86
N ASN B 62 -48.63 -44.99 19.91
CA ASN B 62 -48.21 -43.62 19.70
C ASN B 62 -47.69 -43.37 18.28
N SER B 63 -47.82 -44.33 17.38
CA SER B 63 -47.44 -44.15 15.99
C SER B 63 -48.57 -44.50 15.04
N ILE B 64 -49.61 -45.18 15.50
CA ILE B 64 -50.74 -45.55 14.66
C ILE B 64 -51.57 -44.31 14.38
N GLU B 65 -51.43 -43.29 15.20
CA GLU B 65 -52.24 -42.08 15.08
C GLU B 65 -51.98 -41.42 13.73
N LYS B 66 -53.05 -41.22 12.95
CA LYS B 66 -52.91 -40.56 11.68
C LYS B 66 -52.98 -39.05 11.82
N ILE B 67 -53.50 -38.56 12.94
CA ILE B 67 -53.54 -37.13 13.21
C ILE B 67 -52.12 -36.62 13.40
N GLN B 68 -51.64 -35.83 12.44
CA GLN B 68 -50.28 -35.33 12.44
C GLN B 68 -50.30 -33.81 12.51
N LEU B 69 -49.39 -33.25 13.29
CA LEU B 69 -49.28 -31.80 13.44
C LEU B 69 -48.28 -31.27 12.43
N ILE B 70 -48.60 -30.13 11.83
CA ILE B 70 -47.64 -29.43 10.99
C ILE B 70 -47.04 -28.26 11.75
N ASP B 71 -47.83 -27.65 12.62
CA ASP B 71 -47.35 -26.67 13.58
C ASP B 71 -48.35 -26.63 14.72
N ASP B 72 -47.97 -25.94 15.79
CA ASP B 72 -48.83 -25.86 16.96
C ASP B 72 -50.18 -25.24 16.66
N TYR B 73 -50.39 -24.73 15.44
CA TYR B 73 -51.66 -24.15 15.04
C TYR B 73 -52.19 -24.74 13.75
N VAL B 74 -51.57 -25.80 13.23
CA VAL B 74 -52.04 -26.47 12.03
C VAL B 74 -51.82 -27.96 12.17
N ALA B 75 -52.75 -28.75 11.65
CA ALA B 75 -52.68 -30.20 11.69
C ALA B 75 -53.13 -30.74 10.35
N ALA B 76 -53.20 -32.06 10.28
CA ALA B 76 -53.65 -32.73 9.06
C ALA B 76 -53.82 -34.21 9.31
N VAL B 77 -54.53 -34.85 8.38
CA VAL B 77 -54.72 -36.29 8.36
C VAL B 77 -54.88 -36.72 6.92
N THR B 78 -54.47 -37.94 6.62
CA THR B 78 -54.30 -38.39 5.25
C THR B 78 -54.90 -39.77 5.04
N SER B 79 -55.18 -40.09 3.78
CA SER B 79 -55.73 -41.39 3.38
C SER B 79 -55.07 -41.83 2.08
N GLY B 80 -54.72 -43.11 2.02
CA GLY B 80 -54.14 -43.68 0.81
C GLY B 80 -52.81 -44.35 1.04
N LEU B 81 -51.97 -44.35 0.01
CA LEU B 81 -50.64 -44.96 0.13
C LEU B 81 -49.89 -44.35 1.29
N VAL B 82 -49.68 -45.15 2.34
CA VAL B 82 -49.06 -44.64 3.55
C VAL B 82 -47.63 -44.21 3.27
N ALA B 83 -46.98 -44.85 2.31
CA ALA B 83 -45.59 -44.51 2.00
C ALA B 83 -45.47 -43.09 1.47
N ASP B 84 -46.45 -42.65 0.68
CA ASP B 84 -46.39 -41.30 0.14
C ASP B 84 -46.90 -40.29 1.16
N ALA B 85 -47.92 -40.65 1.93
CA ALA B 85 -48.44 -39.75 2.96
C ALA B 85 -47.32 -39.28 3.87
N ARG B 86 -46.49 -40.20 4.34
CA ARG B 86 -45.39 -39.84 5.22
C ARG B 86 -44.48 -38.80 4.59
N VAL B 87 -44.52 -38.68 3.27
CA VAL B 87 -43.59 -37.80 2.57
C VAL B 87 -44.15 -36.39 2.51
N LEU B 88 -45.40 -36.25 2.05
CA LEU B 88 -46.00 -34.94 1.91
C LEU B 88 -46.07 -34.23 3.26
N VAL B 89 -46.45 -34.95 4.30
CA VAL B 89 -46.50 -34.36 5.63
C VAL B 89 -45.15 -33.78 6.00
N ASP B 90 -44.07 -34.47 5.66
CA ASP B 90 -42.75 -33.90 5.86
C ASP B 90 -42.52 -32.73 4.92
N PHE B 91 -43.05 -32.81 3.70
CA PHE B 91 -42.96 -31.68 2.79
C PHE B 91 -43.73 -30.48 3.32
N ALA B 92 -44.88 -30.74 3.93
CA ALA B 92 -45.65 -29.66 4.53
C ALA B 92 -44.93 -29.08 5.74
N ARG B 93 -44.36 -29.94 6.58
CA ARG B 93 -43.68 -29.47 7.77
C ARG B 93 -42.46 -28.63 7.40
N ILE B 94 -42.03 -28.72 6.14
CA ILE B 94 -40.88 -27.94 5.70
C ILE B 94 -41.33 -26.65 5.04
N SER B 95 -42.39 -26.72 4.23
CA SER B 95 -42.92 -25.52 3.60
C SER B 95 -43.39 -24.52 4.66
N ALA B 96 -43.94 -25.02 5.76
CA ALA B 96 -44.40 -24.12 6.81
C ALA B 96 -43.26 -23.34 7.41
N GLN B 97 -42.12 -23.99 7.61
CA GLN B 97 -40.98 -23.30 8.19
C GLN B 97 -40.38 -22.29 7.22
N GLN B 98 -40.50 -22.53 5.91
CA GLN B 98 -40.00 -21.57 4.94
C GLN B 98 -40.73 -20.24 5.07
N GLU B 99 -42.03 -20.29 5.37
CA GLU B 99 -42.79 -19.06 5.55
C GLU B 99 -42.35 -18.34 6.82
N LYS B 100 -42.38 -19.03 7.96
CA LYS B 100 -41.93 -18.44 9.20
C LYS B 100 -40.57 -17.77 9.05
N VAL B 101 -39.68 -18.39 8.27
CA VAL B 101 -38.38 -17.80 8.04
C VAL B 101 -38.49 -16.61 7.10
N THR B 102 -39.39 -16.69 6.13
CA THR B 102 -39.47 -15.65 5.12
C THR B 102 -40.32 -14.47 5.62
N TYR B 103 -41.40 -14.77 6.33
CA TYR B 103 -42.33 -13.74 6.77
C TYR B 103 -42.39 -13.60 8.28
N GLY B 104 -41.65 -14.39 9.01
CA GLY B 104 -41.60 -14.26 10.47
C GLY B 104 -42.71 -14.95 11.21
N SER B 105 -43.75 -15.37 10.48
CA SER B 105 -44.89 -16.02 11.09
C SER B 105 -45.78 -16.61 10.00
N LEU B 106 -46.17 -17.86 10.20
CA LEU B 106 -47.14 -18.50 9.31
C LEU B 106 -48.40 -17.67 9.38
N VAL B 107 -48.48 -16.70 8.47
CA VAL B 107 -49.55 -15.71 8.54
C VAL B 107 -50.83 -16.27 7.93
N ASN B 108 -50.71 -17.15 6.96
CA ASN B 108 -51.87 -17.74 6.29
C ASN B 108 -51.63 -19.21 6.03
N ILE B 109 -52.73 -19.95 5.84
CA ILE B 109 -52.63 -21.38 5.58
C ILE B 109 -52.64 -21.67 4.09
N GLU B 110 -53.38 -20.87 3.33
CA GLU B 110 -53.49 -21.12 1.89
C GLU B 110 -52.15 -20.95 1.21
N ASN B 111 -51.28 -20.16 1.82
CA ASN B 111 -49.90 -19.99 1.32
C ASN B 111 -49.16 -21.31 1.50
N LEU B 112 -49.67 -22.22 2.36
CA LEU B 112 -49.03 -23.51 2.61
C LEU B 112 -49.65 -24.59 1.73
N VAL B 113 -50.95 -24.80 1.86
CA VAL B 113 -51.65 -25.79 1.06
C VAL B 113 -51.30 -25.63 -0.41
N LYS B 114 -51.04 -24.40 -0.85
CA LYS B 114 -50.72 -24.15 -2.24
C LYS B 114 -49.36 -24.74 -2.60
N ARG B 115 -48.37 -24.59 -1.72
CA ARG B 115 -47.05 -25.13 -2.01
C ARG B 115 -47.10 -26.63 -2.19
N VAL B 116 -48.11 -27.28 -1.63
CA VAL B 116 -48.22 -28.73 -1.74
C VAL B 116 -48.84 -29.12 -3.07
N ALA B 117 -50.07 -28.67 -3.31
CA ALA B 117 -50.75 -28.96 -4.57
C ALA B 117 -49.83 -28.71 -5.76
N ASP B 118 -49.00 -27.67 -5.68
CA ASP B 118 -48.05 -27.41 -6.74
C ASP B 118 -47.04 -28.55 -6.88
N GLN B 119 -46.73 -29.20 -5.76
CA GLN B 119 -45.80 -30.32 -5.81
C GLN B 119 -46.48 -31.56 -6.35
N MET B 120 -47.81 -31.65 -6.21
CA MET B 120 -48.53 -32.83 -6.65
C MET B 120 -48.92 -32.72 -8.12
N GLN B 121 -49.47 -31.58 -8.52
CA GLN B 121 -49.75 -31.35 -9.93
C GLN B 121 -48.50 -31.54 -10.78
N GLN B 122 -47.34 -31.24 -10.21
CA GLN B 122 -46.09 -31.41 -10.94
C GLN B 122 -45.93 -32.83 -11.42
N TYR B 123 -46.34 -33.80 -10.60
CA TYR B 123 -46.21 -35.21 -10.95
C TYR B 123 -47.38 -35.71 -11.78
N THR B 124 -48.13 -34.82 -12.42
CA THR B 124 -49.26 -35.20 -13.24
C THR B 124 -49.08 -34.85 -14.71
N GLN B 125 -48.26 -33.85 -15.02
CA GLN B 125 -48.08 -33.39 -16.39
C GLN B 125 -46.76 -33.83 -17.00
N TYR B 126 -45.92 -34.53 -16.25
CA TYR B 126 -44.63 -34.99 -16.74
C TYR B 126 -44.58 -36.52 -16.70
N GLY B 127 -43.92 -37.09 -17.70
CA GLY B 127 -43.82 -38.53 -17.78
C GLY B 127 -42.61 -39.06 -17.02
N GLY B 128 -42.66 -40.36 -16.75
CA GLY B 128 -41.63 -41.01 -15.98
C GLY B 128 -41.80 -40.94 -14.49
N VAL B 129 -42.94 -40.43 -14.01
CA VAL B 129 -43.23 -40.32 -12.59
C VAL B 129 -44.73 -40.50 -12.39
N ARG B 130 -45.09 -41.22 -11.33
CA ARG B 130 -46.48 -41.43 -11.02
C ARG B 130 -46.97 -40.37 -10.04
N PRO B 131 -48.26 -40.07 -10.02
CA PRO B 131 -48.78 -39.12 -9.05
C PRO B 131 -48.66 -39.65 -7.63
N TYR B 132 -49.22 -38.88 -6.70
CA TYR B 132 -49.32 -39.32 -5.32
C TYR B 132 -50.68 -39.96 -5.09
N GLY B 133 -50.69 -41.09 -4.39
CA GLY B 133 -51.92 -41.80 -4.14
C GLY B 133 -52.55 -41.45 -2.81
N VAL B 134 -52.83 -40.17 -2.59
CA VAL B 134 -53.36 -39.71 -1.31
C VAL B 134 -54.10 -38.40 -1.51
N SER B 135 -55.12 -38.20 -0.67
CA SER B 135 -55.72 -36.89 -0.43
C SER B 135 -55.58 -36.61 1.05
N LEU B 136 -55.63 -35.33 1.40
CA LEU B 136 -55.36 -34.91 2.77
C LEU B 136 -56.43 -33.95 3.26
N ILE B 137 -56.37 -33.70 4.56
CA ILE B 137 -57.14 -32.66 5.22
C ILE B 137 -56.18 -31.75 5.95
N PHE B 138 -56.46 -30.46 5.94
CA PHE B 138 -55.68 -29.48 6.68
C PHE B 138 -56.62 -28.65 7.53
N ALA B 139 -56.18 -28.33 8.74
CA ALA B 139 -56.95 -27.52 9.66
C ALA B 139 -56.00 -26.70 10.51
N GLY B 140 -56.52 -25.62 11.07
CA GLY B 140 -55.71 -24.77 11.90
C GLY B 140 -56.28 -23.37 11.97
N ILE B 141 -55.57 -22.52 12.70
CA ILE B 141 -55.98 -21.15 12.95
C ILE B 141 -54.97 -20.22 12.30
N ASP B 142 -55.48 -19.20 11.61
CA ASP B 142 -54.64 -18.15 11.06
C ASP B 142 -55.18 -16.78 11.46
N GLN B 143 -54.58 -15.73 10.91
CA GLN B 143 -55.01 -14.33 11.16
C GLN B 143 -56.51 -14.25 10.89
N ILE B 144 -56.99 -14.90 9.85
CA ILE B 144 -58.41 -14.91 9.53
C ILE B 144 -59.20 -15.62 10.62
N GLY B 145 -58.87 -16.88 10.88
CA GLY B 145 -59.58 -17.66 11.86
C GLY B 145 -59.53 -19.13 11.54
N PRO B 146 -60.55 -19.88 11.97
CA PRO B 146 -60.59 -21.31 11.67
C PRO B 146 -60.66 -21.57 10.17
N ARG B 147 -59.84 -22.50 9.71
CA ARG B 147 -59.80 -22.88 8.31
C ARG B 147 -59.94 -24.39 8.19
N LEU B 148 -60.12 -24.85 6.96
CA LEU B 148 -60.31 -26.27 6.70
C LEU B 148 -60.26 -26.48 5.19
N PHE B 149 -59.34 -27.32 4.73
CA PHE B 149 -59.09 -27.51 3.31
C PHE B 149 -59.03 -28.99 2.99
N ASP B 150 -58.79 -29.27 1.70
CA ASP B 150 -58.62 -30.63 1.21
C ASP B 150 -57.86 -30.55 -0.10
N CYS B 151 -57.16 -31.64 -0.43
CA CYS B 151 -56.31 -31.67 -1.61
C CYS B 151 -56.39 -33.06 -2.25
N ASP B 152 -56.73 -33.08 -3.54
CA ASP B 152 -56.80 -34.36 -4.28
C ASP B 152 -55.43 -34.58 -4.92
N PRO B 153 -55.16 -35.77 -5.49
CA PRO B 153 -53.83 -36.11 -6.03
C PRO B 153 -53.32 -35.16 -7.09
N ALA B 154 -54.19 -34.41 -7.75
CA ALA B 154 -53.77 -33.53 -8.83
C ALA B 154 -53.49 -32.11 -8.37
N GLY B 155 -53.98 -31.71 -7.20
CA GLY B 155 -53.80 -30.36 -6.70
C GLY B 155 -55.08 -29.57 -6.55
N THR B 156 -56.22 -30.18 -6.79
CA THR B 156 -57.48 -29.45 -6.63
C THR B 156 -57.68 -29.05 -5.18
N ILE B 157 -57.83 -27.75 -4.96
CA ILE B 157 -58.02 -27.18 -3.63
C ILE B 157 -59.45 -26.71 -3.51
N ASN B 158 -59.99 -26.82 -2.30
CA ASN B 158 -61.33 -26.36 -1.99
C ASN B 158 -61.43 -26.18 -0.48
N GLU B 159 -62.00 -25.05 -0.06
CA GLU B 159 -62.17 -24.75 1.35
C GLU B 159 -63.61 -25.04 1.76
N TYR B 160 -63.77 -25.78 2.85
CA TYR B 160 -65.06 -26.29 3.27
C TYR B 160 -65.40 -25.85 4.68
N LYS B 161 -66.68 -25.92 5.02
CA LYS B 161 -67.10 -25.85 6.42
C LYS B 161 -67.05 -27.24 7.06
N ALA B 162 -66.99 -28.28 6.25
CA ALA B 162 -66.86 -29.64 6.73
C ALA B 162 -66.56 -30.54 5.54
N THR B 163 -65.98 -31.70 5.83
CA THR B 163 -65.52 -32.59 4.77
C THR B 163 -65.14 -33.93 5.39
N ALA B 164 -65.10 -34.95 4.55
CA ALA B 164 -64.70 -36.28 4.95
C ALA B 164 -63.68 -36.82 3.96
N ILE B 165 -63.13 -37.99 4.28
CA ILE B 165 -62.07 -38.59 3.50
C ILE B 165 -61.99 -40.07 3.85
N GLY B 166 -61.60 -40.88 2.89
CA GLY B 166 -61.43 -42.30 3.08
C GLY B 166 -62.38 -43.12 2.25
N SER B 167 -62.95 -44.15 2.90
CA SER B 167 -63.87 -45.05 2.21
C SER B 167 -65.31 -44.62 2.41
N GLY B 168 -65.66 -44.25 3.63
CA GLY B 168 -67.02 -43.82 3.92
C GLY B 168 -67.25 -42.35 3.63
N LYS B 169 -66.47 -41.83 2.68
CA LYS B 169 -66.54 -40.41 2.37
C LYS B 169 -67.94 -39.99 1.95
N ASP B 170 -68.44 -40.53 0.84
CA ASP B 170 -69.74 -40.14 0.33
C ASP B 170 -70.83 -40.37 1.37
N ALA B 171 -70.73 -41.47 2.13
CA ALA B 171 -71.72 -41.76 3.14
C ALA B 171 -71.78 -40.66 4.20
N VAL B 172 -70.64 -40.04 4.48
CA VAL B 172 -70.58 -39.02 5.53
C VAL B 172 -71.15 -37.72 5.03
N VAL B 173 -70.59 -37.19 3.94
CA VAL B 173 -71.07 -35.93 3.37
C VAL B 173 -72.59 -35.95 3.22
N SER B 174 -73.14 -37.11 2.85
CA SER B 174 -74.58 -37.24 2.80
C SER B 174 -75.20 -36.91 4.15
N PHE B 175 -74.92 -37.74 5.15
CA PHE B 175 -75.39 -37.47 6.51
C PHE B 175 -75.08 -36.03 6.91
N LEU B 176 -73.82 -35.63 6.76
CA LEU B 176 -73.37 -34.33 7.25
C LEU B 176 -73.99 -33.17 6.50
N GLU B 177 -74.25 -33.31 5.21
CA GLU B 177 -74.90 -32.24 4.45
C GLU B 177 -76.29 -31.95 4.95
N ARG B 178 -76.89 -32.84 5.73
CA ARG B 178 -78.24 -32.68 6.24
C ARG B 178 -78.28 -32.12 7.65
N GLU B 179 -77.40 -32.57 8.54
CA GLU B 179 -77.50 -32.28 9.96
C GLU B 179 -76.42 -31.31 10.44
N TYR B 180 -75.60 -30.78 9.55
CA TYR B 180 -74.54 -29.88 9.98
C TYR B 180 -75.10 -28.52 10.37
N LYS B 181 -74.49 -27.91 11.39
CA LYS B 181 -74.88 -26.60 11.86
C LYS B 181 -73.62 -25.79 12.17
N GLU B 182 -73.71 -24.49 11.96
CA GLU B 182 -72.57 -23.59 12.13
C GLU B 182 -72.53 -23.01 13.53
N ASN B 183 -71.34 -22.56 13.91
CA ASN B 183 -71.12 -21.87 15.18
C ASN B 183 -71.69 -22.67 16.34
N LEU B 184 -71.30 -23.92 16.42
CA LEU B 184 -71.75 -24.78 17.50
C LEU B 184 -70.70 -24.84 18.59
N PRO B 185 -71.07 -25.30 19.78
CA PRO B 185 -70.07 -25.57 20.82
C PRO B 185 -69.15 -26.71 20.41
N GLU B 186 -68.15 -26.95 21.25
CA GLU B 186 -67.17 -27.98 20.93
C GLU B 186 -67.80 -29.37 20.98
N LYS B 187 -68.12 -29.86 22.17
CA LYS B 187 -68.63 -31.21 22.29
C LYS B 187 -69.92 -31.42 21.53
N GLU B 188 -70.75 -30.38 21.45
CA GLU B 188 -71.98 -30.48 20.66
C GLU B 188 -71.69 -30.86 19.21
N ALA B 189 -70.56 -30.43 18.68
CA ALA B 189 -70.18 -30.77 17.32
C ALA B 189 -69.51 -32.13 17.23
N VAL B 190 -68.77 -32.53 18.26
CA VAL B 190 -68.12 -33.83 18.25
C VAL B 190 -69.16 -34.93 18.16
N THR B 191 -70.11 -34.93 19.10
CA THR B 191 -71.17 -35.94 19.09
C THR B 191 -71.86 -35.99 17.73
N LEU B 192 -71.93 -34.85 17.03
CA LEU B 192 -72.47 -34.85 15.68
C LEU B 192 -71.51 -35.57 14.72
N GLY B 193 -70.21 -35.36 14.90
CA GLY B 193 -69.26 -35.96 13.98
C GLY B 193 -69.20 -37.46 14.09
N ILE B 194 -68.98 -37.97 15.31
CA ILE B 194 -68.95 -39.42 15.51
C ILE B 194 -70.19 -40.06 14.93
N LYS B 195 -71.30 -39.32 14.91
CA LYS B 195 -72.54 -39.86 14.38
C LYS B 195 -72.46 -40.05 12.88
N ALA B 196 -72.12 -38.99 12.14
CA ALA B 196 -71.93 -39.12 10.70
C ALA B 196 -70.92 -40.19 10.38
N LEU B 197 -69.88 -40.32 11.21
CA LEU B 197 -68.96 -41.45 11.07
C LEU B 197 -69.68 -42.76 11.33
N LYS B 198 -70.38 -42.84 12.47
CA LYS B 198 -71.17 -44.03 12.77
C LYS B 198 -72.09 -44.39 11.61
N SER B 199 -72.56 -43.41 10.85
CA SER B 199 -73.43 -43.68 9.72
C SER B 199 -72.73 -44.51 8.66
N SER B 200 -71.63 -43.99 8.12
CA SER B 200 -70.91 -44.69 7.05
C SER B 200 -70.41 -46.05 7.49
N LEU B 201 -70.34 -46.30 8.79
CA LEU B 201 -69.82 -47.57 9.27
C LEU B 201 -70.75 -48.71 8.89
N GLU B 202 -70.16 -49.85 8.57
CA GLU B 202 -70.94 -51.05 8.35
C GLU B 202 -71.54 -51.53 9.67
N GLU B 203 -72.71 -52.16 9.58
CA GLU B 203 -73.41 -52.58 10.79
C GLU B 203 -72.55 -53.53 11.62
N GLY B 204 -71.76 -54.37 10.95
CA GLY B 204 -70.99 -55.36 11.68
C GLY B 204 -69.89 -54.74 12.54
N GLU B 205 -69.52 -53.51 12.25
CA GLU B 205 -68.44 -52.84 12.97
C GLU B 205 -68.99 -51.74 13.86
N GLU B 206 -68.15 -51.25 14.77
CA GLU B 206 -68.48 -50.14 15.66
C GLU B 206 -67.31 -49.17 15.64
N LEU B 207 -67.21 -48.37 16.70
CA LEU B 207 -66.18 -47.34 16.81
C LEU B 207 -65.13 -47.78 17.84
N LYS B 208 -63.86 -47.64 17.49
CA LYS B 208 -62.77 -48.23 18.26
C LYS B 208 -61.76 -47.14 18.66
N ALA B 209 -62.16 -46.34 19.65
CA ALA B 209 -61.29 -45.31 20.18
C ALA B 209 -60.73 -44.45 19.06
N PRO B 210 -61.59 -43.75 18.31
CA PRO B 210 -61.10 -42.93 17.21
C PRO B 210 -60.22 -41.80 17.70
N GLU B 211 -59.47 -41.22 16.75
CA GLU B 211 -58.64 -40.07 17.03
C GLU B 211 -59.46 -38.80 16.90
N ILE B 212 -59.22 -37.85 17.79
CA ILE B 212 -59.83 -36.52 17.69
C ILE B 212 -58.76 -35.49 18.04
N ALA B 213 -58.90 -34.30 17.47
CA ALA B 213 -57.97 -33.21 17.71
C ALA B 213 -58.66 -31.91 17.35
N SER B 214 -58.88 -31.07 18.36
CA SER B 214 -59.57 -29.81 18.16
C SER B 214 -58.63 -28.66 18.47
N ILE B 215 -59.16 -27.46 18.34
CA ILE B 215 -58.40 -26.25 18.62
C ILE B 215 -59.38 -25.09 18.70
N THR B 216 -58.93 -24.01 19.34
CA THR B 216 -59.75 -22.82 19.51
C THR B 216 -58.85 -21.60 19.46
N VAL B 217 -59.45 -20.47 19.08
CA VAL B 217 -58.68 -19.25 18.90
C VAL B 217 -57.89 -18.93 20.17
N GLY B 218 -56.75 -18.27 19.99
CA GLY B 218 -55.89 -17.91 21.10
C GLY B 218 -55.29 -19.09 21.82
N ASN B 219 -55.44 -20.30 21.30
CA ASN B 219 -54.97 -21.51 21.96
C ASN B 219 -54.14 -22.32 20.98
N LYS B 220 -53.83 -23.55 21.37
CA LYS B 220 -53.13 -24.51 20.54
C LYS B 220 -53.96 -25.78 20.43
N TYR B 221 -53.45 -26.72 19.64
CA TYR B 221 -54.17 -27.96 19.44
C TYR B 221 -54.20 -28.78 20.71
N ARG B 222 -55.18 -29.67 20.80
CA ARG B 222 -55.39 -30.51 21.97
C ARG B 222 -55.76 -31.91 21.51
N ILE B 223 -54.86 -32.86 21.71
CA ILE B 223 -55.13 -34.27 21.42
C ILE B 223 -55.57 -34.89 22.74
N TYR B 224 -56.88 -34.93 22.97
CA TYR B 224 -57.36 -35.48 24.22
C TYR B 224 -57.44 -37.01 24.12
N ASP B 225 -57.25 -37.66 25.25
CA ASP B 225 -56.97 -39.09 25.27
C ASP B 225 -58.24 -39.90 25.06
N GLN B 226 -58.04 -41.17 24.71
CA GLN B 226 -59.14 -42.11 24.53
C GLN B 226 -60.13 -42.07 25.69
N GLU B 227 -59.66 -41.77 26.89
CA GLU B 227 -60.57 -41.70 28.03
C GLU B 227 -61.74 -40.80 27.74
N GLU B 228 -61.48 -39.53 27.40
CA GLU B 228 -62.54 -38.61 27.05
C GLU B 228 -63.25 -39.00 25.76
N VAL B 229 -62.62 -39.85 24.94
CA VAL B 229 -63.25 -40.25 23.68
C VAL B 229 -64.48 -41.11 23.94
N LYS B 230 -64.42 -41.96 24.97
CA LYS B 230 -65.56 -42.80 25.30
C LYS B 230 -66.83 -41.96 25.48
N LYS B 231 -66.67 -40.73 25.95
CA LYS B 231 -67.78 -39.88 26.29
C LYS B 231 -68.35 -39.20 25.04
N GLN C 5 -58.12 -42.14 -35.52
CA GLN C 5 -56.92 -42.89 -35.90
C GLN C 5 -56.25 -43.47 -34.67
N MET C 6 -56.58 -44.72 -34.36
CA MET C 6 -56.01 -45.38 -33.18
C MET C 6 -54.49 -45.45 -33.25
N ALA C 7 -53.90 -45.27 -34.43
CA ALA C 7 -52.45 -45.33 -34.60
C ALA C 7 -51.76 -43.98 -34.41
N TYR C 8 -52.51 -42.88 -34.42
CA TYR C 8 -51.93 -41.55 -34.36
C TYR C 8 -52.54 -40.70 -33.25
N ASP C 9 -53.13 -41.34 -32.22
CA ASP C 9 -53.80 -40.62 -31.10
C ASP C 9 -53.15 -41.06 -29.78
N ARG C 10 -51.82 -41.17 -29.75
CA ARG C 10 -51.08 -41.58 -28.55
C ARG C 10 -50.12 -40.52 -28.05
N ALA C 11 -49.54 -39.74 -28.95
CA ALA C 11 -48.51 -38.78 -28.61
C ALA C 11 -48.85 -37.42 -29.22
N ILE C 12 -48.47 -36.36 -28.52
CA ILE C 12 -48.73 -35.01 -29.01
C ILE C 12 -47.84 -34.69 -30.20
N THR C 13 -46.64 -35.29 -30.26
CA THR C 13 -45.63 -34.93 -31.24
C THR C 13 -45.70 -35.78 -32.50
N VAL C 14 -46.90 -36.18 -32.92
CA VAL C 14 -47.09 -37.00 -34.09
C VAL C 14 -48.23 -36.43 -34.92
N PHE C 15 -47.96 -36.11 -36.17
CA PHE C 15 -48.97 -35.67 -37.11
C PHE C 15 -49.63 -36.88 -37.74
N SER C 16 -50.93 -36.77 -38.02
CA SER C 16 -51.62 -37.79 -38.77
C SER C 16 -51.39 -37.60 -40.26
N PRO C 17 -51.58 -38.64 -41.05
CA PRO C 17 -51.42 -38.49 -42.51
C PRO C 17 -52.21 -37.34 -43.10
N ASP C 18 -53.28 -36.92 -42.44
CA ASP C 18 -54.07 -35.77 -42.88
C ASP C 18 -53.56 -34.47 -42.29
N GLY C 19 -52.49 -34.53 -41.50
CA GLY C 19 -51.96 -33.33 -40.88
C GLY C 19 -52.78 -32.83 -39.71
N ARG C 20 -52.82 -33.58 -38.62
CA ARG C 20 -53.61 -33.23 -37.45
C ARG C 20 -52.86 -33.62 -36.18
N LEU C 21 -53.43 -33.20 -35.05
CA LEU C 21 -52.90 -33.50 -33.73
C LEU C 21 -54.07 -33.93 -32.86
N PHE C 22 -54.35 -35.23 -32.86
CA PHE C 22 -55.50 -35.74 -32.11
C PHE C 22 -55.33 -35.46 -30.63
N GLN C 23 -54.13 -35.66 -30.10
CA GLN C 23 -53.89 -35.36 -28.69
C GLN C 23 -54.15 -33.89 -28.40
N TYR C 24 -54.14 -33.05 -29.43
CA TYR C 24 -54.47 -31.65 -29.26
C TYR C 24 -55.98 -31.44 -29.38
N GLU C 25 -56.62 -32.12 -30.32
CA GLU C 25 -58.07 -32.03 -30.44
C GLU C 25 -58.76 -32.66 -29.25
N TYR C 26 -58.08 -33.59 -28.57
CA TYR C 26 -58.67 -34.22 -27.40
C TYR C 26 -58.69 -33.26 -26.23
N ALA C 27 -57.59 -32.55 -25.99
CA ALA C 27 -57.54 -31.60 -24.89
C ALA C 27 -58.67 -30.58 -24.99
N ARG C 28 -59.12 -30.28 -26.20
CA ARG C 28 -60.25 -29.38 -26.39
C ARG C 28 -61.56 -30.03 -25.98
N GLU C 29 -61.56 -31.33 -25.73
CA GLU C 29 -62.78 -32.00 -25.28
C GLU C 29 -62.91 -31.93 -23.77
N ALA C 30 -61.78 -31.78 -23.06
CA ALA C 30 -61.85 -31.65 -21.61
C ALA C 30 -62.32 -30.26 -21.20
N VAL C 31 -62.22 -29.29 -22.10
CA VAL C 31 -62.66 -27.94 -21.80
C VAL C 31 -64.19 -27.86 -21.82
N LYS C 32 -64.81 -28.50 -22.82
CA LYS C 32 -66.26 -28.47 -22.93
C LYS C 32 -66.96 -29.12 -21.75
N LYS C 33 -66.22 -29.79 -20.87
CA LYS C 33 -66.81 -30.33 -19.65
C LYS C 33 -66.97 -29.29 -18.56
N GLY C 34 -66.27 -28.16 -18.65
CA GLY C 34 -66.32 -27.16 -17.63
C GLY C 34 -67.54 -26.26 -17.72
N SER C 35 -67.74 -25.49 -16.67
CA SER C 35 -68.87 -24.58 -16.60
C SER C 35 -68.79 -23.56 -17.74
N THR C 36 -69.88 -22.81 -17.90
CA THR C 36 -70.01 -21.85 -18.98
C THR C 36 -69.71 -20.44 -18.47
N ALA C 37 -69.19 -19.60 -19.36
CA ALA C 37 -68.87 -18.22 -19.03
C ALA C 37 -68.67 -17.44 -20.32
N LEU C 38 -68.63 -16.12 -20.19
CA LEU C 38 -68.49 -15.25 -21.36
C LEU C 38 -67.95 -13.90 -20.93
N GLY C 39 -67.84 -13.02 -21.91
CA GLY C 39 -67.36 -11.67 -21.68
C GLY C 39 -67.78 -10.75 -22.80
N MET C 40 -68.09 -9.51 -22.44
CA MET C 40 -68.62 -8.55 -23.38
C MET C 40 -68.06 -7.17 -23.11
N LYS C 41 -67.73 -6.45 -24.18
CA LYS C 41 -67.33 -5.07 -24.08
C LYS C 41 -68.55 -4.17 -24.19
N PHE C 42 -68.35 -2.89 -23.96
CA PHE C 42 -69.43 -1.91 -24.03
C PHE C 42 -68.81 -0.52 -23.92
N ALA C 43 -69.62 0.45 -23.52
CA ALA C 43 -69.20 1.84 -23.47
C ALA C 43 -68.16 2.02 -22.36
N ASN C 44 -66.90 2.14 -22.76
CA ASN C 44 -65.83 2.48 -21.84
C ASN C 44 -65.65 1.43 -20.75
N GLY C 45 -65.92 0.18 -21.09
CA GLY C 45 -65.78 -0.87 -20.09
C GLY C 45 -65.86 -2.24 -20.72
N VAL C 46 -65.86 -3.24 -19.84
CA VAL C 46 -65.94 -4.64 -20.21
C VAL C 46 -66.27 -5.42 -18.96
N LEU C 47 -66.77 -6.65 -19.14
CA LEU C 47 -67.26 -7.43 -18.02
C LEU C 47 -67.08 -8.91 -18.29
N LEU C 48 -67.47 -9.70 -17.30
CA LEU C 48 -67.42 -11.16 -17.37
C LEU C 48 -68.61 -11.74 -16.63
N ILE C 49 -68.93 -12.99 -16.94
CA ILE C 49 -69.99 -13.73 -16.27
C ILE C 49 -69.63 -15.20 -16.29
N SER C 50 -70.03 -15.92 -15.25
CA SER C 50 -69.78 -17.35 -15.13
C SER C 50 -71.08 -18.07 -14.77
N ASP C 51 -71.19 -19.31 -15.23
CA ASP C 51 -72.36 -20.14 -14.97
C ASP C 51 -72.17 -20.81 -13.60
N LYS C 52 -72.39 -20.02 -12.55
CA LYS C 52 -72.32 -20.55 -11.19
C LYS C 52 -73.22 -21.77 -11.05
N LYS C 53 -72.63 -22.88 -10.63
CA LYS C 53 -73.37 -24.12 -10.38
C LYS C 53 -73.50 -24.33 -8.88
N VAL C 54 -74.73 -24.54 -8.42
CA VAL C 54 -74.96 -24.75 -7.00
C VAL C 54 -74.15 -25.94 -6.52
N ARG C 55 -73.68 -25.88 -5.29
CA ARG C 55 -72.95 -26.95 -4.66
C ARG C 55 -73.47 -27.14 -3.25
N SER C 56 -72.86 -28.09 -2.53
CA SER C 56 -73.26 -28.35 -1.16
C SER C 56 -73.08 -27.09 -0.32
N ARG C 57 -73.98 -26.90 0.64
CA ARG C 57 -73.88 -25.77 1.54
C ARG C 57 -72.61 -25.82 2.39
N LEU C 58 -71.88 -26.93 2.34
CA LEU C 58 -70.72 -27.12 3.19
C LEU C 58 -69.47 -26.43 2.66
N ILE C 59 -69.53 -25.83 1.49
CA ILE C 59 -68.37 -25.23 0.85
C ILE C 59 -68.45 -23.72 1.01
N GLU C 60 -67.35 -23.10 1.42
CA GLU C 60 -67.31 -21.66 1.55
C GLU C 60 -67.51 -21.00 0.19
N GLN C 61 -68.46 -20.08 0.13
CA GLN C 61 -68.86 -19.42 -1.10
C GLN C 61 -67.85 -18.38 -1.56
N ASN C 62 -66.73 -18.24 -0.86
CA ASN C 62 -65.68 -17.30 -1.24
C ASN C 62 -64.52 -17.97 -1.96
N SER C 63 -64.64 -19.25 -2.30
CA SER C 63 -63.63 -19.95 -3.07
C SER C 63 -64.20 -20.62 -4.31
N ILE C 64 -65.52 -20.75 -4.40
CA ILE C 64 -66.16 -21.37 -5.55
C ILE C 64 -66.10 -20.42 -6.74
N GLU C 65 -65.90 -19.14 -6.46
CA GLU C 65 -65.90 -18.11 -7.50
C GLU C 65 -64.78 -18.40 -8.50
N LYS C 66 -65.14 -18.53 -9.77
CA LYS C 66 -64.14 -18.73 -10.80
C LYS C 66 -63.56 -17.41 -11.30
N ILE C 67 -64.25 -16.31 -11.05
CA ILE C 67 -63.75 -14.99 -11.43
C ILE C 67 -62.52 -14.68 -10.58
N GLN C 68 -61.36 -14.66 -11.21
CA GLN C 68 -60.09 -14.43 -10.53
C GLN C 68 -59.46 -13.17 -11.05
N LEU C 69 -58.87 -12.39 -10.14
CA LEU C 69 -58.19 -11.16 -10.51
C LEU C 69 -56.72 -11.44 -10.76
N ILE C 70 -56.17 -10.81 -11.79
CA ILE C 70 -54.73 -10.86 -12.01
C ILE C 70 -54.09 -9.57 -11.54
N ASP C 71 -54.81 -8.46 -11.68
CA ASP C 71 -54.44 -7.19 -11.07
C ASP C 71 -55.71 -6.36 -10.95
N ASP C 72 -55.60 -5.25 -10.25
CA ASP C 72 -56.77 -4.40 -10.03
C ASP C 72 -57.36 -3.88 -11.33
N TYR C 73 -56.73 -4.13 -12.46
CA TYR C 73 -57.24 -3.71 -13.76
C TYR C 73 -57.30 -4.85 -14.76
N VAL C 74 -57.08 -6.08 -14.32
CA VAL C 74 -57.18 -7.25 -15.19
C VAL C 74 -57.77 -8.40 -14.40
N ALA C 75 -58.60 -9.21 -15.06
CA ALA C 75 -59.22 -10.37 -14.45
C ALA C 75 -59.20 -11.52 -15.45
N ALA C 76 -59.82 -12.62 -15.06
CA ALA C 76 -59.90 -13.78 -15.92
C ALA C 76 -60.83 -14.82 -15.33
N VAL C 77 -61.23 -15.76 -16.16
CA VAL C 77 -62.02 -16.91 -15.76
C VAL C 77 -61.66 -18.06 -16.69
N THR C 78 -61.79 -19.29 -16.19
CA THR C 78 -61.22 -20.45 -16.85
C THR C 78 -62.22 -21.60 -16.86
N SER C 79 -61.99 -22.54 -17.78
CA SER C 79 -62.80 -23.74 -17.91
C SER C 79 -61.92 -24.93 -18.22
N GLY C 80 -62.20 -26.06 -17.56
CA GLY C 80 -61.47 -27.28 -17.81
C GLY C 80 -60.87 -27.89 -16.56
N LEU C 81 -59.75 -28.59 -16.72
CA LEU C 81 -59.09 -29.20 -15.57
C LEU C 81 -58.76 -28.15 -14.52
N VAL C 82 -59.47 -28.23 -13.39
CA VAL C 82 -59.31 -27.21 -12.36
C VAL C 82 -57.90 -27.23 -11.80
N ALA C 83 -57.26 -28.39 -11.81
CA ALA C 83 -55.91 -28.48 -11.26
C ALA C 83 -54.93 -27.65 -12.06
N ASP C 84 -55.10 -27.61 -13.38
CA ASP C 84 -54.20 -26.82 -14.21
C ASP C 84 -54.59 -25.36 -14.21
N ALA C 85 -55.88 -25.06 -14.21
CA ALA C 85 -56.33 -23.67 -14.17
C ALA C 85 -55.69 -22.93 -13.01
N ARG C 86 -55.70 -23.53 -11.82
CA ARG C 86 -55.11 -22.89 -10.66
C ARG C 86 -53.66 -22.54 -10.89
N VAL C 87 -53.02 -23.20 -11.86
CA VAL C 87 -51.59 -23.00 -12.07
C VAL C 87 -51.34 -21.82 -12.99
N LEU C 88 -52.01 -21.79 -14.14
CA LEU C 88 -51.81 -20.72 -15.10
C LEU C 88 -52.16 -19.36 -14.50
N VAL C 89 -53.26 -19.31 -13.76
CA VAL C 89 -53.64 -18.06 -13.10
C VAL C 89 -52.52 -17.57 -12.22
N ASP C 90 -51.86 -18.48 -11.50
CA ASP C 90 -50.68 -18.09 -10.74
C ASP C 90 -49.54 -17.71 -11.66
N PHE C 91 -49.41 -18.39 -12.80
CA PHE C 91 -48.40 -18.02 -13.78
C PHE C 91 -48.70 -16.64 -14.34
N ALA C 92 -49.97 -16.33 -14.56
CA ALA C 92 -50.33 -15.01 -15.04
C ALA C 92 -50.08 -13.95 -13.98
N ARG C 93 -50.43 -14.24 -12.73
CA ARG C 93 -50.24 -13.28 -11.66
C ARG C 93 -48.76 -12.99 -11.45
N ILE C 94 -47.90 -13.83 -12.00
CA ILE C 94 -46.47 -13.62 -11.85
C ILE C 94 -45.91 -12.88 -13.06
N SER C 95 -46.37 -13.25 -14.25
CA SER C 95 -45.94 -12.56 -15.46
C SER C 95 -46.32 -11.09 -15.40
N ALA C 96 -47.47 -10.79 -14.83
CA ALA C 96 -47.91 -9.40 -14.75
C ALA C 96 -46.95 -8.58 -13.89
N GLN C 97 -46.47 -9.16 -12.79
CA GLN C 97 -45.56 -8.43 -11.93
C GLN C 97 -44.20 -8.24 -12.58
N GLN C 98 -43.79 -9.17 -13.45
CA GLN C 98 -42.53 -9.02 -14.14
C GLN C 98 -42.53 -7.76 -15.01
N GLU C 99 -43.67 -7.45 -15.62
CA GLU C 99 -43.78 -6.24 -16.42
C GLU C 99 -43.70 -5.00 -15.56
N LYS C 100 -44.57 -4.91 -14.54
CA LYS C 100 -44.54 -3.78 -13.64
C LYS C 100 -43.14 -3.52 -13.12
N VAL C 101 -42.38 -4.59 -12.87
CA VAL C 101 -41.00 -4.43 -12.40
C VAL C 101 -40.11 -3.98 -13.55
N THR C 102 -40.37 -4.48 -14.75
CA THR C 102 -39.50 -4.19 -15.87
C THR C 102 -39.84 -2.84 -16.50
N TYR C 103 -41.12 -2.53 -16.61
CA TYR C 103 -41.57 -1.32 -17.27
C TYR C 103 -42.24 -0.33 -16.34
N GLY C 104 -42.37 -0.65 -15.07
CA GLY C 104 -42.96 0.28 -14.10
C GLY C 104 -44.46 0.29 -14.06
N SER C 105 -45.10 -0.31 -15.05
CA SER C 105 -46.55 -0.33 -15.12
C SER C 105 -46.98 -1.30 -16.21
N LEU C 106 -47.94 -2.15 -15.87
CA LEU C 106 -48.56 -3.04 -16.84
C LEU C 106 -49.18 -2.15 -17.92
N VAL C 107 -48.37 -1.87 -18.94
CA VAL C 107 -48.76 -0.89 -19.95
C VAL C 107 -49.71 -1.51 -20.96
N ASN C 108 -49.57 -2.80 -21.22
CA ASN C 108 -50.41 -3.48 -22.18
C ASN C 108 -50.78 -4.86 -21.67
N ILE C 109 -51.86 -5.40 -22.22
CA ILE C 109 -52.33 -6.72 -21.81
C ILE C 109 -51.77 -7.80 -22.73
N GLU C 110 -51.62 -7.49 -24.01
CA GLU C 110 -51.15 -8.49 -24.96
C GLU C 110 -49.74 -8.95 -24.63
N ASN C 111 -49.00 -8.07 -23.95
CA ASN C 111 -47.64 -8.42 -23.48
C ASN C 111 -47.78 -9.49 -22.40
N LEU C 112 -48.97 -9.66 -21.81
CA LEU C 112 -49.19 -10.66 -20.76
C LEU C 112 -49.74 -11.94 -21.35
N VAL C 113 -50.90 -11.85 -22.01
CA VAL C 113 -51.50 -13.02 -22.63
C VAL C 113 -50.48 -13.77 -23.47
N LYS C 114 -49.53 -13.06 -24.05
CA LYS C 114 -48.52 -13.69 -24.88
C LYS C 114 -47.59 -14.57 -24.05
N ARG C 115 -47.19 -14.09 -22.88
CA ARG C 115 -46.29 -14.87 -22.04
C ARG C 115 -46.93 -16.19 -21.64
N VAL C 116 -48.26 -16.25 -21.66
CA VAL C 116 -48.96 -17.47 -21.27
C VAL C 116 -48.98 -18.45 -22.43
N ALA C 117 -49.60 -18.06 -23.54
CA ALA C 117 -49.66 -18.92 -24.71
C ALA C 117 -48.31 -19.52 -25.03
N ASP C 118 -47.24 -18.75 -24.84
CA ASP C 118 -45.90 -19.27 -25.05
C ASP C 118 -45.60 -20.41 -24.08
N GLN C 119 -46.18 -20.36 -22.88
CA GLN C 119 -45.97 -21.42 -21.91
C GLN C 119 -46.79 -22.64 -22.25
N MET C 120 -47.90 -22.44 -22.97
CA MET C 120 -48.79 -23.54 -23.29
C MET C 120 -48.36 -24.23 -24.58
N GLN C 121 -48.06 -23.46 -25.62
CA GLN C 121 -47.53 -24.05 -26.84
C GLN C 121 -46.28 -24.85 -26.55
N GLN C 122 -45.51 -24.44 -25.54
CA GLN C 122 -44.31 -25.17 -25.18
C GLN C 122 -44.62 -26.64 -24.88
N TYR C 123 -45.75 -26.90 -24.23
CA TYR C 123 -46.13 -28.25 -23.86
C TYR C 123 -46.86 -28.97 -24.98
N THR C 124 -46.72 -28.51 -26.22
CA THR C 124 -47.38 -29.12 -27.36
C THR C 124 -46.41 -29.70 -28.37
N GLN C 125 -45.18 -29.18 -28.43
CA GLN C 125 -44.20 -29.62 -29.42
C GLN C 125 -43.11 -30.50 -28.83
N TYR C 126 -43.14 -30.75 -27.53
CA TYR C 126 -42.16 -31.60 -26.87
C TYR C 126 -42.83 -32.81 -26.25
N GLY C 127 -42.14 -33.94 -26.30
CA GLY C 127 -42.68 -35.16 -25.75
C GLY C 127 -42.35 -35.34 -24.28
N GLY C 128 -43.11 -36.22 -23.65
CA GLY C 128 -42.98 -36.46 -22.23
C GLY C 128 -43.77 -35.52 -21.35
N VAL C 129 -44.63 -34.68 -21.94
CA VAL C 129 -45.45 -33.74 -21.20
C VAL C 129 -46.76 -33.56 -21.96
N ARG C 130 -47.84 -33.49 -21.20
CA ARG C 130 -49.15 -33.29 -21.79
C ARG C 130 -49.49 -31.80 -21.82
N PRO C 131 -50.34 -31.37 -22.75
CA PRO C 131 -50.75 -29.96 -22.76
C PRO C 131 -51.56 -29.60 -21.54
N TYR C 132 -52.06 -28.37 -21.54
CA TYR C 132 -52.98 -27.93 -20.51
C TYR C 132 -54.41 -28.13 -20.98
N GLY C 133 -55.25 -28.64 -20.10
CA GLY C 133 -56.64 -28.90 -20.45
C GLY C 133 -57.57 -27.77 -20.07
N VAL C 134 -57.30 -26.56 -20.58
CA VAL C 134 -58.09 -25.39 -20.21
C VAL C 134 -57.96 -24.34 -21.30
N SER C 135 -59.01 -23.56 -21.44
CA SER C 135 -58.98 -22.28 -22.14
C SER C 135 -59.43 -21.22 -21.17
N LEU C 136 -59.05 -19.98 -21.43
CA LEU C 136 -59.29 -18.90 -20.48
C LEU C 136 -59.90 -17.70 -21.17
N ILE C 137 -60.33 -16.76 -20.35
CA ILE C 137 -60.75 -15.44 -20.78
C ILE C 137 -59.94 -14.42 -20.00
N PHE C 138 -59.56 -13.33 -20.66
CA PHE C 138 -58.86 -12.23 -20.04
C PHE C 138 -59.59 -10.94 -20.35
N ALA C 139 -59.66 -10.06 -19.37
CA ALA C 139 -60.30 -8.77 -19.53
C ALA C 139 -59.60 -7.75 -18.65
N GLY C 140 -59.76 -6.49 -19.00
CA GLY C 140 -59.14 -5.43 -18.23
C GLY C 140 -58.96 -4.19 -19.07
N ILE C 141 -58.37 -3.19 -18.43
CA ILE C 141 -58.17 -1.87 -19.01
C ILE C 141 -56.68 -1.63 -19.17
N ASP C 142 -56.28 -1.12 -20.34
CA ASP C 142 -54.91 -0.70 -20.56
C ASP C 142 -54.88 0.70 -21.13
N GLN C 143 -53.68 1.16 -21.51
CA GLN C 143 -53.48 2.49 -22.13
C GLN C 143 -54.46 2.63 -23.29
N ILE C 144 -54.65 1.56 -24.07
CA ILE C 144 -55.58 1.57 -25.19
C ILE C 144 -57.01 1.73 -24.69
N GLY C 145 -57.46 0.82 -23.85
CA GLY C 145 -58.81 0.84 -23.34
C GLY C 145 -59.29 -0.55 -22.98
N PRO C 146 -60.60 -0.76 -23.06
CA PRO C 146 -61.15 -2.08 -22.77
C PRO C 146 -60.63 -3.13 -23.74
N ARG C 147 -60.22 -4.27 -23.19
CA ARG C 147 -59.72 -5.38 -23.97
C ARG C 147 -60.46 -6.64 -23.58
N LEU C 148 -60.24 -7.69 -24.36
CA LEU C 148 -60.90 -8.97 -24.13
C LEU C 148 -60.27 -10.00 -25.06
N PHE C 149 -59.74 -11.08 -24.48
CA PHE C 149 -59.00 -12.08 -25.20
C PHE C 149 -59.47 -13.47 -24.84
N ASP C 150 -58.83 -14.46 -25.45
CA ASP C 150 -59.07 -15.87 -25.18
C ASP C 150 -57.86 -16.65 -25.62
N CYS C 151 -57.67 -17.82 -24.99
CA CYS C 151 -56.50 -18.65 -25.25
C CYS C 151 -56.89 -20.11 -25.22
N ASP C 152 -56.57 -20.82 -26.31
CA ASP C 152 -56.87 -22.27 -26.38
C ASP C 152 -55.63 -23.00 -25.86
N PRO C 153 -55.71 -24.33 -25.64
CA PRO C 153 -54.61 -25.11 -25.04
C PRO C 153 -53.29 -25.02 -25.78
N ALA C 154 -53.30 -24.65 -27.06
CA ALA C 154 -52.08 -24.61 -27.85
C ALA C 154 -51.43 -23.24 -27.88
N GLY C 155 -52.17 -22.19 -27.53
CA GLY C 155 -51.65 -20.84 -27.59
C GLY C 155 -52.31 -19.93 -28.58
N THR C 156 -53.36 -20.39 -29.26
CA THR C 156 -54.05 -19.55 -30.21
C THR C 156 -54.68 -18.36 -29.50
N ILE C 157 -54.31 -17.16 -29.93
CA ILE C 157 -54.80 -15.92 -29.35
C ILE C 157 -55.73 -15.26 -30.36
N ASN C 158 -56.76 -14.59 -29.84
CA ASN C 158 -57.70 -13.84 -30.64
C ASN C 158 -58.39 -12.83 -29.76
N GLU C 159 -58.51 -11.60 -30.25
CA GLU C 159 -59.16 -10.53 -29.50
C GLU C 159 -60.57 -10.33 -30.04
N TYR C 160 -61.54 -10.27 -29.13
CA TYR C 160 -62.94 -10.28 -29.48
C TYR C 160 -63.64 -9.06 -28.90
N LYS C 161 -64.81 -8.75 -29.46
CA LYS C 161 -65.74 -7.85 -28.80
C LYS C 161 -66.63 -8.60 -27.82
N ALA C 162 -66.69 -9.93 -27.95
CA ALA C 162 -67.44 -10.77 -27.04
C ALA C 162 -67.08 -12.21 -27.32
N THR C 163 -67.30 -13.07 -26.33
CA THR C 163 -66.87 -14.45 -26.43
C THR C 163 -67.48 -15.24 -25.27
N ALA C 164 -67.52 -16.55 -25.44
CA ALA C 164 -68.02 -17.46 -24.43
C ALA C 164 -67.03 -18.60 -24.25
N ILE C 165 -67.30 -19.43 -23.26
CA ILE C 165 -66.40 -20.53 -22.89
C ILE C 165 -67.19 -21.52 -22.06
N GLY C 166 -66.81 -22.78 -22.17
CA GLY C 166 -67.43 -23.85 -21.40
C GLY C 166 -68.14 -24.87 -22.27
N SER C 167 -69.34 -25.24 -21.82
CA SER C 167 -70.12 -26.24 -22.53
C SER C 167 -71.13 -25.58 -23.47
N GLY C 168 -71.78 -24.51 -23.01
CA GLY C 168 -72.76 -23.82 -23.83
C GLY C 168 -72.12 -22.77 -24.71
N LYS C 169 -70.85 -22.99 -25.07
CA LYS C 169 -70.11 -22.00 -25.84
C LYS C 169 -70.80 -21.71 -27.16
N ASP C 170 -70.90 -22.72 -28.03
CA ASP C 170 -71.48 -22.50 -29.36
C ASP C 170 -72.89 -21.95 -29.25
N ALA C 171 -73.65 -22.41 -28.27
CA ALA C 171 -75.02 -21.93 -28.11
C ALA C 171 -75.05 -20.44 -27.83
N VAL C 172 -74.03 -19.93 -27.14
CA VAL C 172 -74.00 -18.52 -26.77
C VAL C 172 -73.61 -17.67 -27.96
N VAL C 173 -72.44 -17.94 -28.53
CA VAL C 173 -71.96 -17.17 -29.68
C VAL C 173 -73.05 -17.08 -30.73
N SER C 174 -73.82 -18.14 -30.92
CA SER C 174 -74.96 -18.08 -31.82
C SER C 174 -75.90 -16.96 -31.42
N PHE C 175 -76.53 -17.08 -30.25
CA PHE C 175 -77.39 -16.02 -29.74
C PHE C 175 -76.68 -14.68 -29.80
N LEU C 176 -75.48 -14.62 -29.24
CA LEU C 176 -74.77 -13.35 -29.09
C LEU C 176 -74.36 -12.75 -30.43
N GLU C 177 -74.02 -13.57 -31.42
CA GLU C 177 -73.67 -13.05 -32.74
C GLU C 177 -74.84 -12.32 -33.39
N ARG C 178 -76.06 -12.52 -32.92
CA ARG C 178 -77.24 -11.91 -33.49
C ARG C 178 -77.67 -10.64 -32.76
N GLU C 179 -77.62 -10.63 -31.43
CA GLU C 179 -78.21 -9.56 -30.64
C GLU C 179 -77.18 -8.66 -29.98
N TYR C 180 -75.90 -8.85 -30.26
CA TYR C 180 -74.89 -8.03 -29.63
C TYR C 180 -74.86 -6.63 -30.22
N LYS C 181 -74.60 -5.64 -29.37
CA LYS C 181 -74.51 -4.25 -29.78
C LYS C 181 -73.33 -3.60 -29.06
N GLU C 182 -72.70 -2.65 -29.73
CA GLU C 182 -71.51 -1.99 -29.23
C GLU C 182 -71.86 -0.72 -28.47
N ASN C 183 -70.92 -0.31 -27.62
CA ASN C 183 -71.03 0.95 -26.88
C ASN C 183 -72.37 1.04 -26.15
N LEU C 184 -72.69 0.01 -25.40
CA LEU C 184 -73.91 -0.01 -24.62
C LEU C 184 -73.64 0.42 -23.19
N PRO C 185 -74.69 0.78 -22.45
CA PRO C 185 -74.53 1.02 -21.02
C PRO C 185 -74.17 -0.26 -20.30
N GLU C 186 -73.91 -0.13 -18.99
CA GLU C 186 -73.49 -1.27 -18.20
C GLU C 186 -74.62 -2.29 -18.07
N LYS C 187 -75.64 -1.95 -17.28
CA LYS C 187 -76.71 -2.90 -17.02
C LYS C 187 -77.43 -3.33 -18.29
N GLU C 188 -77.54 -2.42 -19.26
CA GLU C 188 -78.16 -2.79 -20.53
C GLU C 188 -77.44 -3.95 -21.18
N ALA C 189 -76.13 -4.06 -20.99
CA ALA C 189 -75.38 -5.18 -21.55
C ALA C 189 -75.44 -6.41 -20.68
N VAL C 190 -75.55 -6.26 -19.37
CA VAL C 190 -75.65 -7.41 -18.48
C VAL C 190 -76.91 -8.21 -18.79
N THR C 191 -78.06 -7.53 -18.77
CA THR C 191 -79.31 -8.21 -19.08
C THR C 191 -79.23 -8.92 -20.42
N LEU C 192 -78.45 -8.39 -21.35
CA LEU C 192 -78.23 -9.09 -22.61
C LEU C 192 -77.39 -10.34 -22.39
N GLY C 193 -76.38 -10.27 -21.53
CA GLY C 193 -75.50 -11.40 -21.32
C GLY C 193 -76.20 -12.56 -20.65
N ILE C 194 -76.83 -12.32 -19.50
CA ILE C 194 -77.56 -13.37 -18.80
C ILE C 194 -78.54 -14.05 -19.76
N LYS C 195 -79.02 -13.31 -20.75
CA LYS C 195 -79.98 -13.87 -21.70
C LYS C 195 -79.30 -14.90 -22.60
N ALA C 196 -78.22 -14.50 -23.28
CA ALA C 196 -77.47 -15.45 -24.09
C ALA C 196 -77.04 -16.65 -23.26
N LEU C 197 -76.70 -16.43 -21.99
CA LEU C 197 -76.45 -17.55 -21.09
C LEU C 197 -77.71 -18.36 -20.88
N LYS C 198 -78.81 -17.69 -20.53
CA LYS C 198 -80.10 -18.36 -20.39
C LYS C 198 -80.42 -19.19 -21.62
N SER C 199 -79.97 -18.75 -22.79
CA SER C 199 -80.25 -19.50 -24.01
C SER C 199 -79.59 -20.87 -23.99
N SER C 200 -78.26 -20.91 -23.85
CA SER C 200 -77.56 -22.19 -23.86
C SER C 200 -78.00 -23.12 -22.74
N LEU C 201 -78.65 -22.58 -21.71
CA LEU C 201 -79.07 -23.41 -20.60
C LEU C 201 -80.12 -24.42 -21.03
N GLU C 202 -80.04 -25.61 -20.45
CA GLU C 202 -81.09 -26.60 -20.66
C GLU C 202 -82.37 -26.15 -19.96
N GLU C 203 -83.50 -26.54 -20.53
CA GLU C 203 -84.78 -26.09 -20.00
C GLU C 203 -84.96 -26.52 -18.55
N GLY C 204 -84.43 -27.68 -18.19
CA GLY C 204 -84.63 -28.18 -16.83
C GLY C 204 -83.92 -27.35 -15.78
N GLU C 205 -82.94 -26.55 -16.20
CA GLU C 205 -82.14 -25.75 -15.28
C GLU C 205 -82.47 -24.27 -15.42
N GLU C 206 -82.03 -23.49 -14.44
CA GLU C 206 -82.19 -22.04 -14.47
C GLU C 206 -80.85 -21.42 -14.09
N LEU C 207 -80.89 -20.18 -13.60
CA LEU C 207 -79.69 -19.44 -13.25
C LEU C 207 -79.58 -19.36 -11.73
N LYS C 208 -78.38 -19.62 -11.21
CA LYS C 208 -78.18 -19.80 -9.77
C LYS C 208 -77.10 -18.84 -9.27
N ALA C 209 -77.50 -17.58 -9.14
CA ALA C 209 -76.60 -16.56 -8.60
C ALA C 209 -75.27 -16.57 -9.33
N PRO C 210 -75.26 -16.32 -10.63
CA PRO C 210 -74.01 -16.35 -11.38
C PRO C 210 -73.04 -15.27 -10.91
N GLU C 211 -71.78 -15.46 -11.28
CA GLU C 211 -70.75 -14.48 -10.98
C GLU C 211 -70.72 -13.42 -12.07
N ILE C 212 -70.51 -12.17 -11.66
CA ILE C 212 -70.31 -11.07 -12.60
C ILE C 212 -69.21 -10.18 -12.07
N ALA C 213 -68.50 -9.52 -12.97
CA ALA C 213 -67.41 -8.64 -12.63
C ALA C 213 -67.17 -7.69 -13.79
N SER C 214 -67.42 -6.41 -13.56
CA SER C 214 -67.29 -5.40 -14.59
C SER C 214 -66.18 -4.43 -14.20
N ILE C 215 -65.97 -3.44 -15.07
CA ILE C 215 -64.97 -2.41 -14.85
C ILE C 215 -65.21 -1.29 -15.84
N THR C 216 -64.69 -0.12 -15.52
CA THR C 216 -64.83 1.05 -16.35
C THR C 216 -63.57 1.89 -16.27
N VAL C 217 -63.32 2.67 -17.32
CA VAL C 217 -62.10 3.45 -17.40
C VAL C 217 -61.95 4.31 -16.17
N GLY C 218 -60.69 4.59 -15.80
CA GLY C 218 -60.40 5.38 -14.63
C GLY C 218 -60.82 4.76 -13.32
N ASN C 219 -61.25 3.51 -13.33
CA ASN C 219 -61.74 2.83 -12.14
C ASN C 219 -61.02 1.50 -11.98
N LYS C 220 -61.54 0.69 -11.06
CA LYS C 220 -61.06 -0.65 -10.83
C LYS C 220 -62.21 -1.63 -10.96
N TYR C 221 -61.90 -2.91 -10.82
CA TYR C 221 -62.93 -3.93 -10.97
C TYR C 221 -63.91 -3.87 -9.82
N ARG C 222 -65.10 -4.41 -10.06
CA ARG C 222 -66.19 -4.38 -9.10
C ARG C 222 -66.90 -5.73 -9.13
N ILE C 223 -66.74 -6.50 -8.06
CA ILE C 223 -67.45 -7.77 -7.91
C ILE C 223 -68.69 -7.46 -7.06
N TYR C 224 -69.79 -7.18 -7.73
CA TYR C 224 -70.99 -6.86 -6.98
C TYR C 224 -71.70 -8.13 -6.55
N ASP C 225 -72.38 -8.04 -5.41
CA ASP C 225 -72.84 -9.22 -4.69
C ASP C 225 -74.08 -9.82 -5.35
N GLN C 226 -74.34 -11.08 -4.99
CA GLN C 226 -75.52 -11.78 -5.47
C GLN C 226 -76.79 -10.96 -5.33
N GLU C 227 -76.86 -10.09 -4.31
CA GLU C 227 -78.05 -9.26 -4.14
C GLU C 227 -78.39 -8.53 -5.43
N GLU C 228 -77.46 -7.74 -5.95
CA GLU C 228 -77.66 -7.04 -7.20
C GLU C 228 -77.79 -7.99 -8.38
N VAL C 229 -77.33 -9.23 -8.24
CA VAL C 229 -77.40 -10.19 -9.33
C VAL C 229 -78.85 -10.56 -9.62
N LYS C 230 -79.67 -10.66 -8.58
CA LYS C 230 -81.08 -11.01 -8.77
C LYS C 230 -81.73 -10.05 -9.76
N LYS C 231 -81.26 -8.81 -9.79
CA LYS C 231 -81.88 -7.77 -10.59
C LYS C 231 -81.43 -7.85 -12.04
N GLN D 5 -46.97 -46.19 -45.55
CA GLN D 5 -46.25 -47.19 -44.78
C GLN D 5 -46.57 -47.05 -43.30
N MET D 6 -47.53 -47.84 -42.83
CA MET D 6 -47.94 -47.78 -41.43
C MET D 6 -46.79 -48.08 -40.49
N ALA D 7 -45.71 -48.69 -40.97
CA ALA D 7 -44.58 -49.05 -40.14
C ALA D 7 -43.52 -47.95 -40.07
N TYR D 8 -43.58 -46.96 -40.96
CA TYR D 8 -42.55 -45.92 -41.04
C TYR D 8 -43.14 -44.52 -40.99
N ASP D 9 -44.35 -44.37 -40.45
CA ASP D 9 -45.04 -43.05 -40.36
C ASP D 9 -45.36 -42.75 -38.89
N ARG D 10 -44.42 -43.00 -37.98
CA ARG D 10 -44.61 -42.75 -36.56
C ARG D 10 -43.62 -41.74 -36.00
N ALA D 11 -42.40 -41.72 -36.52
CA ALA D 11 -41.34 -40.88 -36.00
C ALA D 11 -40.70 -40.10 -37.12
N ILE D 12 -40.24 -38.88 -36.80
CA ILE D 12 -39.59 -38.04 -37.78
C ILE D 12 -38.22 -38.59 -38.14
N THR D 13 -37.57 -39.26 -37.20
CA THR D 13 -36.18 -39.68 -37.35
C THR D 13 -36.04 -41.08 -37.95
N VAL D 14 -36.94 -41.46 -38.84
CA VAL D 14 -36.91 -42.78 -39.46
C VAL D 14 -37.14 -42.62 -40.96
N PHE D 15 -36.20 -43.11 -41.75
CA PHE D 15 -36.34 -43.16 -43.20
C PHE D 15 -37.11 -44.40 -43.60
N SER D 16 -37.90 -44.28 -44.65
CA SER D 16 -38.55 -45.44 -45.23
C SER D 16 -37.59 -46.17 -46.16
N PRO D 17 -37.85 -47.45 -46.44
CA PRO D 17 -36.99 -48.17 -47.37
C PRO D 17 -36.79 -47.47 -48.70
N ASP D 18 -37.72 -46.60 -49.09
CA ASP D 18 -37.57 -45.81 -50.31
C ASP D 18 -36.88 -44.48 -50.06
N GLY D 19 -36.46 -44.23 -48.83
CA GLY D 19 -35.79 -42.98 -48.51
C GLY D 19 -36.72 -41.80 -48.42
N ARG D 20 -37.60 -41.78 -47.43
CA ARG D 20 -38.58 -40.72 -47.27
C ARG D 20 -38.79 -40.42 -45.80
N LEU D 21 -39.54 -39.35 -45.54
CA LEU D 21 -39.88 -38.92 -44.20
C LEU D 21 -41.38 -38.60 -44.18
N PHE D 22 -42.18 -39.62 -43.90
CA PHE D 22 -43.63 -39.44 -43.93
C PHE D 22 -44.08 -38.40 -42.91
N GLN D 23 -43.49 -38.42 -41.71
CA GLN D 23 -43.82 -37.41 -40.72
C GLN D 23 -43.48 -36.01 -41.23
N TYR D 24 -42.61 -35.93 -42.23
CA TYR D 24 -42.30 -34.64 -42.84
C TYR D 24 -43.28 -34.33 -43.97
N GLU D 25 -43.65 -35.34 -44.75
CA GLU D 25 -44.65 -35.13 -45.79
C GLU D 25 -46.02 -34.86 -45.19
N TYR D 26 -46.24 -35.31 -43.96
CA TYR D 26 -47.52 -35.07 -43.30
C TYR D 26 -47.65 -33.62 -42.87
N ALA D 27 -46.59 -33.07 -42.27
CA ALA D 27 -46.63 -31.68 -41.85
C ALA D 27 -46.97 -30.76 -43.00
N ARG D 28 -46.61 -31.14 -44.23
CA ARG D 28 -46.98 -30.36 -45.39
C ARG D 28 -48.45 -30.47 -45.73
N GLU D 29 -49.17 -31.38 -45.07
CA GLU D 29 -50.60 -31.49 -45.29
C GLU D 29 -51.37 -30.56 -44.38
N ALA D 30 -50.78 -30.19 -43.24
CA ALA D 30 -51.44 -29.24 -42.35
C ALA D 30 -51.34 -27.83 -42.87
N VAL D 31 -50.40 -27.57 -43.78
CA VAL D 31 -50.27 -26.23 -44.35
C VAL D 31 -51.38 -25.98 -45.36
N LYS D 32 -51.68 -26.96 -46.20
CA LYS D 32 -52.71 -26.81 -47.21
C LYS D 32 -54.09 -26.55 -46.62
N LYS D 33 -54.25 -26.70 -45.31
CA LYS D 33 -55.50 -26.36 -44.64
C LYS D 33 -55.66 -24.87 -44.39
N GLY D 34 -54.57 -24.12 -44.43
CA GLY D 34 -54.61 -22.70 -44.13
C GLY D 34 -55.09 -21.87 -45.30
N SER D 35 -55.38 -20.61 -45.00
CA SER D 35 -55.84 -19.68 -46.01
C SER D 35 -54.79 -19.51 -47.10
N THR D 36 -55.20 -18.84 -48.18
CA THR D 36 -54.36 -18.66 -49.35
C THR D 36 -53.72 -17.28 -49.33
N ALA D 37 -52.53 -17.18 -49.91
CA ALA D 37 -51.81 -15.92 -49.99
C ALA D 37 -50.70 -16.05 -51.02
N LEU D 38 -50.12 -14.91 -51.40
CA LEU D 38 -49.08 -14.90 -52.42
C LEU D 38 -48.24 -13.64 -52.29
N GLY D 39 -47.31 -13.49 -53.21
CA GLY D 39 -46.43 -12.34 -53.23
C GLY D 39 -45.81 -12.18 -54.59
N MET D 40 -45.64 -10.92 -55.01
CA MET D 40 -45.17 -10.60 -56.35
C MET D 40 -44.23 -9.42 -56.30
N LYS D 41 -43.17 -9.49 -57.09
CA LYS D 41 -42.26 -8.37 -57.27
C LYS D 41 -42.74 -7.54 -58.45
N PHE D 42 -42.10 -6.39 -58.64
CA PHE D 42 -42.44 -5.49 -59.73
C PHE D 42 -41.39 -4.39 -59.78
N ALA D 43 -41.74 -3.27 -60.38
CA ALA D 43 -40.80 -2.17 -60.58
C ALA D 43 -40.44 -1.54 -59.25
N ASN D 44 -39.25 -1.84 -58.75
CA ASN D 44 -38.70 -1.19 -57.56
C ASN D 44 -39.56 -1.45 -56.33
N GLY D 45 -40.18 -2.61 -56.27
CA GLY D 45 -41.01 -2.92 -55.13
C GLY D 45 -41.42 -4.37 -55.09
N VAL D 46 -42.28 -4.67 -54.13
CA VAL D 46 -42.80 -6.02 -53.92
C VAL D 46 -44.00 -5.89 -52.99
N LEU D 47 -44.86 -6.91 -52.99
CA LEU D 47 -46.10 -6.84 -52.25
C LEU D 47 -46.52 -8.22 -51.76
N LEU D 48 -47.64 -8.23 -51.05
CA LEU D 48 -48.23 -9.46 -50.54
C LEU D 48 -49.75 -9.33 -50.59
N ILE D 49 -50.42 -10.48 -50.54
CA ILE D 49 -51.87 -10.55 -50.49
C ILE D 49 -52.27 -11.81 -49.73
N SER D 50 -53.38 -11.73 -49.01
CA SER D 50 -53.90 -12.85 -48.25
C SER D 50 -55.38 -13.05 -48.56
N ASP D 51 -55.82 -14.30 -48.49
CA ASP D 51 -57.21 -14.65 -48.74
C ASP D 51 -57.99 -14.44 -47.46
N LYS D 52 -58.30 -13.18 -47.18
CA LYS D 52 -59.11 -12.85 -46.01
C LYS D 52 -60.43 -13.62 -46.04
N LYS D 53 -60.69 -14.37 -44.97
CA LYS D 53 -61.92 -15.12 -44.81
C LYS D 53 -62.81 -14.42 -43.80
N VAL D 54 -64.05 -14.15 -44.19
CA VAL D 54 -64.99 -13.48 -43.31
C VAL D 54 -65.14 -14.29 -42.03
N ARG D 55 -65.32 -13.60 -40.92
CA ARG D 55 -65.55 -14.21 -39.62
C ARG D 55 -66.69 -13.49 -38.92
N SER D 56 -66.99 -13.93 -37.71
CA SER D 56 -68.05 -13.30 -36.94
C SER D 56 -67.72 -11.83 -36.72
N ARG D 57 -68.77 -11.00 -36.70
CA ARG D 57 -68.59 -9.59 -36.44
C ARG D 57 -68.04 -9.33 -35.05
N LEU D 58 -67.97 -10.35 -34.21
CA LEU D 58 -67.58 -10.19 -32.81
C LEU D 58 -66.06 -10.11 -32.63
N ILE D 59 -65.29 -10.28 -33.69
CA ILE D 59 -63.84 -10.31 -33.60
C ILE D 59 -63.28 -8.99 -34.11
N GLU D 60 -62.34 -8.42 -33.35
CA GLU D 60 -61.71 -7.18 -33.77
C GLU D 60 -60.94 -7.40 -35.06
N GLN D 61 -61.21 -6.54 -36.05
CA GLN D 61 -60.64 -6.66 -37.38
C GLN D 61 -59.18 -6.22 -37.43
N ASN D 62 -58.59 -5.87 -36.29
CA ASN D 62 -57.19 -5.47 -36.24
C ASN D 62 -56.29 -6.59 -35.73
N SER D 63 -56.81 -7.80 -35.56
CA SER D 63 -56.00 -8.95 -35.19
C SER D 63 -56.17 -10.12 -36.15
N ILE D 64 -57.19 -10.10 -37.00
CA ILE D 64 -57.43 -11.16 -37.97
C ILE D 64 -56.40 -11.08 -39.08
N GLU D 65 -55.78 -9.91 -39.23
CA GLU D 65 -54.84 -9.68 -40.31
C GLU D 65 -53.66 -10.63 -40.17
N LYS D 66 -53.40 -11.40 -41.22
CA LYS D 66 -52.25 -12.30 -41.21
C LYS D 66 -50.98 -11.61 -41.67
N ILE D 67 -51.12 -10.47 -42.34
CA ILE D 67 -49.96 -9.69 -42.76
C ILE D 67 -49.28 -9.12 -41.52
N GLN D 68 -48.09 -9.63 -41.22
CA GLN D 68 -47.35 -9.24 -40.03
C GLN D 68 -46.04 -8.60 -40.45
N LEU D 69 -45.66 -7.54 -39.75
CA LEU D 69 -44.40 -6.85 -40.02
C LEU D 69 -43.31 -7.42 -39.14
N ILE D 70 -42.12 -7.59 -39.72
CA ILE D 70 -40.95 -7.95 -38.94
C ILE D 70 -40.09 -6.72 -38.69
N ASP D 71 -40.06 -5.81 -39.65
CA ASP D 71 -39.48 -4.49 -39.48
C ASP D 71 -40.12 -3.57 -40.50
N ASP D 72 -39.85 -2.28 -40.36
CA ASP D 72 -40.45 -1.30 -41.27
C ASP D 72 -40.06 -1.54 -42.72
N TYR D 73 -39.17 -2.48 -42.99
CA TYR D 73 -38.77 -2.81 -44.35
C TYR D 73 -38.88 -4.30 -44.65
N VAL D 74 -39.48 -5.07 -43.76
CA VAL D 74 -39.69 -6.50 -43.99
C VAL D 74 -41.03 -6.90 -43.40
N ALA D 75 -41.71 -7.81 -44.08
CA ALA D 75 -43.00 -8.31 -43.63
C ALA D 75 -43.05 -9.81 -43.88
N ALA D 76 -44.21 -10.40 -43.60
CA ALA D 76 -44.40 -11.82 -43.81
C ALA D 76 -45.86 -12.19 -43.61
N VAL D 77 -46.20 -13.38 -44.09
CA VAL D 77 -47.52 -13.96 -43.89
C VAL D 77 -47.35 -15.48 -43.88
N THR D 78 -48.23 -16.16 -43.16
CA THR D 78 -48.03 -17.56 -42.83
C THR D 78 -49.31 -18.36 -43.05
N SER D 79 -49.14 -19.67 -43.17
CA SER D 79 -50.25 -20.59 -43.35
C SER D 79 -49.98 -21.87 -42.55
N GLY D 80 -51.01 -22.35 -41.88
CA GLY D 80 -50.90 -23.59 -41.13
C GLY D 80 -51.31 -23.46 -39.67
N LEU D 81 -50.72 -24.27 -38.81
CA LEU D 81 -51.01 -24.22 -37.39
C LEU D 81 -50.77 -22.81 -36.86
N VAL D 82 -51.85 -22.12 -36.51
CA VAL D 82 -51.76 -20.74 -36.09
C VAL D 82 -50.96 -20.62 -34.80
N ALA D 83 -50.99 -21.66 -33.97
CA ALA D 83 -50.28 -21.61 -32.71
C ALA D 83 -48.78 -21.53 -32.93
N ASP D 84 -48.27 -22.24 -33.95
CA ASP D 84 -46.85 -22.20 -34.23
C ASP D 84 -46.46 -20.96 -35.02
N ALA D 85 -47.32 -20.54 -35.94
CA ALA D 85 -47.04 -19.33 -36.71
C ALA D 85 -46.75 -18.16 -35.79
N ARG D 86 -47.58 -17.97 -34.77
CA ARG D 86 -47.38 -16.86 -33.85
C ARG D 86 -46.00 -16.92 -33.21
N VAL D 87 -45.37 -18.08 -33.21
CA VAL D 87 -44.09 -18.25 -32.53
C VAL D 87 -42.94 -17.85 -33.43
N LEU D 88 -42.91 -18.40 -34.64
CA LEU D 88 -41.82 -18.10 -35.56
C LEU D 88 -41.74 -16.62 -35.86
N VAL D 89 -42.89 -15.99 -36.09
CA VAL D 89 -42.91 -14.56 -36.35
C VAL D 89 -42.25 -13.80 -35.20
N ASP D 90 -42.50 -14.23 -33.97
CA ASP D 90 -41.78 -13.65 -32.84
C ASP D 90 -40.31 -14.03 -32.88
N PHE D 91 -40.00 -15.25 -33.32
CA PHE D 91 -38.62 -15.65 -33.49
C PHE D 91 -37.93 -14.80 -34.56
N ALA D 92 -38.66 -14.51 -35.64
CA ALA D 92 -38.11 -13.65 -36.68
C ALA D 92 -37.93 -12.23 -36.19
N ARG D 93 -38.90 -11.70 -35.46
CA ARG D 93 -38.81 -10.35 -34.96
C ARG D 93 -37.66 -10.19 -33.99
N ILE D 94 -37.13 -11.31 -33.50
CA ILE D 94 -36.01 -11.25 -32.57
C ILE D 94 -34.70 -11.43 -33.30
N SER D 95 -34.66 -12.35 -34.26
CA SER D 95 -33.47 -12.54 -35.06
C SER D 95 -33.10 -11.27 -35.81
N ALA D 96 -34.11 -10.52 -36.27
CA ALA D 96 -33.84 -9.29 -36.99
C ALA D 96 -33.14 -8.27 -36.12
N GLN D 97 -33.55 -8.18 -34.85
CA GLN D 97 -32.92 -7.24 -33.95
C GLN D 97 -31.50 -7.64 -33.59
N GLN D 98 -31.21 -8.95 -33.58
CA GLN D 98 -29.85 -9.40 -33.31
C GLN D 98 -28.89 -8.87 -34.36
N GLU D 99 -29.33 -8.81 -35.61
CA GLU D 99 -28.48 -8.28 -36.67
C GLU D 99 -28.26 -6.79 -36.48
N LYS D 100 -29.34 -6.02 -36.38
CA LYS D 100 -29.22 -4.59 -36.17
C LYS D 100 -28.27 -4.27 -35.02
N VAL D 101 -28.31 -5.10 -33.97
CA VAL D 101 -27.41 -4.90 -32.84
C VAL D 101 -25.99 -5.32 -33.21
N THR D 102 -25.86 -6.38 -34.02
CA THR D 102 -24.55 -6.90 -34.33
C THR D 102 -23.90 -6.12 -35.47
N TYR D 103 -24.68 -5.75 -36.47
CA TYR D 103 -24.15 -5.09 -37.65
C TYR D 103 -24.64 -3.66 -37.81
N GLY D 104 -25.48 -3.18 -36.92
CA GLY D 104 -25.94 -1.80 -36.96
C GLY D 104 -27.10 -1.54 -37.90
N SER D 105 -27.40 -2.51 -38.76
CA SER D 105 -28.47 -2.36 -39.73
C SER D 105 -28.75 -3.70 -40.39
N LEU D 106 -30.02 -4.06 -40.45
CA LEU D 106 -30.45 -5.25 -41.18
C LEU D 106 -30.01 -5.06 -42.62
N VAL D 107 -28.79 -5.52 -42.91
CA VAL D 107 -28.18 -5.25 -44.19
C VAL D 107 -28.71 -6.19 -45.26
N ASN D 108 -29.08 -7.40 -44.86
CA ASN D 108 -29.59 -8.39 -45.81
C ASN D 108 -30.73 -9.16 -45.18
N ILE D 109 -31.54 -9.77 -46.05
CA ILE D 109 -32.70 -10.53 -45.60
C ILE D 109 -32.34 -12.00 -45.46
N GLU D 110 -31.49 -12.50 -46.35
CA GLU D 110 -31.16 -13.93 -46.32
C GLU D 110 -30.44 -14.30 -45.03
N ASN D 111 -29.80 -13.32 -44.42
CA ASN D 111 -29.14 -13.51 -43.12
C ASN D 111 -30.24 -13.75 -42.08
N LEU D 112 -31.50 -13.38 -42.38
CA LEU D 112 -32.60 -13.55 -41.43
C LEU D 112 -33.34 -14.86 -41.71
N VAL D 113 -33.87 -15.00 -42.93
CA VAL D 113 -34.57 -16.21 -43.31
C VAL D 113 -33.76 -17.44 -42.95
N LYS D 114 -32.44 -17.33 -43.00
CA LYS D 114 -31.59 -18.46 -42.69
C LYS D 114 -31.66 -18.83 -41.21
N ARG D 115 -31.67 -17.83 -40.34
CA ARG D 115 -31.74 -18.11 -38.91
C ARG D 115 -33.02 -18.85 -38.56
N VAL D 116 -34.04 -18.73 -39.40
CA VAL D 116 -35.31 -19.39 -39.13
C VAL D 116 -35.24 -20.85 -39.57
N ALA D 117 -35.02 -21.07 -40.86
CA ALA D 117 -34.92 -22.43 -41.38
C ALA D 117 -34.02 -23.29 -40.51
N ASP D 118 -32.94 -22.70 -39.98
CA ASP D 118 -32.08 -23.45 -39.08
C ASP D 118 -32.82 -23.85 -37.82
N GLN D 119 -33.78 -23.04 -37.39
CA GLN D 119 -34.56 -23.38 -36.20
C GLN D 119 -35.59 -24.45 -36.52
N MET D 120 -36.00 -24.53 -37.78
CA MET D 120 -37.03 -25.48 -38.15
C MET D 120 -36.43 -26.83 -38.50
N GLN D 121 -35.37 -26.85 -39.30
CA GLN D 121 -34.66 -28.10 -39.58
C GLN D 121 -34.21 -28.76 -38.29
N GLN D 122 -33.93 -27.97 -37.26
CA GLN D 122 -33.51 -28.51 -35.98
C GLN D 122 -34.54 -29.48 -35.44
N TYR D 123 -35.83 -29.16 -35.63
CA TYR D 123 -36.90 -30.00 -35.12
C TYR D 123 -37.28 -31.11 -36.09
N THR D 124 -36.38 -31.46 -37.01
CA THR D 124 -36.64 -32.52 -37.97
C THR D 124 -35.69 -33.70 -37.83
N GLN D 125 -34.50 -33.49 -37.28
CA GLN D 125 -33.51 -34.54 -37.17
C GLN D 125 -33.36 -35.07 -35.75
N TYR D 126 -34.09 -34.53 -34.78
CA TYR D 126 -34.04 -34.97 -33.41
C TYR D 126 -35.40 -35.51 -32.97
N GLY D 127 -35.36 -36.55 -32.14
CA GLY D 127 -36.58 -37.16 -31.67
C GLY D 127 -37.09 -36.50 -30.40
N GLY D 128 -38.37 -36.74 -30.13
CA GLY D 128 -39.03 -36.14 -28.99
C GLY D 128 -39.61 -34.78 -29.25
N VAL D 129 -39.61 -34.31 -30.50
CA VAL D 129 -40.14 -33.02 -30.87
C VAL D 129 -40.70 -33.11 -32.29
N ARG D 130 -41.85 -32.47 -32.48
CA ARG D 130 -42.47 -32.45 -33.80
C ARG D 130 -42.03 -31.23 -34.58
N PRO D 131 -42.04 -31.29 -35.89
CA PRO D 131 -41.71 -30.10 -36.68
C PRO D 131 -42.73 -28.99 -36.50
N TYR D 132 -42.54 -27.93 -37.28
CA TYR D 132 -43.51 -26.85 -37.32
C TYR D 132 -44.47 -27.08 -38.49
N GLY D 133 -45.76 -26.88 -38.23
CA GLY D 133 -46.76 -27.09 -39.25
C GLY D 133 -47.11 -25.83 -40.00
N VAL D 134 -46.14 -25.18 -40.61
CA VAL D 134 -46.35 -23.92 -41.29
C VAL D 134 -45.28 -23.70 -42.33
N SER D 135 -45.65 -23.01 -43.40
CA SER D 135 -44.72 -22.38 -44.32
C SER D 135 -45.03 -20.89 -44.34
N LEU D 136 -44.05 -20.08 -44.72
CA LEU D 136 -44.17 -18.65 -44.63
C LEU D 136 -43.76 -17.98 -45.94
N ILE D 137 -44.04 -16.68 -45.99
CA ILE D 137 -43.55 -15.80 -47.04
C ILE D 137 -42.83 -14.65 -46.37
N PHE D 138 -41.75 -14.20 -46.98
CA PHE D 138 -41.00 -13.06 -46.50
C PHE D 138 -40.82 -12.08 -47.66
N ALA D 139 -40.92 -10.80 -47.36
CA ALA D 139 -40.73 -9.76 -48.36
C ALA D 139 -40.15 -8.54 -47.69
N GLY D 140 -39.53 -7.69 -48.49
CA GLY D 140 -38.93 -6.48 -47.97
C GLY D 140 -37.84 -5.97 -48.89
N ILE D 141 -37.23 -4.89 -48.44
CA ILE D 141 -36.20 -4.19 -49.19
C ILE D 141 -34.88 -4.29 -48.43
N ASP D 142 -33.81 -4.59 -49.16
CA ASP D 142 -32.47 -4.59 -48.59
C ASP D 142 -31.55 -3.78 -49.48
N GLN D 143 -30.25 -3.80 -49.14
CA GLN D 143 -29.20 -3.09 -49.92
C GLN D 143 -29.35 -3.51 -51.38
N ILE D 144 -29.62 -4.79 -51.64
CA ILE D 144 -29.80 -5.29 -53.00
C ILE D 144 -31.03 -4.66 -53.62
N GLY D 145 -32.19 -4.87 -53.00
CA GLY D 145 -33.44 -4.37 -53.52
C GLY D 145 -34.61 -5.22 -53.08
N PRO D 146 -35.66 -5.25 -53.89
CA PRO D 146 -36.82 -6.08 -53.55
C PRO D 146 -36.46 -7.54 -53.50
N ARG D 147 -36.93 -8.21 -52.44
CA ARG D 147 -36.69 -9.63 -52.25
C ARG D 147 -38.02 -10.33 -51.99
N LEU D 148 -37.97 -11.66 -51.99
CA LEU D 148 -39.16 -12.47 -51.79
C LEU D 148 -38.72 -13.91 -51.63
N PHE D 149 -39.09 -14.53 -50.51
CA PHE D 149 -38.64 -15.86 -50.15
C PHE D 149 -39.81 -16.71 -49.70
N ASP D 150 -39.48 -17.95 -49.34
CA ASP D 150 -40.45 -18.90 -48.81
C ASP D 150 -39.68 -19.96 -48.04
N CYS D 151 -40.36 -20.58 -47.07
CA CYS D 151 -39.73 -21.55 -46.19
C CYS D 151 -40.72 -22.67 -45.89
N ASP D 152 -40.30 -23.90 -46.15
CA ASP D 152 -41.15 -25.08 -45.86
C ASP D 152 -40.79 -25.55 -44.45
N PRO D 153 -41.55 -26.49 -43.86
CA PRO D 153 -41.36 -26.92 -42.48
C PRO D 153 -39.96 -27.46 -42.17
N ALA D 154 -39.23 -27.89 -43.18
CA ALA D 154 -37.92 -28.48 -42.94
C ALA D 154 -36.77 -27.49 -43.07
N GLY D 155 -37.01 -26.34 -43.69
CA GLY D 155 -35.98 -25.34 -43.88
C GLY D 155 -35.61 -25.08 -45.31
N THR D 156 -36.29 -25.70 -46.27
CA THR D 156 -36.00 -25.46 -47.66
C THR D 156 -36.26 -24.00 -48.02
N ILE D 157 -35.23 -23.33 -48.51
CA ILE D 157 -35.30 -21.92 -48.90
C ILE D 157 -35.25 -21.83 -50.41
N ASN D 158 -35.95 -20.85 -50.96
CA ASN D 158 -35.95 -20.58 -52.39
C ASN D 158 -36.42 -19.16 -52.59
N GLU D 159 -35.72 -18.42 -53.45
CA GLU D 159 -36.06 -17.04 -53.75
C GLU D 159 -36.80 -16.98 -55.08
N TYR D 160 -37.93 -16.29 -55.10
CA TYR D 160 -38.83 -16.28 -56.23
C TYR D 160 -39.07 -14.86 -56.73
N LYS D 161 -39.56 -14.77 -57.97
CA LYS D 161 -40.16 -13.53 -58.44
C LYS D 161 -41.63 -13.46 -58.07
N ALA D 162 -42.22 -14.60 -57.72
CA ALA D 162 -43.60 -14.65 -57.26
C ALA D 162 -43.85 -16.04 -56.68
N THR D 163 -44.88 -16.13 -55.84
CA THR D 163 -45.14 -17.36 -55.12
C THR D 163 -46.49 -17.26 -54.44
N ALA D 164 -47.04 -18.42 -54.10
CA ALA D 164 -48.31 -18.50 -53.39
C ALA D 164 -48.16 -19.46 -52.23
N ILE D 165 -49.21 -19.54 -51.42
CA ILE D 165 -49.20 -20.33 -50.20
C ILE D 165 -50.64 -20.55 -49.77
N GLY D 166 -50.89 -21.69 -49.13
CA GLY D 166 -52.19 -22.02 -48.62
C GLY D 166 -52.80 -23.24 -49.29
N SER D 167 -54.08 -23.12 -49.60
CA SER D 167 -54.81 -24.23 -50.22
C SER D 167 -54.83 -24.08 -51.73
N GLY D 168 -55.05 -22.87 -52.23
CA GLY D 168 -55.10 -22.64 -53.66
C GLY D 168 -53.72 -22.39 -54.24
N LYS D 169 -52.70 -22.94 -53.59
CA LYS D 169 -51.33 -22.68 -54.00
C LYS D 169 -51.10 -23.11 -55.45
N ASP D 170 -51.24 -24.41 -55.73
CA ASP D 170 -50.96 -24.90 -57.08
C ASP D 170 -51.83 -24.19 -58.11
N ALA D 171 -53.08 -23.90 -57.76
CA ALA D 171 -53.97 -23.23 -58.70
C ALA D 171 -53.43 -21.86 -59.08
N VAL D 172 -52.75 -21.20 -58.14
CA VAL D 172 -52.26 -19.85 -58.39
C VAL D 172 -51.01 -19.89 -59.27
N VAL D 173 -49.99 -20.61 -58.81
CA VAL D 173 -48.74 -20.70 -59.57
C VAL D 173 -49.04 -21.07 -61.01
N SER D 174 -50.03 -21.93 -61.23
CA SER D 174 -50.45 -22.24 -62.59
C SER D 174 -50.83 -20.97 -63.33
N PHE D 175 -51.90 -20.32 -62.90
CA PHE D 175 -52.31 -19.04 -63.48
C PHE D 175 -51.13 -18.10 -63.57
N LEU D 176 -50.43 -17.89 -62.45
CA LEU D 176 -49.39 -16.89 -62.37
C LEU D 176 -48.18 -17.21 -63.23
N GLU D 177 -47.84 -18.49 -63.39
CA GLU D 177 -46.73 -18.87 -64.25
C GLU D 177 -46.97 -18.49 -65.70
N ARG D 178 -48.22 -18.22 -66.08
CA ARG D 178 -48.57 -17.87 -67.44
C ARG D 178 -48.65 -16.38 -67.70
N GLU D 179 -49.23 -15.62 -66.76
CA GLU D 179 -49.55 -14.22 -66.99
C GLU D 179 -48.66 -13.25 -66.23
N TYR D 180 -47.64 -13.74 -65.53
CA TYR D 180 -46.79 -12.86 -64.75
C TYR D 180 -45.86 -12.07 -65.66
N LYS D 181 -45.60 -10.82 -65.27
CA LYS D 181 -44.70 -9.95 -66.00
C LYS D 181 -43.84 -9.18 -65.01
N GLU D 182 -42.62 -8.88 -65.42
CA GLU D 182 -41.65 -8.23 -64.56
C GLU D 182 -41.68 -6.72 -64.73
N ASN D 183 -41.18 -6.03 -63.71
CA ASN D 183 -41.03 -4.58 -63.74
C ASN D 183 -42.34 -3.90 -64.13
N LEU D 184 -43.40 -4.26 -63.44
CA LEU D 184 -44.68 -3.66 -63.69
C LEU D 184 -44.96 -2.53 -62.71
N PRO D 185 -45.93 -1.68 -63.00
CA PRO D 185 -46.36 -0.69 -62.01
C PRO D 185 -47.01 -1.36 -60.82
N GLU D 186 -47.35 -0.55 -59.82
CA GLU D 186 -47.93 -1.08 -58.59
C GLU D 186 -49.31 -1.66 -58.85
N LYS D 187 -50.30 -0.81 -59.08
CA LYS D 187 -51.67 -1.28 -59.24
C LYS D 187 -51.81 -2.24 -60.41
N GLU D 188 -51.04 -2.05 -61.47
CA GLU D 188 -51.08 -2.97 -62.59
C GLU D 188 -50.77 -4.39 -62.16
N ALA D 189 -49.93 -4.56 -61.15
CA ALA D 189 -49.59 -5.87 -60.63
C ALA D 189 -50.62 -6.38 -59.63
N VAL D 190 -51.23 -5.48 -58.87
CA VAL D 190 -52.24 -5.90 -57.90
C VAL D 190 -53.42 -6.54 -58.62
N THR D 191 -54.00 -5.82 -59.57
CA THR D 191 -55.12 -6.37 -60.34
C THR D 191 -54.77 -7.72 -60.94
N LEU D 192 -53.49 -7.94 -61.27
CA LEU D 192 -53.06 -9.25 -61.73
C LEU D 192 -53.11 -10.26 -60.58
N GLY D 193 -52.70 -9.84 -59.39
CA GLY D 193 -52.65 -10.77 -58.27
C GLY D 193 -54.02 -11.23 -57.83
N ILE D 194 -54.92 -10.28 -57.54
CA ILE D 194 -56.28 -10.64 -57.16
C ILE D 194 -56.89 -11.59 -58.16
N LYS D 195 -56.46 -11.49 -59.42
CA LYS D 195 -57.00 -12.35 -60.46
C LYS D 195 -56.54 -13.79 -60.27
N ALA D 196 -55.23 -14.01 -60.18
CA ALA D 196 -54.73 -15.35 -59.91
C ALA D 196 -55.34 -15.91 -58.63
N LEU D 197 -55.56 -15.05 -57.64
CA LEU D 197 -56.29 -15.48 -56.46
C LEU D 197 -57.73 -15.84 -56.82
N LYS D 198 -58.41 -14.93 -57.52
CA LYS D 198 -59.75 -15.21 -58.00
C LYS D 198 -59.82 -16.55 -58.74
N SER D 199 -58.73 -16.93 -59.41
CA SER D 199 -58.72 -18.19 -60.14
C SER D 199 -58.85 -19.38 -59.20
N SER D 200 -57.94 -19.52 -58.25
CA SER D 200 -57.98 -20.66 -57.34
C SER D 200 -59.26 -20.71 -56.52
N LEU D 201 -59.99 -19.60 -56.44
CA LEU D 201 -61.19 -19.57 -55.63
C LEU D 201 -62.26 -20.49 -56.23
N GLU D 202 -63.01 -21.14 -55.34
CA GLU D 202 -64.16 -21.90 -55.78
C GLU D 202 -65.25 -20.96 -56.29
N GLU D 203 -66.03 -21.45 -57.27
CA GLU D 203 -67.03 -20.60 -57.88
C GLU D 203 -68.03 -20.09 -56.85
N GLY D 204 -68.35 -20.90 -55.83
CA GLY D 204 -69.35 -20.50 -54.86
C GLY D 204 -68.91 -19.33 -54.00
N GLU D 205 -67.60 -19.07 -53.96
CA GLU D 205 -67.07 -18.00 -53.11
C GLU D 205 -66.56 -16.85 -53.97
N GLU D 206 -66.33 -15.71 -53.31
CA GLU D 206 -65.77 -14.53 -53.96
C GLU D 206 -64.64 -14.00 -53.08
N LEU D 207 -64.33 -12.72 -53.23
CA LEU D 207 -63.24 -12.08 -52.50
C LEU D 207 -63.83 -11.16 -51.43
N LYS D 208 -63.28 -11.25 -50.22
CA LYS D 208 -63.88 -10.60 -49.05
C LYS D 208 -62.84 -9.69 -48.37
N ALA D 209 -62.62 -8.54 -49.00
CA ALA D 209 -61.73 -7.53 -48.44
C ALA D 209 -60.40 -8.15 -48.08
N PRO D 210 -59.66 -8.69 -49.06
CA PRO D 210 -58.38 -9.31 -48.75
C PRO D 210 -57.37 -8.32 -48.21
N GLU D 211 -56.32 -8.85 -47.60
CA GLU D 211 -55.23 -8.04 -47.09
C GLU D 211 -54.23 -7.80 -48.21
N ILE D 212 -53.69 -6.58 -48.26
CA ILE D 212 -52.61 -6.26 -49.17
C ILE D 212 -51.60 -5.38 -48.43
N ALA D 213 -50.34 -5.48 -48.85
CA ALA D 213 -49.26 -4.72 -48.24
C ALA D 213 -48.12 -4.65 -49.22
N SER D 214 -47.83 -3.44 -49.70
CA SER D 214 -46.77 -3.23 -50.67
C SER D 214 -45.68 -2.38 -50.07
N ILE D 215 -44.66 -2.11 -50.89
CA ILE D 215 -43.54 -1.29 -50.48
C ILE D 215 -42.75 -0.91 -51.72
N THR D 216 -41.96 0.13 -51.60
CA THR D 216 -41.15 0.64 -52.70
C THR D 216 -39.85 1.19 -52.14
N VAL D 217 -38.81 1.18 -52.98
CA VAL D 217 -37.49 1.59 -52.55
C VAL D 217 -37.55 2.98 -51.93
N GLY D 218 -36.64 3.23 -50.99
CA GLY D 218 -36.59 4.49 -50.29
C GLY D 218 -37.80 4.80 -49.44
N ASN D 219 -38.70 3.85 -49.26
CA ASN D 219 -39.93 4.04 -48.52
C ASN D 219 -40.08 2.95 -47.47
N LYS D 220 -41.26 2.90 -46.87
CA LYS D 220 -41.62 1.88 -45.91
C LYS D 220 -42.89 1.18 -46.39
N TYR D 221 -43.29 0.17 -45.62
CA TYR D 221 -44.47 -0.59 -45.99
C TYR D 221 -45.73 0.26 -45.87
N ARG D 222 -46.77 -0.15 -46.58
CA ARG D 222 -48.03 0.57 -46.62
C ARG D 222 -49.16 -0.44 -46.61
N ILE D 223 -49.89 -0.48 -45.50
CA ILE D 223 -51.08 -1.32 -45.38
C ILE D 223 -52.28 -0.42 -45.70
N TYR D 224 -52.67 -0.41 -46.97
CA TYR D 224 -53.79 0.45 -47.34
C TYR D 224 -55.11 -0.23 -47.03
N ASP D 225 -56.11 0.58 -46.72
CA ASP D 225 -57.32 0.10 -46.09
C ASP D 225 -58.23 -0.58 -47.10
N GLN D 226 -59.19 -1.35 -46.57
CA GLN D 226 -60.18 -2.03 -47.38
C GLN D 226 -60.83 -1.11 -48.39
N GLU D 227 -60.96 0.18 -48.08
CA GLU D 227 -61.55 1.13 -49.02
C GLU D 227 -60.88 1.02 -50.38
N GLU D 228 -59.57 1.24 -50.42
CA GLU D 228 -58.82 1.12 -51.66
C GLU D 228 -58.82 -0.30 -52.20
N VAL D 229 -59.10 -1.29 -51.35
CA VAL D 229 -59.09 -2.68 -51.79
C VAL D 229 -60.21 -2.94 -52.76
N LYS D 230 -61.38 -2.33 -52.54
CA LYS D 230 -62.50 -2.51 -53.44
C LYS D 230 -62.11 -2.21 -54.88
N LYS D 231 -61.17 -1.29 -55.06
CA LYS D 231 -60.79 -0.81 -56.38
C LYS D 231 -59.81 -1.77 -57.04
N GLN E 5 -35.72 -56.76 -43.78
CA GLN E 5 -35.97 -57.23 -42.42
C GLN E 5 -36.84 -56.22 -41.68
N MET E 6 -38.16 -56.46 -41.68
CA MET E 6 -39.09 -55.56 -41.02
C MET E 6 -38.79 -55.43 -39.53
N ALA E 7 -38.03 -56.35 -38.96
CA ALA E 7 -37.70 -56.32 -37.53
C ALA E 7 -36.44 -55.55 -37.22
N TYR E 8 -35.61 -55.24 -38.23
CA TYR E 8 -34.32 -54.60 -38.01
C TYR E 8 -34.15 -53.35 -38.87
N ASP E 9 -35.26 -52.74 -39.32
CA ASP E 9 -35.22 -51.53 -40.19
C ASP E 9 -36.00 -50.41 -39.51
N ARG E 10 -35.82 -50.22 -38.20
CA ARG E 10 -36.51 -49.18 -37.44
C ARG E 10 -35.56 -48.19 -36.80
N ALA E 11 -34.38 -48.63 -36.40
CA ALA E 11 -33.43 -47.80 -35.67
C ALA E 11 -32.06 -47.90 -36.31
N ILE E 12 -31.31 -46.80 -36.25
CA ILE E 12 -29.98 -46.77 -36.82
C ILE E 12 -29.02 -47.61 -35.99
N THR E 13 -29.26 -47.72 -34.68
CA THR E 13 -28.33 -48.33 -33.76
C THR E 13 -28.59 -49.82 -33.56
N VAL E 14 -29.03 -50.52 -34.60
CA VAL E 14 -29.33 -51.95 -34.52
C VAL E 14 -28.74 -52.63 -35.74
N PHE E 15 -27.89 -53.62 -35.49
CA PHE E 15 -27.34 -54.45 -36.54
C PHE E 15 -28.31 -55.60 -36.85
N SER E 16 -28.37 -55.98 -38.11
CA SER E 16 -29.14 -57.15 -38.49
C SER E 16 -28.30 -58.41 -38.25
N PRO E 17 -28.96 -59.56 -38.13
CA PRO E 17 -28.20 -60.81 -37.94
C PRO E 17 -27.12 -61.03 -38.98
N ASP E 18 -27.24 -60.42 -40.16
CA ASP E 18 -26.21 -60.49 -41.19
C ASP E 18 -25.19 -59.37 -41.05
N GLY E 19 -25.32 -58.53 -40.05
CA GLY E 19 -24.39 -57.43 -39.86
C GLY E 19 -24.59 -56.29 -40.83
N ARG E 20 -25.71 -55.58 -40.73
CA ARG E 20 -26.05 -54.49 -41.63
C ARG E 20 -26.74 -53.38 -40.87
N LEU E 21 -26.95 -52.27 -41.56
CA LEU E 21 -27.64 -51.09 -41.04
C LEU E 21 -28.63 -50.63 -42.09
N PHE E 22 -29.83 -51.17 -42.03
CA PHE E 22 -30.84 -50.84 -43.04
C PHE E 22 -31.16 -49.36 -43.01
N GLN E 23 -31.29 -48.78 -41.82
CA GLN E 23 -31.54 -47.35 -41.73
C GLN E 23 -30.41 -46.55 -42.38
N TYR E 24 -29.24 -47.18 -42.53
CA TYR E 24 -28.14 -46.53 -43.22
C TYR E 24 -28.23 -46.77 -44.73
N GLU E 25 -28.60 -47.99 -45.13
CA GLU E 25 -28.78 -48.26 -46.54
C GLU E 25 -29.97 -47.51 -47.10
N TYR E 26 -30.93 -47.15 -46.24
CA TYR E 26 -32.08 -46.40 -46.70
C TYR E 26 -31.71 -44.96 -47.01
N ALA E 27 -30.93 -44.32 -46.14
CA ALA E 27 -30.53 -42.95 -46.39
C ALA E 27 -29.83 -42.82 -47.74
N ARG E 28 -29.17 -43.87 -48.19
CA ARG E 28 -28.54 -43.85 -49.51
C ARG E 28 -29.56 -43.92 -50.62
N GLU E 29 -30.83 -44.19 -50.30
CA GLU E 29 -31.87 -44.21 -51.31
C GLU E 29 -32.44 -42.82 -51.52
N ALA E 30 -32.35 -41.95 -50.52
CA ALA E 30 -32.83 -40.59 -50.68
C ALA E 30 -31.87 -39.75 -51.50
N VAL E 31 -30.61 -40.19 -51.61
CA VAL E 31 -29.64 -39.45 -52.41
C VAL E 31 -29.91 -39.67 -53.89
N LYS E 32 -30.19 -40.90 -54.29
CA LYS E 32 -30.44 -41.21 -55.68
C LYS E 32 -31.64 -40.47 -56.25
N LYS E 33 -32.43 -39.82 -55.40
CA LYS E 33 -33.54 -39.00 -55.88
C LYS E 33 -33.08 -37.62 -56.35
N GLY E 34 -31.89 -37.18 -55.97
CA GLY E 34 -31.42 -35.86 -56.32
C GLY E 34 -30.86 -35.79 -57.71
N SER E 35 -30.64 -34.55 -58.15
CA SER E 35 -30.10 -34.31 -59.48
C SER E 35 -28.73 -34.95 -59.62
N THR E 36 -28.23 -34.96 -60.85
CA THR E 36 -26.96 -35.61 -61.18
C THR E 36 -25.85 -34.57 -61.27
N ALA E 37 -24.63 -34.98 -60.94
CA ALA E 37 -23.47 -34.11 -61.01
C ALA E 37 -22.22 -34.96 -60.95
N LEU E 38 -21.08 -34.33 -61.27
CA LEU E 38 -19.82 -35.05 -61.30
C LEU E 38 -18.66 -34.08 -61.14
N GLY E 39 -17.46 -34.62 -61.22
CA GLY E 39 -16.25 -33.81 -61.10
C GLY E 39 -15.08 -34.55 -61.70
N MET E 40 -14.19 -33.79 -62.33
CA MET E 40 -13.06 -34.37 -63.05
C MET E 40 -11.83 -33.51 -62.86
N LYS E 41 -10.69 -34.17 -62.70
CA LYS E 41 -9.41 -33.49 -62.66
C LYS E 41 -8.83 -33.43 -64.07
N PHE E 42 -7.74 -32.69 -64.21
CA PHE E 42 -7.08 -32.54 -65.50
C PHE E 42 -5.76 -31.83 -65.27
N ALA E 43 -5.23 -31.21 -66.32
CA ALA E 43 -3.92 -30.57 -66.25
C ALA E 43 -3.98 -29.35 -65.36
N ASN E 44 -3.45 -29.48 -64.14
CA ASN E 44 -3.28 -28.35 -63.24
C ASN E 44 -4.62 -27.74 -62.85
N GLY E 45 -5.65 -28.56 -62.77
CA GLY E 45 -6.95 -28.04 -62.41
C GLY E 45 -7.94 -29.14 -62.11
N VAL E 46 -9.18 -28.71 -61.89
CA VAL E 46 -10.29 -29.60 -61.59
C VAL E 46 -11.57 -28.80 -61.77
N LEU E 47 -12.68 -29.50 -61.94
CA LEU E 47 -13.94 -28.84 -62.25
C LEU E 47 -15.11 -29.63 -61.68
N LEU E 48 -16.30 -29.09 -61.90
CA LEU E 48 -17.55 -29.70 -61.48
C LEU E 48 -18.62 -29.42 -62.52
N ILE E 49 -19.68 -30.22 -62.49
CA ILE E 49 -20.84 -30.04 -63.35
C ILE E 49 -22.07 -30.57 -62.63
N SER E 50 -23.21 -29.94 -62.88
CA SER E 50 -24.48 -30.34 -62.28
C SER E 50 -25.54 -30.47 -63.35
N ASP E 51 -26.49 -31.38 -63.13
CA ASP E 51 -27.58 -31.62 -64.05
C ASP E 51 -28.68 -30.60 -63.76
N LYS E 52 -28.46 -29.38 -64.23
CA LYS E 52 -29.46 -28.32 -64.08
C LYS E 52 -30.80 -28.78 -64.64
N LYS E 53 -31.82 -28.75 -63.80
CA LYS E 53 -33.19 -29.08 -64.21
C LYS E 53 -34.01 -27.81 -64.34
N VAL E 54 -34.64 -27.65 -65.50
CA VAL E 54 -35.46 -26.47 -65.73
C VAL E 54 -36.54 -26.37 -64.67
N ARG E 55 -36.87 -25.16 -64.28
CA ARG E 55 -37.92 -24.88 -63.31
C ARG E 55 -38.78 -23.74 -63.84
N SER E 56 -39.77 -23.36 -63.04
CA SER E 56 -40.65 -22.26 -63.42
C SER E 56 -39.82 -20.99 -63.60
N ARG E 57 -40.25 -20.17 -64.56
CA ARG E 57 -39.59 -18.89 -64.79
C ARG E 57 -39.69 -17.96 -63.59
N LEU E 58 -40.50 -18.32 -62.60
CA LEU E 58 -40.76 -17.45 -61.46
C LEU E 58 -39.67 -17.50 -60.41
N ILE E 59 -38.67 -18.35 -60.58
CA ILE E 59 -37.62 -18.54 -59.58
C ILE E 59 -36.36 -17.83 -60.05
N GLU E 60 -35.74 -17.07 -59.15
CA GLU E 60 -34.50 -16.39 -59.50
C GLU E 60 -33.41 -17.41 -59.80
N GLN E 61 -32.78 -17.24 -60.96
CA GLN E 61 -31.78 -18.18 -61.45
C GLN E 61 -30.44 -18.06 -60.72
N ASN E 62 -30.36 -17.20 -59.71
CA ASN E 62 -29.15 -17.05 -58.92
C ASN E 62 -29.21 -17.79 -57.60
N SER E 63 -30.22 -18.61 -57.37
CA SER E 63 -30.32 -19.44 -56.18
C SER E 63 -30.53 -20.91 -56.51
N ILE E 64 -30.90 -21.23 -57.75
CA ILE E 64 -31.13 -22.61 -58.16
C ILE E 64 -29.79 -23.32 -58.28
N GLU E 65 -28.72 -22.55 -58.43
CA GLU E 65 -27.39 -23.11 -58.66
C GLU E 65 -27.00 -23.97 -57.46
N LYS E 66 -26.67 -25.23 -57.72
CA LYS E 66 -26.22 -26.11 -56.65
C LYS E 66 -24.73 -25.99 -56.42
N ILE E 67 -23.99 -25.44 -57.38
CA ILE E 67 -22.56 -25.20 -57.21
C ILE E 67 -22.37 -24.14 -56.15
N GLN E 68 -21.83 -24.54 -55.00
CA GLN E 68 -21.64 -23.65 -53.86
C GLN E 68 -20.15 -23.56 -53.55
N LEU E 69 -19.71 -22.35 -53.22
CA LEU E 69 -18.31 -22.12 -52.86
C LEU E 69 -18.14 -22.25 -51.36
N ILE E 70 -17.05 -22.88 -50.94
CA ILE E 70 -16.70 -22.89 -49.54
C ILE E 70 -15.59 -21.87 -49.27
N ASP E 71 -14.71 -21.68 -50.24
CA ASP E 71 -13.74 -20.60 -50.24
C ASP E 71 -13.34 -20.35 -51.68
N ASP E 72 -12.61 -19.26 -51.89
CA ASP E 72 -12.19 -18.90 -53.24
C ASP E 72 -11.33 -19.97 -53.90
N TYR E 73 -10.97 -21.03 -53.16
CA TYR E 73 -10.17 -22.11 -53.71
C TYR E 73 -10.80 -23.47 -53.44
N VAL E 74 -12.03 -23.52 -52.92
CA VAL E 74 -12.74 -24.77 -52.69
C VAL E 74 -14.21 -24.57 -52.99
N ALA E 75 -14.83 -25.59 -53.56
CA ALA E 75 -16.25 -25.57 -53.88
C ALA E 75 -16.86 -26.91 -53.53
N ALA E 76 -18.13 -27.06 -53.86
CA ALA E 76 -18.84 -28.31 -53.61
C ALA E 76 -20.20 -28.28 -54.26
N VAL E 77 -20.79 -29.47 -54.37
CA VAL E 77 -22.14 -29.65 -54.86
C VAL E 77 -22.71 -30.89 -54.18
N THR E 78 -24.03 -30.91 -54.01
CA THR E 78 -24.67 -31.88 -53.14
C THR E 78 -25.90 -32.47 -53.81
N SER E 79 -26.33 -33.63 -53.30
CA SER E 79 -27.51 -34.33 -53.78
C SER E 79 -28.25 -34.93 -52.61
N GLY E 80 -29.57 -34.80 -52.62
CA GLY E 80 -30.41 -35.39 -51.59
C GLY E 80 -31.32 -34.40 -50.91
N LEU E 81 -31.64 -34.65 -49.65
CA LEU E 81 -32.49 -33.75 -48.90
C LEU E 81 -31.92 -32.34 -48.90
N VAL E 82 -32.59 -31.44 -49.60
CA VAL E 82 -32.08 -30.08 -49.76
C VAL E 82 -32.00 -29.37 -48.42
N ALA E 83 -32.90 -29.73 -47.50
CA ALA E 83 -32.91 -29.08 -46.20
C ALA E 83 -31.63 -29.35 -45.42
N ASP E 84 -31.10 -30.57 -45.54
CA ASP E 84 -29.87 -30.91 -44.83
C ASP E 84 -28.65 -30.40 -45.59
N ALA E 85 -28.67 -30.47 -46.92
CA ALA E 85 -27.56 -29.97 -47.70
C ALA E 85 -27.22 -28.54 -47.33
N ARG E 86 -28.24 -27.68 -47.23
CA ARG E 86 -28.01 -26.29 -46.88
C ARG E 86 -27.29 -26.16 -45.56
N VAL E 87 -27.34 -27.21 -44.72
CA VAL E 87 -26.76 -27.12 -43.39
C VAL E 87 -25.29 -27.48 -43.41
N LEU E 88 -24.95 -28.61 -44.01
CA LEU E 88 -23.56 -29.05 -44.04
C LEU E 88 -22.69 -28.03 -44.76
N VAL E 89 -23.17 -27.49 -45.88
CA VAL E 89 -22.41 -26.47 -46.58
C VAL E 89 -22.09 -25.32 -45.67
N ASP E 90 -23.04 -24.92 -44.83
CA ASP E 90 -22.75 -23.90 -43.83
C ASP E 90 -21.79 -24.44 -42.78
N PHE E 91 -21.91 -25.71 -42.44
CA PHE E 91 -20.96 -26.33 -41.52
C PHE E 91 -19.58 -26.36 -42.12
N ALA E 92 -19.49 -26.62 -43.42
CA ALA E 92 -18.19 -26.61 -44.09
C ALA E 92 -17.63 -25.20 -44.17
N ARG E 93 -18.47 -24.23 -44.49
CA ARG E 93 -18.01 -22.85 -44.59
C ARG E 93 -17.52 -22.34 -43.25
N ILE E 94 -17.84 -23.04 -42.17
CA ILE E 94 -17.41 -22.62 -40.85
C ILE E 94 -16.15 -23.37 -40.45
N SER E 95 -16.10 -24.67 -40.75
CA SER E 95 -14.90 -25.44 -40.45
C SER E 95 -13.70 -24.89 -41.20
N ALA E 96 -13.91 -24.42 -42.42
CA ALA E 96 -12.81 -23.87 -43.20
C ALA E 96 -12.22 -22.64 -42.53
N GLN E 97 -13.07 -21.78 -41.96
CA GLN E 97 -12.57 -20.59 -41.30
C GLN E 97 -11.85 -20.93 -40.01
N GLN E 98 -12.24 -22.02 -39.34
CA GLN E 98 -11.53 -22.41 -38.12
C GLN E 98 -10.08 -22.73 -38.42
N GLU E 99 -9.81 -23.32 -39.57
CA GLU E 99 -8.42 -23.61 -39.94
C GLU E 99 -7.65 -22.33 -40.22
N LYS E 100 -8.17 -21.50 -41.12
CA LYS E 100 -7.53 -20.23 -41.43
C LYS E 100 -7.20 -19.47 -40.16
N VAL E 101 -8.09 -19.53 -39.17
CA VAL E 101 -7.83 -18.85 -37.91
C VAL E 101 -6.78 -19.61 -37.11
N THR E 102 -6.79 -20.92 -37.18
CA THR E 102 -5.90 -21.72 -36.37
C THR E 102 -4.51 -21.83 -37.01
N TYR E 103 -4.47 -21.98 -38.33
CA TYR E 103 -3.22 -22.20 -39.03
C TYR E 103 -2.87 -21.06 -39.97
N GLY E 104 -3.70 -20.05 -40.08
CA GLY E 104 -3.39 -18.90 -40.92
C GLY E 104 -3.71 -19.06 -42.38
N SER E 105 -4.00 -20.28 -42.79
CA SER E 105 -4.29 -20.57 -44.18
C SER E 105 -4.81 -21.99 -44.32
N LEU E 106 -5.92 -22.14 -45.04
CA LEU E 106 -6.45 -23.45 -45.37
C LEU E 106 -5.36 -24.19 -46.14
N VAL E 107 -4.52 -24.89 -45.39
CA VAL E 107 -3.33 -25.50 -45.98
C VAL E 107 -3.67 -26.79 -46.70
N ASN E 108 -4.69 -27.49 -46.21
CA ASN E 108 -5.09 -28.76 -46.81
C ASN E 108 -6.60 -28.87 -46.83
N ILE E 109 -7.09 -29.74 -47.70
CA ILE E 109 -8.53 -29.93 -47.85
C ILE E 109 -9.00 -31.10 -47.00
N GLU E 110 -8.17 -32.13 -46.88
CA GLU E 110 -8.58 -33.31 -46.12
C GLU E 110 -8.80 -32.98 -44.66
N ASN E 111 -8.15 -31.92 -44.20
CA ASN E 111 -8.34 -31.44 -42.82
C ASN E 111 -9.76 -30.87 -42.72
N LEU E 112 -10.41 -30.56 -43.86
CA LEU E 112 -11.76 -30.02 -43.86
C LEU E 112 -12.79 -31.13 -44.04
N VAL E 113 -12.70 -31.86 -45.14
CA VAL E 113 -13.62 -32.96 -45.41
C VAL E 113 -13.74 -33.86 -44.19
N LYS E 114 -12.66 -33.99 -43.43
CA LYS E 114 -12.66 -34.86 -42.25
C LYS E 114 -13.57 -34.30 -41.17
N ARG E 115 -13.52 -32.98 -40.95
CA ARG E 115 -14.37 -32.39 -39.92
C ARG E 115 -15.84 -32.61 -40.21
N VAL E 116 -16.17 -32.84 -41.49
CA VAL E 116 -17.57 -33.05 -41.86
C VAL E 116 -17.98 -34.49 -41.58
N ALA E 117 -17.32 -35.44 -42.25
CA ALA E 117 -17.62 -36.85 -42.03
C ALA E 117 -17.73 -37.17 -40.55
N ASP E 118 -16.89 -36.55 -39.73
CA ASP E 118 -16.98 -36.76 -38.29
C ASP E 118 -18.32 -36.26 -37.75
N GLN E 119 -18.87 -35.22 -38.37
CA GLN E 119 -20.16 -34.72 -37.93
C GLN E 119 -21.30 -35.61 -38.42
N MET E 120 -21.06 -36.34 -39.50
CA MET E 120 -22.11 -37.18 -40.07
C MET E 120 -22.11 -38.56 -39.42
N GLN E 121 -20.94 -39.18 -39.28
CA GLN E 121 -20.85 -40.45 -38.56
C GLN E 121 -21.41 -40.31 -37.16
N GLN E 122 -21.29 -39.12 -36.57
CA GLN E 122 -21.83 -38.89 -35.24
C GLN E 122 -23.31 -39.23 -35.17
N TYR E 123 -24.04 -38.88 -36.22
CA TYR E 123 -25.49 -39.13 -36.26
C TYR E 123 -25.83 -40.52 -36.73
N THR E 124 -24.89 -41.46 -36.67
CA THR E 124 -25.12 -42.83 -37.10
C THR E 124 -25.01 -43.83 -35.97
N GLN E 125 -24.26 -43.51 -34.91
CA GLN E 125 -24.04 -44.44 -33.82
C GLN E 125 -24.82 -44.09 -32.56
N TYR E 126 -25.58 -43.00 -32.58
CA TYR E 126 -26.38 -42.58 -31.44
C TYR E 126 -27.85 -42.57 -31.81
N GLY E 127 -28.69 -42.95 -30.85
CA GLY E 127 -30.12 -42.99 -31.08
C GLY E 127 -30.79 -41.68 -30.78
N GLY E 128 -32.00 -41.53 -31.32
CA GLY E 128 -32.75 -40.31 -31.19
C GLY E 128 -32.44 -39.27 -32.23
N VAL E 129 -31.64 -39.60 -33.25
CA VAL E 129 -31.29 -38.69 -34.32
C VAL E 129 -31.10 -39.49 -35.60
N ARG E 130 -31.59 -38.93 -36.70
CA ARG E 130 -31.45 -39.58 -37.99
C ARG E 130 -30.19 -39.08 -38.69
N PRO E 131 -29.61 -39.89 -39.57
CA PRO E 131 -28.46 -39.43 -40.34
C PRO E 131 -28.81 -38.27 -41.26
N TYR E 132 -27.82 -37.89 -42.07
CA TYR E 132 -28.05 -36.91 -43.11
C TYR E 132 -28.34 -37.61 -44.42
N GLY E 133 -29.34 -37.13 -45.14
CA GLY E 133 -29.73 -37.74 -46.39
C GLY E 133 -29.08 -37.09 -47.59
N VAL E 134 -27.75 -37.05 -47.62
CA VAL E 134 -27.02 -36.39 -48.69
C VAL E 134 -25.62 -36.96 -48.79
N SER E 135 -25.10 -36.96 -50.01
CA SER E 135 -23.68 -37.10 -50.28
C SER E 135 -23.22 -35.87 -51.03
N LEU E 136 -21.93 -35.58 -50.96
CA LEU E 136 -21.40 -34.34 -51.51
C LEU E 136 -20.19 -34.60 -52.38
N ILE E 137 -19.78 -33.54 -53.08
CA ILE E 137 -18.53 -33.49 -53.80
C ILE E 137 -17.76 -32.28 -53.30
N PHE E 138 -16.44 -32.41 -53.19
CA PHE E 138 -15.56 -31.32 -52.82
C PHE E 138 -14.45 -31.22 -53.84
N ALA E 139 -14.08 -30.00 -54.19
CA ALA E 139 -13.00 -29.76 -55.13
C ALA E 139 -12.31 -28.46 -54.75
N GLY E 140 -11.08 -28.33 -55.21
CA GLY E 140 -10.31 -27.13 -54.92
C GLY E 140 -8.83 -27.40 -55.03
N ILE E 141 -8.08 -26.35 -54.74
CA ILE E 141 -6.62 -26.35 -54.86
C ILE E 141 -6.03 -26.19 -53.47
N ASP E 142 -5.01 -27.00 -53.17
CA ASP E 142 -4.26 -26.87 -51.93
C ASP E 142 -2.77 -26.84 -52.25
N GLN E 143 -1.95 -26.86 -51.19
CA GLN E 143 -0.47 -26.88 -51.32
C GLN E 143 -0.10 -28.02 -52.24
N ILE E 144 -0.76 -29.17 -52.11
CA ILE E 144 -0.51 -30.32 -52.97
C ILE E 144 -0.87 -30.00 -54.41
N GLY E 145 -2.13 -29.64 -54.65
CA GLY E 145 -2.61 -29.36 -55.98
C GLY E 145 -4.09 -29.63 -56.11
N PRO E 146 -4.53 -29.97 -57.31
CA PRO E 146 -5.95 -30.28 -57.52
C PRO E 146 -6.37 -31.49 -56.71
N ARG E 147 -7.51 -31.37 -56.05
CA ARG E 147 -8.07 -32.44 -55.24
C ARG E 147 -9.52 -32.67 -55.66
N LEU E 148 -10.09 -33.75 -55.13
CA LEU E 148 -11.47 -34.12 -55.45
C LEU E 148 -11.87 -35.26 -54.54
N PHE E 149 -12.94 -35.07 -53.78
CA PHE E 149 -13.37 -36.01 -52.77
C PHE E 149 -14.86 -36.28 -52.89
N ASP E 150 -15.35 -37.12 -51.98
CA ASP E 150 -16.76 -37.44 -51.88
C ASP E 150 -17.02 -37.97 -50.49
N CYS E 151 -18.26 -37.82 -50.04
CA CYS E 151 -18.64 -38.20 -48.68
C CYS E 151 -20.04 -38.79 -48.69
N ASP E 152 -20.17 -40.00 -48.15
CA ASP E 152 -21.49 -40.67 -48.05
C ASP E 152 -22.09 -40.30 -46.69
N PRO E 153 -23.37 -40.61 -46.44
CA PRO E 153 -24.06 -40.19 -45.21
C PRO E 153 -23.39 -40.65 -43.93
N ALA E 154 -22.56 -41.69 -43.98
CA ALA E 154 -21.94 -42.22 -42.77
C ALA E 154 -20.56 -41.64 -42.50
N GLY E 155 -19.92 -41.03 -43.49
CA GLY E 155 -18.60 -40.48 -43.33
C GLY E 155 -17.53 -41.14 -44.17
N THR E 156 -17.89 -42.08 -45.02
CA THR E 156 -16.91 -42.74 -45.87
C THR E 156 -16.28 -41.72 -46.82
N ILE E 157 -14.96 -41.60 -46.74
CA ILE E 157 -14.20 -40.67 -47.57
C ILE E 157 -13.41 -41.47 -48.59
N ASN E 158 -13.25 -40.88 -49.77
CA ASN E 158 -12.47 -41.48 -50.83
C ASN E 158 -12.07 -40.38 -51.80
N GLU E 159 -10.81 -40.37 -52.21
CA GLU E 159 -10.29 -39.37 -53.14
C GLU E 159 -10.21 -39.98 -54.54
N TYR E 160 -10.75 -39.27 -55.52
CA TYR E 160 -10.90 -39.78 -56.86
C TYR E 160 -10.21 -38.88 -57.87
N LYS E 161 -9.96 -39.45 -59.05
CA LYS E 161 -9.62 -38.64 -60.22
C LYS E 161 -10.89 -38.16 -60.93
N ALA E 162 -12.02 -38.79 -60.64
CA ALA E 162 -13.30 -38.39 -61.18
C ALA E 162 -14.39 -39.14 -60.45
N THR E 163 -15.60 -38.60 -60.48
CA THR E 163 -16.70 -39.15 -59.71
C THR E 163 -17.99 -38.49 -60.15
N ALA E 164 -19.10 -39.14 -59.84
CA ALA E 164 -20.43 -38.63 -60.14
C ALA E 164 -21.30 -38.77 -58.90
N ILE E 165 -22.50 -38.21 -58.99
CA ILE E 165 -23.42 -38.17 -57.87
C ILE E 165 -24.82 -37.90 -58.40
N GLY E 166 -25.81 -38.42 -57.71
CA GLY E 166 -27.20 -38.21 -58.06
C GLY E 166 -27.91 -39.50 -58.46
N SER E 167 -28.68 -39.39 -59.53
CA SER E 167 -29.45 -40.54 -60.01
C SER E 167 -28.69 -41.29 -61.10
N GLY E 168 -28.09 -40.55 -62.03
CA GLY E 168 -27.35 -41.17 -63.12
C GLY E 168 -25.92 -41.49 -62.73
N LYS E 169 -25.71 -41.72 -61.44
CA LYS E 169 -24.35 -41.94 -60.93
C LYS E 169 -23.70 -43.15 -61.62
N ASP E 170 -24.27 -44.33 -61.42
CA ASP E 170 -23.67 -45.54 -61.98
C ASP E 170 -23.52 -45.44 -63.49
N ALA E 171 -24.50 -44.82 -64.16
CA ALA E 171 -24.44 -44.69 -65.60
C ALA E 171 -23.23 -43.87 -66.02
N VAL E 172 -22.84 -42.90 -65.20
CA VAL E 172 -21.73 -42.02 -65.55
C VAL E 172 -20.40 -42.72 -65.33
N VAL E 173 -20.16 -43.19 -64.11
CA VAL E 173 -18.91 -43.87 -63.80
C VAL E 173 -18.63 -44.96 -64.83
N SER E 174 -19.68 -45.64 -65.30
CA SER E 174 -19.51 -46.60 -66.37
C SER E 174 -18.87 -45.94 -67.58
N PHE E 175 -19.59 -45.01 -68.22
CA PHE E 175 -19.05 -44.26 -69.33
C PHE E 175 -17.67 -43.71 -68.99
N LEU E 176 -17.58 -42.99 -67.87
CA LEU E 176 -16.36 -42.29 -67.52
C LEU E 176 -15.19 -43.21 -67.22
N GLU E 177 -15.45 -44.39 -66.64
CA GLU E 177 -14.38 -45.34 -66.37
C GLU E 177 -13.72 -45.83 -67.66
N ARG E 178 -14.37 -45.64 -68.80
CA ARG E 178 -13.84 -46.10 -70.08
C ARG E 178 -13.10 -45.02 -70.86
N GLU E 179 -13.62 -43.79 -70.86
CA GLU E 179 -13.12 -42.74 -71.74
C GLU E 179 -12.35 -41.65 -71.01
N TYR E 180 -12.13 -41.79 -69.71
CA TYR E 180 -11.44 -40.75 -68.96
C TYR E 180 -9.95 -40.77 -69.28
N LYS E 181 -9.36 -39.57 -69.31
CA LYS E 181 -7.94 -39.41 -69.56
C LYS E 181 -7.40 -38.34 -68.62
N GLU E 182 -6.14 -38.50 -68.23
CA GLU E 182 -5.50 -37.62 -67.26
C GLU E 182 -4.76 -36.50 -67.96
N ASN E 183 -4.53 -35.42 -67.21
CA ASN E 183 -3.75 -34.28 -67.66
C ASN E 183 -4.25 -33.78 -69.00
N LEU E 184 -5.52 -33.53 -69.08
CA LEU E 184 -6.12 -33.00 -70.29
C LEU E 184 -6.26 -31.48 -70.20
N PRO E 185 -6.48 -30.82 -71.34
CA PRO E 185 -6.80 -29.40 -71.31
C PRO E 185 -8.16 -29.17 -70.66
N GLU E 186 -8.51 -27.90 -70.50
CA GLU E 186 -9.75 -27.56 -69.84
C GLU E 186 -10.95 -27.98 -70.68
N LYS E 187 -11.20 -27.27 -71.78
CA LYS E 187 -12.39 -27.54 -72.58
C LYS E 187 -12.40 -28.98 -73.11
N GLU E 188 -11.22 -29.53 -73.41
CA GLU E 188 -11.17 -30.92 -73.86
C GLU E 188 -11.79 -31.86 -72.85
N ALA E 189 -11.68 -31.54 -71.56
CA ALA E 189 -12.27 -32.36 -70.52
C ALA E 189 -13.75 -32.06 -70.30
N VAL E 190 -14.16 -30.80 -70.50
CA VAL E 190 -15.56 -30.45 -70.34
C VAL E 190 -16.41 -31.21 -71.33
N THR E 191 -16.08 -31.10 -72.62
CA THR E 191 -16.83 -31.82 -73.64
C THR E 191 -16.91 -33.30 -73.33
N LEU E 192 -15.88 -33.84 -72.67
CA LEU E 192 -15.95 -35.22 -72.22
C LEU E 192 -16.97 -35.39 -71.10
N GLY E 193 -17.02 -34.42 -70.18
CA GLY E 193 -17.93 -34.54 -69.05
C GLY E 193 -19.38 -34.48 -69.46
N ILE E 194 -19.77 -33.42 -70.17
CA ILE E 194 -21.14 -33.29 -70.64
C ILE E 194 -21.57 -34.55 -71.38
N LYS E 195 -20.62 -35.25 -72.00
CA LYS E 195 -20.94 -36.47 -72.72
C LYS E 195 -21.34 -37.58 -71.78
N ALA E 196 -20.49 -37.88 -70.80
CA ALA E 196 -20.84 -38.89 -69.80
C ALA E 196 -22.15 -38.52 -69.12
N LEU E 197 -22.38 -37.24 -68.89
CA LEU E 197 -23.70 -36.81 -68.41
C LEU E 197 -24.78 -37.10 -69.43
N LYS E 198 -24.56 -36.67 -70.67
CA LYS E 198 -25.49 -36.98 -71.75
C LYS E 198 -25.79 -38.47 -71.80
N SER E 199 -24.83 -39.32 -71.42
CA SER E 199 -25.07 -40.76 -71.45
C SER E 199 -26.16 -41.17 -70.46
N SER E 200 -25.97 -40.86 -69.18
CA SER E 200 -26.94 -41.27 -68.17
C SER E 200 -28.31 -40.66 -68.41
N LEU E 201 -28.39 -39.61 -69.23
CA LEU E 201 -29.66 -38.96 -69.45
C LEU E 201 -30.62 -39.89 -70.19
N GLU E 202 -31.89 -39.80 -69.84
CA GLU E 202 -32.92 -40.52 -70.58
C GLU E 202 -33.08 -39.89 -71.97
N GLU E 203 -33.44 -40.72 -72.94
CA GLU E 203 -33.53 -40.25 -74.31
C GLU E 203 -34.54 -39.11 -74.44
N GLY E 204 -35.61 -39.14 -73.64
CA GLY E 204 -36.63 -38.13 -73.77
C GLY E 204 -36.16 -36.75 -73.34
N GLU E 205 -35.08 -36.69 -72.57
CA GLU E 205 -34.57 -35.43 -72.05
C GLU E 205 -33.26 -35.05 -72.74
N GLU E 206 -32.87 -33.78 -72.56
CA GLU E 206 -31.61 -33.28 -73.08
C GLU E 206 -30.91 -32.51 -71.96
N LEU E 207 -30.02 -31.60 -72.34
CA LEU E 207 -29.24 -30.82 -71.38
C LEU E 207 -29.76 -29.38 -71.36
N LYS E 208 -29.94 -28.85 -70.16
CA LYS E 208 -30.64 -27.57 -69.99
C LYS E 208 -29.76 -26.59 -69.21
N ALA E 209 -28.77 -26.05 -69.92
CA ALA E 209 -27.89 -25.04 -69.35
C ALA E 209 -27.32 -25.52 -68.03
N PRO E 210 -26.56 -26.61 -68.02
CA PRO E 210 -26.02 -27.13 -66.77
C PRO E 210 -25.04 -26.15 -66.13
N GLU E 211 -24.79 -26.39 -64.85
CA GLU E 211 -23.81 -25.59 -64.12
C GLU E 211 -22.42 -26.18 -64.32
N ILE E 212 -21.43 -25.30 -64.45
CA ILE E 212 -20.03 -25.71 -64.51
C ILE E 212 -19.21 -24.73 -63.69
N ALA E 213 -18.11 -25.22 -63.13
CA ALA E 213 -17.23 -24.40 -62.32
C ALA E 213 -15.87 -25.07 -62.28
N SER E 214 -14.88 -24.40 -62.86
CA SER E 214 -13.53 -24.94 -62.93
C SER E 214 -12.59 -24.06 -62.14
N ILE E 215 -11.31 -24.44 -62.15
CA ILE E 215 -10.27 -23.71 -61.46
C ILE E 215 -8.93 -24.23 -61.94
N THR E 216 -7.90 -23.42 -61.75
CA THR E 216 -6.55 -23.76 -62.15
C THR E 216 -5.57 -23.18 -61.15
N VAL E 217 -4.40 -23.81 -61.07
CA VAL E 217 -3.41 -23.41 -60.08
C VAL E 217 -3.10 -21.92 -60.21
N GLY E 218 -2.72 -21.32 -59.09
CA GLY E 218 -2.43 -19.91 -59.05
C GLY E 218 -3.61 -19.00 -59.35
N ASN E 219 -4.81 -19.54 -59.45
CA ASN E 219 -5.99 -18.78 -59.80
C ASN E 219 -7.09 -19.04 -58.77
N LYS E 220 -8.29 -18.59 -59.11
CA LYS E 220 -9.47 -18.81 -58.31
C LYS E 220 -10.54 -19.48 -59.17
N TYR E 221 -11.66 -19.79 -58.55
CA TYR E 221 -12.74 -20.46 -59.26
C TYR E 221 -13.36 -19.53 -60.28
N ARG E 222 -14.00 -20.12 -61.28
CA ARG E 222 -14.62 -19.38 -62.38
C ARG E 222 -15.95 -20.02 -62.71
N ILE E 223 -17.03 -19.32 -62.41
CA ILE E 223 -18.38 -19.76 -62.78
C ILE E 223 -18.72 -19.05 -64.08
N TYR E 224 -18.43 -19.71 -65.20
CA TYR E 224 -18.71 -19.08 -66.48
C TYR E 224 -20.17 -19.26 -66.86
N ASP E 225 -20.70 -18.28 -67.58
CA ASP E 225 -22.14 -18.14 -67.75
C ASP E 225 -22.66 -19.14 -68.77
N GLN E 226 -23.99 -19.33 -68.72
CA GLN E 226 -24.68 -20.21 -69.66
C GLN E 226 -24.29 -19.95 -71.11
N GLU E 227 -23.93 -18.70 -71.43
CA GLU E 227 -23.52 -18.39 -72.79
C GLU E 227 -22.42 -19.34 -73.26
N GLU E 228 -21.31 -19.37 -72.54
CA GLU E 228 -20.23 -20.29 -72.87
C GLU E 228 -20.62 -21.74 -72.69
N VAL E 229 -21.68 -22.01 -71.93
CA VAL E 229 -22.10 -23.40 -71.72
C VAL E 229 -22.63 -24.01 -73.01
N LYS E 230 -23.33 -23.21 -73.82
CA LYS E 230 -23.86 -23.72 -75.07
C LYS E 230 -22.75 -24.35 -75.91
N LYS E 231 -21.54 -23.84 -75.78
CA LYS E 231 -20.42 -24.26 -76.60
C LYS E 231 -19.81 -25.55 -76.07
N GLN F 5 -32.84 -65.88 -31.53
CA GLN F 5 -33.88 -65.46 -30.60
C GLN F 5 -34.42 -64.10 -31.01
N MET F 6 -35.53 -64.11 -31.76
CA MET F 6 -36.12 -62.86 -32.23
C MET F 6 -36.53 -61.95 -31.08
N ALA F 7 -36.63 -62.48 -29.87
CA ALA F 7 -37.03 -61.69 -28.71
C ALA F 7 -35.86 -61.07 -27.98
N TYR F 8 -34.62 -61.50 -28.26
CA TYR F 8 -33.46 -61.03 -27.52
C TYR F 8 -32.36 -60.53 -28.46
N ASP F 9 -32.71 -60.15 -29.69
CA ASP F 9 -31.72 -59.67 -30.69
C ASP F 9 -32.12 -58.26 -31.14
N ARG F 10 -32.50 -57.39 -30.22
CA ARG F 10 -32.90 -56.02 -30.53
C ARG F 10 -32.02 -54.98 -29.85
N ALA F 11 -31.52 -55.28 -28.66
CA ALA F 11 -30.75 -54.33 -27.87
C ALA F 11 -29.46 -54.96 -27.39
N ILE F 12 -28.42 -54.15 -27.28
CA ILE F 12 -27.13 -54.63 -26.83
C ILE F 12 -27.17 -54.97 -25.36
N THR F 13 -28.00 -54.28 -24.59
CA THR F 13 -28.01 -54.38 -23.13
C THR F 13 -28.99 -55.43 -22.63
N VAL F 14 -29.15 -56.53 -23.35
CA VAL F 14 -30.07 -57.60 -22.96
C VAL F 14 -29.38 -58.93 -23.15
N PHE F 15 -29.29 -59.71 -22.08
CA PHE F 15 -28.77 -61.06 -22.14
C PHE F 15 -29.89 -62.02 -22.55
N SER F 16 -29.52 -63.04 -23.31
CA SER F 16 -30.47 -64.10 -23.61
C SER F 16 -30.52 -65.10 -22.45
N PRO F 17 -31.61 -65.88 -22.36
CA PRO F 17 -31.69 -66.88 -21.30
C PRO F 17 -30.49 -67.80 -21.23
N ASP F 18 -29.75 -67.96 -22.33
CA ASP F 18 -28.53 -68.75 -22.35
C ASP F 18 -27.30 -67.92 -22.02
N GLY F 19 -27.49 -66.64 -21.73
CA GLY F 19 -26.36 -65.78 -21.42
C GLY F 19 -25.54 -65.38 -22.62
N ARG F 20 -26.12 -64.59 -23.53
CA ARG F 20 -25.45 -64.18 -24.75
C ARG F 20 -25.83 -62.75 -25.09
N LEU F 21 -25.15 -62.22 -26.11
CA LEU F 21 -25.38 -60.87 -26.62
C LEU F 21 -25.43 -60.95 -28.14
N PHE F 22 -26.62 -61.19 -28.67
CA PHE F 22 -26.77 -61.35 -30.10
C PHE F 22 -26.35 -60.09 -30.85
N GLN F 23 -26.73 -58.93 -30.32
CA GLN F 23 -26.31 -57.68 -30.95
C GLN F 23 -24.79 -57.57 -30.96
N TYR F 24 -24.11 -58.33 -30.10
CA TYR F 24 -22.66 -58.35 -30.10
C TYR F 24 -22.14 -59.39 -31.08
N GLU F 25 -22.79 -60.55 -31.15
CA GLU F 25 -22.40 -61.56 -32.12
C GLU F 25 -22.71 -61.10 -33.53
N TYR F 26 -23.67 -60.18 -33.69
CA TYR F 26 -23.99 -59.67 -35.01
C TYR F 26 -22.90 -58.75 -35.52
N ALA F 27 -22.43 -57.83 -34.67
CA ALA F 27 -21.37 -56.93 -35.08
C ALA F 27 -20.15 -57.68 -35.60
N ARG F 28 -19.93 -58.90 -35.09
CA ARG F 28 -18.83 -59.71 -35.60
C ARG F 28 -19.12 -60.27 -36.98
N GLU F 29 -20.36 -60.12 -37.47
CA GLU F 29 -20.68 -60.57 -38.82
C GLU F 29 -20.38 -59.48 -39.84
N ALA F 30 -20.38 -58.22 -39.41
CA ALA F 30 -20.05 -57.13 -40.33
C ALA F 30 -18.55 -57.07 -40.58
N VAL F 31 -17.76 -57.67 -39.71
CA VAL F 31 -16.31 -57.66 -39.89
C VAL F 31 -15.92 -58.64 -40.98
N LYS F 32 -16.52 -59.82 -40.98
CA LYS F 32 -16.20 -60.84 -41.97
C LYS F 32 -16.52 -60.40 -43.39
N LYS F 33 -17.21 -59.27 -43.57
CA LYS F 33 -17.45 -58.72 -44.89
C LYS F 33 -16.26 -57.94 -45.44
N GLY F 34 -15.34 -57.54 -44.57
CA GLY F 34 -14.21 -56.74 -44.99
C GLY F 34 -13.11 -57.55 -45.62
N SER F 35 -12.17 -56.83 -46.24
CA SER F 35 -11.03 -57.47 -46.88
C SER F 35 -10.21 -58.26 -45.86
N THR F 36 -9.28 -59.04 -46.38
CA THR F 36 -8.46 -59.93 -45.56
C THR F 36 -7.10 -59.30 -45.30
N ALA F 37 -6.51 -59.61 -44.15
CA ALA F 37 -5.20 -59.11 -43.78
C ALA F 37 -4.67 -59.94 -42.62
N LEU F 38 -3.37 -59.77 -42.35
CA LEU F 38 -2.72 -60.55 -41.30
C LEU F 38 -1.48 -59.83 -40.82
N GLY F 39 -0.77 -60.48 -39.91
CA GLY F 39 0.46 -59.94 -39.35
C GLY F 39 1.28 -61.04 -38.75
N MET F 40 2.60 -60.91 -38.88
CA MET F 40 3.52 -61.95 -38.46
C MET F 40 4.77 -61.32 -37.86
N LYS F 41 5.26 -61.91 -36.77
CA LYS F 41 6.52 -61.53 -36.18
C LYS F 41 7.64 -62.36 -36.81
N PHE F 42 8.87 -62.00 -36.47
CA PHE F 42 10.04 -62.70 -36.99
C PHE F 42 11.26 -62.17 -36.25
N ALA F 43 12.43 -62.35 -36.85
CA ALA F 43 13.69 -61.99 -36.21
C ALA F 43 13.79 -60.47 -36.10
N ASN F 44 13.57 -59.96 -34.88
CA ASN F 44 13.80 -58.56 -34.57
C ASN F 44 12.88 -57.65 -35.39
N GLY F 45 11.68 -58.12 -35.69
CA GLY F 45 10.77 -57.32 -36.47
C GLY F 45 9.37 -57.89 -36.48
N VAL F 46 8.53 -57.25 -37.29
CA VAL F 46 7.14 -57.65 -37.46
C VAL F 46 6.62 -56.93 -38.67
N LEU F 47 5.53 -57.42 -39.24
CA LEU F 47 5.02 -56.89 -40.50
C LEU F 47 3.51 -57.04 -40.57
N LEU F 48 2.95 -56.56 -41.68
CA LEU F 48 1.53 -56.64 -41.96
C LEU F 48 1.32 -56.85 -43.45
N ILE F 49 0.15 -57.34 -43.81
CA ILE F 49 -0.26 -57.52 -45.20
C ILE F 49 -1.76 -57.37 -45.28
N SER F 50 -2.22 -56.84 -46.42
CA SER F 50 -3.64 -56.65 -46.66
C SER F 50 -4.02 -57.21 -48.02
N ASP F 51 -5.26 -57.69 -48.13
CA ASP F 51 -5.76 -58.26 -49.38
C ASP F 51 -6.27 -57.11 -50.24
N LYS F 52 -5.33 -56.42 -50.88
CA LYS F 52 -5.69 -55.35 -51.79
C LYS F 52 -6.64 -55.85 -52.85
N LYS F 53 -7.79 -55.20 -52.97
CA LYS F 53 -8.79 -55.51 -53.97
C LYS F 53 -8.77 -54.44 -55.05
N VAL F 54 -8.65 -54.87 -56.30
CA VAL F 54 -8.62 -53.94 -57.42
C VAL F 54 -9.89 -53.11 -57.41
N ARG F 55 -9.76 -51.85 -57.81
CA ARG F 55 -10.87 -50.94 -57.92
C ARG F 55 -10.77 -50.19 -59.25
N SER F 56 -11.71 -49.29 -59.47
CA SER F 56 -11.69 -48.49 -60.68
C SER F 56 -10.41 -47.68 -60.76
N ARG F 57 -9.91 -47.50 -61.99
CA ARG F 57 -8.72 -46.69 -62.19
C ARG F 57 -8.93 -45.25 -61.79
N LEU F 58 -10.16 -44.86 -61.50
CA LEU F 58 -10.49 -43.46 -61.21
C LEU F 58 -10.17 -43.06 -59.79
N ILE F 59 -9.71 -43.98 -58.95
CA ILE F 59 -9.47 -43.71 -57.54
C ILE F 59 -7.97 -43.58 -57.31
N GLU F 60 -7.56 -42.55 -56.59
CA GLU F 60 -6.15 -42.37 -56.28
C GLU F 60 -5.66 -43.52 -55.43
N GLN F 61 -4.56 -44.13 -55.87
CA GLN F 61 -4.00 -45.31 -55.23
C GLN F 61 -3.27 -44.98 -53.93
N ASN F 62 -3.28 -43.72 -53.50
CA ASN F 62 -2.66 -43.33 -52.25
C ASN F 62 -3.65 -43.16 -51.12
N SER F 63 -4.92 -43.55 -51.31
CA SER F 63 -5.91 -43.54 -50.25
C SER F 63 -6.60 -44.87 -50.08
N ILE F 64 -6.46 -45.79 -51.03
CA ILE F 64 -7.06 -47.11 -50.95
C ILE F 64 -6.31 -47.95 -49.92
N GLU F 65 -5.09 -47.56 -49.62
CA GLU F 65 -4.23 -48.32 -48.72
C GLU F 65 -4.88 -48.38 -47.34
N LYS F 66 -5.09 -49.60 -46.85
CA LYS F 66 -5.63 -49.77 -45.51
C LYS F 66 -4.56 -49.74 -44.45
N ILE F 67 -3.30 -49.95 -44.84
CA ILE F 67 -2.18 -49.87 -43.90
C ILE F 67 -2.04 -48.42 -43.45
N GLN F 68 -2.35 -48.17 -42.18
CA GLN F 68 -2.33 -46.83 -41.62
C GLN F 68 -1.30 -46.78 -40.49
N LEU F 69 -0.56 -45.69 -40.43
CA LEU F 69 0.44 -45.48 -39.39
C LEU F 69 -0.18 -44.75 -38.21
N ILE F 70 0.16 -45.18 -37.00
CA ILE F 70 -0.23 -44.42 -35.82
C ILE F 70 0.95 -43.61 -35.31
N ASP F 71 2.15 -44.14 -35.48
CA ASP F 71 3.39 -43.39 -35.26
C ASP F 71 4.48 -44.08 -36.07
N ASP F 72 5.63 -43.41 -36.16
CA ASP F 72 6.73 -43.95 -36.93
C ASP F 72 7.20 -45.31 -36.44
N TYR F 73 6.66 -45.79 -35.32
CA TYR F 73 7.01 -47.10 -34.79
C TYR F 73 5.78 -47.96 -34.51
N VAL F 74 4.60 -47.54 -34.93
CA VAL F 74 3.38 -48.31 -34.75
C VAL F 74 2.49 -48.11 -35.97
N ALA F 75 1.81 -49.18 -36.36
CA ALA F 75 0.90 -49.15 -37.50
C ALA F 75 -0.34 -49.95 -37.15
N ALA F 76 -1.23 -50.08 -38.14
CA ALA F 76 -2.44 -50.84 -37.94
C ALA F 76 -3.17 -51.01 -39.26
N VAL F 77 -4.11 -51.95 -39.28
CA VAL F 77 -5.00 -52.19 -40.40
C VAL F 77 -6.31 -52.72 -39.85
N THR F 78 -7.39 -52.45 -40.56
CA THR F 78 -8.73 -52.65 -40.03
C THR F 78 -9.63 -53.33 -41.04
N SER F 79 -10.71 -53.93 -40.53
CA SER F 79 -11.70 -54.59 -41.36
C SER F 79 -13.10 -54.31 -40.81
N GLY F 80 -14.03 -54.03 -41.70
CA GLY F 80 -15.41 -53.80 -41.32
C GLY F 80 -15.96 -52.48 -41.81
N LEU F 81 -16.90 -51.92 -41.06
CA LEU F 81 -17.49 -50.64 -41.42
C LEU F 81 -16.40 -49.58 -41.57
N VAL F 82 -16.17 -49.16 -42.82
CA VAL F 82 -15.09 -48.23 -43.10
C VAL F 82 -15.34 -46.89 -42.41
N ALA F 83 -16.60 -46.54 -42.21
CA ALA F 83 -16.92 -45.25 -41.58
C ALA F 83 -16.42 -45.22 -40.14
N ASP F 84 -16.52 -46.35 -39.44
CA ASP F 84 -16.07 -46.39 -38.06
C ASP F 84 -14.57 -46.58 -37.97
N ALA F 85 -14.00 -47.40 -38.86
CA ALA F 85 -12.56 -47.60 -38.87
C ALA F 85 -11.83 -46.26 -38.93
N ARG F 86 -12.25 -45.38 -39.82
CA ARG F 86 -11.60 -44.08 -39.96
C ARG F 86 -11.61 -43.32 -38.63
N VAL F 87 -12.51 -43.68 -37.73
CA VAL F 87 -12.66 -42.93 -36.49
C VAL F 87 -11.69 -43.44 -35.44
N LEU F 88 -11.67 -44.76 -35.21
CA LEU F 88 -10.79 -45.32 -34.19
C LEU F 88 -9.34 -45.03 -34.50
N VAL F 89 -8.94 -45.16 -35.75
CA VAL F 89 -7.58 -44.85 -36.13
C VAL F 89 -7.22 -43.43 -35.73
N ASP F 90 -8.15 -42.50 -35.92
CA ASP F 90 -7.93 -41.15 -35.42
C ASP F 90 -7.93 -41.12 -33.90
N PHE F 91 -8.77 -41.94 -33.28
CA PHE F 91 -8.75 -42.04 -31.82
C PHE F 91 -7.43 -42.61 -31.34
N ALA F 92 -6.89 -43.57 -32.07
CA ALA F 92 -5.59 -44.13 -31.72
C ALA F 92 -4.48 -43.11 -31.92
N ARG F 93 -4.53 -42.39 -33.03
CA ARG F 93 -3.49 -41.40 -33.31
C ARG F 93 -3.50 -40.29 -32.28
N ILE F 94 -4.58 -40.19 -31.50
CA ILE F 94 -4.66 -39.16 -30.48
C ILE F 94 -4.24 -39.72 -29.13
N SER F 95 -4.65 -40.94 -28.82
CA SER F 95 -4.24 -41.57 -27.58
C SER F 95 -2.72 -41.71 -27.52
N ALA F 96 -2.10 -41.99 -28.66
CA ALA F 96 -0.65 -42.15 -28.70
C ALA F 96 0.04 -40.86 -28.31
N GLN F 97 -0.47 -39.72 -28.79
CA GLN F 97 0.15 -38.45 -28.46
C GLN F 97 -0.06 -38.09 -27.00
N GLN F 98 -1.15 -38.53 -26.39
CA GLN F 98 -1.37 -38.26 -24.98
C GLN F 98 -0.27 -38.88 -24.13
N GLU F 99 0.20 -40.07 -24.52
CA GLU F 99 1.28 -40.71 -23.79
C GLU F 99 2.59 -39.94 -23.96
N LYS F 100 2.99 -39.71 -25.21
CA LYS F 100 4.20 -38.95 -25.47
C LYS F 100 4.22 -37.64 -24.68
N VAL F 101 3.06 -37.01 -24.56
CA VAL F 101 2.97 -35.78 -23.79
C VAL F 101 3.06 -36.07 -22.30
N THR F 102 2.47 -37.19 -21.87
CA THR F 102 2.43 -37.48 -20.45
C THR F 102 3.71 -38.13 -19.97
N TYR F 103 4.29 -39.02 -20.78
CA TYR F 103 5.46 -39.77 -20.39
C TYR F 103 6.69 -39.44 -21.22
N GLY F 104 6.57 -38.56 -22.19
CA GLY F 104 7.71 -38.15 -22.99
C GLY F 104 8.07 -39.07 -24.12
N SER F 105 7.49 -40.26 -24.14
CA SER F 105 7.78 -41.25 -25.17
C SER F 105 6.79 -42.40 -25.06
N LEU F 106 6.22 -42.77 -26.20
CA LEU F 106 5.36 -43.95 -26.27
C LEU F 106 6.22 -45.13 -25.83
N VAL F 107 6.18 -45.39 -24.54
CA VAL F 107 7.08 -46.38 -23.95
C VAL F 107 6.56 -47.79 -24.18
N ASN F 108 5.25 -47.95 -24.24
CA ASN F 108 4.64 -49.26 -24.43
C ASN F 108 3.45 -49.14 -25.37
N ILE F 109 3.08 -50.29 -25.95
CA ILE F 109 1.97 -50.32 -26.89
C ILE F 109 0.68 -50.70 -26.19
N GLU F 110 0.78 -51.58 -25.19
CA GLU F 110 -0.42 -52.06 -24.51
C GLU F 110 -1.12 -50.92 -23.77
N ASN F 111 -0.34 -49.89 -23.43
CA ASN F 111 -0.91 -48.68 -22.80
C ASN F 111 -1.77 -47.97 -23.85
N LEU F 112 -1.60 -48.28 -25.14
CA LEU F 112 -2.38 -47.65 -26.20
C LEU F 112 -3.58 -48.50 -26.58
N VAL F 113 -3.33 -49.74 -26.99
CA VAL F 113 -4.41 -50.66 -27.35
C VAL F 113 -5.47 -50.68 -26.27
N LYS F 114 -5.06 -50.50 -25.01
CA LYS F 114 -6.01 -50.52 -23.91
C LYS F 114 -6.95 -49.33 -23.96
N ARG F 115 -6.41 -48.14 -24.26
CA ARG F 115 -7.26 -46.96 -24.33
C ARG F 115 -8.33 -47.11 -25.37
N VAL F 116 -8.11 -47.97 -26.36
CA VAL F 116 -9.09 -48.16 -27.42
C VAL F 116 -10.19 -49.11 -26.96
N ALA F 117 -9.82 -50.34 -26.65
CA ALA F 117 -10.79 -51.32 -26.17
C ALA F 117 -11.71 -50.72 -25.12
N ASP F 118 -11.16 -49.86 -24.26
CA ASP F 118 -12.00 -49.19 -23.26
C ASP F 118 -13.03 -48.30 -23.93
N GLN F 119 -12.69 -47.74 -25.08
CA GLN F 119 -13.64 -46.89 -25.80
C GLN F 119 -14.69 -47.73 -26.51
N MET F 120 -14.35 -48.98 -26.83
CA MET F 120 -15.27 -49.83 -27.57
C MET F 120 -16.20 -50.58 -26.63
N GLN F 121 -15.65 -51.17 -25.57
CA GLN F 121 -16.49 -51.79 -24.55
C GLN F 121 -17.51 -50.81 -24.00
N GLN F 122 -17.15 -49.52 -23.97
CA GLN F 122 -18.07 -48.50 -23.48
C GLN F 122 -19.37 -48.52 -24.26
N TYR F 123 -19.29 -48.74 -25.57
CA TYR F 123 -20.47 -48.75 -26.42
C TYR F 123 -21.16 -50.11 -26.45
N THR F 124 -20.89 -50.97 -25.46
CA THR F 124 -21.50 -52.29 -25.39
C THR F 124 -22.40 -52.47 -24.18
N GLN F 125 -22.18 -51.72 -23.10
CA GLN F 125 -22.95 -51.87 -21.88
C GLN F 125 -23.96 -50.76 -21.66
N TYR F 126 -24.02 -49.78 -22.55
CA TYR F 126 -24.96 -48.67 -22.45
C TYR F 126 -25.91 -48.67 -23.64
N GLY F 127 -27.16 -48.31 -23.38
CA GLY F 127 -28.16 -48.27 -24.42
C GLY F 127 -28.20 -46.95 -25.13
N GLY F 128 -28.81 -46.97 -26.32
CA GLY F 128 -28.87 -45.80 -27.16
C GLY F 128 -27.68 -45.60 -28.06
N VAL F 129 -26.76 -46.56 -28.12
CA VAL F 129 -25.58 -46.49 -28.95
C VAL F 129 -25.22 -47.88 -29.40
N ARG F 130 -24.82 -47.99 -30.67
CA ARG F 130 -24.41 -49.27 -31.22
C ARG F 130 -22.91 -49.45 -31.07
N PRO F 131 -22.42 -50.69 -31.01
CA PRO F 131 -20.99 -50.92 -30.96
C PRO F 131 -20.29 -50.46 -32.24
N TYR F 132 -19.00 -50.75 -32.30
CA TYR F 132 -18.24 -50.52 -33.51
C TYR F 132 -18.18 -51.80 -34.33
N GLY F 133 -18.38 -51.67 -35.63
CA GLY F 133 -18.37 -52.83 -36.50
C GLY F 133 -17.03 -53.08 -37.14
N VAL F 134 -15.99 -53.25 -36.32
CA VAL F 134 -14.64 -53.43 -36.84
C VAL F 134 -13.79 -54.15 -35.80
N SER F 135 -12.83 -54.91 -36.30
CA SER F 135 -11.69 -55.38 -35.52
C SER F 135 -10.43 -54.87 -36.21
N LEU F 136 -9.35 -54.77 -35.44
CA LEU F 136 -8.13 -54.16 -35.94
C LEU F 136 -6.92 -55.04 -35.65
N ILE F 137 -5.81 -54.64 -36.26
CA ILE F 137 -4.50 -55.19 -35.96
C ILE F 137 -3.59 -54.03 -35.59
N PHE F 138 -2.71 -54.26 -34.63
CA PHE F 138 -1.71 -53.29 -34.23
C PHE F 138 -0.34 -53.95 -34.25
N ALA F 139 0.65 -53.21 -34.69
CA ALA F 139 2.02 -53.70 -34.73
C ALA F 139 2.97 -52.53 -34.51
N GLY F 140 4.18 -52.86 -34.09
CA GLY F 140 5.16 -51.83 -33.85
C GLY F 140 6.23 -52.32 -32.88
N ILE F 141 7.15 -51.41 -32.59
CA ILE F 141 8.30 -51.69 -31.74
C ILE F 141 8.19 -50.85 -30.49
N ASP F 142 8.43 -51.48 -29.34
CA ASP F 142 8.51 -50.76 -28.08
C ASP F 142 9.80 -51.13 -27.35
N GLN F 143 9.92 -50.65 -26.11
CA GLN F 143 11.09 -50.95 -25.25
C GLN F 143 11.27 -52.46 -25.22
N ILE F 144 10.18 -53.22 -25.13
CA ILE F 144 10.25 -54.67 -25.12
C ILE F 144 10.79 -55.19 -26.45
N GLY F 145 10.11 -54.86 -27.54
CA GLY F 145 10.48 -55.32 -28.85
C GLY F 145 9.30 -55.41 -29.78
N PRO F 146 9.36 -56.31 -30.75
CA PRO F 146 8.24 -56.47 -31.68
C PRO F 146 6.99 -56.94 -30.95
N ARG F 147 5.87 -56.29 -31.27
CA ARG F 147 4.59 -56.62 -30.69
C ARG F 147 3.58 -56.84 -31.81
N LEU F 148 2.41 -57.34 -31.42
CA LEU F 148 1.35 -57.64 -32.37
C LEU F 148 0.09 -57.98 -31.59
N PHE F 149 -0.98 -57.24 -31.83
CA PHE F 149 -2.22 -57.36 -31.06
C PHE F 149 -3.41 -57.43 -32.00
N ASP F 150 -4.59 -57.53 -31.38
CA ASP F 150 -5.85 -57.54 -32.09
C ASP F 150 -6.94 -57.13 -31.12
N CYS F 151 -8.02 -56.57 -31.66
CA CYS F 151 -9.11 -56.06 -30.84
C CYS F 151 -10.45 -56.34 -31.52
N ASP F 152 -11.34 -57.00 -30.78
CA ASP F 152 -12.70 -57.30 -31.31
C ASP F 152 -13.60 -56.14 -30.91
N PRO F 153 -14.83 -56.06 -31.43
CA PRO F 153 -15.74 -54.93 -31.19
C PRO F 153 -16.04 -54.67 -29.72
N ALA F 154 -15.85 -55.65 -28.85
CA ALA F 154 -16.18 -55.48 -27.44
C ALA F 154 -15.00 -55.05 -26.60
N GLY F 155 -13.77 -55.20 -27.09
CA GLY F 155 -12.59 -54.85 -26.34
C GLY F 155 -11.70 -56.01 -25.99
N THR F 156 -12.01 -57.22 -26.44
CA THR F 156 -11.17 -58.36 -26.16
C THR F 156 -9.79 -58.17 -26.78
N ILE F 157 -8.77 -58.22 -25.93
CA ILE F 157 -7.39 -58.04 -26.35
C ILE F 157 -6.68 -59.38 -26.24
N ASN F 158 -5.74 -59.61 -27.16
CA ASN F 158 -4.92 -60.81 -27.16
C ASN F 158 -3.67 -60.52 -27.98
N GLU F 159 -2.52 -60.93 -27.45
CA GLU F 159 -1.24 -60.73 -28.13
C GLU F 159 -0.82 -62.02 -28.79
N TYR F 160 -0.44 -61.94 -30.05
CA TYR F 160 -0.17 -63.10 -30.88
C TYR F 160 1.23 -63.06 -31.46
N LYS F 161 1.71 -64.21 -31.90
CA LYS F 161 2.87 -64.27 -32.77
C LYS F 161 2.46 -64.11 -34.23
N ALA F 162 1.18 -64.29 -34.52
CA ALA F 162 0.64 -64.09 -35.86
C ALA F 162 -0.88 -64.13 -35.77
N THR F 163 -1.52 -63.54 -36.77
CA THR F 163 -2.97 -63.40 -36.74
C THR F 163 -3.44 -62.93 -38.10
N ALA F 164 -4.73 -63.14 -38.36
CA ALA F 164 -5.36 -62.70 -39.58
C ALA F 164 -6.66 -61.98 -39.24
N ILE F 165 -7.28 -61.42 -40.28
CA ILE F 165 -8.48 -60.60 -40.11
C ILE F 165 -9.16 -60.50 -41.47
N GLY F 166 -10.48 -60.39 -41.44
CA GLY F 166 -11.27 -60.23 -42.64
C GLY F 166 -12.21 -61.39 -42.88
N SER F 167 -12.26 -61.81 -44.14
CA SER F 167 -13.15 -62.90 -44.53
C SER F 167 -12.41 -64.24 -44.52
N GLY F 168 -11.19 -64.26 -45.03
CA GLY F 168 -10.41 -65.48 -45.06
C GLY F 168 -9.65 -65.72 -43.78
N LYS F 169 -10.18 -65.19 -42.68
CA LYS F 169 -9.49 -65.29 -41.40
C LYS F 169 -9.23 -66.73 -41.01
N ASP F 170 -10.30 -67.50 -40.79
CA ASP F 170 -10.14 -68.88 -40.35
C ASP F 170 -9.28 -69.68 -41.32
N ALA F 171 -9.44 -69.43 -42.62
CA ALA F 171 -8.66 -70.16 -43.61
C ALA F 171 -7.16 -69.90 -43.42
N VAL F 172 -6.81 -68.70 -42.97
CA VAL F 172 -5.40 -68.34 -42.83
C VAL F 172 -4.81 -68.98 -41.58
N VAL F 173 -5.40 -68.69 -40.43
CA VAL F 173 -4.93 -69.24 -39.17
C VAL F 173 -4.72 -70.74 -39.30
N SER F 174 -5.62 -71.42 -40.02
CA SER F 174 -5.43 -72.83 -40.29
C SER F 174 -4.08 -73.08 -40.95
N PHE F 175 -3.92 -72.59 -42.18
CA PHE F 175 -2.64 -72.70 -42.87
C PHE F 175 -1.50 -72.24 -41.97
N LEU F 176 -1.63 -71.04 -41.41
CA LEU F 176 -0.54 -70.43 -40.66
C LEU F 176 -0.22 -71.18 -39.37
N GLU F 177 -1.21 -71.76 -38.71
CA GLU F 177 -0.95 -72.53 -37.51
C GLU F 177 -0.09 -73.76 -37.76
N ARG F 178 0.03 -74.17 -39.03
CA ARG F 178 0.82 -75.34 -39.39
C ARG F 178 2.23 -75.01 -39.85
N GLU F 179 2.41 -73.94 -40.63
CA GLU F 179 3.66 -73.67 -41.30
C GLU F 179 4.41 -72.47 -40.72
N TYR F 180 3.91 -71.88 -39.64
CA TYR F 180 4.57 -70.71 -39.08
C TYR F 180 5.84 -71.11 -38.34
N LYS F 181 6.85 -70.25 -38.43
CA LYS F 181 8.12 -70.45 -37.76
C LYS F 181 8.58 -69.13 -37.17
N GLU F 182 9.28 -69.22 -36.04
CA GLU F 182 9.72 -68.05 -35.31
C GLU F 182 11.13 -67.62 -35.73
N ASN F 183 11.44 -66.36 -35.45
CA ASN F 183 12.78 -65.82 -35.69
C ASN F 183 13.25 -66.10 -37.11
N LEU F 184 12.42 -65.76 -38.07
CA LEU F 184 12.78 -65.94 -39.45
C LEU F 184 13.32 -64.65 -40.05
N PRO F 185 13.99 -64.74 -41.19
CA PRO F 185 14.37 -63.52 -41.90
C PRO F 185 13.15 -62.77 -42.41
N GLU F 186 13.39 -61.60 -42.99
CA GLU F 186 12.30 -60.76 -43.46
C GLU F 186 11.58 -61.42 -44.64
N LYS F 187 12.23 -61.45 -45.81
CA LYS F 187 11.57 -61.96 -47.00
C LYS F 187 11.16 -63.41 -46.84
N GLU F 188 11.92 -64.20 -46.10
CA GLU F 188 11.54 -65.58 -45.85
C GLU F 188 10.17 -65.68 -45.21
N ALA F 189 9.81 -64.70 -44.39
CA ALA F 189 8.50 -64.69 -43.76
C ALA F 189 7.42 -64.12 -44.65
N VAL F 190 7.77 -63.16 -45.51
CA VAL F 190 6.80 -62.57 -46.43
C VAL F 190 6.26 -63.65 -47.36
N THR F 191 7.16 -64.33 -48.07
CA THR F 191 6.74 -65.40 -48.96
C THR F 191 5.85 -66.41 -48.26
N LEU F 192 6.08 -66.61 -46.96
CA LEU F 192 5.18 -67.46 -46.19
C LEU F 192 3.82 -66.82 -46.02
N GLY F 193 3.80 -65.50 -45.79
CA GLY F 193 2.53 -64.83 -45.55
C GLY F 193 1.64 -64.80 -46.78
N ILE F 194 2.17 -64.30 -47.90
CA ILE F 194 1.40 -64.28 -49.14
C ILE F 194 0.83 -65.66 -49.43
N LYS F 195 1.53 -66.70 -48.99
CA LYS F 195 1.06 -68.05 -49.25
C LYS F 195 -0.20 -68.36 -48.45
N ALA F 196 -0.14 -68.17 -47.13
CA ALA F 196 -1.33 -68.36 -46.31
C ALA F 196 -2.48 -67.50 -46.81
N LEU F 197 -2.16 -66.28 -47.29
CA LEU F 197 -3.19 -65.48 -47.94
C LEU F 197 -3.66 -66.16 -49.22
N LYS F 198 -2.73 -66.55 -50.07
CA LYS F 198 -3.08 -67.29 -51.28
C LYS F 198 -3.97 -68.48 -50.97
N SER F 199 -3.81 -69.08 -49.80
CA SER F 199 -4.63 -70.23 -49.41
C SER F 199 -6.10 -69.84 -49.30
N SER F 200 -6.41 -68.89 -48.41
CA SER F 200 -7.80 -68.50 -48.19
C SER F 200 -8.45 -67.95 -49.46
N LEU F 201 -7.66 -67.56 -50.45
CA LEU F 201 -8.22 -66.99 -51.66
C LEU F 201 -9.03 -68.02 -52.42
N GLU F 202 -10.11 -67.57 -53.02
CA GLU F 202 -10.87 -68.43 -53.91
C GLU F 202 -10.07 -68.69 -55.19
N GLU F 203 -10.28 -69.88 -55.77
CA GLU F 203 -9.50 -70.26 -56.94
C GLU F 203 -9.68 -69.27 -58.07
N GLY F 204 -10.88 -68.70 -58.20
CA GLY F 204 -11.13 -67.80 -59.32
C GLY F 204 -10.34 -66.50 -59.24
N GLU F 205 -9.84 -66.17 -58.05
CA GLU F 205 -9.12 -64.93 -57.84
C GLU F 205 -7.64 -65.19 -57.61
N GLU F 206 -6.85 -64.13 -57.70
CA GLU F 206 -5.41 -64.19 -57.44
C GLU F 206 -5.05 -63.03 -56.53
N LEU F 207 -3.78 -62.63 -56.56
CA LEU F 207 -3.28 -61.56 -55.69
C LEU F 207 -3.02 -60.32 -56.53
N LYS F 208 -3.47 -59.17 -56.04
CA LYS F 208 -3.49 -57.94 -56.83
C LYS F 208 -2.73 -56.83 -56.10
N ALA F 209 -1.41 -56.93 -56.16
CA ALA F 209 -0.54 -55.92 -55.59
C ALA F 209 -0.95 -55.63 -54.15
N PRO F 210 -0.87 -56.62 -53.26
CA PRO F 210 -1.27 -56.40 -51.87
C PRO F 210 -0.38 -55.38 -51.18
N GLU F 211 -0.88 -54.87 -50.06
CA GLU F 211 -0.12 -53.95 -49.24
C GLU F 211 0.76 -54.72 -48.28
N ILE F 212 1.97 -54.24 -48.06
CA ILE F 212 2.87 -54.80 -47.06
C ILE F 212 3.56 -53.64 -46.35
N ALA F 213 3.92 -53.88 -45.09
CA ALA F 213 4.59 -52.87 -44.27
C ALA F 213 5.30 -53.58 -43.14
N SER F 214 6.63 -53.52 -43.14
CA SER F 214 7.44 -54.19 -42.14
C SER F 214 8.19 -53.15 -41.33
N ILE F 215 8.98 -53.65 -40.38
CA ILE F 215 9.79 -52.81 -39.53
C ILE F 215 10.80 -53.69 -38.81
N THR F 216 11.85 -53.06 -38.32
CA THR F 216 12.91 -53.76 -37.61
C THR F 216 13.46 -52.85 -36.53
N VAL F 217 14.03 -53.48 -35.50
CA VAL F 217 14.50 -52.74 -34.34
C VAL F 217 15.47 -51.65 -34.78
N GLY F 218 15.52 -50.57 -34.00
CA GLY F 218 16.37 -49.45 -34.32
C GLY F 218 16.03 -48.72 -35.59
N ASN F 219 14.92 -49.05 -36.23
CA ASN F 219 14.53 -48.47 -37.49
C ASN F 219 13.10 -47.94 -37.40
N LYS F 220 12.55 -47.59 -38.55
CA LYS F 220 11.17 -47.16 -38.69
C LYS F 220 10.47 -48.04 -39.71
N TYR F 221 9.18 -47.78 -39.88
CA TYR F 221 8.39 -48.57 -40.79
C TYR F 221 8.82 -48.31 -42.23
N ARG F 222 8.53 -49.27 -43.11
CA ARG F 222 8.90 -49.21 -44.50
C ARG F 222 7.76 -49.74 -45.34
N ILE F 223 7.11 -48.85 -46.09
CA ILE F 223 6.06 -49.23 -47.03
C ILE F 223 6.73 -49.35 -48.39
N TYR F 224 7.16 -50.56 -48.73
CA TYR F 224 7.83 -50.74 -50.00
C TYR F 224 6.81 -50.90 -51.12
N ASP F 225 7.20 -50.45 -52.31
CA ASP F 225 6.24 -50.23 -53.38
C ASP F 225 5.85 -51.55 -54.04
N GLN F 226 4.74 -51.48 -54.79
CA GLN F 226 4.25 -52.64 -55.53
C GLN F 226 5.34 -53.29 -56.36
N GLU F 227 6.32 -52.53 -56.82
CA GLU F 227 7.41 -53.11 -57.60
C GLU F 227 8.03 -54.30 -56.86
N GLU F 228 8.52 -54.07 -55.65
CA GLU F 228 9.07 -55.15 -54.85
C GLU F 228 8.03 -56.17 -54.45
N VAL F 229 6.75 -55.81 -54.51
CA VAL F 229 5.69 -56.74 -54.12
C VAL F 229 5.61 -57.90 -55.11
N LYS F 230 5.81 -57.62 -56.39
CA LYS F 230 5.77 -58.67 -57.40
C LYS F 230 6.71 -59.82 -57.03
N LYS F 231 7.80 -59.50 -56.36
CA LYS F 231 8.84 -60.47 -56.05
C LYS F 231 8.47 -61.30 -54.82
N GLN G 5 -40.50 -66.70 -18.04
CA GLN G 5 -41.51 -65.67 -18.23
C GLN G 5 -41.12 -64.73 -19.36
N MET G 6 -41.62 -65.01 -20.56
CA MET G 6 -41.28 -64.19 -21.72
C MET G 6 -41.69 -62.74 -21.54
N ALA G 7 -42.58 -62.45 -20.59
CA ALA G 7 -43.06 -61.11 -20.35
C ALA G 7 -42.22 -60.34 -19.33
N TYR G 8 -41.37 -61.03 -18.58
CA TYR G 8 -40.60 -60.40 -17.51
C TYR G 8 -39.11 -60.68 -17.63
N ASP G 9 -38.63 -61.02 -18.83
CA ASP G 9 -37.20 -61.35 -19.06
C ASP G 9 -36.65 -60.41 -20.13
N ARG G 10 -36.96 -59.12 -20.07
CA ARG G 10 -36.50 -58.13 -21.03
C ARG G 10 -35.67 -57.03 -20.40
N ALA G 11 -35.97 -56.66 -19.16
CA ALA G 11 -35.32 -55.55 -18.48
C ALA G 11 -34.85 -55.98 -17.11
N ILE G 12 -33.73 -55.39 -16.67
CA ILE G 12 -33.19 -55.72 -15.36
C ILE G 12 -34.05 -55.14 -14.26
N THR G 13 -34.73 -54.02 -14.53
CA THR G 13 -35.46 -53.27 -13.52
C THR G 13 -36.91 -53.69 -13.39
N VAL G 14 -37.21 -54.97 -13.59
CA VAL G 14 -38.58 -55.48 -13.51
C VAL G 14 -38.57 -56.77 -12.72
N PHE G 15 -39.35 -56.80 -11.65
CA PHE G 15 -39.55 -58.01 -10.86
C PHE G 15 -40.65 -58.85 -11.49
N SER G 16 -40.50 -60.17 -11.41
CA SER G 16 -41.55 -61.07 -11.81
C SER G 16 -42.58 -61.21 -10.70
N PRO G 17 -43.80 -61.63 -11.05
CA PRO G 17 -44.82 -61.83 -10.00
C PRO G 17 -44.36 -62.70 -8.86
N ASP G 18 -43.36 -63.56 -9.08
CA ASP G 18 -42.80 -64.39 -8.02
C ASP G 18 -41.64 -63.70 -7.33
N GLY G 19 -41.31 -62.47 -7.71
CA GLY G 19 -40.21 -61.75 -7.11
C GLY G 19 -38.85 -62.23 -7.55
N ARG G 20 -38.51 -62.04 -8.82
CA ARG G 20 -37.26 -62.49 -9.38
C ARG G 20 -36.72 -61.47 -10.37
N LEU G 21 -35.49 -61.71 -10.83
CA LEU G 21 -34.81 -60.87 -11.81
C LEU G 21 -34.19 -61.81 -12.84
N PHE G 22 -34.96 -62.13 -13.87
CA PHE G 22 -34.48 -63.07 -14.89
C PHE G 22 -33.24 -62.52 -15.58
N GLN G 23 -33.23 -61.24 -15.90
CA GLN G 23 -32.05 -60.64 -16.52
C GLN G 23 -30.84 -60.77 -15.59
N TYR G 24 -31.08 -60.98 -14.31
CA TYR G 24 -29.98 -61.21 -13.37
C TYR G 24 -29.61 -62.69 -13.33
N GLU G 25 -30.61 -63.57 -13.36
CA GLU G 25 -30.33 -65.00 -13.40
C GLU G 25 -29.69 -65.39 -14.72
N TYR G 26 -29.92 -64.60 -15.77
CA TYR G 26 -29.33 -64.90 -17.06
C TYR G 26 -27.84 -64.59 -17.06
N ALA G 27 -27.46 -63.44 -16.52
CA ALA G 27 -26.05 -63.08 -16.46
C ALA G 27 -25.23 -64.16 -15.75
N ARG G 28 -25.84 -64.88 -14.82
CA ARG G 28 -25.16 -65.99 -14.17
C ARG G 28 -24.99 -67.19 -15.09
N GLU G 29 -25.64 -67.17 -16.26
CA GLU G 29 -25.46 -68.25 -17.21
C GLU G 29 -24.27 -68.01 -18.11
N ALA G 30 -23.90 -66.74 -18.29
CA ALA G 30 -22.72 -66.43 -19.10
C ALA G 30 -21.43 -66.72 -18.35
N VAL G 31 -21.51 -66.82 -17.02
CA VAL G 31 -20.32 -67.12 -16.23
C VAL G 31 -19.96 -68.60 -16.37
N LYS G 32 -20.96 -69.47 -16.31
CA LYS G 32 -20.72 -70.90 -16.40
C LYS G 32 -20.10 -71.32 -17.74
N LYS G 33 -20.03 -70.41 -18.71
CA LYS G 33 -19.35 -70.68 -19.95
C LYS G 33 -17.84 -70.53 -19.85
N GLY G 34 -17.35 -69.84 -18.84
CA GLY G 34 -15.94 -69.58 -18.70
C GLY G 34 -15.18 -70.76 -18.12
N SER G 35 -13.86 -70.66 -18.21
CA SER G 35 -12.99 -71.70 -17.69
C SER G 35 -13.20 -71.88 -16.19
N THR G 36 -12.61 -72.94 -15.64
CA THR G 36 -12.77 -73.30 -14.25
C THR G 36 -11.57 -72.82 -13.45
N ALA G 37 -11.80 -72.51 -12.17
CA ALA G 37 -10.76 -72.07 -11.27
C ALA G 37 -11.25 -72.17 -9.84
N LEU G 38 -10.33 -72.05 -8.89
CA LEU G 38 -10.68 -72.18 -7.49
C LEU G 38 -9.62 -71.50 -6.63
N GLY G 39 -9.80 -71.60 -5.32
CA GLY G 39 -8.88 -71.02 -4.36
C GLY G 39 -9.04 -71.68 -3.03
N MET G 40 -7.92 -71.84 -2.33
CA MET G 40 -7.89 -72.56 -1.07
C MET G 40 -6.94 -71.88 -0.10
N LYS G 41 -7.34 -71.82 1.16
CA LYS G 41 -6.48 -71.35 2.22
C LYS G 41 -5.73 -72.53 2.82
N PHE G 42 -4.78 -72.22 3.70
CA PHE G 42 -3.98 -73.25 4.35
C PHE G 42 -3.15 -72.57 5.44
N ALA G 43 -2.06 -73.23 5.83
CA ALA G 43 -1.24 -72.74 6.93
C ALA G 43 -0.52 -71.46 6.52
N ASN G 44 -1.01 -70.33 7.02
CA ASN G 44 -0.34 -69.05 6.85
C ASN G 44 -0.25 -68.64 5.39
N GLY G 45 -1.23 -69.04 4.59
CA GLY G 45 -1.20 -68.69 3.18
C GLY G 45 -2.51 -68.98 2.50
N VAL G 46 -2.49 -68.80 1.19
CA VAL G 46 -3.65 -69.02 0.33
C VAL G 46 -3.14 -69.06 -1.10
N LEU G 47 -3.93 -69.63 -2.00
CA LEU G 47 -3.50 -69.84 -3.37
C LEU G 47 -4.68 -69.80 -4.32
N LEU G 48 -4.36 -69.96 -5.60
CA LEU G 48 -5.35 -69.99 -6.67
C LEU G 48 -4.92 -70.97 -7.74
N ILE G 49 -5.87 -71.41 -8.54
CA ILE G 49 -5.62 -72.30 -9.67
C ILE G 49 -6.65 -72.01 -10.74
N SER G 50 -6.23 -72.16 -12.00
CA SER G 50 -7.11 -71.95 -13.15
C SER G 50 -7.02 -73.13 -14.10
N ASP G 51 -8.13 -73.40 -14.78
CA ASP G 51 -8.20 -74.50 -15.74
C ASP G 51 -7.66 -74.00 -17.07
N LYS G 52 -6.34 -73.92 -17.16
CA LYS G 52 -5.69 -73.53 -18.40
C LYS G 52 -6.15 -74.42 -19.55
N LYS G 53 -6.67 -73.78 -20.59
CA LYS G 53 -7.11 -74.47 -21.79
C LYS G 53 -6.10 -74.23 -22.90
N VAL G 54 -5.62 -75.31 -23.52
CA VAL G 54 -4.66 -75.20 -24.60
C VAL G 54 -5.25 -74.34 -25.71
N ARG G 55 -4.39 -73.57 -26.36
CA ARG G 55 -4.76 -72.74 -27.48
C ARG G 55 -3.73 -72.90 -28.59
N SER G 56 -3.93 -72.16 -29.67
CA SER G 56 -2.99 -72.21 -30.78
C SER G 56 -1.61 -71.78 -30.31
N ARG G 57 -0.58 -72.41 -30.88
CA ARG G 57 0.79 -72.04 -30.56
C ARG G 57 1.11 -70.61 -30.95
N LEU G 58 0.21 -69.95 -31.69
CA LEU G 58 0.47 -68.61 -32.21
C LEU G 58 0.25 -67.52 -31.19
N ILE G 59 -0.23 -67.85 -30.00
CA ILE G 59 -0.56 -66.86 -28.98
C ILE G 59 0.52 -66.84 -27.93
N GLU G 60 0.98 -65.65 -27.57
CA GLU G 60 1.98 -65.52 -26.52
C GLU G 60 1.43 -66.04 -25.20
N GLN G 61 2.18 -66.94 -24.58
CA GLN G 61 1.78 -67.60 -23.35
C GLN G 61 1.88 -66.71 -22.13
N ASN G 62 2.25 -65.44 -22.30
CA ASN G 62 2.33 -64.50 -21.21
C ASN G 62 1.12 -63.57 -21.13
N SER G 63 0.08 -63.82 -21.93
CA SER G 63 -1.16 -63.06 -21.85
C SER G 63 -2.38 -63.95 -21.67
N ILE G 64 -2.24 -65.26 -21.89
CA ILE G 64 -3.35 -66.19 -21.73
C ILE G 64 -3.64 -66.38 -20.25
N GLU G 65 -2.67 -66.08 -19.41
CA GLU G 65 -2.78 -66.30 -17.98
C GLU G 65 -3.94 -65.48 -17.43
N LYS G 66 -4.90 -66.15 -16.78
CA LYS G 66 -6.00 -65.44 -16.16
C LYS G 66 -5.66 -64.97 -14.77
N ILE G 67 -4.62 -65.54 -14.16
CA ILE G 67 -4.18 -65.09 -12.84
C ILE G 67 -3.61 -63.68 -12.97
N GLN G 68 -4.32 -62.71 -12.40
CA GLN G 68 -3.95 -61.31 -12.50
C GLN G 68 -3.67 -60.77 -11.10
N LEU G 69 -2.63 -59.95 -10.99
CA LEU G 69 -2.27 -59.33 -9.72
C LEU G 69 -2.95 -57.99 -9.59
N ILE G 70 -3.44 -57.69 -8.39
CA ILE G 70 -3.94 -56.35 -8.11
C ILE G 70 -2.91 -55.57 -7.31
N ASP G 71 -2.16 -56.26 -6.47
CA ASP G 71 -0.99 -55.71 -5.81
C ASP G 71 -0.09 -56.87 -5.42
N ASP G 72 1.12 -56.55 -4.98
CA ASP G 72 2.08 -57.58 -4.62
C ASP G 72 1.58 -58.46 -3.49
N TYR G 73 0.43 -58.14 -2.89
CA TYR G 73 -0.15 -58.95 -1.83
C TYR G 73 -1.60 -59.31 -2.10
N VAL G 74 -2.12 -59.03 -3.29
CA VAL G 74 -3.48 -59.39 -3.66
C VAL G 74 -3.49 -59.81 -5.12
N ALA G 75 -4.32 -60.80 -5.43
CA ALA G 75 -4.47 -61.29 -6.79
C ALA G 75 -5.93 -61.56 -7.06
N ALA G 76 -6.21 -62.11 -8.24
CA ALA G 76 -7.58 -62.45 -8.61
C ALA G 76 -7.59 -63.22 -9.90
N VAL G 77 -8.73 -63.87 -10.16
CA VAL G 77 -8.99 -64.57 -11.40
C VAL G 77 -10.49 -64.51 -11.65
N THR G 78 -10.85 -64.54 -12.94
CA THR G 78 -12.21 -64.21 -13.35
C THR G 78 -12.74 -65.21 -14.36
N SER G 79 -14.06 -65.25 -14.48
CA SER G 79 -14.74 -66.13 -15.43
C SER G 79 -15.92 -65.40 -16.04
N GLY G 80 -16.08 -65.55 -17.35
CA GLY G 80 -17.20 -64.94 -18.05
C GLY G 80 -16.79 -64.07 -19.22
N LEU G 81 -17.60 -63.06 -19.52
CA LEU G 81 -17.29 -62.15 -20.60
C LEU G 81 -15.91 -61.54 -20.41
N VAL G 82 -14.97 -61.94 -21.27
CA VAL G 82 -13.59 -61.49 -21.11
C VAL G 82 -13.48 -59.98 -21.28
N ALA G 83 -14.38 -59.41 -22.08
CA ALA G 83 -14.31 -57.97 -22.32
C ALA G 83 -14.60 -57.19 -21.05
N ASP G 84 -15.52 -57.68 -20.22
CA ASP G 84 -15.82 -56.99 -18.98
C ASP G 84 -14.82 -57.31 -17.89
N ALA G 85 -14.34 -58.55 -17.85
CA ALA G 85 -13.33 -58.93 -16.86
C ALA G 85 -12.14 -57.99 -16.92
N ARG G 86 -11.65 -57.72 -18.12
CA ARG G 86 -10.50 -56.84 -18.28
C ARG G 86 -10.77 -55.48 -17.66
N VAL G 87 -12.04 -55.11 -17.48
CA VAL G 87 -12.38 -53.78 -17.02
C VAL G 87 -12.36 -53.73 -15.50
N LEU G 88 -13.05 -54.67 -14.86
CA LEU G 88 -13.13 -54.67 -13.40
C LEU G 88 -11.75 -54.81 -12.78
N VAL G 89 -10.92 -55.68 -13.34
CA VAL G 89 -9.56 -55.85 -12.83
C VAL G 89 -8.83 -54.51 -12.86
N ASP G 90 -9.03 -53.73 -13.93
CA ASP G 90 -8.46 -52.39 -13.95
C ASP G 90 -9.16 -51.50 -12.93
N PHE G 91 -10.46 -51.69 -12.73
CA PHE G 91 -11.16 -50.94 -11.70
C PHE G 91 -10.65 -51.31 -10.32
N ALA G 92 -10.34 -52.60 -10.11
CA ALA G 92 -9.77 -53.02 -8.84
C ALA G 92 -8.37 -52.47 -8.65
N ARG G 93 -7.55 -52.50 -9.70
CA ARG G 93 -6.19 -52.02 -9.60
C ARG G 93 -6.16 -50.52 -9.30
N ILE G 94 -7.30 -49.85 -9.50
CA ILE G 94 -7.37 -48.42 -9.24
C ILE G 94 -7.92 -48.16 -7.85
N SER G 95 -8.94 -48.92 -7.46
CA SER G 95 -9.48 -48.78 -6.12
C SER G 95 -8.43 -49.07 -5.06
N ALA G 96 -7.56 -50.04 -5.34
CA ALA G 96 -6.52 -50.38 -4.39
C ALA G 96 -5.58 -49.22 -4.15
N GLN G 97 -5.23 -48.51 -5.22
CA GLN G 97 -4.33 -47.38 -5.08
C GLN G 97 -4.99 -46.21 -4.35
N GLN G 98 -6.31 -46.07 -4.47
CA GLN G 98 -7.00 -45.02 -3.74
C GLN G 98 -6.84 -45.19 -2.25
N GLU G 99 -6.85 -46.44 -1.77
CA GLU G 99 -6.65 -46.69 -0.35
C GLU G 99 -5.24 -46.35 0.07
N LYS G 100 -4.25 -46.93 -0.60
CA LYS G 100 -2.86 -46.64 -0.29
C LYS G 100 -2.62 -45.13 -0.22
N VAL G 101 -3.27 -44.38 -1.11
CA VAL G 101 -3.12 -42.93 -1.09
C VAL G 101 -3.88 -42.34 0.08
N THR G 102 -5.03 -42.92 0.40
CA THR G 102 -5.87 -42.34 1.44
C THR G 102 -5.41 -42.77 2.82
N TYR G 103 -5.00 -44.04 2.97
CA TYR G 103 -4.64 -44.58 4.26
C TYR G 103 -3.17 -44.96 4.35
N GLY G 104 -2.40 -44.79 3.30
CA GLY G 104 -0.98 -45.07 3.34
C GLY G 104 -0.60 -46.51 3.13
N SER G 105 -1.59 -47.41 3.20
CA SER G 105 -1.34 -48.82 3.04
C SER G 105 -2.67 -49.55 2.90
N LEU G 106 -2.74 -50.43 1.91
CA LEU G 106 -3.90 -51.31 1.75
C LEU G 106 -3.99 -52.13 3.03
N VAL G 107 -4.74 -51.60 3.98
CA VAL G 107 -4.78 -52.19 5.31
C VAL G 107 -5.72 -53.39 5.34
N ASN G 108 -6.76 -53.37 4.52
CA ASN G 108 -7.73 -54.45 4.48
C ASN G 108 -8.14 -54.73 3.05
N ILE G 109 -8.67 -55.93 2.84
CA ILE G 109 -9.10 -56.34 1.51
C ILE G 109 -10.58 -56.06 1.31
N GLU G 110 -11.38 -56.23 2.37
CA GLU G 110 -12.81 -56.05 2.25
C GLU G 110 -13.16 -54.62 1.89
N ASN G 111 -12.27 -53.70 2.23
CA ASN G 111 -12.43 -52.27 1.86
C ASN G 111 -12.28 -52.18 0.33
N LEU G 112 -11.69 -53.20 -0.33
CA LEU G 112 -11.50 -53.18 -1.76
C LEU G 112 -12.64 -53.91 -2.47
N VAL G 113 -12.82 -55.19 -2.14
CA VAL G 113 -13.89 -55.97 -2.73
C VAL G 113 -15.20 -55.23 -2.66
N LYS G 114 -15.40 -54.42 -1.62
CA LYS G 114 -16.63 -53.68 -1.47
C LYS G 114 -16.77 -52.61 -2.54
N ARG G 115 -15.69 -51.90 -2.83
CA ARG G 115 -15.76 -50.86 -3.84
C ARG G 115 -16.16 -51.42 -5.20
N VAL G 116 -15.92 -52.71 -5.40
CA VAL G 116 -16.26 -53.34 -6.68
C VAL G 116 -17.74 -53.69 -6.72
N ALA G 117 -18.17 -54.56 -5.81
CA ALA G 117 -19.58 -54.94 -5.75
C ALA G 117 -20.49 -53.73 -5.84
N ASP G 118 -20.08 -52.62 -5.22
CA ASP G 118 -20.87 -51.40 -5.32
C ASP G 118 -20.94 -50.91 -6.76
N GLN G 119 -19.88 -51.16 -7.54
CA GLN G 119 -19.89 -50.75 -8.94
C GLN G 119 -20.73 -51.69 -9.78
N MET G 120 -20.90 -52.93 -9.32
CA MET G 120 -21.64 -53.91 -10.09
C MET G 120 -23.13 -53.85 -9.76
N GLN G 121 -23.47 -53.79 -8.48
CA GLN G 121 -24.88 -53.60 -8.10
C GLN G 121 -25.44 -52.34 -8.73
N GLN G 122 -24.60 -51.34 -8.95
CA GLN G 122 -25.05 -50.11 -9.59
C GLN G 122 -25.69 -50.38 -10.93
N TYR G 123 -25.13 -51.32 -11.69
CA TYR G 123 -25.64 -51.66 -13.01
C TYR G 123 -26.76 -52.67 -12.97
N THR G 124 -27.42 -52.84 -11.82
CA THR G 124 -28.51 -53.78 -11.67
C THR G 124 -29.84 -53.11 -11.36
N GLN G 125 -29.82 -51.92 -10.76
CA GLN G 125 -31.04 -51.24 -10.36
C GLN G 125 -31.40 -50.07 -11.27
N TYR G 126 -30.59 -49.78 -12.27
CA TYR G 126 -30.84 -48.69 -13.20
C TYR G 126 -31.01 -49.24 -14.61
N GLY G 127 -31.92 -48.62 -15.36
CA GLY G 127 -32.18 -49.05 -16.72
C GLY G 127 -31.27 -48.37 -17.73
N GLY G 128 -31.20 -48.98 -18.90
CA GLY G 128 -30.32 -48.51 -19.95
C GLY G 128 -28.90 -49.02 -19.87
N VAL G 129 -28.62 -49.96 -18.98
CA VAL G 129 -27.30 -50.54 -18.81
C VAL G 129 -27.45 -51.99 -18.37
N ARG G 130 -26.61 -52.85 -18.94
CA ARG G 130 -26.64 -54.26 -18.59
C ARG G 130 -25.65 -54.53 -17.46
N PRO G 131 -25.88 -55.57 -16.67
CA PRO G 131 -24.91 -55.92 -15.63
C PRO G 131 -23.60 -56.38 -16.22
N TYR G 132 -22.70 -56.82 -15.34
CA TYR G 132 -21.46 -57.43 -15.75
C TYR G 132 -21.63 -58.95 -15.80
N GLY G 133 -21.12 -59.56 -16.86
CA GLY G 133 -21.24 -60.99 -17.02
C GLY G 133 -20.04 -61.75 -16.50
N VAL G 134 -19.71 -61.58 -15.23
CA VAL G 134 -18.52 -62.19 -14.65
C VAL G 134 -18.69 -62.30 -13.15
N SER G 135 -18.07 -63.34 -12.59
CA SER G 135 -17.79 -63.43 -11.17
C SER G 135 -16.28 -63.59 -11.02
N LEU G 136 -15.78 -63.24 -9.84
CA LEU G 136 -14.34 -63.19 -9.63
C LEU G 136 -13.96 -63.90 -8.35
N ILE G 137 -12.65 -64.09 -8.20
CA ILE G 137 -12.04 -64.54 -6.96
C ILE G 137 -10.99 -63.53 -6.56
N PHE G 138 -10.88 -63.29 -5.26
CA PHE G 138 -9.86 -62.40 -4.71
C PHE G 138 -9.12 -63.15 -3.61
N ALA G 139 -7.81 -62.93 -3.56
CA ALA G 139 -6.98 -63.56 -2.54
C ALA G 139 -5.82 -62.62 -2.21
N GLY G 140 -5.25 -62.81 -1.03
CA GLY G 140 -4.15 -61.98 -0.62
C GLY G 140 -4.02 -61.97 0.89
N ILE G 141 -3.03 -61.20 1.34
CA ILE G 141 -2.68 -61.10 2.74
C ILE G 141 -2.97 -59.68 3.22
N ASP G 142 -3.59 -59.58 4.39
CA ASP G 142 -3.79 -58.29 5.03
C ASP G 142 -3.32 -58.35 6.48
N GLN G 143 -3.58 -57.27 7.22
CA GLN G 143 -3.23 -57.19 8.66
C GLN G 143 -3.80 -58.42 9.36
N ILE G 144 -5.01 -58.84 9.00
CA ILE G 144 -5.63 -60.02 9.58
C ILE G 144 -4.84 -61.26 9.21
N GLY G 145 -4.70 -61.52 7.91
CA GLY G 145 -4.03 -62.70 7.43
C GLY G 145 -4.54 -63.13 6.08
N PRO G 146 -4.45 -64.43 5.80
CA PRO G 146 -4.95 -64.92 4.52
C PRO G 146 -6.45 -64.72 4.39
N ARG G 147 -6.85 -64.22 3.22
CA ARG G 147 -8.24 -63.97 2.91
C ARG G 147 -8.60 -64.64 1.59
N LEU G 148 -9.89 -64.66 1.31
CA LEU G 148 -10.39 -65.29 0.09
C LEU G 148 -11.87 -64.95 -0.06
N PHE G 149 -12.23 -64.33 -1.17
CA PHE G 149 -13.57 -63.83 -1.38
C PHE G 149 -14.08 -64.25 -2.76
N ASP G 150 -15.30 -63.81 -3.06
CA ASP G 150 -15.94 -64.05 -4.34
C ASP G 150 -17.03 -63.01 -4.52
N CYS G 151 -17.35 -62.72 -5.78
CA CYS G 151 -18.32 -61.68 -6.10
C CYS G 151 -19.14 -62.11 -7.30
N ASP G 152 -20.46 -62.10 -7.14
CA ASP G 152 -21.38 -62.44 -8.24
C ASP G 152 -21.73 -61.15 -8.97
N PRO G 153 -22.39 -61.22 -10.14
CA PRO G 153 -22.66 -60.04 -10.97
C PRO G 153 -23.44 -58.94 -10.26
N ALA G 154 -24.17 -59.26 -9.19
CA ALA G 154 -24.99 -58.27 -8.51
C ALA G 154 -24.29 -57.61 -7.34
N GLY G 155 -23.20 -58.20 -6.84
CA GLY G 155 -22.49 -57.65 -5.71
C GLY G 155 -22.51 -58.51 -4.47
N THR G 156 -23.08 -59.70 -4.54
CA THR G 156 -23.10 -60.59 -3.39
C THR G 156 -21.68 -60.97 -3.00
N ILE G 157 -21.32 -60.68 -1.75
CA ILE G 157 -20.00 -60.96 -1.22
C ILE G 157 -20.12 -62.09 -0.21
N ASN G 158 -19.09 -62.93 -0.15
CA ASN G 158 -19.01 -64.01 0.80
C ASN G 158 -17.56 -64.42 0.94
N GLU G 159 -17.12 -64.62 2.18
CA GLU G 159 -15.74 -65.01 2.46
C GLU G 159 -15.70 -66.50 2.76
N TYR G 160 -14.79 -67.21 2.11
CA TYR G 160 -14.75 -68.66 2.14
C TYR G 160 -13.39 -69.14 2.62
N LYS G 161 -13.35 -70.39 3.07
CA LYS G 161 -12.09 -71.10 3.23
C LYS G 161 -11.65 -71.75 1.92
N ALA G 162 -12.57 -71.88 0.97
CA ALA G 162 -12.26 -72.41 -0.35
C ALA G 162 -13.48 -72.19 -1.24
N THR G 163 -13.23 -72.18 -2.54
CA THR G 163 -14.28 -71.85 -3.50
C THR G 163 -13.79 -72.18 -4.90
N ALA G 164 -14.75 -72.31 -5.81
CA ALA G 164 -14.45 -72.57 -7.21
C ALA G 164 -15.26 -71.61 -8.06
N ILE G 165 -15.01 -71.66 -9.37
CA ILE G 165 -15.62 -70.74 -10.31
C ILE G 165 -15.47 -71.33 -11.71
N GLY G 166 -16.43 -71.04 -12.57
CA GLY G 166 -16.40 -71.48 -13.94
C GLY G 166 -17.53 -72.43 -14.28
N SER G 167 -17.17 -73.48 -15.01
CA SER G 167 -18.17 -74.46 -15.44
C SER G 167 -18.23 -75.63 -14.47
N GLY G 168 -17.07 -76.12 -14.03
CA GLY G 168 -17.02 -77.23 -13.11
C GLY G 168 -17.15 -76.80 -11.67
N LYS G 169 -17.83 -75.67 -11.45
CA LYS G 169 -17.93 -75.11 -10.12
C LYS G 169 -18.58 -76.10 -9.15
N ASP G 170 -19.84 -76.45 -9.40
CA ASP G 170 -20.56 -77.34 -8.48
C ASP G 170 -19.82 -78.66 -8.31
N ALA G 171 -19.23 -79.18 -9.38
CA ALA G 171 -18.51 -80.44 -9.29
C ALA G 171 -17.34 -80.33 -8.31
N VAL G 172 -16.74 -79.15 -8.21
CA VAL G 172 -15.58 -78.98 -7.36
C VAL G 172 -15.99 -78.87 -5.90
N VAL G 173 -16.85 -77.89 -5.60
CA VAL G 173 -17.31 -77.69 -4.24
C VAL G 173 -17.80 -79.00 -3.64
N SER G 174 -18.44 -79.83 -4.47
CA SER G 174 -18.82 -81.17 -4.01
C SER G 174 -17.61 -81.93 -3.51
N PHE G 175 -16.69 -82.26 -4.41
CA PHE G 175 -15.45 -82.91 -4.03
C PHE G 175 -14.79 -82.19 -2.86
N LEU G 176 -14.60 -80.88 -3.00
CA LEU G 176 -13.85 -80.11 -2.02
C LEU G 176 -14.54 -80.03 -0.67
N GLU G 177 -15.86 -79.98 -0.63
CA GLU G 177 -16.58 -79.96 0.63
C GLU G 177 -16.36 -81.22 1.44
N ARG G 178 -15.87 -82.29 0.82
CA ARG G 178 -15.65 -83.56 1.51
C ARG G 178 -14.22 -83.74 1.97
N GLU G 179 -13.23 -83.35 1.16
CA GLU G 179 -11.84 -83.69 1.41
C GLU G 179 -11.00 -82.49 1.84
N TYR G 180 -11.60 -81.33 2.03
CA TYR G 180 -10.83 -80.15 2.40
C TYR G 180 -10.38 -80.24 3.86
N LYS G 181 -9.19 -79.73 4.12
CA LYS G 181 -8.63 -79.69 5.47
C LYS G 181 -7.94 -78.35 5.67
N GLU G 182 -7.97 -77.88 6.91
CA GLU G 182 -7.44 -76.57 7.25
C GLU G 182 -5.99 -76.66 7.72
N ASN G 183 -5.30 -75.53 7.63
CA ASN G 183 -3.93 -75.41 8.11
C ASN G 183 -3.05 -76.52 7.56
N LEU G 184 -3.07 -76.67 6.26
CA LEU G 184 -2.24 -77.66 5.60
C LEU G 184 -0.96 -77.03 5.08
N PRO G 185 0.03 -77.85 4.76
CA PRO G 185 1.22 -77.32 4.07
C PRO G 185 0.86 -76.84 2.68
N GLU G 186 1.85 -76.25 2.00
CA GLU G 186 1.62 -75.69 0.69
C GLU G 186 1.33 -76.79 -0.33
N LYS G 187 2.34 -77.57 -0.70
CA LYS G 187 2.16 -78.57 -1.74
C LYS G 187 1.11 -79.60 -1.36
N GLU G 188 0.99 -79.93 -0.08
CA GLU G 188 -0.04 -80.85 0.35
C GLU G 188 -1.43 -80.37 -0.05
N ALA G 189 -1.64 -79.06 -0.08
CA ALA G 189 -2.92 -78.50 -0.49
C ALA G 189 -3.06 -78.40 -2.00
N VAL G 190 -1.96 -78.16 -2.71
CA VAL G 190 -2.01 -78.07 -4.16
C VAL G 190 -2.47 -79.40 -4.75
N THR G 191 -1.78 -80.48 -4.39
CA THR G 191 -2.17 -81.81 -4.88
C THR G 191 -3.63 -82.09 -4.60
N LEU G 192 -4.15 -81.55 -3.50
CA LEU G 192 -5.58 -81.67 -3.23
C LEU G 192 -6.40 -80.86 -4.22
N GLY G 193 -5.92 -79.66 -4.56
CA GLY G 193 -6.69 -78.80 -5.45
C GLY G 193 -6.78 -79.35 -6.86
N ILE G 194 -5.63 -79.66 -7.47
CA ILE G 194 -5.63 -80.25 -8.81
C ILE G 194 -6.55 -81.45 -8.87
N LYS G 195 -6.70 -82.14 -7.74
CA LYS G 195 -7.57 -83.31 -7.71
C LYS G 195 -9.03 -82.93 -7.85
N ALA G 196 -9.51 -82.03 -6.99
CA ALA G 196 -10.88 -81.54 -7.12
C ALA G 196 -11.13 -80.98 -8.51
N LEU G 197 -10.11 -80.31 -9.07
CA LEU G 197 -10.21 -79.89 -10.47
C LEU G 197 -10.30 -81.09 -11.39
N LYS G 198 -9.36 -82.03 -11.24
CA LYS G 198 -9.41 -83.27 -12.00
C LYS G 198 -10.78 -83.93 -11.92
N SER G 199 -11.48 -83.77 -10.79
CA SER G 199 -12.79 -84.37 -10.65
C SER G 199 -13.79 -83.78 -11.64
N SER G 200 -14.00 -82.47 -11.59
CA SER G 200 -14.97 -81.83 -12.46
C SER G 200 -14.63 -82.02 -13.93
N LEU G 201 -13.40 -82.37 -14.25
CA LEU G 201 -13.00 -82.52 -15.64
C LEU G 201 -13.73 -83.68 -16.28
N GLU G 202 -14.08 -83.51 -17.55
CA GLU G 202 -14.63 -84.61 -18.33
C GLU G 202 -13.55 -85.66 -18.59
N GLU G 203 -13.98 -86.92 -18.68
CA GLU G 203 -13.03 -88.01 -18.83
C GLU G 203 -12.18 -87.82 -20.08
N GLY G 204 -12.76 -87.27 -21.14
CA GLY G 204 -12.03 -87.14 -22.39
C GLY G 204 -10.88 -86.16 -22.30
N GLU G 205 -10.90 -85.28 -21.30
CA GLU G 205 -9.88 -84.25 -21.17
C GLU G 205 -8.98 -84.55 -19.98
N GLU G 206 -7.85 -83.85 -19.92
CA GLU G 206 -6.91 -83.95 -18.80
C GLU G 206 -6.52 -82.53 -18.38
N LEU G 207 -5.37 -82.42 -17.74
CA LEU G 207 -4.90 -81.13 -17.23
C LEU G 207 -3.74 -80.64 -18.09
N LYS G 208 -3.79 -79.36 -18.47
CA LYS G 208 -2.87 -78.82 -19.48
C LYS G 208 -2.13 -77.61 -18.90
N ALA G 209 -1.15 -77.91 -18.06
CA ALA G 209 -0.29 -76.87 -17.49
C ALA G 209 -1.13 -75.77 -16.88
N PRO G 210 -1.94 -76.08 -15.87
CA PRO G 210 -2.78 -75.05 -15.26
C PRO G 210 -1.96 -73.96 -14.60
N GLU G 211 -2.63 -72.83 -14.34
CA GLU G 211 -2.01 -71.72 -13.64
C GLU G 211 -2.14 -71.93 -12.14
N ILE G 212 -1.10 -71.58 -11.41
CA ILE G 212 -1.13 -71.59 -9.95
C ILE G 212 -0.40 -70.35 -9.45
N ALA G 213 -0.82 -69.87 -8.28
CA ALA G 213 -0.24 -68.68 -7.67
C ALA G 213 -0.55 -68.72 -6.19
N SER G 214 0.49 -68.85 -5.37
CA SER G 214 0.34 -68.93 -3.94
C SER G 214 1.00 -67.74 -3.28
N ILE G 215 0.93 -67.72 -1.96
CA ILE G 215 1.54 -66.65 -1.18
C ILE G 215 1.57 -67.10 0.28
N THR G 216 2.43 -66.46 1.06
CA THR G 216 2.59 -66.77 2.46
C THR G 216 2.91 -65.49 3.22
N VAL G 217 2.58 -65.50 4.51
CA VAL G 217 2.75 -64.30 5.32
C VAL G 217 4.18 -63.80 5.24
N GLY G 218 4.36 -62.50 5.40
CA GLY G 218 5.66 -61.89 5.31
C GLY G 218 6.33 -61.98 3.96
N ASN G 219 5.62 -62.45 2.95
CA ASN G 219 6.19 -62.65 1.63
C ASN G 219 5.30 -61.97 0.59
N LYS G 220 5.57 -62.27 -0.67
CA LYS G 220 4.79 -61.80 -1.80
C LYS G 220 4.32 -62.99 -2.62
N TYR G 221 3.54 -62.70 -3.65
CA TYR G 221 3.01 -63.76 -4.48
C TYR G 221 4.12 -64.43 -5.27
N ARG G 222 3.85 -65.65 -5.70
CA ARG G 222 4.82 -66.46 -6.43
C ARG G 222 4.09 -67.20 -7.54
N ILE G 223 4.36 -66.82 -8.78
CA ILE G 223 3.82 -67.51 -9.94
C ILE G 223 4.91 -68.49 -10.41
N TYR G 224 4.83 -69.72 -9.91
CA TYR G 224 5.86 -70.68 -10.28
C TYR G 224 5.52 -71.30 -11.63
N ASP G 225 6.58 -71.66 -12.36
CA ASP G 225 6.45 -71.97 -13.77
C ASP G 225 5.85 -73.36 -13.99
N GLN G 226 5.39 -73.57 -15.22
CA GLN G 226 4.83 -74.86 -15.61
C GLN G 226 5.74 -76.03 -15.25
N GLU G 227 7.05 -75.81 -15.21
CA GLU G 227 7.97 -76.87 -14.83
C GLU G 227 7.55 -77.51 -13.51
N GLU G 228 7.47 -76.70 -12.46
CA GLU G 228 7.02 -77.20 -11.16
C GLU G 228 5.57 -77.65 -11.17
N VAL G 229 4.79 -77.21 -12.16
CA VAL G 229 3.38 -77.60 -12.22
C VAL G 229 3.25 -79.08 -12.52
N LYS G 230 4.13 -79.62 -13.37
CA LYS G 230 4.08 -81.04 -13.69
C LYS G 230 4.10 -81.88 -12.43
N LYS G 231 4.76 -81.39 -11.38
CA LYS G 231 4.96 -82.14 -10.17
C LYS G 231 3.74 -82.07 -9.27
N THR H 9 -23.32 -3.67 23.58
CA THR H 9 -24.24 -4.77 23.92
C THR H 9 -23.74 -5.50 25.15
N THR H 10 -24.65 -6.11 25.89
CA THR H 10 -24.28 -6.85 27.09
C THR H 10 -25.30 -7.95 27.33
N THR H 11 -24.85 -9.21 27.24
CA THR H 11 -25.71 -10.37 27.52
C THR H 11 -25.04 -11.17 28.64
N VAL H 12 -25.79 -11.99 29.35
CA VAL H 12 -25.28 -12.81 30.45
C VAL H 12 -26.20 -14.01 30.62
N GLY H 13 -25.58 -15.15 30.90
CA GLY H 13 -26.31 -16.36 31.21
C GLY H 13 -25.58 -17.18 32.25
N ILE H 14 -26.28 -17.59 33.29
CA ILE H 14 -25.68 -18.37 34.36
C ILE H 14 -26.41 -19.69 34.50
N THR H 15 -26.00 -20.44 35.51
CA THR H 15 -26.49 -21.78 35.76
C THR H 15 -26.53 -22.04 37.25
N LEU H 16 -27.64 -22.60 37.71
CA LEU H 16 -27.79 -22.96 39.11
C LEU H 16 -28.07 -24.45 39.24
N LYS H 17 -28.67 -24.85 40.37
CA LYS H 17 -28.90 -26.26 40.62
C LYS H 17 -29.93 -26.83 39.65
N ASP H 18 -31.11 -26.22 39.60
CA ASP H 18 -32.19 -26.71 38.77
C ASP H 18 -32.82 -25.60 37.95
N ALA H 19 -32.02 -24.61 37.55
CA ALA H 19 -32.55 -23.48 36.81
C ALA H 19 -31.48 -22.87 35.93
N VAL H 20 -31.92 -22.03 35.01
CA VAL H 20 -31.05 -21.23 34.16
C VAL H 20 -31.61 -19.84 34.10
N ILE H 21 -30.72 -18.85 34.01
CA ILE H 21 -31.10 -17.45 34.03
C ILE H 21 -30.30 -16.72 32.96
N MET H 22 -31.00 -15.92 32.18
CA MET H 22 -30.41 -15.18 31.08
C MET H 22 -30.97 -13.77 31.09
N ALA H 23 -30.15 -12.80 30.69
CA ALA H 23 -30.55 -11.41 30.76
C ALA H 23 -29.77 -10.61 29.73
N THR H 24 -30.36 -9.48 29.35
CA THR H 24 -29.74 -8.57 28.40
C THR H 24 -30.19 -7.14 28.71
N GLU H 25 -29.61 -6.22 27.97
CA GLU H 25 -30.13 -4.88 27.85
C GLU H 25 -30.77 -4.74 26.47
N ARG H 26 -31.27 -3.54 26.18
CA ARG H 26 -32.09 -3.34 25.00
C ARG H 26 -31.55 -2.30 24.04
N ARG H 27 -30.51 -1.58 24.39
CA ARG H 27 -30.02 -0.50 23.55
C ARG H 27 -29.44 -1.05 22.26
N VAL H 28 -29.73 -0.37 21.15
CA VAL H 28 -29.20 -0.70 19.85
C VAL H 28 -28.54 0.55 19.29
N THR H 29 -27.53 0.37 18.46
CA THR H 29 -26.75 1.47 17.93
C THR H 29 -26.52 1.25 16.44
N MET H 30 -27.13 2.10 15.62
CA MET H 30 -26.92 2.09 14.19
C MET H 30 -26.53 3.49 13.75
N GLU H 31 -25.58 3.56 12.83
CA GLU H 31 -25.09 4.83 12.30
C GLU H 31 -24.29 5.60 13.33
N ASN H 32 -23.74 4.90 14.32
CA ASN H 32 -22.83 5.48 15.30
C ASN H 32 -23.55 6.40 16.27
N PHE H 33 -24.81 6.11 16.52
CA PHE H 33 -25.55 6.83 17.55
C PHE H 33 -26.70 5.96 18.01
N ILE H 34 -27.35 6.40 19.09
CA ILE H 34 -28.39 5.62 19.74
C ILE H 34 -29.67 5.80 18.94
N MET H 35 -29.97 4.81 18.09
CA MET H 35 -31.14 4.87 17.23
C MET H 35 -32.35 4.20 17.83
N HIS H 36 -32.15 3.20 18.68
CA HIS H 36 -33.24 2.49 19.31
C HIS H 36 -32.88 2.18 20.75
N LYS H 37 -33.88 2.30 21.63
CA LYS H 37 -33.68 2.07 23.05
C LYS H 37 -34.33 0.80 23.55
N ASN H 38 -35.37 0.30 22.88
CA ASN H 38 -36.08 -0.88 23.34
C ASN H 38 -35.94 -2.02 22.34
N GLY H 39 -34.72 -2.28 21.90
CA GLY H 39 -34.47 -3.41 21.05
C GLY H 39 -34.75 -4.72 21.76
N LYS H 40 -34.46 -5.81 21.07
CA LYS H 40 -34.65 -7.15 21.60
C LYS H 40 -33.45 -8.01 21.26
N LYS H 41 -32.94 -8.73 22.25
CA LYS H 41 -31.78 -9.58 22.08
C LYS H 41 -31.90 -10.92 22.78
N LEU H 42 -32.99 -11.17 23.48
CA LEU H 42 -33.21 -12.42 24.20
C LEU H 42 -34.44 -13.10 23.63
N PHE H 43 -34.27 -14.35 23.20
CA PHE H 43 -35.30 -15.07 22.48
C PHE H 43 -35.53 -16.44 23.07
N GLN H 44 -36.76 -16.91 22.95
CA GLN H 44 -37.13 -18.28 23.27
C GLN H 44 -37.21 -19.06 21.98
N ILE H 45 -36.30 -20.02 21.82
CA ILE H 45 -36.23 -20.84 20.62
C ILE H 45 -36.81 -22.23 20.84
N ASP H 46 -37.12 -22.55 22.08
CA ASP H 46 -37.67 -23.88 22.42
C ASP H 46 -38.41 -23.77 23.74
N THR H 47 -39.07 -24.84 24.16
CA THR H 47 -39.87 -24.84 25.37
C THR H 47 -39.01 -24.66 26.61
N TYR H 48 -37.81 -25.23 26.61
CA TYR H 48 -36.89 -25.14 27.73
C TYR H 48 -35.54 -24.63 27.27
N THR H 49 -35.55 -23.68 26.34
CA THR H 49 -34.32 -23.23 25.70
C THR H 49 -34.45 -21.78 25.29
N GLY H 50 -33.35 -21.04 25.42
CA GLY H 50 -33.31 -19.64 25.05
C GLY H 50 -31.96 -19.30 24.46
N MET H 51 -31.89 -18.12 23.86
CA MET H 51 -30.68 -17.67 23.20
C MET H 51 -30.55 -16.16 23.31
N THR H 52 -29.31 -15.71 23.35
CA THR H 52 -28.97 -14.29 23.26
C THR H 52 -28.09 -14.06 22.05
N ILE H 53 -27.95 -12.79 21.68
CA ILE H 53 -27.20 -12.41 20.49
C ILE H 53 -26.43 -11.13 20.79
N ALA H 54 -25.32 -10.96 20.09
CA ALA H 54 -24.53 -9.75 20.16
C ALA H 54 -23.74 -9.61 18.88
N GLY H 55 -23.78 -8.42 18.29
CA GLY H 55 -23.09 -8.15 17.04
C GLY H 55 -24.04 -7.64 15.99
N LEU H 56 -23.76 -8.00 14.74
CA LEU H 56 -24.58 -7.53 13.63
C LEU H 56 -26.01 -8.03 13.80
N VAL H 57 -26.94 -7.09 13.80
CA VAL H 57 -28.33 -7.41 14.08
C VAL H 57 -28.91 -8.32 13.01
N GLY H 58 -28.69 -7.98 11.75
CA GLY H 58 -29.27 -8.76 10.67
C GLY H 58 -28.84 -10.20 10.70
N ASP H 59 -27.53 -10.43 10.82
CA ASP H 59 -27.02 -11.79 10.83
C ASP H 59 -27.59 -12.57 12.00
N ALA H 60 -27.91 -11.89 13.10
CA ALA H 60 -28.42 -12.58 14.28
C ALA H 60 -29.89 -12.91 14.12
N GLN H 61 -30.71 -11.94 13.71
CA GLN H 61 -32.13 -12.19 13.52
C GLN H 61 -32.34 -13.37 12.58
N VAL H 62 -31.54 -13.46 11.52
CA VAL H 62 -31.65 -14.58 10.60
C VAL H 62 -31.53 -15.90 11.35
N LEU H 63 -30.42 -16.09 12.05
CA LEU H 63 -30.20 -17.33 12.78
C LEU H 63 -31.38 -17.67 13.67
N VAL H 64 -31.83 -16.72 14.48
CA VAL H 64 -32.95 -16.98 15.39
C VAL H 64 -34.12 -17.57 14.64
N ARG H 65 -34.29 -17.19 13.37
CA ARG H 65 -35.38 -17.76 12.58
C ARG H 65 -35.05 -19.17 12.14
N TYR H 66 -33.81 -19.42 11.75
CA TYR H 66 -33.40 -20.78 11.38
C TYR H 66 -33.56 -21.72 12.57
N MET H 67 -33.07 -21.30 13.73
CA MET H 67 -33.08 -22.19 14.89
C MET H 67 -34.50 -22.50 15.34
N LYS H 68 -35.35 -21.46 15.45
CA LYS H 68 -36.73 -21.69 15.83
C LYS H 68 -37.38 -22.72 14.94
N ALA H 69 -36.97 -22.79 13.68
CA ALA H 69 -37.58 -23.72 12.75
C ALA H 69 -37.04 -25.13 12.94
N GLU H 70 -35.71 -25.26 12.97
CA GLU H 70 -35.11 -26.58 13.11
C GLU H 70 -35.56 -27.26 14.40
N LEU H 71 -35.87 -26.48 15.43
CA LEU H 71 -36.21 -27.07 16.72
C LEU H 71 -37.70 -27.34 16.82
N GLU H 72 -38.53 -26.56 16.13
CA GLU H 72 -39.96 -26.83 16.13
C GLU H 72 -40.27 -28.00 15.21
N LEU H 73 -39.48 -28.16 14.15
CA LEU H 73 -39.60 -29.33 13.31
C LEU H 73 -39.29 -30.61 14.09
N TYR H 74 -38.07 -30.70 14.62
CA TYR H 74 -37.68 -31.83 15.46
C TYR H 74 -38.77 -32.17 16.47
N ARG H 75 -39.25 -31.15 17.19
CA ARG H 75 -40.19 -31.41 18.27
C ARG H 75 -41.47 -32.05 17.76
N LEU H 76 -41.85 -31.77 16.52
CA LEU H 76 -43.09 -32.30 15.99
C LEU H 76 -42.89 -33.69 15.41
N GLN H 77 -41.81 -33.88 14.65
CA GLN H 77 -41.52 -35.19 14.09
C GLN H 77 -41.20 -36.19 15.19
N ARG H 78 -40.22 -35.87 16.05
CA ARG H 78 -39.72 -36.83 17.09
C ARG H 78 -40.55 -36.74 18.38
N ARG H 79 -41.33 -35.68 18.60
CA ARG H 79 -42.24 -35.58 19.72
C ARG H 79 -41.56 -35.20 21.03
N VAL H 80 -40.29 -34.82 20.99
CA VAL H 80 -39.58 -34.37 22.19
C VAL H 80 -38.56 -33.31 21.79
N ASN H 81 -38.07 -32.60 22.79
CA ASN H 81 -37.17 -31.47 22.58
C ASN H 81 -35.74 -31.94 22.41
N MET H 82 -35.02 -31.25 21.55
CA MET H 82 -33.62 -31.55 21.35
C MET H 82 -32.81 -31.18 22.59
N PRO H 83 -31.80 -31.95 22.95
CA PRO H 83 -30.91 -31.55 24.04
C PRO H 83 -30.21 -30.24 23.72
N ILE H 84 -29.37 -29.81 24.65
CA ILE H 84 -28.72 -28.52 24.51
C ILE H 84 -27.35 -28.68 23.85
N GLU H 85 -26.63 -29.73 24.21
CA GLU H 85 -25.35 -30.00 23.56
C GLU H 85 -25.51 -30.10 22.06
N ALA H 86 -26.66 -30.62 21.61
CA ALA H 86 -26.89 -30.78 20.19
C ALA H 86 -27.23 -29.46 19.52
N VAL H 87 -28.00 -28.62 20.18
CA VAL H 87 -28.31 -27.29 19.65
C VAL H 87 -27.03 -26.54 19.36
N ALA H 88 -26.12 -26.51 20.32
CA ALA H 88 -24.86 -25.80 20.14
C ALA H 88 -24.04 -26.43 19.03
N THR H 89 -24.05 -27.76 18.94
CA THR H 89 -23.31 -28.43 17.88
C THR H 89 -23.88 -28.08 16.51
N LEU H 90 -25.20 -28.05 16.40
CA LEU H 90 -25.83 -27.69 15.15
C LEU H 90 -25.38 -26.32 14.67
N LEU H 91 -25.39 -25.33 15.56
CA LEU H 91 -24.89 -24.02 15.22
C LEU H 91 -23.43 -24.06 14.84
N SER H 92 -22.60 -24.66 15.69
CA SER H 92 -21.16 -24.72 15.44
C SER H 92 -20.87 -25.12 14.00
N ASN H 93 -21.65 -26.05 13.45
CA ASN H 93 -21.45 -26.46 12.08
C ASN H 93 -22.00 -25.44 11.10
N MET H 94 -23.12 -24.82 11.43
CA MET H 94 -23.74 -23.87 10.52
C MET H 94 -22.89 -22.61 10.38
N LEU H 95 -21.97 -22.38 11.32
CA LEU H 95 -21.13 -21.20 11.25
C LEU H 95 -19.76 -21.52 10.67
N ASN H 96 -19.15 -22.62 11.10
CA ASN H 96 -17.87 -23.02 10.55
C ASN H 96 -17.94 -23.22 9.05
N GLN H 97 -19.11 -23.61 8.55
N GLN H 97 -19.11 -23.61 8.55
CA GLN H 97 -19.27 -23.85 7.12
CA GLN H 97 -19.27 -23.85 7.12
C GLN H 97 -19.12 -22.58 6.29
C GLN H 97 -19.12 -22.58 6.29
N VAL H 98 -19.16 -21.40 6.92
CA VAL H 98 -19.03 -20.15 6.21
C VAL H 98 -18.05 -19.25 6.94
N LYS H 99 -17.00 -19.85 7.50
CA LYS H 99 -16.07 -19.09 8.32
C LYS H 99 -15.29 -18.07 7.51
N TYR H 100 -15.39 -18.12 6.19
CA TYR H 100 -14.73 -17.14 5.33
C TYR H 100 -15.71 -16.15 4.71
N MET H 101 -17.01 -16.40 4.84
CA MET H 101 -18.05 -15.41 4.54
C MET H 101 -19.03 -15.40 5.70
N PRO H 102 -18.56 -15.05 6.89
CA PRO H 102 -19.20 -15.49 8.13
C PRO H 102 -20.25 -14.55 8.68
N TYR H 103 -20.97 -15.05 9.69
CA TYR H 103 -21.81 -14.24 10.53
C TYR H 103 -20.95 -13.61 11.62
N MET H 104 -21.11 -12.30 11.83
CA MET H 104 -20.33 -11.57 12.82
C MET H 104 -21.18 -11.40 14.09
N VAL H 105 -21.18 -12.45 14.90
CA VAL H 105 -22.02 -12.52 16.08
C VAL H 105 -21.31 -13.27 17.19
N GLN H 106 -21.84 -13.10 18.40
CA GLN H 106 -21.48 -13.90 19.56
C GLN H 106 -22.77 -14.33 20.24
N LEU H 107 -22.85 -15.60 20.59
CA LEU H 107 -24.10 -16.20 21.03
C LEU H 107 -23.93 -16.91 22.36
N LEU H 108 -25.06 -17.04 23.05
CA LEU H 108 -25.18 -17.86 24.25
C LEU H 108 -26.41 -18.73 24.12
N VAL H 109 -26.29 -19.97 24.54
CA VAL H 109 -27.38 -20.92 24.50
C VAL H 109 -27.57 -21.50 25.89
N GLY H 110 -28.80 -21.50 26.37
CA GLY H 110 -29.10 -22.00 27.69
C GLY H 110 -30.44 -22.69 27.71
N GLY H 111 -30.52 -23.75 28.49
CA GLY H 111 -31.74 -24.51 28.56
C GLY H 111 -31.67 -25.57 29.64
N ILE H 112 -32.64 -26.47 29.59
CA ILE H 112 -32.78 -27.55 30.55
C ILE H 112 -33.07 -28.82 29.78
N ASP H 113 -32.38 -29.90 30.13
CA ASP H 113 -32.74 -31.23 29.69
C ASP H 113 -32.87 -32.18 30.87
N THR H 114 -31.84 -32.96 31.18
CA THR H 114 -31.78 -33.67 32.44
C THR H 114 -31.13 -32.78 33.49
N ALA H 115 -30.40 -31.77 33.03
CA ALA H 115 -29.73 -30.82 33.89
C ALA H 115 -29.58 -29.50 33.17
N PRO H 116 -29.21 -28.45 33.88
CA PRO H 116 -28.98 -27.16 33.23
C PRO H 116 -27.69 -27.15 32.44
N HIS H 117 -27.65 -26.31 31.40
CA HIS H 117 -26.47 -26.19 30.57
C HIS H 117 -26.44 -24.80 29.96
N VAL H 118 -25.24 -24.26 29.82
CA VAL H 118 -25.01 -22.98 29.16
C VAL H 118 -23.83 -23.13 28.23
N PHE H 119 -23.95 -22.60 27.03
CA PHE H 119 -22.91 -22.70 26.02
C PHE H 119 -22.62 -21.33 25.43
N SER H 120 -21.33 -21.06 25.19
CA SER H 120 -20.88 -19.89 24.48
C SER H 120 -20.41 -20.32 23.10
N ILE H 121 -20.68 -19.47 22.10
CA ILE H 121 -20.44 -19.82 20.71
C ILE H 121 -19.90 -18.60 19.99
N ASP H 122 -18.86 -18.80 19.19
CA ASP H 122 -18.23 -17.72 18.46
C ASP H 122 -18.61 -17.79 16.99
N ALA H 123 -18.06 -16.85 16.21
CA ALA H 123 -18.42 -16.74 14.81
C ALA H 123 -17.87 -17.89 13.99
N ALA H 124 -16.77 -18.49 14.42
CA ALA H 124 -16.14 -19.56 13.67
C ALA H 124 -16.70 -20.93 13.99
N GLY H 125 -17.51 -21.06 15.04
CA GLY H 125 -18.13 -22.31 15.39
C GLY H 125 -17.70 -22.89 16.71
N GLY H 126 -16.80 -22.22 17.43
CA GLY H 126 -16.33 -22.77 18.69
C GLY H 126 -17.41 -22.74 19.75
N SER H 127 -17.69 -23.89 20.33
CA SER H 127 -18.71 -24.03 21.35
C SER H 127 -18.07 -24.56 22.63
N VAL H 128 -18.37 -23.91 23.75
CA VAL H 128 -17.81 -24.29 25.03
C VAL H 128 -18.90 -24.18 26.09
N GLU H 129 -18.98 -25.19 26.95
CA GLU H 129 -19.92 -25.21 28.06
C GLU H 129 -19.28 -24.59 29.29
N ASP H 130 -20.07 -23.85 30.05
CA ASP H 130 -19.57 -23.14 31.24
C ASP H 130 -20.73 -22.93 32.20
N ILE H 131 -20.44 -22.56 33.45
CA ILE H 131 -21.46 -22.34 34.45
C ILE H 131 -22.02 -20.93 34.32
N TYR H 132 -21.23 -20.00 33.81
CA TYR H 132 -21.73 -18.68 33.50
C TYR H 132 -20.86 -18.06 32.43
N ALA H 133 -21.47 -17.17 31.65
CA ALA H 133 -20.78 -16.53 30.54
C ALA H 133 -21.46 -15.20 30.24
N SER H 134 -20.83 -14.43 29.37
CA SER H 134 -21.33 -13.13 28.99
C SER H 134 -20.72 -12.72 27.67
N THR H 135 -21.48 -11.94 26.92
CA THR H 135 -21.01 -11.46 25.60
C THR H 135 -21.25 -9.96 25.53
N GLY H 136 -20.63 -9.30 24.58
CA GLY H 136 -20.81 -7.89 24.31
C GLY H 136 -19.67 -7.05 24.85
N SER H 137 -19.74 -5.76 24.53
CA SER H 137 -18.71 -4.84 24.96
C SER H 137 -18.69 -4.69 26.48
N GLY H 138 -19.79 -4.98 27.14
CA GLY H 138 -19.88 -4.92 28.59
C GLY H 138 -19.60 -6.21 29.29
N SER H 139 -19.19 -7.24 28.55
CA SER H 139 -18.90 -8.54 29.17
C SER H 139 -17.92 -8.42 30.33
N PRO H 140 -16.75 -7.79 30.18
CA PRO H 140 -15.78 -7.80 31.27
C PRO H 140 -16.29 -7.19 32.56
N PHE H 141 -17.06 -6.12 32.49
CA PHE H 141 -17.62 -5.54 33.69
C PHE H 141 -18.57 -6.51 34.39
N VAL H 142 -19.01 -7.54 33.68
CA VAL H 142 -19.89 -8.53 34.28
C VAL H 142 -19.06 -9.64 34.92
N TYR H 143 -18.03 -10.11 34.20
CA TYR H 143 -17.17 -11.15 34.76
C TYR H 143 -16.55 -10.71 36.07
N GLY H 144 -16.34 -9.41 36.23
CA GLY H 144 -15.79 -8.92 37.48
C GLY H 144 -16.77 -9.04 38.63
N VAL H 145 -18.06 -8.97 38.34
CA VAL H 145 -19.06 -9.07 39.39
C VAL H 145 -19.32 -10.52 39.75
N LEU H 146 -19.26 -11.39 38.75
CA LEU H 146 -19.56 -12.80 39.00
C LEU H 146 -18.41 -13.49 39.70
N GLU H 147 -17.17 -13.20 39.30
CA GLU H 147 -16.01 -13.74 40.00
C GLU H 147 -16.03 -13.43 41.48
N SER H 148 -16.75 -12.39 41.89
CA SER H 148 -16.73 -11.92 43.26
C SER H 148 -17.97 -12.29 44.06
N GLN H 149 -19.09 -12.56 43.40
CA GLN H 149 -20.35 -12.77 44.09
C GLN H 149 -21.08 -14.05 43.68
N TYR H 150 -20.68 -14.71 42.61
CA TYR H 150 -21.37 -15.91 42.19
C TYR H 150 -21.14 -17.04 43.19
N SER H 151 -22.15 -17.89 43.33
CA SER H 151 -22.05 -19.07 44.17
C SER H 151 -23.09 -20.07 43.72
N GLU H 152 -22.65 -21.27 43.35
CA GLU H 152 -23.54 -22.36 42.88
C GLU H 152 -24.65 -22.61 43.88
N LYS H 153 -24.44 -22.31 45.17
CA LYS H 153 -25.42 -22.61 46.21
C LYS H 153 -26.56 -21.60 46.26
N MET H 154 -26.58 -20.63 45.34
CA MET H 154 -27.57 -19.57 45.43
C MET H 154 -28.92 -20.04 44.91
N THR H 155 -29.94 -19.30 45.32
CA THR H 155 -31.31 -19.55 44.88
C THR H 155 -31.58 -18.84 43.58
N VAL H 156 -32.85 -18.81 43.19
CA VAL H 156 -33.26 -18.10 41.98
C VAL H 156 -33.39 -16.62 42.26
N ASP H 157 -34.07 -16.26 43.34
CA ASP H 157 -34.21 -14.86 43.69
C ASP H 157 -32.86 -14.19 43.85
N GLU H 158 -31.87 -14.91 44.35
CA GLU H 158 -30.54 -14.35 44.53
C GLU H 158 -29.83 -14.21 43.21
N GLY H 159 -30.07 -15.15 42.28
CA GLY H 159 -29.41 -15.08 40.99
C GLY H 159 -29.97 -13.99 40.12
N VAL H 160 -31.26 -13.71 40.25
CA VAL H 160 -31.86 -12.62 39.50
C VAL H 160 -31.28 -11.29 39.95
N ASP H 161 -31.19 -11.09 41.26
CA ASP H 161 -30.61 -9.85 41.78
C ASP H 161 -29.16 -9.69 41.34
N LEU H 162 -28.49 -10.80 41.08
CA LEU H 162 -27.09 -10.74 40.70
C LEU H 162 -26.91 -10.26 39.27
N VAL H 163 -27.62 -10.88 38.33
CA VAL H 163 -27.52 -10.48 36.94
C VAL H 163 -27.92 -9.02 36.78
N ILE H 164 -28.77 -8.52 37.67
CA ILE H 164 -29.17 -7.12 37.62
C ILE H 164 -28.04 -6.24 38.14
N ARG H 165 -27.45 -6.61 39.27
CA ARG H 165 -26.30 -5.86 39.78
C ARG H 165 -25.17 -5.83 38.76
N ALA H 166 -25.10 -6.85 37.92
CA ALA H 166 -23.99 -6.97 36.98
C ALA H 166 -24.20 -6.08 35.77
N ILE H 167 -25.37 -6.19 35.14
CA ILE H 167 -25.64 -5.39 33.94
C ILE H 167 -25.77 -3.93 34.31
N SER H 168 -26.34 -3.63 35.47
CA SER H 168 -26.45 -2.25 35.91
C SER H 168 -25.08 -1.61 36.01
N ALA H 169 -24.04 -2.43 36.18
CA ALA H 169 -22.69 -1.89 36.27
C ALA H 169 -22.11 -1.63 34.89
N ALA H 170 -22.34 -2.52 33.95
CA ALA H 170 -21.87 -2.31 32.59
C ALA H 170 -22.51 -1.08 31.98
N LYS H 171 -23.79 -0.85 32.29
CA LYS H 171 -24.47 0.35 31.80
C LYS H 171 -23.80 1.61 32.31
N GLN H 172 -23.19 1.54 33.49
CA GLN H 172 -22.51 2.68 34.06
C GLN H 172 -21.12 2.90 33.48
N ARG H 173 -20.59 1.95 32.71
CA ARG H 173 -19.23 2.04 32.22
C ARG H 173 -19.06 1.70 30.75
N ASP H 174 -20.04 1.06 30.11
CA ASP H 174 -20.02 0.81 28.68
C ASP H 174 -21.04 1.72 28.02
N SER H 175 -20.58 2.47 27.01
CA SER H 175 -21.44 3.45 26.36
C SER H 175 -22.43 2.80 25.41
N ALA H 176 -22.11 1.63 24.88
CA ALA H 176 -22.98 0.94 23.94
C ALA H 176 -23.98 0.02 24.63
N SER H 177 -24.13 0.14 25.94
CA SER H 177 -25.09 -0.66 26.69
C SER H 177 -26.01 0.26 27.45
N GLY H 178 -27.30 -0.06 27.43
CA GLY H 178 -28.28 0.76 28.11
C GLY H 178 -29.67 0.26 27.84
N GLY H 179 -30.60 0.81 28.59
CA GLY H 179 -32.00 0.46 28.45
C GLY H 179 -32.50 -0.35 29.62
N MET H 180 -33.79 -0.69 29.53
CA MET H 180 -34.38 -1.56 30.53
C MET H 180 -33.84 -2.97 30.36
N ILE H 181 -33.89 -3.73 31.46
CA ILE H 181 -33.29 -5.04 31.51
C ILE H 181 -34.37 -6.10 31.30
N ASP H 182 -34.11 -7.02 30.39
CA ASP H 182 -34.98 -8.15 30.13
C ASP H 182 -34.37 -9.39 30.74
N VAL H 183 -35.17 -10.13 31.50
CA VAL H 183 -34.70 -11.28 32.24
C VAL H 183 -35.62 -12.47 31.95
N ALA H 184 -35.03 -13.66 31.90
CA ALA H 184 -35.75 -14.89 31.69
C ALA H 184 -35.30 -15.93 32.70
N VAL H 185 -36.19 -16.84 33.04
CA VAL H 185 -35.91 -17.92 33.97
C VAL H 185 -36.46 -19.20 33.37
N ILE H 186 -35.72 -20.29 33.55
CA ILE H 186 -36.03 -21.56 32.94
C ILE H 186 -35.99 -22.65 33.99
N THR H 187 -37.05 -23.45 34.05
CA THR H 187 -37.12 -24.57 34.96
C THR H 187 -37.98 -25.65 34.33
N ARG H 188 -37.67 -26.91 34.68
CA ARG H 188 -38.46 -28.02 34.17
C ARG H 188 -39.90 -27.93 34.65
N LYS H 189 -40.13 -27.22 35.75
CA LYS H 189 -41.48 -27.13 36.29
C LYS H 189 -42.31 -26.09 35.56
N ASP H 190 -41.93 -24.82 35.66
CA ASP H 190 -42.67 -23.73 35.06
C ASP H 190 -42.24 -23.41 33.64
N GLY H 191 -41.11 -23.93 33.20
CA GLY H 191 -40.66 -23.67 31.85
C GLY H 191 -40.04 -22.30 31.68
N TYR H 192 -39.88 -21.92 30.43
CA TYR H 192 -39.35 -20.60 30.10
C TYR H 192 -40.32 -19.53 30.55
N VAL H 193 -39.81 -18.55 31.29
CA VAL H 193 -40.63 -17.49 31.85
C VAL H 193 -39.87 -16.18 31.73
N GLN H 194 -40.45 -15.22 31.03
CA GLN H 194 -39.91 -13.88 30.93
C GLN H 194 -40.52 -13.04 32.05
N LEU H 195 -39.67 -12.42 32.85
CA LEU H 195 -40.15 -11.74 34.03
C LEU H 195 -40.86 -10.44 33.65
N PRO H 196 -41.93 -10.08 34.35
CA PRO H 196 -42.57 -8.79 34.08
C PRO H 196 -41.65 -7.64 34.41
N THR H 197 -41.86 -6.52 33.71
CA THR H 197 -41.00 -5.36 33.90
C THR H 197 -41.16 -4.79 35.31
N ASP H 198 -42.36 -4.89 35.88
CA ASP H 198 -42.59 -4.32 37.20
C ASP H 198 -41.76 -5.03 38.26
N GLN H 199 -41.59 -6.34 38.14
CA GLN H 199 -40.78 -7.06 39.11
C GLN H 199 -39.32 -6.61 39.03
N ILE H 200 -38.86 -6.25 37.84
CA ILE H 200 -37.49 -5.79 37.69
C ILE H 200 -37.32 -4.44 38.38
N GLU H 201 -38.18 -3.47 38.02
CA GLU H 201 -38.12 -2.16 38.64
C GLU H 201 -38.21 -2.27 40.16
N SER H 202 -39.01 -3.21 40.65
CA SER H 202 -39.15 -3.39 42.09
C SER H 202 -37.81 -3.78 42.71
N ARG H 203 -37.19 -4.84 42.19
CA ARG H 203 -35.92 -5.30 42.75
C ARG H 203 -34.86 -4.22 42.65
N ILE H 204 -34.91 -3.40 41.60
CA ILE H 204 -33.92 -2.35 41.43
C ILE H 204 -33.99 -1.36 42.58
N ARG H 205 -35.16 -0.77 42.79
CA ARG H 205 -35.34 0.12 43.93
C ARG H 205 -34.94 -0.57 45.22
N LYS H 206 -35.26 -1.85 45.34
CA LYS H 206 -34.92 -2.59 46.55
C LYS H 206 -33.41 -2.70 46.72
N LEU H 207 -32.66 -2.57 45.64
CA LEU H 207 -31.20 -2.69 45.69
C LEU H 207 -30.50 -1.34 45.67
N GLY H 208 -31.15 -0.31 45.15
CA GLY H 208 -30.53 1.00 45.12
C GLY H 208 -29.71 1.25 43.87
N LEU H 209 -30.33 1.15 42.70
CA LEU H 209 -29.65 1.33 41.42
C LEU H 209 -30.36 2.29 40.51
N ILE H 210 -30.95 3.35 41.04
CA ILE H 210 -31.68 4.31 40.23
C ILE H 210 -31.71 5.66 40.93
N THR I 9 -30.29 13.76 2.53
CA THR I 9 -31.65 13.19 2.58
C THR I 9 -32.17 13.23 4.01
N THR I 10 -33.49 13.29 4.16
CA THR I 10 -34.10 13.32 5.48
C THR I 10 -35.49 12.71 5.40
N THR I 11 -35.68 11.58 6.08
CA THR I 11 -37.00 10.90 6.15
C THR I 11 -37.37 10.81 7.63
N VAL I 12 -38.65 10.66 7.95
CA VAL I 12 -39.15 10.56 9.30
C VAL I 12 -40.47 9.81 9.28
N GLY I 13 -40.65 8.96 10.28
CA GLY I 13 -41.91 8.26 10.48
C GLY I 13 -42.21 8.08 11.94
N ILE I 14 -43.42 8.44 12.36
CA ILE I 14 -43.81 8.33 13.75
C ILE I 14 -45.03 7.45 13.87
N THR I 15 -45.53 7.36 15.10
CA THR I 15 -46.63 6.48 15.44
C THR I 15 -47.48 7.14 16.52
N LEU I 16 -48.79 7.09 16.33
CA LEU I 16 -49.72 7.63 17.32
C LEU I 16 -50.67 6.54 17.78
N LYS I 17 -51.82 6.93 18.31
CA LYS I 17 -52.77 5.97 18.85
C LYS I 17 -53.35 5.10 17.75
N ASP I 18 -53.95 5.73 16.74
CA ASP I 18 -54.62 5.01 15.66
C ASP I 18 -54.19 5.53 14.30
N ALA I 19 -52.95 5.99 14.18
CA ALA I 19 -52.50 6.57 12.93
C ALA I 19 -51.00 6.41 12.79
N VAL I 20 -50.52 6.63 11.57
CA VAL I 20 -49.10 6.66 11.26
C VAL I 20 -48.86 7.83 10.33
N ILE I 21 -47.69 8.46 10.48
CA ILE I 21 -47.35 9.66 9.75
C ILE I 21 -45.91 9.52 9.25
N MET I 22 -45.70 9.82 7.99
CA MET I 22 -44.41 9.72 7.35
C MET I 22 -44.20 10.95 6.49
N ALA I 23 -42.95 11.38 6.37
CA ALA I 23 -42.65 12.60 5.65
C ALA I 23 -41.21 12.57 5.15
N THR I 24 -40.97 13.33 4.11
CA THR I 24 -39.64 13.45 3.53
C THR I 24 -39.47 14.83 2.92
N GLU I 25 -38.26 15.08 2.45
CA GLU I 25 -37.98 16.17 1.55
C GLU I 25 -37.78 15.59 0.15
N ARG I 26 -37.48 16.47 -0.81
CA ARG I 26 -37.45 16.07 -2.20
C ARG I 26 -36.11 16.28 -2.89
N ARG I 27 -35.16 16.93 -2.26
CA ARG I 27 -33.91 17.25 -2.92
C ARG I 27 -33.12 15.98 -3.21
N VAL I 28 -32.53 15.95 -4.40
CA VAL I 28 -31.66 14.86 -4.82
C VAL I 28 -30.33 15.47 -5.26
N THR I 29 -29.26 14.70 -5.10
CA THR I 29 -27.92 15.17 -5.37
C THR I 29 -27.16 14.12 -6.15
N MET I 30 -26.86 14.42 -7.40
CA MET I 30 -26.04 13.57 -8.25
C MET I 30 -24.90 14.41 -8.81
N GLU I 31 -23.71 13.81 -8.85
CA GLU I 31 -22.51 14.46 -9.37
C GLU I 31 -22.03 15.56 -8.44
N ASN I 32 -22.39 15.47 -7.16
CA ASN I 32 -21.89 16.37 -6.13
C ASN I 32 -22.47 17.77 -6.27
N PHE I 33 -23.68 17.87 -6.80
CA PHE I 33 -24.38 19.14 -6.84
C PHE I 33 -25.88 18.85 -6.93
N ILE I 34 -26.66 19.91 -6.76
CA ILE I 34 -28.12 19.80 -6.70
C ILE I 34 -28.63 19.66 -8.14
N MET I 35 -28.91 18.44 -8.54
CA MET I 35 -29.37 18.16 -9.88
C MET I 35 -30.88 18.12 -10.00
N HIS I 36 -31.58 17.76 -8.93
CA HIS I 36 -33.02 17.71 -8.95
C HIS I 36 -33.56 18.23 -7.62
N LYS I 37 -34.66 18.97 -7.70
CA LYS I 37 -35.28 19.56 -6.53
C LYS I 37 -36.59 18.91 -6.13
N ASN I 38 -37.29 18.26 -7.06
CA ASN I 38 -38.59 17.67 -6.77
C ASN I 38 -38.54 16.17 -6.95
N GLY I 39 -37.53 15.53 -6.37
CA GLY I 39 -37.47 14.09 -6.37
C GLY I 39 -38.60 13.49 -5.58
N LYS I 40 -38.56 12.16 -5.46
CA LYS I 40 -39.56 11.41 -4.73
C LYS I 40 -38.89 10.34 -3.89
N LYS I 41 -39.30 10.26 -2.63
CA LYS I 41 -38.72 9.31 -1.70
C LYS I 41 -39.75 8.64 -0.80
N LEU I 42 -41.02 8.99 -0.92
CA LEU I 42 -42.09 8.42 -0.12
C LEU I 42 -43.06 7.71 -1.03
N PHE I 43 -43.32 6.44 -0.76
CA PHE I 43 -44.09 5.59 -1.65
C PHE I 43 -45.16 4.85 -0.87
N GLN I 44 -46.26 4.57 -1.57
CA GLN I 44 -47.31 3.70 -1.08
C GLN I 44 -47.13 2.34 -1.72
N ILE I 45 -46.82 1.34 -0.91
CA ILE I 45 -46.59 -0.02 -1.38
C ILE I 45 -47.75 -0.93 -1.08
N ASP I 46 -48.72 -0.44 -0.33
CA ASP I 46 -49.90 -1.25 0.04
C ASP I 46 -51.02 -0.31 0.43
N THR I 47 -52.20 -0.84 0.69
CA THR I 47 -53.38 -0.03 1.00
C THR I 47 -53.21 0.70 2.33
N TYR I 48 -52.56 0.07 3.30
CA TYR I 48 -52.35 0.65 4.61
C TYR I 48 -50.87 0.60 4.97
N THR I 49 -50.01 0.84 3.99
CA THR I 49 -48.57 0.68 4.16
C THR I 49 -47.81 1.64 3.26
N GLY I 50 -46.71 2.16 3.80
CA GLY I 50 -45.87 3.06 3.05
C GLY I 50 -44.41 2.83 3.39
N MET I 51 -43.54 3.43 2.58
CA MET I 51 -42.11 3.25 2.74
C MET I 51 -41.37 4.50 2.34
N THR I 52 -40.23 4.73 2.99
CA THR I 52 -39.30 5.77 2.63
C THR I 52 -37.96 5.14 2.27
N ILE I 53 -37.10 5.94 1.66
CA ILE I 53 -35.81 5.47 1.18
C ILE I 53 -34.77 6.56 1.41
N ALA I 54 -33.53 6.15 1.58
CA ALA I 54 -32.41 7.06 1.67
C ALA I 54 -31.15 6.32 1.26
N GLY I 55 -30.36 6.96 0.40
CA GLY I 55 -29.15 6.37 -0.11
C GLY I 55 -29.14 6.32 -1.62
N LEU I 56 -28.52 5.28 -2.15
CA LEU I 56 -28.41 5.14 -3.60
C LEU I 56 -29.80 5.03 -4.21
N VAL I 57 -30.08 5.93 -5.16
CA VAL I 57 -31.41 6.02 -5.72
C VAL I 57 -31.77 4.75 -6.49
N GLY I 58 -30.86 4.28 -7.33
CA GLY I 58 -31.16 3.11 -8.15
C GLY I 58 -31.51 1.90 -7.31
N ASP I 59 -30.67 1.60 -6.31
CA ASP I 59 -30.91 0.44 -5.48
C ASP I 59 -32.25 0.55 -4.76
N ALA I 60 -32.68 1.77 -4.47
CA ALA I 60 -33.93 1.96 -3.75
C ALA I 60 -35.13 1.81 -4.67
N GLN I 61 -35.11 2.47 -5.82
CA GLN I 61 -36.21 2.36 -6.76
C GLN I 61 -36.49 0.90 -7.10
N VAL I 62 -35.43 0.11 -7.28
CA VAL I 62 -35.60 -1.30 -7.56
C VAL I 62 -36.46 -1.96 -6.49
N LEU I 63 -36.03 -1.86 -5.24
CA LEU I 63 -36.76 -2.49 -4.15
C LEU I 63 -38.24 -2.10 -4.17
N VAL I 64 -38.51 -0.80 -4.26
CA VAL I 64 -39.90 -0.33 -4.25
C VAL I 64 -40.71 -1.07 -5.29
N ARG I 65 -40.08 -1.47 -6.40
CA ARG I 65 -40.80 -2.22 -7.41
C ARG I 65 -40.99 -3.67 -6.99
N TYR I 66 -39.98 -4.27 -6.38
CA TYR I 66 -40.13 -5.62 -5.86
C TYR I 66 -41.22 -5.69 -4.82
N MET I 67 -41.21 -4.75 -3.87
CA MET I 67 -42.15 -4.82 -2.77
C MET I 67 -43.58 -4.60 -3.25
N LYS I 68 -43.80 -3.59 -4.09
CA LYS I 68 -45.13 -3.35 -4.63
C LYS I 68 -45.69 -4.61 -5.27
N ALA I 69 -44.82 -5.44 -5.83
CA ALA I 69 -45.28 -6.64 -6.52
C ALA I 69 -45.60 -7.75 -5.53
N GLU I 70 -44.68 -8.03 -4.62
CA GLU I 70 -44.88 -9.10 -3.65
C GLU I 70 -46.13 -8.85 -2.81
N LEU I 71 -46.49 -7.59 -2.59
CA LEU I 71 -47.61 -7.27 -1.72
C LEU I 71 -48.92 -7.24 -2.50
N GLU I 72 -48.87 -6.88 -3.77
CA GLU I 72 -50.07 -6.90 -4.58
C GLU I 72 -50.42 -8.33 -4.98
N LEU I 73 -49.41 -9.17 -5.14
CA LEU I 73 -49.64 -10.59 -5.36
C LEU I 73 -50.35 -11.21 -4.17
N TYR I 74 -49.71 -11.16 -3.00
CA TYR I 74 -50.32 -11.65 -1.77
C TYR I 74 -51.76 -11.19 -1.64
N ARG I 75 -52.01 -9.89 -1.83
CA ARG I 75 -53.35 -9.35 -1.60
C ARG I 75 -54.37 -9.99 -2.53
N LEU I 76 -53.94 -10.40 -3.71
CA LEU I 76 -54.89 -10.97 -4.67
C LEU I 76 -55.10 -12.45 -4.41
N GLN I 77 -54.02 -13.19 -4.18
CA GLN I 77 -54.14 -14.61 -3.89
C GLN I 77 -54.87 -14.84 -2.58
N ARG I 78 -54.38 -14.23 -1.49
CA ARG I 78 -54.91 -14.47 -0.11
C ARG I 78 -56.09 -13.56 0.19
N ARG I 79 -56.30 -12.46 -0.54
CA ARG I 79 -57.46 -11.61 -0.40
C ARG I 79 -57.39 -10.65 0.79
N VAL I 80 -56.23 -10.55 1.44
CA VAL I 80 -56.04 -9.61 2.53
C VAL I 80 -54.60 -9.11 2.53
N ASN I 81 -54.36 -8.03 3.26
CA ASN I 81 -53.08 -7.37 3.26
C ASN I 81 -52.12 -8.05 4.24
N MET I 82 -50.85 -8.07 3.86
CA MET I 82 -49.84 -8.64 4.72
C MET I 82 -49.64 -7.74 5.94
N PRO I 83 -49.39 -8.30 7.11
CA PRO I 83 -49.04 -7.48 8.26
C PRO I 83 -47.75 -6.70 8.01
N ILE I 84 -47.35 -5.94 9.02
CA ILE I 84 -46.20 -5.07 8.86
C ILE I 84 -44.94 -5.76 9.34
N GLU I 85 -45.03 -6.52 10.44
CA GLU I 85 -43.88 -7.28 10.91
C GLU I 85 -43.36 -8.19 9.82
N ALA I 86 -44.25 -8.71 8.98
CA ALA I 86 -43.84 -9.63 7.92
C ALA I 86 -43.17 -8.89 6.77
N VAL I 87 -43.70 -7.72 6.42
CA VAL I 87 -43.08 -6.91 5.37
C VAL I 87 -41.62 -6.64 5.71
N ALA I 88 -41.37 -6.19 6.94
CA ALA I 88 -40.01 -5.90 7.35
C ALA I 88 -39.15 -7.15 7.36
N THR I 89 -39.73 -8.28 7.77
CA THR I 89 -38.98 -9.53 7.77
C THR I 89 -38.62 -9.95 6.36
N LEU I 90 -39.56 -9.80 5.43
CA LEU I 90 -39.30 -10.14 4.04
C LEU I 90 -38.11 -9.37 3.50
N LEU I 91 -38.08 -8.05 3.73
CA LEU I 91 -36.92 -7.26 3.34
C LEU I 91 -35.66 -7.72 4.03
N SER I 92 -35.70 -7.83 5.35
CA SER I 92 -34.52 -8.23 6.11
C SER I 92 -33.81 -9.41 5.47
N ASN I 93 -34.58 -10.36 4.94
CA ASN I 93 -33.97 -11.51 4.30
C ASN I 93 -33.48 -11.16 2.91
N MET I 94 -34.20 -10.31 2.19
CA MET I 94 -33.81 -9.97 0.83
C MET I 94 -32.52 -9.15 0.81
N LEU I 95 -32.16 -8.56 1.95
CA LEU I 95 -30.94 -7.77 2.00
C LEU I 95 -29.78 -8.55 2.60
N ASN I 96 -30.03 -9.29 3.68
CA ASN I 96 -28.98 -10.09 4.27
C ASN I 96 -28.44 -11.10 3.28
N GLN I 97 -29.26 -11.55 2.34
N GLN I 97 -29.26 -11.55 2.34
CA GLN I 97 -28.84 -12.53 1.36
CA GLN I 97 -28.84 -12.53 1.36
C GLN I 97 -27.75 -12.00 0.43
C GLN I 97 -27.75 -12.00 0.43
N VAL I 98 -27.54 -10.68 0.40
CA VAL I 98 -26.54 -10.08 -0.47
C VAL I 98 -25.72 -9.08 0.33
N LYS I 99 -25.45 -9.40 1.59
CA LYS I 99 -24.78 -8.44 2.47
C LYS I 99 -23.35 -8.19 2.04
N TYR I 100 -22.83 -8.97 1.09
CA TYR I 100 -21.49 -8.75 0.57
C TYR I 100 -21.49 -8.17 -0.84
N MET I 101 -22.65 -8.12 -1.50
CA MET I 101 -22.85 -7.34 -2.73
C MET I 101 -24.13 -6.54 -2.55
N PRO I 102 -24.16 -5.64 -1.58
CA PRO I 102 -25.42 -5.20 -0.98
C PRO I 102 -26.05 -3.98 -1.63
N TYR I 103 -27.28 -3.71 -1.21
CA TYR I 103 -27.94 -2.44 -1.48
C TYR I 103 -27.50 -1.44 -0.42
N MET I 104 -27.12 -0.24 -0.86
CA MET I 104 -26.66 0.81 0.03
C MET I 104 -27.81 1.78 0.29
N VAL I 105 -28.67 1.40 1.24
CA VAL I 105 -29.89 2.14 1.52
C VAL I 105 -30.21 2.06 3.00
N GLN I 106 -31.10 2.96 3.43
CA GLN I 106 -31.73 2.93 4.73
C GLN I 106 -33.22 3.15 4.53
N LEU I 107 -34.02 2.32 5.19
CA LEU I 107 -35.44 2.26 4.91
C LEU I 107 -36.27 2.43 6.18
N LEU I 108 -37.49 2.89 5.99
CA LEU I 108 -38.51 2.92 7.02
C LEU I 108 -39.79 2.31 6.46
N VAL I 109 -40.46 1.52 7.29
CA VAL I 109 -41.71 0.88 6.92
C VAL I 109 -42.75 1.25 7.96
N GLY I 110 -43.90 1.69 7.49
CA GLY I 110 -44.97 2.08 8.38
C GLY I 110 -46.31 1.72 7.80
N GLY I 111 -47.23 1.31 8.67
CA GLY I 111 -48.54 0.91 8.22
C GLY I 111 -49.46 0.65 9.38
N ILE I 112 -50.59 0.04 9.06
CA ILE I 112 -51.63 -0.27 10.02
C ILE I 112 -52.08 -1.69 9.78
N ASP I 113 -52.21 -2.46 10.86
CA ASP I 113 -52.89 -3.75 10.82
C ASP I 113 -53.96 -3.82 11.89
N THR I 114 -53.68 -4.42 13.04
CA THR I 114 -54.54 -4.29 14.19
C THR I 114 -54.13 -3.06 14.99
N ALA I 115 -52.91 -2.61 14.77
CA ALA I 115 -52.36 -1.45 15.44
C ALA I 115 -51.32 -0.80 14.55
N PRO I 116 -50.88 0.40 14.89
CA PRO I 116 -49.81 1.04 14.11
C PRO I 116 -48.46 0.41 14.40
N HIS I 117 -47.57 0.51 13.41
CA HIS I 117 -46.23 -0.04 13.55
C HIS I 117 -45.29 0.74 12.65
N VAL I 118 -44.07 0.93 13.11
CA VAL I 118 -43.01 1.55 12.34
C VAL I 118 -41.74 0.72 12.52
N PHE I 119 -41.02 0.49 11.43
CA PHE I 119 -39.82 -0.31 11.44
C PHE I 119 -38.70 0.41 10.72
N SER I 120 -37.50 0.32 11.28
CA SER I 120 -36.29 0.80 10.66
C SER I 120 -35.49 -0.40 10.18
N ILE I 121 -34.85 -0.25 9.02
CA ILE I 121 -34.17 -1.35 8.35
C ILE I 121 -32.87 -0.85 7.76
N ASP I 122 -31.80 -1.62 7.95
CA ASP I 122 -30.49 -1.25 7.46
C ASP I 122 -30.13 -2.09 6.25
N ALA I 123 -28.93 -1.85 5.72
CA ALA I 123 -28.49 -2.51 4.51
C ALA I 123 -28.22 -3.98 4.71
N ALA I 124 -27.87 -4.37 5.94
CA ALA I 124 -27.52 -5.76 6.21
C ALA I 124 -28.74 -6.62 6.58
N GLY I 125 -29.88 -6.00 6.83
CA GLY I 125 -31.10 -6.73 7.13
C GLY I 125 -31.65 -6.51 8.51
N GLY I 126 -31.00 -5.68 9.33
CA GLY I 126 -31.46 -5.47 10.68
C GLY I 126 -32.76 -4.69 10.70
N SER I 127 -33.78 -5.26 11.34
CA SER I 127 -35.09 -4.64 11.44
C SER I 127 -35.43 -4.43 12.91
N VAL I 128 -35.89 -3.23 13.24
CA VAL I 128 -36.23 -2.88 14.61
C VAL I 128 -37.50 -2.04 14.60
N GLU I 129 -38.42 -2.36 15.50
CA GLU I 129 -39.65 -1.60 15.65
C GLU I 129 -39.45 -0.49 16.67
N ASP I 130 -40.07 0.65 16.40
CA ASP I 130 -39.91 1.84 17.27
C ASP I 130 -41.14 2.72 17.11
N ILE I 131 -41.32 3.68 18.01
CA ILE I 131 -42.46 4.58 17.95
C ILE I 131 -42.19 5.73 16.99
N TYR I 132 -40.93 6.08 16.80
CA TYR I 132 -40.55 7.04 15.79
C TYR I 132 -39.10 6.81 15.39
N ALA I 133 -38.81 7.17 14.14
CA ALA I 133 -37.48 6.96 13.59
C ALA I 133 -37.25 7.96 12.48
N SER I 134 -36.01 8.00 12.00
CA SER I 134 -35.62 8.92 10.95
C SER I 134 -34.36 8.39 10.28
N THR I 135 -34.23 8.70 9.01
CA THR I 135 -33.04 8.28 8.24
C THR I 135 -32.50 9.48 7.49
N GLY I 136 -31.29 9.40 7.00
CA GLY I 136 -30.66 10.41 6.18
C GLY I 136 -29.65 11.23 6.97
N SER I 137 -28.97 12.09 6.23
CA SER I 137 -27.97 12.96 6.83
C SER I 137 -28.58 13.93 7.83
N GLY I 138 -29.87 14.23 7.68
CA GLY I 138 -30.58 15.12 8.57
C GLY I 138 -31.28 14.43 9.71
N SER I 139 -31.10 13.13 9.85
CA SER I 139 -31.75 12.39 10.93
C SER I 139 -31.49 13.00 12.29
N PRO I 140 -30.26 13.26 12.71
CA PRO I 140 -30.03 13.74 14.08
C PRO I 140 -30.73 15.04 14.39
N PHE I 141 -30.79 15.97 13.46
CA PHE I 141 -31.51 17.22 13.71
C PHE I 141 -32.99 16.95 13.94
N VAL I 142 -33.48 15.78 13.55
CA VAL I 142 -34.87 15.44 13.77
C VAL I 142 -35.04 14.79 15.13
N TYR I 143 -34.15 13.86 15.48
CA TYR I 143 -34.23 13.21 16.78
C TYR I 143 -34.17 14.22 17.91
N GLY I 144 -33.49 15.34 17.67
CA GLY I 144 -33.42 16.38 18.68
C GLY I 144 -34.75 17.08 18.89
N VAL I 145 -35.57 17.15 17.85
CA VAL I 145 -36.86 17.81 17.95
C VAL I 145 -37.88 16.87 18.57
N LEU I 146 -37.78 15.59 18.25
CA LEU I 146 -38.76 14.63 18.74
C LEU I 146 -38.53 14.32 20.21
N GLU I 147 -37.27 14.15 20.62
CA GLU I 147 -36.96 13.94 22.02
C GLU I 147 -37.52 15.04 22.90
N SER I 148 -37.78 16.21 22.34
CA SER I 148 -38.19 17.38 23.12
C SER I 148 -39.66 17.70 23.00
N GLN I 149 -40.33 17.26 21.94
CA GLN I 149 -41.71 17.66 21.68
C GLN I 149 -42.66 16.50 21.41
N TYR I 150 -42.16 15.31 21.18
CA TYR I 150 -43.03 14.18 20.91
C TYR I 150 -43.84 13.80 22.14
N SER I 151 -45.07 13.34 21.91
CA SER I 151 -45.92 12.86 22.98
C SER I 151 -46.96 11.92 22.37
N GLU I 152 -46.99 10.68 22.85
CA GLU I 152 -47.95 9.66 22.36
C GLU I 152 -49.38 10.19 22.43
N LYS I 153 -49.68 11.14 23.32
CA LYS I 153 -51.04 11.61 23.51
C LYS I 153 -51.46 12.62 22.46
N MET I 154 -50.62 12.89 21.47
CA MET I 154 -50.92 13.93 20.50
C MET I 154 -51.91 13.45 19.46
N THR I 155 -52.54 14.42 18.81
CA THR I 155 -53.49 14.16 17.75
C THR I 155 -52.77 14.03 16.42
N VAL I 156 -53.54 14.03 15.34
CA VAL I 156 -52.96 13.96 14.01
C VAL I 156 -52.51 15.34 13.56
N ASP I 157 -53.36 16.34 13.74
CA ASP I 157 -53.00 17.70 13.37
C ASP I 157 -51.74 18.14 14.08
N GLU I 158 -51.56 17.70 15.32
CA GLU I 158 -50.37 18.08 16.08
C GLU I 158 -49.15 17.32 15.58
N GLY I 159 -49.34 16.08 15.16
CA GLY I 159 -48.21 15.30 14.68
C GLY I 159 -47.72 15.77 13.32
N VAL I 160 -48.64 16.25 12.48
CA VAL I 160 -48.25 16.80 11.19
C VAL I 160 -47.41 18.04 11.37
N ASP I 161 -47.85 18.94 12.26
CA ASP I 161 -47.09 20.15 12.52
C ASP I 161 -45.72 19.84 13.08
N LEU I 162 -45.59 18.68 13.74
CA LEU I 162 -44.32 18.32 14.36
C LEU I 162 -43.30 17.88 13.32
N VAL I 163 -43.69 16.94 12.46
CA VAL I 163 -42.78 16.45 11.43
C VAL I 163 -42.34 17.59 10.53
N ILE I 164 -43.17 18.63 10.42
CA ILE I 164 -42.82 19.79 9.62
C ILE I 164 -41.80 20.64 10.36
N ARG I 165 -42.03 20.91 11.64
CA ARG I 165 -41.06 21.64 12.43
C ARG I 165 -39.72 20.93 12.45
N ALA I 166 -39.74 19.60 12.30
CA ALA I 166 -38.51 18.83 12.42
C ALA I 166 -37.71 18.88 11.13
N ILE I 167 -38.35 18.60 10.00
CA ILE I 167 -37.65 18.61 8.73
C ILE I 167 -37.24 20.02 8.35
N SER I 168 -38.08 20.99 8.66
CA SER I 168 -37.73 22.38 8.40
C SER I 168 -36.44 22.76 9.09
N ALA I 169 -36.10 22.05 10.16
CA ALA I 169 -34.88 22.34 10.89
C ALA I 169 -33.67 21.70 10.24
N ALA I 170 -33.83 20.46 9.77
CA ALA I 170 -32.74 19.79 9.07
C ALA I 170 -32.39 20.54 7.80
N LYS I 171 -33.38 21.07 7.11
CA LYS I 171 -33.13 21.85 5.91
C LYS I 171 -32.28 23.08 6.21
N GLN I 172 -32.39 23.61 7.43
CA GLN I 172 -31.61 24.76 7.84
C GLN I 172 -30.19 24.41 8.24
N ARG I 173 -29.87 23.12 8.39
CA ARG I 173 -28.58 22.73 8.90
C ARG I 173 -27.93 21.59 8.13
N ASP I 174 -28.66 20.85 7.32
CA ASP I 174 -28.09 19.83 6.45
C ASP I 174 -28.15 20.33 5.02
N SER I 175 -26.99 20.30 4.35
CA SER I 175 -26.90 20.84 3.01
C SER I 175 -27.50 19.92 1.96
N ALA I 176 -27.55 18.62 2.24
CA ALA I 176 -28.09 17.66 1.30
C ALA I 176 -29.58 17.44 1.47
N SER I 177 -30.26 18.29 2.22
CA SER I 177 -31.69 18.21 2.42
C SER I 177 -32.34 19.52 2.01
N GLY I 178 -33.44 19.43 1.29
CA GLY I 178 -34.12 20.62 0.83
C GLY I 178 -35.28 20.26 -0.06
N GLY I 179 -36.09 21.26 -0.34
CA GLY I 179 -37.25 21.10 -1.20
C GLY I 179 -38.54 21.17 -0.43
N MET I 180 -39.63 21.04 -1.17
CA MET I 180 -40.94 20.98 -0.56
C MET I 180 -41.10 19.67 0.19
N ILE I 181 -41.98 19.69 1.18
CA ILE I 181 -42.16 18.56 2.09
C ILE I 181 -43.36 17.75 1.64
N ASP I 182 -43.16 16.45 1.52
CA ASP I 182 -44.23 15.51 1.21
C ASP I 182 -44.61 14.76 2.47
N VAL I 183 -45.92 14.71 2.74
CA VAL I 183 -46.43 14.13 3.97
C VAL I 183 -47.53 13.13 3.62
N ALA I 184 -47.60 12.06 4.40
CA ALA I 184 -48.62 11.05 4.25
C ALA I 184 -49.21 10.71 5.61
N VAL I 185 -50.47 10.30 5.61
CA VAL I 185 -51.19 9.92 6.81
C VAL I 185 -51.91 8.61 6.53
N ILE I 186 -51.93 7.73 7.52
CA ILE I 186 -52.46 6.39 7.38
C ILE I 186 -53.42 6.12 8.51
N THR I 187 -54.62 5.64 8.18
CA THR I 187 -55.61 5.26 9.16
C THR I 187 -56.46 4.15 8.58
N ARG I 188 -56.95 3.29 9.47
CA ARG I 188 -57.84 2.22 9.04
C ARG I 188 -59.11 2.76 8.41
N LYS I 189 -59.47 4.00 8.75
CA LYS I 189 -60.70 4.57 8.24
C LYS I 189 -60.51 5.11 6.83
N ASP I 190 -59.69 6.14 6.68
CA ASP I 190 -59.48 6.78 5.40
C ASP I 190 -58.35 6.17 4.58
N GLY I 191 -57.52 5.34 5.19
CA GLY I 191 -56.44 4.72 4.47
C GLY I 191 -55.27 5.65 4.25
N TYR I 192 -54.39 5.22 3.35
CA TYR I 192 -53.23 6.02 2.99
C TYR I 192 -53.68 7.29 2.28
N VAL I 193 -53.20 8.43 2.75
CA VAL I 193 -53.58 9.72 2.22
C VAL I 193 -52.35 10.61 2.14
N GLN I 194 -52.03 11.06 0.94
CA GLN I 194 -50.96 12.02 0.72
C GLN I 194 -51.55 13.42 0.79
N LEU I 195 -51.00 14.25 1.64
CA LEU I 195 -51.60 15.55 1.88
C LEU I 195 -51.36 16.48 0.71
N PRO I 196 -52.34 17.32 0.36
CA PRO I 196 -52.11 18.30 -0.70
C PRO I 196 -51.04 19.30 -0.31
N THR I 197 -50.36 19.82 -1.33
CA THR I 197 -49.26 20.76 -1.08
C THR I 197 -49.78 22.04 -0.44
N ASP I 198 -50.99 22.46 -0.78
CA ASP I 198 -51.52 23.70 -0.24
C ASP I 198 -51.71 23.62 1.26
N GLN I 199 -52.13 22.46 1.77
CA GLN I 199 -52.29 22.32 3.21
C GLN I 199 -50.94 22.43 3.92
N ILE I 200 -49.87 21.98 3.28
CA ILE I 200 -48.55 22.08 3.87
C ILE I 200 -48.13 23.54 3.95
N GLU I 201 -48.17 24.24 2.81
CA GLU I 201 -47.81 25.65 2.79
C GLU I 201 -48.63 26.43 3.81
N SER I 202 -49.90 26.07 3.97
CA SER I 202 -50.74 26.76 4.93
C SER I 202 -50.20 26.61 6.34
N ARG I 203 -49.97 25.37 6.78
CA ARG I 203 -49.48 25.14 8.13
C ARG I 203 -48.13 25.81 8.34
N ILE I 204 -47.31 25.88 7.30
CA ILE I 204 -46.00 26.49 7.43
C ILE I 204 -46.13 27.95 7.79
N ARG I 205 -46.84 28.72 6.97
CA ARG I 205 -47.10 30.12 7.31
C ARG I 205 -47.70 30.24 8.69
N LYS I 206 -48.60 29.32 9.05
CA LYS I 206 -49.23 29.36 10.35
C LYS I 206 -48.23 29.16 11.47
N LEU I 207 -47.09 28.53 11.16
CA LEU I 207 -46.08 28.27 12.17
C LEU I 207 -44.90 29.24 12.10
N GLY I 208 -44.67 29.88 10.96
CA GLY I 208 -43.59 30.83 10.85
C GLY I 208 -42.28 30.21 10.43
N LEU I 209 -42.26 29.54 9.27
CA LEU I 209 -41.07 28.86 8.79
C LEU I 209 -40.75 29.22 7.34
N ILE I 210 -40.96 30.47 6.95
CA ILE I 210 -40.70 30.88 5.59
C ILE I 210 -40.43 32.38 5.54
N THR J 9 -17.86 16.83 -22.61
CA THR J 9 -19.18 16.59 -23.23
C THR J 9 -20.22 17.51 -22.61
N THR J 10 -21.26 17.83 -23.37
CA THR J 10 -22.33 18.69 -22.86
C THR J 10 -23.62 18.35 -23.58
N THR J 11 -24.60 17.84 -22.82
CA THR J 11 -25.93 17.53 -23.36
C THR J 11 -26.95 18.35 -22.57
N VAL J 12 -28.13 18.58 -23.10
CA VAL J 12 -29.19 19.35 -22.46
C VAL J 12 -30.53 18.91 -23.04
N GLY J 13 -31.52 18.83 -22.17
CA GLY J 13 -32.87 18.54 -22.57
C GLY J 13 -33.86 19.28 -21.70
N ILE J 14 -34.81 19.98 -22.31
CA ILE J 14 -35.80 20.74 -21.57
C ILE J 14 -37.19 20.27 -21.96
N THR J 15 -38.18 20.95 -21.40
CA THR J 15 -39.57 20.60 -21.55
C THR J 15 -40.42 21.86 -21.60
N LEU J 16 -41.34 21.90 -22.54
CA LEU J 16 -42.26 23.02 -22.66
C LEU J 16 -43.70 22.54 -22.55
N LYS J 17 -44.64 23.32 -23.07
CA LYS J 17 -46.04 22.99 -22.94
C LYS J 17 -46.38 21.74 -23.75
N ASP J 18 -46.08 21.76 -25.04
CA ASP J 18 -46.41 20.66 -25.92
C ASP J 18 -45.23 20.24 -26.78
N ALA J 19 -44.01 20.36 -26.25
CA ALA J 19 -42.82 20.05 -27.02
C ALA J 19 -41.69 19.64 -26.10
N VAL J 20 -40.67 19.05 -26.70
CA VAL J 20 -39.44 18.70 -26.02
C VAL J 20 -38.28 19.09 -26.92
N ILE J 21 -37.19 19.51 -26.31
CA ILE J 21 -36.03 20.02 -27.03
C ILE J 21 -34.78 19.43 -26.41
N MET J 22 -33.90 18.92 -27.25
CA MET J 22 -32.66 18.29 -26.82
C MET J 22 -31.54 18.76 -27.73
N ALA J 23 -30.35 18.87 -27.17
CA ALA J 23 -29.22 19.41 -27.91
C ALA J 23 -27.92 18.89 -27.33
N THR J 24 -26.89 18.87 -28.17
CA THR J 24 -25.56 18.45 -27.76
C THR J 24 -24.53 19.21 -28.57
N GLU J 25 -23.28 18.97 -28.21
CA GLU J 25 -22.14 19.30 -29.05
C GLU J 25 -21.61 18.00 -29.65
N ARG J 26 -20.54 18.11 -30.43
CA ARG J 26 -20.05 17.00 -31.22
C ARG J 26 -18.63 16.59 -30.92
N ARG J 27 -17.90 17.35 -30.12
CA ARG J 27 -16.50 17.05 -29.88
C ARG J 27 -16.34 15.75 -29.12
N VAL J 28 -15.36 14.96 -29.53
CA VAL J 28 -14.99 13.71 -28.88
C VAL J 28 -13.52 13.78 -28.54
N THR J 29 -13.13 13.10 -27.47
CA THR J 29 -11.76 13.13 -26.98
C THR J 29 -11.30 11.73 -26.64
N MET J 30 -10.36 11.22 -27.41
CA MET J 30 -9.73 9.94 -27.14
C MET J 30 -8.23 10.13 -27.11
N GLU J 31 -7.59 9.45 -26.16
CA GLU J 31 -6.14 9.51 -25.99
C GLU J 31 -5.69 10.87 -25.46
N ASN J 32 -6.60 11.58 -24.79
CA ASN J 32 -6.28 12.82 -24.10
C ASN J 32 -6.01 13.95 -25.09
N PHE J 33 -6.65 13.90 -26.24
CA PHE J 33 -6.58 15.00 -27.19
C PHE J 33 -7.80 14.93 -28.10
N ILE J 34 -7.99 16.00 -28.88
CA ILE J 34 -9.17 16.14 -29.72
C ILE J 34 -8.96 15.29 -30.96
N MET J 35 -9.56 14.10 -30.96
CA MET J 35 -9.40 13.17 -32.06
C MET J 35 -10.51 13.29 -33.09
N HIS J 36 -11.70 13.71 -32.67
CA HIS J 36 -12.83 13.86 -33.58
C HIS J 36 -13.61 15.11 -33.21
N LYS J 37 -14.08 15.82 -34.24
CA LYS J 37 -14.80 17.05 -34.06
C LYS J 37 -16.29 16.94 -34.39
N ASN J 38 -16.68 15.99 -35.22
CA ASN J 38 -18.07 15.85 -35.62
C ASN J 38 -18.64 14.52 -35.16
N GLY J 39 -18.43 14.20 -33.89
CA GLY J 39 -19.05 13.03 -33.33
C GLY J 39 -20.56 13.14 -33.29
N LYS J 40 -21.18 12.14 -32.70
CA LYS J 40 -22.62 12.08 -32.56
C LYS J 40 -22.99 11.60 -31.16
N LYS J 41 -23.92 12.31 -30.53
CA LYS J 41 -24.35 12.00 -29.19
C LYS J 41 -25.85 12.11 -28.99
N LEU J 42 -26.60 12.51 -30.01
CA LEU J 42 -28.04 12.65 -29.94
C LEU J 42 -28.68 11.69 -30.91
N PHE J 43 -29.58 10.85 -30.42
CA PHE J 43 -30.15 9.77 -31.20
C PHE J 43 -31.66 9.76 -31.09
N GLN J 44 -32.29 9.29 -32.16
CA GLN J 44 -33.72 9.01 -32.17
C GLN J 44 -33.91 7.52 -31.99
N ILE J 45 -34.51 7.13 -30.86
CA ILE J 45 -34.73 5.74 -30.54
C ILE J 45 -36.17 5.32 -30.73
N ASP J 46 -37.03 6.28 -31.02
CA ASP J 46 -38.47 6.01 -31.23
C ASP J 46 -39.07 7.16 -32.02
N THR J 47 -40.34 7.04 -32.40
CA THR J 47 -40.99 8.03 -33.23
C THR J 47 -41.15 9.36 -32.50
N TYR J 48 -41.39 9.31 -31.20
CA TYR J 48 -41.56 10.50 -30.37
C TYR J 48 -40.63 10.46 -29.18
N THR J 49 -39.41 9.98 -29.39
CA THR J 49 -38.50 9.74 -28.30
C THR J 49 -37.06 9.90 -28.78
N GLY J 50 -36.22 10.46 -27.91
CA GLY J 50 -34.82 10.65 -28.21
C GLY J 50 -33.99 10.45 -26.97
N MET J 51 -32.68 10.35 -27.18
CA MET J 51 -31.76 10.10 -26.10
C MET J 51 -30.43 10.79 -26.36
N THR J 52 -29.76 11.18 -25.28
CA THR J 52 -28.41 11.68 -25.32
C THR J 52 -27.51 10.79 -24.48
N ILE J 53 -26.21 10.95 -24.65
CA ILE J 53 -25.22 10.13 -23.96
C ILE J 53 -24.04 10.99 -23.57
N ALA J 54 -23.36 10.58 -22.51
CA ALA J 54 -22.14 11.22 -22.06
C ALA J 54 -21.34 10.21 -21.26
N GLY J 55 -20.05 10.12 -21.59
CA GLY J 55 -19.16 9.18 -20.94
C GLY J 55 -18.48 8.29 -21.95
N LEU J 56 -18.23 7.05 -21.53
CA LEU J 56 -17.55 6.10 -22.39
C LEU J 56 -18.36 5.85 -23.65
N VAL J 57 -17.73 6.08 -24.79
CA VAL J 57 -18.45 6.02 -26.07
C VAL J 57 -18.94 4.61 -26.34
N GLY J 58 -18.07 3.61 -26.16
CA GLY J 58 -18.46 2.25 -26.47
C GLY J 58 -19.66 1.79 -25.68
N ASP J 59 -19.62 2.00 -24.37
CA ASP J 59 -20.73 1.57 -23.52
C ASP J 59 -22.02 2.25 -23.93
N ALA J 60 -21.92 3.47 -24.45
CA ALA J 60 -23.13 4.21 -24.84
C ALA J 60 -23.68 3.72 -26.16
N GLN J 61 -22.82 3.61 -27.17
CA GLN J 61 -23.28 3.13 -28.48
C GLN J 61 -23.99 1.80 -28.34
N VAL J 62 -23.48 0.91 -27.50
CA VAL J 62 -24.12 -0.37 -27.27
C VAL J 62 -25.57 -0.18 -26.85
N LEU J 63 -25.78 0.56 -25.77
CA LEU J 63 -27.12 0.78 -25.26
C LEU J 63 -28.05 1.28 -26.36
N VAL J 64 -27.63 2.32 -27.07
CA VAL J 64 -28.46 2.90 -28.11
C VAL J 64 -28.94 1.83 -29.07
N ARG J 65 -28.14 0.78 -29.27
CA ARG J 65 -28.55 -0.30 -30.14
C ARG J 65 -29.56 -1.21 -29.44
N TYR J 66 -29.35 -1.48 -28.16
CA TYR J 66 -30.32 -2.27 -27.41
C TYR J 66 -31.67 -1.57 -27.37
N MET J 67 -31.67 -0.27 -27.06
CA MET J 67 -32.92 0.44 -26.89
C MET J 67 -33.68 0.54 -28.21
N LYS J 68 -33.00 0.91 -29.28
CA LYS J 68 -33.65 0.98 -30.58
C LYS J 68 -34.35 -0.33 -30.92
N ALA J 69 -33.81 -1.44 -30.43
CA ALA J 69 -34.39 -2.74 -30.74
C ALA J 69 -35.60 -3.03 -29.88
N GLU J 70 -35.46 -2.86 -28.56
CA GLU J 70 -36.54 -3.15 -27.64
C GLU J 70 -37.77 -2.30 -27.96
N LEU J 71 -37.56 -1.10 -28.50
CA LEU J 71 -38.67 -0.20 -28.75
C LEU J 71 -39.30 -0.42 -30.11
N GLU J 72 -38.49 -0.86 -31.08
CA GLU J 72 -39.05 -1.18 -32.39
C GLU J 72 -39.79 -2.51 -32.36
N LEU J 73 -39.32 -3.42 -31.51
CA LEU J 73 -40.05 -4.66 -31.28
C LEU J 73 -41.43 -4.39 -30.69
N TYR J 74 -41.46 -3.77 -29.51
CA TYR J 74 -42.72 -3.38 -28.89
C TYR J 74 -43.66 -2.73 -29.89
N ARG J 75 -43.16 -1.75 -30.64
CA ARG J 75 -44.03 -1.00 -31.54
C ARG J 75 -44.67 -1.90 -32.59
N LEU J 76 -44.00 -2.98 -32.97
CA LEU J 76 -44.52 -3.84 -34.01
C LEU J 76 -45.49 -4.87 -33.43
N GLN J 77 -45.11 -5.47 -32.31
CA GLN J 77 -45.99 -6.44 -31.67
C GLN J 77 -47.25 -5.78 -31.15
N ARG J 78 -47.11 -4.74 -30.32
CA ARG J 78 -48.26 -4.07 -29.64
C ARG J 78 -48.88 -2.98 -30.52
N ARG J 79 -48.20 -2.49 -31.55
CA ARG J 79 -48.76 -1.56 -32.52
C ARG J 79 -48.81 -0.13 -32.01
N VAL J 80 -48.19 0.17 -30.87
CA VAL J 80 -48.11 1.53 -30.35
C VAL J 80 -46.78 1.72 -29.62
N ASN J 81 -46.46 2.98 -29.38
CA ASN J 81 -45.18 3.35 -28.80
C ASN J 81 -45.21 3.22 -27.29
N MET J 82 -44.08 2.81 -26.73
CA MET J 82 -43.97 2.70 -25.29
C MET J 82 -43.97 4.09 -24.67
N PRO J 83 -44.58 4.27 -23.50
CA PRO J 83 -44.47 5.54 -22.80
C PRO J 83 -43.02 5.84 -22.44
N ILE J 84 -42.83 6.99 -21.78
CA ILE J 84 -41.49 7.44 -21.48
C ILE J 84 -41.07 6.97 -20.10
N GLU J 85 -42.00 7.00 -19.14
CA GLU J 85 -41.69 6.50 -17.81
C GLU J 85 -41.21 5.05 -17.87
N ALA J 86 -41.73 4.29 -18.82
CA ALA J 86 -41.35 2.89 -18.94
C ALA J 86 -39.98 2.73 -19.57
N VAL J 87 -39.67 3.55 -20.58
CA VAL J 87 -38.34 3.53 -21.18
C VAL J 87 -37.28 3.72 -20.12
N ALA J 88 -37.45 4.76 -19.31
CA ALA J 88 -36.48 5.04 -18.27
C ALA J 88 -36.40 3.91 -17.25
N THR J 89 -37.54 3.31 -16.92
CA THR J 89 -37.55 2.20 -15.99
C THR J 89 -36.81 1.00 -16.56
N LEU J 90 -37.03 0.71 -17.85
CA LEU J 90 -36.33 -0.38 -18.50
C LEU J 90 -34.83 -0.23 -18.39
N LEU J 91 -34.32 0.96 -18.69
CA LEU J 91 -32.89 1.22 -18.52
C LEU J 91 -32.46 1.06 -17.08
N SER J 92 -33.16 1.73 -16.17
CA SER J 92 -32.80 1.68 -14.76
C SER J 92 -32.50 0.26 -14.31
N ASN J 93 -33.28 -0.70 -14.81
CA ASN J 93 -33.05 -2.10 -14.44
C ASN J 93 -31.86 -2.68 -15.18
N MET J 94 -31.69 -2.29 -16.45
CA MET J 94 -30.61 -2.85 -17.24
C MET J 94 -29.26 -2.37 -16.74
N LEU J 95 -29.23 -1.30 -15.96
CA LEU J 95 -27.97 -0.79 -15.45
C LEU J 95 -27.73 -1.26 -14.02
N ASN J 96 -28.75 -1.19 -13.16
CA ASN J 96 -28.59 -1.66 -11.80
C ASN J 96 -28.19 -3.11 -11.75
N GLN J 97 -28.58 -3.90 -12.76
N GLN J 97 -28.58 -3.90 -12.76
CA GLN J 97 -28.25 -5.31 -12.79
CA GLN J 97 -28.25 -5.31 -12.79
C GLN J 97 -26.75 -5.56 -12.93
C GLN J 97 -26.75 -5.56 -12.93
N VAL J 98 -25.98 -4.55 -13.30
CA VAL J 98 -24.54 -4.70 -13.47
C VAL J 98 -23.83 -3.55 -12.79
N LYS J 99 -24.35 -3.11 -11.64
CA LYS J 99 -23.81 -1.95 -10.97
C LYS J 99 -22.41 -2.18 -10.44
N TYR J 100 -21.94 -3.42 -10.47
CA TYR J 100 -20.57 -3.74 -10.05
C TYR J 100 -19.66 -4.06 -11.22
N MET J 101 -20.21 -4.23 -12.42
CA MET J 101 -19.45 -4.28 -13.66
C MET J 101 -20.13 -3.36 -14.66
N PRO J 102 -20.18 -2.07 -14.35
CA PRO J 102 -21.22 -1.21 -14.91
C PRO J 102 -20.83 -0.49 -16.20
N TYR J 103 -21.84 0.14 -16.79
CA TYR J 103 -21.64 1.10 -17.86
C TYR J 103 -21.34 2.47 -17.24
N MET J 104 -20.30 3.12 -17.74
CA MET J 104 -19.89 4.42 -17.22
C MET J 104 -20.42 5.52 -18.14
N VAL J 105 -21.69 5.86 -17.90
CA VAL J 105 -22.41 6.79 -18.75
C VAL J 105 -23.37 7.63 -17.93
N GLN J 106 -23.83 8.71 -18.53
CA GLN J 106 -24.93 9.53 -18.03
C GLN J 106 -25.86 9.79 -19.19
N LEU J 107 -27.16 9.62 -18.96
CA LEU J 107 -28.14 9.61 -20.02
C LEU J 107 -29.27 10.58 -19.74
N LEU J 108 -29.90 11.02 -20.83
CA LEU J 108 -31.14 11.77 -20.79
C LEU J 108 -32.13 11.14 -21.75
N VAL J 109 -33.38 11.07 -21.33
CA VAL J 109 -34.46 10.52 -22.14
C VAL J 109 -35.57 11.55 -22.23
N GLY J 110 -36.02 11.80 -23.44
CA GLY J 110 -37.07 12.78 -23.66
C GLY J 110 -37.98 12.33 -24.78
N GLY J 111 -39.26 12.63 -24.61
CA GLY J 111 -40.23 12.24 -25.60
C GLY J 111 -41.58 12.82 -25.31
N ILE J 112 -42.58 12.31 -26.01
CA ILE J 112 -43.95 12.74 -25.91
C ILE J 112 -44.84 11.51 -25.85
N ASP J 113 -45.78 11.52 -24.91
CA ASP J 113 -46.87 10.55 -24.89
C ASP J 113 -48.21 11.25 -24.83
N THR J 114 -48.81 11.40 -23.64
CA THR J 114 -49.94 12.28 -23.46
C THR J 114 -49.43 13.67 -23.11
N ALA J 115 -48.20 13.75 -22.64
CA ALA J 115 -47.55 14.99 -22.27
C ALA J 115 -46.05 14.85 -22.45
N PRO J 116 -45.32 15.96 -22.38
CA PRO J 116 -43.86 15.88 -22.47
C PRO J 116 -43.26 15.35 -21.18
N HIS J 117 -42.09 14.74 -21.32
CA HIS J 117 -41.38 14.18 -20.18
C HIS J 117 -39.90 14.16 -20.48
N VAL J 118 -39.10 14.41 -19.45
CA VAL J 118 -37.64 14.32 -19.53
C VAL J 118 -37.15 13.59 -18.30
N PHE J 119 -36.21 12.68 -18.50
CA PHE J 119 -35.67 11.86 -17.43
C PHE J 119 -34.15 11.89 -17.48
N SER J 120 -33.54 11.96 -16.29
CA SER J 120 -32.10 11.82 -16.12
C SER J 120 -31.82 10.46 -15.51
N ILE J 121 -30.74 9.83 -15.94
CA ILE J 121 -30.42 8.46 -15.55
C ILE J 121 -28.92 8.35 -15.32
N ASP J 122 -28.56 7.70 -14.22
CA ASP J 122 -27.17 7.53 -13.85
C ASP J 122 -26.71 6.11 -14.14
N ALA J 123 -25.45 5.84 -13.81
CA ALA J 123 -24.86 4.54 -14.13
C ALA J 123 -25.42 3.43 -13.27
N ALA J 124 -25.91 3.76 -12.07
CA ALA J 124 -26.41 2.75 -11.16
C ALA J 124 -27.89 2.44 -11.36
N GLY J 125 -28.58 3.24 -12.15
CA GLY J 125 -29.97 2.99 -12.45
C GLY J 125 -30.93 4.03 -11.94
N GLY J 126 -30.45 5.08 -11.29
CA GLY J 126 -31.34 6.09 -10.74
C GLY J 126 -31.96 6.91 -11.83
N SER J 127 -33.29 6.96 -11.84
CA SER J 127 -34.05 7.70 -12.83
C SER J 127 -34.89 8.75 -12.13
N VAL J 128 -34.84 9.98 -12.63
CA VAL J 128 -35.58 11.10 -12.06
C VAL J 128 -36.15 11.95 -13.18
N GLU J 129 -37.41 12.33 -13.04
CA GLU J 129 -38.06 13.20 -13.99
C GLU J 129 -37.89 14.65 -13.58
N ASP J 130 -37.71 15.51 -14.58
CA ASP J 130 -37.45 16.94 -14.32
C ASP J 130 -37.90 17.73 -15.54
N ILE J 131 -38.01 19.05 -15.39
CA ILE J 131 -38.44 19.92 -16.49
C ILE J 131 -37.27 20.25 -17.39
N TYR J 132 -36.05 20.24 -16.85
CA TYR J 132 -34.87 20.40 -17.66
C TYR J 132 -33.69 19.78 -16.93
N ALA J 133 -32.72 19.32 -17.71
CA ALA J 133 -31.56 18.66 -17.16
C ALA J 133 -30.40 18.79 -18.14
N SER J 134 -29.23 18.38 -17.69
CA SER J 134 -28.02 18.46 -18.49
C SER J 134 -27.00 17.48 -17.96
N THR J 135 -26.16 16.99 -18.86
CA THR J 135 -25.10 16.04 -18.47
C THR J 135 -23.79 16.51 -19.08
N GLY J 136 -22.68 15.99 -18.60
CA GLY J 136 -21.36 16.26 -19.12
C GLY J 136 -20.60 17.23 -18.26
N SER J 137 -19.34 17.41 -18.65
CA SER J 137 -18.46 18.31 -17.92
C SER J 137 -18.94 19.75 -17.99
N GLY J 138 -19.71 20.09 -19.01
CA GLY J 138 -20.25 21.42 -19.19
C GLY J 138 -21.63 21.61 -18.61
N SER J 139 -22.16 20.62 -17.91
CA SER J 139 -23.48 20.72 -17.33
C SER J 139 -23.64 21.95 -16.46
N PRO J 140 -22.77 22.23 -15.50
CA PRO J 140 -23.01 23.36 -14.60
C PRO J 140 -23.10 24.70 -15.31
N PHE J 141 -22.29 24.93 -16.33
CA PHE J 141 -22.39 26.18 -17.07
C PHE J 141 -23.73 26.31 -17.76
N VAL J 142 -24.45 25.20 -17.90
CA VAL J 142 -25.77 25.25 -18.50
C VAL J 142 -26.83 25.52 -17.46
N TYR J 143 -26.74 24.84 -16.32
CA TYR J 143 -27.69 25.07 -15.24
C TYR J 143 -27.70 26.53 -14.81
N GLY J 144 -26.57 27.20 -14.96
CA GLY J 144 -26.52 28.60 -14.60
C GLY J 144 -27.30 29.48 -15.56
N VAL J 145 -27.40 29.06 -16.82
CA VAL J 145 -28.14 29.83 -17.80
C VAL J 145 -29.62 29.56 -17.69
N LEU J 146 -29.99 28.33 -17.38
CA LEU J 146 -31.39 27.97 -17.31
C LEU J 146 -32.05 28.53 -16.05
N GLU J 147 -31.35 28.45 -14.92
CA GLU J 147 -31.86 29.04 -13.69
C GLU J 147 -32.20 30.51 -13.86
N SER J 148 -31.59 31.18 -14.83
CA SER J 148 -31.73 32.61 -14.99
C SER J 148 -32.65 33.02 -16.13
N GLN J 149 -32.87 32.14 -17.11
CA GLN J 149 -33.61 32.52 -18.30
C GLN J 149 -34.73 31.56 -18.67
N TYR J 150 -34.80 30.38 -18.06
CA TYR J 150 -35.85 29.44 -18.40
C TYR J 150 -37.21 29.96 -17.93
N SER J 151 -38.24 29.62 -18.69
CA SER J 151 -39.61 29.96 -18.34
C SER J 151 -40.54 29.01 -19.06
N GLU J 152 -41.35 28.27 -18.30
CA GLU J 152 -42.33 27.30 -18.87
C GLU J 152 -43.21 27.97 -19.92
N LYS J 153 -43.40 29.29 -19.85
CA LYS J 153 -44.30 29.98 -20.77
C LYS J 153 -43.67 30.25 -22.12
N MET J 154 -42.46 29.78 -22.36
CA MET J 154 -41.76 30.13 -23.58
C MET J 154 -42.25 29.27 -24.75
N THR J 155 -41.99 29.77 -25.95
CA THR J 155 -42.34 29.09 -27.17
C THR J 155 -41.23 28.13 -27.57
N VAL J 156 -41.32 27.62 -28.79
CA VAL J 156 -40.30 26.72 -29.30
C VAL J 156 -39.12 27.51 -29.83
N ASP J 157 -39.39 28.55 -30.62
CA ASP J 157 -38.31 29.37 -31.13
C ASP J 157 -37.49 29.98 -30.01
N GLU J 158 -38.13 30.30 -28.89
CA GLU J 158 -37.40 30.87 -27.77
C GLU J 158 -36.59 29.81 -27.04
N GLY J 159 -37.10 28.58 -27.00
CA GLY J 159 -36.38 27.52 -26.32
C GLY J 159 -35.17 27.05 -27.10
N VAL J 160 -35.26 27.09 -28.42
CA VAL J 160 -34.11 26.74 -29.25
C VAL J 160 -32.99 27.74 -29.06
N ASP J 161 -33.32 29.03 -29.07
CA ASP J 161 -32.31 30.06 -28.87
C ASP J 161 -31.68 29.93 -27.49
N LEU J 162 -32.40 29.35 -26.54
CA LEU J 162 -31.90 29.23 -25.18
C LEU J 162 -30.86 28.14 -25.07
N VAL J 163 -31.18 26.94 -25.55
CA VAL J 163 -30.24 25.84 -25.50
C VAL J 163 -28.96 26.19 -26.25
N ILE J 164 -29.06 27.08 -27.23
CA ILE J 164 -27.89 27.51 -27.98
C ILE J 164 -27.07 28.48 -27.15
N ARG J 165 -27.72 29.46 -26.52
CA ARG J 165 -27.01 30.36 -25.63
C ARG J 165 -26.33 29.61 -24.51
N ALA J 166 -26.89 28.45 -24.13
CA ALA J 166 -26.36 27.72 -22.99
C ALA J 166 -25.13 26.91 -23.37
N ILE J 167 -25.22 26.14 -24.44
CA ILE J 167 -24.09 25.31 -24.86
C ILE J 167 -22.97 26.19 -25.38
N SER J 168 -23.31 27.27 -26.06
CA SER J 168 -22.28 28.19 -26.54
C SER J 168 -21.46 28.72 -25.38
N ALA J 169 -22.02 28.70 -24.17
CA ALA J 169 -21.29 29.20 -23.01
C ALA J 169 -20.37 28.12 -22.45
N ALA J 170 -20.84 26.88 -22.41
CA ALA J 170 -19.99 25.79 -21.95
C ALA J 170 -18.79 25.61 -22.86
N LYS J 171 -18.98 25.79 -24.16
CA LYS J 171 -17.88 25.70 -25.10
C LYS J 171 -16.82 26.75 -24.80
N GLN J 172 -17.22 27.88 -24.25
CA GLN J 172 -16.29 28.95 -23.90
C GLN J 172 -15.56 28.69 -22.60
N ARG J 173 -15.98 27.70 -21.82
CA ARG J 173 -15.41 27.48 -20.50
C ARG J 173 -15.07 26.04 -20.18
N ASP J 174 -15.59 25.07 -20.94
CA ASP J 174 -15.23 23.67 -20.79
C ASP J 174 -14.38 23.26 -21.98
N SER J 175 -13.21 22.70 -21.69
CA SER J 175 -12.27 22.36 -22.74
C SER J 175 -12.67 21.10 -23.49
N ALA J 176 -13.42 20.21 -22.85
CA ALA J 176 -13.84 18.97 -23.48
C ALA J 176 -15.15 19.10 -24.23
N SER J 177 -15.62 20.32 -24.47
CA SER J 177 -16.84 20.57 -25.21
C SER J 177 -16.54 21.48 -26.38
N GLY J 178 -17.08 21.16 -27.54
CA GLY J 178 -16.84 21.95 -28.72
C GLY J 178 -17.48 21.31 -29.93
N GLY J 179 -17.51 22.07 -31.01
CA GLY J 179 -18.06 21.62 -32.26
C GLY J 179 -19.37 22.30 -32.58
N MET J 180 -19.90 21.91 -33.73
CA MET J 180 -21.21 22.40 -34.12
C MET J 180 -22.28 21.80 -33.24
N ILE J 181 -23.40 22.48 -33.13
CA ILE J 181 -24.47 22.13 -32.22
C ILE J 181 -25.54 21.38 -32.98
N ASP J 182 -25.94 20.23 -32.46
CA ASP J 182 -27.03 19.44 -33.00
C ASP J 182 -28.26 19.61 -32.12
N VAL J 183 -29.39 19.90 -32.74
CA VAL J 183 -30.61 20.21 -32.03
C VAL J 183 -31.75 19.36 -32.59
N ALA J 184 -32.65 18.94 -31.71
CA ALA J 184 -33.82 18.18 -32.08
C ALA J 184 -35.04 18.78 -31.42
N VAL J 185 -36.19 18.61 -32.06
CA VAL J 185 -37.47 19.09 -31.57
C VAL J 185 -38.49 17.98 -31.74
N ILE J 186 -39.36 17.83 -30.75
CA ILE J 186 -40.31 16.74 -30.70
C ILE J 186 -41.69 17.30 -30.43
N THR J 187 -42.66 16.89 -31.25
CA THR J 187 -44.04 17.29 -31.07
C THR J 187 -44.93 16.17 -31.59
N ARG J 188 -46.12 16.06 -30.98
CA ARG J 188 -47.08 15.06 -31.44
C ARG J 188 -47.50 15.32 -32.88
N LYS J 189 -47.37 16.56 -33.32
CA LYS J 189 -47.80 16.92 -34.67
C LYS J 189 -46.76 16.50 -35.70
N ASP J 190 -45.60 17.14 -35.67
CA ASP J 190 -44.55 16.91 -36.65
C ASP J 190 -43.59 15.80 -36.25
N GLY J 191 -43.62 15.35 -35.01
CA GLY J 191 -42.75 14.28 -34.57
C GLY J 191 -41.34 14.75 -34.32
N TYR J 192 -40.45 13.76 -34.22
CA TYR J 192 -39.03 14.04 -34.02
C TYR J 192 -38.47 14.73 -35.25
N VAL J 193 -37.79 15.84 -35.04
CA VAL J 193 -37.26 16.65 -36.13
C VAL J 193 -35.88 17.15 -35.72
N GLN J 194 -34.87 16.79 -36.51
CA GLN J 194 -33.52 17.28 -36.32
C GLN J 194 -33.35 18.53 -37.17
N LEU J 195 -32.95 19.63 -36.55
CA LEU J 195 -32.92 20.89 -37.25
C LEU J 195 -31.77 20.94 -38.25
N PRO J 196 -31.97 21.55 -39.40
CA PRO J 196 -30.86 21.71 -40.34
C PRO J 196 -29.76 22.60 -39.75
N THR J 197 -28.54 22.35 -40.22
CA THR J 197 -27.40 23.10 -39.70
C THR J 197 -27.50 24.57 -40.05
N ASP J 198 -28.07 24.88 -41.22
CA ASP J 198 -28.14 26.27 -41.64
C ASP J 198 -29.03 27.09 -40.72
N GLN J 199 -30.11 26.50 -40.21
CA GLN J 199 -30.96 27.22 -39.27
C GLN J 199 -30.23 27.54 -37.98
N ILE J 200 -29.31 26.65 -37.58
CA ILE J 200 -28.54 26.89 -36.37
C ILE J 200 -27.59 28.05 -36.59
N GLU J 201 -26.77 27.97 -37.63
CA GLU J 201 -25.84 29.05 -37.94
C GLU J 201 -26.58 30.37 -38.06
N SER J 202 -27.78 30.36 -38.64
CA SER J 202 -28.56 31.59 -38.77
C SER J 202 -28.86 32.19 -37.41
N ARG J 203 -29.46 31.40 -36.52
CA ARG J 203 -29.81 31.92 -35.20
C ARG J 203 -28.58 32.40 -34.44
N ILE J 204 -27.45 31.74 -34.66
CA ILE J 204 -26.23 32.12 -33.96
C ILE J 204 -25.82 33.54 -34.33
N ARG J 205 -25.64 33.79 -35.63
CA ARG J 205 -25.35 35.14 -36.08
C ARG J 205 -26.39 36.13 -35.57
N LYS J 206 -27.66 35.70 -35.56
CA LYS J 206 -28.73 36.57 -35.09
C LYS J 206 -28.57 36.90 -33.61
N LEU J 207 -27.86 36.07 -32.87
CA LEU J 207 -27.67 36.29 -31.44
C LEU J 207 -26.31 36.87 -31.10
N GLY J 208 -25.31 36.70 -31.97
CA GLY J 208 -24.00 37.25 -31.71
C GLY J 208 -23.10 36.33 -30.93
N LEU J 209 -22.85 35.13 -31.45
CA LEU J 209 -22.03 34.13 -30.78
C LEU J 209 -20.95 33.56 -31.68
N ILE J 210 -20.36 34.37 -32.55
CA ILE J 210 -19.33 33.89 -33.46
C ILE J 210 -18.43 35.03 -33.88
N THR K 9 4.62 3.25 -32.89
CA THR K 9 3.79 2.88 -34.06
C THR K 9 3.13 4.12 -34.63
N THR K 10 2.84 4.09 -35.93
CA THR K 10 2.20 5.22 -36.58
C THR K 10 1.38 4.72 -37.77
N THR K 11 0.07 4.88 -37.69
CA THR K 11 -0.85 4.51 -38.80
C THR K 11 -1.61 5.76 -39.20
N VAL K 12 -2.15 5.83 -40.40
CA VAL K 12 -2.91 6.96 -40.92
C VAL K 12 -3.85 6.46 -42.00
N GLY K 13 -5.04 7.03 -42.01
CA GLY K 13 -6.01 6.75 -43.04
C GLY K 13 -6.83 7.99 -43.35
N ILE K 14 -6.94 8.34 -44.62
CA ILE K 14 -7.69 9.51 -45.03
C ILE K 14 -8.79 9.11 -45.99
N THR K 15 -9.47 10.12 -46.51
CA THR K 15 -10.63 9.95 -47.36
C THR K 15 -10.66 11.06 -48.39
N LEU K 16 -10.92 10.68 -49.64
CA LEU K 16 -11.05 11.65 -50.72
C LEU K 16 -12.41 11.53 -51.38
N LYS K 17 -12.52 12.00 -52.61
CA LYS K 17 -13.81 11.99 -53.30
C LYS K 17 -14.25 10.57 -53.60
N ASP K 18 -13.41 9.81 -54.30
CA ASP K 18 -13.77 8.45 -54.71
C ASP K 18 -12.66 7.47 -54.37
N ALA K 19 -11.94 7.70 -53.29
CA ALA K 19 -10.82 6.84 -52.94
C ALA K 19 -10.58 6.87 -51.44
N VAL K 20 -9.79 5.91 -50.98
CA VAL K 20 -9.32 5.83 -49.62
C VAL K 20 -7.85 5.48 -49.63
N ILE K 21 -7.10 6.01 -48.68
CA ILE K 21 -5.66 5.85 -48.62
C ILE K 21 -5.28 5.55 -47.18
N MET K 22 -4.45 4.53 -47.00
CA MET K 22 -4.00 4.09 -45.70
C MET K 22 -2.51 3.80 -45.77
N ALA K 23 -1.82 4.04 -44.67
CA ALA K 23 -0.37 3.90 -44.66
C ALA K 23 0.11 3.63 -43.25
N THR K 24 1.27 3.00 -43.16
CA THR K 24 1.89 2.70 -41.88
C THR K 24 3.41 2.71 -42.05
N GLU K 25 4.08 2.54 -40.92
CA GLU K 25 5.48 2.16 -40.89
C GLU K 25 5.57 0.71 -40.49
N ARG K 26 6.80 0.20 -40.38
CA ARG K 26 7.02 -1.22 -40.19
C ARG K 26 7.77 -1.58 -38.92
N ARG K 27 8.31 -0.61 -38.20
CA ARG K 27 9.12 -0.93 -37.04
C ARG K 27 8.28 -1.56 -35.94
N VAL K 28 8.87 -2.58 -35.31
CA VAL K 28 8.27 -3.26 -34.17
C VAL K 28 9.26 -3.23 -33.04
N THR K 29 8.75 -3.22 -31.81
CA THR K 29 9.58 -3.09 -30.62
C THR K 29 9.12 -4.10 -29.58
N MET K 30 9.97 -5.09 -29.31
CA MET K 30 9.73 -6.07 -28.27
C MET K 30 10.95 -6.11 -27.36
N GLU K 31 10.68 -6.20 -26.06
CA GLU K 31 11.73 -6.26 -25.05
C GLU K 31 12.44 -4.92 -24.90
N ASN K 32 11.77 -3.84 -25.29
CA ASN K 32 12.26 -2.48 -25.07
C ASN K 32 13.44 -2.16 -25.98
N PHE K 33 13.47 -2.78 -27.15
CA PHE K 33 14.46 -2.43 -28.16
C PHE K 33 13.92 -2.83 -29.52
N ILE K 34 14.63 -2.40 -30.56
CA ILE K 34 14.19 -2.59 -31.94
C ILE K 34 14.53 -4.01 -32.33
N MET K 35 13.54 -4.89 -32.27
CA MET K 35 13.73 -6.29 -32.59
C MET K 35 13.42 -6.64 -34.03
N HIS K 36 12.53 -5.89 -34.66
CA HIS K 36 12.16 -6.13 -36.05
C HIS K 36 11.96 -4.79 -36.75
N LYS K 37 12.42 -4.74 -38.00
CA LYS K 37 12.34 -3.54 -38.81
C LYS K 37 11.31 -3.61 -39.92
N ASN K 38 10.97 -4.79 -40.39
CA ASN K 38 10.04 -4.93 -41.49
C ASN K 38 8.77 -5.67 -41.06
N GLY K 39 8.20 -5.25 -39.95
CA GLY K 39 6.94 -5.78 -39.52
C GLY K 39 5.83 -5.46 -40.50
N LYS K 40 4.62 -5.84 -40.12
CA LYS K 40 3.43 -5.61 -40.93
C LYS K 40 2.29 -5.15 -40.04
N LYS K 41 1.62 -4.09 -40.46
CA LYS K 41 0.52 -3.51 -39.70
C LYS K 41 -0.65 -3.09 -40.56
N LEU K 42 -0.57 -3.25 -41.88
CA LEU K 42 -1.63 -2.89 -42.80
C LEU K 42 -2.10 -4.14 -43.53
N PHE K 43 -3.40 -4.41 -43.44
CA PHE K 43 -3.96 -5.65 -43.94
C PHE K 43 -5.17 -5.38 -44.83
N GLN K 44 -5.37 -6.28 -45.77
CA GLN K 44 -6.57 -6.31 -46.59
C GLN K 44 -7.49 -7.39 -46.04
N ILE K 45 -8.63 -6.97 -45.51
CA ILE K 45 -9.59 -7.89 -44.93
C ILE K 45 -10.79 -8.14 -45.82
N ASP K 46 -10.87 -7.39 -46.91
CA ASP K 46 -11.99 -7.53 -47.87
C ASP K 46 -11.55 -6.98 -49.21
N THR K 47 -12.39 -7.11 -50.22
CA THR K 47 -12.05 -6.68 -51.58
C THR K 47 -11.91 -5.18 -51.67
N TYR K 48 -12.71 -4.43 -50.92
CA TYR K 48 -12.68 -2.98 -50.90
C TYR K 48 -12.54 -2.47 -49.48
N THR K 49 -11.74 -3.15 -48.68
CA THR K 49 -11.65 -2.84 -47.26
C THR K 49 -10.28 -3.19 -46.74
N GLY K 50 -9.78 -2.36 -45.82
CA GLY K 50 -8.49 -2.58 -45.20
C GLY K 50 -8.52 -2.15 -43.75
N MET K 51 -7.47 -2.54 -43.04
CA MET K 51 -7.39 -2.25 -41.62
C MET K 51 -5.95 -2.03 -41.21
N THR K 52 -5.77 -1.18 -40.19
CA THR K 52 -4.49 -0.98 -39.54
C THR K 52 -4.61 -1.36 -38.08
N ILE K 53 -3.47 -1.50 -37.42
CA ILE K 53 -3.41 -1.92 -36.03
C ILE K 53 -2.30 -1.16 -35.32
N ALA K 54 -2.46 -0.99 -34.02
CA ALA K 54 -1.46 -0.39 -33.18
C ALA K 54 -1.67 -0.86 -31.76
N GLY K 55 -0.58 -1.30 -31.12
CA GLY K 55 -0.64 -1.82 -29.78
C GLY K 55 -0.07 -3.22 -29.69
N LEU K 56 -0.64 -4.01 -28.80
CA LEU K 56 -0.16 -5.37 -28.60
C LEU K 56 -0.31 -6.17 -29.88
N VAL K 57 0.81 -6.73 -30.34
CA VAL K 57 0.83 -7.40 -31.63
C VAL K 57 -0.07 -8.63 -31.62
N GLY K 58 0.05 -9.45 -30.58
CA GLY K 58 -0.72 -10.69 -30.54
C GLY K 58 -2.21 -10.43 -30.59
N ASP K 59 -2.70 -9.53 -29.75
CA ASP K 59 -4.12 -9.23 -29.73
C ASP K 59 -4.60 -8.73 -31.07
N ALA K 60 -3.72 -8.06 -31.82
CA ALA K 60 -4.12 -7.51 -33.10
C ALA K 60 -4.16 -8.58 -34.19
N GLN K 61 -3.09 -9.37 -34.29
CA GLN K 61 -3.05 -10.43 -35.29
C GLN K 61 -4.26 -11.34 -35.16
N VAL K 62 -4.67 -11.64 -33.93
CA VAL K 62 -5.85 -12.46 -33.71
C VAL K 62 -7.05 -11.86 -34.42
N LEU K 63 -7.38 -10.62 -34.09
CA LEU K 63 -8.53 -9.97 -34.69
C LEU K 63 -8.50 -10.05 -36.20
N VAL K 64 -7.37 -9.67 -36.80
CA VAL K 64 -7.26 -9.68 -38.26
C VAL K 64 -7.67 -11.03 -38.81
N ARG K 65 -7.44 -12.10 -38.04
CA ARG K 65 -7.86 -13.42 -38.51
C ARG K 65 -9.35 -13.61 -38.34
N TYR K 66 -9.91 -13.13 -37.24
CA TYR K 66 -11.36 -13.21 -37.05
C TYR K 66 -12.08 -12.43 -38.13
N MET K 67 -11.63 -11.20 -38.41
CA MET K 67 -12.33 -10.36 -39.35
C MET K 67 -12.26 -10.92 -40.77
N LYS K 68 -11.07 -11.33 -41.19
CA LYS K 68 -10.93 -11.92 -42.51
C LYS K 68 -11.91 -13.07 -42.71
N ALA K 69 -12.23 -13.77 -41.63
CA ALA K 69 -13.12 -14.92 -41.73
C ALA K 69 -14.58 -14.49 -41.80
N GLU K 70 -14.99 -13.63 -40.88
CA GLU K 70 -16.38 -13.18 -40.85
C GLU K 70 -16.77 -12.50 -42.15
N LEU K 71 -15.81 -11.87 -42.83
CA LEU K 71 -16.14 -11.12 -44.03
C LEU K 71 -16.07 -12.00 -45.27
N GLU K 72 -15.22 -13.01 -45.26
CA GLU K 72 -15.18 -13.94 -46.39
C GLU K 72 -16.37 -14.89 -46.34
N LEU K 73 -16.82 -15.21 -45.13
CA LEU K 73 -18.05 -15.98 -44.99
C LEU K 73 -19.23 -15.23 -45.56
N TYR K 74 -19.53 -14.06 -45.01
CA TYR K 74 -20.59 -13.21 -45.53
C TYR K 74 -20.54 -13.12 -47.04
N ARG K 75 -19.37 -12.83 -47.60
CA ARG K 75 -19.27 -12.61 -49.03
C ARG K 75 -19.69 -13.84 -49.83
N LEU K 76 -19.48 -15.02 -49.26
CA LEU K 76 -19.80 -16.25 -49.98
C LEU K 76 -21.27 -16.61 -49.82
N GLN K 77 -21.78 -16.52 -48.60
CA GLN K 77 -23.19 -16.81 -48.36
C GLN K 77 -24.09 -15.81 -49.06
N ARG K 78 -23.88 -14.51 -48.79
CA ARG K 78 -24.76 -13.42 -49.30
C ARG K 78 -24.33 -12.96 -50.70
N ARG K 79 -23.11 -13.24 -51.14
CA ARG K 79 -22.67 -12.96 -52.50
C ARG K 79 -22.28 -11.50 -52.71
N VAL K 80 -22.19 -10.69 -51.66
CA VAL K 80 -21.76 -9.31 -51.75
C VAL K 80 -21.01 -8.92 -50.49
N ASN K 81 -20.29 -7.82 -50.58
CA ASN K 81 -19.42 -7.37 -49.50
C ASN K 81 -20.21 -6.60 -48.45
N MET K 82 -19.80 -6.78 -47.20
CA MET K 82 -20.43 -6.07 -46.11
C MET K 82 -20.08 -4.58 -46.20
N PRO K 83 -21.00 -3.69 -45.86
CA PRO K 83 -20.66 -2.27 -45.79
C PRO K 83 -19.59 -2.02 -44.74
N ILE K 84 -19.23 -0.76 -44.59
CA ILE K 84 -18.14 -0.40 -43.69
C ILE K 84 -18.68 -0.05 -42.31
N GLU K 85 -19.81 0.65 -42.27
CA GLU K 85 -20.43 0.96 -40.98
C GLU K 85 -20.69 -0.32 -40.19
N ALA K 86 -20.99 -1.40 -40.88
CA ALA K 86 -21.29 -2.65 -40.21
C ALA K 86 -20.03 -3.33 -39.71
N VAL K 87 -18.96 -3.29 -40.49
CA VAL K 87 -17.68 -3.84 -40.06
C VAL K 87 -17.27 -3.23 -38.74
N ALA K 88 -17.31 -1.90 -38.66
CA ALA K 88 -16.92 -1.22 -37.44
C ALA K 88 -17.85 -1.56 -36.29
N THR K 89 -19.14 -1.70 -36.57
CA THR K 89 -20.09 -2.07 -35.53
C THR K 89 -19.81 -3.47 -35.01
N LEU K 90 -19.51 -4.40 -35.92
CA LEU K 90 -19.19 -5.76 -35.52
C LEU K 90 -18.02 -5.78 -34.54
N LEU K 91 -16.95 -5.07 -34.87
CA LEU K 91 -15.83 -4.97 -33.94
C LEU K 91 -16.24 -4.33 -32.63
N SER K 92 -16.89 -3.16 -32.69
CA SER K 92 -17.28 -2.45 -31.49
C SER K 92 -17.92 -3.40 -30.48
N ASN K 93 -18.73 -4.34 -30.95
CA ASN K 93 -19.36 -5.29 -30.04
C ASN K 93 -18.38 -6.36 -29.59
N MET K 94 -17.49 -6.79 -30.48
CA MET K 94 -16.55 -7.84 -30.12
C MET K 94 -15.54 -7.37 -29.10
N LEU K 95 -15.40 -6.05 -28.94
CA LEU K 95 -14.45 -5.52 -27.98
C LEU K 95 -15.13 -5.12 -26.68
N ASN K 96 -16.26 -4.44 -26.77
CA ASN K 96 -17.00 -4.06 -25.58
C ASN K 96 -17.38 -5.28 -24.75
N GLN K 97 -17.57 -6.43 -25.40
N GLN K 97 -17.57 -6.43 -25.40
CA GLN K 97 -17.95 -7.63 -24.69
CA GLN K 97 -17.95 -7.63 -24.69
C GLN K 97 -16.87 -8.12 -23.74
C GLN K 97 -16.87 -8.12 -23.74
N VAL K 98 -15.64 -7.62 -23.87
CA VAL K 98 -14.54 -8.04 -23.02
C VAL K 98 -13.79 -6.82 -22.52
N LYS K 99 -14.53 -5.74 -22.24
CA LYS K 99 -13.88 -4.49 -21.88
C LYS K 99 -13.17 -4.57 -20.54
N TYR K 100 -13.37 -5.66 -19.79
CA TYR K 100 -12.68 -5.87 -18.54
C TYR K 100 -11.59 -6.93 -18.63
N MET K 101 -11.53 -7.67 -19.73
CA MET K 101 -10.39 -8.53 -20.07
C MET K 101 -10.02 -8.25 -21.52
N PRO K 102 -9.62 -7.02 -21.81
CA PRO K 102 -9.75 -6.50 -23.17
C PRO K 102 -8.53 -6.71 -24.06
N TYR K 103 -8.74 -6.40 -25.34
CA TYR K 103 -7.65 -6.25 -26.29
C TYR K 103 -7.09 -4.83 -26.17
N MET K 104 -5.76 -4.74 -26.10
CA MET K 104 -5.10 -3.45 -25.96
C MET K 104 -4.58 -3.01 -27.32
N VAL K 105 -5.49 -2.41 -28.10
CA VAL K 105 -5.22 -2.04 -29.48
C VAL K 105 -5.95 -0.76 -29.84
N GLN K 106 -5.52 -0.16 -30.94
CA GLN K 106 -6.21 0.93 -31.59
C GLN K 106 -6.26 0.61 -33.07
N LEU K 107 -7.43 0.78 -33.67
CA LEU K 107 -7.69 0.31 -35.02
C LEU K 107 -8.23 1.41 -35.91
N LEU K 108 -8.01 1.24 -37.21
CA LEU K 108 -8.63 2.05 -38.24
C LEU K 108 -9.22 1.13 -39.29
N VAL K 109 -10.40 1.49 -39.78
CA VAL K 109 -11.09 0.73 -40.80
C VAL K 109 -11.42 1.66 -41.94
N GLY K 110 -11.08 1.24 -43.15
CA GLY K 110 -11.33 2.06 -44.33
C GLY K 110 -11.71 1.19 -45.51
N GLY K 111 -12.61 1.70 -46.32
CA GLY K 111 -13.08 0.96 -47.46
C GLY K 111 -13.98 1.79 -48.33
N ILE K 112 -14.64 1.11 -49.25
CA ILE K 112 -15.53 1.71 -50.22
C ILE K 112 -16.79 0.87 -50.28
N ASP K 113 -17.94 1.55 -50.26
CA ASP K 113 -19.21 0.93 -50.58
C ASP K 113 -19.95 1.73 -51.65
N THR K 114 -20.88 2.59 -51.27
CA THR K 114 -21.42 3.58 -52.19
C THR K 114 -20.56 4.83 -52.14
N ALA K 115 -19.81 4.98 -51.06
CA ALA K 115 -18.92 6.11 -50.86
C ALA K 115 -17.76 5.69 -49.98
N PRO K 116 -16.73 6.52 -49.88
CA PRO K 116 -15.62 6.20 -48.98
C PRO K 116 -16.00 6.42 -47.52
N HIS K 117 -15.33 5.68 -46.65
CA HIS K 117 -15.57 5.78 -45.23
C HIS K 117 -14.31 5.39 -44.48
N VAL K 118 -14.07 6.06 -43.36
CA VAL K 118 -12.97 5.74 -42.46
C VAL K 118 -13.51 5.78 -41.03
N PHE K 119 -13.11 4.80 -40.24
CA PHE K 119 -13.57 4.67 -38.87
C PHE K 119 -12.39 4.45 -37.94
N SER K 120 -12.43 5.10 -36.79
CA SER K 120 -11.49 4.88 -35.70
C SER K 120 -12.18 4.09 -34.61
N ILE K 121 -11.45 3.18 -33.98
CA ILE K 121 -12.02 2.26 -33.01
C ILE K 121 -11.04 2.09 -31.86
N ASP K 122 -11.57 2.12 -30.64
CA ASP K 122 -10.76 2.01 -29.45
C ASP K 122 -10.94 0.63 -28.83
N ALA K 123 -10.25 0.41 -27.71
CA ALA K 123 -10.25 -0.89 -27.07
C ALA K 123 -11.59 -1.22 -26.43
N ALA K 124 -12.35 -0.21 -26.05
CA ALA K 124 -13.62 -0.43 -25.37
C ALA K 124 -14.78 -0.59 -26.34
N GLY K 125 -14.59 -0.29 -27.62
CA GLY K 125 -15.62 -0.47 -28.61
C GLY K 125 -16.10 0.80 -29.26
N GLY K 126 -15.55 1.95 -28.89
CA GLY K 126 -16.03 3.20 -29.45
C GLY K 126 -15.62 3.33 -30.90
N SER K 127 -16.60 3.56 -31.76
CA SER K 127 -16.38 3.69 -33.19
C SER K 127 -16.86 5.06 -33.64
N VAL K 128 -16.03 5.76 -34.41
CA VAL K 128 -16.35 7.09 -34.89
C VAL K 128 -15.87 7.23 -36.32
N GLU K 129 -16.71 7.79 -37.17
CA GLU K 129 -16.38 8.05 -38.55
C GLU K 129 -15.76 9.43 -38.69
N ASP K 130 -14.77 9.54 -39.57
CA ASP K 130 -14.03 10.81 -39.77
C ASP K 130 -13.45 10.82 -41.16
N ILE K 131 -13.00 11.98 -41.63
CA ILE K 131 -12.42 12.11 -42.96
C ILE K 131 -10.96 11.71 -42.94
N TYR K 132 -10.30 11.85 -41.80
CA TYR K 132 -8.95 11.34 -41.65
C TYR K 132 -8.67 11.09 -40.19
N ALA K 133 -7.79 10.14 -39.93
CA ALA K 133 -7.47 9.75 -38.57
C ALA K 133 -6.07 9.13 -38.56
N SER K 134 -5.58 8.89 -37.35
CA SER K 134 -4.26 8.34 -37.15
C SER K 134 -4.18 7.71 -35.78
N THR K 135 -3.35 6.67 -35.67
CA THR K 135 -3.16 5.98 -34.39
C THR K 135 -1.67 5.83 -34.15
N GLY K 136 -1.29 5.52 -32.93
CA GLY K 136 0.08 5.25 -32.55
C GLY K 136 0.70 6.42 -31.83
N SER K 137 1.93 6.17 -31.36
CA SER K 137 2.66 7.20 -30.63
C SER K 137 2.99 8.39 -31.52
N GLY K 138 3.04 8.19 -32.83
CA GLY K 138 3.32 9.24 -33.78
C GLY K 138 2.09 9.92 -34.33
N SER K 139 0.92 9.58 -33.82
CA SER K 139 -0.32 10.19 -34.31
C SER K 139 -0.28 11.70 -34.28
N PRO K 140 0.06 12.35 -33.17
CA PRO K 140 -0.02 13.81 -33.13
C PRO K 140 0.86 14.51 -34.15
N PHE K 141 2.06 14.00 -34.42
CA PHE K 141 2.90 14.60 -35.43
C PHE K 141 2.26 14.50 -36.81
N VAL K 142 1.26 13.63 -36.96
CA VAL K 142 0.56 13.51 -38.23
C VAL K 142 -0.60 14.48 -38.29
N TYR K 143 -1.37 14.56 -37.21
CA TYR K 143 -2.49 15.49 -37.17
C TYR K 143 -2.03 16.91 -37.41
N GLY K 144 -0.79 17.22 -37.05
CA GLY K 144 -0.27 18.56 -37.29
C GLY K 144 -0.02 18.82 -38.76
N VAL K 145 0.28 17.78 -39.52
CA VAL K 145 0.54 17.94 -40.93
C VAL K 145 -0.76 18.00 -41.71
N LEU K 146 -1.75 17.23 -41.28
CA LEU K 146 -3.02 17.19 -42.00
C LEU K 146 -3.83 18.44 -41.75
N GLU K 147 -3.87 18.92 -40.52
CA GLU K 147 -4.55 20.17 -40.23
C GLU K 147 -4.06 21.31 -41.09
N SER K 148 -2.84 21.22 -41.62
CA SER K 148 -2.21 22.31 -42.33
C SER K 148 -2.20 22.11 -43.85
N GLN K 149 -2.31 20.88 -44.33
CA GLN K 149 -2.15 20.60 -45.75
C GLN K 149 -3.27 19.78 -46.36
N TYR K 150 -4.14 19.19 -45.56
CA TYR K 150 -5.22 18.38 -46.11
C TYR K 150 -6.23 19.25 -46.84
N SER K 151 -6.81 18.69 -47.89
CA SER K 151 -7.85 19.36 -48.65
C SER K 151 -8.67 18.31 -49.38
N GLU K 152 -9.97 18.26 -49.11
CA GLU K 152 -10.88 17.28 -49.75
C GLU K 152 -10.76 17.36 -51.27
N LYS K 153 -10.34 18.48 -51.84
CA LYS K 153 -10.29 18.65 -53.29
C LYS K 153 -9.06 18.01 -53.91
N MET K 154 -8.24 17.32 -53.12
CA MET K 154 -6.99 16.80 -53.63
C MET K 154 -7.21 15.53 -54.42
N THR K 155 -6.22 15.21 -55.26
CA THR K 155 -6.24 14.01 -56.06
C THR K 155 -5.65 12.84 -55.26
N VAL K 156 -5.39 11.75 -55.97
CA VAL K 156 -4.79 10.58 -55.33
C VAL K 156 -3.28 10.76 -55.23
N ASP K 157 -2.65 11.19 -56.32
CA ASP K 157 -1.21 11.41 -56.30
C ASP K 157 -0.83 12.42 -55.23
N GLU K 158 -1.69 13.41 -54.99
CA GLU K 158 -1.40 14.42 -53.97
C GLU K 158 -1.61 13.85 -52.58
N GLY K 159 -2.58 12.95 -52.42
CA GLY K 159 -2.83 12.38 -51.12
C GLY K 159 -1.77 11.38 -50.70
N VAL K 160 -1.20 10.67 -51.68
CA VAL K 160 -0.10 9.75 -51.38
C VAL K 160 1.11 10.53 -50.90
N ASP K 161 1.46 11.61 -51.59
CA ASP K 161 2.60 12.41 -51.18
C ASP K 161 2.38 13.00 -49.80
N LEU K 162 1.13 13.19 -49.41
CA LEU K 162 0.83 13.80 -48.12
C LEU K 162 1.08 12.82 -46.98
N VAL K 163 0.50 11.63 -47.07
CA VAL K 163 0.69 10.63 -46.03
C VAL K 163 2.17 10.30 -45.86
N ILE K 164 2.94 10.47 -46.92
CA ILE K 164 4.38 10.23 -46.83
C ILE K 164 5.06 11.37 -46.10
N ARG K 165 4.72 12.61 -46.46
CA ARG K 165 5.26 13.76 -45.74
C ARG K 165 4.91 13.69 -44.26
N ALA K 166 3.80 13.05 -43.93
CA ALA K 166 3.33 13.03 -42.56
C ALA K 166 4.07 12.00 -41.74
N ILE K 167 4.13 10.76 -42.23
CA ILE K 167 4.80 9.70 -41.50
C ILE K 167 6.30 9.95 -41.46
N SER K 168 6.86 10.50 -42.53
CA SER K 168 8.28 10.83 -42.54
C SER K 168 8.61 11.80 -41.42
N ALA K 169 7.62 12.55 -40.96
CA ALA K 169 7.86 13.50 -39.89
C ALA K 169 7.81 12.82 -38.53
N ALA K 170 6.87 11.91 -38.34
CA ALA K 170 6.79 11.17 -37.09
C ALA K 170 8.05 10.34 -36.89
N LYS K 171 8.58 9.77 -37.96
CA LYS K 171 9.82 9.01 -37.86
C LYS K 171 10.96 9.87 -37.36
N GLN K 172 10.92 11.17 -37.66
CA GLN K 172 11.95 12.08 -37.22
C GLN K 172 11.79 12.53 -35.78
N ARG K 173 10.66 12.23 -35.15
CA ARG K 173 10.38 12.72 -33.82
C ARG K 173 9.82 11.68 -32.86
N ASP K 174 9.34 10.55 -33.35
CA ASP K 174 8.90 9.45 -32.51
C ASP K 174 9.91 8.32 -32.61
N SER K 175 10.41 7.87 -31.47
CA SER K 175 11.45 6.85 -31.46
C SER K 175 10.91 5.46 -31.75
N ALA K 176 9.65 5.21 -31.48
CA ALA K 176 9.04 3.92 -31.71
C ALA K 176 8.46 3.77 -33.11
N SER K 177 8.77 4.70 -34.01
CA SER K 177 8.31 4.64 -35.38
C SER K 177 9.50 4.67 -36.32
N GLY K 178 9.47 3.82 -37.33
CA GLY K 178 10.56 3.76 -38.28
C GLY K 178 10.34 2.64 -39.26
N GLY K 179 11.17 2.64 -40.29
CA GLY K 179 11.13 1.64 -41.32
C GLY K 179 10.60 2.19 -42.63
N MET K 180 10.54 1.30 -43.61
CA MET K 180 9.95 1.66 -44.89
C MET K 180 8.45 1.82 -44.74
N ILE K 181 7.88 2.60 -45.64
CA ILE K 181 6.48 2.98 -45.57
C ILE K 181 5.67 2.09 -46.50
N ASP K 182 4.60 1.51 -45.96
CA ASP K 182 3.66 0.71 -46.73
C ASP K 182 2.41 1.54 -46.98
N VAL K 183 1.96 1.57 -48.22
CA VAL K 183 0.84 2.40 -48.63
C VAL K 183 -0.14 1.56 -49.42
N ALA K 184 -1.42 1.84 -49.25
CA ALA K 184 -2.49 1.17 -49.97
C ALA K 184 -3.46 2.20 -50.51
N VAL K 185 -4.10 1.86 -51.61
CA VAL K 185 -5.08 2.73 -52.26
C VAL K 185 -6.28 1.87 -52.63
N ILE K 186 -7.47 2.43 -52.45
CA ILE K 186 -8.72 1.71 -52.62
C ILE K 186 -9.63 2.51 -53.52
N THR K 187 -10.17 1.85 -54.54
CA THR K 187 -11.13 2.47 -55.45
C THR K 187 -12.08 1.39 -55.97
N ARG K 188 -13.30 1.81 -56.26
CA ARG K 188 -14.27 0.88 -56.81
C ARG K 188 -13.81 0.33 -58.15
N LYS K 189 -12.93 1.07 -58.83
CA LYS K 189 -12.48 0.64 -60.15
C LYS K 189 -11.40 -0.43 -60.04
N ASP K 190 -10.24 -0.06 -59.51
CA ASP K 190 -9.10 -0.95 -59.41
C ASP K 190 -9.07 -1.76 -58.12
N GLY K 191 -9.87 -1.40 -57.14
CA GLY K 191 -9.90 -2.15 -55.91
C GLY K 191 -8.72 -1.83 -55.00
N TYR K 192 -8.55 -2.69 -54.00
CA TYR K 192 -7.45 -2.56 -53.07
C TYR K 192 -6.13 -2.78 -53.80
N VAL K 193 -5.20 -1.84 -53.65
CA VAL K 193 -3.92 -1.89 -54.33
C VAL K 193 -2.84 -1.45 -53.37
N GLN K 194 -1.88 -2.32 -53.13
CA GLN K 194 -0.71 -2.00 -52.33
C GLN K 194 0.38 -1.51 -53.26
N LEU K 195 0.91 -0.32 -52.97
CA LEU K 195 1.83 0.31 -53.90
C LEU K 195 3.18 -0.39 -53.85
N PRO K 196 3.85 -0.52 -54.99
CA PRO K 196 5.20 -1.08 -54.99
C PRO K 196 6.16 -0.19 -54.21
N THR K 197 7.18 -0.83 -53.65
CA THR K 197 8.16 -0.09 -52.85
C THR K 197 8.92 0.91 -53.70
N ASP K 198 9.17 0.59 -54.97
CA ASP K 198 9.94 1.48 -55.81
C ASP K 198 9.22 2.79 -56.05
N GLN K 199 7.89 2.76 -56.18
CA GLN K 199 7.15 4.00 -56.35
C GLN K 199 7.25 4.88 -55.12
N ILE K 200 7.35 4.27 -53.94
CA ILE K 200 7.49 5.04 -52.71
C ILE K 200 8.84 5.73 -52.69
N GLU K 201 9.91 4.94 -52.84
CA GLU K 201 11.25 5.52 -52.87
C GLU K 201 11.35 6.62 -53.91
N SER K 202 10.70 6.45 -55.04
CA SER K 202 10.73 7.48 -56.08
C SER K 202 10.15 8.79 -55.57
N ARG K 203 8.92 8.74 -55.05
CA ARG K 203 8.28 9.97 -54.58
C ARG K 203 9.09 10.61 -53.46
N ILE K 204 9.74 9.79 -52.64
CA ILE K 204 10.52 10.33 -51.53
C ILE K 204 11.64 11.20 -52.05
N ARG K 205 12.51 10.64 -52.91
CA ARG K 205 13.55 11.44 -53.53
C ARG K 205 12.97 12.68 -54.20
N LYS K 206 11.81 12.52 -54.84
CA LYS K 206 11.18 13.63 -55.52
C LYS K 206 10.77 14.72 -54.54
N LEU K 207 10.59 14.36 -53.28
CA LEU K 207 10.17 15.33 -52.27
C LEU K 207 11.31 15.81 -51.39
N GLY K 208 12.39 15.04 -51.29
CA GLY K 208 13.52 15.44 -50.47
C GLY K 208 13.42 15.01 -49.03
N LEU K 209 13.30 13.72 -48.79
CA LEU K 209 13.15 13.18 -47.44
C LEU K 209 14.12 12.04 -47.16
N ILE K 210 15.35 12.13 -47.67
CA ILE K 210 16.33 11.07 -47.46
C ILE K 210 17.73 11.64 -47.58
N THR L 9 20.21 -16.78 -20.58
CA THR L 9 19.96 -17.62 -21.77
C THR L 9 20.30 -16.85 -23.03
N THR L 10 20.66 -17.58 -24.09
CA THR L 10 20.99 -16.94 -25.35
C THR L 10 20.69 -17.91 -26.48
N THR L 11 19.73 -17.55 -27.34
CA THR L 11 19.38 -18.35 -28.52
C THR L 11 19.56 -17.45 -29.74
N VAL L 12 19.73 -18.02 -30.92
CA VAL L 12 19.92 -17.30 -32.17
C VAL L 12 19.47 -18.18 -33.33
N GLY L 13 18.83 -17.56 -34.30
CA GLY L 13 18.44 -18.23 -35.52
C GLY L 13 18.54 -17.30 -36.70
N ILE L 14 19.20 -17.72 -37.76
CA ILE L 14 19.37 -16.90 -38.95
C ILE L 14 18.79 -17.62 -40.15
N THR L 15 18.97 -16.99 -41.31
CA THR L 15 18.41 -17.46 -42.56
C THR L 15 19.37 -17.14 -43.69
N LEU L 16 19.58 -18.12 -44.56
CA LEU L 16 20.43 -17.94 -45.73
C LEU L 16 19.64 -18.23 -46.99
N LYS L 17 20.34 -18.54 -48.08
CA LYS L 17 19.68 -18.75 -49.36
C LYS L 17 18.83 -20.01 -49.33
N ASP L 18 19.44 -21.14 -48.98
CA ASP L 18 18.74 -22.42 -48.98
C ASP L 18 18.98 -23.19 -47.70
N ALA L 19 19.13 -22.47 -46.58
CA ALA L 19 19.43 -23.13 -45.32
C ALA L 19 18.93 -22.28 -44.16
N VAL L 20 18.88 -22.91 -43.00
CA VAL L 20 18.56 -22.26 -41.74
C VAL L 20 19.52 -22.77 -40.69
N ILE L 21 19.89 -21.89 -39.76
CA ILE L 21 20.87 -22.19 -38.74
C ILE L 21 20.38 -21.66 -37.41
N MET L 22 20.46 -22.51 -36.39
CA MET L 22 19.99 -22.18 -35.06
C MET L 22 21.02 -22.67 -34.06
N ALA L 23 21.15 -21.94 -32.95
CA ALA L 23 22.17 -22.26 -31.98
C ALA L 23 21.77 -21.73 -30.61
N THR L 24 22.31 -22.36 -29.58
CA THR L 24 22.06 -21.96 -28.21
C THR L 24 23.29 -22.26 -27.37
N GLU L 25 23.20 -21.85 -26.11
CA GLU L 25 24.08 -22.33 -25.06
C GLU L 25 23.29 -23.30 -24.19
N ARG L 26 23.94 -23.82 -23.16
CA ARG L 26 23.37 -24.90 -22.36
C ARG L 26 23.19 -24.57 -20.90
N ARG L 27 23.70 -23.44 -20.42
CA ARG L 27 23.64 -23.15 -19.00
C ARG L 27 22.21 -22.93 -18.55
N VAL L 28 21.89 -23.46 -17.38
CA VAL L 28 20.60 -23.28 -16.74
C VAL L 28 20.84 -22.75 -15.34
N THR L 29 19.89 -21.97 -14.84
CA THR L 29 20.03 -21.31 -13.55
C THR L 29 18.73 -21.47 -12.77
N MET L 30 18.80 -22.23 -11.69
CA MET L 30 17.68 -22.40 -10.76
C MET L 30 18.17 -22.08 -9.37
N GLU L 31 17.32 -21.38 -8.61
CA GLU L 31 17.63 -21.00 -7.24
C GLU L 31 18.71 -19.93 -7.18
N ASN L 32 18.87 -19.17 -8.27
CA ASN L 32 19.77 -18.03 -8.30
C ASN L 32 21.24 -18.45 -8.29
N PHE L 33 21.52 -19.63 -8.85
CA PHE L 33 22.89 -20.06 -9.02
C PHE L 33 22.93 -21.08 -10.14
N ILE L 34 24.14 -21.42 -10.56
CA ILE L 34 24.37 -22.30 -11.70
C ILE L 34 24.16 -23.72 -11.23
N MET L 35 22.97 -24.27 -11.49
CA MET L 35 22.62 -25.61 -11.07
C MET L 35 22.89 -26.66 -12.13
N HIS L 36 22.85 -26.29 -13.39
CA HIS L 36 23.10 -27.22 -14.48
C HIS L 36 23.90 -26.52 -15.57
N LYS L 37 24.84 -27.25 -16.15
CA LYS L 37 25.70 -26.72 -17.19
C LYS L 37 25.41 -27.27 -18.58
N ASN L 38 24.82 -28.45 -18.67
CA ASN L 38 24.56 -29.06 -19.96
C ASN L 38 23.07 -29.23 -20.19
N GLY L 39 22.31 -28.18 -19.96
CA GLY L 39 20.91 -28.19 -20.28
C GLY L 39 20.67 -28.33 -21.78
N LYS L 40 19.40 -28.25 -22.14
CA LYS L 40 18.98 -28.36 -23.53
C LYS L 40 17.92 -27.32 -23.81
N LYS L 41 18.09 -26.61 -24.93
CA LYS L 41 17.17 -25.56 -25.32
C LYS L 41 16.86 -25.54 -26.80
N LEU L 42 17.47 -26.43 -27.59
CA LEU L 42 17.25 -26.52 -29.01
C LEU L 42 16.65 -27.87 -29.35
N PHE L 43 15.52 -27.86 -30.02
CA PHE L 43 14.75 -29.06 -30.26
C PHE L 43 14.36 -29.19 -31.73
N GLN L 44 14.24 -30.43 -32.17
CA GLN L 44 13.69 -30.75 -33.47
C GLN L 44 12.25 -31.19 -33.29
N ILE L 45 11.32 -30.38 -33.81
CA ILE L 45 9.89 -30.65 -33.69
C ILE L 45 9.30 -31.19 -34.96
N ASP L 46 10.08 -31.21 -36.03
CA ASP L 46 9.61 -31.71 -37.34
C ASP L 46 10.82 -32.09 -38.18
N THR L 47 10.59 -32.65 -39.34
CA THR L 47 11.66 -33.13 -40.21
C THR L 47 12.51 -31.98 -40.72
N TYR L 48 11.90 -30.84 -41.01
CA TYR L 48 12.58 -29.67 -41.51
C TYR L 48 12.26 -28.46 -40.65
N THR L 49 12.18 -28.66 -39.35
CA THR L 49 11.73 -27.62 -38.44
C THR L 49 12.38 -27.79 -37.07
N GLY L 50 12.71 -26.66 -36.45
CA GLY L 50 13.30 -26.67 -35.13
C GLY L 50 12.80 -25.49 -34.32
N MET L 51 13.09 -25.54 -33.03
CA MET L 51 12.62 -24.51 -32.11
C MET L 51 13.63 -24.30 -31.00
N THR L 52 13.68 -23.07 -30.51
CA THR L 52 14.44 -22.71 -29.32
C THR L 52 13.50 -22.17 -28.27
N ILE L 53 14.00 -22.07 -27.05
CA ILE L 53 13.21 -21.62 -25.91
C ILE L 53 14.07 -20.76 -25.01
N ALA L 54 13.43 -19.86 -24.30
CA ALA L 54 14.07 -19.03 -23.30
C ALA L 54 13.03 -18.58 -22.29
N GLY L 55 13.36 -18.72 -21.01
CA GLY L 55 12.46 -18.36 -19.94
C GLY L 55 12.22 -19.53 -19.01
N LEU L 56 11.01 -19.58 -18.48
CA LEU L 56 10.65 -20.63 -17.54
C LEU L 56 10.77 -21.99 -18.21
N VAL L 57 11.57 -22.86 -17.60
CA VAL L 57 11.88 -24.14 -18.22
C VAL L 57 10.62 -25.00 -18.32
N GLY L 58 9.86 -25.09 -17.24
CA GLY L 58 8.69 -25.96 -17.25
C GLY L 58 7.70 -25.57 -18.33
N ASP L 59 7.36 -24.29 -18.40
CA ASP L 59 6.40 -23.85 -19.40
C ASP L 59 6.90 -24.14 -20.81
N ALA L 60 8.20 -24.14 -21.00
CA ALA L 60 8.76 -24.37 -22.33
C ALA L 60 8.74 -25.86 -22.69
N GLN L 61 9.24 -26.70 -21.79
CA GLN L 61 9.24 -28.14 -22.05
C GLN L 61 7.85 -28.63 -22.40
N VAL L 62 6.83 -28.11 -21.71
CA VAL L 62 5.46 -28.49 -22.01
C VAL L 62 5.15 -28.25 -23.48
N LEU L 63 5.31 -27.00 -23.92
CA LEU L 63 5.01 -26.65 -25.30
C LEU L 63 5.70 -27.59 -26.28
N VAL L 64 7.01 -27.77 -26.10
CA VAL L 64 7.76 -28.63 -27.01
C VAL L 64 7.09 -29.99 -27.16
N ARG L 65 6.43 -30.45 -26.10
CA ARG L 65 5.72 -31.72 -26.19
C ARG L 65 4.41 -31.57 -26.96
N TYR L 66 3.69 -30.47 -26.74
CA TYR L 66 2.48 -30.22 -27.51
C TYR L 66 2.79 -30.11 -28.99
N MET L 67 3.82 -29.34 -29.33
CA MET L 67 4.11 -29.09 -30.74
C MET L 67 4.57 -30.36 -31.44
N LYS L 68 5.47 -31.10 -30.82
CA LYS L 68 5.92 -32.36 -31.42
C LYS L 68 4.75 -33.25 -31.75
N ALA L 69 3.68 -33.17 -30.96
CA ALA L 69 2.53 -34.03 -31.18
C ALA L 69 1.66 -33.51 -32.30
N GLU L 70 1.30 -32.24 -32.26
CA GLU L 70 0.45 -31.66 -33.29
C GLU L 70 1.06 -31.80 -34.68
N LEU L 71 2.39 -31.81 -34.75
CA LEU L 71 3.05 -31.84 -36.05
C LEU L 71 3.27 -33.27 -36.53
N GLU L 72 3.44 -34.21 -35.60
CA GLU L 72 3.57 -35.60 -36.00
C GLU L 72 2.21 -36.17 -36.38
N LEU L 73 1.15 -35.69 -35.73
CA LEU L 73 -0.20 -36.06 -36.12
C LEU L 73 -0.49 -35.60 -37.55
N TYR L 74 -0.42 -34.30 -37.78
CA TYR L 74 -0.61 -33.76 -39.13
C TYR L 74 0.18 -34.56 -40.17
N ARG L 75 1.46 -34.81 -39.90
CA ARG L 75 2.30 -35.46 -40.89
C ARG L 75 1.79 -36.86 -41.24
N LEU L 76 1.13 -37.51 -40.29
CA LEU L 76 0.66 -38.87 -40.54
C LEU L 76 -0.68 -38.87 -41.23
N GLN L 77 -1.60 -38.03 -40.76
CA GLN L 77 -2.91 -37.93 -41.38
C GLN L 77 -2.81 -37.40 -42.80
N ARG L 78 -2.19 -36.21 -42.96
CA ARG L 78 -2.12 -35.50 -44.27
C ARG L 78 -0.93 -35.98 -45.12
N ARG L 79 0.07 -36.63 -44.53
CA ARG L 79 1.17 -37.23 -45.27
C ARG L 79 2.23 -36.24 -45.71
N VAL L 80 2.17 -34.99 -45.23
CA VAL L 80 3.19 -33.99 -45.53
C VAL L 80 3.34 -33.07 -44.33
N ASN L 81 4.43 -32.31 -44.35
CA ASN L 81 4.80 -31.47 -43.23
C ASN L 81 4.07 -30.14 -43.30
N MET L 82 3.72 -29.62 -42.13
CA MET L 82 3.07 -28.34 -42.06
C MET L 82 4.05 -27.24 -42.44
N PRO L 83 3.60 -26.19 -43.13
CA PRO L 83 4.47 -25.05 -43.37
C PRO L 83 4.92 -24.40 -42.08
N ILE L 84 5.70 -23.33 -42.21
CA ILE L 84 6.27 -22.69 -41.03
C ILE L 84 5.40 -21.54 -40.58
N GLU L 85 4.83 -20.79 -41.51
CA GLU L 85 3.90 -19.72 -41.15
C GLU L 85 2.76 -20.27 -40.32
N ALA L 86 2.35 -21.50 -40.57
CA ALA L 86 1.24 -22.09 -39.85
C ALA L 86 1.65 -22.53 -38.45
N VAL L 87 2.85 -23.09 -38.33
CA VAL L 87 3.37 -23.47 -37.01
C VAL L 87 3.34 -22.28 -36.08
N ALA L 88 3.89 -21.15 -36.54
CA ALA L 88 3.92 -19.95 -35.72
C ALA L 88 2.53 -19.45 -35.40
N THR L 89 1.62 -19.54 -36.37
CA THR L 89 0.25 -19.11 -36.12
C THR L 89 -0.42 -19.99 -35.09
N LEU L 90 -0.20 -21.30 -35.17
CA LEU L 90 -0.77 -22.22 -34.19
C LEU L 90 -0.34 -21.85 -32.78
N LEU L 91 0.95 -21.60 -32.58
CA LEU L 91 1.43 -21.15 -31.28
C LEU L 91 0.78 -19.83 -30.88
N SER L 92 0.87 -18.83 -31.77
CA SER L 92 0.33 -17.51 -31.46
C SER L 92 -1.06 -17.61 -30.84
N ASN L 93 -1.88 -18.53 -31.32
CA ASN L 93 -3.21 -18.69 -30.75
C ASN L 93 -3.16 -19.44 -29.42
N MET L 94 -2.28 -20.41 -29.31
CA MET L 94 -2.22 -21.20 -28.08
C MET L 94 -1.70 -20.37 -26.92
N LEU L 95 -1.07 -19.23 -27.21
CA LEU L 95 -0.54 -18.40 -26.14
C LEU L 95 -1.48 -17.23 -25.84
N ASN L 96 -1.99 -16.58 -26.88
CA ASN L 96 -2.92 -15.48 -26.68
C ASN L 96 -4.15 -15.94 -25.91
N GLN L 97 -4.52 -17.21 -26.05
N GLN L 97 -4.52 -17.21 -26.05
CA GLN L 97 -5.70 -17.74 -25.36
CA GLN L 97 -5.70 -17.74 -25.36
C GLN L 97 -5.53 -17.75 -23.85
C GLN L 97 -5.53 -17.75 -23.85
N VAL L 98 -4.31 -17.58 -23.34
CA VAL L 98 -4.06 -17.59 -21.91
C VAL L 98 -3.17 -16.42 -21.55
N LYS L 99 -3.37 -15.29 -22.22
CA LYS L 99 -2.46 -14.15 -22.03
C LYS L 99 -2.59 -13.56 -20.63
N TYR L 100 -3.58 -13.99 -19.86
CA TYR L 100 -3.73 -13.54 -18.48
C TYR L 100 -3.35 -14.60 -17.46
N MET L 101 -3.14 -15.84 -17.90
CA MET L 101 -2.52 -16.89 -17.09
C MET L 101 -1.43 -17.54 -17.94
N PRO L 102 -0.43 -16.77 -18.35
CA PRO L 102 0.35 -17.10 -19.54
C PRO L 102 1.58 -17.95 -19.29
N TYR L 103 2.16 -18.40 -20.40
CA TYR L 103 3.49 -18.97 -20.41
C TYR L 103 4.51 -17.85 -20.49
N MET L 104 5.53 -17.91 -19.63
CA MET L 104 6.56 -16.87 -19.59
C MET L 104 7.79 -17.37 -20.36
N VAL L 105 7.73 -17.21 -21.67
CA VAL L 105 8.74 -17.72 -22.57
C VAL L 105 8.94 -16.79 -23.76
N GLN L 106 10.06 -16.99 -24.44
CA GLN L 106 10.33 -16.39 -25.73
C GLN L 106 10.84 -17.48 -26.66
N LEU L 107 10.30 -17.52 -27.87
CA LEU L 107 10.52 -18.64 -28.77
C LEU L 107 11.03 -18.17 -30.11
N LEU L 108 11.70 -19.09 -30.80
CA LEU L 108 12.09 -18.93 -32.18
C LEU L 108 11.71 -20.20 -32.94
N VAL L 109 11.20 -20.02 -34.15
CA VAL L 109 10.81 -21.12 -35.01
C VAL L 109 11.52 -20.96 -36.34
N GLY L 110 12.14 -22.04 -36.79
CA GLY L 110 12.86 -22.02 -38.05
C GLY L 110 12.73 -23.34 -38.76
N GLY L 111 12.65 -23.26 -40.08
CA GLY L 111 12.48 -24.46 -40.87
C GLY L 111 12.59 -24.15 -42.35
N ILE L 112 12.19 -25.14 -43.14
CA ILE L 112 12.24 -25.07 -44.59
C ILE L 112 10.93 -25.60 -45.12
N ASP L 113 10.36 -24.88 -46.09
CA ASP L 113 9.25 -25.38 -46.88
C ASP L 113 9.56 -25.25 -48.37
N THR L 114 9.07 -24.21 -49.02
CA THR L 114 9.54 -23.86 -50.35
C THR L 114 10.74 -22.94 -50.23
N ALA L 115 10.89 -22.30 -49.08
CA ALA L 115 11.99 -21.40 -48.80
C ALA L 115 12.26 -21.39 -47.30
N PRO L 116 13.37 -20.82 -46.88
CA PRO L 116 13.65 -20.71 -45.45
C PRO L 116 12.80 -19.66 -44.78
N HIS L 117 12.56 -19.85 -43.49
CA HIS L 117 11.76 -18.92 -42.72
C HIS L 117 12.19 -18.99 -41.26
N VAL L 118 12.17 -17.83 -40.60
CA VAL L 118 12.43 -17.74 -39.17
C VAL L 118 11.40 -16.82 -38.56
N PHE L 119 10.87 -17.22 -37.41
CA PHE L 119 9.84 -16.47 -36.72
C PHE L 119 10.20 -16.29 -35.27
N SER L 120 9.92 -15.10 -34.75
CA SER L 120 10.04 -14.79 -33.33
C SER L 120 8.65 -14.71 -32.74
N ILE L 121 8.49 -15.19 -31.52
CA ILE L 121 7.20 -15.31 -30.87
C ILE L 121 7.33 -14.92 -29.41
N ASP L 122 6.38 -14.13 -28.93
CA ASP L 122 6.38 -13.65 -27.57
C ASP L 122 5.33 -14.39 -26.75
N ALA L 123 5.23 -14.03 -25.47
CA ALA L 123 4.34 -14.72 -24.56
C ALA L 123 2.88 -14.43 -24.86
N ALA L 124 2.59 -13.29 -25.46
CA ALA L 124 1.21 -12.90 -25.73
C ALA L 124 0.69 -13.42 -27.05
N GLY L 125 1.57 -13.93 -27.91
CA GLY L 125 1.17 -14.50 -29.18
C GLY L 125 1.69 -13.77 -30.39
N GLY L 126 2.46 -12.70 -30.21
CA GLY L 126 2.93 -11.95 -31.35
C GLY L 126 3.97 -12.73 -32.13
N SER L 127 3.73 -12.90 -33.43
CA SER L 127 4.62 -13.64 -34.30
C SER L 127 5.09 -12.71 -35.42
N VAL L 128 6.39 -12.70 -35.66
CA VAL L 128 7.00 -11.85 -36.68
C VAL L 128 8.08 -12.63 -37.39
N GLU L 129 8.09 -12.54 -38.72
CA GLU L 129 9.11 -13.17 -39.53
C GLU L 129 10.26 -12.21 -39.75
N ASP L 130 11.47 -12.77 -39.75
CA ASP L 130 12.70 -11.96 -39.88
C ASP L 130 13.80 -12.83 -40.46
N ILE L 131 14.89 -12.22 -40.92
CA ILE L 131 16.01 -12.94 -41.51
C ILE L 131 16.93 -13.47 -40.41
N TYR L 132 16.95 -12.81 -39.27
CA TYR L 132 17.68 -13.31 -38.12
C TYR L 132 17.10 -12.72 -36.86
N ALA L 133 17.21 -13.47 -35.77
CA ALA L 133 16.65 -13.06 -34.51
C ALA L 133 17.43 -13.74 -33.39
N SER L 134 17.12 -13.32 -32.16
CA SER L 134 17.78 -13.84 -30.98
C SER L 134 16.92 -13.58 -29.77
N THR L 135 17.02 -14.47 -28.80
CA THR L 135 16.26 -14.33 -27.55
C THR L 135 17.20 -14.52 -26.38
N GLY L 136 16.79 -14.13 -25.20
CA GLY L 136 17.53 -14.32 -23.97
C GLY L 136 18.20 -13.05 -23.51
N SER L 137 18.80 -13.15 -22.33
CA SER L 137 19.50 -12.02 -21.74
C SER L 137 20.70 -11.60 -22.57
N GLY L 138 21.25 -12.52 -23.35
CA GLY L 138 22.38 -12.25 -24.21
C GLY L 138 22.01 -11.84 -25.62
N SER L 139 20.74 -11.67 -25.89
CA SER L 139 20.30 -11.27 -27.24
C SER L 139 21.02 -10.03 -27.74
N PRO L 140 21.05 -8.92 -27.01
CA PRO L 140 21.65 -7.70 -27.57
C PRO L 140 23.10 -7.86 -27.97
N PHE L 141 23.89 -8.58 -27.20
CA PHE L 141 25.28 -8.80 -27.57
C PHE L 141 25.39 -9.57 -28.88
N VAL L 142 24.30 -10.23 -29.29
CA VAL L 142 24.30 -10.95 -30.55
C VAL L 142 23.89 -10.03 -31.69
N TYR L 143 22.84 -9.24 -31.47
CA TYR L 143 22.41 -8.31 -32.50
C TYR L 143 23.52 -7.36 -32.91
N GLY L 144 24.43 -7.07 -31.98
CA GLY L 144 25.55 -6.20 -32.30
C GLY L 144 26.53 -6.86 -33.25
N VAL L 145 26.64 -8.19 -33.18
CA VAL L 145 27.57 -8.90 -34.03
C VAL L 145 26.98 -9.11 -35.41
N LEU L 146 25.67 -9.34 -35.46
CA LEU L 146 25.01 -9.61 -36.73
C LEU L 146 24.86 -8.35 -37.56
N GLU L 147 24.48 -7.25 -36.92
CA GLU L 147 24.40 -5.97 -37.60
C GLU L 147 25.70 -5.60 -38.30
N SER L 148 26.82 -6.16 -37.85
CA SER L 148 28.13 -5.78 -38.35
C SER L 148 28.75 -6.79 -39.28
N GLN L 149 28.33 -8.05 -39.23
CA GLN L 149 28.98 -9.10 -39.99
C GLN L 149 28.03 -9.97 -40.81
N TYR L 150 26.73 -9.87 -40.60
CA TYR L 150 25.80 -10.68 -41.36
C TYR L 150 25.78 -10.25 -42.82
N SER L 151 25.56 -11.22 -43.70
CA SER L 151 25.41 -10.96 -45.12
C SER L 151 24.66 -12.13 -45.76
N GLU L 152 23.53 -11.83 -46.38
CA GLU L 152 22.68 -12.85 -47.04
C GLU L 152 23.51 -13.68 -48.02
N LYS L 153 24.61 -13.15 -48.55
CA LYS L 153 25.39 -13.84 -49.56
C LYS L 153 26.32 -14.89 -48.97
N MET L 154 26.27 -15.11 -47.66
CA MET L 154 27.21 -16.00 -47.01
C MET L 154 26.83 -17.46 -47.23
N THR L 155 27.82 -18.32 -47.05
CA THR L 155 27.62 -19.76 -47.16
C THR L 155 27.17 -20.33 -45.82
N VAL L 156 27.19 -21.65 -45.73
CA VAL L 156 26.83 -22.31 -44.49
C VAL L 156 28.01 -22.32 -43.52
N ASP L 157 29.18 -22.68 -44.02
CA ASP L 157 30.37 -22.69 -43.17
C ASP L 157 30.62 -21.32 -42.58
N GLU L 158 30.31 -20.26 -43.33
CA GLU L 158 30.52 -18.92 -42.82
C GLU L 158 29.46 -18.54 -41.80
N GLY L 159 28.24 -19.05 -41.98
CA GLY L 159 27.18 -18.73 -41.04
C GLY L 159 27.35 -19.45 -39.72
N VAL L 160 27.90 -20.65 -39.75
CA VAL L 160 28.17 -21.38 -38.53
C VAL L 160 29.22 -20.66 -37.71
N ASP L 161 30.30 -20.23 -38.35
CA ASP L 161 31.34 -19.50 -37.65
C ASP L 161 30.82 -18.21 -37.06
N LEU L 162 29.76 -17.66 -37.66
CA LEU L 162 29.21 -16.39 -37.20
C LEU L 162 28.43 -16.57 -35.91
N VAL L 163 27.49 -17.51 -35.90
CA VAL L 163 26.70 -17.75 -34.71
C VAL L 163 27.58 -18.12 -33.53
N ILE L 164 28.74 -18.69 -33.82
CA ILE L 164 29.68 -19.04 -32.76
C ILE L 164 30.39 -17.79 -32.25
N ARG L 165 30.86 -16.95 -33.17
CA ARG L 165 31.46 -15.68 -32.75
C ARG L 165 30.49 -14.85 -31.94
N ALA L 166 29.19 -15.02 -32.20
CA ALA L 166 28.19 -14.18 -31.55
C ALA L 166 27.90 -14.67 -30.15
N ILE L 167 27.61 -15.96 -29.99
CA ILE L 167 27.30 -16.49 -28.68
C ILE L 167 28.53 -16.47 -27.78
N SER L 168 29.70 -16.72 -28.36
CA SER L 168 30.93 -16.66 -27.58
C SER L 168 31.11 -15.28 -26.97
N ALA L 169 30.48 -14.27 -27.56
CA ALA L 169 30.60 -12.92 -27.04
C ALA L 169 29.64 -12.69 -25.90
N ALA L 170 28.41 -13.19 -26.03
CA ALA L 170 27.44 -13.06 -24.96
C ALA L 170 27.91 -13.79 -23.71
N LYS L 171 28.55 -14.94 -23.89
CA LYS L 171 29.09 -15.67 -22.75
C LYS L 171 30.13 -14.85 -22.02
N GLN L 172 30.83 -13.97 -22.72
CA GLN L 172 31.83 -13.11 -22.11
C GLN L 172 31.24 -11.92 -21.39
N ARG L 173 29.96 -11.64 -21.57
CA ARG L 173 29.35 -10.44 -21.03
C ARG L 173 28.01 -10.66 -20.35
N ASP L 174 27.35 -11.79 -20.57
CA ASP L 174 26.12 -12.14 -19.88
C ASP L 174 26.43 -13.25 -18.89
N SER L 175 26.06 -13.04 -17.63
CA SER L 175 26.38 -13.99 -16.58
C SER L 175 25.48 -15.22 -16.62
N ALA L 176 24.28 -15.08 -17.15
CA ALA L 176 23.33 -16.18 -17.21
C ALA L 176 23.48 -17.01 -18.48
N SER L 177 24.54 -16.82 -19.23
CA SER L 177 24.81 -17.59 -20.43
C SER L 177 26.16 -18.26 -20.32
N GLY L 178 26.22 -19.52 -20.72
CA GLY L 178 27.46 -20.27 -20.64
C GLY L 178 27.23 -21.71 -21.03
N GLY L 179 28.34 -22.40 -21.21
CA GLY L 179 28.32 -23.80 -21.57
C GLY L 179 28.78 -24.02 -23.00
N MET L 180 28.78 -25.29 -23.37
CA MET L 180 29.09 -25.65 -24.74
C MET L 180 27.96 -25.22 -25.65
N ILE L 181 28.29 -25.03 -26.92
CA ILE L 181 27.37 -24.48 -27.90
C ILE L 181 26.78 -25.61 -28.71
N ASP L 182 25.46 -25.63 -28.83
CA ASP L 182 24.74 -26.59 -29.65
C ASP L 182 24.27 -25.89 -30.91
N VAL L 183 24.54 -26.50 -32.05
CA VAL L 183 24.25 -25.90 -33.35
C VAL L 183 23.48 -26.91 -34.19
N ALA L 184 22.56 -26.39 -35.00
CA ALA L 184 21.78 -27.19 -35.93
C ALA L 184 21.76 -26.53 -37.29
N VAL L 185 21.64 -27.34 -38.32
CA VAL L 185 21.58 -26.88 -39.70
C VAL L 185 20.45 -27.62 -40.40
N ILE L 186 19.72 -26.89 -41.24
CA ILE L 186 18.52 -27.40 -41.88
C ILE L 186 18.61 -27.13 -43.38
N THR L 187 18.37 -28.17 -44.17
CA THR L 187 18.35 -28.05 -45.61
C THR L 187 17.38 -29.09 -46.17
N ARG L 188 16.77 -28.75 -47.30
CA ARG L 188 15.86 -29.67 -47.95
C ARG L 188 16.59 -30.95 -48.37
N LYS L 189 17.90 -30.87 -48.54
CA LYS L 189 18.66 -32.03 -48.99
C LYS L 189 18.95 -32.98 -47.83
N ASP L 190 19.75 -32.54 -46.86
CA ASP L 190 20.16 -33.36 -45.75
C ASP L 190 19.22 -33.29 -44.56
N GLY L 191 18.31 -32.33 -44.53
CA GLY L 191 17.39 -32.23 -43.44
C GLY L 191 18.00 -31.62 -42.20
N TYR L 192 17.27 -31.77 -41.10
CA TYR L 192 17.75 -31.28 -39.81
C TYR L 192 18.98 -32.06 -39.39
N VAL L 193 20.04 -31.36 -39.04
CA VAL L 193 21.31 -31.97 -38.67
C VAL L 193 21.88 -31.21 -37.49
N GLN L 194 22.10 -31.91 -36.39
CA GLN L 194 22.76 -31.36 -35.22
C GLN L 194 24.25 -31.64 -35.34
N LEU L 195 25.06 -30.60 -35.26
CA LEU L 195 26.47 -30.74 -35.53
C LEU L 195 27.17 -31.47 -34.38
N PRO L 196 28.14 -32.32 -34.68
CA PRO L 196 28.90 -32.96 -33.60
C PRO L 196 29.68 -31.94 -32.80
N THR L 197 29.91 -32.27 -31.53
CA THR L 197 30.61 -31.36 -30.65
C THR L 197 32.05 -31.13 -31.10
N ASP L 198 32.68 -32.16 -31.68
CA ASP L 198 34.06 -32.03 -32.10
C ASP L 198 34.22 -30.99 -33.20
N GLN L 199 33.25 -30.90 -34.11
CA GLN L 199 33.34 -29.90 -35.17
C GLN L 199 33.26 -28.50 -34.58
N ILE L 200 32.50 -28.33 -33.50
CA ILE L 200 32.39 -27.03 -32.86
C ILE L 200 33.72 -26.64 -32.24
N GLU L 201 34.25 -27.52 -31.38
CA GLU L 201 35.53 -27.27 -30.75
C GLU L 201 36.60 -26.97 -31.79
N SER L 202 36.55 -27.67 -32.93
CA SER L 202 37.53 -27.44 -33.98
C SER L 202 37.45 -26.00 -34.49
N ARG L 203 36.26 -25.57 -34.90
CA ARG L 203 36.11 -24.22 -35.44
C ARG L 203 36.49 -23.18 -34.40
N ILE L 204 36.24 -23.46 -33.12
CA ILE L 204 36.57 -22.50 -32.08
C ILE L 204 38.07 -22.25 -32.04
N ARG L 205 38.85 -23.31 -31.87
CA ARG L 205 40.30 -23.16 -31.91
C ARG L 205 40.74 -22.47 -33.20
N LYS L 206 40.08 -22.80 -34.31
CA LYS L 206 40.43 -22.20 -35.59
C LYS L 206 40.16 -20.70 -35.58
N LEU L 207 39.28 -20.23 -34.71
CA LEU L 207 38.93 -18.83 -34.64
C LEU L 207 39.61 -18.10 -33.49
N GLY L 208 40.03 -18.81 -32.46
CA GLY L 208 40.69 -18.17 -31.33
C GLY L 208 39.76 -17.69 -30.26
N LEU L 209 38.95 -18.59 -29.69
CA LEU L 209 37.97 -18.23 -28.68
C LEU L 209 38.06 -19.13 -27.44
N ILE L 210 39.26 -19.52 -27.05
CA ILE L 210 39.43 -20.39 -25.90
C ILE L 210 40.81 -20.20 -25.29
N THR M 9 17.18 -28.15 5.06
CA THR M 9 17.16 -29.48 4.41
C THR M 9 18.35 -29.63 3.47
N THR M 10 18.78 -30.87 3.26
CA THR M 10 19.90 -31.12 2.38
C THR M 10 19.76 -32.51 1.77
N THR M 11 19.60 -32.57 0.45
CA THR M 11 19.51 -33.85 -0.29
C THR M 11 20.62 -33.84 -1.32
N VAL M 12 21.04 -35.00 -1.81
CA VAL M 12 22.09 -35.15 -2.81
C VAL M 12 21.88 -36.46 -3.54
N GLY M 13 22.13 -36.42 -4.85
CA GLY M 13 22.09 -37.61 -5.66
C GLY M 13 23.13 -37.53 -6.75
N ILE M 14 23.94 -38.58 -6.90
CA ILE M 14 24.98 -38.62 -7.90
C ILE M 14 24.77 -39.80 -8.81
N THR M 15 25.73 -39.99 -9.72
CA THR M 15 25.67 -41.00 -10.75
C THR M 15 27.07 -41.52 -11.03
N LEU M 16 27.18 -42.84 -11.12
CA LEU M 16 28.45 -43.47 -11.45
C LEU M 16 28.31 -44.32 -12.70
N LYS M 17 29.20 -45.29 -12.87
CA LYS M 17 29.19 -46.10 -14.08
C LYS M 17 27.96 -46.98 -14.14
N ASP M 18 27.74 -47.79 -13.10
CA ASP M 18 26.62 -48.72 -13.08
C ASP M 18 25.86 -48.63 -11.78
N ALA M 19 25.78 -47.45 -11.18
CA ALA M 19 25.12 -47.30 -9.89
C ALA M 19 24.60 -45.88 -9.73
N VAL M 20 23.73 -45.73 -8.74
CA VAL M 20 23.21 -44.43 -8.34
C VAL M 20 23.22 -44.37 -6.82
N ILE M 21 23.47 -43.20 -6.29
CA ILE M 21 23.61 -42.99 -4.85
C ILE M 21 22.85 -41.74 -4.46
N MET M 22 22.06 -41.85 -3.42
CA MET M 22 21.24 -40.76 -2.93
C MET M 22 21.34 -40.73 -1.41
N ALA M 23 21.26 -39.53 -0.84
CA ALA M 23 21.44 -39.37 0.59
C ALA M 23 20.74 -38.11 1.05
N THR M 24 20.39 -38.11 2.34
CA THR M 24 19.75 -36.97 2.96
C THR M 24 20.14 -36.90 4.42
N GLU M 25 19.69 -35.84 5.07
CA GLU M 25 19.65 -35.76 6.51
C GLU M 25 18.20 -35.93 6.97
N ARG M 26 17.98 -35.85 8.27
CA ARG M 26 16.69 -36.19 8.85
C ARG M 26 16.03 -35.06 9.60
N ARG M 27 16.71 -33.95 9.84
CA ARG M 27 16.14 -32.90 10.65
C ARG M 27 14.94 -32.26 9.96
N VAL M 28 13.91 -31.98 10.76
CA VAL M 28 12.72 -31.28 10.30
C VAL M 28 12.51 -30.09 11.21
N THR M 29 11.91 -29.04 10.66
CA THR M 29 11.71 -27.79 11.38
C THR M 29 10.30 -27.29 11.14
N MET M 30 9.50 -27.30 12.21
CA MET M 30 8.15 -26.75 12.18
C MET M 30 8.02 -25.76 13.32
N GLU M 31 7.36 -24.65 13.04
CA GLU M 31 7.12 -23.59 14.03
C GLU M 31 8.40 -22.85 14.36
N ASN M 32 9.37 -22.89 13.45
CA ASN M 32 10.60 -22.10 13.57
C ASN M 32 11.51 -22.64 14.66
N PHE M 33 11.45 -23.94 14.90
CA PHE M 33 12.37 -24.59 15.82
C PHE M 33 12.44 -26.07 15.45
N ILE M 34 13.41 -26.74 16.07
CA ILE M 34 13.71 -28.15 15.75
C ILE M 34 12.67 -29.00 16.47
N MET M 35 11.65 -29.43 15.73
CA MET M 35 10.57 -30.22 16.30
C MET M 35 10.79 -31.70 16.15
N HIS M 36 11.51 -32.13 15.11
CA HIS M 36 11.77 -33.53 14.88
C HIS M 36 13.20 -33.69 14.39
N LYS M 37 13.85 -34.76 14.86
CA LYS M 37 15.23 -35.04 14.51
C LYS M 37 15.40 -36.23 13.58
N ASN M 38 14.45 -37.17 13.58
CA ASN M 38 14.58 -38.36 12.76
C ASN M 38 13.47 -38.42 11.72
N GLY M 39 13.28 -37.32 11.01
CA GLY M 39 12.35 -37.32 9.90
C GLY M 39 12.80 -38.25 8.79
N LYS M 40 12.04 -38.22 7.71
CA LYS M 40 12.31 -39.04 6.54
C LYS M 40 12.11 -38.22 5.28
N LYS M 41 13.08 -38.29 4.37
CA LYS M 41 13.05 -37.54 3.13
C LYS M 41 13.52 -38.33 1.93
N LEU M 42 13.92 -39.58 2.11
CA LEU M 42 14.38 -40.43 1.03
C LEU M 42 13.46 -41.64 0.93
N PHE M 43 12.91 -41.86 -0.26
CA PHE M 43 11.89 -42.85 -0.47
C PHE M 43 12.21 -43.74 -1.66
N GLN M 44 11.76 -44.97 -1.58
CA GLN M 44 11.80 -45.90 -2.70
C GLN M 44 10.41 -45.94 -3.33
N ILE M 45 10.32 -45.46 -4.56
CA ILE M 45 9.06 -45.42 -5.28
C ILE M 45 8.95 -46.50 -6.34
N ASP M 46 10.03 -47.22 -6.55
CA ASP M 46 10.05 -48.31 -7.56
C ASP M 46 11.18 -49.26 -7.22
N THR M 47 11.29 -50.35 -7.95
CA THR M 47 12.28 -51.38 -7.68
C THR M 47 13.69 -50.87 -7.91
N TYR M 48 13.88 -50.03 -8.92
CA TYR M 48 15.17 -49.45 -9.26
C TYR M 48 15.09 -47.93 -9.32
N THR M 49 14.33 -47.34 -8.41
CA THR M 49 14.04 -45.92 -8.46
C THR M 49 13.82 -45.38 -7.06
N GLY M 50 14.30 -44.15 -6.85
CA GLY M 50 14.14 -43.49 -5.57
C GLY M 50 13.92 -42.01 -5.77
N MET M 51 13.52 -41.35 -4.70
CA MET M 51 13.21 -39.93 -4.75
C MET M 51 13.56 -39.27 -3.42
N THR M 52 13.94 -37.99 -3.51
CA THR M 52 14.13 -37.14 -2.35
C THR M 52 13.18 -35.96 -2.45
N ILE M 53 13.04 -35.26 -1.33
CA ILE M 53 12.12 -34.14 -1.22
C ILE M 53 12.75 -33.04 -0.38
N ALA M 54 12.33 -31.81 -0.64
CA ALA M 54 12.75 -30.67 0.14
C ALA M 54 11.71 -29.58 -0.01
N GLY M 55 11.29 -29.01 1.12
CA GLY M 55 10.28 -27.98 1.15
C GLY M 55 9.13 -28.36 2.05
N LEU M 56 7.94 -27.93 1.66
CA LEU M 56 6.76 -28.20 2.46
C LEU M 56 6.53 -29.69 2.58
N VAL M 57 6.46 -30.17 3.83
CA VAL M 57 6.39 -31.60 4.07
C VAL M 57 5.09 -32.18 3.52
N GLY M 58 3.97 -31.53 3.81
CA GLY M 58 2.70 -32.07 3.37
C GLY M 58 2.62 -32.24 1.87
N ASP M 59 2.98 -31.20 1.14
CA ASP M 59 2.92 -31.26 -0.32
C ASP M 59 3.81 -32.37 -0.86
N ALA M 60 4.89 -32.67 -0.14
CA ALA M 60 5.82 -33.69 -0.62
C ALA M 60 5.30 -35.09 -0.32
N GLN M 61 4.87 -35.33 0.91
CA GLN M 61 4.34 -36.64 1.26
C GLN M 61 3.21 -37.04 0.33
N VAL M 62 2.36 -36.10 -0.05
CA VAL M 62 1.29 -36.38 -0.99
C VAL M 62 1.85 -36.97 -2.26
N LEU M 63 2.74 -36.24 -2.92
CA LEU M 63 3.31 -36.70 -4.18
C LEU M 63 3.86 -38.12 -4.05
N VAL M 64 4.68 -38.35 -3.03
CA VAL M 64 5.28 -39.67 -2.86
C VAL M 64 4.22 -40.75 -2.89
N ARG M 65 3.01 -40.43 -2.42
CA ARG M 65 1.93 -41.40 -2.46
C ARG M 65 1.37 -41.54 -3.87
N TYR M 66 1.23 -40.43 -4.59
CA TYR M 66 0.77 -40.50 -5.97
C TYR M 66 1.75 -41.30 -6.82
N MET M 67 3.04 -41.01 -6.68
CA MET M 67 4.02 -41.65 -7.54
C MET M 67 4.11 -43.14 -7.26
N LYS M 68 4.17 -43.52 -5.98
CA LYS M 68 4.22 -44.94 -5.65
C LYS M 68 3.06 -45.70 -6.28
N ALA M 69 1.93 -45.02 -6.47
CA ALA M 69 0.76 -45.68 -7.02
C ALA M 69 0.85 -45.79 -8.54
N GLU M 70 1.15 -44.67 -9.20
CA GLU M 70 1.25 -44.67 -10.65
C GLU M 70 2.29 -45.66 -11.15
N LEU M 71 3.33 -45.90 -10.35
CA LEU M 71 4.41 -46.77 -10.81
C LEU M 71 4.15 -48.22 -10.46
N GLU M 72 3.42 -48.47 -9.38
CA GLU M 72 3.06 -49.85 -9.06
C GLU M 72 1.94 -50.33 -9.97
N LEU M 73 1.07 -49.42 -10.38
CA LEU M 73 0.06 -49.76 -11.36
C LEU M 73 0.69 -50.17 -12.68
N TYR M 74 1.45 -49.25 -13.28
CA TYR M 74 2.19 -49.56 -14.51
C TYR M 74 2.88 -50.90 -14.42
N ARG M 75 3.63 -51.14 -13.34
CA ARG M 75 4.43 -52.34 -13.23
C ARG M 75 3.56 -53.60 -13.29
N LEU M 76 2.32 -53.50 -12.82
CA LEU M 76 1.45 -54.67 -12.77
C LEU M 76 0.75 -54.87 -14.10
N GLN M 77 0.23 -53.79 -14.68
CA GLN M 77 -0.44 -53.89 -15.96
C GLN M 77 0.55 -54.27 -17.07
N ARG M 78 1.64 -53.50 -17.21
CA ARG M 78 2.61 -53.69 -18.32
C ARG M 78 3.68 -54.73 -17.96
N ARG M 79 3.88 -55.06 -16.69
CA ARG M 79 4.78 -56.13 -16.27
C ARG M 79 6.24 -55.72 -16.26
N VAL M 80 6.55 -54.43 -16.44
CA VAL M 80 7.91 -53.93 -16.36
C VAL M 80 7.90 -52.52 -15.79
N ASN M 81 9.08 -52.07 -15.39
CA ASN M 81 9.23 -50.79 -14.70
C ASN M 81 9.32 -49.66 -15.70
N MET M 82 8.74 -48.53 -15.33
CA MET M 82 8.81 -47.35 -16.16
C MET M 82 10.24 -46.81 -16.19
N PRO M 83 10.68 -46.30 -17.33
CA PRO M 83 11.99 -45.64 -17.36
C PRO M 83 12.02 -44.43 -16.44
N ILE M 84 13.17 -43.77 -16.43
CA ILE M 84 13.36 -42.65 -15.51
C ILE M 84 13.00 -41.34 -16.18
N GLU M 85 13.35 -41.19 -17.45
CA GLU M 85 12.97 -39.99 -18.19
C GLU M 85 11.47 -39.79 -18.14
N ALA M 86 10.71 -40.88 -18.13
CA ALA M 86 9.26 -40.78 -18.12
C ALA M 86 8.72 -40.40 -16.75
N VAL M 87 9.33 -40.95 -15.70
CA VAL M 87 8.93 -40.58 -14.35
C VAL M 87 9.03 -39.08 -14.16
N ALA M 88 10.18 -38.51 -14.54
CA ALA M 88 10.38 -37.08 -14.40
C ALA M 88 9.39 -36.29 -15.26
N THR M 89 9.10 -36.79 -16.45
CA THR M 89 8.15 -36.11 -17.32
C THR M 89 6.76 -36.13 -16.71
N LEU M 90 6.37 -37.27 -16.14
CA LEU M 90 5.07 -37.38 -15.50
C LEU M 90 4.90 -36.33 -14.42
N LEU M 91 5.90 -36.20 -13.55
CA LEU M 91 5.87 -35.16 -12.53
C LEU M 91 5.81 -33.77 -13.15
N SER M 92 6.73 -33.49 -14.07
CA SER M 92 6.79 -32.17 -14.69
C SER M 92 5.40 -31.69 -15.11
N ASN M 93 4.58 -32.60 -15.62
CA ASN M 93 3.24 -32.22 -16.02
C ASN M 93 2.32 -32.07 -14.82
N MET M 94 2.49 -32.92 -13.82
CA MET M 94 1.60 -32.86 -12.66
C MET M 94 1.83 -31.60 -11.84
N LEU M 95 2.97 -30.94 -12.05
CA LEU M 95 3.26 -29.72 -11.31
C LEU M 95 2.95 -28.48 -12.13
N ASN M 96 3.34 -28.48 -13.41
CA ASN M 96 3.04 -27.33 -14.26
C ASN M 96 1.54 -27.09 -14.35
N GLN M 97 0.74 -28.15 -14.21
N GLN M 97 0.74 -28.15 -14.21
CA GLN M 97 -0.71 -28.02 -14.30
CA GLN M 97 -0.71 -28.02 -14.30
C GLN M 97 -1.29 -27.18 -13.17
C GLN M 97 -1.29 -27.18 -13.17
N VAL M 98 -0.53 -26.94 -12.11
CA VAL M 98 -1.01 -26.16 -10.97
C VAL M 98 0.05 -25.14 -10.59
N LYS M 99 0.73 -24.58 -11.59
CA LYS M 99 1.84 -23.67 -11.30
C LYS M 99 1.37 -22.38 -10.65
N TYR M 100 0.06 -22.14 -10.60
CA TYR M 100 -0.48 -20.98 -9.93
C TYR M 100 -1.15 -21.31 -8.60
N MET M 101 -1.35 -22.58 -8.31
CA MET M 101 -1.72 -23.06 -6.97
C MET M 101 -0.81 -24.23 -6.62
N PRO M 102 0.49 -23.98 -6.54
CA PRO M 102 1.47 -25.03 -6.74
C PRO M 102 1.91 -25.75 -5.47
N TYR M 103 2.66 -26.83 -5.70
CA TYR M 103 3.41 -27.49 -4.64
C TYR M 103 4.74 -26.77 -4.47
N MET M 104 5.08 -26.46 -3.21
CA MET M 104 6.32 -25.75 -2.91
C MET M 104 7.37 -26.76 -2.46
N VAL M 105 8.02 -27.37 -3.46
CA VAL M 105 8.97 -28.45 -3.23
C VAL M 105 10.09 -28.40 -4.25
N GLN M 106 11.16 -29.11 -3.94
CA GLN M 106 12.25 -29.39 -4.86
C GLN M 106 12.55 -30.87 -4.76
N LEU M 107 12.69 -31.52 -5.92
CA LEU M 107 12.76 -32.97 -5.98
C LEU M 107 13.98 -33.44 -6.74
N LEU M 108 14.40 -34.66 -6.44
CA LEU M 108 15.40 -35.39 -7.19
C LEU M 108 14.87 -36.77 -7.48
N VAL M 109 15.14 -37.25 -8.69
CA VAL M 109 14.73 -38.58 -9.11
C VAL M 109 15.95 -39.31 -9.62
N GLY M 110 16.14 -40.53 -9.15
CA GLY M 110 17.28 -41.33 -9.54
C GLY M 110 16.90 -42.78 -9.63
N GLY M 111 17.50 -43.46 -10.60
CA GLY M 111 17.18 -44.86 -10.81
C GLY M 111 18.09 -45.47 -11.85
N ILE M 112 17.71 -46.66 -12.27
CA ILE M 112 18.44 -47.44 -13.24
C ILE M 112 17.45 -48.00 -14.25
N ASP M 113 17.79 -47.87 -15.53
CA ASP M 113 17.09 -48.59 -16.59
C ASP M 113 18.07 -49.37 -17.46
N THR M 114 18.49 -48.83 -18.60
CA THR M 114 19.62 -49.37 -19.33
C THR M 114 20.89 -48.73 -18.82
N ALA M 115 20.76 -47.58 -18.18
CA ALA M 115 21.87 -46.84 -17.62
C ALA M 115 21.40 -46.02 -16.44
N PRO M 116 22.30 -45.47 -15.66
CA PRO M 116 21.91 -44.60 -14.54
C PRO M 116 21.43 -43.25 -15.03
N HIS M 117 20.57 -42.64 -14.23
CA HIS M 117 20.03 -41.34 -14.55
C HIS M 117 19.65 -40.62 -13.27
N VAL M 118 19.85 -39.31 -13.25
CA VAL M 118 19.45 -38.45 -12.15
C VAL M 118 18.79 -37.21 -12.73
N PHE M 119 17.67 -36.81 -12.14
CA PHE M 119 16.91 -35.66 -12.60
C PHE M 119 16.60 -34.73 -11.45
N SER M 120 16.70 -33.43 -11.72
CA SER M 120 16.26 -32.40 -10.79
C SER M 120 14.98 -31.79 -11.31
N ILE M 121 14.07 -31.46 -10.39
CA ILE M 121 12.74 -31.01 -10.74
C ILE M 121 12.33 -29.89 -9.81
N ASP M 122 11.76 -28.83 -10.38
CA ASP M 122 11.35 -27.67 -9.63
C ASP M 122 9.83 -27.66 -9.46
N ALA M 123 9.34 -26.61 -8.80
CA ALA M 123 7.92 -26.53 -8.48
C ALA M 123 7.08 -26.26 -9.72
N ALA M 124 7.66 -25.63 -10.74
CA ALA M 124 6.91 -25.29 -11.93
C ALA M 124 6.89 -26.40 -12.97
N GLY M 125 7.73 -27.42 -12.82
CA GLY M 125 7.75 -28.55 -13.71
C GLY M 125 9.04 -28.72 -14.49
N GLY M 126 10.02 -27.87 -14.26
CA GLY M 126 11.26 -27.96 -15.01
C GLY M 126 12.05 -29.18 -14.59
N SER M 127 12.38 -30.03 -15.56
CA SER M 127 13.14 -31.25 -15.31
C SER M 127 14.42 -31.20 -16.11
N VAL M 128 15.54 -31.52 -15.45
CA VAL M 128 16.85 -31.50 -16.08
C VAL M 128 17.65 -32.69 -15.59
N GLU M 129 18.32 -33.37 -16.51
CA GLU M 129 19.18 -34.49 -16.19
C GLU M 129 20.60 -34.00 -15.95
N ASP M 130 21.26 -34.62 -14.99
CA ASP M 130 22.62 -34.21 -14.59
C ASP M 130 23.33 -35.41 -13.96
N ILE M 131 24.64 -35.32 -13.82
CA ILE M 131 25.43 -36.40 -13.23
C ILE M 131 25.38 -36.33 -11.71
N TYR M 132 25.18 -35.14 -11.16
CA TYR M 132 24.97 -35.01 -9.73
C TYR M 132 24.21 -33.72 -9.47
N ALA M 133 23.45 -33.73 -8.38
CA ALA M 133 22.63 -32.60 -8.02
C ALA M 133 22.38 -32.62 -6.53
N SER M 134 21.78 -31.53 -6.04
CA SER M 134 21.49 -31.38 -4.63
C SER M 134 20.40 -30.35 -4.45
N THR M 135 19.62 -30.52 -3.40
CA THR M 135 18.53 -29.59 -3.09
C THR M 135 18.62 -29.22 -1.62
N GLY M 136 17.94 -28.17 -1.23
CA GLY M 136 17.84 -27.72 0.15
C GLY M 136 18.73 -26.53 0.42
N SER M 137 18.58 -26.02 1.65
CA SER M 137 19.36 -24.87 2.06
C SER M 137 20.84 -25.18 2.11
N GLY M 138 21.21 -26.44 2.27
CA GLY M 138 22.59 -26.86 2.30
C GLY M 138 23.15 -27.29 0.98
N SER M 139 22.38 -27.13 -0.10
CA SER M 139 22.86 -27.52 -1.42
C SER M 139 24.20 -26.90 -1.78
N PRO M 140 24.40 -25.59 -1.66
CA PRO M 140 25.66 -25.01 -2.11
C PRO M 140 26.89 -25.56 -1.41
N PHE M 141 26.80 -25.82 -0.11
CA PHE M 141 27.92 -26.41 0.59
C PHE M 141 28.25 -27.79 0.05
N VAL M 142 27.32 -28.40 -0.66
CA VAL M 142 27.57 -29.70 -1.26
C VAL M 142 28.20 -29.56 -2.62
N TYR M 143 27.68 -28.64 -3.44
CA TYR M 143 28.24 -28.42 -4.76
C TYR M 143 29.71 -28.03 -4.67
N GLY M 144 30.11 -27.40 -3.57
CA GLY M 144 31.50 -27.04 -3.41
C GLY M 144 32.38 -28.24 -3.16
N VAL M 145 31.83 -29.29 -2.56
CA VAL M 145 32.61 -30.49 -2.30
C VAL M 145 32.69 -31.36 -3.53
N LEU M 146 31.61 -31.40 -4.31
CA LEU M 146 31.59 -32.26 -5.49
C LEU M 146 32.43 -31.67 -6.61
N GLU M 147 32.35 -30.37 -6.83
CA GLU M 147 33.20 -29.72 -7.82
C GLU M 147 34.67 -30.00 -7.60
N SER M 148 35.05 -30.34 -6.37
CA SER M 148 36.44 -30.50 -6.01
C SER M 148 36.89 -31.94 -5.89
N GLN M 149 35.97 -32.88 -5.65
CA GLN M 149 36.33 -34.25 -5.37
C GLN M 149 35.60 -35.29 -6.22
N TYR M 150 34.56 -34.90 -6.93
CA TYR M 150 33.83 -35.87 -7.74
C TYR M 150 34.68 -36.35 -8.90
N SER M 151 34.48 -37.60 -9.28
CA SER M 151 35.15 -38.19 -10.43
C SER M 151 34.34 -39.38 -10.92
N GLU M 152 33.91 -39.34 -12.17
CA GLU M 152 33.10 -40.42 -12.78
C GLU M 152 33.80 -41.77 -12.61
N LYS M 153 35.13 -41.80 -12.47
CA LYS M 153 35.87 -43.04 -12.39
C LYS M 153 35.81 -43.69 -11.02
N MET M 154 35.07 -43.11 -10.08
CA MET M 154 35.09 -43.60 -8.72
C MET M 154 34.22 -44.84 -8.57
N THR M 155 34.49 -45.57 -7.50
CA THR M 155 33.75 -46.77 -7.16
C THR M 155 32.52 -46.41 -6.35
N VAL M 156 31.89 -47.43 -5.78
CA VAL M 156 30.73 -47.20 -4.93
C VAL M 156 31.17 -46.82 -3.53
N ASP M 157 32.13 -47.57 -2.97
CA ASP M 157 32.63 -47.26 -1.64
C ASP M 157 33.17 -45.85 -1.58
N GLU M 158 33.78 -45.37 -2.67
CA GLU M 158 34.32 -44.03 -2.70
C GLU M 158 33.21 -42.99 -2.81
N GLY M 159 32.14 -43.33 -3.53
CA GLY M 159 31.04 -42.39 -3.68
C GLY M 159 30.22 -42.23 -2.41
N VAL M 160 30.12 -43.32 -1.64
CA VAL M 160 29.42 -43.24 -0.37
C VAL M 160 30.17 -42.33 0.60
N ASP M 161 31.48 -42.51 0.68
CA ASP M 161 32.27 -41.66 1.56
C ASP M 161 32.20 -40.21 1.14
N LEU M 162 31.93 -39.96 -0.15
CA LEU M 162 31.89 -38.59 -0.64
C LEU M 162 30.61 -37.88 -0.19
N VAL M 163 29.46 -38.50 -0.44
CA VAL M 163 28.20 -37.91 -0.06
C VAL M 163 28.17 -37.67 1.44
N ILE M 164 28.91 -38.46 2.20
CA ILE M 164 28.98 -38.28 3.64
C ILE M 164 29.84 -37.07 3.98
N ARG M 165 31.01 -36.97 3.35
CA ARG M 165 31.86 -35.80 3.54
C ARG M 165 31.13 -34.53 3.16
N ALA M 166 30.19 -34.63 2.23
CA ALA M 166 29.50 -33.44 1.72
C ALA M 166 28.41 -32.98 2.67
N ILE M 167 27.53 -33.90 3.07
CA ILE M 167 26.44 -33.54 3.96
C ILE M 167 26.97 -33.19 5.34
N SER M 168 28.02 -33.88 5.79
CA SER M 168 28.62 -33.56 7.08
C SER M 168 29.10 -32.13 7.10
N ALA M 169 29.36 -31.55 5.93
CA ALA M 169 29.83 -30.18 5.86
C ALA M 169 28.66 -29.21 5.93
N ALA M 170 27.57 -29.51 5.25
CA ALA M 170 26.40 -28.67 5.31
C ALA M 170 25.85 -28.61 6.72
N LYS M 171 25.89 -29.73 7.43
CA LYS M 171 25.44 -29.75 8.82
C LYS M 171 26.27 -28.82 9.68
N GLN M 172 27.52 -28.60 9.32
CA GLN M 172 28.38 -27.70 10.06
C GLN M 172 28.16 -26.24 9.73
N ARG M 173 27.40 -25.94 8.68
CA ARG M 173 27.23 -24.57 8.23
C ARG M 173 25.80 -24.17 7.92
N ASP M 174 24.88 -25.12 7.77
CA ASP M 174 23.46 -24.83 7.59
C ASP M 174 22.74 -25.21 8.86
N SER M 175 21.98 -24.27 9.40
CA SER M 175 21.30 -24.49 10.67
C SER M 175 20.07 -25.37 10.52
N ALA M 176 19.46 -25.40 9.35
CA ALA M 176 18.27 -26.19 9.11
C ALA M 176 18.58 -27.60 8.65
N SER M 177 19.83 -28.03 8.75
CA SER M 177 20.23 -29.37 8.37
C SER M 177 20.91 -30.05 9.56
N GLY M 178 20.54 -31.31 9.79
CA GLY M 178 21.12 -32.03 10.90
C GLY M 178 20.47 -33.39 11.01
N GLY M 179 21.07 -34.21 11.87
CA GLY M 179 20.58 -35.54 12.12
C GLY M 179 21.49 -36.60 11.53
N MET M 180 21.08 -37.85 11.74
CA MET M 180 21.79 -38.96 11.15
C MET M 180 21.54 -38.97 9.65
N ILE M 181 22.48 -39.59 8.92
CA ILE M 181 22.48 -39.57 7.47
C ILE M 181 21.88 -40.88 6.96
N ASP M 182 20.93 -40.76 6.06
CA ASP M 182 20.32 -41.90 5.39
C ASP M 182 20.88 -41.99 3.98
N VAL M 183 21.32 -43.18 3.59
CA VAL M 183 21.97 -43.40 2.31
C VAL M 183 21.33 -44.58 1.62
N ALA M 184 21.24 -44.50 0.30
CA ALA M 184 20.70 -45.56 -0.53
C ALA M 184 21.63 -45.80 -1.70
N VAL M 185 21.63 -47.03 -2.19
CA VAL M 185 22.44 -47.43 -3.33
C VAL M 185 21.57 -48.26 -4.25
N ILE M 186 21.73 -48.06 -5.55
CA ILE M 186 20.89 -48.67 -6.57
C ILE M 186 21.76 -49.31 -7.62
N THR M 187 21.48 -50.57 -7.92
CA THR M 187 22.18 -51.30 -8.97
C THR M 187 21.23 -52.31 -9.58
N ARG M 188 21.45 -52.60 -10.86
CA ARG M 188 20.63 -53.60 -11.53
C ARG M 188 20.80 -54.96 -10.89
N LYS M 189 21.91 -55.19 -10.20
CA LYS M 189 22.17 -56.49 -9.59
C LYS M 189 21.41 -56.64 -8.28
N ASP M 190 21.77 -55.84 -7.27
CA ASP M 190 21.19 -55.93 -5.96
C ASP M 190 19.96 -55.07 -5.77
N GLY M 191 19.71 -54.14 -6.68
CA GLY M 191 18.54 -53.31 -6.57
C GLY M 191 18.71 -52.18 -5.56
N TYR M 192 17.58 -51.57 -5.22
CA TYR M 192 17.56 -50.52 -4.23
C TYR M 192 17.95 -51.09 -2.87
N VAL M 193 18.91 -50.45 -2.20
CA VAL M 193 19.43 -50.92 -0.93
C VAL M 193 19.67 -49.71 -0.05
N GLN M 194 19.01 -49.68 1.10
CA GLN M 194 19.22 -48.67 2.11
C GLN M 194 20.27 -49.18 3.07
N LEU M 195 21.32 -48.39 3.26
CA LEU M 195 22.46 -48.86 4.03
C LEU M 195 22.11 -48.90 5.52
N PRO M 196 22.60 -49.90 6.25
CA PRO M 196 22.40 -49.91 7.69
C PRO M 196 23.08 -48.73 8.36
N THR M 197 22.51 -48.31 9.49
CA THR M 197 23.06 -47.16 10.21
C THR M 197 24.46 -47.44 10.72
N ASP M 198 24.73 -48.69 11.10
CA ASP M 198 26.04 -49.02 11.66
C ASP M 198 27.15 -48.82 10.63
N GLN M 199 26.87 -49.14 9.36
CA GLN M 199 27.88 -48.94 8.34
C GLN M 199 28.19 -47.46 8.15
N ILE M 200 27.20 -46.61 8.35
CA ILE M 200 27.42 -45.17 8.24
C ILE M 200 28.31 -44.69 9.36
N GLU M 201 27.91 -44.99 10.61
CA GLU M 201 28.72 -44.60 11.76
C GLU M 201 30.14 -45.11 11.61
N SER M 202 30.31 -46.31 11.08
CA SER M 202 31.65 -46.86 10.89
C SER M 202 32.48 -45.98 9.97
N ARG M 203 31.97 -45.70 8.77
CA ARG M 203 32.71 -44.89 7.82
C ARG M 203 33.01 -43.50 8.38
N ILE M 204 32.09 -42.97 9.18
CA ILE M 204 32.29 -41.65 9.76
C ILE M 204 33.54 -41.63 10.64
N ARG M 205 33.56 -42.50 11.65
CA ARG M 205 34.75 -42.61 12.49
C ARG M 205 36.00 -42.85 11.64
N LYS M 206 35.85 -43.66 10.58
CA LYS M 206 36.99 -43.94 9.72
C LYS M 206 37.47 -42.70 9.00
N LEU M 207 36.61 -41.70 8.86
CA LEU M 207 36.96 -40.47 8.17
C LEU M 207 37.28 -39.32 9.11
N GLY M 208 36.79 -39.36 10.34
CA GLY M 208 37.07 -38.31 11.29
C GLY M 208 36.09 -37.17 11.24
N LEU M 209 34.80 -37.45 11.45
CA LEU M 209 33.75 -36.45 11.39
C LEU M 209 32.83 -36.49 12.61
N ILE M 210 33.39 -36.75 13.78
CA ILE M 210 32.58 -36.82 14.99
C ILE M 210 33.43 -36.52 16.21
N THR N 9 -2.19 -22.31 24.71
CA THR N 9 -2.52 -23.75 24.74
C THR N 9 -1.25 -24.58 24.91
N THR N 10 -1.39 -25.76 25.50
CA THR N 10 -0.24 -26.63 25.71
C THR N 10 -0.70 -28.07 25.72
N THR N 11 -0.25 -28.85 24.73
CA THR N 11 -0.56 -30.29 24.66
C THR N 11 0.76 -31.04 24.66
N VAL N 12 0.78 -32.30 25.02
CA VAL N 12 1.97 -33.15 25.07
C VAL N 12 1.55 -34.60 24.92
N GLY N 13 2.36 -35.34 24.18
CA GLY N 13 2.17 -36.77 24.03
C GLY N 13 3.50 -37.47 23.92
N ILE N 14 3.69 -38.52 24.73
CA ILE N 14 4.94 -39.27 24.72
C ILE N 14 4.66 -40.72 24.41
N THR N 15 5.71 -41.51 24.47
CA THR N 15 5.69 -42.91 24.10
C THR N 15 6.64 -43.69 25.00
N LEU N 16 6.17 -44.83 25.49
CA LEU N 16 6.99 -45.70 26.31
C LEU N 16 7.08 -47.08 25.68
N LYS N 17 7.39 -48.09 26.49
CA LYS N 17 7.57 -49.43 25.96
C LYS N 17 6.27 -50.01 25.46
N ASP N 18 5.25 -50.04 26.32
CA ASP N 18 3.96 -50.63 25.98
C ASP N 18 2.81 -49.70 26.34
N ALA N 19 3.02 -48.39 26.27
CA ALA N 19 2.00 -47.45 26.66
C ALA N 19 2.16 -46.14 25.91
N VAL N 20 1.13 -45.32 25.97
CA VAL N 20 1.13 -43.97 25.45
C VAL N 20 0.47 -43.07 26.45
N ILE N 21 0.95 -41.83 26.54
CA ILE N 21 0.48 -40.88 27.54
C ILE N 21 0.31 -39.54 26.86
N MET N 22 -0.83 -38.91 27.10
CA MET N 22 -1.19 -37.64 26.51
C MET N 22 -1.80 -36.76 27.59
N ALA N 23 -1.58 -35.46 27.47
CA ALA N 23 -2.03 -34.53 28.51
C ALA N 23 -2.20 -33.15 27.92
N THR N 24 -3.06 -32.37 28.57
CA THR N 24 -3.31 -31.00 28.16
C THR N 24 -3.65 -30.17 29.37
N GLU N 25 -3.81 -28.88 29.15
CA GLU N 25 -4.47 -27.98 30.06
C GLU N 25 -5.86 -27.66 29.51
N ARG N 26 -6.59 -26.82 30.23
CA ARG N 26 -7.99 -26.58 29.92
C ARG N 26 -8.34 -25.15 29.60
N ARG N 27 -7.42 -24.21 29.78
CA ARG N 27 -7.75 -22.81 29.58
C ARG N 27 -8.04 -22.52 28.12
N VAL N 28 -9.06 -21.70 27.90
CA VAL N 28 -9.44 -21.23 26.59
C VAL N 28 -9.48 -19.71 26.61
N THR N 29 -9.20 -19.09 25.48
CA THR N 29 -9.10 -17.64 25.38
C THR N 29 -9.85 -17.17 24.14
N MET N 30 -10.95 -16.46 24.36
CA MET N 30 -11.70 -15.85 23.28
C MET N 30 -11.88 -14.38 23.61
N GLU N 31 -11.75 -13.54 22.58
CA GLU N 31 -11.90 -12.09 22.72
C GLU N 31 -10.74 -11.49 23.49
N ASN N 32 -9.60 -12.17 23.50
CA ASN N 32 -8.36 -11.64 24.07
C ASN N 32 -8.43 -11.58 25.59
N PHE N 33 -9.19 -12.49 26.19
CA PHE N 33 -9.20 -12.62 27.63
C PHE N 33 -9.64 -14.03 27.98
N ILE N 34 -9.51 -14.37 29.26
CA ILE N 34 -9.78 -15.72 29.75
C ILE N 34 -11.29 -15.85 29.89
N MET N 35 -11.92 -16.47 28.90
CA MET N 35 -13.36 -16.65 28.89
C MET N 35 -13.80 -17.97 29.46
N HIS N 36 -12.97 -19.00 29.38
CA HIS N 36 -13.30 -20.31 29.91
C HIS N 36 -12.07 -20.92 30.54
N LYS N 37 -12.28 -21.60 31.67
CA LYS N 37 -11.20 -22.23 32.41
C LYS N 37 -11.19 -23.74 32.33
N ASN N 38 -12.33 -24.36 32.07
CA ASN N 38 -12.41 -25.81 32.03
C ASN N 38 -12.79 -26.30 30.65
N GLY N 39 -12.11 -25.79 29.64
CA GLY N 39 -12.30 -26.29 28.29
C GLY N 39 -11.88 -27.74 28.17
N LYS N 40 -11.94 -28.22 26.94
CA LYS N 40 -11.56 -29.60 26.62
C LYS N 40 -10.75 -29.62 25.33
N LYS N 41 -9.63 -30.33 25.36
CA LYS N 41 -8.73 -30.42 24.23
C LYS N 41 -8.19 -31.81 24.00
N LEU N 42 -8.53 -32.79 24.83
CA LEU N 42 -8.08 -34.16 24.72
C LEU N 42 -9.28 -35.06 24.50
N PHE N 43 -9.24 -35.84 23.43
CA PHE N 43 -10.38 -36.62 23.01
C PHE N 43 -9.98 -38.06 22.72
N GLN N 44 -10.93 -38.95 22.95
CA GLN N 44 -10.82 -40.34 22.55
C GLN N 44 -11.59 -40.55 21.26
N ILE N 45 -10.87 -40.85 20.19
CA ILE N 45 -11.47 -41.04 18.88
C ILE N 45 -11.57 -42.49 18.50
N ASP N 46 -10.97 -43.37 19.30
CA ASP N 46 -10.99 -44.82 19.03
C ASP N 46 -10.73 -45.55 20.33
N THR N 47 -10.80 -46.88 20.31
CA THR N 47 -10.65 -47.69 21.51
C THR N 47 -9.22 -47.61 22.05
N TYR N 48 -8.24 -47.52 21.18
CA TYR N 48 -6.84 -47.44 21.55
C TYR N 48 -6.18 -46.23 20.90
N THR N 49 -6.91 -45.13 20.82
CA THR N 49 -6.44 -43.97 20.08
C THR N 49 -7.01 -42.69 20.68
N GLY N 50 -6.19 -41.64 20.69
CA GLY N 50 -6.60 -40.37 21.21
C GLY N 50 -5.99 -39.25 20.39
N MET N 51 -6.49 -38.04 20.61
CA MET N 51 -6.05 -36.88 19.87
C MET N 51 -6.10 -35.64 20.74
N THR N 52 -5.19 -34.71 20.45
CA THR N 52 -5.19 -33.38 21.04
C THR N 52 -5.33 -32.35 19.95
N ILE N 53 -5.63 -31.12 20.36
CA ILE N 53 -5.87 -30.03 19.42
C ILE N 53 -5.27 -28.75 19.99
N ALA N 54 -4.90 -27.85 19.11
CA ALA N 54 -4.43 -26.53 19.48
C ALA N 54 -4.66 -25.59 18.31
N GLY N 55 -5.23 -24.43 18.61
CA GLY N 55 -5.54 -23.44 17.61
C GLY N 55 -7.01 -23.07 17.63
N LEU N 56 -7.53 -22.77 16.45
CA LEU N 56 -8.92 -22.37 16.33
C LEU N 56 -9.83 -23.48 16.82
N VAL N 57 -10.68 -23.14 17.80
CA VAL N 57 -11.51 -24.15 18.45
C VAL N 57 -12.50 -24.75 17.47
N GLY N 58 -13.18 -23.90 16.70
CA GLY N 58 -14.20 -24.41 15.80
C GLY N 58 -13.64 -25.39 14.79
N ASP N 59 -12.54 -25.02 14.13
CA ASP N 59 -11.95 -25.89 13.14
C ASP N 59 -11.54 -27.22 13.75
N ALA N 60 -11.17 -27.21 15.03
CA ALA N 60 -10.73 -28.44 15.67
C ALA N 60 -11.90 -29.33 16.05
N GLN N 61 -12.91 -28.76 16.71
CA GLN N 61 -14.08 -29.55 17.09
C GLN N 61 -14.67 -30.25 15.89
N VAL N 62 -14.72 -29.57 14.74
CA VAL N 62 -15.23 -30.18 13.53
C VAL N 62 -14.49 -31.48 13.24
N LEU N 63 -13.16 -31.38 13.09
CA LEU N 63 -12.35 -32.55 12.77
C LEU N 63 -12.65 -33.70 13.73
N VAL N 64 -12.61 -33.43 15.02
CA VAL N 64 -12.83 -34.48 16.01
C VAL N 64 -14.12 -35.22 15.71
N ARG N 65 -15.11 -34.53 15.13
CA ARG N 65 -16.35 -35.19 14.79
C ARG N 65 -16.19 -36.03 13.52
N TYR N 66 -15.46 -35.51 12.54
CA TYR N 66 -15.19 -36.29 11.34
C TYR N 66 -14.42 -37.56 11.68
N MET N 67 -13.38 -37.44 12.48
CA MET N 67 -12.52 -38.58 12.76
C MET N 67 -13.27 -39.64 13.55
N LYS N 68 -13.99 -39.23 14.60
CA LYS N 68 -14.76 -40.18 15.38
C LYS N 68 -15.69 -41.00 14.49
N ALA N 69 -16.15 -40.40 13.40
CA ALA N 69 -17.08 -41.09 12.52
C ALA N 69 -16.36 -42.05 11.59
N GLU N 70 -15.31 -41.57 10.93
CA GLU N 70 -14.58 -42.40 9.99
C GLU N 70 -14.01 -43.64 10.68
N LEU N 71 -13.70 -43.52 11.97
CA LEU N 71 -13.06 -44.64 12.68
C LEU N 71 -14.08 -45.58 13.27
N GLU N 72 -15.25 -45.07 13.64
CA GLU N 72 -16.31 -45.94 14.14
C GLU N 72 -16.95 -46.70 12.99
N LEU N 73 -17.01 -46.07 11.82
CA LEU N 73 -17.48 -46.77 10.63
C LEU N 73 -16.57 -47.94 10.29
N TYR N 74 -15.29 -47.65 10.03
CA TYR N 74 -14.31 -48.69 9.78
C TYR N 74 -14.43 -49.83 10.78
N ARG N 75 -14.48 -49.51 12.07
CA ARG N 75 -14.47 -50.55 13.09
C ARG N 75 -15.68 -51.46 12.97
N LEU N 76 -16.80 -50.94 12.47
CA LEU N 76 -18.01 -51.74 12.37
C LEU N 76 -18.02 -52.56 11.09
N GLN N 77 -17.66 -51.95 9.98
CA GLN N 77 -17.61 -52.67 8.72
C GLN N 77 -16.54 -53.74 8.73
N ARG N 78 -15.29 -53.35 9.05
CA ARG N 78 -14.11 -54.27 8.99
C ARG N 78 -13.93 -55.05 10.28
N ARG N 79 -14.53 -54.62 11.40
CA ARG N 79 -14.53 -55.39 12.65
C ARG N 79 -13.24 -55.24 13.43
N VAL N 80 -12.33 -54.34 13.03
CA VAL N 80 -11.11 -54.10 13.77
C VAL N 80 -10.73 -52.62 13.64
N ASN N 81 -9.82 -52.19 14.50
CA ASN N 81 -9.44 -50.80 14.58
C ASN N 81 -8.39 -50.46 13.54
N MET N 82 -8.48 -49.24 13.01
CA MET N 82 -7.51 -48.78 12.05
C MET N 82 -6.17 -48.56 12.74
N PRO N 83 -5.05 -48.86 12.06
CA PRO N 83 -3.76 -48.53 12.64
C PRO N 83 -3.60 -47.03 12.84
N ILE N 84 -2.43 -46.65 13.32
CA ILE N 84 -2.21 -45.24 13.66
C ILE N 84 -1.57 -44.51 12.49
N GLU N 85 -0.64 -45.17 11.79
CA GLU N 85 -0.04 -44.56 10.62
C GLU N 85 -1.11 -44.16 9.61
N ALA N 86 -2.19 -44.93 9.55
CA ALA N 86 -3.25 -44.64 8.59
C ALA N 86 -4.11 -43.48 9.04
N VAL N 87 -4.41 -43.41 10.34
CA VAL N 87 -5.16 -42.28 10.87
C VAL N 87 -4.48 -40.97 10.51
N ALA N 88 -3.17 -40.89 10.76
CA ALA N 88 -2.44 -39.67 10.46
C ALA N 88 -2.42 -39.39 8.97
N THR N 89 -2.32 -40.44 8.15
CA THR N 89 -2.33 -40.25 6.72
C THR N 89 -3.68 -39.73 6.25
N LEU N 90 -4.76 -40.27 6.80
CA LEU N 90 -6.09 -39.81 6.45
C LEU N 90 -6.24 -38.32 6.70
N LEU N 91 -5.82 -37.85 7.87
CA LEU N 91 -5.83 -36.43 8.16
C LEU N 91 -4.96 -35.65 7.19
N SER N 92 -3.71 -36.07 7.04
CA SER N 92 -2.78 -35.37 6.17
C SER N 92 -3.41 -35.02 4.83
N ASN N 93 -4.22 -35.94 4.30
CA ASN N 93 -4.87 -35.67 3.03
C ASN N 93 -6.06 -34.74 3.21
N MET N 94 -6.79 -34.87 4.31
CA MET N 94 -7.97 -34.05 4.52
C MET N 94 -7.59 -32.60 4.75
N LEU N 95 -6.32 -32.34 5.09
CA LEU N 95 -5.90 -30.96 5.33
C LEU N 95 -5.18 -30.39 4.11
N ASN N 96 -4.30 -31.16 3.50
CA ASN N 96 -3.61 -30.69 2.31
C ASN N 96 -4.59 -30.33 1.21
N GLN N 97 -5.75 -31.00 1.18
N GLN N 97 -5.75 -31.00 1.18
CA GLN N 97 -6.75 -30.73 0.16
CA GLN N 97 -6.75 -30.73 0.16
C GLN N 97 -7.33 -29.34 0.25
C GLN N 97 -7.33 -29.34 0.25
N VAL N 98 -7.13 -28.65 1.36
CA VAL N 98 -7.66 -27.30 1.54
C VAL N 98 -6.57 -26.39 2.10
N LYS N 99 -5.34 -26.60 1.64
CA LYS N 99 -4.22 -25.87 2.19
C LYS N 99 -4.28 -24.38 1.87
N TYR N 100 -5.19 -23.98 0.99
CA TYR N 100 -5.38 -22.58 0.66
C TYR N 100 -6.66 -22.00 1.26
N MET N 101 -7.53 -22.83 1.81
CA MET N 101 -8.64 -22.41 2.65
C MET N 101 -8.65 -23.28 3.89
N PRO N 102 -7.58 -23.21 4.68
CA PRO N 102 -7.22 -24.31 5.57
C PRO N 102 -7.81 -24.23 6.97
N TYR N 103 -7.63 -25.34 7.70
CA TYR N 103 -7.85 -25.38 9.13
C TYR N 103 -6.59 -24.88 9.83
N MET N 104 -6.78 -23.97 10.78
CA MET N 104 -5.65 -23.39 11.51
C MET N 104 -5.52 -24.10 12.86
N VAL N 105 -4.85 -25.26 12.82
CA VAL N 105 -4.73 -26.13 13.97
C VAL N 105 -3.38 -26.82 13.97
N GLN N 106 -3.04 -27.37 15.13
CA GLN N 106 -1.92 -28.28 15.30
C GLN N 106 -2.40 -29.47 16.10
N LEU N 107 -2.06 -30.67 15.65
CA LEU N 107 -2.65 -31.88 16.19
C LEU N 107 -1.58 -32.87 16.61
N LEU N 108 -1.97 -33.74 17.54
CA LEU N 108 -1.18 -34.90 17.93
C LEU N 108 -2.08 -36.12 17.91
N VAL N 109 -1.55 -37.23 17.43
CA VAL N 109 -2.26 -38.49 17.37
C VAL N 109 -1.44 -39.55 18.07
N GLY N 110 -2.07 -40.28 18.96
CA GLY N 110 -1.39 -41.31 19.71
C GLY N 110 -2.30 -42.49 19.96
N GLY N 111 -1.71 -43.68 19.91
CA GLY N 111 -2.49 -44.88 20.09
C GLY N 111 -1.60 -46.10 20.18
N ILE N 112 -2.24 -47.25 20.09
CA ILE N 112 -1.60 -48.54 20.20
C ILE N 112 -2.12 -49.42 19.09
N ASP N 113 -1.22 -50.11 18.38
CA ASP N 113 -1.59 -51.19 17.49
C ASP N 113 -0.80 -52.44 17.81
N THR N 114 0.29 -52.72 17.10
CA THR N 114 1.24 -53.73 17.52
C THR N 114 2.26 -53.10 18.44
N ALA N 115 2.39 -51.79 18.36
CA ALA N 115 3.32 -51.03 19.18
C ALA N 115 2.78 -49.62 19.37
N PRO N 116 3.37 -48.86 20.29
CA PRO N 116 2.94 -47.47 20.48
C PRO N 116 3.42 -46.59 19.35
N HIS N 117 2.67 -45.50 19.11
CA HIS N 117 3.02 -44.56 18.07
C HIS N 117 2.47 -43.20 18.43
N VAL N 118 3.21 -42.15 18.09
CA VAL N 118 2.78 -40.77 18.25
C VAL N 118 3.11 -40.01 16.99
N PHE N 119 2.18 -39.19 16.53
CA PHE N 119 2.34 -38.43 15.31
C PHE N 119 2.00 -36.97 15.56
N SER N 120 2.78 -36.09 14.97
CA SER N 120 2.50 -34.66 14.94
C SER N 120 2.05 -34.28 13.55
N ILE N 121 1.09 -33.36 13.46
CA ILE N 121 0.44 -33.01 12.21
C ILE N 121 0.22 -31.52 12.17
N ASP N 122 0.53 -30.91 11.03
CA ASP N 122 0.40 -29.48 10.85
C ASP N 122 -0.82 -29.16 10.00
N ALA N 123 -1.03 -27.87 9.76
CA ALA N 123 -2.20 -27.43 9.04
C ALA N 123 -2.15 -27.79 7.56
N ALA N 124 -0.96 -27.95 7.01
CA ALA N 124 -0.81 -28.25 5.59
C ALA N 124 -0.84 -29.73 5.28
N GLY N 125 -0.76 -30.59 6.31
CA GLY N 125 -0.83 -32.02 6.12
C GLY N 125 0.41 -32.78 6.47
N GLY N 126 1.45 -32.10 6.94
CA GLY N 126 2.70 -32.78 7.25
C GLY N 126 2.55 -33.63 8.49
N SER N 127 2.85 -34.92 8.36
CA SER N 127 2.76 -35.87 9.44
C SER N 127 4.13 -36.47 9.71
N VAL N 128 4.51 -36.50 10.98
CA VAL N 128 5.82 -37.03 11.38
C VAL N 128 5.65 -37.83 12.67
N GLU N 129 6.27 -38.99 12.70
CA GLU N 129 6.26 -39.84 13.89
C GLU N 129 7.44 -39.50 14.77
N ASP N 130 7.22 -39.55 16.09
CA ASP N 130 8.26 -39.18 17.06
C ASP N 130 7.96 -39.89 18.37
N ILE N 131 8.93 -39.92 19.28
CA ILE N 131 8.76 -40.58 20.57
C ILE N 131 8.05 -39.65 21.55
N TYR N 132 8.19 -38.35 21.36
CA TYR N 132 7.42 -37.39 22.14
C TYR N 132 7.32 -36.09 21.37
N ALA N 133 6.23 -35.37 21.63
CA ALA N 133 5.96 -34.13 20.93
C ALA N 133 5.08 -33.26 21.79
N SER N 134 4.89 -32.02 21.35
CA SER N 134 4.09 -31.05 22.06
C SER N 134 3.65 -29.96 21.11
N THR N 135 2.49 -29.40 21.39
CA THR N 135 1.94 -28.31 20.56
C THR N 135 1.50 -27.18 21.49
N GLY N 136 1.28 -26.01 20.93
CA GLY N 136 0.78 -24.85 21.63
C GLY N 136 1.86 -23.85 21.94
N SER N 137 1.42 -22.73 22.50
CA SER N 137 2.35 -21.66 22.85
C SER N 137 3.31 -22.09 23.94
N GLY N 138 2.94 -23.08 24.74
CA GLY N 138 3.78 -23.60 25.80
C GLY N 138 4.62 -24.78 25.41
N SER N 139 4.62 -25.15 24.13
CA SER N 139 5.40 -26.29 23.68
C SER N 139 6.87 -26.18 24.07
N PRO N 140 7.57 -25.08 23.80
CA PRO N 140 9.00 -25.05 24.08
C PRO N 140 9.35 -25.26 25.54
N PHE N 141 8.56 -24.71 26.45
CA PHE N 141 8.83 -24.95 27.87
C PHE N 141 8.69 -26.42 28.22
N VAL N 142 8.04 -27.20 27.36
CA VAL N 142 7.91 -28.62 27.60
C VAL N 142 9.09 -29.38 27.02
N TYR N 143 9.48 -29.02 25.79
CA TYR N 143 10.63 -29.67 25.18
C TYR N 143 11.87 -29.52 26.03
N GLY N 144 11.95 -28.43 26.80
CA GLY N 144 13.10 -28.24 27.66
C GLY N 144 13.11 -29.21 28.83
N VAL N 145 11.93 -29.64 29.26
CA VAL N 145 11.84 -30.56 30.39
C VAL N 145 12.09 -31.98 29.92
N LEU N 146 11.61 -32.30 28.72
CA LEU N 146 11.74 -33.66 28.22
C LEU N 146 13.17 -33.95 27.78
N GLU N 147 13.81 -33.00 27.09
CA GLU N 147 15.21 -33.17 26.72
C GLU N 147 16.09 -33.47 27.92
N SER N 148 15.66 -33.11 29.12
CA SER N 148 16.48 -33.22 30.31
C SER N 148 16.09 -34.38 31.21
N GLN N 149 14.86 -34.87 31.12
CA GLN N 149 14.38 -35.87 32.05
C GLN N 149 13.74 -37.09 31.39
N TYR N 150 13.46 -37.05 30.10
CA TYR N 150 12.85 -38.19 29.45
C TYR N 150 13.81 -39.36 29.38
N SER N 151 13.25 -40.56 29.46
CA SER N 151 14.02 -41.78 29.31
C SER N 151 13.09 -42.91 28.91
N GLU N 152 13.36 -43.53 27.77
CA GLU N 152 12.53 -44.65 27.24
C GLU N 152 12.37 -45.73 28.29
N LYS N 153 13.29 -45.86 29.25
CA LYS N 153 13.26 -46.94 30.23
C LYS N 153 12.28 -46.66 31.37
N MET N 154 11.55 -45.55 31.31
CA MET N 154 10.71 -45.17 32.43
C MET N 154 9.41 -45.98 32.43
N THR N 155 8.79 -46.00 33.60
CA THR N 155 7.52 -46.67 33.80
C THR N 155 6.37 -45.73 33.44
N VAL N 156 5.16 -46.15 33.80
CA VAL N 156 3.99 -45.32 33.56
C VAL N 156 3.85 -44.27 34.65
N ASP N 157 3.99 -44.70 35.91
CA ASP N 157 3.89 -43.76 37.02
C ASP N 157 4.92 -42.66 36.88
N GLU N 158 6.10 -42.98 36.36
CA GLU N 158 7.14 -41.98 36.18
C GLU N 158 6.83 -41.05 35.02
N GLY N 159 6.18 -41.58 33.98
CA GLY N 159 5.86 -40.75 32.83
C GLY N 159 4.72 -39.80 33.11
N VAL N 160 3.79 -40.21 33.96
CA VAL N 160 2.70 -39.33 34.36
C VAL N 160 3.24 -38.16 35.16
N ASP N 161 4.12 -38.44 36.11
CA ASP N 161 4.70 -37.36 36.90
C ASP N 161 5.50 -36.40 36.04
N LEU N 162 6.00 -36.89 34.90
CA LEU N 162 6.83 -36.07 34.03
C LEU N 162 5.98 -35.07 33.26
N VAL N 163 4.94 -35.56 32.59
CA VAL N 163 4.07 -34.66 31.83
C VAL N 163 3.46 -33.61 32.74
N ILE N 164 3.31 -33.93 34.02
CA ILE N 164 2.78 -32.96 34.97
C ILE N 164 3.84 -31.92 35.30
N ARG N 165 5.06 -32.36 35.59
CA ARG N 165 6.15 -31.41 35.82
C ARG N 165 6.36 -30.50 34.63
N ALA N 166 6.02 -30.99 33.44
CA ALA N 166 6.29 -30.22 32.23
C ALA N 166 5.22 -29.16 32.01
N ILE N 167 3.95 -29.55 32.06
CA ILE N 167 2.88 -28.60 31.83
C ILE N 167 2.80 -27.59 32.98
N SER N 168 3.07 -28.05 34.20
CA SER N 168 3.07 -27.14 35.34
C SER N 168 4.09 -26.03 35.13
N ALA N 169 5.10 -26.28 34.29
CA ALA N 169 6.11 -25.27 34.03
C ALA N 169 5.64 -24.27 32.99
N ALA N 170 4.99 -24.76 31.94
CA ALA N 170 4.45 -23.87 30.93
C ALA N 170 3.40 -22.95 31.51
N LYS N 171 2.58 -23.45 32.44
CA LYS N 171 1.60 -22.62 33.10
C LYS N 171 2.26 -21.49 33.86
N GLN N 172 3.48 -21.69 34.34
CA GLN N 172 4.21 -20.66 35.06
C GLN N 172 4.85 -19.63 34.15
N ARG N 173 4.89 -19.88 32.85
CA ARG N 173 5.61 -19.01 31.93
C ARG N 173 4.85 -18.67 30.66
N ASP N 174 3.79 -19.39 30.32
CA ASP N 174 2.93 -19.06 29.19
C ASP N 174 1.61 -18.54 29.73
N SER N 175 1.21 -17.37 29.27
CA SER N 175 0.00 -16.73 29.79
C SER N 175 -1.26 -17.35 29.22
N ALA N 176 -1.19 -17.95 28.05
CA ALA N 176 -2.35 -18.57 27.42
C ALA N 176 -2.54 -20.02 27.82
N SER N 177 -1.83 -20.49 28.85
CA SER N 177 -1.97 -21.83 29.35
C SER N 177 -2.32 -21.80 30.82
N GLY N 178 -3.28 -22.63 31.21
CA GLY N 178 -3.69 -22.66 32.60
C GLY N 178 -4.86 -23.61 32.77
N GLY N 179 -5.17 -23.88 34.03
CA GLY N 179 -6.27 -24.74 34.38
C GLY N 179 -5.79 -26.07 34.94
N MET N 180 -6.76 -26.89 35.29
CA MET N 180 -6.46 -28.23 35.74
C MET N 180 -5.96 -29.06 34.58
N ILE N 181 -5.20 -30.10 34.90
CA ILE N 181 -4.51 -30.92 33.91
C ILE N 181 -5.32 -32.18 33.67
N ASP N 182 -5.59 -32.47 32.41
CA ASP N 182 -6.26 -33.69 31.99
C ASP N 182 -5.22 -34.65 31.41
N VAL N 183 -5.25 -35.88 31.88
CA VAL N 183 -4.27 -36.88 31.51
C VAL N 183 -4.98 -38.15 31.05
N ALA N 184 -4.39 -38.82 30.07
CA ALA N 184 -4.90 -40.08 29.57
C ALA N 184 -3.77 -41.08 29.44
N VAL N 185 -4.10 -42.35 29.57
CA VAL N 185 -3.15 -43.44 29.46
C VAL N 185 -3.76 -44.51 28.58
N ILE N 186 -2.93 -45.11 27.73
CA ILE N 186 -3.38 -46.06 26.73
C ILE N 186 -2.53 -47.31 26.81
N THR N 187 -3.18 -48.47 26.88
CA THR N 187 -2.50 -49.74 26.90
C THR N 187 -3.40 -50.78 26.25
N ARG N 188 -2.77 -51.77 25.62
CA ARG N 188 -3.53 -52.86 25.01
C ARG N 188 -4.34 -53.62 26.05
N LYS N 189 -3.91 -53.56 27.31
CA LYS N 189 -4.60 -54.30 28.36
C LYS N 189 -5.84 -53.56 28.83
N ASP N 190 -5.67 -52.40 29.45
CA ASP N 190 -6.76 -51.64 30.01
C ASP N 190 -7.39 -50.66 29.03
N GLY N 191 -6.74 -50.40 27.90
CA GLY N 191 -7.29 -49.49 26.93
C GLY N 191 -7.11 -48.04 27.32
N TYR N 192 -7.86 -47.19 26.61
CA TYR N 192 -7.84 -45.76 26.89
C TYR N 192 -8.44 -45.50 28.25
N VAL N 193 -7.72 -44.75 29.08
CA VAL N 193 -8.14 -44.47 30.45
C VAL N 193 -7.82 -43.02 30.76
N GLN N 194 -8.84 -42.25 31.10
CA GLN N 194 -8.68 -40.88 31.55
C GLN N 194 -8.55 -40.89 33.06
N LEU N 195 -7.48 -40.29 33.57
CA LEU N 195 -7.19 -40.40 34.99
C LEU N 195 -8.15 -39.53 35.79
N PRO N 196 -8.57 -39.99 36.96
CA PRO N 196 -9.41 -39.14 37.82
C PRO N 196 -8.66 -37.91 38.27
N THR N 197 -9.42 -36.84 38.52
CA THR N 197 -8.82 -35.58 38.93
C THR N 197 -8.12 -35.71 40.28
N ASP N 198 -8.66 -36.54 41.16
CA ASP N 198 -8.07 -36.67 42.49
C ASP N 198 -6.67 -37.26 42.43
N GLN N 199 -6.43 -38.20 41.52
CA GLN N 199 -5.10 -38.77 41.38
C GLN N 199 -4.10 -37.72 40.92
N ILE N 200 -4.56 -36.77 40.10
CA ILE N 200 -3.68 -35.71 39.64
C ILE N 200 -3.31 -34.80 40.79
N GLU N 201 -4.32 -34.27 41.49
CA GLU N 201 -4.07 -33.42 42.64
C GLU N 201 -3.15 -34.11 43.64
N SER N 202 -3.32 -35.41 43.82
CA SER N 202 -2.47 -36.16 44.74
C SER N 202 -1.01 -36.08 44.33
N ARG N 203 -0.72 -36.47 43.09
CA ARG N 203 0.65 -36.46 42.62
C ARG N 203 1.25 -35.07 42.68
N ILE N 204 0.43 -34.04 42.45
CA ILE N 204 0.92 -32.67 42.47
C ILE N 204 1.46 -32.32 43.85
N ARG N 205 0.62 -32.47 44.88
CA ARG N 205 1.09 -32.24 46.24
C ARG N 205 2.31 -33.09 46.54
N LYS N 206 2.32 -34.32 46.04
CA LYS N 206 3.45 -35.22 46.27
C LYS N 206 4.73 -34.67 45.63
N LEU N 207 4.59 -33.82 44.62
CA LEU N 207 5.74 -33.27 43.93
C LEU N 207 6.08 -31.86 44.35
N GLY N 208 5.11 -31.12 44.89
CA GLY N 208 5.37 -29.76 45.32
C GLY N 208 5.16 -28.72 44.24
N LEU N 209 3.96 -28.66 43.67
CA LEU N 209 3.65 -27.74 42.60
C LEU N 209 2.38 -26.94 42.85
N ILE N 210 2.13 -26.56 44.10
CA ILE N 210 0.92 -25.81 44.42
C ILE N 210 1.16 -25.00 45.69
N GLN O 5 38.85 52.97 45.73
CA GLN O 5 39.93 52.45 44.91
C GLN O 5 39.69 52.78 43.44
N MET O 6 40.30 53.87 42.99
CA MET O 6 40.12 54.31 41.60
C MET O 6 40.58 53.25 40.60
N ALA O 7 41.37 52.27 41.05
CA ALA O 7 41.89 51.23 40.17
C ALA O 7 40.99 50.01 40.10
N TYR O 8 40.02 49.89 41.02
CA TYR O 8 39.18 48.69 41.09
C TYR O 8 37.69 49.04 41.09
N ASP O 9 37.33 50.23 40.59
CA ASP O 9 35.91 50.68 40.57
C ASP O 9 35.51 50.98 39.12
N ARG O 10 35.88 50.13 38.18
CA ARG O 10 35.57 50.31 36.77
C ARG O 10 34.72 49.19 36.20
N ALA O 11 34.90 47.96 36.69
CA ALA O 11 34.25 46.79 36.15
C ALA O 11 33.62 45.99 37.28
N ILE O 12 32.50 45.35 36.97
CA ILE O 12 31.80 44.53 37.97
C ILE O 12 32.58 43.27 38.26
N THR O 13 33.33 42.76 37.28
CA THR O 13 33.97 41.46 37.38
C THR O 13 35.39 41.55 37.92
N VAL O 14 35.66 42.47 38.84
CA VAL O 14 36.98 42.65 39.43
C VAL O 14 36.83 42.81 40.92
N PHE O 15 37.51 41.94 41.67
CA PHE O 15 37.57 42.04 43.11
C PHE O 15 38.68 42.99 43.52
N SER O 16 38.46 43.74 44.58
CA SER O 16 39.52 44.56 45.15
C SER O 16 40.42 43.71 46.03
N PRO O 17 41.65 44.17 46.29
CA PRO O 17 42.55 43.41 47.17
C PRO O 17 41.94 43.07 48.51
N ASP O 18 40.93 43.82 48.95
CA ASP O 18 40.22 43.53 50.19
C ASP O 18 39.02 42.61 49.95
N GLY O 19 38.81 42.19 48.72
CA GLY O 19 37.68 41.32 48.42
C GLY O 19 36.35 42.05 48.39
N ARG O 20 36.15 42.94 47.43
CA ARG O 20 34.94 43.73 47.33
C ARG O 20 34.56 43.92 45.88
N LEU O 21 33.37 44.49 45.67
CA LEU O 21 32.84 44.80 44.35
C LEU O 21 32.28 46.22 44.40
N PHE O 22 33.13 47.19 44.11
CA PHE O 22 32.71 48.58 44.19
C PHE O 22 31.57 48.87 43.22
N GLN O 23 31.66 48.33 42.01
CA GLN O 23 30.57 48.51 41.05
C GLN O 23 29.27 47.94 41.59
N TYR O 24 29.36 47.03 42.56
CA TYR O 24 28.18 46.50 43.20
C TYR O 24 27.74 47.38 44.36
N GLU O 25 28.69 47.90 45.13
CA GLU O 25 28.35 48.81 46.21
C GLU O 25 27.83 50.12 45.66
N TYR O 26 28.21 50.46 44.42
CA TYR O 26 27.73 51.69 43.82
C TYR O 26 26.28 51.59 43.43
N ALA O 27 25.89 50.47 42.82
CA ALA O 27 24.49 50.28 42.43
C ALA O 27 23.56 50.43 43.63
N ARG O 28 24.05 50.11 44.82
CA ARG O 28 23.25 50.31 46.03
C ARG O 28 23.12 51.77 46.39
N GLU O 29 23.88 52.64 45.74
CA GLU O 29 23.75 54.07 46.01
C GLU O 29 22.67 54.69 45.14
N ALA O 30 22.37 54.08 44.00
CA ALA O 30 21.30 54.60 43.16
C ALA O 30 19.94 54.25 43.72
N VAL O 31 19.87 53.26 44.60
CA VAL O 31 18.60 52.89 45.21
C VAL O 31 18.19 53.91 46.26
N LYS O 32 19.14 54.34 47.08
CA LYS O 32 18.85 55.31 48.13
C LYS O 32 18.35 56.64 47.59
N LYS O 33 18.42 56.85 46.28
CA LYS O 33 17.86 58.05 45.67
C LYS O 33 16.36 57.95 45.47
N GLY O 34 15.79 56.75 45.49
CA GLY O 34 14.38 56.57 45.24
C GLY O 34 13.52 56.87 46.44
N SER O 35 12.21 56.94 46.18
CA SER O 35 11.26 57.22 47.23
C SER O 35 11.31 56.13 48.30
N THR O 36 10.62 56.38 49.40
CA THR O 36 10.62 55.50 50.55
C THR O 36 9.37 54.63 50.56
N ALA O 37 9.48 53.42 51.10
CA ALA O 37 8.37 52.50 51.20
C ALA O 37 8.71 51.40 52.17
N LEU O 38 7.70 50.64 52.57
CA LEU O 38 7.90 49.58 53.56
C LEU O 38 6.80 48.54 53.42
N GLY O 39 6.85 47.57 54.33
CA GLY O 39 5.86 46.51 54.35
C GLY O 39 5.85 45.83 55.70
N MET O 40 4.66 45.45 56.14
CA MET O 40 4.47 44.90 57.47
C MET O 40 3.45 43.76 57.43
N LYS O 41 3.73 42.71 58.18
CA LYS O 41 2.78 41.63 58.37
C LYS O 41 1.92 41.92 59.59
N PHE O 42 0.90 41.09 59.78
CA PHE O 42 0.00 41.24 60.92
C PHE O 42 -0.90 40.01 60.96
N ALA O 43 -2.06 40.16 61.61
CA ALA O 43 -2.98 39.04 61.81
C ALA O 43 -3.58 38.63 60.48
N ASN O 44 -3.09 37.51 59.93
CA ASN O 44 -3.69 36.90 58.75
C ASN O 44 -3.62 37.81 57.55
N GLY O 45 -2.57 38.63 57.47
CA GLY O 45 -2.45 39.53 56.34
C GLY O 45 -1.09 40.17 56.28
N VAL O 46 -0.97 41.10 55.34
CA VAL O 46 0.26 41.85 55.11
C VAL O 46 -0.10 43.03 54.22
N LEU O 47 0.76 44.05 54.21
CA LEU O 47 0.45 45.28 53.51
C LEU O 47 1.72 45.94 53.00
N LEU O 48 1.53 47.07 52.33
CA LEU O 48 2.63 47.87 51.81
C LEU O 48 2.25 49.34 51.90
N ILE O 49 3.26 50.20 51.85
CA ILE O 49 3.09 51.65 51.84
C ILE O 49 4.23 52.27 51.06
N SER O 50 3.95 53.37 50.38
CA SER O 50 4.95 54.09 49.61
C SER O 50 4.90 55.57 49.95
N ASP O 51 6.05 56.22 49.87
CA ASP O 51 6.17 57.64 50.16
C ASP O 51 5.80 58.42 48.90
N LYS O 52 4.49 58.52 48.66
CA LYS O 52 3.99 59.29 47.54
C LYS O 52 4.52 60.71 47.58
N LYS O 53 5.18 61.12 46.51
CA LYS O 53 5.71 62.47 46.36
C LYS O 53 4.83 63.25 45.41
N VAL O 54 4.38 64.42 45.84
CA VAL O 54 3.52 65.26 45.01
C VAL O 54 4.26 65.58 43.72
N ARG O 55 3.51 65.67 42.63
CA ARG O 55 4.03 66.03 41.32
C ARG O 55 3.10 67.06 40.69
N SER O 56 3.45 67.45 39.47
CA SER O 56 2.62 68.41 38.75
C SER O 56 1.22 67.85 38.56
N ARG O 57 0.23 68.74 38.60
CA ARG O 57 -1.15 68.34 38.37
C ARG O 57 -1.36 67.79 36.97
N LEU O 58 -0.36 67.92 36.10
CA LEU O 58 -0.51 67.53 34.70
C LEU O 58 -0.34 66.04 34.47
N ILE O 59 0.00 65.27 35.50
CA ILE O 59 0.27 63.85 35.36
C ILE O 59 -0.92 63.07 35.90
N GLU O 60 -1.35 62.07 35.12
CA GLU O 60 -2.45 61.22 35.55
C GLU O 60 -2.06 60.46 36.81
N GLN O 61 -2.92 60.56 37.83
CA GLN O 61 -2.67 59.98 39.13
C GLN O 61 -2.85 58.47 39.16
N ASN O 62 -3.14 57.86 38.01
CA ASN O 62 -3.29 56.42 37.92
C ASN O 62 -2.06 55.73 37.36
N SER O 63 -0.95 56.45 37.18
CA SER O 63 0.30 55.86 36.74
C SER O 63 1.46 56.20 37.67
N ILE O 64 1.29 57.17 38.55
CA ILE O 64 2.33 57.56 39.50
C ILE O 64 2.47 56.49 40.57
N GLU O 65 1.42 55.69 40.75
CA GLU O 65 1.39 54.70 41.80
C GLU O 65 2.51 53.69 41.59
N LYS O 66 3.36 53.55 42.61
CA LYS O 66 4.43 52.57 42.53
C LYS O 66 3.97 51.18 42.97
N ILE O 67 2.85 51.11 43.69
CA ILE O 67 2.30 49.82 44.09
C ILE O 67 1.82 49.09 42.84
N GLN O 68 2.50 48.02 42.49
CA GLN O 68 2.21 47.24 41.29
C GLN O 68 1.81 45.83 41.68
N LEU O 69 0.81 45.30 40.99
CA LEU O 69 0.34 43.94 41.24
C LEU O 69 1.07 42.98 40.31
N ILE O 70 1.44 41.83 40.86
CA ILE O 70 1.97 40.76 40.02
C ILE O 70 0.90 39.71 39.78
N ASP O 71 0.04 39.50 40.76
CA ASP O 71 -1.18 38.71 40.61
C ASP O 71 -2.15 39.15 41.68
N ASP O 72 -3.39 38.69 41.57
CA ASP O 72 -4.42 39.08 42.52
C ASP O 72 -4.07 38.70 43.96
N TYR O 73 -2.98 37.97 44.16
CA TYR O 73 -2.55 37.59 45.50
C TYR O 73 -1.09 37.94 45.77
N VAL O 74 -0.45 38.69 44.87
CA VAL O 74 0.92 39.13 45.06
C VAL O 74 1.07 40.53 44.51
N ALA O 75 1.87 41.35 45.19
CA ALA O 75 2.15 42.71 44.77
C ALA O 75 3.62 43.01 44.96
N ALA O 76 3.98 44.26 44.71
CA ALA O 76 5.37 44.67 44.89
C ALA O 76 5.48 46.18 44.73
N VAL O 77 6.60 46.71 45.19
CA VAL O 77 6.96 48.11 45.02
C VAL O 77 8.47 48.19 44.96
N THR O 78 8.97 49.21 44.24
CA THR O 78 10.38 49.26 43.86
C THR O 78 10.95 50.64 44.11
N SER O 79 12.28 50.70 44.19
CA SER O 79 13.02 51.94 44.37
C SER O 79 14.28 51.91 43.53
N GLY O 80 14.58 53.03 42.87
CA GLY O 80 15.78 53.15 42.09
C GLY O 80 15.53 53.57 40.65
N LEU O 81 16.40 53.14 39.75
CA LEU O 81 16.25 53.46 38.34
C LEU O 81 14.88 53.00 37.84
N VAL O 82 14.02 53.97 37.55
CA VAL O 82 12.65 53.65 37.16
C VAL O 82 12.64 52.87 35.86
N ALA O 83 13.62 53.11 34.99
CA ALA O 83 13.65 52.42 33.71
C ALA O 83 13.83 50.92 33.89
N ASP O 84 14.64 50.51 34.86
CA ASP O 84 14.86 49.10 35.11
C ASP O 84 13.73 48.49 35.91
N ALA O 85 13.20 49.24 36.89
CA ALA O 85 12.08 48.74 37.67
C ALA O 85 10.94 48.28 36.77
N ARG O 86 10.58 49.09 35.79
CA ARG O 86 9.49 48.73 34.89
C ARG O 86 9.76 47.40 34.20
N VAL O 87 11.03 46.98 34.16
CA VAL O 87 11.37 45.78 33.42
C VAL O 87 11.20 44.54 34.29
N LEU O 88 11.79 44.57 35.49
CA LEU O 88 11.71 43.41 36.37
C LEU O 88 10.27 43.09 36.73
N VAL O 89 9.47 44.10 37.01
CA VAL O 89 8.06 43.88 37.30
C VAL O 89 7.39 43.13 36.17
N ASP O 90 7.73 43.47 34.92
CA ASP O 90 7.23 42.71 33.79
C ASP O 90 7.85 41.32 33.78
N PHE O 91 9.12 41.21 34.17
CA PHE O 91 9.75 39.91 34.27
C PHE O 91 9.08 39.07 35.35
N ALA O 92 8.69 39.70 36.46
CA ALA O 92 7.99 38.99 37.51
C ALA O 92 6.60 38.57 37.05
N ARG O 93 5.89 39.48 36.37
CA ARG O 93 4.55 39.16 35.91
C ARG O 93 4.56 38.02 34.90
N ILE O 94 5.74 37.71 34.36
CA ILE O 94 5.84 36.63 33.40
C ILE O 94 6.26 35.34 34.08
N SER O 95 7.21 35.43 35.02
CA SER O 95 7.61 34.26 35.77
C SER O 95 6.45 33.67 36.54
N ALA O 96 5.57 34.52 37.06
CA ALA O 96 4.42 34.03 37.81
C ALA O 96 3.50 33.19 36.93
N GLN O 97 3.30 33.61 35.69
CA GLN O 97 2.44 32.86 34.80
C GLN O 97 3.08 31.54 34.38
N GLN O 98 4.41 31.48 34.32
CA GLN O 98 5.07 30.23 33.99
C GLN O 98 4.75 29.15 35.03
N GLU O 99 4.66 29.55 36.30
CA GLU O 99 4.31 28.58 37.34
C GLU O 99 2.87 28.11 37.19
N LYS O 100 1.93 29.05 37.15
CA LYS O 100 0.53 28.71 36.97
C LYS O 100 0.35 27.75 35.80
N VAL O 101 1.12 27.95 34.73
CA VAL O 101 1.04 27.06 33.58
C VAL O 101 1.70 25.73 33.89
N THR O 102 2.78 25.77 34.66
CA THR O 102 3.54 24.55 34.91
C THR O 102 2.92 23.74 36.05
N TYR O 103 2.45 24.42 37.09
CA TYR O 103 1.93 23.76 38.27
C TYR O 103 0.44 23.99 38.48
N GLY O 104 -0.21 24.76 37.64
CA GLY O 104 -1.63 24.99 37.74
C GLY O 104 -2.05 26.05 38.72
N SER O 105 -1.13 26.49 39.56
CA SER O 105 -1.41 27.50 40.56
C SER O 105 -0.12 27.98 41.19
N LEU O 106 0.02 29.30 41.28
CA LEU O 106 1.15 29.89 41.99
C LEU O 106 1.08 29.39 43.43
N VAL O 107 1.75 28.27 43.66
CA VAL O 107 1.63 27.58 44.93
C VAL O 107 2.50 28.23 45.99
N ASN O 108 3.62 28.81 45.57
CA ASN O 108 4.55 29.44 46.50
C ASN O 108 5.08 30.72 45.90
N ILE O 109 5.59 31.60 46.76
CA ILE O 109 6.12 32.87 46.32
C ILE O 109 7.63 32.78 46.14
N GLU O 110 8.30 32.01 46.98
CA GLU O 110 9.75 31.92 46.91
C GLU O 110 10.20 31.32 45.59
N ASN O 111 9.31 30.52 44.99
CA ASN O 111 9.57 29.94 43.65
C ASN O 111 9.58 31.10 42.64
N LEU O 112 9.03 32.27 42.98
CA LEU O 112 8.98 33.41 42.08
C LEU O 112 10.14 34.35 42.35
N VAL O 113 10.24 34.86 43.57
CA VAL O 113 11.32 35.75 43.94
C VAL O 113 12.66 35.17 43.52
N LYS O 114 12.78 33.85 43.53
CA LYS O 114 14.03 33.20 43.16
C LYS O 114 14.32 33.38 41.69
N ARG O 115 13.31 33.25 40.83
CA ARG O 115 13.52 33.40 39.40
C ARG O 115 14.03 34.80 39.07
N VAL O 116 13.76 35.76 39.95
CA VAL O 116 14.20 37.13 39.70
C VAL O 116 15.66 37.30 40.09
N ALA O 117 15.96 37.09 41.37
CA ALA O 117 17.33 37.20 41.85
C ALA O 117 18.30 36.48 40.92
N ASP O 118 17.88 35.33 40.38
CA ASP O 118 18.73 34.63 39.44
C ASP O 118 18.97 35.46 38.18
N GLN O 119 17.99 36.29 37.81
CA GLN O 119 18.15 37.14 36.64
C GLN O 119 19.04 38.33 36.96
N MET O 120 19.10 38.71 38.23
CA MET O 120 19.88 39.89 38.61
C MET O 120 21.32 39.51 38.90
N GLN O 121 21.53 38.44 39.67
CA GLN O 121 22.89 37.95 39.88
C GLN O 121 23.58 37.66 38.56
N GLN O 122 22.81 37.27 37.55
CA GLN O 122 23.38 36.98 36.24
C GLN O 122 24.14 38.18 35.71
N TYR O 123 23.61 39.38 35.93
CA TYR O 123 24.25 40.60 35.45
C TYR O 123 25.31 41.13 36.39
N THR O 124 25.83 40.29 37.27
CA THR O 124 26.87 40.69 38.21
C THR O 124 28.18 39.96 38.00
N GLN O 125 28.16 38.76 37.42
CA GLN O 125 29.36 37.96 37.25
C GLN O 125 29.86 37.94 35.81
N TYR O 126 29.17 38.61 34.89
CA TYR O 126 29.57 38.67 33.49
C TYR O 126 29.86 40.10 33.09
N GLY O 127 30.85 40.27 32.23
CA GLY O 127 31.23 41.59 31.78
C GLY O 127 30.46 42.02 30.55
N GLY O 128 30.47 43.32 30.31
CA GLY O 128 29.74 43.90 29.22
C GLY O 128 28.30 44.24 29.53
N VAL O 129 27.89 44.11 30.79
CA VAL O 129 26.53 44.41 31.22
C VAL O 129 26.58 44.95 32.64
N ARG O 130 25.76 45.96 32.90
CA ARG O 130 25.69 46.54 34.23
C ARG O 130 24.57 45.87 35.03
N PRO O 131 24.67 45.86 36.35
CA PRO O 131 23.59 45.31 37.17
C PRO O 131 22.32 46.13 37.04
N TYR O 132 21.34 45.75 37.85
CA TYR O 132 20.11 46.52 37.96
C TYR O 132 20.21 47.47 39.13
N GLY O 133 19.79 48.71 38.93
CA GLY O 133 19.87 49.70 39.97
C GLY O 133 18.59 49.83 40.76
N VAL O 134 18.13 48.73 41.37
CA VAL O 134 16.87 48.72 42.09
C VAL O 134 16.87 47.59 43.11
N SER O 135 16.16 47.81 44.21
CA SER O 135 15.73 46.76 45.11
C SER O 135 14.22 46.82 45.18
N LEU O 136 13.61 45.70 45.56
CA LEU O 136 12.16 45.59 45.51
C LEU O 136 11.61 45.03 46.81
N ILE O 137 10.29 45.09 46.92
CA ILE O 137 9.54 44.43 47.98
C ILE O 137 8.50 43.54 47.31
N PHE O 138 8.27 42.38 47.90
CA PHE O 138 7.25 41.46 47.43
C PHE O 138 6.36 41.09 48.61
N ALA O 139 5.06 40.98 48.36
CA ALA O 139 4.11 40.59 49.38
C ALA O 139 2.98 39.83 48.72
N GLY O 140 2.28 39.05 49.53
CA GLY O 140 1.17 38.27 49.02
C GLY O 140 0.88 37.09 49.91
N ILE O 141 -0.10 36.31 49.47
CA ILE O 141 -0.60 35.16 50.21
C ILE O 141 -0.30 33.91 49.42
N ASP O 142 0.21 32.88 50.09
CA ASP O 142 0.41 31.58 49.49
C ASP O 142 -0.21 30.50 50.37
N GLN O 143 0.02 29.23 49.98
CA GLN O 143 -0.47 28.06 50.76
C GLN O 143 -0.04 28.24 52.21
N ILE O 144 1.19 28.71 52.43
CA ILE O 144 1.70 28.94 53.77
C ILE O 144 0.89 30.03 54.46
N GLY O 145 0.87 31.23 53.87
CA GLY O 145 0.20 32.36 54.45
C GLY O 145 0.82 33.66 54.02
N PRO O 146 0.71 34.69 54.86
CA PRO O 146 1.31 35.97 54.54
C PRO O 146 2.82 35.87 54.43
N ARG O 147 3.36 36.46 53.37
CA ARG O 147 4.79 36.48 53.13
C ARG O 147 5.24 37.91 52.90
N LEU O 148 6.56 38.08 52.86
CA LEU O 148 7.16 39.40 52.67
C LEU O 148 8.65 39.23 52.46
N PHE O 149 9.15 39.72 51.33
CA PHE O 149 10.53 39.50 50.93
C PHE O 149 11.16 40.82 50.49
N ASP O 150 12.42 40.72 50.09
CA ASP O 150 13.16 41.84 49.55
C ASP O 150 14.32 41.29 48.72
N CYS O 151 14.77 42.09 47.76
CA CYS O 151 15.82 41.66 46.84
C CYS O 151 16.73 42.83 46.53
N ASP O 152 18.04 42.62 46.75
CA ASP O 152 19.04 43.66 46.45
C ASP O 152 19.52 43.42 45.01
N PRO O 153 20.30 44.35 44.42
CA PRO O 153 20.71 44.27 43.02
C PRO O 153 21.47 43.00 42.66
N ALA O 154 22.05 42.31 43.63
CA ALA O 154 22.84 41.13 43.34
C ALA O 154 22.05 39.84 43.45
N GLY O 155 20.90 39.85 44.10
CA GLY O 155 20.10 38.66 44.30
C GLY O 155 19.96 38.21 45.73
N THR O 156 20.49 38.97 46.68
CA THR O 156 20.35 38.59 48.08
C THR O 156 18.88 38.60 48.48
N ILE O 157 18.41 37.46 48.97
CA ILE O 157 17.02 37.28 49.39
C ILE O 157 16.99 37.17 50.90
N ASN O 158 15.92 37.69 51.49
CA ASN O 158 15.71 37.60 52.93
C ASN O 158 14.22 37.82 53.19
N GLU O 159 13.65 36.98 54.05
CA GLU O 159 12.24 37.08 54.40
C GLU O 159 12.11 37.75 55.76
N TYR O 160 11.23 38.74 55.83
CA TYR O 160 11.12 39.61 56.99
C TYR O 160 9.70 39.60 57.54
N LYS O 161 9.56 40.02 58.80
CA LYS O 161 8.26 40.39 59.32
C LYS O 161 7.93 41.84 59.00
N ALA O 162 8.94 42.62 58.63
CA ALA O 162 8.74 44.00 58.21
C ALA O 162 10.05 44.49 57.61
N THR O 163 9.94 45.54 56.80
CA THR O 163 11.09 46.04 56.05
C THR O 163 10.73 47.37 55.42
N ALA O 164 11.77 48.12 55.06
CA ALA O 164 11.61 49.40 54.40
C ALA O 164 12.54 49.45 53.20
N ILE O 165 12.42 50.52 52.43
CA ILE O 165 13.16 50.68 51.18
C ILE O 165 13.13 52.14 50.80
N GLY O 166 14.19 52.59 50.13
CA GLY O 166 14.27 53.95 49.65
C GLY O 166 15.39 54.73 50.30
N SER O 167 15.07 55.97 50.67
CA SER O 167 16.05 56.86 51.28
C SER O 167 15.97 56.81 52.79
N GLY O 168 14.75 56.81 53.33
CA GLY O 168 14.55 56.77 54.76
C GLY O 168 14.56 55.37 55.31
N LYS O 169 15.25 54.47 54.61
CA LYS O 169 15.25 53.06 54.99
C LYS O 169 15.76 52.87 56.42
N ASP O 170 17.02 53.22 56.66
CA ASP O 170 17.59 52.99 57.98
C ASP O 170 16.79 53.70 59.07
N ALA O 171 16.28 54.89 58.77
CA ALA O 171 15.50 55.63 59.75
C ALA O 171 14.25 54.86 60.15
N VAL O 172 13.69 54.09 59.21
CA VAL O 172 12.45 53.38 59.49
C VAL O 172 12.73 52.14 60.31
N VAL O 173 13.59 51.26 59.80
CA VAL O 173 13.93 50.03 60.52
C VAL O 173 14.29 50.33 61.97
N SER O 174 14.97 51.46 62.20
CA SER O 174 15.24 51.88 63.56
C SER O 174 13.95 52.02 64.35
N PHE O 175 13.12 52.99 63.96
CA PHE O 175 11.82 53.16 64.60
C PHE O 175 11.08 51.82 64.67
N LEU O 176 10.95 51.15 63.53
CA LEU O 176 10.14 49.95 63.44
C LEU O 176 10.70 48.79 64.26
N GLU O 177 12.02 48.67 64.37
CA GLU O 177 12.60 47.61 65.19
C GLU O 177 12.24 47.75 66.65
N ARG O 178 11.77 48.92 67.07
CA ARG O 178 11.43 49.16 68.47
C ARG O 178 9.94 48.99 68.76
N GLU O 179 9.07 49.44 67.86
CA GLU O 179 7.64 49.54 68.15
C GLU O 179 6.82 48.51 67.38
N TYR O 180 7.45 47.61 66.64
CA TYR O 180 6.69 46.64 65.86
C TYR O 180 6.10 45.56 66.76
N LYS O 181 4.90 45.11 66.41
CA LYS O 181 4.22 44.05 67.12
C LYS O 181 3.57 43.11 66.13
N GLU O 182 3.50 41.84 66.51
CA GLU O 182 2.99 40.79 65.63
C GLU O 182 1.50 40.57 65.84
N ASN O 183 0.88 39.98 64.83
CA ASN O 183 -0.54 39.59 64.89
C ASN O 183 -1.40 40.75 65.35
N LEU O 184 -1.26 41.87 64.68
CA LEU O 184 -2.06 43.04 65.00
C LEU O 184 -3.24 43.14 64.05
N PRO O 185 -4.24 43.95 64.41
CA PRO O 185 -5.32 44.23 63.46
C PRO O 185 -4.80 45.02 62.27
N GLU O 186 -5.71 45.25 61.31
CA GLU O 186 -5.30 45.94 60.09
C GLU O 186 -4.96 47.38 60.37
N LYS O 187 -5.97 48.21 60.66
CA LYS O 187 -5.72 49.63 60.84
C LYS O 187 -4.76 49.91 61.98
N GLU O 188 -4.79 49.09 63.03
CA GLU O 188 -3.84 49.25 64.12
C GLU O 188 -2.41 49.20 63.64
N ALA O 189 -2.13 48.42 62.60
CA ALA O 189 -0.80 48.33 62.04
C ALA O 189 -0.51 49.46 61.05
N VAL O 190 -1.51 49.92 60.33
CA VAL O 190 -1.31 51.02 59.39
C VAL O 190 -0.85 52.27 60.13
N THR O 191 -1.62 52.69 61.13
CA THR O 191 -1.25 53.86 61.91
C THR O 191 0.16 53.73 62.45
N LEU O 192 0.60 52.50 62.74
CA LEU O 192 1.98 52.29 63.14
C LEU O 192 2.93 52.54 61.98
N GLY O 193 2.55 52.09 60.77
CA GLY O 193 3.43 52.24 59.63
C GLY O 193 3.64 53.68 59.23
N ILE O 194 2.55 54.41 58.99
CA ILE O 194 2.66 55.82 58.64
C ILE O 194 3.53 56.56 59.65
N LYS O 195 3.54 56.08 60.89
CA LYS O 195 4.33 56.73 61.92
C LYS O 195 5.82 56.52 61.67
N ALA O 196 6.25 55.28 61.54
CA ALA O 196 7.65 55.00 61.20
C ALA O 196 8.05 55.74 59.93
N LEU O 197 7.14 55.84 58.98
CA LEU O 197 7.41 56.67 57.80
C LEU O 197 7.53 58.13 58.21
N LYS O 198 6.54 58.63 58.95
CA LYS O 198 6.61 60.00 59.47
C LYS O 198 7.94 60.26 60.17
N SER O 199 8.51 59.23 60.79
CA SER O 199 9.79 59.42 61.48
C SER O 199 10.90 59.77 60.52
N SER O 200 11.16 58.92 59.53
CA SER O 200 12.25 59.18 58.59
C SER O 200 12.06 60.47 57.81
N LEU O 201 10.84 61.01 57.79
CA LEU O 201 10.58 62.21 57.02
C LEU O 201 11.33 63.39 57.63
N GLU O 202 11.80 64.27 56.75
CA GLU O 202 12.38 65.53 57.20
C GLU O 202 11.29 66.43 57.78
N GLU O 203 11.67 67.25 58.76
CA GLU O 203 10.68 68.09 59.43
C GLU O 203 9.98 69.00 58.45
N GLY O 204 10.69 69.47 57.42
CA GLY O 204 10.10 70.42 56.50
C GLY O 204 8.99 69.82 55.66
N GLU O 205 8.95 68.49 55.58
CA GLU O 205 7.97 67.80 54.75
C GLU O 205 6.93 67.09 55.62
N GLU O 206 5.83 66.68 54.98
CA GLU O 206 4.78 65.92 55.65
C GLU O 206 4.42 64.74 54.75
N LEU O 207 3.21 64.22 54.93
CA LEU O 207 2.76 63.05 54.18
C LEU O 207 1.71 63.49 53.15
N LYS O 208 1.85 63.01 51.92
CA LYS O 208 1.07 63.52 50.79
C LYS O 208 0.33 62.37 50.11
N ALA O 209 -0.75 61.94 50.76
CA ALA O 209 -1.62 60.91 50.21
C ALA O 209 -0.78 59.70 49.79
N PRO O 210 -0.11 59.05 50.72
CA PRO O 210 0.72 57.89 50.36
C PRO O 210 -0.12 56.75 49.81
N GLU O 211 0.56 55.82 49.15
CA GLU O 211 -0.07 54.63 48.63
C GLU O 211 -0.10 53.57 49.71
N ILE O 212 -1.20 52.82 49.79
CA ILE O 212 -1.31 51.67 50.67
C ILE O 212 -2.02 50.56 49.92
N ALA O 213 -1.71 49.32 50.30
CA ALA O 213 -2.30 48.15 49.67
C ALA O 213 -2.14 46.98 50.62
N SER O 214 -3.27 46.48 51.12
CA SER O 214 -3.26 45.39 52.07
C SER O 214 -3.94 44.18 51.46
N ILE O 215 -4.01 43.11 52.25
CA ILE O 215 -4.64 41.87 51.83
C ILE O 215 -4.84 41.00 53.05
N THR O 216 -5.74 40.04 52.94
CA THR O 216 -6.05 39.13 54.01
C THR O 216 -6.40 37.76 53.43
N VAL O 217 -6.20 36.73 54.24
CA VAL O 217 -6.39 35.37 53.78
C VAL O 217 -7.79 35.22 53.20
N GLY O 218 -7.92 34.30 52.24
CA GLY O 218 -9.18 34.05 51.59
C GLY O 218 -9.71 35.22 50.78
N ASN O 219 -8.93 36.26 50.60
CA ASN O 219 -9.35 37.46 49.90
C ASN O 219 -8.34 37.82 48.83
N LYS O 220 -8.51 39.01 48.27
CA LYS O 220 -7.59 39.57 47.29
C LYS O 220 -7.10 40.92 47.78
N TYR O 221 -6.20 41.51 47.00
CA TYR O 221 -5.63 42.79 47.39
C TYR O 221 -6.68 43.89 47.33
N ARG O 222 -6.44 44.97 48.07
CA ARG O 222 -7.36 46.08 48.17
C ARG O 222 -6.55 47.37 48.17
N ILE O 223 -6.67 48.13 47.07
CA ILE O 223 -6.05 49.45 46.98
C ILE O 223 -7.13 50.46 47.36
N TYR O 224 -7.17 50.82 48.63
CA TYR O 224 -8.18 51.76 49.07
C TYR O 224 -7.74 53.18 48.79
N ASP O 225 -8.72 54.04 48.53
CA ASP O 225 -8.47 55.33 47.93
C ASP O 225 -7.92 56.33 48.96
N GLN O 226 -7.33 57.40 48.43
CA GLN O 226 -6.80 58.47 49.25
C GLN O 226 -7.79 58.94 50.31
N GLU O 227 -9.09 58.84 50.04
CA GLU O 227 -10.09 59.25 51.02
C GLU O 227 -9.84 58.57 52.35
N GLU O 228 -9.83 57.24 52.36
CA GLU O 228 -9.54 56.49 53.57
C GLU O 228 -8.11 56.71 54.07
N VAL O 229 -7.22 57.17 53.20
CA VAL O 229 -5.83 57.38 53.60
C VAL O 229 -5.74 58.51 54.61
N LYS O 230 -6.55 59.56 54.44
CA LYS O 230 -6.53 60.68 55.37
C LYS O 230 -6.71 60.20 56.80
N LYS O 231 -7.45 59.11 56.98
CA LYS O 231 -7.81 58.62 58.29
C LYS O 231 -6.68 57.80 58.90
N GLN P 5 51.11 43.85 43.25
CA GLN P 5 51.48 44.22 41.90
C GLN P 5 50.32 44.92 41.21
N MET P 6 50.34 46.25 41.23
CA MET P 6 49.26 47.02 40.62
C MET P 6 49.13 46.74 39.14
N ALA P 7 50.15 46.16 38.51
CA ALA P 7 50.13 45.88 37.08
C ALA P 7 49.57 44.51 36.76
N TYR P 8 49.45 43.62 37.75
CA TYR P 8 49.01 42.24 37.51
C TYR P 8 47.84 41.84 38.40
N ASP P 9 47.08 42.81 38.91
CA ASP P 9 45.93 42.54 39.81
C ASP P 9 44.66 43.14 39.19
N ARG P 10 44.46 42.97 37.88
CA ARG P 10 43.30 43.49 37.18
C ARG P 10 42.45 42.40 36.54
N ALA P 11 43.07 41.31 36.09
CA ALA P 11 42.40 40.26 35.36
C ALA P 11 42.75 38.91 35.96
N ILE P 12 41.79 37.99 35.91
CA ILE P 12 42.01 36.65 36.43
C ILE P 12 42.97 35.87 35.56
N THR P 13 42.99 36.16 34.26
CA THR P 13 43.72 35.37 33.28
C THR P 13 45.13 35.89 33.05
N VAL P 14 45.79 36.42 34.07
CA VAL P 14 47.13 36.96 33.95
C VAL P 14 47.96 36.47 35.13
N PHE P 15 49.06 35.80 34.83
CA PHE P 15 50.01 35.38 35.84
C PHE P 15 50.98 36.51 36.14
N SER P 16 51.39 36.62 37.39
CA SER P 16 52.44 37.56 37.76
C SER P 16 53.80 36.96 37.45
N PRO P 17 54.83 37.81 37.31
CA PRO P 17 56.18 37.27 37.06
C PRO P 17 56.62 36.22 38.07
N ASP P 18 56.03 36.21 39.26
CA ASP P 18 56.32 35.19 40.26
C ASP P 18 55.39 33.98 40.14
N GLY P 19 54.50 34.00 39.15
CA GLY P 19 53.57 32.89 38.97
C GLY P 19 52.44 32.88 39.98
N ARG P 20 51.56 33.86 39.93
CA ARG P 20 50.46 33.98 40.88
C ARG P 20 49.22 34.50 40.18
N LEU P 21 48.11 34.50 40.91
CA LEU P 21 46.82 34.98 40.45
C LEU P 21 46.23 35.85 41.54
N PHE P 22 46.55 37.14 41.51
CA PHE P 22 46.09 38.05 42.55
C PHE P 22 44.57 38.11 42.58
N GLN P 23 43.94 38.17 41.41
CA GLN P 23 42.49 38.17 41.37
C GLN P 23 41.92 36.90 42.01
N TYR P 24 42.73 35.86 42.11
CA TYR P 24 42.32 34.64 42.79
C TYR P 24 42.60 34.73 44.29
N GLU P 25 43.74 35.31 44.66
CA GLU P 25 44.03 35.49 46.07
C GLU P 25 43.11 36.53 46.69
N TYR P 26 42.56 37.42 45.86
CA TYR P 26 41.64 38.42 46.38
C TYR P 26 40.31 37.81 46.73
N ALA P 27 39.77 36.96 45.85
CA ALA P 27 38.50 36.30 46.13
C ALA P 27 38.53 35.56 47.46
N ARG P 28 39.71 35.08 47.86
CA ARG P 28 39.84 34.43 49.16
C ARG P 28 39.77 35.42 50.30
N GLU P 29 39.81 36.73 50.01
CA GLU P 29 39.69 37.72 51.06
C GLU P 29 38.23 38.05 51.33
N ALA P 30 37.35 37.83 50.35
CA ALA P 30 35.94 38.07 50.56
C ALA P 30 35.30 36.96 51.38
N VAL P 31 35.96 35.80 51.44
CA VAL P 31 35.43 34.69 52.23
C VAL P 31 35.64 34.95 53.71
N LYS P 32 36.83 35.44 54.08
CA LYS P 32 37.14 35.69 55.48
C LYS P 32 36.23 36.74 56.10
N LYS P 33 35.42 37.43 55.30
CA LYS P 33 34.43 38.36 55.83
C LYS P 33 33.18 37.68 56.34
N GLY P 34 32.93 36.43 55.92
CA GLY P 34 31.73 35.74 56.30
C GLY P 34 31.80 35.13 57.68
N SER P 35 30.64 34.70 58.16
CA SER P 35 30.54 34.10 59.48
C SER P 35 31.40 32.85 59.55
N THR P 36 31.55 32.33 60.77
CA THR P 36 32.40 31.18 61.04
C THR P 36 31.57 29.91 61.13
N ALA P 37 32.18 28.79 60.75
CA ALA P 37 31.52 27.49 60.81
C ALA P 37 32.57 26.40 60.69
N LEU P 38 32.16 25.17 60.98
CA LEU P 38 33.09 24.05 60.96
C LEU P 38 32.31 22.75 60.80
N GLY P 39 33.05 21.65 60.83
CA GLY P 39 32.46 20.33 60.70
C GLY P 39 33.42 19.29 61.24
N MET P 40 32.84 18.26 61.86
CA MET P 40 33.63 17.24 62.54
C MET P 40 32.98 15.88 62.33
N LYS P 41 33.82 14.87 62.10
CA LYS P 41 33.38 13.50 62.06
C LYS P 41 33.46 12.89 63.45
N PHE P 42 32.93 11.68 63.59
CA PHE P 42 32.93 10.98 64.85
C PHE P 42 32.45 9.56 64.61
N ALA P 43 31.96 8.90 65.65
CA ALA P 43 31.56 7.51 65.58
C ALA P 43 30.31 7.38 64.72
N ASN P 44 30.49 6.90 63.49
CA ASN P 44 29.37 6.56 62.62
C ASN P 44 28.53 7.79 62.29
N GLY P 45 29.17 8.95 62.21
CA GLY P 45 28.41 10.15 61.91
C GLY P 45 29.32 11.32 61.60
N VAL P 46 28.67 12.47 61.44
CA VAL P 46 29.36 13.72 61.14
C VAL P 46 28.36 14.84 61.38
N LEU P 47 28.85 16.06 61.56
CA LEU P 47 28.01 17.17 61.93
C LEU P 47 28.56 18.47 61.38
N LEU P 48 27.83 19.56 61.64
CA LEU P 48 28.20 20.90 61.24
C LEU P 48 27.77 21.88 62.32
N ILE P 49 28.39 23.06 62.30
CA ILE P 49 28.05 24.14 63.20
C ILE P 49 28.33 25.46 62.50
N SER P 50 27.53 26.47 62.80
CA SER P 50 27.69 27.80 62.23
C SER P 50 27.67 28.85 63.33
N ASP P 51 28.40 29.93 63.10
CA ASP P 51 28.48 31.04 64.05
C ASP P 51 27.28 31.95 63.82
N LYS P 52 26.14 31.52 64.32
CA LYS P 52 24.92 32.33 64.24
C LYS P 52 25.16 33.71 64.82
N LYS P 53 24.92 34.74 64.02
CA LYS P 53 25.04 36.12 64.46
C LYS P 53 23.65 36.71 64.65
N VAL P 54 23.42 37.29 65.83
CA VAL P 54 22.12 37.88 66.13
C VAL P 54 21.81 38.95 65.10
N ARG P 55 20.54 39.08 64.76
CA ARG P 55 20.06 40.08 63.84
C ARG P 55 18.80 40.73 64.41
N SER P 56 18.23 41.65 63.66
CA SER P 56 17.02 42.31 64.10
C SER P 56 15.91 41.29 64.30
N ARG P 57 15.06 41.55 65.30
CA ARG P 57 13.93 40.67 65.55
C ARG P 57 12.95 40.64 64.39
N LEU P 58 13.13 41.53 63.40
CA LEU P 58 12.19 41.66 62.30
C LEU P 58 12.39 40.61 61.22
N ILE P 59 13.40 39.77 61.32
CA ILE P 59 13.72 38.80 60.29
C ILE P 59 13.27 37.42 60.75
N GLU P 60 12.59 36.70 59.86
CA GLU P 60 12.15 35.36 60.18
C GLU P 60 13.35 34.45 60.42
N GLN P 61 13.33 33.76 61.57
CA GLN P 61 14.43 32.93 62.01
C GLN P 61 14.52 31.61 61.24
N ASN P 62 13.65 31.41 60.25
CA ASN P 62 13.69 30.20 59.43
C ASN P 62 14.36 30.42 58.08
N SER P 63 14.97 31.58 57.87
CA SER P 63 15.75 31.84 56.65
C SER P 63 17.16 32.30 56.94
N ILE P 64 17.46 32.69 58.18
CA ILE P 64 18.80 33.14 58.56
C ILE P 64 19.73 31.93 58.62
N GLU P 65 19.16 30.74 58.76
CA GLU P 65 19.95 29.52 58.92
C GLU P 65 20.81 29.31 57.69
N LYS P 66 22.12 29.21 57.89
CA LYS P 66 23.03 28.93 56.79
C LYS P 66 23.14 27.45 56.51
N ILE P 67 22.76 26.61 57.47
CA ILE P 67 22.77 25.16 57.27
C ILE P 67 21.72 24.81 56.23
N GLN P 68 22.17 24.38 55.06
CA GLN P 68 21.29 24.07 53.95
C GLN P 68 21.44 22.60 53.60
N LEU P 69 20.31 21.95 53.29
CA LEU P 69 20.30 20.55 52.90
C LEU P 69 20.40 20.45 51.38
N ILE P 70 21.19 19.49 50.91
CA ILE P 70 21.21 19.17 49.50
C ILE P 70 20.40 17.92 49.23
N ASP P 71 20.39 16.99 50.18
CA ASP P 71 19.49 15.86 50.17
C ASP P 71 19.37 15.38 51.62
N ASP P 72 18.43 14.47 51.84
CA ASP P 72 18.19 13.97 53.18
C ASP P 72 19.41 13.29 53.78
N TYR P 73 20.49 13.12 53.01
CA TYR P 73 21.72 12.52 53.50
C TYR P 73 22.93 13.37 53.21
N VAL P 74 22.75 14.60 52.73
CA VAL P 74 23.86 15.52 52.47
C VAL P 74 23.42 16.93 52.83
N ALA P 75 24.34 17.70 53.38
CA ALA P 75 24.09 19.08 53.75
C ALA P 75 25.30 19.92 53.37
N ALA P 76 25.23 21.20 53.74
CA ALA P 76 26.34 22.10 53.46
C ALA P 76 26.10 23.43 54.15
N VAL P 77 27.17 24.22 54.25
CA VAL P 77 27.14 25.57 54.77
C VAL P 77 28.25 26.36 54.07
N THR P 78 28.02 27.66 53.93
CA THR P 78 28.84 28.48 53.05
C THR P 78 29.23 29.78 53.74
N SER P 79 30.30 30.40 53.21
CA SER P 79 30.78 31.68 53.70
C SER P 79 31.22 32.54 52.53
N GLY P 80 30.87 33.82 52.59
CA GLY P 80 31.27 34.77 51.56
C GLY P 80 30.11 35.51 50.95
N LEU P 81 30.25 35.91 49.68
CA LEU P 81 29.19 36.61 48.98
C LEU P 81 27.91 35.80 49.02
N VAL P 82 26.93 36.29 49.77
CA VAL P 82 25.69 35.55 49.96
C VAL P 82 24.95 35.39 48.63
N ALA P 83 25.12 36.35 47.73
CA ALA P 83 24.42 36.28 46.44
C ALA P 83 24.89 35.09 45.63
N ASP P 84 26.19 34.77 45.70
CA ASP P 84 26.70 33.63 44.94
C ASP P 84 26.43 32.32 45.67
N ALA P 85 26.54 32.33 47.00
CA ALA P 85 26.27 31.13 47.77
C ALA P 85 24.90 30.56 47.43
N ARG P 86 23.89 31.42 47.38
CA ARG P 86 22.55 30.96 47.08
C ARG P 86 22.49 30.26 45.73
N VAL P 87 23.48 30.51 44.88
CA VAL P 87 23.44 29.97 43.52
C VAL P 87 24.05 28.57 43.49
N LEU P 88 25.25 28.41 44.05
CA LEU P 88 25.91 27.13 44.03
C LEU P 88 25.09 26.07 44.74
N VAL P 89 24.51 26.42 45.89
CA VAL P 89 23.67 25.49 46.61
C VAL P 89 22.55 24.99 45.71
N ASP P 90 21.97 25.88 44.92
CA ASP P 90 20.98 25.45 43.94
C ASP P 90 21.62 24.61 42.85
N PHE P 91 22.86 24.97 42.47
CA PHE P 91 23.59 24.16 41.50
C PHE P 91 23.88 22.78 42.06
N ALA P 92 24.20 22.71 43.36
CA ALA P 92 24.43 21.42 43.99
C ALA P 92 23.14 20.62 44.10
N ARG P 93 22.05 21.27 44.46
CA ARG P 93 20.78 20.58 44.60
C ARG P 93 20.31 20.03 43.26
N ILE P 94 20.91 20.50 42.17
CA ILE P 94 20.52 20.03 40.84
C ILE P 94 21.46 18.94 40.39
N SER P 95 22.75 19.11 40.64
CA SER P 95 23.71 18.07 40.29
C SER P 95 23.39 16.76 41.02
N ALA P 96 22.93 16.86 42.25
CA ALA P 96 22.62 15.66 43.02
C ALA P 96 21.47 14.89 42.37
N GLN P 97 20.47 15.59 41.86
CA GLN P 97 19.35 14.92 41.22
C GLN P 97 19.77 14.29 39.90
N GLN P 98 20.74 14.87 39.20
CA GLN P 98 21.21 14.28 37.96
C GLN P 98 21.78 12.90 38.20
N GLU P 99 22.46 12.70 39.33
CA GLU P 99 22.99 11.38 39.65
C GLU P 99 21.87 10.40 39.95
N LYS P 100 21.00 10.75 40.89
CA LYS P 100 19.87 9.88 41.21
C LYS P 100 19.12 9.46 39.95
N VAL P 101 19.00 10.37 39.00
CA VAL P 101 18.33 10.03 37.74
C VAL P 101 19.21 9.14 36.89
N THR P 102 20.52 9.39 36.92
CA THR P 102 21.43 8.64 36.06
C THR P 102 21.79 7.30 36.65
N TYR P 103 22.00 7.25 37.96
CA TYR P 103 22.45 6.04 38.63
C TYR P 103 21.43 5.47 39.59
N GLY P 104 20.29 6.11 39.76
CA GLY P 104 19.24 5.59 40.62
C GLY P 104 19.39 5.91 42.08
N SER P 105 20.57 6.38 42.47
CA SER P 105 20.85 6.69 43.86
C SER P 105 22.17 7.44 43.95
N LEU P 106 22.15 8.54 44.71
CA LEU P 106 23.37 9.27 45.01
C LEU P 106 24.30 8.31 45.73
N VAL P 107 25.11 7.62 44.93
CA VAL P 107 25.93 6.54 45.46
C VAL P 107 27.17 7.09 46.15
N ASN P 108 27.68 8.21 45.68
CA ASN P 108 28.88 8.81 46.24
C ASN P 108 28.72 10.32 46.31
N ILE P 109 29.53 10.93 47.17
CA ILE P 109 29.48 12.38 47.35
C ILE P 109 30.51 13.06 46.48
N GLU P 110 31.67 12.43 46.29
CA GLU P 110 32.74 13.05 45.52
C GLU P 110 32.33 13.24 44.08
N ASN P 111 31.38 12.42 43.62
CA ASN P 111 30.82 12.57 42.28
C ASN P 111 30.01 13.88 42.23
N LEU P 112 29.65 14.44 43.40
CA LEU P 112 28.88 15.67 43.45
C LEU P 112 29.80 16.87 43.62
N VAL P 113 30.57 16.88 44.71
CA VAL P 113 31.51 17.96 44.97
C VAL P 113 32.34 18.26 43.73
N LYS P 114 32.62 17.24 42.93
CA LYS P 114 33.42 17.42 41.73
C LYS P 114 32.68 18.25 40.69
N ARG P 115 31.39 17.98 40.51
CA ARG P 115 30.61 18.74 39.53
C ARG P 115 30.60 20.21 39.86
N VAL P 116 30.81 20.55 41.13
CA VAL P 116 30.80 21.95 41.54
C VAL P 116 32.14 22.61 41.23
N ALA P 117 33.21 22.11 41.83
CA ALA P 117 34.53 22.65 41.59
C ALA P 117 34.78 22.85 40.11
N ASP P 118 34.28 21.93 39.28
CA ASP P 118 34.42 22.10 37.83
C ASP P 118 33.68 23.35 37.36
N GLN P 119 32.59 23.70 38.02
CA GLN P 119 31.85 24.89 37.65
C GLN P 119 32.56 26.15 38.12
N MET P 120 33.35 26.02 39.18
CA MET P 120 34.03 27.18 39.75
C MET P 120 35.36 27.44 39.06
N GLN P 121 36.15 26.39 38.87
CA GLN P 121 37.40 26.54 38.11
C GLN P 121 37.12 27.10 36.73
N GLN P 122 35.95 26.80 36.17
CA GLN P 122 35.59 27.31 34.86
C GLN P 122 35.66 28.83 34.83
N TYR P 123 35.23 29.47 35.91
CA TYR P 123 35.23 30.93 35.99
C TYR P 123 36.56 31.50 36.43
N THR P 124 37.64 30.73 36.31
CA THR P 124 38.96 31.18 36.70
C THR P 124 39.94 31.27 35.53
N GLN P 125 39.71 30.50 34.47
CA GLN P 125 40.62 30.47 33.33
C GLN P 125 40.10 31.21 32.11
N TYR P 126 38.89 31.77 32.19
CA TYR P 126 38.29 32.51 31.09
C TYR P 126 38.06 33.96 31.50
N GLY P 127 38.25 34.87 30.55
CA GLY P 127 38.06 36.28 30.83
C GLY P 127 36.64 36.72 30.59
N GLY P 128 36.30 37.88 31.17
CA GLY P 128 34.97 38.41 31.09
C GLY P 128 34.03 37.90 32.17
N VAL P 129 34.53 37.15 33.15
CA VAL P 129 33.74 36.61 34.24
C VAL P 129 34.61 36.54 35.48
N ARG P 130 34.01 36.89 36.61
CA ARG P 130 34.72 36.84 37.88
C ARG P 130 34.47 35.50 38.56
N PRO P 131 35.39 35.05 39.40
CA PRO P 131 35.17 33.81 40.14
C PRO P 131 34.01 33.94 41.11
N TYR P 132 33.82 32.88 41.90
CA TYR P 132 32.86 32.90 42.98
C TYR P 132 33.55 33.29 44.27
N GLY P 133 32.92 34.18 45.03
CA GLY P 133 33.51 34.62 46.28
C GLY P 133 33.03 33.85 47.48
N VAL P 134 33.21 32.53 47.46
CA VAL P 134 32.72 31.68 48.54
C VAL P 134 33.53 30.39 48.58
N SER P 135 33.65 29.84 49.78
CA SER P 135 34.05 28.46 50.00
C SER P 135 32.94 27.79 50.78
N LEU P 136 32.87 26.47 50.68
CA LEU P 136 31.75 25.73 51.25
C LEU P 136 32.25 24.55 52.08
N ILE P 137 31.31 23.95 52.79
CA ILE P 137 31.50 22.68 53.48
C ILE P 137 30.42 21.74 53.00
N PHE P 138 30.77 20.47 52.84
CA PHE P 138 29.83 19.42 52.48
C PHE P 138 29.96 18.28 53.47
N ALA P 139 28.83 17.70 53.84
CA ALA P 139 28.81 16.58 54.76
C ALA P 139 27.64 15.68 54.40
N GLY P 140 27.73 14.43 54.82
CA GLY P 140 26.67 13.48 54.55
C GLY P 140 27.19 12.06 54.61
N ILE P 141 26.28 11.14 54.33
CA ILE P 141 26.53 9.72 54.41
C ILE P 141 26.43 9.13 53.00
N ASP P 142 27.39 8.28 52.64
CA ASP P 142 27.33 7.54 51.40
C ASP P 142 27.58 6.06 51.66
N GLN P 143 27.69 5.29 50.58
CA GLN P 143 27.97 3.83 50.66
C GLN P 143 29.19 3.64 51.54
N ILE P 144 30.20 4.50 51.41
CA ILE P 144 31.41 4.42 52.22
C ILE P 144 31.09 4.69 53.67
N GLY P 145 30.52 5.86 53.96
CA GLY P 145 30.22 6.25 55.31
C GLY P 145 30.24 7.75 55.47
N PRO P 146 30.54 8.22 56.68
CA PRO P 146 30.62 9.66 56.92
C PRO P 146 31.71 10.31 56.08
N ARG P 147 31.36 11.42 55.46
CA ARG P 147 32.29 12.18 54.64
C ARG P 147 32.29 13.63 55.08
N LEU P 148 33.24 14.39 54.55
CA LEU P 148 33.38 15.80 54.90
C LEU P 148 34.40 16.41 53.97
N PHE P 149 34.00 17.46 53.24
CA PHE P 149 34.82 18.07 52.21
C PHE P 149 34.83 19.58 52.38
N ASP P 150 35.55 20.22 51.46
CA ASP P 150 35.62 21.67 51.39
C ASP P 150 36.04 22.07 49.98
N CYS P 151 35.67 23.26 49.57
CA CYS P 151 35.93 23.74 48.23
C CYS P 151 36.27 25.21 48.25
N ASP P 152 37.43 25.56 47.68
CA ASP P 152 37.85 26.98 47.60
C ASP P 152 37.33 27.53 46.27
N PRO P 153 37.41 28.85 46.04
CA PRO P 153 36.86 29.49 44.85
C PRO P 153 37.37 28.95 43.54
N ALA P 154 38.53 28.30 43.53
CA ALA P 154 39.11 27.81 42.29
C ALA P 154 38.76 26.36 41.99
N GLY P 155 38.30 25.60 42.98
CA GLY P 155 37.99 24.20 42.80
C GLY P 155 38.85 23.24 43.58
N THR P 156 39.75 23.75 44.42
CA THR P 156 40.59 22.88 45.22
C THR P 156 39.73 22.06 46.17
N ILE P 157 39.83 20.74 46.06
CA ILE P 157 39.08 19.81 46.89
C ILE P 157 40.03 19.15 47.87
N ASN P 158 39.53 18.85 49.06
CA ASN P 158 40.29 18.16 50.09
C ASN P 158 39.30 17.55 51.08
N GLU P 159 39.52 16.31 51.45
CA GLU P 159 38.67 15.61 52.39
C GLU P 159 39.34 15.59 53.76
N TYR P 160 38.57 15.97 54.78
CA TYR P 160 39.10 16.19 56.11
C TYR P 160 38.37 15.33 57.13
N LYS P 161 39.02 15.15 58.29
CA LYS P 161 38.32 14.65 59.47
C LYS P 161 37.66 15.79 60.23
N ALA P 162 38.07 17.03 59.95
CA ALA P 162 37.47 18.21 60.55
C ALA P 162 38.01 19.42 59.82
N THR P 163 37.26 20.52 59.91
CA THR P 163 37.60 21.72 59.16
C THR P 163 36.74 22.87 59.65
N ALA P 164 37.18 24.08 59.36
CA ALA P 164 36.46 25.29 59.71
C ALA P 164 36.40 26.20 58.49
N ILE P 165 35.66 27.29 58.64
CA ILE P 165 35.41 28.21 57.54
C ILE P 165 34.93 29.53 58.13
N GLY P 166 35.25 30.62 57.45
CA GLY P 166 34.82 31.94 57.85
C GLY P 166 35.98 32.85 58.23
N SER P 167 35.78 33.57 59.32
CA SER P 167 36.80 34.50 59.78
C SER P 167 37.70 33.87 60.83
N GLY P 168 37.12 33.12 61.77
CA GLY P 168 37.89 32.48 62.80
C GLY P 168 38.43 31.13 62.37
N LYS P 169 38.65 30.99 61.06
CA LYS P 169 39.08 29.71 60.52
C LYS P 169 40.40 29.26 61.13
N ASP P 170 41.46 30.03 60.92
CA ASP P 170 42.77 29.62 61.42
C ASP P 170 42.76 29.42 62.93
N ALA P 171 42.01 30.27 63.64
CA ALA P 171 41.94 30.15 65.09
C ALA P 171 41.36 28.80 65.51
N VAL P 172 40.44 28.27 64.70
CA VAL P 172 39.77 27.02 65.05
C VAL P 172 40.68 25.84 64.77
N VAL P 173 41.14 25.72 63.53
CA VAL P 173 42.02 24.61 63.16
C VAL P 173 43.18 24.49 64.14
N SER P 174 43.68 25.63 64.61
CA SER P 174 44.70 25.60 65.66
C SER P 174 44.19 24.83 66.87
N PHE P 175 43.18 25.37 67.55
CA PHE P 175 42.57 24.67 68.68
C PHE P 175 42.25 23.24 68.31
N LEU P 176 41.53 23.05 67.21
CA LEU P 176 41.02 21.73 66.83
C LEU P 176 42.12 20.75 66.47
N GLU P 177 43.21 21.22 65.87
CA GLU P 177 44.32 20.34 65.55
C GLU P 177 44.96 19.74 66.80
N ARG P 178 44.71 20.31 67.97
CA ARG P 178 45.30 19.84 69.21
C ARG P 178 44.39 18.91 70.00
N GLU P 179 43.09 19.21 70.05
CA GLU P 179 42.17 18.52 70.95
C GLU P 179 41.20 17.59 70.23
N TYR P 180 41.34 17.44 68.92
CA TYR P 180 40.41 16.59 68.19
C TYR P 180 40.68 15.12 68.46
N LYS P 181 39.60 14.33 68.51
CA LYS P 181 39.70 12.90 68.72
C LYS P 181 38.70 12.21 67.81
N GLU P 182 39.06 11.00 67.37
CA GLU P 182 38.27 10.25 66.41
C GLU P 182 37.31 9.30 67.13
N ASN P 183 36.27 8.91 66.39
CA ASN P 183 35.30 7.93 66.86
C ASN P 183 34.76 8.31 68.24
N LEU P 184 34.29 9.53 68.35
CA LEU P 184 33.72 9.99 69.60
C LEU P 184 32.21 9.88 69.58
N PRO P 185 31.56 9.94 70.73
CA PRO P 185 30.10 10.03 70.75
C PRO P 185 29.63 11.34 70.16
N GLU P 186 28.30 11.46 70.04
CA GLU P 186 27.72 12.65 69.43
C GLU P 186 27.96 13.88 70.29
N LYS P 187 27.27 13.97 71.42
CA LYS P 187 27.37 15.17 72.24
C LYS P 187 28.79 15.42 72.73
N GLU P 188 29.55 14.36 72.99
CA GLU P 188 30.94 14.52 73.38
C GLU P 188 31.73 15.32 72.36
N ALA P 189 31.38 15.18 71.08
CA ALA P 189 32.05 15.94 70.03
C ALA P 189 31.49 17.34 69.87
N VAL P 190 30.19 17.52 70.12
CA VAL P 190 29.60 18.85 70.00
C VAL P 190 30.24 19.80 71.01
N THR P 191 30.24 19.42 72.28
CA THR P 191 30.85 20.26 73.31
C THR P 191 32.29 20.59 72.95
N LEU P 192 32.97 19.70 72.24
CA LEU P 192 34.31 20.01 71.75
C LEU P 192 34.24 21.07 70.66
N GLY P 193 33.26 20.98 69.78
CA GLY P 193 33.19 21.92 68.67
C GLY P 193 32.88 23.33 69.12
N ILE P 194 31.81 23.50 69.88
CA ILE P 194 31.46 24.83 70.40
C ILE P 194 32.65 25.45 71.09
N LYS P 195 33.52 24.61 71.67
CA LYS P 195 34.69 25.12 72.37
C LYS P 195 35.69 25.74 71.39
N ALA P 196 36.11 24.97 70.38
CA ALA P 196 36.99 25.52 69.36
C ALA P 196 36.39 26.76 68.73
N LEU P 197 35.07 26.78 68.55
CA LEU P 197 34.41 28.00 68.12
C LEU P 197 34.56 29.09 69.17
N LYS P 198 34.21 28.77 70.42
CA LYS P 198 34.40 29.71 71.51
C LYS P 198 35.82 30.27 71.52
N SER P 199 36.80 29.49 71.09
CA SER P 199 38.18 29.95 71.08
C SER P 199 38.36 31.12 70.11
N SER P 200 38.05 30.91 68.83
CA SER P 200 38.24 31.96 67.84
C SER P 200 37.41 33.20 68.14
N LEU P 201 36.40 33.09 68.99
CA LEU P 201 35.55 34.23 69.28
C LEU P 201 36.32 35.30 70.02
N GLU P 202 36.02 36.56 69.71
CA GLU P 202 36.57 37.67 70.46
C GLU P 202 35.97 37.68 71.86
N GLU P 203 36.77 38.16 72.81
CA GLU P 203 36.34 38.14 74.21
C GLU P 203 35.04 38.93 74.40
N GLY P 204 34.87 40.01 73.64
CA GLY P 204 33.69 40.84 73.82
C GLY P 204 32.41 40.14 73.42
N GLU P 205 32.50 39.08 72.64
CA GLU P 205 31.33 38.39 72.13
C GLU P 205 31.20 37.02 72.79
N GLU P 206 30.02 36.41 72.64
CA GLU P 206 29.76 35.07 73.15
C GLU P 206 29.08 34.29 72.02
N LEU P 207 28.34 33.24 72.41
CA LEU P 207 27.68 32.37 71.45
C LEU P 207 26.18 32.63 71.50
N LYS P 208 25.57 32.75 70.32
CA LYS P 208 24.19 33.22 70.20
C LYS P 208 23.35 32.19 69.43
N ALA P 209 23.00 31.11 70.13
CA ALA P 209 22.15 30.09 69.56
C ALA P 209 22.66 29.65 68.20
N PRO P 210 23.87 29.09 68.15
CA PRO P 210 24.43 28.66 66.86
C PRO P 210 23.61 27.55 66.23
N GLU P 211 23.84 27.37 64.93
CA GLU P 211 23.20 26.29 64.19
C GLU P 211 24.01 25.01 64.33
N ILE P 212 23.32 23.89 64.47
CA ILE P 212 23.96 22.59 64.47
C ILE P 212 23.11 21.63 63.65
N ALA P 213 23.75 20.64 63.05
CA ALA P 213 23.08 19.65 62.24
C ALA P 213 23.96 18.42 62.14
N SER P 214 23.50 17.32 62.71
CA SER P 214 24.26 16.08 62.73
C SER P 214 23.52 15.02 61.94
N ILE P 215 24.12 13.83 61.90
CA ILE P 215 23.54 12.70 61.20
C ILE P 215 24.30 11.45 61.62
N THR P 216 23.67 10.31 61.41
CA THR P 216 24.25 9.02 61.77
C THR P 216 23.81 7.98 60.76
N VAL P 217 24.62 6.94 60.62
CA VAL P 217 24.37 5.92 59.62
C VAL P 217 22.96 5.36 59.79
N GLY P 218 22.39 4.91 58.67
CA GLY P 218 21.05 4.39 58.67
C GLY P 218 19.97 5.37 59.04
N ASN P 219 20.30 6.66 59.16
CA ASN P 219 19.36 7.68 59.57
C ASN P 219 19.40 8.84 58.56
N LYS P 220 18.76 9.93 58.94
CA LYS P 220 18.75 11.15 58.17
C LYS P 220 19.25 12.29 59.05
N TYR P 221 19.35 13.47 58.45
CA TYR P 221 19.85 14.62 59.17
C TYR P 221 18.86 15.05 60.25
N ARG P 222 19.36 15.76 61.24
CA ARG P 222 18.58 16.21 62.38
C ARG P 222 18.99 17.63 62.73
N ILE P 223 18.11 18.59 62.49
CA ILE P 223 18.33 19.98 62.88
C ILE P 223 17.62 20.15 64.22
N TYR P 224 18.35 19.96 65.31
CA TYR P 224 17.73 20.10 66.61
C TYR P 224 17.67 21.56 67.02
N ASP P 225 16.65 21.88 67.79
CA ASP P 225 16.28 23.28 68.00
C ASP P 225 17.20 23.95 69.01
N GLN P 226 17.16 25.29 69.00
CA GLN P 226 17.94 26.10 69.93
C GLN P 226 17.80 25.63 71.37
N GLU P 227 16.64 25.06 71.72
CA GLU P 227 16.46 24.57 73.08
C GLU P 227 17.60 23.64 73.49
N GLU P 228 17.80 22.57 72.73
CA GLU P 228 18.89 21.65 72.99
C GLU P 228 20.26 22.29 72.79
N VAL P 229 20.31 23.40 72.06
CA VAL P 229 21.60 24.06 71.80
C VAL P 229 22.15 24.65 73.09
N LYS P 230 21.28 25.19 73.94
CA LYS P 230 21.73 25.76 75.21
C LYS P 230 22.57 24.76 75.99
N LYS P 231 22.27 23.48 75.83
CA LYS P 231 22.91 22.43 76.61
C LYS P 231 24.26 22.06 76.03
N GLN Q 5 60.15 42.98 30.70
CA GLN Q 5 59.51 43.94 29.82
C GLN Q 5 58.09 44.23 30.29
N MET Q 6 57.94 45.30 31.06
CA MET Q 6 56.63 45.67 31.59
C MET Q 6 55.61 45.93 30.48
N ALA Q 7 56.07 46.16 29.25
CA ALA Q 7 55.19 46.44 28.14
C ALA Q 7 54.75 45.19 27.39
N TYR Q 8 55.41 44.05 27.61
CA TYR Q 8 55.12 42.84 26.86
C TYR Q 8 54.85 41.64 27.78
N ASP Q 9 54.46 41.89 29.03
CA ASP Q 9 54.19 40.81 30.02
C ASP Q 9 52.77 40.94 30.53
N ARG Q 10 51.80 41.19 29.63
CA ARG Q 10 50.40 41.34 29.99
C ARG Q 10 49.50 40.30 29.32
N ALA Q 11 49.84 39.88 28.12
CA ALA Q 11 49.01 38.99 27.34
C ALA Q 11 49.85 37.83 26.81
N ILE Q 12 49.22 36.67 26.69
CA ILE Q 12 49.91 35.49 26.18
C ILE Q 12 50.18 35.63 24.69
N THR Q 13 49.33 36.35 23.97
CA THR Q 13 49.38 36.40 22.52
C THR Q 13 50.22 37.56 22.00
N VAL Q 14 51.30 37.90 22.70
CA VAL Q 14 52.17 39.00 22.31
C VAL Q 14 53.62 38.54 22.44
N PHE Q 15 54.36 38.62 21.35
CA PHE Q 15 55.78 38.34 21.35
C PHE Q 15 56.54 39.60 21.75
N SER Q 16 57.64 39.40 22.47
CA SER Q 16 58.53 40.51 22.77
C SER Q 16 59.46 40.77 21.59
N PRO Q 17 60.04 41.97 21.51
CA PRO Q 17 60.97 42.25 20.41
C PRO Q 17 62.09 41.24 20.29
N ASP Q 18 62.41 40.51 21.36
CA ASP Q 18 63.40 39.45 21.32
C ASP Q 18 62.79 38.10 20.98
N GLY Q 19 61.49 38.06 20.74
CA GLY Q 19 60.82 36.81 20.42
C GLY Q 19 60.61 35.91 21.61
N ARG Q 20 59.77 36.32 22.55
CA ARG Q 20 59.53 35.56 23.77
C ARG Q 20 58.05 35.67 24.17
N LEU Q 21 57.69 34.89 25.17
CA LEU Q 21 56.33 34.87 25.72
C LEU Q 21 56.47 34.89 27.24
N PHE Q 22 56.51 36.10 27.81
CA PHE Q 22 56.70 36.24 29.24
C PHE Q 22 55.55 35.59 30.00
N GLN Q 23 54.32 35.76 29.53
CA GLN Q 23 53.19 35.12 30.18
C GLN Q 23 53.34 33.61 30.16
N TYR Q 24 54.17 33.10 29.24
CA TYR Q 24 54.46 31.67 29.20
C TYR Q 24 55.61 31.32 30.15
N GLU Q 25 56.64 32.17 30.19
CA GLU Q 25 57.73 31.94 31.12
C GLU Q 25 57.27 32.12 32.56
N TYR Q 26 56.21 32.90 32.76
CA TYR Q 26 55.70 33.10 34.11
C TYR Q 26 54.99 31.86 34.62
N ALA Q 27 54.15 31.24 33.79
CA ALA Q 27 53.46 30.03 34.19
C ALA Q 27 54.43 28.97 34.66
N ARG Q 28 55.65 28.96 34.11
CA ARG Q 28 56.65 28.02 34.56
C ARG Q 28 57.20 28.37 35.93
N GLU Q 29 56.85 29.55 36.45
CA GLU Q 29 57.28 29.91 37.80
C GLU Q 29 56.30 29.41 38.84
N ALA Q 30 55.05 29.20 38.45
CA ALA Q 30 54.08 28.66 39.39
C ALA Q 30 54.27 27.17 39.61
N VAL Q 31 54.97 26.51 38.68
CA VAL Q 31 55.22 25.08 38.83
C VAL Q 31 56.29 24.84 39.89
N LYS Q 32 57.35 25.64 39.86
CA LYS Q 32 58.45 25.48 40.81
C LYS Q 32 58.00 25.68 42.26
N LYS Q 33 56.79 26.16 42.49
CA LYS Q 33 56.25 26.28 43.82
C LYS Q 33 55.70 24.95 44.36
N GLY Q 34 55.43 23.99 43.49
CA GLY Q 34 54.86 22.74 43.90
C GLY Q 34 55.88 21.77 44.46
N SER Q 35 55.35 20.71 45.07
CA SER Q 35 56.20 19.69 45.67
C SER Q 35 57.08 19.04 44.61
N THR Q 36 58.03 18.25 45.07
CA THR Q 36 59.02 17.61 44.20
C THR Q 36 58.63 16.17 43.93
N ALA Q 37 59.00 15.68 42.74
CA ALA Q 37 58.72 14.31 42.35
C ALA Q 37 59.60 13.95 41.16
N LEU Q 38 59.64 12.65 40.85
CA LEU Q 38 60.49 12.18 39.77
C LEU Q 38 59.98 10.83 39.28
N GLY Q 39 60.71 10.27 38.33
CA GLY Q 39 60.36 8.99 37.75
C GLY Q 39 61.58 8.38 37.08
N MET Q 40 61.69 7.05 37.18
CA MET Q 40 62.85 6.34 36.70
C MET Q 40 62.42 5.02 36.08
N LYS Q 41 63.06 4.67 34.97
CA LYS Q 41 62.89 3.37 34.36
C LYS Q 41 63.92 2.40 34.92
N PHE Q 42 63.77 1.13 34.57
CA PHE Q 42 64.68 0.10 35.03
C PHE Q 42 64.35 -1.19 34.26
N ALA Q 43 64.74 -2.32 34.84
CA ALA Q 43 64.59 -3.60 34.17
C ALA Q 43 63.11 -3.97 34.09
N ASN Q 44 62.53 -3.82 32.91
CA ASN Q 44 61.17 -4.28 32.64
C ASN Q 44 60.15 -3.55 33.51
N GLY Q 45 60.42 -2.30 33.82
CA GLY Q 45 59.49 -1.56 34.64
C GLY Q 45 59.82 -0.08 34.68
N VAL Q 46 59.07 0.62 35.53
CA VAL Q 46 59.22 2.04 35.73
C VAL Q 46 58.45 2.41 36.99
N LEU Q 47 58.77 3.55 37.57
CA LEU Q 47 58.21 3.93 38.86
C LEU Q 47 58.10 5.45 38.96
N LEU Q 48 57.56 5.89 40.10
CA LEU Q 48 57.40 7.29 40.42
C LEU Q 48 57.62 7.50 41.90
N ILE Q 49 57.92 8.73 42.28
CA ILE Q 49 58.07 9.13 43.67
C ILE Q 49 57.66 10.58 43.82
N SER Q 50 57.10 10.92 44.97
CA SER Q 50 56.67 12.28 45.26
C SER Q 50 57.21 12.71 46.62
N ASP Q 51 57.47 14.02 46.75
CA ASP Q 51 57.98 14.59 47.99
C ASP Q 51 56.79 14.86 48.90
N LYS Q 52 56.30 13.81 49.52
CA LYS Q 52 55.21 13.94 50.49
C LYS Q 52 55.57 14.95 51.56
N LYS Q 53 54.73 15.97 51.72
CA LYS Q 53 54.90 16.98 52.75
C LYS Q 53 53.89 16.74 53.86
N VAL Q 54 54.39 16.67 55.10
CA VAL Q 54 53.51 16.46 56.23
C VAL Q 54 52.47 17.56 56.29
N ARG Q 55 51.28 17.20 56.72
CA ARG Q 55 50.17 18.13 56.90
C ARG Q 55 49.51 17.87 58.24
N SER Q 56 48.46 18.64 58.52
CA SER Q 56 47.72 18.46 59.76
C SER Q 56 47.15 17.05 59.82
N ARG Q 57 47.11 16.49 61.02
CA ARG Q 57 46.53 15.17 61.23
C ARG Q 57 45.06 15.13 60.87
N LEU Q 58 44.45 16.29 60.63
CA LEU Q 58 43.02 16.38 60.40
C LEU Q 58 42.61 16.02 58.97
N ILE Q 59 43.57 15.76 58.10
CA ILE Q 59 43.30 15.50 56.68
C ILE Q 59 43.43 14.01 56.43
N GLU Q 60 42.45 13.44 55.72
CA GLU Q 60 42.52 12.03 55.38
C GLU Q 60 43.70 11.76 54.47
N GLN Q 61 44.52 10.78 54.86
CA GLN Q 61 45.75 10.45 54.17
C GLN Q 61 45.51 9.71 52.87
N ASN Q 62 44.26 9.51 52.48
CA ASN Q 62 43.93 8.85 51.23
C ASN Q 62 43.55 9.83 50.12
N SER Q 63 43.72 11.13 50.35
CA SER Q 63 43.49 12.13 49.31
C SER Q 63 44.69 13.05 49.11
N ILE Q 64 45.64 13.04 50.04
CA ILE Q 64 46.84 13.88 49.93
C ILE Q 64 47.75 13.31 48.86
N GLU Q 65 47.58 12.04 48.54
CA GLU Q 65 48.44 11.35 47.59
C GLU Q 65 48.35 12.03 46.23
N LYS Q 66 49.49 12.46 45.70
CA LYS Q 66 49.51 13.07 44.38
C LYS Q 66 49.64 12.01 43.29
N ILE Q 67 50.08 10.81 43.64
CA ILE Q 67 50.15 9.72 42.67
C ILE Q 67 48.75 9.34 42.25
N GLN Q 68 48.40 9.63 41.00
CA GLN Q 68 47.07 9.37 40.48
C GLN Q 68 47.16 8.38 39.33
N LEU Q 69 46.20 7.46 39.28
CA LEU Q 69 46.15 6.47 38.22
C LEU Q 69 45.28 6.99 37.08
N ILE Q 70 45.71 6.74 35.85
CA ILE Q 70 44.87 7.02 34.70
C ILE Q 70 44.25 5.73 34.18
N ASP Q 71 44.98 4.63 34.30
CA ASP Q 71 44.46 3.29 34.07
C ASP Q 71 45.35 2.32 34.83
N ASP Q 72 44.91 1.07 34.90
CA ASP Q 72 45.65 0.07 35.64
C ASP Q 72 47.05 -0.14 35.08
N TYR Q 73 47.40 0.50 33.97
CA TYR Q 73 48.73 0.39 33.39
C TYR Q 73 49.35 1.76 33.12
N VAL Q 74 48.73 2.84 33.57
CA VAL Q 74 49.28 4.18 33.41
C VAL Q 74 48.98 4.99 34.67
N ALA Q 75 49.92 5.84 35.05
CA ALA Q 75 49.77 6.70 36.20
C ALA Q 75 50.32 8.08 35.88
N ALA Q 76 50.34 8.94 36.88
CA ALA Q 76 50.87 10.28 36.70
C ALA Q 76 50.95 10.99 38.04
N VAL Q 77 51.71 12.08 38.04
CA VAL Q 77 51.82 12.97 39.18
C VAL Q 77 52.11 14.36 38.65
N THR Q 78 51.68 15.38 39.40
CA THR Q 78 51.61 16.74 38.89
C THR Q 78 52.17 17.72 39.92
N SER Q 79 52.55 18.89 39.42
CA SER Q 79 53.06 19.98 40.26
C SER Q 79 52.53 21.31 39.76
N GLY Q 80 52.11 22.16 40.69
CA GLY Q 80 51.63 23.48 40.35
C GLY Q 80 50.25 23.78 40.89
N LEU Q 81 49.51 24.63 40.19
CA LEU Q 81 48.16 24.97 40.60
C LEU Q 81 47.32 23.71 40.76
N VAL Q 82 46.98 23.39 42.01
CA VAL Q 82 46.26 22.16 42.29
C VAL Q 82 44.89 22.17 41.64
N ALA Q 83 44.31 23.37 41.49
CA ALA Q 83 42.97 23.46 40.90
C ALA Q 83 42.97 23.01 39.46
N ASP Q 84 44.04 23.31 38.72
CA ASP Q 84 44.12 22.91 37.32
C ASP Q 84 44.56 21.46 37.19
N ALA Q 85 45.49 21.03 38.05
CA ALA Q 85 45.94 19.64 38.01
C ALA Q 85 44.75 18.69 38.09
N ARG Q 86 43.84 18.93 39.02
CA ARG Q 86 42.68 18.06 39.17
C ARG Q 86 41.89 17.96 37.88
N VAL Q 87 42.07 18.94 36.99
CA VAL Q 87 41.26 18.98 35.78
C VAL Q 87 41.88 18.13 34.67
N LEU Q 88 43.17 18.36 34.41
CA LEU Q 88 43.84 17.62 33.34
C LEU Q 88 43.83 16.12 33.61
N VAL Q 89 44.06 15.73 34.86
CA VAL Q 89 44.02 14.31 35.21
C VAL Q 89 42.67 13.73 34.84
N ASP Q 90 41.59 14.48 35.08
CA ASP Q 90 40.28 14.04 34.62
C ASP Q 90 40.20 14.06 33.11
N PHE Q 91 40.84 15.05 32.48
CA PHE Q 91 40.89 15.09 31.03
C PHE Q 91 41.67 13.89 30.49
N ALA Q 92 42.74 13.50 31.17
CA ALA Q 92 43.50 12.34 30.76
C ALA Q 92 42.69 11.06 30.97
N ARG Q 93 42.01 10.96 32.10
CA ARG Q 93 41.23 9.76 32.38
C ARG Q 93 40.10 9.60 31.38
N ILE Q 94 39.79 10.66 30.64
CA ILE Q 94 38.72 10.58 29.65
C ILE Q 94 39.30 10.29 28.28
N SER Q 95 40.42 10.93 27.94
CA SER Q 95 41.06 10.65 26.67
C SER Q 95 41.47 9.19 26.57
N ALA Q 96 41.90 8.60 27.67
CA ALA Q 96 42.30 7.21 27.66
C ALA Q 96 41.15 6.30 27.30
N GLN Q 97 39.96 6.59 27.83
CA GLN Q 97 38.80 5.78 27.52
C GLN Q 97 38.36 5.94 26.08
N GLN Q 98 38.58 7.11 25.49
CA GLN Q 98 38.23 7.31 24.08
C GLN Q 98 39.00 6.36 23.19
N GLU Q 99 40.26 6.09 23.53
CA GLU Q 99 41.05 5.15 22.75
C GLU Q 99 40.53 3.74 22.91
N LYS Q 100 40.41 3.27 24.15
CA LYS Q 100 39.88 1.94 24.40
C LYS Q 100 38.58 1.71 23.66
N VAL Q 101 37.74 2.74 23.58
CA VAL Q 101 36.49 2.63 22.85
C VAL Q 101 36.75 2.63 21.35
N THR Q 102 37.72 3.41 20.91
CA THR Q 102 37.97 3.55 19.48
C THR Q 102 38.81 2.41 18.95
N TYR Q 103 39.81 1.98 19.70
CA TYR Q 103 40.74 0.96 19.26
C TYR Q 103 40.66 -0.32 20.07
N GLY Q 104 39.81 -0.39 21.07
CA GLY Q 104 39.62 -1.60 21.85
C GLY Q 104 40.64 -1.82 22.95
N SER Q 105 41.71 -1.03 22.94
CA SER Q 105 42.76 -1.17 23.92
C SER Q 105 43.72 0.01 23.82
N LEU Q 106 44.03 0.60 24.96
CA LEU Q 106 45.05 1.65 25.01
C LEU Q 106 46.34 1.03 24.53
N VAL Q 107 46.55 1.15 23.21
CA VAL Q 107 47.65 0.44 22.58
C VAL Q 107 48.96 1.19 22.78
N ASN Q 108 48.88 2.51 22.87
CA ASN Q 108 50.07 3.34 23.04
C ASN Q 108 49.79 4.47 24.01
N ILE Q 109 50.87 5.02 24.58
CA ILE Q 109 50.73 6.10 25.54
C ILE Q 109 50.86 7.44 24.86
N GLU Q 110 51.72 7.53 23.84
CA GLU Q 110 51.95 8.81 23.18
C GLU Q 110 50.69 9.30 22.49
N ASN Q 111 49.80 8.38 22.16
CA ASN Q 111 48.48 8.73 21.59
C ASN Q 111 47.68 9.44 22.68
N LEU Q 112 48.05 9.29 23.96
CA LEU Q 112 47.34 9.93 25.06
C LEU Q 112 47.97 11.25 25.43
N VAL Q 113 49.25 11.22 25.82
CA VAL Q 113 49.98 12.42 26.17
C VAL Q 113 49.77 13.50 25.12
N LYS Q 114 49.62 13.09 23.86
CA LYS Q 114 49.44 14.05 22.79
C LYS Q 114 48.10 14.77 22.90
N ARG Q 115 47.05 14.03 23.22
CA ARG Q 115 45.73 14.64 23.34
C ARG Q 115 45.72 15.71 24.42
N VAL Q 116 46.64 15.62 25.37
CA VAL Q 116 46.69 16.59 26.46
C VAL Q 116 47.42 17.85 26.00
N ALA Q 117 48.69 17.70 25.63
CA ALA Q 117 49.47 18.84 25.15
C ALA Q 117 48.68 19.67 24.14
N ASP Q 118 47.90 19.00 23.30
CA ASP Q 118 47.07 19.73 22.35
C ASP Q 118 46.03 20.57 23.06
N GLN Q 119 45.58 20.11 24.23
CA GLN Q 119 44.61 20.89 25.00
C GLN Q 119 45.28 22.05 25.71
N MET Q 120 46.57 21.92 25.99
CA MET Q 120 47.27 22.95 26.73
C MET Q 120 47.82 24.02 25.79
N GLN Q 121 48.45 23.61 24.69
CA GLN Q 121 48.88 24.58 23.69
C GLN Q 121 47.71 25.41 23.20
N GLN Q 122 46.52 24.84 23.19
CA GLN Q 122 45.34 25.57 22.76
C GLN Q 122 45.16 26.85 23.58
N TYR Q 123 45.43 26.77 24.87
CA TYR Q 123 45.28 27.92 25.76
C TYR Q 123 46.49 28.83 25.77
N THR Q 124 47.34 28.75 24.75
CA THR Q 124 48.52 29.58 24.65
C THR Q 124 48.51 30.53 23.46
N GLN Q 125 47.77 30.19 22.40
CA GLN Q 125 47.75 31.00 21.20
C GLN Q 125 46.47 31.81 21.04
N TYR Q 126 45.53 31.68 21.96
CA TYR Q 126 44.27 32.42 21.92
C TYR Q 126 44.14 33.32 23.13
N GLY Q 127 43.56 34.50 22.92
CA GLY Q 127 43.39 35.45 23.99
C GLY Q 127 42.10 35.24 24.75
N GLY Q 128 42.06 35.82 25.95
CA GLY Q 128 40.92 35.66 26.82
C GLY Q 128 40.96 34.43 27.69
N VAL Q 129 42.07 33.69 27.70
CA VAL Q 129 42.23 32.49 28.50
C VAL Q 129 43.69 32.37 28.90
N ARG Q 130 43.91 31.96 30.15
CA ARG Q 130 45.26 31.78 30.65
C ARG Q 130 45.69 30.33 30.46
N PRO Q 131 46.99 30.08 30.35
CA PRO Q 131 47.46 28.70 30.25
C PRO Q 131 47.18 27.91 31.51
N TYR Q 132 47.69 26.69 31.52
CA TYR Q 132 47.64 25.86 32.73
C TYR Q 132 48.93 26.01 33.50
N GLY Q 133 48.82 26.16 34.82
CA GLY Q 133 49.99 26.34 35.64
C GLY Q 133 50.50 25.04 36.24
N VAL Q 134 50.82 24.07 35.39
CA VAL Q 134 51.24 22.76 35.86
C VAL Q 134 52.07 22.07 34.78
N SER Q 135 53.00 21.25 35.22
CA SER Q 135 53.64 20.23 34.40
C SER Q 135 53.38 18.88 35.06
N LEU Q 136 53.45 17.82 34.28
CA LEU Q 136 53.07 16.50 34.76
C LEU Q 136 54.13 15.48 34.41
N ILE Q 137 53.96 14.30 34.99
CA ILE Q 137 54.72 13.11 34.65
C ILE Q 137 53.73 12.01 34.29
N PHE Q 138 54.07 11.21 33.29
CA PHE Q 138 53.28 10.07 32.88
C PHE Q 138 54.16 8.84 32.85
N ALA Q 139 53.62 7.72 33.29
CA ALA Q 139 54.35 6.46 33.27
C ALA Q 139 53.36 5.33 33.06
N GLY Q 140 53.87 4.20 32.60
CA GLY Q 140 53.03 3.06 32.36
C GLY Q 140 53.65 2.12 31.35
N ILE Q 141 52.91 1.06 31.06
CA ILE Q 141 53.36 0.00 30.17
C ILE Q 141 52.47 -0.01 28.94
N ASP Q 142 53.08 -0.13 27.77
CA ASP Q 142 52.35 -0.29 26.53
C ASP Q 142 52.92 -1.48 25.75
N GLN Q 143 52.41 -1.66 24.52
CA GLN Q 143 52.89 -2.73 23.62
C GLN Q 143 54.41 -2.65 23.54
N ILE Q 144 54.96 -1.43 23.46
CA ILE Q 144 56.40 -1.25 23.41
C ILE Q 144 57.05 -1.72 24.71
N GLY Q 145 56.64 -1.14 25.82
CA GLY Q 145 57.21 -1.45 27.10
C GLY Q 145 57.12 -0.29 28.06
N PRO Q 146 58.06 -0.22 29.01
CA PRO Q 146 58.06 0.90 29.96
C PRO Q 146 58.27 2.22 29.25
N ARG Q 147 57.46 3.20 29.63
CA ARG Q 147 57.53 4.53 29.08
C ARG Q 147 57.61 5.54 30.20
N LEU Q 148 57.88 6.79 29.84
CA LEU Q 148 58.02 7.87 30.81
C LEU Q 148 58.11 9.18 30.06
N PHE Q 149 57.20 10.11 30.35
CA PHE Q 149 57.08 11.35 29.61
C PHE Q 149 56.98 12.52 30.58
N ASP Q 150 56.85 13.72 30.00
CA ASP Q 150 56.66 14.94 30.74
C ASP Q 150 56.04 15.97 29.81
N CYS Q 151 55.31 16.92 30.40
CA CYS Q 151 54.60 17.92 29.63
C CYS Q 151 54.66 19.26 30.33
N ASP Q 152 55.12 20.28 29.61
CA ASP Q 152 55.20 21.65 30.17
C ASP Q 152 53.89 22.35 29.82
N PRO Q 153 53.62 23.54 30.38
CA PRO Q 153 52.34 24.24 30.20
C PRO Q 153 51.97 24.51 28.76
N ALA Q 154 52.94 24.53 27.85
CA ALA Q 154 52.67 24.86 26.46
C ALA Q 154 52.42 23.64 25.59
N GLY Q 155 52.80 22.45 26.04
CA GLY Q 155 52.65 21.24 25.27
C GLY Q 155 53.93 20.57 24.85
N THR Q 156 55.07 21.08 25.28
CA THR Q 156 56.34 20.45 24.94
C THR Q 156 56.41 19.05 25.52
N ILE Q 157 56.61 18.08 24.65
CA ILE Q 157 56.69 16.67 25.02
C ILE Q 157 58.13 16.21 24.87
N ASN Q 158 58.55 15.31 25.75
CA ASN Q 158 59.86 14.72 25.69
C ASN Q 158 59.84 13.41 26.48
N GLU Q 159 60.41 12.36 25.91
CA GLU Q 159 60.46 11.06 26.56
C GLU Q 159 61.84 10.85 27.17
N TYR Q 160 61.86 10.43 28.42
CA TYR Q 160 63.08 10.36 29.21
C TYR Q 160 63.29 8.95 29.74
N LYS Q 161 64.54 8.68 30.13
CA LYS Q 161 64.82 7.52 30.97
C LYS Q 161 64.65 7.87 32.44
N ALA Q 162 64.61 9.16 32.77
CA ALA Q 162 64.38 9.62 34.12
C ALA Q 162 64.14 11.11 34.07
N THR Q 163 63.49 11.62 35.11
CA THR Q 163 63.09 13.03 35.13
C THR Q 163 62.59 13.38 36.52
N ALA Q 164 62.57 14.68 36.80
CA ALA Q 164 62.08 15.19 38.07
C ALA Q 164 61.13 16.34 37.78
N ILE Q 165 60.51 16.83 38.85
CA ILE Q 165 59.50 17.88 38.75
C ILE Q 165 59.32 18.50 40.12
N GLY Q 166 58.98 19.78 40.13
CA GLY Q 166 58.72 20.51 41.35
C GLY Q 166 59.71 21.63 41.59
N SER Q 167 60.17 21.71 42.84
CA SER Q 167 61.10 22.78 43.22
C SER Q 167 62.54 22.28 43.14
N GLY Q 168 62.79 21.07 43.62
CA GLY Q 168 64.13 20.52 43.60
C GLY Q 168 64.45 19.84 42.28
N LYS Q 169 63.80 20.30 41.22
CA LYS Q 169 63.97 19.67 39.91
C LYS Q 169 65.42 19.68 39.47
N ASP Q 170 65.99 20.87 39.27
CA ASP Q 170 67.36 20.96 38.77
C ASP Q 170 68.33 20.24 39.70
N ALA Q 171 68.10 20.32 41.01
CA ALA Q 171 68.98 19.65 41.95
C ALA Q 171 68.99 18.14 41.73
N VAL Q 172 67.85 17.59 41.31
CA VAL Q 172 67.74 16.14 41.14
C VAL Q 172 68.43 15.70 39.85
N VAL Q 173 68.00 16.27 38.73
CA VAL Q 173 68.58 15.91 37.44
C VAL Q 173 70.10 15.99 37.51
N SER Q 174 70.63 16.96 38.24
CA SER Q 174 72.07 17.02 38.47
C SER Q 174 72.57 15.72 39.08
N PHE Q 175 72.15 15.45 40.32
CA PHE Q 175 72.50 14.19 40.97
C PHE Q 175 72.23 13.01 40.05
N LEU Q 176 71.01 12.94 39.52
CA LEU Q 176 70.57 11.77 38.76
C LEU Q 176 71.31 11.62 37.44
N GLU Q 177 71.69 12.71 36.79
CA GLU Q 177 72.45 12.62 35.56
C GLU Q 177 73.82 11.98 35.76
N ARG Q 178 74.29 11.90 37.00
CA ARG Q 178 75.59 11.33 37.31
C ARG Q 178 75.52 9.87 37.73
N GLU Q 179 74.54 9.50 38.54
CA GLU Q 179 74.52 8.19 39.19
C GLU Q 179 73.45 7.26 38.62
N TYR Q 180 72.74 7.67 37.57
CA TYR Q 180 71.68 6.83 37.03
C TYR Q 180 72.27 5.67 36.24
N LYS Q 181 71.60 4.52 36.33
CA LYS Q 181 72.00 3.33 35.62
C LYS Q 181 70.76 2.65 35.06
N GLU Q 182 70.93 2.00 33.91
CA GLU Q 182 69.83 1.38 33.19
C GLU Q 182 69.68 -0.08 33.58
N ASN Q 183 68.47 -0.60 33.34
CA ASN Q 183 68.17 -2.02 33.55
C ASN Q 183 68.59 -2.47 34.95
N LEU Q 184 68.15 -1.74 35.94
CA LEU Q 184 68.43 -2.09 37.31
C LEU Q 184 67.28 -2.87 37.93
N PRO Q 185 67.51 -3.53 39.05
CA PRO Q 185 66.40 -4.14 39.79
C PRO Q 185 65.48 -3.08 40.36
N GLU Q 186 64.39 -3.55 40.97
CA GLU Q 186 63.40 -2.61 41.49
C GLU Q 186 63.95 -1.82 42.66
N LYS Q 187 64.14 -2.48 43.81
CA LYS Q 187 64.56 -1.77 45.00
C LYS Q 187 65.92 -1.10 44.81
N GLU Q 188 66.80 -1.71 44.03
CA GLU Q 188 68.09 -1.09 43.75
C GLU Q 188 67.92 0.30 43.15
N ALA Q 189 66.87 0.51 42.36
CA ALA Q 189 66.60 1.80 41.77
C ALA Q 189 65.89 2.74 42.72
N VAL Q 190 65.03 2.20 43.60
CA VAL Q 190 64.33 3.05 44.56
C VAL Q 190 65.31 3.74 45.47
N THR Q 191 66.17 2.97 46.13
CA THR Q 191 67.17 3.54 47.01
C THR Q 191 67.99 4.61 46.30
N LEU Q 192 68.18 4.45 44.98
CA LEU Q 192 68.84 5.50 44.22
C LEU Q 192 67.96 6.73 44.10
N GLY Q 193 66.65 6.53 43.91
CA GLY Q 193 65.76 7.66 43.74
C GLY Q 193 65.62 8.50 44.99
N ILE Q 194 65.26 7.87 46.10
CA ILE Q 194 65.14 8.59 47.36
C ILE Q 194 66.40 9.39 47.64
N LYS Q 195 67.55 8.90 47.15
CA LYS Q 195 68.80 9.59 47.37
C LYS Q 195 68.86 10.90 46.60
N ALA Q 196 68.64 10.84 45.29
CA ALA Q 196 68.60 12.06 44.49
C ALA Q 196 67.55 13.03 45.05
N LEU Q 197 66.44 12.50 45.56
CA LEU Q 197 65.49 13.35 46.26
C LEU Q 197 66.11 13.91 47.53
N LYS Q 198 66.69 13.04 48.35
CA LYS Q 198 67.40 13.48 49.54
C LYS Q 198 68.40 14.58 49.22
N SER Q 199 68.98 14.55 48.02
CA SER Q 199 69.96 15.57 47.63
C SER Q 199 69.31 16.95 47.57
N SER Q 200 68.30 17.11 46.73
CA SER Q 200 67.66 18.41 46.56
C SER Q 200 67.05 18.93 47.85
N LEU Q 201 66.84 18.06 48.83
CA LEU Q 201 66.21 18.49 50.08
C LEU Q 201 67.13 19.43 50.83
N GLU Q 202 66.52 20.42 51.48
CA GLU Q 202 67.26 21.30 52.37
C GLU Q 202 67.70 20.52 53.60
N GLU Q 203 68.84 20.92 54.16
CA GLU Q 203 69.41 20.19 55.29
C GLU Q 203 68.43 20.17 56.47
N GLY Q 204 67.66 21.24 56.64
CA GLY Q 204 66.78 21.32 57.79
C GLY Q 204 65.63 20.31 57.72
N GLU Q 205 65.36 19.78 56.53
CA GLU Q 205 64.25 18.87 56.34
C GLU Q 205 64.76 17.46 56.07
N GLU Q 206 63.85 16.49 56.17
CA GLU Q 206 64.16 15.10 55.86
C GLU Q 206 63.05 14.55 54.97
N LEU Q 207 62.88 13.23 54.97
CA LEU Q 207 61.88 12.58 54.13
C LEU Q 207 60.74 12.08 55.00
N LYS Q 208 59.51 12.34 54.55
CA LYS Q 208 58.32 12.13 55.39
C LYS Q 208 57.34 11.19 54.67
N ALA Q 209 57.67 9.91 54.68
CA ALA Q 209 56.80 8.89 54.12
C ALA Q 209 56.40 9.27 52.69
N PRO Q 210 57.36 9.39 51.78
CA PRO Q 210 57.02 9.78 50.41
C PRO Q 210 56.15 8.74 49.72
N GLU Q 211 55.52 9.17 48.63
CA GLU Q 211 54.72 8.28 47.82
C GLU Q 211 55.60 7.58 46.81
N ILE Q 212 55.33 6.29 46.57
CA ILE Q 212 56.00 5.53 45.54
C ILE Q 212 54.96 4.66 44.83
N ALA Q 213 55.21 4.38 43.55
CA ALA Q 213 54.31 3.57 42.75
C ALA Q 213 55.10 3.02 41.59
N SER Q 214 55.27 1.70 41.55
CA SER Q 214 56.02 1.04 40.51
C SER Q 214 55.11 0.14 39.71
N ILE Q 215 55.71 -0.53 38.72
CA ILE Q 215 54.98 -1.45 37.87
C ILE Q 215 56.00 -2.27 37.09
N THR Q 216 55.56 -3.42 36.59
CA THR Q 216 56.40 -4.32 35.84
C THR Q 216 55.58 -4.99 34.76
N VAL Q 217 56.25 -5.41 33.69
CA VAL Q 217 55.56 -5.99 32.55
C VAL Q 217 54.67 -7.13 33.00
N GLY Q 218 53.59 -7.36 32.26
CA GLY Q 218 52.65 -8.40 32.57
C GLY Q 218 51.92 -8.22 33.88
N ASN Q 219 52.08 -7.08 34.54
CA ASN Q 219 51.47 -6.83 35.84
C ASN Q 219 50.71 -5.52 35.80
N LYS Q 220 50.30 -5.06 36.98
CA LYS Q 220 49.64 -3.79 37.15
C LYS Q 220 50.42 -2.96 38.17
N TYR Q 221 49.94 -1.74 38.38
CA TYR Q 221 50.62 -0.85 39.31
C TYR Q 221 50.49 -1.34 40.73
N ARG Q 222 51.41 -0.91 41.58
CA ARG Q 222 51.47 -1.32 42.97
C ARG Q 222 51.82 -0.12 43.83
N ILE Q 223 50.85 0.34 44.62
CA ILE Q 223 51.08 1.42 45.58
C ILE Q 223 51.36 0.76 46.92
N TYR Q 224 52.64 0.53 47.21
CA TYR Q 224 52.97 -0.13 48.45
C TYR Q 224 52.99 0.88 49.59
N ASP Q 225 52.65 0.39 50.78
CA ASP Q 225 52.31 1.27 51.89
C ASP Q 225 53.56 1.87 52.52
N GLN Q 226 53.33 2.94 53.30
CA GLN Q 226 54.41 3.60 54.03
C GLN Q 226 55.27 2.63 54.80
N GLU Q 227 54.71 1.51 55.25
CA GLU Q 227 55.51 0.53 55.98
C GLU Q 227 56.75 0.15 55.20
N GLU Q 228 56.57 -0.35 53.98
CA GLU Q 228 57.70 -0.69 53.13
C GLU Q 228 58.51 0.53 52.73
N VAL Q 229 57.94 1.73 52.83
CA VAL Q 229 58.66 2.93 52.45
C VAL Q 229 59.81 3.20 53.40
N LYS Q 230 59.62 2.92 54.69
CA LYS Q 230 60.69 3.12 55.66
C LYS Q 230 61.96 2.41 55.24
N LYS Q 231 61.81 1.30 54.54
CA LYS Q 231 62.93 0.46 54.17
C LYS Q 231 63.64 0.99 52.94
N GLN R 5 59.13 51.03 17.52
CA GLN R 5 57.95 51.85 17.76
C GLN R 5 57.13 51.25 18.89
N MET R 6 57.35 51.77 20.11
CA MET R 6 56.64 51.27 21.28
C MET R 6 55.14 51.42 21.14
N ALA R 7 54.67 52.28 20.23
CA ALA R 7 53.26 52.51 20.03
C ALA R 7 52.62 51.57 19.02
N TYR R 8 53.42 50.86 18.22
CA TYR R 8 52.90 50.03 17.15
C TYR R 8 53.44 48.60 17.21
N ASP R 9 53.90 48.17 18.39
CA ASP R 9 54.49 46.81 18.57
C ASP R 9 53.70 46.07 19.64
N ARG R 10 52.37 46.15 19.63
CA ARG R 10 51.51 45.50 20.60
C ARG R 10 50.55 44.50 19.98
N ALA R 11 50.10 44.76 18.76
CA ALA R 11 49.10 43.94 18.10
C ALA R 11 49.56 43.59 16.69
N ILE R 12 49.17 42.40 16.25
CA ILE R 12 49.54 41.95 14.90
C ILE R 12 48.79 42.73 13.85
N THR R 13 47.58 43.19 14.16
CA THR R 13 46.68 43.79 13.19
C THR R 13 46.83 45.30 13.10
N VAL R 14 48.04 45.82 13.27
CA VAL R 14 48.30 47.25 13.23
C VAL R 14 49.54 47.49 12.40
N PHE R 15 49.40 48.30 11.35
CA PHE R 15 50.53 48.73 10.54
C PHE R 15 51.19 49.94 11.18
N SER R 16 52.51 50.02 11.05
CA SER R 16 53.22 51.21 11.46
C SER R 16 53.14 52.28 10.38
N PRO R 17 53.35 53.55 10.74
CA PRO R 17 53.32 54.62 9.73
C PRO R 17 54.23 54.34 8.55
N ASP R 18 55.26 53.51 8.71
CA ASP R 18 56.14 53.12 7.63
C ASP R 18 55.65 51.87 6.91
N GLY R 19 54.50 51.33 7.32
CA GLY R 19 53.97 50.13 6.70
C GLY R 19 54.71 48.87 7.10
N ARG R 20 54.61 48.47 8.36
CA ARG R 20 55.29 47.30 8.87
C ARG R 20 54.42 46.57 9.87
N LEU R 21 54.89 45.39 10.28
CA LEU R 21 54.22 44.55 11.27
C LEU R 21 55.28 44.08 12.26
N PHE R 22 55.49 44.87 13.30
CA PHE R 22 56.53 44.53 14.28
C PHE R 22 56.24 43.21 14.95
N GLN R 23 54.98 42.96 15.30
CA GLN R 23 54.62 41.68 15.89
C GLN R 23 54.94 40.54 14.94
N TYR R 24 55.06 40.85 13.65
CA TYR R 24 55.46 39.83 12.68
C TYR R 24 56.97 39.72 12.59
N GLU R 25 57.66 40.86 12.62
CA GLU R 25 59.12 40.83 12.62
C GLU R 25 59.66 40.24 13.91
N TYR R 26 58.87 40.31 14.98
CA TYR R 26 59.31 39.75 16.25
C TYR R 26 59.28 38.23 16.21
N ALA R 27 58.19 37.66 15.69
CA ALA R 27 58.09 36.21 15.59
C ALA R 27 59.27 35.62 14.84
N ARG R 28 59.85 36.37 13.92
CA ARG R 28 61.04 35.91 13.21
C ARG R 28 62.26 35.94 14.09
N GLU R 29 62.17 36.54 15.28
CA GLU R 29 63.30 36.54 16.19
C GLU R 29 63.29 35.30 17.07
N ALA R 30 62.12 34.69 17.28
CA ALA R 30 62.06 33.47 18.06
C ALA R 30 62.55 32.28 17.25
N VAL R 31 62.59 32.40 15.93
CA VAL R 31 63.08 31.31 15.10
C VAL R 31 64.59 31.21 15.18
N LYS R 32 65.27 32.35 15.12
CA LYS R 32 66.72 32.37 15.18
C LYS R 32 67.28 31.80 16.48
N LYS R 33 66.43 31.55 17.47
CA LYS R 33 66.86 30.89 18.70
C LYS R 33 66.97 29.39 18.56
N GLY R 34 66.35 28.81 17.53
CA GLY R 34 66.35 27.37 17.37
C GLY R 34 67.62 26.85 16.73
N SER R 35 67.76 25.53 16.78
CA SER R 35 68.92 24.87 16.22
C SER R 35 69.00 25.15 14.71
N THR R 36 70.14 24.76 14.14
CA THR R 36 70.42 25.03 12.73
C THR R 36 70.15 23.78 11.90
N ALA R 37 69.76 23.98 10.65
CA ALA R 37 69.48 22.90 9.73
C ALA R 37 69.44 23.43 8.31
N LEU R 38 69.46 22.54 7.34
CA LEU R 38 69.48 22.92 5.94
C LEU R 38 68.96 21.79 5.07
N GLY R 39 69.01 22.02 3.77
CA GLY R 39 68.56 21.04 2.81
C GLY R 39 69.14 21.34 1.44
N MET R 40 69.48 20.28 0.71
CA MET R 40 70.15 20.40 -0.57
C MET R 40 69.63 19.38 -1.54
N LYS R 41 69.45 19.80 -2.79
CA LYS R 41 69.11 18.89 -3.86
C LYS R 41 70.38 18.37 -4.51
N PHE R 42 70.22 17.40 -5.41
CA PHE R 42 71.35 16.82 -6.11
C PHE R 42 70.80 15.90 -7.20
N ALA R 43 71.62 14.96 -7.64
CA ALA R 43 71.26 14.08 -8.76
C ALA R 43 70.14 13.16 -8.33
N ASN R 44 68.93 13.44 -8.79
CA ASN R 44 67.78 12.55 -8.60
C ASN R 44 67.46 12.34 -7.13
N GLY R 45 67.69 13.37 -6.33
CA GLY R 45 67.40 13.23 -4.91
C GLY R 45 67.47 14.56 -4.19
N VAL R 46 67.34 14.48 -2.87
CA VAL R 46 67.38 15.64 -2.00
C VAL R 46 67.54 15.11 -0.58
N LEU R 47 68.00 15.98 0.32
CA LEU R 47 68.33 15.55 1.67
C LEU R 47 68.10 16.68 2.66
N LEU R 48 68.35 16.37 3.93
CA LEU R 48 68.24 17.31 5.02
C LEU R 48 69.33 17.04 6.04
N ILE R 49 69.61 18.04 6.87
CA ILE R 49 70.57 17.92 7.98
C ILE R 49 70.14 18.85 9.09
N SER R 50 70.40 18.45 10.32
CA SER R 50 70.07 19.24 11.50
C SER R 50 71.27 19.34 12.41
N ASP R 51 71.37 20.46 13.12
CA ASP R 51 72.46 20.70 14.06
C ASP R 51 72.10 20.05 15.38
N LYS R 52 72.27 18.74 15.43
CA LYS R 52 72.04 17.99 16.66
C LYS R 52 72.86 18.58 17.80
N LYS R 53 72.18 18.96 18.87
CA LYS R 53 72.82 19.48 20.07
C LYS R 53 72.79 18.42 21.16
N VAL R 54 73.96 18.13 21.72
CA VAL R 54 74.05 17.14 22.79
C VAL R 54 73.14 17.53 23.93
N ARG R 55 72.55 16.53 24.57
CA ARG R 55 71.70 16.72 25.74
C ARG R 55 72.08 15.71 26.80
N SER R 56 71.35 15.75 27.92
CA SER R 56 71.61 14.80 28.99
C SER R 56 71.42 13.38 28.49
N ARG R 57 72.23 12.47 29.02
CA ARG R 57 72.10 11.07 28.67
C ARG R 57 70.76 10.49 29.09
N LEU R 58 69.97 11.24 29.87
CA LEU R 58 68.73 10.73 30.42
C LEU R 58 67.58 10.79 29.43
N ILE R 59 67.78 11.33 28.24
CA ILE R 59 66.72 11.52 27.27
C ILE R 59 66.86 10.46 26.18
N GLU R 60 65.76 9.82 25.83
CA GLU R 60 65.78 8.83 24.77
C GLU R 60 66.14 9.49 23.45
N GLN R 61 67.14 8.92 22.78
CA GLN R 61 67.69 9.48 21.55
C GLN R 61 66.78 9.24 20.35
N ASN R 62 65.61 8.65 20.56
CA ASN R 62 64.65 8.43 19.48
C ASN R 62 63.53 9.46 19.46
N SER R 63 63.62 10.50 20.28
CA SER R 63 62.66 11.59 20.25
C SER R 63 63.30 12.95 20.09
N ILE R 64 64.62 13.06 20.27
CA ILE R 64 65.34 14.32 20.12
C ILE R 64 65.43 14.67 18.64
N GLU R 65 65.27 13.67 17.78
CA GLU R 65 65.43 13.86 16.34
C GLU R 65 64.39 14.87 15.85
N LYS R 66 64.87 15.93 15.22
CA LYS R 66 63.96 16.92 14.66
C LYS R 66 63.50 16.53 13.26
N ILE R 67 64.23 15.63 12.60
CA ILE R 67 63.83 15.14 11.29
C ILE R 67 62.55 14.33 11.44
N GLN R 68 61.46 14.87 10.92
CA GLN R 68 60.14 14.25 11.04
C GLN R 68 59.62 13.92 9.64
N LEU R 69 58.99 12.75 9.53
CA LEU R 69 58.41 12.31 8.27
C LEU R 69 56.96 12.75 8.20
N ILE R 70 56.54 13.20 7.01
CA ILE R 70 55.12 13.46 6.78
C ILE R 70 54.52 12.34 5.98
N ASP R 71 55.30 11.74 5.10
CA ASP R 71 54.94 10.49 4.42
C ASP R 71 56.23 9.83 3.97
N ASP R 72 56.12 8.59 3.51
CA ASP R 72 57.30 7.85 3.09
C ASP R 72 58.04 8.53 1.95
N TYR R 73 57.50 9.61 1.39
CA TYR R 73 58.15 10.35 0.32
C TYR R 73 58.27 11.84 0.63
N VAL R 74 57.94 12.27 1.84
CA VAL R 74 58.06 13.65 2.25
C VAL R 74 58.51 13.71 3.70
N ALA R 75 59.36 14.69 4.00
CA ALA R 75 59.85 14.90 5.36
C ALA R 75 59.87 16.38 5.66
N ALA R 76 60.39 16.73 6.82
CA ALA R 76 60.49 18.12 7.23
C ALA R 76 61.30 18.24 8.50
N VAL R 77 61.74 19.46 8.77
CA VAL R 77 62.42 19.81 10.00
C VAL R 77 62.11 21.27 10.31
N THR R 78 62.11 21.61 11.59
CA THR R 78 61.56 22.87 12.05
C THR R 78 62.49 23.55 13.05
N SER R 79 62.29 24.86 13.22
CA SER R 79 63.06 25.66 14.16
C SER R 79 62.15 26.67 14.82
N GLY R 80 62.30 26.83 16.13
CA GLY R 80 61.54 27.81 16.88
C GLY R 80 60.79 27.22 18.06
N LEU R 81 59.66 27.82 18.41
CA LEU R 81 58.86 27.33 19.51
C LEU R 81 58.49 25.86 19.29
N VAL R 82 59.08 24.99 20.10
CA VAL R 82 58.88 23.56 19.91
C VAL R 82 57.43 23.19 20.13
N ALA R 83 56.72 23.93 20.97
CA ALA R 83 55.32 23.62 21.25
C ALA R 83 54.47 23.79 20.01
N ASP R 84 54.76 24.79 19.19
CA ASP R 84 53.99 25.01 17.97
C ASP R 84 54.45 24.10 16.85
N ALA R 85 55.76 23.86 16.76
CA ALA R 85 56.27 22.95 15.74
C ALA R 85 55.56 21.61 15.79
N ARG R 86 55.42 21.04 16.99
CA ARG R 86 54.76 19.76 17.12
C ARG R 86 53.35 19.79 16.56
N VAL R 87 52.77 20.98 16.42
CA VAL R 87 51.39 21.10 16.01
C VAL R 87 51.28 21.10 14.48
N LEU R 88 52.07 21.97 13.84
CA LEU R 88 52.01 22.07 12.38
C LEU R 88 52.36 20.76 11.73
N VAL R 89 53.40 20.09 12.23
CA VAL R 89 53.78 18.79 11.68
C VAL R 89 52.60 17.84 11.73
N ASP R 90 51.83 17.86 12.81
CA ASP R 90 50.61 17.07 12.86
C ASP R 90 49.58 17.62 11.88
N PHE R 91 49.53 18.94 11.72
CA PHE R 91 48.64 19.53 10.73
C PHE R 91 49.05 19.11 9.32
N ALA R 92 50.35 19.04 9.07
CA ALA R 92 50.84 18.59 7.77
C ALA R 92 50.53 17.12 7.56
N ARG R 93 50.75 16.30 8.58
CA ARG R 93 50.50 14.87 8.45
C ARG R 93 49.04 14.59 8.20
N ILE R 94 48.19 15.58 8.45
CA ILE R 94 46.75 15.40 8.23
C ILE R 94 46.36 15.92 6.86
N SER R 95 46.90 17.07 6.48
CA SER R 95 46.62 17.62 5.16
C SER R 95 47.08 16.66 4.07
N ALA R 96 48.19 15.97 4.30
CA ALA R 96 48.68 15.03 3.29
C ALA R 96 47.69 13.90 3.07
N GLN R 97 47.09 13.40 4.15
CA GLN R 97 46.13 12.32 4.00
C GLN R 97 44.85 12.79 3.33
N GLN R 98 44.48 14.05 3.49
CA GLN R 98 43.30 14.56 2.82
C GLN R 98 43.45 14.47 1.31
N GLU R 99 44.66 14.72 0.81
CA GLU R 99 44.90 14.60 -0.63
C GLU R 99 44.80 13.16 -1.09
N LYS R 100 45.57 12.27 -0.46
CA LYS R 100 45.52 10.86 -0.80
C LYS R 100 44.09 10.36 -0.84
N VAL R 101 43.25 10.84 0.09
CA VAL R 101 41.86 10.44 0.11
C VAL R 101 41.10 11.11 -1.03
N THR R 102 41.45 12.35 -1.33
CA THR R 102 40.70 13.10 -2.34
C THR R 102 41.16 12.76 -3.74
N TYR R 103 42.47 12.58 -3.93
CA TYR R 103 43.04 12.35 -5.24
C TYR R 103 43.66 10.98 -5.39
N GLY R 104 43.66 10.17 -4.35
CA GLY R 104 44.20 8.82 -4.44
C GLY R 104 45.68 8.71 -4.28
N SER R 105 46.39 9.83 -4.34
CA SER R 105 47.83 9.84 -4.23
C SER R 105 48.32 11.27 -4.08
N LEU R 106 49.21 11.47 -3.10
CA LEU R 106 49.86 12.76 -2.94
C LEU R 106 50.62 13.04 -4.22
N VAL R 107 49.93 13.70 -5.14
CA VAL R 107 50.47 13.88 -6.49
C VAL R 107 51.48 15.01 -6.52
N ASN R 108 51.29 16.02 -5.68
CA ASN R 108 52.19 17.16 -5.64
C ASN R 108 52.43 17.59 -4.20
N ILE R 109 53.52 18.31 -4.01
CA ILE R 109 53.89 18.77 -2.68
C ILE R 109 53.37 20.18 -2.43
N GLU R 110 53.36 21.01 -3.47
CA GLU R 110 52.93 22.39 -3.30
C GLU R 110 51.47 22.47 -2.88
N ASN R 111 50.71 21.43 -3.24
CA ASN R 111 49.31 21.34 -2.82
C ASN R 111 49.28 21.13 -1.30
N LEU R 112 50.40 20.72 -0.68
CA LEU R 112 50.47 20.49 0.76
C LEU R 112 51.01 21.72 1.47
N VAL R 113 52.22 22.13 1.11
CA VAL R 113 52.83 23.31 1.71
C VAL R 113 51.86 24.48 1.71
N LYS R 114 51.00 24.55 0.69
CA LYS R 114 50.03 25.64 0.59
C LYS R 114 48.99 25.56 1.69
N ARG R 115 48.50 24.36 1.97
CA ARG R 115 47.49 24.21 3.01
C ARG R 115 48.02 24.67 4.36
N VAL R 116 49.34 24.67 4.52
CA VAL R 116 49.93 25.08 5.79
C VAL R 116 50.01 26.60 5.88
N ALA R 117 50.76 27.21 4.95
CA ALA R 117 50.90 28.65 4.92
C ALA R 117 49.54 29.33 5.07
N ASP R 118 48.51 28.75 4.48
CA ASP R 118 47.17 29.31 4.63
C ASP R 118 46.72 29.25 6.08
N GLN R 119 47.17 28.24 6.82
CA GLN R 119 46.81 28.14 8.23
C GLN R 119 47.62 29.12 9.07
N MET R 120 48.79 29.51 8.58
CA MET R 120 49.65 30.40 9.35
C MET R 120 49.31 31.85 9.07
N GLN R 121 49.16 32.22 7.80
CA GLN R 121 48.71 33.57 7.47
C GLN R 121 47.40 33.89 8.14
N GLN R 122 46.56 32.88 8.37
CA GLN R 122 45.28 33.09 9.05
C GLN R 122 45.49 33.73 10.40
N TYR R 123 46.54 33.33 11.12
CA TYR R 123 46.81 33.86 12.44
C TYR R 123 47.61 35.15 12.41
N THR R 124 47.62 35.84 11.27
CA THR R 124 48.36 37.09 11.14
C THR R 124 47.44 38.29 10.88
N GLN R 125 46.26 38.07 10.31
CA GLN R 125 45.37 39.16 9.97
C GLN R 125 44.18 39.28 10.91
N TYR R 126 44.07 38.40 11.90
CA TYR R 126 42.98 38.45 12.87
C TYR R 126 43.53 38.68 14.27
N GLY R 127 42.79 39.44 15.06
CA GLY R 127 43.21 39.73 16.41
C GLY R 127 42.73 38.70 17.41
N GLY R 128 43.39 38.70 18.56
CA GLY R 128 43.10 37.73 19.60
C GLY R 128 43.86 36.43 19.47
N VAL R 129 44.81 36.34 18.53
CA VAL R 129 45.61 35.15 18.32
C VAL R 129 46.99 35.57 17.85
N ARG R 130 48.00 34.89 18.36
CA ARG R 130 49.37 35.17 17.98
C ARG R 130 49.78 34.27 16.82
N PRO R 131 50.73 34.70 16.00
CA PRO R 131 51.22 33.84 14.93
C PRO R 131 51.92 32.60 15.47
N TYR R 132 52.49 31.84 14.54
CA TYR R 132 53.33 30.71 14.91
C TYR R 132 54.78 31.14 14.92
N GLY R 133 55.51 30.72 15.95
CA GLY R 133 56.90 31.10 16.07
C GLY R 133 57.85 30.06 15.51
N VAL R 134 57.69 29.73 14.22
CA VAL R 134 58.50 28.70 13.59
C VAL R 134 58.52 28.91 12.10
N SER R 135 59.63 28.51 11.49
CA SER R 135 59.74 28.28 10.06
C SER R 135 60.16 26.83 9.86
N LEU R 136 59.86 26.29 8.69
CA LEU R 136 60.06 24.87 8.43
C LEU R 136 60.79 24.66 7.12
N ILE R 137 61.19 23.40 6.93
CA ILE R 137 61.72 22.92 5.66
C ILE R 137 60.89 21.72 5.25
N PHE R 138 60.63 21.60 3.96
CA PHE R 138 59.92 20.46 3.40
C PHE R 138 60.76 19.88 2.27
N ALA R 139 60.78 18.56 2.17
CA ALA R 139 61.50 17.87 1.11
C ALA R 139 60.77 16.59 0.78
N GLY R 140 61.02 16.09 -0.41
CA GLY R 140 60.39 14.85 -0.85
C GLY R 140 60.36 14.76 -2.35
N ILE R 141 59.75 13.67 -2.81
CA ILE R 141 59.68 13.33 -4.22
C ILE R 141 58.23 13.38 -4.65
N ASP R 142 57.97 14.00 -5.80
CA ASP R 142 56.65 13.99 -6.40
C ASP R 142 56.75 13.58 -7.86
N GLN R 143 55.62 13.65 -8.57
CA GLN R 143 55.55 13.32 -10.02
C GLN R 143 56.64 14.12 -10.72
N ILE R 144 56.84 15.37 -10.34
CA ILE R 144 57.88 16.21 -10.93
C ILE R 144 59.25 15.64 -10.62
N GLY R 145 59.58 15.52 -9.34
CA GLY R 145 60.87 15.06 -8.91
C GLY R 145 61.25 15.61 -7.57
N PRO R 146 62.55 15.74 -7.31
CA PRO R 146 62.99 16.29 -6.03
C PRO R 146 62.51 17.72 -5.85
N ARG R 147 61.99 18.00 -4.66
CA ARG R 147 61.52 19.32 -4.31
C ARG R 147 62.16 19.76 -2.99
N LEU R 148 61.95 21.02 -2.67
CA LEU R 148 62.53 21.61 -1.45
C LEU R 148 61.93 22.99 -1.26
N PHE R 149 61.29 23.21 -0.12
CA PHE R 149 60.57 24.43 0.15
C PHE R 149 60.94 24.98 1.53
N ASP R 150 60.30 26.10 1.87
CA ASP R 150 60.45 26.73 3.17
C ASP R 150 59.24 27.61 3.41
N CYS R 151 58.94 27.85 4.68
CA CYS R 151 57.76 28.60 5.06
C CYS R 151 58.07 29.46 6.27
N ASP R 152 57.82 30.77 6.14
CA ASP R 152 58.04 31.71 7.27
C ASP R 152 56.72 31.79 8.05
N PRO R 153 56.71 32.43 9.23
CA PRO R 153 55.53 32.48 10.09
C PRO R 153 54.29 33.07 9.44
N ALA R 154 54.44 33.85 8.38
CA ALA R 154 53.30 34.51 7.75
C ALA R 154 52.73 33.72 6.58
N GLY R 155 53.48 32.78 6.03
CA GLY R 155 53.03 32.01 4.89
C GLY R 155 53.84 32.20 3.64
N THR R 156 54.92 32.98 3.69
CA THR R 156 55.75 33.18 2.52
C THR R 156 56.37 31.87 2.08
N ILE R 157 56.10 31.48 0.84
CA ILE R 157 56.60 30.25 0.25
C ILE R 157 57.66 30.59 -0.78
N ASN R 158 58.66 29.73 -0.90
CA ASN R 158 59.72 29.87 -1.88
C ASN R 158 60.37 28.51 -2.07
N GLU R 159 60.60 28.14 -3.33
CA GLU R 159 61.22 26.88 -3.66
C GLU R 159 62.69 27.11 -3.99
N TYR R 160 63.56 26.32 -3.39
CA TYR R 160 65.00 26.52 -3.46
C TYR R 160 65.70 25.29 -4.00
N LYS R 161 66.93 25.50 -4.48
CA LYS R 161 67.84 24.38 -4.70
C LYS R 161 68.59 24.03 -3.42
N ALA R 162 68.60 24.94 -2.45
CA ALA R 162 69.21 24.70 -1.15
C ALA R 162 68.79 25.83 -0.22
N THR R 163 68.88 25.56 1.08
CA THR R 163 68.39 26.51 2.07
C THR R 163 68.84 26.06 3.44
N ALA R 164 68.83 26.99 4.38
CA ALA R 164 69.19 26.72 5.77
C ALA R 164 68.13 27.33 6.68
N ILE R 165 68.26 27.05 7.96
CA ILE R 165 67.28 27.47 8.96
C ILE R 165 67.93 27.38 10.33
N GLY R 166 67.50 28.26 11.22
CA GLY R 166 67.98 28.27 12.58
C GLY R 166 68.73 29.55 12.92
N SER R 167 69.85 29.38 13.62
CA SER R 167 70.64 30.51 14.04
C SER R 167 71.77 30.80 13.06
N GLY R 168 72.43 29.77 12.57
CA GLY R 168 73.51 29.94 11.61
C GLY R 168 73.02 30.02 10.19
N LYS R 169 71.77 30.49 10.03
CA LYS R 169 71.17 30.53 8.70
C LYS R 169 71.99 31.36 7.74
N ASP R 170 72.12 32.66 8.02
CA ASP R 170 72.83 33.54 7.09
C ASP R 170 74.26 33.06 6.86
N ALA R 171 74.90 32.54 7.90
CA ALA R 171 76.27 32.05 7.75
C ALA R 171 76.35 30.91 6.75
N VAL R 172 75.29 30.11 6.67
CA VAL R 172 75.31 28.96 5.78
C VAL R 172 75.07 29.38 4.34
N VAL R 173 73.95 30.06 4.10
CA VAL R 173 73.63 30.52 2.74
C VAL R 173 74.81 31.24 2.13
N SER R 174 75.54 32.00 2.95
CA SER R 174 76.76 32.62 2.46
C SER R 174 77.72 31.58 1.91
N PHE R 175 78.23 30.71 2.78
CA PHE R 175 79.09 29.62 2.35
C PHE R 175 78.46 28.87 1.17
N LEU R 176 77.20 28.44 1.34
CA LEU R 176 76.56 27.59 0.36
C LEU R 176 76.30 28.29 -0.96
N GLU R 177 76.03 29.59 -0.95
CA GLU R 177 75.83 30.32 -2.20
C GLU R 177 77.09 30.34 -3.06
N ARG R 178 78.24 30.03 -2.48
CA ARG R 178 79.51 30.06 -3.20
C ARG R 178 79.94 28.69 -3.71
N GLU R 179 79.75 27.64 -2.93
CA GLU R 179 80.32 26.33 -3.22
C GLU R 179 79.28 25.31 -3.63
N TYR R 180 78.02 25.70 -3.79
CA TYR R 180 76.99 24.74 -4.15
C TYR R 180 77.10 24.35 -5.61
N LYS R 181 76.81 23.09 -5.90
CA LYS R 181 76.83 22.56 -7.25
C LYS R 181 75.63 21.65 -7.45
N GLU R 182 75.12 21.63 -8.67
CA GLU R 182 73.91 20.87 -9.00
C GLU R 182 74.25 19.48 -9.50
N ASN R 183 73.26 18.60 -9.41
CA ASN R 183 73.37 17.24 -9.93
C ASN R 183 74.63 16.56 -9.44
N LEU R 184 74.82 16.58 -8.14
CA LEU R 184 75.96 15.92 -7.53
C LEU R 184 75.59 14.54 -7.03
N PRO R 185 76.58 13.69 -6.76
CA PRO R 185 76.29 12.43 -6.10
C PRO R 185 75.79 12.66 -4.68
N GLU R 186 75.42 11.56 -4.02
CA GLU R 186 74.86 11.65 -2.68
C GLU R 186 75.92 12.12 -1.68
N LYS R 187 76.88 11.25 -1.37
CA LYS R 187 77.87 11.57 -0.34
C LYS R 187 78.68 12.80 -0.72
N GLU R 188 78.94 13.01 -2.00
CA GLU R 188 79.65 14.20 -2.43
C GLU R 188 78.95 15.48 -1.99
N ALA R 189 77.62 15.44 -1.91
CA ALA R 189 76.86 16.59 -1.44
C ALA R 189 76.78 16.67 0.07
N VAL R 190 76.77 15.53 0.75
CA VAL R 190 76.72 15.53 2.21
C VAL R 190 77.95 16.21 2.77
N THR R 191 79.13 15.73 2.38
CA THR R 191 80.38 16.33 2.84
C THR R 191 80.39 17.83 2.58
N LEU R 192 79.73 18.28 1.52
CA LEU R 192 79.59 19.71 1.29
C LEU R 192 78.68 20.34 2.33
N GLY R 193 77.59 19.66 2.69
CA GLY R 193 76.64 20.23 3.62
C GLY R 193 77.22 20.39 5.01
N ILE R 194 77.73 19.29 5.58
CA ILE R 194 78.35 19.36 6.90
C ILE R 194 79.37 20.49 6.96
N LYS R 195 79.99 20.79 5.82
CA LYS R 195 81.00 21.84 5.79
C LYS R 195 80.36 23.21 5.97
N ALA R 196 79.37 23.55 5.15
CA ALA R 196 78.65 24.80 5.33
C ALA R 196 78.09 24.90 6.74
N LEU R 197 77.64 23.78 7.30
CA LEU R 197 77.25 23.77 8.70
C LEU R 197 78.44 24.05 9.59
N LYS R 198 79.53 23.30 9.39
CA LYS R 198 80.76 23.55 10.13
C LYS R 198 81.16 25.02 10.06
N SER R 199 80.84 25.70 8.96
CA SER R 199 81.20 27.10 8.84
C SER R 199 80.47 27.95 9.87
N SER R 200 79.14 27.93 9.86
CA SER R 200 78.37 28.75 10.78
C SER R 200 78.66 28.42 12.24
N LEU R 201 79.24 27.26 12.51
CA LEU R 201 79.50 26.86 13.88
C LEU R 201 80.53 27.78 14.52
N GLU R 202 80.35 28.05 15.80
CA GLU R 202 81.35 28.77 16.56
C GLU R 202 82.57 27.89 16.76
N GLU R 203 83.74 28.53 16.83
CA GLU R 203 84.99 27.78 16.92
C GLU R 203 85.00 26.89 18.16
N GLY R 204 84.38 27.34 19.24
CA GLY R 204 84.42 26.56 20.48
C GLY R 204 83.66 25.25 20.38
N GLU R 205 82.77 25.14 19.40
CA GLU R 205 81.93 23.97 19.27
C GLU R 205 82.34 23.16 18.04
N GLU R 206 81.85 21.92 17.97
CA GLU R 206 82.09 21.05 16.83
C GLU R 206 80.75 20.43 16.44
N LEU R 207 80.81 19.28 15.75
CA LEU R 207 79.61 18.60 15.28
C LEU R 207 79.36 17.35 16.12
N LYS R 208 78.11 17.17 16.52
CA LYS R 208 77.77 16.15 17.51
C LYS R 208 76.69 15.21 16.95
N ALA R 209 77.13 14.32 16.08
CA ALA R 209 76.26 13.30 15.51
C ALA R 209 74.99 13.95 14.95
N PRO R 210 75.13 14.82 13.95
CA PRO R 210 73.95 15.49 13.41
C PRO R 210 72.99 14.50 12.75
N GLU R 211 71.77 14.96 12.54
CA GLU R 211 70.76 14.17 11.85
C GLU R 211 70.90 14.37 10.36
N ILE R 212 70.71 13.30 9.59
CA ILE R 212 70.67 13.37 8.14
C ILE R 212 69.56 12.46 7.65
N ALA R 213 68.98 12.81 6.50
CA ALA R 213 67.91 12.03 5.91
C ALA R 213 67.84 12.38 4.44
N SER R 214 68.12 11.40 3.59
CA SER R 214 68.14 11.60 2.16
C SER R 214 67.05 10.75 1.51
N ILE R 215 66.98 10.84 0.20
CA ILE R 215 66.02 10.08 -0.58
C ILE R 215 66.41 10.17 -2.04
N THR R 216 65.91 9.21 -2.83
CA THR R 216 66.20 9.16 -4.24
C THR R 216 64.98 8.62 -4.98
N VAL R 217 64.88 8.99 -6.26
CA VAL R 217 63.72 8.63 -7.04
C VAL R 217 63.49 7.13 -6.99
N GLY R 218 62.22 6.73 -7.11
CA GLY R 218 61.85 5.34 -7.06
C GLY R 218 62.11 4.66 -5.73
N ASN R 219 62.48 5.41 -4.71
CA ASN R 219 62.82 4.87 -3.40
C ASN R 219 62.02 5.59 -2.33
N LYS R 220 62.41 5.34 -1.08
CA LYS R 220 61.83 6.00 0.08
C LYS R 220 62.95 6.65 0.88
N TYR R 221 62.55 7.35 1.94
CA TYR R 221 63.53 8.04 2.76
C TYR R 221 64.41 7.05 3.50
N ARG R 222 65.59 7.52 3.90
CA ARG R 222 66.58 6.69 4.58
C ARG R 222 67.21 7.51 5.68
N ILE R 223 66.92 7.15 6.94
CA ILE R 223 67.54 7.78 8.10
C ILE R 223 68.70 6.87 8.49
N TYR R 224 69.88 7.17 7.97
CA TYR R 224 71.03 6.32 8.29
C TYR R 224 71.62 6.74 9.63
N ASP R 225 72.19 5.75 10.32
CA ASP R 225 72.52 5.89 11.73
C ASP R 225 73.78 6.72 11.92
N GLN R 226 73.95 7.19 13.16
CA GLN R 226 75.12 7.96 13.54
C GLN R 226 76.41 7.28 13.11
N GLU R 227 76.43 5.95 13.04
CA GLU R 227 77.63 5.25 12.61
C GLU R 227 78.14 5.80 11.28
N GLU R 228 77.30 5.76 10.25
CA GLU R 228 77.67 6.32 8.97
C GLU R 228 77.86 7.82 9.01
N VAL R 229 77.32 8.50 10.03
CA VAL R 229 77.45 9.95 10.12
C VAL R 229 78.90 10.33 10.38
N LYS R 230 79.61 9.54 11.19
CA LYS R 230 81.01 9.84 11.48
C LYS R 230 81.80 10.01 10.19
N LYS R 231 81.40 9.29 9.14
CA LYS R 231 82.14 9.25 7.90
C LYS R 231 81.83 10.47 7.03
N GLN S 5 48.86 61.93 13.62
CA GLN S 5 48.00 61.96 14.79
C GLN S 5 48.18 60.68 15.61
N MET S 6 49.05 60.76 16.62
CA MET S 6 49.32 59.60 17.46
C MET S 6 48.07 59.08 18.15
N ALA S 7 47.02 59.89 18.24
CA ALA S 7 45.79 59.50 18.89
C ALA S 7 44.79 58.83 17.96
N TYR S 8 44.98 58.92 16.65
CA TYR S 8 44.03 58.40 15.68
C TYR S 8 44.69 57.47 14.66
N ASP S 9 45.84 56.90 15.00
CA ASP S 9 46.59 56.00 14.08
C ASP S 9 46.78 54.65 14.75
N ARG S 10 45.74 54.11 15.41
CA ARG S 10 45.80 52.83 16.09
C ARG S 10 44.82 51.81 15.54
N ALA S 11 43.67 52.27 15.07
CA ALA S 11 42.61 51.38 14.62
C ALA S 11 42.11 51.83 13.25
N ILE S 12 41.70 50.85 12.44
CA ILE S 12 41.18 51.15 11.11
C ILE S 12 39.83 51.82 11.19
N THR S 13 39.05 51.52 12.22
CA THR S 13 37.67 51.96 12.32
C THR S 13 37.52 53.28 13.05
N VAL S 14 38.48 54.19 12.90
CA VAL S 14 38.44 55.49 13.57
C VAL S 14 38.82 56.56 12.56
N PHE S 15 37.93 57.54 12.38
CA PHE S 15 38.21 58.69 11.56
C PHE S 15 38.95 59.74 12.37
N SER S 16 39.85 60.46 11.72
CA SER S 16 40.49 61.60 12.35
C SER S 16 39.59 62.82 12.27
N PRO S 17 39.81 63.81 13.14
CA PRO S 17 38.99 65.04 13.06
C PRO S 17 38.98 65.67 11.70
N ASP S 18 39.98 65.40 10.86
CA ASP S 18 40.00 65.89 9.49
C ASP S 18 39.35 64.92 8.52
N GLY S 19 38.82 63.80 9.01
CA GLY S 19 38.19 62.82 8.16
C GLY S 19 39.18 61.99 7.37
N ARG S 20 39.96 61.16 8.04
CA ARG S 20 40.97 60.33 7.40
C ARG S 20 41.05 58.97 8.07
N LEU S 21 41.83 58.08 7.46
CA LEU S 21 42.06 56.74 7.97
C LEU S 21 43.56 56.48 7.87
N PHE S 22 44.27 56.82 8.94
CA PHE S 22 45.73 56.67 8.92
C PHE S 22 46.13 55.21 8.75
N GLN S 23 45.43 54.31 9.44
CA GLN S 23 45.71 52.90 9.27
C GLN S 23 45.51 52.46 7.83
N TYR S 24 44.73 53.24 7.07
CA TYR S 24 44.57 52.96 5.65
C TYR S 24 45.66 53.61 4.83
N GLU S 25 46.06 54.83 5.18
CA GLU S 25 47.17 55.47 4.49
C GLU S 25 48.47 54.77 4.78
N TYR S 26 48.55 54.07 5.91
CA TYR S 26 49.77 53.34 6.24
C TYR S 26 49.93 52.11 5.38
N ALA S 27 48.85 51.35 5.20
CA ALA S 27 48.92 50.16 4.35
C ALA S 27 49.43 50.50 2.95
N ARG S 28 49.17 51.72 2.48
CA ARG S 28 49.68 52.15 1.20
C ARG S 28 51.17 52.41 1.24
N GLU S 29 51.77 52.42 2.42
CA GLU S 29 53.22 52.59 2.53
C GLU S 29 53.94 51.26 2.42
N ALA S 30 53.26 50.16 2.76
CA ALA S 30 53.88 48.85 2.61
C ALA S 30 53.92 48.41 1.17
N VAL S 31 53.08 49.01 0.32
CA VAL S 31 53.08 48.65 -1.10
C VAL S 31 54.30 49.24 -1.79
N LYS S 32 54.62 50.49 -1.49
CA LYS S 32 55.76 51.16 -2.12
C LYS S 32 57.08 50.47 -1.82
N LYS S 33 57.10 49.51 -0.89
CA LYS S 33 58.30 48.73 -0.63
C LYS S 33 58.51 47.62 -1.64
N GLY S 34 57.47 47.24 -2.38
CA GLY S 34 57.56 46.13 -3.31
C GLY S 34 58.19 46.53 -4.62
N SER S 35 58.52 45.50 -5.41
CA SER S 35 59.14 45.71 -6.71
C SER S 35 58.21 46.52 -7.61
N THR S 36 58.75 46.95 -8.75
CA THR S 36 58.03 47.80 -9.68
C THR S 36 57.48 46.98 -10.83
N ALA S 37 56.35 47.43 -11.38
CA ALA S 37 55.71 46.75 -12.50
C ALA S 37 54.71 47.70 -13.14
N LEU S 38 54.23 47.33 -14.32
CA LEU S 38 53.30 48.18 -15.05
C LEU S 38 52.52 47.34 -16.05
N GLY S 39 51.69 48.03 -16.81
CA GLY S 39 50.87 47.37 -17.83
C GLY S 39 50.41 48.39 -18.85
N MET S 40 50.34 47.96 -20.10
CA MET S 40 50.02 48.84 -21.22
C MET S 40 49.15 48.12 -22.22
N LYS S 41 48.17 48.84 -22.74
CA LYS S 41 47.35 48.35 -23.84
C LYS S 41 47.98 48.75 -25.16
N PHE S 42 47.42 48.22 -26.25
CA PHE S 42 47.92 48.52 -27.58
C PHE S 42 46.93 47.94 -28.59
N ALA S 43 47.41 47.71 -29.80
CA ALA S 43 46.55 47.24 -30.89
C ALA S 43 46.10 45.82 -30.61
N ASN S 44 44.84 45.67 -30.19
CA ASN S 44 44.23 44.36 -30.06
C ASN S 44 44.94 43.50 -29.02
N GLY S 45 45.49 44.14 -28.00
CA GLY S 45 46.18 43.37 -26.98
C GLY S 45 46.50 44.22 -25.77
N VAL S 46 47.25 43.59 -24.85
CA VAL S 46 47.68 44.23 -23.62
C VAL S 46 48.78 43.36 -23.04
N LEU S 47 49.58 43.94 -22.14
CA LEU S 47 50.75 43.25 -21.62
C LEU S 47 51.05 43.70 -20.20
N LEU S 48 52.09 43.09 -19.64
CA LEU S 48 52.56 43.40 -18.30
C LEU S 48 54.08 43.30 -18.26
N ILE S 49 54.68 43.94 -17.26
CA ILE S 49 56.11 43.86 -17.03
C ILE S 49 56.37 44.02 -15.54
N SER S 50 57.40 43.35 -15.06
CA SER S 50 57.79 43.41 -13.65
C SER S 50 59.28 43.71 -13.53
N ASP S 51 59.64 44.39 -12.46
CA ASP S 51 61.04 44.75 -12.19
C ASP S 51 61.69 43.57 -11.50
N LYS S 52 62.04 42.57 -12.29
CA LYS S 52 62.75 41.41 -11.77
C LYS S 52 64.01 41.84 -11.05
N LYS S 53 64.12 41.43 -9.79
CA LYS S 53 65.30 41.71 -8.97
C LYS S 53 66.11 40.43 -8.83
N VAL S 54 67.40 40.53 -9.14
CA VAL S 54 68.29 39.38 -9.04
C VAL S 54 68.27 38.86 -7.61
N ARG S 55 68.38 37.55 -7.48
CA ARG S 55 68.44 36.88 -6.18
C ARG S 55 69.55 35.85 -6.21
N SER S 56 69.69 35.13 -5.10
CA SER S 56 70.70 34.09 -5.03
C SER S 56 70.44 33.03 -6.08
N ARG S 57 71.52 32.48 -6.62
CA ARG S 57 71.41 31.41 -7.61
C ARG S 57 70.73 30.18 -7.03
N LEU S 58 70.52 30.13 -5.71
CA LEU S 58 69.99 28.96 -5.04
C LEU S 58 68.48 28.83 -5.15
N ILE S 59 67.81 29.81 -5.74
CA ILE S 59 66.36 29.83 -5.80
C ILE S 59 65.92 29.44 -7.21
N GLU S 60 64.95 28.53 -7.29
CA GLU S 60 64.43 28.14 -8.60
C GLU S 60 63.77 29.33 -9.28
N GLN S 61 64.20 29.57 -10.52
CA GLN S 61 63.74 30.72 -11.29
C GLN S 61 62.33 30.56 -11.82
N ASN S 62 61.64 29.47 -11.48
CA ASN S 62 60.27 29.26 -11.89
C ASN S 62 59.26 29.58 -10.80
N SER S 63 59.71 30.17 -9.69
CA SER S 63 58.80 30.61 -8.64
C SER S 63 59.00 32.07 -8.27
N ILE S 64 60.10 32.68 -8.70
CA ILE S 64 60.37 34.08 -8.42
C ILE S 64 59.46 34.97 -9.26
N GLU S 65 58.93 34.40 -10.34
CA GLU S 65 58.11 35.16 -11.28
C GLU S 65 56.86 35.67 -10.57
N LYS S 66 56.68 36.99 -10.60
CA LYS S 66 55.49 37.58 -10.01
C LYS S 66 54.31 37.57 -10.97
N ILE S 67 54.57 37.41 -12.27
CA ILE S 67 53.50 37.32 -13.25
C ILE S 67 52.74 36.03 -13.01
N GLN S 68 51.49 36.15 -12.55
CA GLN S 68 50.67 35.01 -12.22
C GLN S 68 49.43 35.01 -13.11
N LEU S 69 49.04 33.82 -13.57
CA LEU S 69 47.87 33.66 -14.40
C LEU S 69 46.65 33.37 -13.53
N ILE S 70 45.52 33.98 -13.87
CA ILE S 70 44.26 33.64 -13.23
C ILE S 70 43.45 32.73 -14.14
N ASP S 71 43.56 32.94 -15.45
CA ASP S 71 43.04 32.02 -16.44
C ASP S 71 43.83 32.24 -17.72
N ASP S 72 43.62 31.35 -18.69
CA ASP S 72 44.35 31.44 -19.95
C ASP S 72 44.10 32.75 -20.68
N TYR S 73 43.18 33.59 -20.18
CA TYR S 73 42.90 34.88 -20.79
C TYR S 73 42.97 36.03 -19.79
N VAL S 74 43.43 35.78 -18.56
CA VAL S 74 43.58 36.81 -17.56
C VAL S 74 44.84 36.53 -16.75
N ALA S 75 45.54 37.59 -16.37
CA ALA S 75 46.74 37.48 -15.57
C ALA S 75 46.74 38.59 -14.52
N ALA S 76 47.84 38.67 -13.78
CA ALA S 76 47.97 39.70 -12.76
C ALA S 76 49.38 39.70 -12.20
N VAL S 77 49.70 40.78 -11.52
CA VAL S 77 50.96 40.93 -10.80
C VAL S 77 50.71 41.85 -9.62
N THR S 78 51.48 41.65 -8.55
CA THR S 78 51.17 42.26 -7.27
C THR S 78 52.42 42.86 -6.63
N SER S 79 52.19 43.77 -5.69
CA SER S 79 53.26 44.42 -4.94
C SER S 79 52.85 44.58 -3.50
N GLY S 80 53.78 44.30 -2.59
CA GLY S 80 53.53 44.47 -1.17
C GLY S 80 53.80 43.22 -0.36
N LEU S 81 53.08 43.06 0.75
CA LEU S 81 53.24 41.88 1.58
C LEU S 81 53.03 40.62 0.77
N VAL S 82 54.11 39.87 0.55
CA VAL S 82 54.04 38.70 -0.30
C VAL S 82 53.12 37.64 0.31
N ALA S 83 53.02 37.62 1.64
CA ALA S 83 52.18 36.62 2.29
C ALA S 83 50.72 36.82 1.93
N ASP S 84 50.28 38.08 1.81
CA ASP S 84 48.89 38.34 1.47
C ASP S 84 48.66 38.23 -0.02
N ALA S 85 49.62 38.67 -0.83
CA ALA S 85 49.49 38.55 -2.27
C ALA S 85 49.17 37.12 -2.68
N ARG S 86 49.91 36.16 -2.12
CA ARG S 86 49.67 34.76 -2.45
C ARG S 86 48.24 34.35 -2.17
N VAL S 87 47.55 35.10 -1.31
CA VAL S 87 46.20 34.71 -0.89
C VAL S 87 45.18 35.23 -1.87
N LEU S 88 45.23 36.53 -2.18
CA LEU S 88 44.25 37.11 -3.07
C LEU S 88 44.29 36.46 -4.44
N VAL S 89 45.48 36.20 -4.95
CA VAL S 89 45.61 35.53 -6.25
C VAL S 89 44.87 34.20 -6.21
N ASP S 90 44.97 33.48 -5.11
CA ASP S 90 44.19 32.26 -4.96
C ASP S 90 42.71 32.59 -4.84
N PHE S 91 42.39 33.69 -4.17
CA PHE S 91 41.00 34.13 -4.09
C PHE S 91 40.47 34.49 -5.48
N ALA S 92 41.32 35.12 -6.29
CA ALA S 92 40.92 35.46 -7.64
C ALA S 92 40.76 34.21 -8.50
N ARG S 93 41.70 33.27 -8.37
CA ARG S 93 41.62 32.05 -9.16
C ARG S 93 40.38 31.24 -8.80
N ILE S 94 39.76 31.56 -7.69
CA ILE S 94 38.56 30.84 -7.27
C ILE S 94 37.31 31.59 -7.71
N SER S 95 37.32 32.91 -7.57
CA SER S 95 36.20 33.71 -8.03
C SER S 95 35.98 33.54 -9.53
N ALA S 96 37.07 33.41 -10.28
CA ALA S 96 36.94 33.24 -11.73
C ALA S 96 36.20 31.96 -12.06
N GLN S 97 36.49 30.89 -11.34
CA GLN S 97 35.83 29.62 -11.60
C GLN S 97 34.37 29.66 -11.21
N GLN S 98 34.01 30.45 -10.20
CA GLN S 98 32.61 30.58 -9.83
C GLN S 98 31.78 31.13 -10.97
N GLU S 99 32.35 32.06 -11.73
CA GLU S 99 31.63 32.61 -12.88
C GLU S 99 31.46 31.56 -13.97
N LYS S 100 32.57 30.97 -14.41
CA LYS S 100 32.51 29.93 -15.41
C LYS S 100 31.48 28.87 -15.06
N VAL S 101 31.36 28.54 -13.78
CA VAL S 101 30.37 27.58 -13.35
C VAL S 101 28.98 28.19 -13.39
N THR S 102 28.88 29.47 -13.04
CA THR S 102 27.57 30.10 -12.96
C THR S 102 27.08 30.55 -14.32
N TYR S 103 27.97 31.07 -15.14
CA TYR S 103 27.60 31.63 -16.43
C TYR S 103 28.18 30.86 -17.61
N GLY S 104 28.95 29.83 -17.37
CA GLY S 104 29.48 29.01 -18.44
C GLY S 104 30.74 29.53 -19.09
N SER S 105 31.08 30.79 -18.82
CA SER S 105 32.24 31.42 -19.40
C SER S 105 32.51 32.74 -18.71
N LEU S 106 33.77 32.95 -18.33
CA LEU S 106 34.19 34.24 -17.79
C LEU S 106 33.90 35.29 -18.86
N VAL S 107 32.70 35.85 -18.79
CA VAL S 107 32.23 36.73 -19.85
C VAL S 107 32.82 38.12 -19.69
N ASN S 108 33.08 38.53 -18.46
CA ASN S 108 33.61 39.86 -18.20
C ASN S 108 34.66 39.79 -17.10
N ILE S 109 35.52 40.80 -17.05
CA ILE S 109 36.57 40.85 -16.05
C ILE S 109 36.14 41.65 -14.85
N GLU S 110 35.35 42.71 -15.06
CA GLU S 110 34.94 43.57 -13.97
C GLU S 110 34.08 42.81 -12.97
N ASN S 111 33.43 41.75 -13.45
CA ASN S 111 32.64 40.88 -12.56
C ASN S 111 33.61 40.14 -11.64
N LEU S 112 34.91 40.10 -11.98
CA LEU S 112 35.91 39.41 -11.16
C LEU S 112 36.61 40.39 -10.23
N VAL S 113 37.24 41.41 -10.80
CA VAL S 113 37.91 42.42 -10.00
C VAL S 113 37.01 42.93 -8.88
N LYS S 114 35.71 42.96 -9.14
CA LYS S 114 34.76 43.44 -8.14
C LYS S 114 34.67 42.50 -6.96
N ARG S 115 34.65 41.19 -7.22
CA ARG S 115 34.57 40.23 -6.13
C ARG S 115 35.76 40.35 -5.19
N VAL S 116 36.87 40.89 -5.70
CA VAL S 116 38.06 41.03 -4.87
C VAL S 116 37.97 42.27 -4.00
N ALA S 117 37.87 43.43 -4.62
CA ALA S 117 37.74 44.68 -3.88
C ALA S 117 36.70 44.55 -2.76
N ASP S 118 35.63 43.83 -3.01
CA ASP S 118 34.63 43.61 -1.98
C ASP S 118 35.22 42.82 -0.82
N GLN S 119 36.18 41.95 -1.10
CA GLN S 119 36.82 41.18 -0.03
C GLN S 119 37.82 42.03 0.72
N MET S 120 38.34 43.06 0.07
CA MET S 120 39.36 43.90 0.70
C MET S 120 38.72 45.02 1.50
N GLN S 121 37.75 45.72 0.91
CA GLN S 121 37.00 46.73 1.66
C GLN S 121 36.40 46.13 2.92
N GLN S 122 36.05 44.85 2.88
CA GLN S 122 35.48 44.18 4.05
C GLN S 122 36.41 44.30 5.24
N TYR S 123 37.71 44.19 5.01
CA TYR S 123 38.69 44.26 6.09
C TYR S 123 39.09 45.68 6.43
N THR S 124 38.28 46.66 6.05
CA THR S 124 38.57 48.06 6.33
C THR S 124 37.55 48.71 7.25
N GLN S 125 36.32 48.20 7.29
CA GLN S 125 35.27 48.79 8.11
C GLN S 125 34.95 48.00 9.36
N TYR S 126 35.62 46.88 9.58
CA TYR S 126 35.41 46.06 10.77
C TYR S 126 36.68 45.98 11.59
N GLY S 127 36.52 45.97 12.91
CA GLY S 127 37.64 45.90 13.80
C GLY S 127 38.07 44.48 14.10
N GLY S 128 39.30 44.36 14.59
CA GLY S 128 39.87 43.07 14.87
C GLY S 128 40.55 42.40 13.69
N VAL S 129 40.68 43.11 12.57
CA VAL S 129 41.32 42.59 11.37
C VAL S 129 42.02 43.74 10.66
N ARG S 130 43.21 43.46 10.14
CA ARG S 130 43.96 44.45 9.41
C ARG S 130 43.66 44.34 7.92
N PRO S 131 43.81 45.42 7.16
CA PRO S 131 43.62 45.35 5.72
C PRO S 131 44.67 44.47 5.06
N TYR S 132 44.62 44.45 3.73
CA TYR S 132 45.64 43.78 2.95
C TYR S 132 46.69 44.79 2.53
N GLY S 133 47.96 44.40 2.66
CA GLY S 133 49.05 45.30 2.31
C GLY S 133 49.54 45.11 0.89
N VAL S 134 48.66 45.24 -0.08
CA VAL S 134 49.02 45.00 -1.48
C VAL S 134 48.05 45.75 -2.39
N SER S 135 48.57 46.15 -3.54
CA SER S 135 47.77 46.53 -4.69
C SER S 135 48.16 45.62 -5.85
N LEU S 136 47.26 45.49 -6.82
CA LEU S 136 47.45 44.52 -7.88
C LEU S 136 47.21 45.16 -9.24
N ILE S 137 47.56 44.41 -10.27
CA ILE S 137 47.23 44.72 -11.65
C ILE S 137 46.51 43.51 -12.23
N PHE S 138 45.52 43.78 -13.06
CA PHE S 138 44.78 42.74 -13.76
C PHE S 138 44.77 43.07 -15.24
N ALA S 139 44.91 42.05 -16.07
CA ALA S 139 44.88 42.21 -17.52
C ALA S 139 44.30 40.96 -18.13
N GLY S 140 43.80 41.10 -19.36
CA GLY S 140 43.22 39.98 -20.05
C GLY S 140 42.25 40.45 -21.11
N ILE S 141 41.65 39.45 -21.78
CA ILE S 141 40.75 39.66 -22.88
C ILE S 141 39.37 39.19 -22.47
N ASP S 142 38.35 40.00 -22.78
CA ASP S 142 36.97 39.61 -22.59
C ASP S 142 36.17 39.86 -23.86
N GLN S 143 34.85 39.66 -23.77
CA GLN S 143 33.93 39.90 -24.90
C GLN S 143 34.19 41.31 -25.44
N ILE S 144 34.41 42.27 -24.57
CA ILE S 144 34.71 43.63 -24.97
C ILE S 144 36.03 43.70 -25.71
N GLY S 145 37.11 43.27 -25.06
CA GLY S 145 38.43 43.33 -25.64
C GLY S 145 39.49 43.45 -24.58
N PRO S 146 40.62 44.06 -24.93
CA PRO S 146 41.69 44.24 -23.96
C PRO S 146 41.25 45.11 -22.80
N ARG S 147 41.58 44.66 -21.59
CA ARG S 147 41.25 45.39 -20.38
C ARG S 147 42.50 45.55 -19.53
N LEU S 148 42.38 46.36 -18.49
CA LEU S 148 43.50 46.64 -17.60
C LEU S 148 42.98 47.42 -16.42
N PHE S 149 43.20 46.89 -15.22
CA PHE S 149 42.65 47.45 -13.99
C PHE S 149 43.72 47.56 -12.92
N ASP S 150 43.30 48.04 -11.76
CA ASP S 150 44.15 48.14 -10.59
C ASP S 150 43.25 48.22 -9.36
N CYS S 151 43.80 47.80 -8.22
CA CYS S 151 43.04 47.73 -6.99
C CYS S 151 43.93 48.12 -5.82
N ASP S 152 43.47 49.11 -5.04
CA ASP S 152 44.22 49.55 -3.85
C ASP S 152 43.70 48.74 -2.66
N PRO S 153 44.36 48.81 -1.49
CA PRO S 153 44.00 47.98 -0.32
C PRO S 153 42.57 48.14 0.14
N ALA S 154 41.90 49.24 -0.20
CA ALA S 154 40.54 49.47 0.27
C ALA S 154 39.47 49.01 -0.71
N GLY S 155 39.83 48.79 -1.97
CA GLY S 155 38.87 48.38 -2.98
C GLY S 155 38.66 49.38 -4.09
N THR S 156 39.41 50.48 -4.11
CA THR S 156 39.26 51.45 -5.17
C THR S 156 39.64 50.83 -6.50
N ILE S 157 38.69 50.85 -7.44
CA ILE S 157 38.88 50.29 -8.77
C ILE S 157 38.98 51.44 -9.77
N ASN S 158 39.78 51.24 -10.80
CA ASN S 158 39.94 52.21 -11.88
C ASN S 158 40.50 51.47 -13.08
N GLU S 159 39.94 51.74 -14.26
CA GLU S 159 40.38 51.12 -15.49
C GLU S 159 41.24 52.11 -16.27
N TYR S 160 42.40 51.64 -16.71
CA TYR S 160 43.41 52.50 -17.31
C TYR S 160 43.78 52.02 -18.69
N LYS S 161 44.39 52.92 -19.47
CA LYS S 161 45.09 52.52 -20.68
C LYS S 161 46.52 52.10 -20.36
N ALA S 162 47.01 52.49 -19.18
CA ALA S 162 48.34 52.10 -18.72
C ALA S 162 48.45 52.48 -17.26
N THR S 163 49.38 51.83 -16.57
CA THR S 163 49.51 52.00 -15.13
C THR S 163 50.79 51.33 -14.67
N ALA S 164 51.25 51.74 -13.49
CA ALA S 164 52.43 51.17 -12.87
C ALA S 164 52.12 50.85 -11.42
N ILE S 165 53.08 50.21 -10.77
CA ILE S 165 52.91 49.73 -9.40
C ILE S 165 54.29 49.46 -8.81
N GLY S 166 54.40 49.64 -7.51
CA GLY S 166 55.63 49.38 -6.80
C GLY S 166 56.24 50.62 -6.18
N SER S 167 57.55 50.73 -6.34
CA SER S 167 58.27 51.87 -5.76
C SER S 167 58.44 52.98 -6.79
N GLY S 168 58.79 52.62 -8.02
CA GLY S 168 58.98 53.60 -9.07
C GLY S 168 57.69 53.97 -9.76
N LYS S 169 56.58 53.84 -9.03
CA LYS S 169 55.27 54.08 -9.63
C LYS S 169 55.16 55.49 -10.18
N ASP S 170 55.26 56.50 -9.31
CA ASP S 170 55.09 57.88 -9.76
C ASP S 170 56.09 58.23 -10.86
N ALA S 171 57.32 57.72 -10.75
CA ALA S 171 58.33 58.00 -11.76
C ALA S 171 57.90 57.49 -13.12
N VAL S 172 57.16 56.38 -13.15
CA VAL S 172 56.78 55.78 -14.42
C VAL S 172 55.62 56.55 -15.04
N VAL S 173 54.52 56.68 -14.31
CA VAL S 173 53.35 57.40 -14.81
C VAL S 173 53.76 58.74 -15.36
N SER S 174 54.73 59.40 -14.72
CA SER S 174 55.25 60.64 -15.26
C SER S 174 55.78 60.43 -16.66
N PHE S 175 56.85 59.64 -16.81
CA PHE S 175 57.37 59.31 -18.12
C PHE S 175 56.26 58.85 -19.05
N LEU S 176 55.46 57.87 -18.60
CA LEU S 176 54.48 57.24 -19.45
C LEU S 176 53.34 58.18 -19.84
N GLU S 177 52.96 59.10 -18.96
CA GLU S 177 51.91 60.06 -19.30
C GLU S 177 52.31 60.97 -20.45
N ARG S 178 53.60 61.04 -20.76
CA ARG S 178 54.10 61.90 -21.82
C ARG S 178 54.29 61.18 -23.15
N GLU S 179 54.81 59.95 -23.12
CA GLU S 179 55.24 59.27 -24.34
C GLU S 179 54.32 58.11 -24.73
N TYR S 180 53.21 57.91 -24.02
CA TYR S 180 52.34 56.79 -24.34
C TYR S 180 51.54 57.07 -25.61
N LYS S 181 51.32 56.01 -26.39
CA LYS S 181 50.54 56.10 -27.62
C LYS S 181 49.64 54.88 -27.71
N GLU S 182 48.47 55.08 -28.31
CA GLU S 182 47.46 54.05 -28.41
C GLU S 182 47.59 53.25 -29.71
N ASN S 183 47.03 52.05 -29.68
CA ASN S 183 46.96 51.19 -30.87
C ASN S 183 48.33 51.03 -31.50
N LEU S 184 49.30 50.66 -30.70
CA LEU S 184 50.64 50.43 -31.19
C LEU S 184 50.87 48.96 -31.46
N PRO S 185 51.91 48.62 -32.21
CA PRO S 185 52.29 47.22 -32.35
C PRO S 185 52.79 46.66 -31.03
N GLU S 186 53.07 45.35 -31.05
CA GLU S 186 53.49 44.69 -29.82
C GLU S 186 54.86 45.18 -29.37
N LYS S 187 55.91 44.79 -30.10
CA LYS S 187 57.26 45.14 -29.67
C LYS S 187 57.48 46.64 -29.60
N GLU S 188 56.82 47.40 -30.48
CA GLU S 188 56.92 48.85 -30.42
C GLU S 188 56.50 49.39 -29.06
N ALA S 189 55.54 48.73 -28.41
CA ALA S 189 55.10 49.14 -27.09
C ALA S 189 55.99 48.62 -25.99
N VAL S 190 56.57 47.43 -26.17
CA VAL S 190 57.47 46.88 -25.15
C VAL S 190 58.67 47.78 -24.95
N THR S 191 59.37 48.09 -26.05
CA THR S 191 60.53 48.97 -25.96
C THR S 191 60.17 50.28 -25.28
N LEU S 192 58.92 50.73 -25.44
CA LEU S 192 58.46 51.91 -24.72
C LEU S 192 58.35 51.61 -23.24
N GLY S 193 57.85 50.44 -22.88
CA GLY S 193 57.63 50.13 -21.48
C GLY S 193 58.93 50.00 -20.71
N ILE S 194 59.85 49.15 -21.19
CA ILE S 194 61.14 49.00 -20.54
C ILE S 194 61.79 50.35 -20.34
N LYS S 195 61.50 51.30 -21.22
CA LYS S 195 62.09 52.62 -21.11
C LYS S 195 61.55 53.37 -19.90
N ALA S 196 60.21 53.49 -19.81
CA ALA S 196 59.61 54.12 -18.64
C ALA S 196 60.06 53.42 -17.36
N LEU S 197 60.23 52.10 -17.41
CA LEU S 197 60.84 51.39 -16.28
C LEU S 197 62.27 51.84 -16.08
N LYS S 198 63.07 51.81 -17.15
CA LYS S 198 64.43 52.30 -17.08
C LYS S 198 64.50 53.69 -16.47
N SER S 199 63.46 54.51 -16.68
CA SER S 199 63.45 55.85 -16.12
C SER S 199 63.43 55.83 -14.60
N SER S 200 62.43 55.20 -14.01
CA SER S 200 62.31 55.18 -12.55
C SER S 200 63.50 54.50 -11.89
N LEU S 201 64.28 53.73 -12.64
CA LEU S 201 65.40 53.02 -12.05
C LEU S 201 66.46 54.00 -11.59
N GLU S 202 67.10 53.67 -10.46
CA GLU S 202 68.24 54.42 -10.00
C GLU S 202 69.42 54.21 -10.94
N GLU S 203 70.26 55.23 -11.06
CA GLU S 203 71.37 55.16 -12.00
C GLU S 203 72.29 53.98 -11.68
N GLY S 204 72.45 53.67 -10.40
CA GLY S 204 73.37 52.61 -10.02
C GLY S 204 72.92 51.24 -10.48
N GLU S 205 71.64 51.09 -10.79
CA GLU S 205 71.07 49.80 -11.17
C GLU S 205 70.72 49.79 -12.66
N GLU S 206 70.48 48.60 -13.18
CA GLU S 206 70.06 48.41 -14.56
C GLU S 206 68.87 47.45 -14.57
N LEU S 207 68.65 46.80 -15.71
CA LEU S 207 67.53 45.88 -15.87
C LEU S 207 68.06 44.45 -15.89
N LYS S 208 67.39 43.56 -15.15
CA LYS S 208 67.90 42.22 -14.90
C LYS S 208 66.86 41.18 -15.31
N ALA S 209 66.77 40.98 -16.62
CA ALA S 209 65.87 39.97 -17.18
C ALA S 209 64.48 40.12 -16.60
N PRO S 210 63.81 41.25 -16.85
CA PRO S 210 62.48 41.45 -16.30
C PRO S 210 61.48 40.46 -16.87
N GLU S 211 60.34 40.34 -16.17
CA GLU S 211 59.25 39.50 -16.63
C GLU S 211 58.37 40.28 -17.59
N ILE S 212 57.91 39.60 -18.64
CA ILE S 212 56.95 40.17 -19.56
C ILE S 212 55.92 39.11 -19.90
N ALA S 213 54.69 39.55 -20.21
CA ALA S 213 53.61 38.65 -20.55
C ALA S 213 52.57 39.44 -21.32
N SER S 214 52.39 39.09 -22.59
CA SER S 214 51.46 39.78 -23.45
C SER S 214 50.35 38.83 -23.87
N ILE S 215 49.44 39.36 -24.69
CA ILE S 215 48.32 38.58 -25.20
C ILE S 215 47.68 39.37 -26.33
N THR S 216 46.94 38.67 -27.17
CA THR S 216 46.27 39.28 -28.31
C THR S 216 44.95 38.55 -28.53
N VAL S 217 44.02 39.28 -29.15
CA VAL S 217 42.67 38.74 -29.35
C VAL S 217 42.75 37.40 -30.06
N GLY S 218 41.77 36.55 -29.79
CA GLY S 218 41.72 35.23 -30.37
C GLY S 218 42.85 34.31 -29.97
N ASN S 219 43.68 34.72 -29.03
CA ASN S 219 44.83 33.94 -28.61
C ASN S 219 44.82 33.77 -27.09
N LYS S 220 45.93 33.28 -26.57
CA LYS S 220 46.14 33.13 -25.14
C LYS S 220 47.41 33.87 -24.74
N TYR S 221 47.68 33.87 -23.45
CA TYR S 221 48.85 34.57 -22.94
C TYR S 221 50.13 33.90 -23.41
N ARG S 222 51.21 34.67 -23.42
CA ARG S 222 52.51 34.20 -23.88
C ARG S 222 53.58 34.75 -22.96
N ILE S 223 54.21 33.87 -22.18
CA ILE S 223 55.33 34.23 -21.33
C ILE S 223 56.58 33.88 -22.12
N TYR S 224 57.11 34.86 -22.84
CA TYR S 224 58.29 34.59 -23.64
C TYR S 224 59.54 34.70 -22.77
N ASP S 225 60.55 33.90 -23.13
CA ASP S 225 61.66 33.65 -22.24
C ASP S 225 62.64 34.82 -22.22
N GLN S 226 63.49 34.82 -21.19
CA GLN S 226 64.51 35.85 -21.05
C GLN S 226 65.32 36.05 -22.32
N GLU S 227 65.47 35.00 -23.14
CA GLU S 227 66.21 35.14 -24.38
C GLU S 227 65.67 36.31 -25.20
N GLU S 228 64.39 36.27 -25.53
CA GLU S 228 63.77 37.36 -26.26
C GLU S 228 63.73 38.66 -25.46
N VAL S 229 63.87 38.58 -24.13
CA VAL S 229 63.82 39.77 -23.30
C VAL S 229 65.04 40.66 -23.57
N LYS S 230 66.19 40.04 -23.81
CA LYS S 230 67.40 40.82 -24.10
C LYS S 230 67.17 41.78 -25.24
N LYS S 231 66.30 41.41 -26.16
CA LYS S 231 66.08 42.17 -27.38
C LYS S 231 65.11 43.34 -27.12
N GLN T 5 37.04 67.49 21.95
CA GLN T 5 37.13 66.69 23.16
C GLN T 5 37.97 65.44 22.90
N MET T 6 39.26 65.53 23.22
CA MET T 6 40.17 64.41 23.01
C MET T 6 39.73 63.16 23.77
N ALA T 7 38.87 63.31 24.77
CA ALA T 7 38.40 62.19 25.57
C ALA T 7 37.15 61.52 25.01
N TYR T 8 36.45 62.17 24.08
CA TYR T 8 35.19 61.67 23.57
C TYR T 8 35.16 61.60 22.04
N ASP T 9 36.34 61.53 21.41
CA ASP T 9 36.44 61.49 19.92
C ASP T 9 37.21 60.23 19.52
N ARG T 10 36.91 59.08 20.15
CA ARG T 10 37.58 57.83 19.84
C ARG T 10 36.62 56.75 19.35
N ALA T 11 35.39 56.76 19.83
CA ALA T 11 34.42 55.73 19.51
C ALA T 11 33.11 56.36 19.06
N ILE T 12 32.42 55.68 18.15
CA ILE T 12 31.14 56.18 17.65
C ILE T 12 30.06 56.08 18.72
N THR T 13 30.17 55.09 19.61
CA THR T 13 29.12 54.78 20.57
C THR T 13 29.29 55.51 21.88
N VAL T 14 29.79 56.74 21.86
CA VAL T 14 30.01 57.53 23.06
C VAL T 14 29.51 58.94 22.82
N PHE T 15 28.58 59.39 23.66
CA PHE T 15 28.10 60.76 23.63
C PHE T 15 29.04 61.65 24.44
N SER T 16 29.22 62.88 23.99
CA SER T 16 29.94 63.85 24.77
C SER T 16 29.03 64.47 25.83
N PRO T 17 29.61 65.05 26.89
CA PRO T 17 28.77 65.69 27.91
C PRO T 17 27.79 66.70 27.35
N ASP T 18 28.06 67.26 26.16
CA ASP T 18 27.14 68.16 25.50
C ASP T 18 26.16 67.43 24.58
N GLY T 19 26.23 66.11 24.54
CA GLY T 19 25.35 65.34 23.68
C GLY T 19 25.71 65.41 22.21
N ARG T 20 26.85 64.85 21.84
CA ARG T 20 27.32 64.88 20.47
C ARG T 20 28.00 63.57 20.11
N LEU T 21 28.33 63.43 18.83
CA LEU T 21 29.02 62.26 18.30
C LEU T 21 30.13 62.76 17.39
N PHE T 22 31.31 62.98 17.98
CA PHE T 22 32.42 63.54 17.21
C PHE T 22 32.82 62.60 16.08
N GLN T 23 32.84 61.29 16.36
CA GLN T 23 33.16 60.34 15.30
C GLN T 23 32.14 60.42 14.17
N TYR T 24 30.97 60.98 14.45
CA TYR T 24 29.97 61.19 13.41
C TYR T 24 30.20 62.52 12.71
N GLU T 25 30.55 63.56 13.47
CA GLU T 25 30.86 64.85 12.85
C GLU T 25 32.14 64.77 12.04
N TYR T 26 33.01 63.82 12.37
CA TYR T 26 34.25 63.67 11.63
C TYR T 26 33.99 63.07 10.25
N ALA T 27 33.17 62.02 10.20
CA ALA T 27 32.85 61.40 8.92
C ALA T 27 32.30 62.42 7.93
N ARG T 28 31.63 63.46 8.42
CA ARG T 28 31.15 64.52 7.56
C ARG T 28 32.27 65.39 7.04
N GLU T 29 33.48 65.23 7.58
CA GLU T 29 34.61 66.00 7.08
C GLU T 29 35.28 65.30 5.91
N ALA T 30 35.13 63.98 5.83
CA ALA T 30 35.70 63.25 4.70
C ALA T 30 34.86 63.44 3.45
N VAL T 31 33.61 63.86 3.59
CA VAL T 31 32.75 64.08 2.44
C VAL T 31 33.16 65.37 1.74
N LYS T 32 33.41 66.43 2.50
CA LYS T 32 33.79 67.72 1.93
C LYS T 32 35.08 67.65 1.13
N LYS T 33 35.80 66.55 1.20
CA LYS T 33 37.00 66.37 0.38
C LYS T 33 36.68 65.93 -1.04
N GLY T 34 35.47 65.41 -1.28
CA GLY T 34 35.11 64.91 -2.58
C GLY T 34 34.69 66.00 -3.54
N SER T 35 34.58 65.61 -4.80
CA SER T 35 34.19 66.54 -5.86
C SER T 35 32.81 67.10 -5.57
N THR T 36 32.43 68.11 -6.35
CA THR T 36 31.18 68.82 -6.17
C THR T 36 30.14 68.31 -7.16
N ALA T 37 28.87 68.36 -6.76
CA ALA T 37 27.77 67.95 -7.61
C ALA T 37 26.47 68.48 -7.02
N LEU T 38 25.40 68.40 -7.83
CA LEU T 38 24.11 68.92 -7.41
C LEU T 38 23.00 68.26 -8.21
N GLY T 39 21.79 68.71 -7.95
CA GLY T 39 20.62 68.18 -8.63
C GLY T 39 19.47 69.17 -8.53
N MET T 40 18.69 69.25 -9.60
CA MET T 40 17.63 70.23 -9.70
C MET T 40 16.42 69.62 -10.39
N LYS T 41 15.23 69.94 -9.88
CA LYS T 41 13.99 69.57 -10.52
C LYS T 41 13.57 70.67 -11.49
N PHE T 42 12.53 70.39 -12.26
CA PHE T 42 12.02 71.35 -13.22
C PHE T 42 10.71 70.79 -13.79
N ALA T 43 10.33 71.27 -14.96
CA ALA T 43 9.06 70.90 -15.57
C ALA T 43 9.08 69.43 -15.98
N ASN T 44 8.43 68.59 -15.20
CA ASN T 44 8.23 67.19 -15.57
C ASN T 44 9.54 66.44 -15.68
N GLY T 45 10.52 66.83 -14.88
CA GLY T 45 11.81 66.17 -14.94
C GLY T 45 12.70 66.55 -13.79
N VAL T 46 13.94 66.06 -13.87
CA VAL T 46 14.95 66.31 -12.87
C VAL T 46 16.29 65.89 -13.49
N LEU T 47 17.38 66.40 -12.92
CA LEU T 47 18.69 66.19 -13.50
C LEU T 47 19.76 66.16 -12.41
N LEU T 48 21.00 65.94 -12.86
CA LEU T 48 22.16 65.93 -11.99
C LEU T 48 23.35 66.51 -12.73
N ILE T 49 24.35 66.94 -11.97
CA ILE T 49 25.60 67.46 -12.51
C ILE T 49 26.71 67.14 -11.53
N SER T 50 27.91 66.91 -12.06
CA SER T 50 29.08 66.62 -11.25
C SER T 50 30.24 67.49 -11.69
N ASP T 51 31.11 67.82 -10.73
CA ASP T 51 32.28 68.64 -11.00
C ASP T 51 33.40 67.74 -11.50
N LYS T 52 33.29 67.37 -12.78
CA LYS T 52 34.32 66.57 -13.42
C LYS T 52 35.68 67.23 -13.27
N LYS T 53 36.63 66.49 -12.69
CA LYS T 53 38.00 66.96 -12.52
C LYS T 53 38.89 66.24 -13.53
N VAL T 54 39.66 67.03 -14.29
CA VAL T 54 40.55 66.46 -15.28
C VAL T 54 41.52 65.51 -14.60
N ARG T 55 41.87 64.44 -15.30
CA ARG T 55 42.83 63.46 -14.84
C ARG T 55 43.80 63.14 -15.96
N SER T 56 44.72 62.23 -15.68
CA SER T 56 45.68 61.81 -16.69
C SER T 56 44.96 61.22 -17.89
N ARG T 57 45.51 61.46 -19.08
CA ARG T 57 44.94 60.90 -20.29
C ARG T 57 44.98 59.38 -20.30
N LEU T 58 45.67 58.78 -19.33
CA LEU T 58 45.85 57.34 -19.31
C LEU T 58 44.66 56.58 -18.74
N ILE T 59 43.63 57.28 -18.28
CA ILE T 59 42.49 56.66 -17.64
C ILE T 59 41.32 56.66 -18.61
N GLU T 60 40.65 55.52 -18.73
CA GLU T 60 39.48 55.43 -19.59
C GLU T 60 38.38 56.35 -19.09
N GLN T 61 37.87 57.19 -19.98
CA GLN T 61 36.89 58.20 -19.65
C GLN T 61 35.49 57.61 -19.43
N ASN T 62 35.35 56.30 -19.51
CA ASN T 62 34.07 55.64 -19.28
C ASN T 62 33.95 55.04 -17.89
N SER T 63 34.91 55.30 -17.00
CA SER T 63 34.83 54.87 -15.61
C SER T 63 35.02 56.01 -14.63
N ILE T 64 35.49 57.17 -15.08
CA ILE T 64 35.68 58.32 -14.21
C ILE T 64 34.33 58.92 -13.86
N GLU T 65 33.32 58.63 -14.67
CA GLU T 65 31.99 59.20 -14.50
C GLU T 65 31.43 58.79 -13.14
N LYS T 66 31.08 59.78 -12.33
CA LYS T 66 30.47 59.49 -11.04
C LYS T 66 28.98 59.31 -11.15
N ILE T 67 28.36 59.77 -12.24
CA ILE T 67 26.94 59.57 -12.47
C ILE T 67 26.70 58.08 -12.69
N GLN T 68 26.03 57.45 -11.74
CA GLN T 68 25.76 56.01 -11.77
C GLN T 68 24.26 55.78 -11.81
N LEU T 69 23.85 54.80 -12.61
CA LEU T 69 22.44 54.45 -12.73
C LEU T 69 22.12 53.34 -11.74
N ILE T 70 20.95 53.45 -11.10
CA ILE T 70 20.46 52.35 -10.28
C ILE T 70 19.39 51.58 -11.02
N ASP T 71 18.62 52.28 -11.86
CA ASP T 71 17.72 51.67 -12.81
C ASP T 71 17.47 52.67 -13.91
N ASP T 72 16.82 52.22 -14.98
CA ASP T 72 16.56 53.08 -16.12
C ASP T 72 15.73 54.30 -15.76
N TYR T 73 15.22 54.37 -14.52
CA TYR T 73 14.45 55.51 -14.06
C TYR T 73 14.97 56.09 -12.77
N VAL T 74 16.13 55.65 -12.29
CA VAL T 74 16.75 56.19 -11.09
C VAL T 74 18.25 56.25 -11.29
N ALA T 75 18.88 57.28 -10.75
CA ALA T 75 20.31 57.46 -10.82
C ALA T 75 20.82 57.97 -9.48
N ALA T 76 22.12 58.27 -9.43
CA ALA T 76 22.71 58.78 -8.22
C ALA T 76 24.14 59.21 -8.49
N VAL T 77 24.67 60.00 -7.56
CA VAL T 77 26.06 60.43 -7.57
C VAL T 77 26.50 60.62 -6.13
N THR T 78 27.78 60.43 -5.87
CA THR T 78 28.28 60.30 -4.51
C THR T 78 29.55 61.12 -4.32
N SER T 79 29.85 61.41 -3.06
CA SER T 79 31.04 62.16 -2.68
C SER T 79 31.62 61.56 -1.41
N GLY T 80 32.95 61.43 -1.39
CA GLY T 80 33.64 60.94 -0.21
C GLY T 80 34.54 59.75 -0.50
N LEU T 81 34.71 58.89 0.50
CA LEU T 81 35.54 57.69 0.32
C LEU T 81 35.03 56.87 -0.85
N VAL T 82 35.81 56.84 -1.93
CA VAL T 82 35.39 56.17 -3.15
C VAL T 82 35.23 54.68 -2.91
N ALA T 83 35.99 54.12 -1.98
CA ALA T 83 35.92 52.70 -1.71
C ALA T 83 34.56 52.32 -1.16
N ASP T 84 33.97 53.17 -0.32
CA ASP T 84 32.67 52.88 0.24
C ASP T 84 31.55 53.22 -0.73
N ALA T 85 31.71 54.32 -1.47
CA ALA T 85 30.70 54.69 -2.46
C ALA T 85 30.41 53.54 -3.40
N ARG T 86 31.46 52.89 -3.91
CA ARG T 86 31.26 51.78 -4.83
C ARG T 86 30.42 50.68 -4.20
N VAL T 87 30.32 50.66 -2.87
CA VAL T 87 29.64 49.58 -2.19
C VAL T 87 28.15 49.88 -2.08
N LEU T 88 27.81 51.07 -1.58
CA LEU T 88 26.41 51.43 -1.40
C LEU T 88 25.67 51.42 -2.71
N VAL T 89 26.28 51.95 -3.76
CA VAL T 89 25.66 51.93 -5.08
C VAL T 89 25.31 50.51 -5.48
N ASP T 90 26.19 49.56 -5.18
CA ASP T 90 25.85 48.16 -5.41
C ASP T 90 24.77 47.70 -4.46
N PHE T 91 24.78 48.21 -3.23
CA PHE T 91 23.72 47.89 -2.29
C PHE T 91 22.40 48.46 -2.77
N ALA T 92 22.42 49.66 -3.36
CA ALA T 92 21.21 50.25 -3.90
C ALA T 92 20.73 49.47 -5.11
N ARG T 93 21.65 49.09 -5.99
CA ARG T 93 21.27 48.36 -7.19
C ARG T 93 20.67 47.01 -6.84
N ILE T 94 20.86 46.57 -5.60
CA ILE T 94 20.31 45.28 -5.18
C ILE T 94 18.98 45.48 -4.48
N SER T 95 18.89 46.51 -3.64
CA SER T 95 17.63 46.81 -2.97
C SER T 95 16.54 47.12 -3.98
N ALA T 96 16.90 47.79 -5.07
CA ALA T 96 15.91 48.12 -6.09
C ALA T 96 15.32 46.88 -6.71
N GLN T 97 16.16 45.87 -6.97
CA GLN T 97 15.65 44.65 -7.56
C GLN T 97 14.79 43.86 -6.59
N GLN T 98 15.06 43.96 -5.29
CA GLN T 98 14.21 43.28 -4.32
C GLN T 98 12.78 43.78 -4.39
N GLU T 99 12.59 45.07 -4.63
CA GLU T 99 11.24 45.60 -4.78
C GLU T 99 10.57 45.09 -6.04
N LYS T 100 11.22 45.26 -7.18
CA LYS T 100 10.68 44.77 -8.43
C LYS T 100 10.26 43.31 -8.31
N VAL T 101 11.04 42.52 -7.58
CA VAL T 101 10.69 41.13 -7.38
C VAL T 101 9.53 40.99 -6.41
N THR T 102 9.49 41.86 -5.40
CA THR T 102 8.47 41.73 -4.38
C THR T 102 7.16 42.38 -4.82
N TYR T 103 7.24 43.52 -5.49
CA TYR T 103 6.06 44.28 -5.88
C TYR T 103 5.85 44.35 -7.38
N GLY T 104 6.74 43.77 -8.16
CA GLY T 104 6.59 43.75 -9.60
C GLY T 104 7.05 44.99 -10.32
N SER T 105 7.30 46.06 -9.57
CA SER T 105 7.72 47.31 -10.16
C SER T 105 8.18 48.26 -9.06
N LEU T 106 9.34 48.86 -9.27
CA LEU T 106 9.83 49.90 -8.36
C LEU T 106 8.79 51.01 -8.36
N VAL T 107 7.85 50.89 -7.43
CA VAL T 107 6.69 51.78 -7.43
C VAL T 107 7.04 53.12 -6.81
N ASN T 108 7.96 53.12 -5.85
CA ASN T 108 8.35 54.34 -5.17
C ASN T 108 9.85 54.35 -4.95
N ILE T 109 10.39 55.54 -4.73
CA ILE T 109 11.82 55.70 -4.52
C ILE T 109 12.14 55.72 -3.03
N GLU T 110 11.25 56.29 -2.22
CA GLU T 110 11.52 56.39 -0.79
C GLU T 110 11.61 55.03 -0.15
N ASN T 111 10.96 54.04 -0.78
CA ASN T 111 11.05 52.65 -0.32
C ASN T 111 12.48 52.15 -0.55
N LEU T 112 13.26 52.84 -1.42
CA LEU T 112 14.62 52.44 -1.70
C LEU T 112 15.61 53.21 -0.84
N VAL T 113 15.58 54.54 -0.94
CA VAL T 113 16.46 55.36 -0.13
C VAL T 113 16.42 54.95 1.33
N LYS T 114 15.26 54.47 1.77
CA LYS T 114 15.10 54.06 3.16
C LYS T 114 15.93 52.83 3.48
N ARG T 115 15.93 51.85 2.56
CA ARG T 115 16.69 50.64 2.79
C ARG T 115 18.17 50.94 2.94
N VAL T 116 18.62 52.07 2.40
CA VAL T 116 20.03 52.42 2.47
C VAL T 116 20.34 53.06 3.83
N ALA T 117 19.69 54.19 4.12
CA ALA T 117 19.90 54.86 5.39
C ALA T 117 19.85 53.89 6.55
N ASP T 118 18.96 52.90 6.47
CA ASP T 118 18.90 51.87 7.50
C ASP T 118 20.19 51.08 7.58
N GLN T 119 20.87 50.92 6.43
CA GLN T 119 22.14 50.19 6.43
C GLN T 119 23.25 51.07 6.97
N MET T 120 23.10 52.39 6.86
CA MET T 120 24.16 53.29 7.30
C MET T 120 24.02 53.62 8.78
N GLN T 121 22.81 53.94 9.23
CA GLN T 121 22.58 54.15 10.65
C GLN T 121 23.00 52.93 11.44
N GLN T 122 22.89 51.75 10.86
CA GLN T 122 23.29 50.52 11.54
C GLN T 122 24.75 50.60 11.98
N TYR T 123 25.61 51.19 11.15
CA TYR T 123 27.02 51.29 11.47
C TYR T 123 27.34 52.51 12.32
N THR T 124 26.35 53.07 13.00
CA THR T 124 26.55 54.23 13.86
C THR T 124 26.27 53.96 15.33
N GLN T 125 25.44 52.97 15.63
CA GLN T 125 25.07 52.66 17.00
C GLN T 125 25.73 51.42 17.56
N TYR T 126 26.54 50.74 16.76
CA TYR T 126 27.25 49.54 17.20
C TYR T 126 28.75 49.75 17.12
N GLY T 127 29.47 49.19 18.08
CA GLY T 127 30.90 49.32 18.13
C GLY T 127 31.61 48.25 17.32
N GLY T 128 32.88 48.53 17.02
CA GLY T 128 33.67 47.64 16.20
C GLY T 128 33.52 47.86 14.71
N VAL T 129 32.82 48.90 14.29
CA VAL T 129 32.61 49.22 12.89
C VAL T 129 32.52 50.72 12.73
N ARG T 130 33.14 51.23 11.67
CA ARG T 130 33.10 52.65 11.39
C ARG T 130 31.95 52.96 10.45
N PRO T 131 31.43 54.19 10.50
CA PRO T 131 30.37 54.57 9.56
C PRO T 131 30.87 54.59 8.13
N TYR T 132 29.99 55.03 7.24
CA TYR T 132 30.37 55.25 5.85
C TYR T 132 30.76 56.71 5.65
N GLY T 133 31.85 56.93 4.93
CA GLY T 133 32.33 58.27 4.71
C GLY T 133 31.83 58.86 3.40
N VAL T 134 30.52 58.93 3.22
CA VAL T 134 29.94 59.41 1.98
C VAL T 134 28.53 59.91 2.22
N SER T 135 28.13 60.89 1.44
CA SER T 135 26.74 61.26 1.24
C SER T 135 26.43 61.12 -0.24
N LEU T 136 25.15 60.96 -0.56
CA LEU T 136 24.75 60.66 -1.92
C LEU T 136 23.61 61.56 -2.36
N ILE T 137 23.34 61.49 -3.66
CA ILE T 137 22.16 62.10 -4.26
C ILE T 137 21.42 61.01 -5.01
N PHE T 138 20.08 61.07 -4.96
CA PHE T 138 19.24 60.15 -5.69
C PHE T 138 18.23 60.95 -6.50
N ALA T 139 17.96 60.50 -7.71
CA ALA T 139 17.00 61.15 -8.58
C ALA T 139 16.33 60.10 -9.45
N GLY T 140 15.17 60.43 -9.96
CA GLY T 140 14.44 59.52 -10.80
C GLY T 140 12.96 59.83 -10.82
N ILE T 141 12.23 59.01 -11.55
CA ILE T 141 10.81 59.17 -11.76
C ILE T 141 10.08 58.00 -11.12
N ASP T 142 9.00 58.31 -10.40
CA ASP T 142 8.13 57.28 -9.85
C ASP T 142 6.69 57.58 -10.19
N GLN T 143 5.77 56.79 -9.64
CA GLN T 143 4.30 56.98 -9.84
C GLN T 143 3.97 58.43 -9.53
N ILE T 144 4.57 59.00 -8.48
CA ILE T 144 4.34 60.38 -8.11
C ILE T 144 4.86 61.31 -9.20
N GLY T 145 6.15 61.22 -9.50
CA GLY T 145 6.78 62.08 -10.47
C GLY T 145 8.25 62.29 -10.17
N PRO T 146 8.79 63.42 -10.59
CA PRO T 146 10.20 63.70 -10.32
C PRO T 146 10.48 63.78 -8.83
N ARG T 147 11.56 63.12 -8.42
CA ARG T 147 11.98 63.10 -7.03
C ARG T 147 13.44 63.51 -6.95
N LEU T 148 13.89 63.72 -5.72
CA LEU T 148 15.27 64.14 -5.48
C LEU T 148 15.52 64.09 -3.98
N PHE T 149 16.53 63.32 -3.57
CA PHE T 149 16.80 63.06 -2.17
C PHE T 149 18.28 63.25 -1.88
N ASP T 150 18.64 63.03 -0.62
CA ASP T 150 20.01 63.07 -0.16
C ASP T 150 20.11 62.27 1.12
N CYS T 151 21.31 61.76 1.41
CA CYS T 151 21.52 60.91 2.56
C CYS T 151 22.88 61.20 3.16
N ASP T 152 22.89 61.51 4.46
CA ASP T 152 24.16 61.77 5.18
C ASP T 152 24.63 60.44 5.77
N PRO T 153 25.86 60.36 6.30
CA PRO T 153 26.45 59.11 6.78
C PRO T 153 25.63 58.41 7.85
N ALA T 154 24.75 59.11 8.56
CA ALA T 154 23.99 58.52 9.64
C ALA T 154 22.62 58.00 9.20
N GLY T 155 22.13 58.45 8.06
CA GLY T 155 20.82 58.06 7.58
C GLY T 155 19.81 59.17 7.50
N THR T 156 20.21 60.40 7.77
CA THR T 156 19.28 61.52 7.67
C THR T 156 18.80 61.69 6.23
N ILE T 157 17.49 61.61 6.05
CA ILE T 157 16.86 61.74 4.74
C ILE T 157 16.14 63.07 4.67
N ASN T 158 16.13 63.66 3.48
CA ASN T 158 15.43 64.91 3.23
C ASN T 158 15.19 65.02 1.73
N GLU T 159 13.98 65.40 1.36
CA GLU T 159 13.61 65.55 -0.05
C GLU T 159 13.63 67.03 -0.41
N TYR T 160 14.30 67.36 -1.51
CA TYR T 160 14.57 68.73 -1.89
C TYR T 160 14.03 69.02 -3.29
N LYS T 161 13.87 70.30 -3.58
CA LYS T 161 13.70 70.74 -4.96
C LYS T 161 15.04 70.96 -5.63
N ALA T 162 16.11 71.06 -4.85
CA ALA T 162 17.46 71.18 -5.36
C ALA T 162 18.43 71.00 -4.21
N THR T 163 19.67 70.65 -4.55
CA THR T 163 20.66 70.32 -3.53
C THR T 163 22.02 70.20 -4.18
N ALA T 164 23.06 70.30 -3.36
CA ALA T 164 24.42 70.16 -3.82
C ALA T 164 25.15 69.22 -2.88
N ILE T 165 26.38 68.90 -3.24
CA ILE T 165 27.18 67.93 -2.51
C ILE T 165 28.64 68.12 -2.90
N GLY T 166 29.54 67.85 -1.97
CA GLY T 166 30.96 67.93 -2.21
C GLY T 166 31.64 68.99 -1.36
N SER T 167 32.53 69.74 -2.00
CA SER T 167 33.27 70.78 -1.30
C SER T 167 32.60 72.13 -1.44
N GLY T 168 32.12 72.45 -2.64
CA GLY T 168 31.47 73.72 -2.88
C GLY T 168 29.99 73.68 -2.54
N LYS T 169 29.64 72.80 -1.61
CA LYS T 169 28.23 72.62 -1.27
C LYS T 169 27.59 73.91 -0.80
N ASP T 170 28.07 74.46 0.32
CA ASP T 170 27.47 75.66 0.88
C ASP T 170 27.49 76.81 -0.13
N ALA T 171 28.56 76.91 -0.91
CA ALA T 171 28.64 77.98 -1.90
C ALA T 171 27.53 77.87 -2.92
N VAL T 172 27.10 76.64 -3.23
CA VAL T 172 26.08 76.44 -4.26
C VAL T 172 24.70 76.77 -3.70
N VAL T 173 24.32 76.09 -2.62
CA VAL T 173 23.01 76.33 -2.02
C VAL T 173 22.78 77.81 -1.80
N SER T 174 23.84 78.54 -1.45
CA SER T 174 23.72 79.99 -1.35
C SER T 174 23.24 80.58 -2.67
N PHE T 175 24.07 80.48 -3.70
CA PHE T 175 23.68 80.93 -5.03
C PHE T 175 22.31 80.39 -5.41
N LEU T 176 22.14 79.08 -5.30
CA LEU T 176 20.93 78.42 -5.77
C LEU T 176 19.69 78.80 -4.98
N GLU T 177 19.83 79.04 -3.67
CA GLU T 177 18.69 79.47 -2.88
C GLU T 177 18.13 80.82 -3.33
N ARG T 178 18.90 81.57 -4.10
CA ARG T 178 18.49 82.89 -4.56
C ARG T 178 17.89 82.88 -5.96
N GLU T 179 18.46 82.12 -6.88
CA GLU T 179 18.12 82.20 -8.29
C GLU T 179 17.34 80.99 -8.79
N TYR T 180 16.97 80.06 -7.91
CA TYR T 180 16.27 78.87 -8.36
C TYR T 180 14.82 79.20 -8.70
N LYS T 181 14.30 78.53 -9.72
CA LYS T 181 12.92 78.69 -10.14
C LYS T 181 12.34 77.33 -10.48
N GLU T 182 11.05 77.18 -10.24
CA GLU T 182 10.36 75.92 -10.42
C GLU T 182 9.75 75.80 -11.81
N ASN T 183 9.51 74.57 -12.22
CA ASN T 183 8.82 74.28 -13.49
C ASN T 183 9.49 75.01 -14.64
N LEU T 184 10.78 74.85 -14.76
CA LEU T 184 11.52 75.46 -15.84
C LEU T 184 11.72 74.47 -16.98
N PRO T 185 12.09 74.96 -18.16
CA PRO T 185 12.49 74.05 -19.23
C PRO T 185 13.78 73.34 -18.89
N GLU T 186 14.17 72.42 -19.76
CA GLU T 186 15.37 71.61 -19.51
C GLU T 186 16.62 72.48 -19.56
N LYS T 187 17.01 72.91 -20.76
CA LYS T 187 18.25 73.65 -20.90
C LYS T 187 18.25 74.95 -20.09
N GLU T 188 17.08 75.58 -19.95
CA GLU T 188 16.99 76.78 -19.13
C GLU T 188 17.46 76.51 -17.70
N ALA T 189 17.24 75.31 -17.19
CA ALA T 189 17.69 74.96 -15.86
C ALA T 189 19.14 74.53 -15.82
N VAL T 190 19.63 73.90 -16.89
CA VAL T 190 21.04 73.49 -16.93
C VAL T 190 21.94 74.70 -16.84
N THR T 191 21.75 75.67 -17.73
CA THR T 191 22.55 76.88 -17.71
C THR T 191 22.52 77.54 -16.33
N LEU T 192 21.42 77.39 -15.61
CA LEU T 192 21.36 77.87 -14.24
C LEU T 192 22.26 77.03 -13.33
N GLY T 193 22.26 75.72 -13.54
CA GLY T 193 23.05 74.85 -12.67
C GLY T 193 24.53 75.06 -12.82
N ILE T 194 25.04 74.97 -14.06
CA ILE T 194 26.46 75.19 -14.30
C ILE T 194 26.89 76.52 -13.69
N LYS T 195 25.97 77.47 -13.61
CA LYS T 195 26.31 78.78 -13.06
C LYS T 195 26.55 78.69 -11.55
N ALA T 196 25.59 78.15 -10.82
CA ALA T 196 25.79 77.95 -9.38
C ALA T 196 27.04 77.12 -9.12
N LEU T 197 27.32 76.15 -9.99
CA LEU T 197 28.59 75.44 -9.90
C LEU T 197 29.75 76.38 -10.17
N LYS T 198 29.69 77.11 -11.28
CA LYS T 198 30.70 78.10 -11.59
C LYS T 198 30.93 79.04 -10.42
N SER T 199 29.90 79.30 -9.61
CA SER T 199 30.06 80.19 -8.46
C SER T 199 31.02 79.60 -7.44
N SER T 200 30.72 78.41 -6.92
CA SER T 200 31.56 77.81 -5.89
C SER T 200 32.98 77.56 -6.38
N LEU T 201 33.20 77.56 -7.69
CA LEU T 201 34.52 77.29 -8.22
C LEU T 201 35.49 78.39 -7.83
N GLU T 202 36.73 78.00 -7.55
CA GLU T 202 37.78 78.98 -7.34
C GLU T 202 38.11 79.68 -8.65
N GLU T 203 38.53 80.94 -8.54
CA GLU T 203 38.79 81.74 -9.73
C GLU T 203 39.85 81.10 -10.60
N GLY T 204 40.83 80.43 -9.99
CA GLY T 204 41.92 79.86 -10.76
C GLY T 204 41.48 78.71 -11.65
N GLU T 205 40.32 78.12 -11.34
CA GLU T 205 39.84 76.97 -12.08
C GLU T 205 38.63 77.34 -12.93
N GLU T 206 38.28 76.45 -13.86
CA GLU T 206 37.11 76.61 -14.70
C GLU T 206 36.35 75.29 -14.71
N LEU T 207 35.54 75.08 -15.75
CA LEU T 207 34.72 73.88 -15.87
C LEU T 207 35.30 72.97 -16.94
N LYS T 208 35.39 71.69 -16.62
CA LYS T 208 36.12 70.73 -17.46
C LYS T 208 35.22 69.57 -17.86
N ALA T 209 34.34 69.85 -18.81
CA ALA T 209 33.46 68.82 -19.36
C ALA T 209 32.74 68.09 -18.23
N PRO T 210 31.93 68.80 -17.45
CA PRO T 210 31.23 68.14 -16.34
C PRO T 210 30.25 67.09 -16.83
N GLU T 211 29.85 66.23 -15.90
CA GLU T 211 28.86 65.21 -16.18
C GLU T 211 27.46 65.80 -15.99
N ILE T 212 26.54 65.41 -16.87
CA ILE T 212 25.14 65.77 -16.71
C ILE T 212 24.30 64.57 -17.08
N ALA T 213 23.12 64.48 -16.47
CA ALA T 213 22.20 63.37 -16.71
C ALA T 213 20.81 63.82 -16.31
N SER T 214 19.91 63.93 -17.28
CA SER T 214 18.56 64.38 -17.04
C SER T 214 17.58 63.26 -17.36
N ILE T 215 16.30 63.57 -17.19
CA ILE T 215 15.24 62.62 -17.46
C ILE T 215 13.93 63.38 -17.48
N THR T 216 12.92 62.77 -18.11
CA THR T 216 11.61 63.38 -18.22
C THR T 216 10.55 62.27 -18.18
N VAL T 217 9.36 62.65 -17.75
CA VAL T 217 8.28 61.67 -17.57
C VAL T 217 8.08 60.89 -18.85
N GLY T 218 7.62 59.65 -18.70
CA GLY T 218 7.40 58.77 -19.82
C GLY T 218 8.65 58.40 -20.60
N ASN T 219 9.82 58.76 -20.11
CA ASN T 219 11.07 58.52 -20.80
C ASN T 219 12.04 57.81 -19.87
N LYS T 220 13.29 57.73 -20.30
CA LYS T 220 14.39 57.18 -19.52
C LYS T 220 15.49 58.21 -19.41
N TYR T 221 16.53 57.86 -18.67
CA TYR T 221 17.63 58.78 -18.47
C TYR T 221 18.40 58.99 -19.75
N ARG T 222 19.11 60.10 -19.82
CA ARG T 222 19.86 60.50 -21.01
C ARG T 222 21.18 61.09 -20.55
N ILE T 223 22.28 60.38 -20.82
CA ILE T 223 23.62 60.88 -20.55
C ILE T 223 24.13 61.46 -21.87
N TYR T 224 23.93 62.76 -22.05
CA TYR T 224 24.36 63.36 -23.30
C TYR T 224 25.84 63.71 -23.23
N ASP T 225 26.48 63.66 -24.39
CA ASP T 225 27.93 63.64 -24.44
C ASP T 225 28.52 65.03 -24.21
N GLN T 226 29.81 65.04 -23.90
CA GLN T 226 30.55 66.28 -23.70
C GLN T 226 30.32 67.28 -24.82
N GLU T 227 30.07 66.81 -26.04
CA GLU T 227 29.81 67.72 -27.15
C GLU T 227 28.72 68.71 -26.79
N GLU T 228 27.54 68.22 -26.44
CA GLU T 228 26.45 69.09 -26.03
C GLU T 228 26.75 69.81 -24.73
N VAL T 229 27.72 69.33 -23.95
CA VAL T 229 28.04 69.97 -22.68
C VAL T 229 28.66 71.34 -22.91
N LYS T 230 29.47 71.47 -23.96
CA LYS T 230 30.10 72.75 -24.26
C LYS T 230 29.05 73.85 -24.38
N LYS T 231 27.86 73.49 -24.83
CA LYS T 231 26.81 74.45 -25.11
C LYS T 231 26.08 74.85 -23.84
N GLN U 5 32.58 63.49 36.25
CA GLN U 5 33.54 62.44 36.57
C GLN U 5 34.19 61.91 35.30
N MET U 6 35.36 62.45 34.97
CA MET U 6 36.07 62.04 33.76
C MET U 6 36.39 60.55 33.77
N ALA U 7 36.35 59.90 34.93
CA ALA U 7 36.67 58.49 35.05
C ALA U 7 35.45 57.59 34.87
N TYR U 8 34.24 58.14 34.93
CA TYR U 8 33.03 57.34 34.88
C TYR U 8 32.05 57.83 33.81
N ASP U 9 32.54 58.55 32.81
CA ASP U 9 31.69 59.11 31.72
C ASP U 9 32.20 58.59 30.38
N ARG U 10 32.52 57.30 30.28
CA ARG U 10 33.02 56.69 29.05
C ARG U 10 32.12 55.57 28.54
N ALA U 11 31.48 54.84 29.44
CA ALA U 11 30.69 53.67 29.09
C ALA U 11 29.33 53.75 29.75
N ILE U 12 28.32 53.22 29.07
CA ILE U 12 26.96 53.23 29.60
C ILE U 12 26.84 52.26 30.76
N THR U 13 27.63 51.18 30.76
CA THR U 13 27.48 50.10 31.71
C THR U 13 28.34 50.28 32.95
N VAL U 14 28.54 51.52 33.40
CA VAL U 14 29.36 51.80 34.57
C VAL U 14 28.62 52.81 35.44
N PHE U 15 28.39 52.43 36.69
CA PHE U 15 27.81 53.34 37.67
C PHE U 15 28.91 54.18 38.30
N SER U 16 28.59 55.42 38.62
CA SER U 16 29.51 56.26 39.38
C SER U 16 29.40 55.94 40.86
N PRO U 17 30.42 56.29 41.64
CA PRO U 17 30.34 56.05 43.09
C PRO U 17 29.10 56.62 43.74
N ASP U 18 28.47 57.63 43.13
CA ASP U 18 27.23 58.19 43.63
C ASP U 18 26.01 57.49 43.03
N GLY U 19 26.23 56.47 42.21
CA GLY U 19 25.12 55.76 41.61
C GLY U 19 24.45 56.51 40.49
N ARG U 20 25.15 56.72 39.37
CA ARG U 20 24.63 57.48 38.25
C ARG U 20 25.11 56.85 36.94
N LEU U 21 24.57 57.36 35.84
CA LEU U 21 24.91 56.94 34.49
C LEU U 21 25.11 58.19 33.65
N PHE U 22 26.34 58.69 33.63
CA PHE U 22 26.62 59.92 32.92
C PHE U 22 26.34 59.76 31.43
N GLN U 23 26.72 58.62 30.86
CA GLN U 23 26.42 58.38 29.45
C GLN U 23 24.92 58.40 29.20
N TYR U 24 24.13 58.20 30.25
CA TYR U 24 22.68 58.31 30.13
C TYR U 24 22.22 59.74 30.31
N GLU U 25 22.82 60.47 31.26
CA GLU U 25 22.48 61.87 31.44
C GLU U 25 22.95 62.70 30.25
N TYR U 26 23.96 62.21 29.52
CA TYR U 26 24.44 62.93 28.35
C TYR U 26 23.46 62.83 27.20
N ALA U 27 22.95 61.63 26.94
CA ALA U 27 21.97 61.45 25.87
C ALA U 27 20.79 62.39 26.04
N ARG U 28 20.45 62.74 27.28
CA ARG U 28 19.38 63.69 27.52
C ARG U 28 19.78 65.12 27.15
N GLU U 29 21.06 65.34 26.87
CA GLU U 29 21.49 66.66 26.44
C GLU U 29 21.36 66.83 24.94
N ALA U 30 21.38 65.72 24.19
CA ALA U 30 21.19 65.81 22.75
C ALA U 30 19.74 66.04 22.39
N VAL U 31 18.83 65.75 23.32
CA VAL U 31 17.41 65.97 23.06
C VAL U 31 17.09 67.46 23.13
N LYS U 32 17.62 68.15 24.13
CA LYS U 32 17.35 69.56 24.31
C LYS U 32 17.84 70.40 23.13
N LYS U 33 18.60 69.82 22.21
CA LYS U 33 18.99 70.52 21.00
C LYS U 33 17.91 70.54 19.93
N GLY U 34 16.92 69.66 20.04
CA GLY U 34 15.88 69.56 19.04
C GLY U 34 14.81 70.62 19.20
N SER U 35 13.97 70.71 18.18
CA SER U 35 12.88 71.67 18.17
C SER U 35 11.93 71.39 19.33
N THR U 36 11.01 72.32 19.55
CA THR U 36 10.07 72.25 20.65
C THR U 36 8.72 71.73 20.17
N ALA U 37 8.02 71.05 21.06
CA ALA U 37 6.70 70.51 20.75
C ALA U 37 6.00 70.13 22.05
N LEU U 38 4.70 69.88 21.96
CA LEU U 38 3.92 69.56 23.14
C LEU U 38 2.66 68.81 22.74
N GLY U 39 1.83 68.52 23.73
CA GLY U 39 0.59 67.80 23.50
C GLY U 39 -0.36 68.04 24.67
N MET U 40 -1.64 68.14 24.35
CA MET U 40 -2.65 68.48 25.34
C MET U 40 -3.92 67.68 25.08
N LYS U 41 -4.54 67.21 26.15
CA LYS U 41 -5.84 66.59 26.08
C LYS U 41 -6.93 67.63 26.25
N PHE U 42 -8.17 67.22 26.04
CA PHE U 42 -9.31 68.12 26.17
C PHE U 42 -10.58 67.27 26.08
N ALA U 43 -11.68 67.92 25.73
CA ALA U 43 -12.97 67.26 25.70
C ALA U 43 -13.02 66.25 24.57
N ASN U 44 -12.90 64.97 24.91
CA ASN U 44 -13.09 63.88 23.96
C ASN U 44 -12.06 63.92 22.84
N GLY U 45 -10.86 64.39 23.16
CA GLY U 45 -9.83 64.47 22.14
C GLY U 45 -8.48 64.75 22.73
N VAL U 46 -7.52 64.96 21.82
CA VAL U 46 -6.15 65.26 22.17
C VAL U 46 -5.47 65.76 20.91
N LEU U 47 -4.35 66.46 21.07
CA LEU U 47 -3.69 67.10 19.95
C LEU U 47 -2.19 67.17 20.17
N LEU U 48 -1.50 67.73 19.19
CA LEU U 48 -0.06 67.92 19.22
C LEU U 48 0.28 69.22 18.51
N ILE U 49 1.47 69.74 18.81
CA ILE U 49 1.99 70.93 18.15
C ILE U 49 3.52 70.83 18.12
N SER U 50 4.11 71.37 17.07
CA SER U 50 5.56 71.38 16.91
C SER U 50 6.04 72.78 16.59
N ASP U 51 7.27 73.10 17.01
CA ASP U 51 7.87 74.39 16.77
C ASP U 51 8.52 74.35 15.39
N LYS U 52 7.68 74.49 14.36
CA LYS U 52 8.17 74.54 13.00
C LYS U 52 9.20 75.64 12.85
N LYS U 53 10.40 75.27 12.38
CA LYS U 53 11.48 76.21 12.12
C LYS U 53 11.61 76.41 10.63
N VAL U 54 11.59 77.68 10.21
CA VAL U 54 11.72 78.00 8.79
C VAL U 54 13.03 77.41 8.26
N ARG U 55 13.00 76.98 7.01
CA ARG U 55 14.16 76.44 6.32
C ARG U 55 14.23 77.05 4.93
N SER U 56 15.24 76.63 4.17
CA SER U 56 15.38 77.11 2.81
C SER U 56 14.14 76.74 1.99
N ARG U 57 13.78 77.63 1.07
CA ARG U 57 12.65 77.36 0.19
C ARG U 57 12.89 76.14 -0.70
N LEU U 58 14.11 75.62 -0.71
CA LEU U 58 14.48 74.53 -1.60
C LEU U 58 14.02 73.17 -1.10
N ILE U 59 13.46 73.09 0.09
CA ILE U 59 13.08 71.82 0.69
C ILE U 59 11.57 71.65 0.59
N GLU U 60 11.14 70.46 0.15
CA GLU U 60 9.72 70.19 0.06
C GLU U 60 9.08 70.23 1.43
N GLN U 61 8.01 71.01 1.55
CA GLN U 61 7.33 71.24 2.81
C GLN U 61 6.49 70.06 3.26
N ASN U 62 6.52 68.96 2.52
CA ASN U 62 5.79 67.76 2.89
C ASN U 62 6.67 66.71 3.55
N SER U 63 7.92 67.03 3.86
CA SER U 63 8.81 66.12 4.59
C SER U 63 9.41 66.77 5.83
N ILE U 64 9.32 68.09 5.96
CA ILE U 64 9.85 68.80 7.11
C ILE U 64 8.96 68.53 8.33
N GLU U 65 7.73 68.12 8.07
CA GLU U 65 6.75 67.91 9.13
C GLU U 65 7.25 66.83 10.08
N LYS U 66 7.35 67.17 11.36
CA LYS U 66 7.76 66.18 12.35
C LYS U 66 6.56 65.38 12.86
N ILE U 67 5.36 65.88 12.67
CA ILE U 67 4.15 65.14 13.05
C ILE U 67 4.04 63.92 12.17
N GLN U 68 4.22 62.74 12.76
CA GLN U 68 4.20 61.48 12.04
C GLN U 68 3.07 60.62 12.58
N LEU U 69 2.38 59.94 11.67
CA LEU U 69 1.30 59.04 12.04
C LEU U 69 1.83 57.63 12.23
N ILE U 70 1.34 56.95 13.26
CA ILE U 70 1.63 55.54 13.42
C ILE U 70 0.45 54.71 12.96
N ASP U 71 -0.75 55.22 13.15
CA ASP U 71 -1.96 54.65 12.58
C ASP U 71 -2.99 55.77 12.51
N ASP U 72 -4.10 55.49 11.83
CA ASP U 72 -5.14 56.49 11.67
C ASP U 72 -5.71 56.96 13.01
N TYR U 73 -5.31 56.34 14.11
CA TYR U 73 -5.78 56.73 15.44
C TYR U 73 -4.64 56.96 16.41
N VAL U 74 -3.40 56.97 15.94
CA VAL U 74 -2.23 57.24 16.78
C VAL U 74 -1.22 58.04 15.97
N ALA U 75 -0.56 58.97 16.65
CA ALA U 75 0.46 59.80 16.04
C ALA U 75 1.63 59.94 17.00
N ALA U 76 2.60 60.76 16.60
CA ALA U 76 3.76 61.00 17.44
C ALA U 76 4.60 62.11 16.85
N VAL U 77 5.49 62.65 17.68
CA VAL U 77 6.48 63.63 17.28
C VAL U 77 7.70 63.46 18.17
N THR U 78 8.87 63.79 17.63
CA THR U 78 10.13 63.42 18.24
C THR U 78 11.10 64.60 18.27
N SER U 79 12.08 64.50 19.15
CA SER U 79 13.13 65.51 19.28
C SER U 79 14.47 64.83 19.53
N GLY U 80 15.50 65.32 18.86
CA GLY U 80 16.84 64.81 19.05
C GLY U 80 17.50 64.36 17.76
N LEU U 81 18.39 63.38 17.86
CA LEU U 81 19.07 62.86 16.68
C LEU U 81 18.06 62.39 15.65
N VAL U 82 17.98 63.12 14.54
CA VAL U 82 16.97 62.84 13.53
C VAL U 82 17.21 61.46 12.91
N ALA U 83 18.46 61.02 12.88
CA ALA U 83 18.77 59.73 12.27
C ALA U 83 18.13 58.60 13.06
N ASP U 84 18.11 58.72 14.39
CA ASP U 84 17.52 57.67 15.21
C ASP U 84 16.01 57.80 15.26
N ALA U 85 15.50 59.04 15.31
CA ALA U 85 14.05 59.24 15.32
C ALA U 85 13.40 58.51 14.16
N ARG U 86 13.95 58.67 12.96
CA ARG U 86 13.38 58.01 11.79
C ARG U 86 13.29 56.51 11.98
N VAL U 87 14.07 55.96 12.91
CA VAL U 87 14.13 54.51 13.07
C VAL U 87 13.03 54.04 14.01
N LEU U 88 12.93 54.66 15.19
CA LEU U 88 11.94 54.24 16.17
C LEU U 88 10.53 54.38 15.61
N VAL U 89 10.26 55.48 14.90
CA VAL U 89 8.95 55.66 14.30
C VAL U 89 8.62 54.49 13.38
N ASP U 90 9.61 54.02 12.63
CA ASP U 90 9.41 52.82 11.83
C ASP U 90 9.25 51.60 12.71
N PHE U 91 9.98 51.56 13.83
CA PHE U 91 9.82 50.47 14.78
C PHE U 91 8.43 50.50 15.39
N ALA U 92 7.91 51.70 15.67
CA ALA U 92 6.56 51.82 16.19
C ALA U 92 5.53 51.43 15.15
N ARG U 93 5.72 51.87 13.90
CA ARG U 93 4.77 51.54 12.86
C ARG U 93 4.73 50.04 12.59
N ILE U 94 5.72 49.31 13.09
CA ILE U 94 5.76 47.87 12.91
C ILE U 94 5.16 47.17 14.11
N SER U 95 5.49 47.65 15.31
CA SER U 95 4.92 47.06 16.51
C SER U 95 3.40 47.18 16.51
N ALA U 96 2.88 48.30 15.98
CA ALA U 96 1.44 48.49 15.95
C ALA U 96 0.77 47.44 15.08
N GLN U 97 1.38 47.10 13.95
CA GLN U 97 0.80 46.09 13.07
C GLN U 97 0.87 44.70 13.69
N GLN U 98 1.88 44.44 14.51
CA GLN U 98 1.95 43.14 15.17
C GLN U 98 0.75 42.91 16.06
N GLU U 99 0.27 43.96 16.72
CA GLU U 99 -0.92 43.83 17.55
C GLU U 99 -2.15 43.57 16.71
N LYS U 100 -2.41 44.44 15.74
CA LYS U 100 -3.55 44.24 14.86
C LYS U 100 -3.59 42.83 14.30
N VAL U 101 -2.42 42.27 13.99
CA VAL U 101 -2.36 40.91 13.49
C VAL U 101 -2.61 39.91 14.60
N THR U 102 -2.13 40.23 15.80
CA THR U 102 -2.23 39.28 16.90
C THR U 102 -3.59 39.36 17.58
N TYR U 103 -4.12 40.57 17.73
CA TYR U 103 -5.36 40.78 18.45
C TYR U 103 -6.48 41.30 17.56
N GLY U 104 -6.23 41.53 16.30
CA GLY U 104 -7.26 41.98 15.37
C GLY U 104 -7.55 43.45 15.38
N SER U 105 -7.02 44.15 16.38
CA SER U 105 -7.24 45.58 16.51
C SER U 105 -6.34 46.15 17.58
N LEU U 106 -5.67 47.25 17.25
CA LEU U 106 -4.87 47.97 18.23
C LEU U 106 -5.82 48.40 19.35
N VAL U 107 -5.93 47.52 20.34
CA VAL U 107 -6.93 47.72 21.38
C VAL U 107 -6.45 48.72 22.41
N ASN U 108 -5.15 48.80 22.63
CA ASN U 108 -4.58 49.71 23.61
C ASN U 108 -3.30 50.33 23.08
N ILE U 109 -2.94 51.46 23.66
CA ILE U 109 -1.73 52.16 23.23
C ILE U 109 -0.55 51.77 24.10
N GLU U 110 -0.79 51.53 25.39
CA GLU U 110 0.31 51.21 26.29
C GLU U 110 0.98 49.91 25.90
N ASN U 111 0.23 49.05 25.22
CA ASN U 111 0.78 47.79 24.69
C ASN U 111 1.78 48.14 23.59
N LEU U 112 1.73 49.36 23.04
CA LEU U 112 2.64 49.77 21.98
C LEU U 112 3.84 50.52 22.55
N VAL U 113 3.57 51.62 23.26
CA VAL U 113 4.63 52.40 23.86
C VAL U 113 5.58 51.50 24.65
N LYS U 114 5.05 50.43 25.21
CA LYS U 114 5.88 49.51 25.99
C LYS U 114 6.87 48.77 25.11
N ARG U 115 6.43 48.32 23.93
CA ARG U 115 7.33 47.60 23.04
C ARG U 115 8.51 48.47 22.63
N VAL U 116 8.33 49.79 22.70
CA VAL U 116 9.41 50.69 22.31
C VAL U 116 10.41 50.85 23.44
N ALA U 117 9.95 51.37 24.58
CA ALA U 117 10.82 51.54 25.73
C ALA U 117 11.66 50.28 25.99
N ASP U 118 11.07 49.11 25.77
CA ASP U 118 11.83 47.88 25.93
C ASP U 118 12.97 47.81 24.93
N GLN U 119 12.77 48.40 23.74
CA GLN U 119 13.83 48.40 22.74
C GLN U 119 14.90 49.42 23.09
N MET U 120 14.53 50.45 23.84
CA MET U 120 15.48 51.51 24.16
C MET U 120 16.28 51.16 25.41
N GLN U 121 15.60 50.70 26.46
CA GLN U 121 16.30 50.24 27.65
C GLN U 121 17.30 49.16 27.30
N GLN U 122 17.01 48.36 26.27
CA GLN U 122 17.91 47.31 25.85
C GLN U 122 19.29 47.87 25.53
N TYR U 123 19.33 49.05 24.91
CA TYR U 123 20.59 49.67 24.53
C TYR U 123 21.21 50.48 25.65
N THR U 124 20.81 50.23 26.89
CA THR U 124 21.34 50.95 28.04
C THR U 124 22.10 50.05 29.01
N GLN U 125 21.81 48.75 29.04
CA GLN U 125 22.43 47.84 29.97
C GLN U 125 23.47 46.94 29.32
N TYR U 126 23.67 47.04 28.02
CA TYR U 126 24.65 46.24 27.30
C TYR U 126 25.71 47.13 26.68
N GLY U 127 26.95 46.64 26.67
CA GLY U 127 28.04 47.39 26.12
C GLY U 127 28.22 47.15 24.63
N GLY U 128 28.95 48.07 24.00
CA GLY U 128 29.16 48.01 22.58
C GLY U 128 28.07 48.67 21.76
N VAL U 129 27.12 49.34 22.39
CA VAL U 129 26.02 50.02 21.71
C VAL U 129 25.65 51.26 22.51
N ARG U 130 25.37 52.34 21.79
CA ARG U 130 24.97 53.58 22.44
C ARG U 130 23.44 53.65 22.52
N PRO U 131 22.91 54.38 23.48
CA PRO U 131 21.46 54.56 23.56
C PRO U 131 20.93 55.33 22.36
N TYR U 132 19.63 55.61 22.42
CA TYR U 132 19.01 56.47 21.43
C TYR U 132 18.97 57.90 21.94
N GLY U 133 19.31 58.85 21.07
CA GLY U 133 19.34 60.24 21.47
C GLY U 133 18.06 60.97 21.15
N VAL U 134 16.93 60.48 21.68
CA VAL U 134 15.63 61.07 21.38
C VAL U 134 14.65 60.73 22.48
N SER U 135 13.70 61.63 22.69
CA SER U 135 12.48 61.36 23.41
C SER U 135 11.32 61.67 22.48
N LEU U 136 10.17 61.06 22.75
CA LEU U 136 9.04 61.14 21.84
C LEU U 136 7.77 61.52 22.59
N ILE U 137 6.75 61.81 21.81
CA ILE U 137 5.38 61.97 22.28
C ILE U 137 4.50 61.03 21.50
N PHE U 138 3.52 60.45 22.17
CA PHE U 138 2.52 59.59 21.55
C PHE U 138 1.15 60.08 21.92
N ALA U 139 0.23 60.03 20.96
CA ALA U 139 -1.14 60.44 21.20
C ALA U 139 -2.05 59.60 20.31
N GLY U 140 -3.32 59.53 20.70
CA GLY U 140 -4.28 58.76 19.93
C GLY U 140 -5.45 58.35 20.79
N ILE U 141 -6.35 57.62 20.16
CA ILE U 141 -7.60 57.18 20.77
C ILE U 141 -7.56 55.66 20.87
N ASP U 142 -7.97 55.15 22.03
CA ASP U 142 -8.14 53.72 22.22
C ASP U 142 -9.50 53.43 22.83
N GLN U 143 -9.73 52.15 23.18
CA GLN U 143 -10.99 51.72 23.82
C GLN U 143 -11.25 52.62 25.02
N ILE U 144 -10.21 52.96 25.78
CA ILE U 144 -10.35 53.85 26.92
C ILE U 144 -10.77 55.24 26.48
N GLY U 145 -9.97 55.87 25.62
CA GLY U 145 -10.23 57.21 25.18
C GLY U 145 -8.96 57.93 24.80
N PRO U 146 -8.97 59.25 24.92
CA PRO U 146 -7.78 60.02 24.62
C PRO U 146 -6.63 59.67 25.53
N ARG U 147 -5.45 59.48 24.95
CA ARG U 147 -4.25 59.15 25.69
C ARG U 147 -3.14 60.11 25.29
N LEU U 148 -2.04 60.04 26.03
CA LEU U 148 -0.90 60.92 25.80
C LEU U 148 0.25 60.45 26.67
N PHE U 149 1.38 60.13 26.04
CA PHE U 149 2.51 59.54 26.73
C PHE U 149 3.80 60.26 26.35
N ASP U 150 4.90 59.77 26.90
CA ASP U 150 6.23 60.27 26.61
C ASP U 150 7.23 59.19 26.98
N CYS U 151 8.39 59.23 26.32
CA CYS U 151 9.41 58.21 26.52
C CYS U 151 10.78 58.84 26.47
N ASP U 152 11.58 58.61 27.52
CA ASP U 152 12.95 59.15 27.57
C ASP U 152 13.87 58.07 26.99
N PRO U 153 15.15 58.38 26.74
CA PRO U 153 16.09 57.45 26.08
C PRO U 153 16.23 56.12 26.78
N ALA U 154 15.92 56.03 28.06
CA ALA U 154 16.12 54.79 28.80
C ALA U 154 14.88 53.92 28.85
N GLY U 155 13.70 54.47 28.56
CA GLY U 155 12.47 53.72 28.62
C GLY U 155 11.48 54.20 29.66
N THR U 156 11.78 55.27 30.37
CA THR U 156 10.86 55.79 31.36
C THR U 156 9.57 56.23 30.71
N ILE U 157 8.46 55.65 31.15
CA ILE U 157 7.14 55.95 30.62
C ILE U 157 6.36 56.72 31.67
N ASN U 158 5.51 57.63 31.21
CA ASN U 158 4.64 58.41 32.07
C ASN U 158 3.50 58.93 31.24
N GLU U 159 2.29 58.83 31.76
CA GLU U 159 1.09 59.31 31.07
C GLU U 159 0.68 60.65 31.65
N TYR U 160 0.43 61.62 30.78
CA TYR U 160 0.20 62.99 31.18
C TYR U 160 -1.14 63.49 30.65
N LYS U 161 -1.62 64.57 31.26
CA LYS U 161 -2.68 65.35 30.66
C LYS U 161 -2.14 66.39 29.70
N ALA U 162 -0.83 66.67 29.80
CA ALA U 162 -0.16 67.58 28.89
C ALA U 162 1.34 67.45 29.12
N THR U 163 2.11 67.85 28.12
CA THR U 163 3.55 67.66 28.17
C THR U 163 4.19 68.43 27.02
N ALA U 164 5.48 68.69 27.16
CA ALA U 164 6.26 69.37 26.13
C ALA U 164 7.54 68.59 25.90
N ILE U 165 8.29 69.03 24.90
CA ILE U 165 9.50 68.35 24.48
C ILE U 165 10.33 69.32 23.64
N GLY U 166 11.65 69.16 23.70
CA GLY U 166 12.55 69.97 22.93
C GLY U 166 13.46 70.83 23.80
N SER U 167 13.61 72.08 23.38
CA SER U 167 14.49 73.01 24.10
C SER U 167 13.70 73.84 25.09
N GLY U 168 12.53 74.32 24.68
CA GLY U 168 11.70 75.14 25.55
C GLY U 168 10.79 74.31 26.43
N LYS U 169 11.25 73.09 26.73
CA LYS U 169 10.42 72.16 27.50
C LYS U 169 10.06 72.75 28.86
N ASP U 170 11.06 72.99 29.70
CA ASP U 170 10.78 73.48 31.05
C ASP U 170 9.99 74.78 31.02
N ALA U 171 10.29 75.65 30.05
CA ALA U 171 9.59 76.92 29.95
C ALA U 171 8.10 76.70 29.71
N VAL U 172 7.75 75.62 29.00
CA VAL U 172 6.36 75.38 28.65
C VAL U 172 5.61 74.80 29.85
N VAL U 173 6.11 73.68 30.38
CA VAL U 173 5.47 73.05 31.53
C VAL U 173 5.21 74.06 32.63
N SER U 174 6.14 75.01 32.81
CA SER U 174 5.92 76.09 33.75
C SER U 174 4.63 76.84 33.41
N PHE U 175 4.61 77.52 32.27
CA PHE U 175 3.41 78.19 31.81
C PHE U 175 2.21 77.26 31.88
N LEU U 176 2.33 76.08 31.28
CA LEU U 176 1.21 75.17 31.14
C LEU U 176 0.72 74.62 32.47
N GLU U 177 1.61 74.41 33.43
CA GLU U 177 1.20 73.93 34.75
C GLU U 177 0.30 74.93 35.46
N ARG U 178 0.29 76.18 35.02
CA ARG U 178 -0.51 77.23 35.65
C ARG U 178 -1.84 77.46 34.97
N GLU U 179 -1.89 77.44 33.65
CA GLU U 179 -3.06 77.88 32.89
C GLU U 179 -3.80 76.72 32.23
N TYR U 180 -3.39 75.48 32.45
CA TYR U 180 -4.04 74.36 31.80
C TYR U 180 -5.41 74.08 32.44
N LYS U 181 -6.36 73.68 31.60
CA LYS U 181 -7.70 73.34 32.04
C LYS U 181 -8.15 72.10 31.30
N GLU U 182 -8.97 71.29 31.98
CA GLU U 182 -9.42 70.01 31.44
C GLU U 182 -10.76 70.16 30.72
N ASN U 183 -11.03 69.20 29.85
CA ASN U 183 -12.31 69.11 29.14
C ASN U 183 -12.65 70.44 28.47
N LEU U 184 -11.71 70.96 27.71
CA LEU U 184 -11.93 72.18 26.98
C LEU U 184 -12.35 71.89 25.54
N PRO U 185 -12.90 72.88 24.85
CA PRO U 185 -13.16 72.73 23.42
C PRO U 185 -11.86 72.62 22.65
N GLU U 186 -11.98 72.38 21.35
CA GLU U 186 -10.80 72.19 20.51
C GLU U 186 -10.00 73.48 20.39
N LYS U 187 -10.54 74.45 19.65
CA LYS U 187 -9.77 75.67 19.40
C LYS U 187 -9.45 76.41 20.69
N GLU U 188 -10.33 76.34 21.69
CA GLU U 188 -10.04 76.97 22.97
C GLU U 188 -8.75 76.44 23.57
N ALA U 189 -8.42 75.18 23.33
CA ALA U 189 -7.19 74.60 23.82
C ALA U 189 -5.99 74.92 22.94
N VAL U 190 -6.21 75.03 21.62
CA VAL U 190 -5.12 75.34 20.71
C VAL U 190 -4.54 76.71 21.05
N THR U 191 -5.40 77.74 21.09
CA THR U 191 -4.94 79.07 21.42
C THR U 191 -4.18 79.08 22.73
N LEU U 192 -4.54 78.18 23.66
CA LEU U 192 -3.77 78.05 24.89
C LEU U 192 -2.41 77.45 24.60
N GLY U 193 -2.34 76.46 23.71
CA GLY U 193 -1.08 75.79 23.44
C GLY U 193 -0.07 76.71 22.78
N ILE U 194 -0.46 77.32 21.66
CA ILE U 194 0.44 78.24 20.96
C ILE U 194 0.97 79.29 21.93
N LYS U 195 0.18 79.61 22.95
CA LYS U 195 0.61 80.61 23.92
C LYS U 195 1.76 80.10 24.78
N ALA U 196 1.57 78.95 25.42
CA ALA U 196 2.67 78.35 26.17
C ALA U 196 3.90 78.16 25.30
N LEU U 197 3.70 77.82 24.03
CA LEU U 197 4.81 77.79 23.10
C LEU U 197 5.39 79.18 22.92
N LYS U 198 4.53 80.16 22.61
CA LYS U 198 4.96 81.54 22.50
C LYS U 198 5.76 81.97 23.72
N SER U 199 5.45 81.42 24.89
CA SER U 199 6.18 81.77 26.11
C SER U 199 7.64 81.36 26.03
N SER U 200 7.90 80.08 25.83
CA SER U 200 9.28 79.59 25.79
C SER U 200 10.08 80.22 24.67
N LEU U 201 9.42 80.81 23.68
CA LEU U 201 10.13 81.39 22.55
C LEU U 201 10.95 82.58 23.00
N GLU U 202 12.12 82.73 22.39
CA GLU U 202 12.93 83.92 22.60
C GLU U 202 12.24 85.12 21.97
N GLU U 203 12.45 86.29 22.57
CA GLU U 203 11.78 87.49 22.10
C GLU U 203 12.12 87.78 20.64
N GLY U 204 13.34 87.48 20.23
CA GLY U 204 13.77 87.80 18.87
C GLY U 204 13.03 86.98 17.82
N GLU U 205 12.42 85.87 18.22
CA GLU U 205 11.75 84.99 17.29
C GLU U 205 10.24 85.05 17.48
N GLU U 206 9.51 84.51 16.51
CA GLU U 206 8.06 84.42 16.57
C GLU U 206 7.66 83.00 16.17
N LEU U 207 6.42 82.84 15.71
CA LEU U 207 5.89 81.54 15.33
C LEU U 207 5.77 81.47 13.82
N LYS U 208 6.22 80.35 13.24
CA LYS U 208 6.39 80.23 11.79
C LYS U 208 5.61 79.02 11.28
N ALA U 209 4.30 79.19 11.20
CA ALA U 209 3.43 78.16 10.65
C ALA U 209 3.69 76.82 11.33
N PRO U 210 3.48 76.73 12.64
CA PRO U 210 3.75 75.48 13.34
C PRO U 210 2.84 74.35 12.86
N GLU U 211 3.25 73.13 13.18
CA GLU U 211 2.45 71.96 12.88
C GLU U 211 1.44 71.73 13.98
N ILE U 212 0.24 71.31 13.60
CA ILE U 212 -0.79 70.91 14.56
C ILE U 212 -1.49 69.68 14.00
N ALA U 213 -1.99 68.84 14.91
CA ALA U 213 -2.68 67.63 14.54
C ALA U 213 -3.54 67.19 15.71
N SER U 214 -4.85 67.23 15.53
CA SER U 214 -5.80 66.89 16.57
C SER U 214 -6.57 65.65 16.17
N ILE U 215 -7.49 65.24 17.06
CA ILE U 215 -8.33 64.09 16.82
C ILE U 215 -9.45 64.11 17.85
N THR U 216 -10.52 63.40 17.55
CA THR U 216 -11.68 63.32 18.41
C THR U 216 -12.29 61.93 18.31
N VAL U 217 -12.99 61.53 19.37
CA VAL U 217 -13.54 60.19 19.43
C VAL U 217 -14.40 59.93 18.20
N GLY U 218 -14.49 58.66 17.81
CA GLY U 218 -15.25 58.26 16.64
C GLY U 218 -14.75 58.82 15.33
N ASN U 219 -13.59 59.47 15.33
CA ASN U 219 -13.04 60.09 14.14
C ASN U 219 -11.61 59.63 13.92
N LYS U 220 -10.93 60.30 13.01
CA LYS U 220 -9.53 60.06 12.72
C LYS U 220 -8.76 61.37 12.87
N TYR U 221 -7.45 61.28 12.69
CA TYR U 221 -6.61 62.45 12.85
C TYR U 221 -6.88 63.46 11.73
N ARG U 222 -6.55 64.71 12.00
CA ARG U 222 -6.78 65.81 11.07
C ARG U 222 -5.58 66.73 11.10
N ILE U 223 -4.82 66.75 10.01
CA ILE U 223 -3.69 67.66 9.85
C ILE U 223 -4.22 68.85 9.06
N TYR U 224 -4.68 69.88 9.77
CA TYR U 224 -5.22 71.03 9.08
C TYR U 224 -4.10 71.95 8.63
N ASP U 225 -4.34 72.65 7.52
CA ASP U 225 -3.27 73.31 6.80
C ASP U 225 -2.88 74.62 7.48
N GLN U 226 -1.70 75.11 7.09
CA GLN U 226 -1.19 76.37 7.61
C GLN U 226 -2.22 77.50 7.52
N GLU U 227 -3.12 77.43 6.54
CA GLU U 227 -4.14 78.47 6.43
C GLU U 227 -4.88 78.64 7.74
N GLU U 228 -5.48 77.57 8.25
CA GLU U 228 -6.18 77.63 9.53
C GLU U 228 -5.22 77.87 10.69
N VAL U 229 -3.92 77.64 10.49
CA VAL U 229 -2.96 77.83 11.57
C VAL U 229 -2.84 79.31 11.91
N LYS U 230 -2.89 80.17 10.88
CA LYS U 230 -2.80 81.61 11.13
C LYS U 230 -3.82 82.06 12.16
N LYS U 231 -4.96 81.39 12.20
CA LYS U 231 -6.06 81.79 13.04
C LYS U 231 -5.87 81.31 14.48
N THR V 9 -1.40 -6.03 32.77
CA THR V 9 -1.14 -5.19 33.97
C THR V 9 -2.47 -4.77 34.59
N THR V 10 -2.45 -4.52 35.90
CA THR V 10 -3.65 -4.10 36.60
C THR V 10 -3.26 -3.24 37.78
N THR V 11 -3.65 -1.97 37.76
CA THR V 11 -3.41 -1.04 38.88
C THR V 11 -4.76 -0.51 39.34
N VAL V 12 -4.88 -0.02 40.56
CA VAL V 12 -6.10 0.51 41.13
C VAL V 12 -5.74 1.50 42.23
N GLY V 13 -6.51 2.58 42.29
CA GLY V 13 -6.38 3.55 43.35
C GLY V 13 -7.72 4.13 43.72
N ILE V 14 -8.04 4.14 45.01
CA ILE V 14 -9.32 4.67 45.47
C ILE V 14 -9.08 5.79 46.45
N THR V 15 -10.18 6.28 47.01
CA THR V 15 -10.18 7.42 47.90
C THR V 15 -11.25 7.23 48.96
N LEU V 16 -10.88 7.52 50.20
CA LEU V 16 -11.83 7.44 51.31
C LEU V 16 -11.91 8.79 52.01
N LYS V 17 -12.36 8.78 53.27
CA LYS V 17 -12.55 10.03 53.99
C LYS V 17 -11.22 10.71 54.26
N ASP V 18 -10.30 10.00 54.90
CA ASP V 18 -9.02 10.57 55.29
C ASP V 18 -7.87 9.66 54.90
N ALA V 19 -8.00 8.94 53.80
CA ALA V 19 -6.98 8.00 53.39
C ALA V 19 -7.01 7.79 51.89
N VAL V 20 -5.94 7.20 51.38
CA VAL V 20 -5.83 6.79 50.00
C VAL V 20 -5.23 5.40 49.96
N ILE V 21 -5.65 4.60 48.99
CA ILE V 21 -5.25 3.21 48.89
C ILE V 21 -4.93 2.92 47.43
N MET V 22 -3.79 2.29 47.20
CA MET V 22 -3.32 1.96 45.87
C MET V 22 -2.78 0.55 45.89
N ALA V 23 -2.92 -0.16 44.77
CA ALA V 23 -2.53 -1.56 44.71
C ALA V 23 -2.24 -1.94 43.27
N THR V 24 -1.41 -2.98 43.13
CA THR V 24 -1.05 -3.50 41.83
C THR V 24 -0.80 -4.99 41.94
N GLU V 25 -0.54 -5.60 40.80
CA GLU V 25 0.06 -6.91 40.72
C GLU V 25 1.51 -6.73 40.27
N ARG V 26 2.21 -7.85 40.11
CA ARG V 26 3.65 -7.82 39.88
C ARG V 26 4.09 -8.46 38.57
N ARG V 27 3.20 -9.13 37.86
CA ARG V 27 3.61 -9.85 36.66
C ARG V 27 4.06 -8.89 35.58
N VAL V 28 5.14 -9.27 34.90
CA VAL V 28 5.68 -8.53 33.77
C VAL V 28 5.77 -9.48 32.60
N THR V 29 5.64 -8.96 31.39
CA THR V 29 5.63 -9.76 30.17
C THR V 29 6.51 -9.10 29.12
N MET V 30 7.62 -9.75 28.81
CA MET V 30 8.50 -9.32 27.74
C MET V 30 8.72 -10.49 26.79
N GLU V 31 8.73 -10.18 25.50
CA GLU V 31 8.94 -11.18 24.45
C GLU V 31 7.74 -12.10 24.32
N ASN V 32 6.56 -11.64 24.76
CA ASN V 32 5.31 -12.35 24.56
C ASN V 32 5.23 -13.59 25.44
N PHE V 33 5.88 -13.55 26.60
CA PHE V 33 5.74 -14.61 27.58
C PHE V 33 6.09 -14.04 28.95
N ILE V 34 5.80 -14.84 29.98
CA ILE V 34 5.97 -14.41 31.36
C ILE V 34 7.44 -14.51 31.71
N MET V 35 8.14 -13.38 31.66
CA MET V 35 9.56 -13.34 31.92
C MET V 35 9.89 -13.01 33.37
N HIS V 36 9.02 -12.27 34.04
CA HIS V 36 9.23 -11.91 35.43
C HIS V 36 7.91 -11.97 36.18
N LYS V 37 7.98 -12.46 37.42
CA LYS V 37 6.80 -12.61 38.25
C LYS V 37 6.72 -11.62 39.40
N ASN V 38 7.86 -11.08 39.85
CA ASN V 38 7.87 -10.17 40.98
C ASN V 38 8.36 -8.80 40.57
N GLY V 39 7.80 -8.28 39.48
CA GLY V 39 8.10 -6.93 39.08
C GLY V 39 7.62 -5.92 40.10
N LYS V 40 7.78 -4.64 39.75
CA LYS V 40 7.36 -3.54 40.61
C LYS V 40 6.68 -2.48 39.76
N LYS V 41 5.54 -2.01 40.23
CA LYS V 41 4.76 -1.01 39.53
C LYS V 41 4.17 0.04 40.44
N LEU V 42 4.38 -0.04 41.74
CA LEU V 42 3.87 0.92 42.70
C LEU V 42 5.04 1.58 43.41
N PHE V 43 5.07 2.91 43.38
CA PHE V 43 6.22 3.67 43.85
C PHE V 43 5.77 4.78 44.78
N GLN V 44 6.64 5.11 45.71
CA GLN V 44 6.51 6.28 46.57
C GLN V 44 7.39 7.38 46.01
N ILE V 45 6.76 8.45 45.53
CA ILE V 45 7.49 9.57 44.95
C ILE V 45 7.54 10.77 45.88
N ASP V 46 6.83 10.69 46.99
CA ASP V 46 6.81 11.79 47.98
C ASP V 46 6.39 11.22 49.32
N THR V 47 6.39 12.05 50.35
CA THR V 47 6.08 11.60 51.71
C THR V 47 4.62 11.20 51.84
N TYR V 48 3.73 11.87 51.14
CA TYR V 48 2.30 11.59 51.16
C TYR V 48 1.77 11.41 49.75
N THR V 49 2.56 10.76 48.90
CA THR V 49 2.23 10.66 47.48
C THR V 49 2.80 9.37 46.91
N GLY V 50 2.03 8.77 46.01
CA GLY V 50 2.45 7.55 45.34
C GLY V 50 1.98 7.55 43.91
N MET V 51 2.51 6.60 43.14
CA MET V 51 2.20 6.51 41.73
C MET V 51 2.22 5.06 41.28
N THR V 52 1.39 4.76 40.29
CA THR V 52 1.40 3.49 39.60
C THR V 52 1.70 3.71 38.12
N ILE V 53 2.01 2.63 37.43
CA ILE V 53 2.39 2.68 36.03
C ILE V 53 1.82 1.48 35.31
N ALA V 54 1.58 1.65 34.02
CA ALA V 54 1.13 0.56 33.16
C ALA V 54 1.52 0.90 31.73
N GLY V 55 2.12 -0.07 31.05
CA GLY V 55 2.57 0.10 29.69
C GLY V 55 4.04 -0.21 29.55
N LEU V 56 4.70 0.51 28.66
CA LEU V 56 6.11 0.29 28.40
C LEU V 56 6.91 0.54 29.67
N VAL V 57 7.67 -0.48 30.08
CA VAL V 57 8.39 -0.42 31.35
C VAL V 57 9.43 0.68 31.33
N GLY V 58 10.23 0.73 30.27
CA GLY V 58 11.31 1.71 30.22
C GLY V 58 10.80 3.13 30.33
N ASP V 59 9.80 3.47 29.53
CA ASP V 59 9.26 4.83 29.56
C ASP V 59 8.72 5.18 30.93
N ALA V 60 8.24 4.18 31.66
CA ALA V 60 7.67 4.44 32.98
C ALA V 60 8.76 4.62 34.03
N GLN V 61 9.72 3.71 34.08
CA GLN V 61 10.81 3.83 35.04
C GLN V 61 11.49 5.18 34.94
N VAL V 62 11.67 5.67 33.71
CA VAL V 62 12.28 6.99 33.51
C VAL V 62 11.50 8.04 34.28
N LEU V 63 10.21 8.16 33.98
CA LEU V 63 9.38 9.16 34.63
C LEU V 63 9.52 9.10 36.15
N VAL V 64 9.36 7.91 36.72
CA VAL V 64 9.44 7.76 38.16
C VAL V 64 10.72 8.38 38.69
N ARG V 65 11.78 8.38 37.90
CA ARG V 65 13.02 8.99 38.33
C ARG V 65 12.95 10.51 38.22
N TYR V 66 12.34 11.00 37.14
CA TYR V 66 12.16 12.45 37.00
C TYR V 66 11.30 12.99 38.13
N MET V 67 10.18 12.33 38.42
CA MET V 67 9.25 12.85 39.41
C MET V 67 9.86 12.84 40.80
N LYS V 68 10.49 11.72 41.17
CA LYS V 68 11.14 11.65 42.48
C LYS V 68 12.11 12.81 42.67
N ALA V 69 12.71 13.29 41.58
CA ALA V 69 13.69 14.35 41.68
C ALA V 69 13.01 15.71 41.81
N GLU V 70 12.06 16.00 40.93
CA GLU V 70 11.38 17.27 40.96
C GLU V 70 10.69 17.51 42.28
N LEU V 71 10.25 16.44 42.95
CA LEU V 71 9.50 16.59 44.19
C LEU V 71 10.41 16.65 45.39
N GLU V 72 11.56 15.99 45.33
CA GLU V 72 12.51 16.09 46.42
C GLU V 72 13.24 17.42 46.39
N LEU V 73 13.44 17.96 45.20
CA LEU V 73 13.99 19.30 45.07
C LEU V 73 13.06 20.32 45.70
N TYR V 74 11.83 20.42 45.18
CA TYR V 74 10.83 21.31 45.76
C TYR V 74 10.81 21.21 47.28
N ARG V 75 10.74 19.98 47.81
CA ARG V 75 10.58 19.81 49.24
C ARG V 75 11.75 20.41 50.02
N LEU V 76 12.92 20.43 49.40
CA LEU V 76 14.10 20.94 50.10
C LEU V 76 14.20 22.45 49.98
N GLN V 77 13.98 22.97 48.79
CA GLN V 77 14.02 24.41 48.58
C GLN V 77 12.89 25.11 49.34
N ARG V 78 11.65 24.69 49.09
CA ARG V 78 10.44 25.35 49.66
C ARG V 78 10.10 24.81 51.05
N ARG V 79 10.60 23.64 51.45
CA ARG V 79 10.44 23.12 52.80
C ARG V 79 9.08 22.48 53.04
N VAL V 80 8.27 22.28 52.00
CA VAL V 80 7.00 21.61 52.13
C VAL V 80 6.70 20.83 50.85
N ASN V 81 5.73 19.93 50.94
CA ASN V 81 5.42 19.03 49.85
C ASN V 81 4.49 19.70 48.85
N MET V 82 4.69 19.36 47.58
CA MET V 82 3.84 19.89 46.54
C MET V 82 2.44 19.28 46.65
N PRO V 83 1.40 20.05 46.37
CA PRO V 83 0.06 19.46 46.32
C PRO V 83 -0.03 18.39 45.25
N ILE V 84 -1.23 17.82 45.12
CA ILE V 84 -1.41 16.71 44.20
C ILE V 84 -1.90 17.21 42.85
N GLU V 85 -2.78 18.20 42.85
CA GLU V 85 -3.24 18.80 41.60
C GLU V 85 -2.05 19.30 40.78
N ALA V 86 -1.01 19.77 41.46
CA ALA V 86 0.15 20.30 40.75
C ALA V 86 1.02 19.19 40.20
N VAL V 87 1.18 18.11 40.95
CA VAL V 87 1.94 16.95 40.45
C VAL V 87 1.36 16.48 39.14
N ALA V 88 0.05 16.29 39.10
CA ALA V 88 -0.60 15.82 37.89
C ALA V 88 -0.45 16.83 36.75
N THR V 89 -0.54 18.12 37.07
CA THR V 89 -0.37 19.14 36.06
C THR V 89 1.04 19.13 35.49
N LEU V 90 2.03 18.97 36.37
CA LEU V 90 3.41 18.90 35.91
C LEU V 90 3.61 17.78 34.91
N LEU V 91 3.10 16.59 35.21
CA LEU V 91 3.17 15.49 34.26
C LEU V 91 2.43 15.83 32.97
N SER V 92 1.17 16.25 33.09
CA SER V 92 0.36 16.56 31.92
C SER V 92 1.15 17.38 30.91
N ASN V 93 1.95 18.31 31.37
CA ASN V 93 2.75 19.13 30.47
C ASN V 93 3.96 18.36 29.95
N MET V 94 4.56 17.54 30.80
CA MET V 94 5.75 16.81 30.39
C MET V 94 5.43 15.76 29.34
N LEU V 95 4.15 15.39 29.22
CA LEU V 95 3.78 14.38 28.24
C LEU V 95 3.21 15.03 26.98
N ASN V 96 2.35 16.02 27.13
CA ASN V 96 1.81 16.71 25.96
C ASN V 96 2.91 17.32 25.11
N GLN V 97 4.03 17.69 25.75
N GLN V 97 4.03 17.69 25.75
CA GLN V 97 5.13 18.29 25.01
CA GLN V 97 5.13 18.29 25.01
C GLN V 97 5.77 17.33 24.01
C GLN V 97 5.77 17.33 24.01
N VAL V 98 5.50 16.04 24.11
CA VAL V 98 6.08 15.05 23.22
C VAL V 98 4.98 14.12 22.73
N LYS V 99 3.79 14.66 22.50
CA LYS V 99 2.65 13.82 22.15
C LYS V 99 2.82 13.16 20.79
N TYR V 100 3.83 13.57 20.02
CA TYR V 100 4.11 12.96 18.73
C TYR V 100 5.36 12.07 18.77
N MET V 101 6.13 12.11 19.85
CA MET V 101 7.18 11.13 20.12
C MET V 101 7.01 10.68 21.57
N PRO V 102 5.88 10.07 21.88
CA PRO V 102 5.39 10.07 23.26
C PRO V 102 5.84 8.88 24.10
N TYR V 103 5.53 8.99 25.40
CA TYR V 103 5.61 7.87 26.32
C TYR V 103 4.32 7.08 26.22
N MET V 104 4.44 5.75 26.10
CA MET V 104 3.28 4.88 25.97
C MET V 104 2.98 4.26 27.34
N VAL V 105 2.26 5.03 28.16
CA VAL V 105 1.99 4.65 29.53
C VAL V 105 0.61 5.15 29.95
N GLN V 106 0.13 4.59 31.05
CA GLN V 106 -1.04 5.06 31.76
C GLN V 106 -0.70 5.13 33.24
N LEU V 107 -1.05 6.24 33.87
CA LEU V 107 -0.58 6.53 35.22
C LEU V 107 -1.73 6.85 36.15
N LEU V 108 -1.48 6.63 37.44
CA LEU V 108 -2.36 7.07 38.51
C LEU V 108 -1.51 7.78 39.55
N VAL V 109 -2.05 8.87 40.09
CA VAL V 109 -1.40 9.65 41.11
C VAL V 109 -2.33 9.78 42.29
N GLY V 110 -1.82 9.50 43.48
CA GLY V 110 -2.63 9.56 44.68
C GLY V 110 -1.81 10.05 45.84
N GLY V 111 -2.45 10.84 46.70
CA GLY V 111 -1.75 11.39 47.83
C GLY V 111 -2.69 12.11 48.75
N ILE V 112 -2.10 12.85 49.68
CA ILE V 112 -2.83 13.60 50.69
C ILE V 112 -2.23 14.99 50.78
N ASP V 113 -3.10 16.00 50.80
CA ASP V 113 -2.69 17.35 51.15
C ASP V 113 -3.57 17.91 52.25
N THR V 114 -4.59 18.69 51.93
CA THR V 114 -5.63 19.02 52.90
C THR V 114 -6.71 17.95 52.85
N ALA V 115 -6.77 17.22 51.76
CA ALA V 115 -7.73 16.16 51.56
C ALA V 115 -7.14 15.11 50.62
N PRO V 116 -7.79 13.96 50.51
CA PRO V 116 -7.31 12.94 49.58
C PRO V 116 -7.64 13.32 48.14
N HIS V 117 -6.82 12.81 47.22
CA HIS V 117 -7.01 13.07 45.81
C HIS V 117 -6.43 11.92 45.01
N VAL V 118 -7.08 11.58 43.90
CA VAL V 118 -6.61 10.59 42.96
C VAL V 118 -6.77 11.14 41.56
N PHE V 119 -5.77 10.95 40.72
CA PHE V 119 -5.77 11.46 39.36
C PHE V 119 -5.38 10.36 38.39
N SER V 120 -6.06 10.32 37.26
CA SER V 120 -5.71 9.46 36.14
C SER V 120 -5.10 10.31 35.04
N ILE V 121 -4.10 9.77 34.37
CA ILE V 121 -3.31 10.50 33.40
C ILE V 121 -3.01 9.60 32.21
N ASP V 122 -3.17 10.15 31.02
CA ASP V 122 -2.96 9.41 29.79
C ASP V 122 -1.66 9.84 29.14
N ALA V 123 -1.36 9.23 27.99
CA ALA V 123 -0.09 9.47 27.33
C ALA V 123 -0.02 10.86 26.72
N ALA V 124 -1.16 11.45 26.38
CA ALA V 124 -1.18 12.76 25.74
C ALA V 124 -1.20 13.91 26.74
N GLY V 125 -1.42 13.63 28.01
CA GLY V 125 -1.39 14.64 29.04
C GLY V 125 -2.70 14.88 29.74
N GLY V 126 -3.75 14.16 29.38
CA GLY V 126 -5.05 14.39 29.99
C GLY V 126 -5.06 13.93 31.43
N SER V 127 -5.42 14.83 32.33
CA SER V 127 -5.48 14.55 33.76
C SER V 127 -6.89 14.77 34.25
N VAL V 128 -7.40 13.81 35.01
CA VAL V 128 -8.77 13.87 35.53
C VAL V 128 -8.77 13.34 36.96
N GLU V 129 -9.44 14.05 37.85
CA GLU V 129 -9.59 13.64 39.22
C GLU V 129 -10.84 12.78 39.38
N ASP V 130 -10.75 11.78 40.24
CA ASP V 130 -11.85 10.83 40.43
C ASP V 130 -11.72 10.20 41.82
N ILE V 131 -12.78 9.56 42.30
CA ILE V 131 -12.77 8.92 43.61
C ILE V 131 -12.11 7.55 43.54
N TYR V 132 -12.17 6.91 42.39
CA TYR V 132 -11.44 5.68 42.17
C TYR V 132 -11.20 5.49 40.69
N ALA V 133 -10.12 4.80 40.39
CA ALA V 133 -9.71 4.57 39.01
C ALA V 133 -8.87 3.32 38.94
N SER V 134 -8.58 2.90 37.71
CA SER V 134 -7.81 1.70 37.45
C SER V 134 -7.23 1.77 36.05
N THR V 135 -6.07 1.14 35.90
CA THR V 135 -5.40 1.11 34.59
C THR V 135 -4.99 -0.33 34.30
N GLY V 136 -4.66 -0.62 33.06
CA GLY V 136 -4.18 -1.91 32.62
C GLY V 136 -5.24 -2.71 31.92
N SER V 137 -4.80 -3.86 31.41
CA SER V 137 -5.71 -4.74 30.69
C SER V 137 -6.79 -5.30 31.59
N GLY V 138 -6.54 -5.35 32.89
CA GLY V 138 -7.50 -5.82 33.86
C GLY V 138 -8.37 -4.75 34.47
N SER V 139 -8.25 -3.52 33.99
CA SER V 139 -9.05 -2.42 34.53
C SER V 139 -10.53 -2.73 34.55
N PRO V 140 -11.14 -3.15 33.44
CA PRO V 140 -12.61 -3.33 33.45
C PRO V 140 -13.10 -4.33 34.46
N PHE V 141 -12.38 -5.43 34.66
CA PHE V 141 -12.80 -6.39 35.68
C PHE V 141 -12.77 -5.78 37.07
N VAL V 142 -12.07 -4.65 37.22
CA VAL V 142 -12.03 -3.97 38.51
C VAL V 142 -13.19 -3.00 38.63
N TYR V 143 -13.44 -2.22 37.58
CA TYR V 143 -14.55 -1.29 37.60
C TYR V 143 -15.86 -1.99 37.88
N GLY V 144 -15.97 -3.25 37.47
CA GLY V 144 -17.19 -4.01 37.74
C GLY V 144 -17.35 -4.34 39.20
N VAL V 145 -16.24 -4.48 39.93
CA VAL V 145 -16.32 -4.80 41.34
C VAL V 145 -16.58 -3.54 42.16
N LEU V 146 -16.00 -2.42 41.74
CA LEU V 146 -16.16 -1.19 42.49
C LEU V 146 -17.54 -0.60 42.31
N GLU V 147 -18.06 -0.61 41.08
CA GLU V 147 -19.42 -0.15 40.85
C GLU V 147 -20.44 -0.86 41.72
N SER V 148 -20.11 -2.05 42.21
CA SER V 148 -21.05 -2.89 42.94
C SER V 148 -20.81 -2.91 44.44
N GLN V 149 -19.60 -2.60 44.89
CA GLN V 149 -19.25 -2.73 46.30
C GLN V 149 -18.62 -1.51 46.92
N TYR V 150 -18.21 -0.53 46.13
CA TYR V 150 -17.59 0.65 46.69
C TYR V 150 -18.59 1.47 47.49
N SER V 151 -18.10 2.13 48.53
CA SER V 151 -18.92 3.01 49.35
C SER V 151 -18.00 3.98 50.07
N GLU V 152 -18.19 5.28 49.84
CA GLU V 152 -17.37 6.33 50.49
C GLU V 152 -17.37 6.15 52.01
N LYS V 153 -18.39 5.53 52.59
CA LYS V 153 -18.50 5.41 54.04
C LYS V 153 -17.63 4.29 54.61
N MET V 154 -16.84 3.63 53.77
CA MET V 154 -16.09 2.47 54.23
C MET V 154 -14.85 2.89 55.00
N THR V 155 -14.35 1.96 55.79
CA THR V 155 -13.13 2.15 56.56
C THR V 155 -11.92 1.80 55.71
N VAL V 156 -10.76 1.72 56.38
CA VAL V 156 -9.54 1.35 55.69
C VAL V 156 -9.46 -0.16 55.55
N ASP V 157 -9.73 -0.89 56.63
CA ASP V 157 -9.70 -2.35 56.57
C ASP V 157 -10.67 -2.87 55.51
N GLU V 158 -11.80 -2.19 55.33
CA GLU V 158 -12.77 -2.62 54.33
C GLU V 158 -12.29 -2.29 52.93
N GLY V 159 -11.58 -1.17 52.77
CA GLY V 159 -11.10 -0.78 51.47
C GLY V 159 -9.96 -1.64 50.99
N VAL V 160 -9.12 -2.11 51.93
CA VAL V 160 -8.04 -3.01 51.58
C VAL V 160 -8.60 -4.34 51.07
N ASP V 161 -9.59 -4.88 51.78
CA ASP V 161 -10.20 -6.13 51.36
C ASP V 161 -10.85 -5.99 50.00
N LEU V 162 -11.27 -4.77 49.65
CA LEU V 162 -11.95 -4.56 48.39
C LEU V 162 -10.99 -4.60 47.22
N VAL V 163 -9.91 -3.83 47.30
CA VAL V 163 -8.93 -3.81 46.23
C VAL V 163 -8.36 -5.20 46.00
N ILE V 164 -8.36 -6.02 47.03
CA ILE V 164 -7.87 -7.39 46.90
C ILE V 164 -8.91 -8.24 46.18
N ARG V 165 -10.17 -8.13 46.58
CA ARG V 165 -11.22 -8.85 45.87
C ARG V 165 -11.27 -8.45 44.40
N ALA V 166 -10.85 -7.23 44.10
CA ALA V 166 -10.95 -6.73 42.73
C ALA V 166 -9.83 -7.26 41.86
N ILE V 167 -8.59 -7.12 42.33
CA ILE V 167 -7.45 -7.58 41.55
C ILE V 167 -7.44 -9.09 41.46
N SER V 168 -7.84 -9.77 42.53
CA SER V 168 -7.91 -11.22 42.50
C SER V 168 -8.86 -11.69 41.40
N ALA V 169 -9.78 -10.83 40.98
CA ALA V 169 -10.72 -11.20 39.93
C ALA V 169 -10.09 -10.99 38.56
N ALA V 170 -9.37 -9.90 38.38
CA ALA V 170 -8.69 -9.67 37.11
C ALA V 170 -7.66 -10.76 36.84
N LYS V 171 -6.97 -11.21 37.88
CA LYS V 171 -6.01 -12.29 37.72
C LYS V 171 -6.69 -13.56 37.22
N GLN V 172 -7.96 -13.75 37.54
CA GLN V 172 -8.70 -14.91 37.11
C GLN V 172 -9.20 -14.79 35.68
N ARG V 173 -9.13 -13.61 35.08
CA ARG V 173 -9.71 -13.38 33.76
C ARG V 173 -8.80 -12.63 32.80
N ASP V 174 -7.75 -11.96 33.28
CA ASP V 174 -6.78 -11.32 32.42
C ASP V 174 -5.49 -12.12 32.47
N SER V 175 -4.99 -12.50 31.29
CA SER V 175 -3.82 -13.35 31.22
C SER V 175 -2.53 -12.60 31.49
N ALA V 176 -2.51 -11.30 31.25
CA ALA V 176 -1.33 -10.48 31.47
C ALA V 176 -1.25 -9.92 32.89
N SER V 177 -2.07 -10.41 33.80
CA SER V 177 -2.06 -9.97 35.19
C SER V 177 -1.85 -11.19 36.08
N GLY V 178 -0.98 -11.03 37.07
CA GLY V 178 -0.71 -12.12 37.98
C GLY V 178 0.39 -11.74 38.94
N GLY V 179 0.56 -12.59 39.94
CA GLY V 179 1.57 -12.38 40.95
C GLY V 179 0.99 -12.00 42.29
N MET V 180 1.88 -11.81 43.24
CA MET V 180 1.47 -11.34 44.56
C MET V 180 1.04 -9.88 44.45
N ILE V 181 0.21 -9.47 45.39
CA ILE V 181 -0.41 -8.15 45.38
C ILE V 181 0.35 -7.23 46.30
N ASP V 182 0.72 -6.07 45.78
CA ASP V 182 1.37 -5.03 46.57
C ASP V 182 0.35 -3.94 46.87
N VAL V 183 0.28 -3.54 48.13
CA VAL V 183 -0.72 -2.59 48.60
C VAL V 183 -0.04 -1.50 49.39
N ALA V 184 -0.55 -0.28 49.27
CA ALA V 184 -0.05 0.86 50.01
C ALA V 184 -1.22 1.62 50.61
N VAL V 185 -0.95 2.28 51.72
CA VAL V 185 -1.95 3.08 52.42
C VAL V 185 -1.31 4.41 52.80
N ILE V 186 -2.07 5.48 52.68
CA ILE V 186 -1.56 6.83 52.87
C ILE V 186 -2.50 7.57 53.82
N THR V 187 -1.91 8.19 54.84
CA THR V 187 -2.65 9.01 55.79
C THR V 187 -1.73 10.09 56.30
N ARG V 188 -2.35 11.23 56.65
CA ARG V 188 -1.59 12.34 57.21
C ARG V 188 -0.92 11.93 58.52
N LYS V 189 -1.47 10.93 59.19
CA LYS V 189 -0.93 10.52 60.48
C LYS V 189 0.30 9.65 60.31
N ASP V 190 0.12 8.45 59.75
CA ASP V 190 1.19 7.49 59.60
C ASP V 190 1.96 7.63 58.29
N GLY V 191 1.44 8.39 57.34
CA GLY V 191 2.12 8.58 56.09
C GLY V 191 1.98 7.39 55.15
N TYR V 192 2.83 7.40 54.13
CA TYR V 192 2.86 6.31 53.17
C TYR V 192 3.33 5.04 53.85
N VAL V 193 2.57 3.97 53.69
CA VAL V 193 2.85 2.69 54.34
C VAL V 193 2.58 1.57 53.35
N GLN V 194 3.60 0.79 53.04
CA GLN V 194 3.47 -0.39 52.21
C GLN V 194 3.19 -1.58 53.13
N LEU V 195 2.11 -2.29 52.86
CA LEU V 195 1.68 -3.33 53.77
C LEU V 195 2.60 -4.55 53.67
N PRO V 196 2.88 -5.21 54.78
CA PRO V 196 3.67 -6.45 54.71
C PRO V 196 2.94 -7.52 53.94
N THR V 197 3.71 -8.41 53.33
CA THR V 197 3.14 -9.47 52.52
C THR V 197 2.30 -10.43 53.36
N ASP V 198 2.71 -10.64 54.61
CA ASP V 198 1.99 -11.58 55.46
C ASP V 198 0.58 -11.11 55.75
N GLN V 199 0.39 -9.80 55.92
CA GLN V 199 -0.95 -9.28 56.15
C GLN V 199 -1.85 -9.51 54.95
N ILE V 200 -1.26 -9.47 53.74
CA ILE V 200 -2.04 -9.70 52.54
C ILE V 200 -2.48 -11.15 52.48
N GLU V 201 -1.52 -12.07 52.59
CA GLU V 201 -1.85 -13.49 52.59
C GLU V 201 -2.89 -13.82 53.64
N SER V 202 -2.80 -13.18 54.80
CA SER V 202 -3.76 -13.41 55.86
C SER V 202 -5.18 -13.05 55.41
N ARG V 203 -5.36 -11.83 54.93
CA ARG V 203 -6.68 -11.39 54.51
C ARG V 203 -7.21 -12.26 53.38
N ILE V 204 -6.33 -12.75 52.52
CA ILE V 204 -6.75 -13.58 51.39
C ILE V 204 -7.41 -14.85 51.91
N ARG V 205 -6.68 -15.62 52.72
CA ARG V 205 -7.26 -16.81 53.33
C ARG V 205 -8.56 -16.47 54.05
N LYS V 206 -8.57 -15.32 54.72
CA LYS V 206 -9.76 -14.91 55.46
C LYS V 206 -10.94 -14.67 54.52
N LEU V 207 -10.66 -14.40 53.25
CA LEU V 207 -11.72 -14.12 52.28
C LEU V 207 -12.01 -15.31 51.38
N GLY V 208 -11.08 -16.24 51.22
CA GLY V 208 -11.31 -17.40 50.39
C GLY V 208 -10.95 -17.18 48.94
N LEU V 209 -9.70 -16.83 48.66
CA LEU V 209 -9.23 -16.56 47.30
C LEU V 209 -7.96 -17.31 46.96
N ILE V 210 -7.81 -18.55 47.44
CA ILE V 210 -6.61 -19.31 47.17
C ILE V 210 -6.93 -20.80 47.26
N THR W 9 20.62 -17.58 19.45
CA THR W 9 21.45 -17.22 20.62
C THR W 9 20.79 -17.71 21.89
N THR W 10 21.59 -17.98 22.92
CA THR W 10 21.07 -18.45 24.19
C THR W 10 22.00 -18.01 25.31
N THR W 11 21.51 -17.16 26.19
CA THR W 11 22.28 -16.70 27.37
C THR W 11 21.46 -17.06 28.61
N VAL W 12 22.09 -17.17 29.77
CA VAL W 12 21.45 -17.52 31.03
C VAL W 12 22.28 -16.95 32.17
N GLY W 13 21.58 -16.45 33.17
CA GLY W 13 22.22 -15.99 34.39
C GLY W 13 21.35 -16.27 35.59
N ILE W 14 21.92 -16.88 36.63
CA ILE W 14 21.18 -17.21 37.83
C ILE W 14 21.83 -16.56 39.03
N THR W 15 21.29 -16.88 40.19
CA THR W 15 21.68 -16.27 41.45
C THR W 15 21.56 -17.30 42.56
N LEU W 16 22.60 -17.36 43.39
CA LEU W 16 22.60 -18.26 44.54
C LEU W 16 22.79 -17.48 45.82
N LYS W 17 23.26 -18.14 46.87
CA LYS W 17 23.39 -17.49 48.17
C LYS W 17 24.47 -16.42 48.13
N ASP W 18 25.68 -16.82 47.73
CA ASP W 18 26.82 -15.92 47.73
C ASP W 18 27.57 -15.98 46.40
N ALA W 19 26.87 -16.22 45.31
CA ALA W 19 27.53 -16.36 44.02
C ALA W 19 26.57 -15.99 42.91
N VAL W 20 27.14 -15.80 41.73
CA VAL W 20 26.40 -15.56 40.50
C VAL W 20 27.04 -16.40 39.40
N ILE W 21 26.21 -16.88 38.50
CA ILE W 21 26.65 -17.78 37.43
C ILE W 21 26.00 -17.34 36.14
N MET W 22 26.81 -17.24 35.09
CA MET W 22 26.36 -16.81 33.78
C MET W 22 26.99 -17.71 32.73
N ALA W 23 26.26 -17.94 31.65
CA ALA W 23 26.72 -18.86 30.63
C ALA W 23 26.09 -18.51 29.29
N THR W 24 26.76 -18.92 28.23
CA THR W 24 26.29 -18.70 26.88
C THR W 24 26.76 -19.83 25.99
N GLU W 25 26.31 -19.79 24.75
CA GLU W 25 26.90 -20.54 23.67
C GLU W 25 27.69 -19.58 22.79
N ARG W 26 28.27 -20.09 21.71
CA ARG W 26 29.22 -19.32 20.92
C ARG W 26 28.82 -19.17 19.46
N ARG W 27 27.78 -19.86 19.00
CA ARG W 27 27.43 -19.81 17.59
C ARG W 27 26.95 -18.42 17.20
N VAL W 28 27.39 -17.99 16.02
CA VAL W 28 26.97 -16.73 15.43
C VAL W 28 26.44 -17.02 14.03
N THR W 29 25.50 -16.21 13.58
CA THR W 29 24.82 -16.42 12.31
C THR W 29 24.73 -15.10 11.56
N MET W 30 25.47 -15.00 10.46
CA MET W 30 25.40 -13.85 9.57
C MET W 30 25.13 -14.35 8.17
N GLU W 31 24.27 -13.62 7.46
CA GLU W 31 23.90 -13.95 6.08
C GLU W 31 23.04 -15.20 6.02
N ASN W 32 22.36 -15.52 7.12
CA ASN W 32 21.38 -16.60 7.17
C ASN W 32 22.06 -17.97 7.09
N PHE W 33 23.28 -18.06 7.60
CA PHE W 33 23.94 -19.34 7.73
C PHE W 33 24.99 -19.23 8.82
N ILE W 34 25.55 -20.38 9.19
CA ILE W 34 26.49 -20.47 10.30
C ILE W 34 27.84 -20.00 9.80
N MET W 35 28.18 -18.75 10.08
CA MET W 35 29.42 -18.16 9.63
C MET W 35 30.54 -18.28 10.65
N HIS W 36 30.21 -18.32 11.93
CA HIS W 36 31.20 -18.45 12.98
C HIS W 36 30.69 -19.38 14.06
N LYS W 37 31.58 -20.20 14.60
CA LYS W 37 31.25 -21.17 15.62
C LYS W 37 31.78 -20.82 17.00
N ASN W 38 32.85 -20.03 17.09
CA ASN W 38 33.45 -19.70 18.36
C ASN W 38 33.37 -18.22 18.65
N GLY W 39 32.18 -17.65 18.47
CA GLY W 39 31.96 -16.28 18.83
C GLY W 39 32.11 -16.06 20.31
N LYS W 40 31.83 -14.82 20.72
CA LYS W 40 31.90 -14.43 22.12
C LYS W 40 30.70 -13.57 22.48
N LYS W 41 30.06 -13.89 23.60
CA LYS W 41 28.89 -13.18 24.05
C LYS W 41 28.87 -12.93 25.54
N LEU W 42 29.87 -13.38 26.28
CA LEU W 42 29.95 -13.19 27.71
C LEU W 42 31.21 -12.38 28.03
N PHE W 43 31.02 -11.28 28.75
CA PHE W 43 32.08 -10.32 28.97
C PHE W 43 32.18 -9.96 30.44
N GLN W 44 33.39 -9.64 30.86
CA GLN W 44 33.66 -9.07 32.17
C GLN W 44 33.82 -7.57 32.02
N ILE W 45 32.90 -6.82 32.58
CA ILE W 45 32.92 -5.36 32.49
C ILE W 45 33.39 -4.72 33.78
N ASP W 46 33.56 -5.52 34.82
CA ASP W 46 34.02 -4.99 36.12
C ASP W 46 34.63 -6.14 36.91
N THR W 47 35.18 -5.85 38.08
CA THR W 47 35.86 -6.85 38.89
C THR W 47 34.90 -7.90 39.43
N TYR W 48 33.68 -7.48 39.75
CA TYR W 48 32.65 -8.38 40.26
C TYR W 48 31.38 -8.26 39.45
N THR W 49 31.52 -8.11 38.14
CA THR W 49 30.40 -7.82 37.27
C THR W 49 30.63 -8.39 35.89
N GLY W 50 29.56 -8.90 35.28
CA GLY W 50 29.62 -9.45 33.95
C GLY W 50 28.36 -9.13 33.18
N MET W 51 28.40 -9.37 31.88
CA MET W 51 27.29 -9.07 31.01
C MET W 51 27.22 -10.07 29.87
N THR W 52 26.00 -10.33 29.41
CA THR W 52 25.75 -11.10 28.21
C THR W 52 25.01 -10.24 27.21
N ILE W 53 24.97 -10.72 25.97
CA ILE W 53 24.35 -9.99 24.88
C ILE W 53 23.62 -10.95 23.96
N ALA W 54 22.60 -10.45 23.29
CA ALA W 54 21.86 -11.22 22.30
C ALA W 54 21.20 -10.25 21.35
N GLY W 55 21.36 -10.51 20.05
CA GLY W 55 20.81 -9.66 19.01
C GLY W 55 21.89 -9.19 18.06
N LEU W 56 21.72 -7.98 17.56
CA LEU W 56 22.66 -7.42 16.61
C LEU W 56 24.03 -7.32 17.25
N VAL W 57 25.02 -7.93 16.59
CA VAL W 57 26.35 -8.03 17.16
C VAL W 57 26.98 -6.66 17.28
N GLY W 58 26.91 -5.86 16.22
CA GLY W 58 27.55 -4.56 16.25
C GLY W 58 27.04 -3.68 17.37
N ASP W 59 25.73 -3.57 17.48
CA ASP W 59 25.15 -2.72 18.52
C ASP W 59 25.56 -3.20 19.90
N ALA W 60 25.81 -4.50 20.05
CA ALA W 60 26.17 -5.03 21.36
C ALA W 60 27.64 -4.77 21.68
N GLN W 61 28.52 -5.09 20.74
CA GLN W 61 29.94 -4.84 20.96
C GLN W 61 30.21 -3.39 21.34
N VAL W 62 29.50 -2.47 20.70
CA VAL W 62 29.65 -1.06 21.04
C VAL W 62 29.39 -0.84 22.52
N LEU W 63 28.21 -1.23 22.99
CA LEU W 63 27.85 -1.03 24.38
C LEU W 63 28.93 -1.58 25.31
N VAL W 64 29.34 -2.82 25.09
CA VAL W 64 30.34 -3.44 25.95
C VAL W 64 31.56 -2.54 26.08
N ARG W 65 31.87 -1.77 25.04
CA ARG W 65 32.99 -0.86 25.11
C ARG W 65 32.65 0.38 25.94
N TYR W 66 31.43 0.90 25.76
CA TYR W 66 31.01 2.02 26.58
C TYR W 66 30.99 1.66 28.05
N MET W 67 30.43 0.51 28.38
CA MET W 67 30.28 0.15 29.79
C MET W 67 31.62 -0.11 30.44
N LYS W 68 32.50 -0.86 29.77
CA LYS W 68 33.83 -1.10 30.32
C LYS W 68 34.52 0.21 30.66
N ALA W 69 34.22 1.28 29.92
CA ALA W 69 34.89 2.55 30.14
C ALA W 69 34.26 3.29 31.31
N GLU W 70 32.93 3.41 31.31
CA GLU W 70 32.25 4.13 32.37
C GLU W 70 32.54 3.51 33.74
N LEU W 71 32.79 2.20 33.77
CA LEU W 71 32.98 1.52 35.05
C LEU W 71 34.43 1.54 35.48
N GLU W 72 35.35 1.56 34.53
CA GLU W 72 36.76 1.67 34.89
C GLU W 72 37.11 3.09 35.28
N LEU W 73 36.42 4.06 34.68
CA LEU W 73 36.56 5.44 35.11
C LEU W 73 36.12 5.62 36.56
N TYR W 74 34.84 5.32 36.83
CA TYR W 74 34.32 5.37 38.19
C TYR W 74 35.28 4.72 39.18
N ARG W 75 35.74 3.50 38.87
CA ARG W 75 36.56 2.76 39.82
C ARG W 75 37.86 3.49 40.14
N LEU W 76 38.36 4.28 39.20
CA LEU W 76 39.62 4.97 39.41
C LEU W 76 39.41 6.29 40.15
N GLN W 77 38.40 7.05 39.74
CA GLN W 77 38.11 8.30 40.40
C GLN W 77 37.63 8.07 41.83
N ARG W 78 36.58 7.25 42.00
CA ARG W 78 35.94 7.02 43.33
C ARG W 78 36.65 5.93 44.12
N ARG W 79 37.45 5.06 43.49
CA ARG W 79 38.25 4.07 44.18
C ARG W 79 37.46 2.83 44.61
N VAL W 80 36.22 2.69 44.17
CA VAL W 80 35.42 1.51 44.46
C VAL W 80 34.50 1.23 43.29
N ASN W 81 33.95 0.02 43.29
CA ASN W 81 33.14 -0.46 42.17
C ASN W 81 31.70 0.03 42.30
N MET W 82 31.10 0.32 41.16
CA MET W 82 29.71 0.73 41.14
C MET W 82 28.81 -0.44 41.52
N PRO W 83 27.73 -0.19 42.25
CA PRO W 83 26.76 -1.26 42.50
C PRO W 83 26.16 -1.77 41.20
N ILE W 84 25.25 -2.73 41.35
CA ILE W 84 24.68 -3.38 40.17
C ILE W 84 23.39 -2.70 39.78
N GLU W 85 22.58 -2.30 40.75
CA GLU W 85 21.36 -1.56 40.44
C GLU W 85 21.66 -0.32 39.63
N ALA W 86 22.82 0.30 39.87
CA ALA W 86 23.18 1.51 39.16
C ALA W 86 23.64 1.22 37.75
N VAL W 87 24.40 0.14 37.56
CA VAL W 87 24.82 -0.27 36.23
C VAL W 87 23.61 -0.44 35.33
N ALA W 88 22.61 -1.18 35.80
CA ALA W 88 21.41 -1.40 35.01
C ALA W 88 20.67 -0.10 34.75
N THR W 89 20.63 0.79 35.74
CA THR W 89 19.96 2.06 35.56
C THR W 89 20.68 2.89 34.51
N LEU W 90 22.01 2.91 34.55
CA LEU W 90 22.78 3.65 33.57
C LEU W 90 22.45 3.21 32.16
N LEU W 91 22.41 1.90 31.92
CA LEU W 91 22.01 1.39 30.61
C LEU W 91 20.58 1.79 30.28
N SER W 92 19.65 1.52 31.19
CA SER W 92 18.25 1.83 30.94
C SER W 92 18.08 3.22 30.35
N ASN W 93 18.86 4.18 30.84
CA ASN W 93 18.78 5.54 30.31
C ASN W 93 19.47 5.66 28.96
N MET W 94 20.58 4.95 28.79
CA MET W 94 21.33 5.06 27.54
C MET W 94 20.57 4.44 26.38
N LEU W 95 19.57 3.61 26.68
CA LEU W 95 18.79 2.98 25.62
C LEU W 95 17.49 3.71 25.39
N ASN W 96 16.78 4.07 26.47
CA ASN W 96 15.54 4.80 26.32
C ASN W 96 15.75 6.11 25.57
N GLN W 97 16.94 6.69 25.69
N GLN W 97 16.94 6.69 25.69
CA GLN W 97 17.23 7.96 25.03
CA GLN W 97 17.23 7.96 25.03
C GLN W 97 17.22 7.84 23.51
C GLN W 97 17.22 7.84 23.51
N VAL W 98 17.26 6.63 22.97
CA VAL W 98 17.27 6.42 21.53
C VAL W 98 16.26 5.35 21.18
N LYS W 99 15.13 5.32 21.88
CA LYS W 99 14.16 4.26 21.69
C LYS W 99 13.52 4.30 20.31
N TYR W 100 13.74 5.38 19.56
CA TYR W 100 13.23 5.49 18.21
C TYR W 100 14.30 5.32 17.14
N MET W 101 15.57 5.31 17.54
CA MET W 101 16.69 4.90 16.69
C MET W 101 17.55 3.93 17.48
N PRO W 102 16.98 2.79 17.87
CA PRO W 102 17.47 2.06 19.04
C PRO W 102 18.51 0.99 18.72
N TYR W 103 19.08 0.47 19.79
CA TYR W 103 19.88 -0.74 19.75
C TYR W 103 18.95 -1.94 19.83
N MET W 104 19.16 -2.90 18.94
CA MET W 104 18.32 -4.10 18.90
C MET W 104 19.05 -5.24 19.60
N VAL W 105 18.92 -5.24 20.93
CA VAL W 105 19.64 -6.18 21.78
C VAL W 105 18.79 -6.57 22.97
N GLN W 106 19.20 -7.65 23.63
CA GLN W 106 18.69 -8.06 24.92
C GLN W 106 19.88 -8.39 25.80
N LEU W 107 19.87 -7.89 27.03
CA LEU W 107 21.03 -7.93 27.88
C LEU W 107 20.71 -8.55 29.23
N LEU W 108 21.75 -9.08 29.87
CA LEU W 108 21.71 -9.51 31.25
C LEU W 108 22.91 -8.94 31.97
N VAL W 109 22.68 -8.51 33.21
CA VAL W 109 23.73 -7.95 34.04
C VAL W 109 23.75 -8.71 35.35
N GLY W 110 24.92 -9.14 35.77
CA GLY W 110 25.07 -9.90 36.99
C GLY W 110 26.36 -9.55 37.68
N GLY W 111 26.31 -9.52 39.00
CA GLY W 111 27.48 -9.18 39.76
C GLY W 111 27.25 -9.38 41.25
N ILE W 112 28.18 -8.84 42.02
CA ILE W 112 28.17 -8.94 43.47
C ILE W 112 28.48 -7.56 44.04
N ASP W 113 27.71 -7.15 45.02
CA ASP W 113 28.04 -6.00 45.85
C ASP W 113 28.00 -6.36 47.33
N THR W 114 26.91 -6.09 48.03
CA THR W 114 26.69 -6.64 49.35
C THR W 114 25.99 -7.98 49.21
N ALA W 115 25.36 -8.20 48.07
CA ALA W 115 24.65 -9.43 47.78
C ALA W 115 24.64 -9.66 46.28
N PRO W 116 24.25 -10.85 45.84
CA PRO W 116 24.15 -11.11 44.41
C PRO W 116 22.94 -10.43 43.79
N HIS W 117 23.05 -10.13 42.51
CA HIS W 117 21.97 -9.49 41.79
C HIS W 117 22.07 -9.85 40.32
N VAL W 118 20.91 -10.01 39.68
CA VAL W 118 20.81 -10.26 38.25
C VAL W 118 19.71 -9.38 37.70
N PHE W 119 19.98 -8.75 36.56
CA PHE W 119 19.05 -7.85 35.92
C PHE W 119 18.87 -8.20 34.45
N SER W 120 17.63 -8.12 33.98
CA SER W 120 17.32 -8.25 32.57
C SER W 120 16.97 -6.89 32.02
N ILE W 121 17.38 -6.62 30.78
CA ILE W 121 17.26 -5.30 30.19
C ILE W 121 16.85 -5.45 28.74
N ASP W 122 15.88 -4.65 28.31
CA ASP W 122 15.37 -4.69 26.95
C ASP W 122 15.89 -3.51 26.15
N ALA W 123 15.47 -3.44 24.89
CA ALA W 123 15.97 -2.43 23.99
C ALA W 123 15.45 -1.04 24.33
N ALA W 124 14.29 -0.97 24.98
CA ALA W 124 13.69 0.32 25.30
C ALA W 124 14.15 0.87 26.63
N GLY W 125 14.83 0.08 27.44
CA GLY W 125 15.36 0.54 28.70
C GLY W 125 14.77 -0.12 29.92
N GLY W 126 13.85 -1.06 29.75
CA GLY W 126 13.22 -1.70 30.90
C GLY W 126 14.18 -2.61 31.61
N SER W 127 14.36 -2.37 32.91
CA SER W 127 15.26 -3.15 33.74
C SER W 127 14.48 -3.80 34.86
N VAL W 128 14.70 -5.09 35.06
CA VAL W 128 14.00 -5.85 36.09
C VAL W 128 14.98 -6.81 36.75
N GLU W 129 14.92 -6.87 38.06
CA GLU W 129 15.75 -7.78 38.84
C GLU W 129 15.01 -9.09 39.04
N ASP W 130 15.77 -10.19 38.99
CA ASP W 130 15.19 -11.54 39.10
C ASP W 130 16.25 -12.48 39.63
N ILE W 131 15.85 -13.68 40.07
CA ILE W 131 16.79 -14.67 40.60
C ILE W 131 17.43 -15.45 39.46
N TYR W 132 16.74 -15.57 38.34
CA TYR W 132 17.33 -16.16 37.16
C TYR W 132 16.61 -15.65 35.93
N ALA W 133 17.33 -15.61 34.82
CA ALA W 133 16.79 -15.09 33.58
C ALA W 133 17.55 -15.70 32.42
N SER W 134 17.05 -15.46 31.22
CA SER W 134 17.65 -15.98 30.01
C SER W 134 17.19 -15.14 28.83
N THR W 135 18.06 -15.07 27.82
CA THR W 135 17.74 -14.29 26.61
C THR W 135 18.06 -15.17 25.40
N GLY W 136 17.57 -14.79 24.25
CA GLY W 136 17.84 -15.46 22.99
C GLY W 136 16.69 -16.33 22.54
N SER W 137 16.86 -16.87 21.33
CA SER W 137 15.85 -17.74 20.75
C SER W 137 15.67 -19.01 21.56
N GLY W 138 16.69 -19.42 22.30
CA GLY W 138 16.65 -20.60 23.12
C GLY W 138 16.23 -20.35 24.56
N SER W 139 15.85 -19.12 24.89
CA SER W 139 15.43 -18.81 26.24
C SER W 139 14.35 -19.73 26.77
N PRO W 140 13.23 -19.95 26.06
CA PRO W 140 12.16 -20.76 26.64
C PRO W 140 12.58 -22.18 26.98
N PHE W 141 13.40 -22.81 26.16
CA PHE W 141 13.86 -24.14 26.50
C PHE W 141 14.69 -24.15 27.78
N VAL W 142 15.16 -22.99 28.20
CA VAL W 142 15.91 -22.89 29.44
C VAL W 142 14.98 -22.67 30.62
N TYR W 143 14.00 -21.78 30.45
CA TYR W 143 13.04 -21.54 31.52
C TYR W 143 12.32 -22.81 31.92
N GLY W 144 12.16 -23.72 30.96
CA GLY W 144 11.51 -24.99 31.28
C GLY W 144 12.36 -25.87 32.16
N VAL W 145 13.68 -25.74 32.05
CA VAL W 145 14.57 -26.56 32.87
C VAL W 145 14.71 -25.96 34.26
N LEU W 146 14.72 -24.64 34.35
CA LEU W 146 14.92 -23.99 35.63
C LEU W 146 13.67 -24.08 36.49
N GLU W 147 12.49 -23.87 35.89
CA GLU W 147 11.25 -24.03 36.62
C GLU W 147 11.14 -25.40 37.28
N SER W 148 11.86 -26.39 36.78
CA SER W 148 11.73 -27.76 37.24
C SER W 148 12.87 -28.22 38.13
N GLN W 149 14.04 -27.58 38.06
CA GLN W 149 15.21 -28.06 38.77
C GLN W 149 15.91 -27.00 39.60
N TYR W 150 15.58 -25.74 39.44
CA TYR W 150 16.24 -24.69 40.20
C TYR W 150 15.87 -24.78 41.68
N SER W 151 16.82 -24.42 42.53
CA SER W 151 16.59 -24.37 43.97
C SER W 151 17.61 -23.44 44.58
N GLU W 152 17.14 -22.40 45.25
CA GLU W 152 18.02 -21.40 45.91
C GLU W 152 19.01 -22.10 46.85
N LYS W 153 18.70 -23.29 47.35
CA LYS W 153 19.56 -23.97 48.32
C LYS W 153 20.73 -24.68 47.66
N MET W 154 20.89 -24.55 46.35
CA MET W 154 21.91 -25.31 45.66
C MET W 154 23.28 -24.69 45.85
N THR W 155 24.30 -25.51 45.61
CA THR W 155 25.68 -25.07 45.69
C THR W 155 26.12 -24.49 44.35
N VAL W 156 27.43 -24.28 44.22
CA VAL W 156 27.98 -23.76 42.98
C VAL W 156 28.16 -24.90 41.98
N ASP W 157 28.74 -26.00 42.43
CA ASP W 157 28.92 -27.15 41.54
C ASP W 157 27.59 -27.62 40.97
N GLU W 158 26.53 -27.53 41.76
CA GLU W 158 25.21 -27.95 41.28
C GLU W 158 24.64 -26.94 40.31
N GLY W 159 24.93 -25.66 40.51
CA GLY W 159 24.40 -24.64 39.61
C GLY W 159 25.09 -24.65 38.27
N VAL W 160 26.38 -24.98 38.26
CA VAL W 160 27.11 -25.09 37.00
C VAL W 160 26.54 -26.23 36.17
N ASP W 161 26.33 -27.38 36.80
CA ASP W 161 25.78 -28.53 36.07
C ASP W 161 24.39 -28.20 35.54
N LEU W 162 23.68 -27.29 36.19
CA LEU W 162 22.33 -26.96 35.78
C LEU W 162 22.32 -26.12 34.51
N VAL W 163 23.08 -25.03 34.51
CA VAL W 163 23.14 -24.17 33.33
C VAL W 163 23.62 -24.95 32.12
N ILE W 164 24.41 -26.00 32.36
CA ILE W 164 24.88 -26.83 31.26
C ILE W 164 23.76 -27.74 30.76
N ARG W 165 23.04 -28.38 31.68
CA ARG W 165 21.88 -29.17 31.28
C ARG W 165 20.87 -28.33 30.53
N ALA W 166 20.81 -27.04 30.82
CA ALA W 166 19.80 -26.18 30.24
C ALA W 166 20.18 -25.77 28.82
N ILE W 167 21.39 -25.26 28.64
CA ILE W 167 21.82 -24.82 27.32
C ILE W 167 21.99 -26.01 26.39
N SER W 168 22.45 -27.14 26.92
CA SER W 168 22.58 -28.34 26.11
C SER W 168 21.24 -28.74 25.53
N ALA W 169 20.15 -28.32 26.16
CA ALA W 169 18.82 -28.65 25.68
C ALA W 169 18.40 -27.70 24.57
N ALA W 170 18.67 -26.42 24.74
CA ALA W 170 18.35 -25.45 23.70
C ALA W 170 19.12 -25.76 22.42
N LYS W 171 20.36 -26.20 22.54
CA LYS W 171 21.13 -26.58 21.37
C LYS W 171 20.49 -27.72 20.62
N GLN W 172 19.76 -28.58 21.32
CA GLN W 172 19.08 -29.69 20.70
C GLN W 172 17.78 -29.30 20.04
N ARG W 173 17.28 -28.09 20.27
CA ARG W 173 15.98 -27.69 19.77
C ARG W 173 15.94 -26.32 19.14
N ASP W 174 16.94 -25.47 19.35
CA ASP W 174 17.05 -24.18 18.68
C ASP W 174 18.17 -24.26 17.66
N SER W 175 17.86 -23.91 16.42
CA SER W 175 18.82 -24.03 15.34
C SER W 175 19.87 -22.93 15.36
N ALA W 176 19.54 -21.78 15.93
CA ALA W 176 20.47 -20.67 16.00
C ALA W 176 21.35 -20.69 17.24
N SER W 177 21.37 -21.80 17.96
CA SER W 177 22.20 -21.96 19.14
C SER W 177 23.10 -23.17 18.96
N GLY W 178 24.37 -23.02 19.33
CA GLY W 178 25.31 -24.10 19.19
C GLY W 178 26.70 -23.65 19.55
N GLY W 179 27.58 -24.62 19.67
CA GLY W 179 28.97 -24.37 19.99
C GLY W 179 29.31 -24.82 21.39
N MET W 180 30.58 -24.61 21.74
CA MET W 180 31.03 -24.89 23.09
C MET W 180 30.44 -23.87 24.05
N ILE W 181 30.34 -24.27 25.31
CA ILE W 181 29.67 -23.49 26.33
C ILE W 181 30.71 -22.73 27.14
N ASP W 182 30.51 -21.43 27.28
CA ASP W 182 31.35 -20.57 28.10
C ASP W 182 30.61 -20.27 29.40
N VAL W 183 31.31 -20.45 30.52
CA VAL W 183 30.71 -20.30 31.83
C VAL W 183 31.59 -19.40 32.68
N ALA W 184 30.95 -18.61 33.53
CA ALA W 184 31.63 -17.71 34.45
C ALA W 184 31.02 -17.86 35.83
N VAL W 185 31.84 -17.62 36.85
CA VAL W 185 31.41 -17.69 38.24
C VAL W 185 31.96 -16.46 38.95
N ILE W 186 31.15 -15.89 39.84
CA ILE W 186 31.46 -14.63 40.50
C ILE W 186 31.26 -14.81 41.99
N THR W 187 32.27 -14.42 42.77
CA THR W 187 32.19 -14.45 44.22
C THR W 187 33.06 -13.34 44.77
N ARG W 188 32.66 -12.83 45.94
CA ARG W 188 33.44 -11.79 46.59
C ARG W 188 34.83 -12.29 46.94
N LYS W 189 34.98 -13.61 47.08
CA LYS W 189 36.27 -14.16 47.47
C LYS W 189 37.22 -14.24 46.29
N ASP W 190 36.89 -15.08 45.31
CA ASP W 190 37.75 -15.32 44.16
C ASP W 190 37.47 -14.37 43.00
N GLY W 191 36.36 -13.64 43.03
CA GLY W 191 36.07 -12.71 41.97
C GLY W 191 35.53 -13.40 40.72
N TYR W 192 35.52 -12.63 39.65
CA TYR W 192 35.09 -13.14 38.36
C TYR W 192 36.06 -14.21 37.87
N VAL W 193 35.53 -15.36 37.50
CA VAL W 193 36.33 -16.50 37.08
C VAL W 193 35.64 -17.16 35.91
N GLN W 194 36.35 -17.23 34.78
CA GLN W 194 35.88 -17.95 33.60
C GLN W 194 36.43 -19.36 33.67
N LEU W 195 35.52 -20.34 33.58
CA LEU W 195 35.92 -21.71 33.81
C LEU W 195 36.72 -22.23 32.63
N PRO W 196 37.74 -23.05 32.87
CA PRO W 196 38.47 -23.67 31.76
C PRO W 196 37.57 -24.59 30.96
N THR W 197 37.90 -24.72 29.68
CA THR W 197 37.09 -25.55 28.79
C THR W 197 37.14 -27.02 29.20
N ASP W 198 38.27 -27.46 29.73
CA ASP W 198 38.40 -28.87 30.11
C ASP W 198 37.44 -29.23 31.24
N GLN W 199 37.22 -28.32 32.18
CA GLN W 199 36.27 -28.61 33.25
C GLN W 199 34.86 -28.75 32.72
N ILE W 200 34.53 -28.01 31.66
CA ILE W 200 33.21 -28.12 31.06
C ILE W 200 33.05 -29.47 30.40
N GLU W 201 33.97 -29.81 29.50
CA GLU W 201 33.92 -31.11 28.84
C GLU W 201 33.85 -32.24 29.86
N SER W 202 34.57 -32.10 30.97
CA SER W 202 34.53 -33.14 32.00
C SER W 202 33.13 -33.32 32.55
N ARG W 203 32.51 -32.23 33.02
CA ARG W 203 31.18 -32.34 33.59
C ARG W 203 30.17 -32.86 32.56
N ILE W 204 30.38 -32.53 31.30
CA ILE W 204 29.46 -32.99 30.26
C ILE W 204 29.46 -34.51 30.18
N ARG W 205 30.64 -35.10 29.96
CA ARG W 205 30.74 -36.55 29.96
C ARG W 205 30.18 -37.13 31.25
N LYS W 206 30.42 -36.46 32.37
CA LYS W 206 29.93 -36.93 33.65
C LYS W 206 28.41 -36.95 33.70
N LEU W 207 27.78 -36.12 32.87
CA LEU W 207 26.32 -36.03 32.85
C LEU W 207 25.69 -36.79 31.70
N GLY W 208 26.43 -37.06 30.63
CA GLY W 208 25.89 -37.79 29.51
C GLY W 208 25.21 -36.91 28.47
N LEU W 209 25.93 -35.96 27.91
CA LEU W 209 25.39 -35.03 26.94
C LEU W 209 26.24 -34.93 25.68
N ILE W 210 26.83 -36.03 25.23
CA ILE W 210 27.67 -36.01 24.05
C ILE W 210 27.71 -37.39 23.41
N THR X 9 30.48 -11.94 -6.37
CA THR X 9 31.81 -11.70 -5.75
C THR X 9 32.19 -12.87 -4.87
N THR X 10 33.49 -13.09 -4.70
CA THR X 10 33.96 -14.17 -3.87
C THR X 10 35.32 -13.81 -3.29
N THR X 11 35.39 -13.67 -1.96
CA THR X 11 36.65 -13.38 -1.26
C THR X 11 36.88 -14.51 -0.25
N VAL X 12 38.10 -14.74 0.18
CA VAL X 12 38.46 -15.77 1.14
C VAL X 12 39.74 -15.35 1.85
N GLY X 13 39.79 -15.64 3.15
CA GLY X 13 40.97 -15.42 3.93
C GLY X 13 41.12 -16.49 4.99
N ILE X 14 42.29 -17.10 5.08
CA ILE X 14 42.53 -18.14 6.05
C ILE X 14 43.70 -17.76 6.93
N THR X 15 44.07 -18.69 7.81
CA THR X 15 45.09 -18.49 8.82
C THR X 15 45.85 -19.78 9.03
N LEU X 16 47.18 -19.67 9.08
CA LEU X 16 48.03 -20.82 9.35
C LEU X 16 48.88 -20.56 10.58
N LYS X 17 49.99 -21.28 10.69
CA LYS X 17 50.83 -21.16 11.90
C LYS X 17 51.48 -19.80 11.97
N ASP X 18 52.20 -19.41 10.92
CA ASP X 18 52.94 -18.15 10.90
C ASP X 18 52.67 -17.37 9.62
N ALA X 19 51.47 -17.50 9.06
CA ALA X 19 51.18 -16.83 7.80
C ALA X 19 49.69 -16.56 7.70
N VAL X 20 49.36 -15.71 6.74
CA VAL X 20 47.98 -15.41 6.39
C VAL X 20 47.88 -15.39 4.87
N ILE X 21 46.74 -15.83 4.36
CA ILE X 21 46.52 -15.96 2.93
C ILE X 21 45.14 -15.43 2.59
N MET X 22 45.07 -14.58 1.57
CA MET X 22 43.85 -13.96 1.14
C MET X 22 43.78 -14.02 -0.38
N ALA X 23 42.57 -14.13 -0.91
CA ALA X 23 42.39 -14.29 -2.34
C ALA X 23 41.02 -13.81 -2.75
N THR X 24 40.92 -13.44 -4.02
CA THR X 24 39.66 -12.99 -4.59
C THR X 24 39.62 -13.35 -6.07
N GLU X 25 38.48 -13.08 -6.67
CA GLU X 25 38.35 -13.00 -8.11
C GLU X 25 38.25 -11.55 -8.51
N ARG X 26 38.09 -11.30 -9.81
CA ARG X 26 38.19 -9.95 -10.35
C ARG X 26 36.94 -9.48 -11.07
N ARG X 27 35.96 -10.33 -11.29
CA ARG X 27 34.79 -9.94 -12.06
C ARG X 27 33.98 -8.89 -11.32
N VAL X 28 33.50 -7.90 -12.07
CA VAL X 28 32.63 -6.86 -11.55
C VAL X 28 31.38 -6.83 -12.43
N THR X 29 30.26 -6.44 -11.83
CA THR X 29 28.98 -6.44 -12.50
C THR X 29 28.25 -5.15 -12.21
N MET X 30 28.09 -4.33 -13.24
CA MET X 30 27.31 -3.11 -13.17
C MET X 30 26.28 -3.11 -14.27
N GLU X 31 25.08 -2.65 -13.94
CA GLU X 31 23.96 -2.58 -14.90
C GLU X 31 23.45 -3.97 -15.25
N ASN X 32 23.68 -4.94 -14.37
CA ASN X 32 23.11 -6.28 -14.50
C ASN X 32 23.77 -7.05 -15.64
N PHE X 33 25.03 -6.75 -15.91
CA PHE X 33 25.80 -7.53 -16.87
C PHE X 33 27.28 -7.35 -16.56
N ILE X 34 28.10 -8.17 -17.22
CA ILE X 34 29.54 -8.23 -16.95
C ILE X 34 30.17 -7.04 -17.65
N MET X 35 30.43 -5.98 -16.89
CA MET X 35 31.01 -4.77 -17.44
C MET X 35 32.52 -4.73 -17.34
N HIS X 36 33.09 -5.39 -16.34
CA HIS X 36 34.53 -5.42 -16.15
C HIS X 36 34.95 -6.80 -15.72
N LYS X 37 36.09 -7.25 -16.24
CA LYS X 37 36.62 -8.57 -15.93
C LYS X 37 37.85 -8.55 -15.05
N ASN X 38 38.61 -7.45 -15.04
CA ASN X 38 39.84 -7.38 -14.26
C ASN X 38 39.74 -6.32 -13.18
N GLY X 39 38.64 -6.34 -12.43
CA GLY X 39 38.52 -5.46 -11.31
C GLY X 39 39.54 -5.76 -10.23
N LYS X 40 39.42 -5.04 -9.12
CA LYS X 40 40.30 -5.21 -7.98
C LYS X 40 39.50 -5.19 -6.70
N LYS X 41 39.77 -6.16 -5.82
CA LYS X 41 39.07 -6.29 -4.56
C LYS X 41 39.96 -6.65 -3.40
N LEU X 42 41.26 -6.82 -3.63
CA LEU X 42 42.21 -7.16 -2.59
C LEU X 42 43.24 -6.04 -2.49
N PHE X 43 43.40 -5.50 -1.28
CA PHE X 43 44.22 -4.32 -1.07
C PHE X 43 45.17 -4.52 0.08
N GLN X 44 46.31 -3.87 -0.01
CA GLN X 44 47.27 -3.77 1.07
C GLN X 44 47.09 -2.42 1.76
N ILE X 45 46.64 -2.44 3.00
CA ILE X 45 46.39 -1.22 3.76
C ILE X 45 47.48 -0.96 4.78
N ASP X 46 48.38 -1.90 4.95
CA ASP X 46 49.49 -1.76 5.93
C ASP X 46 50.60 -2.69 5.53
N THR X 47 51.73 -2.63 6.23
CA THR X 47 52.90 -3.43 5.89
C THR X 47 52.65 -4.92 6.10
N TYR X 48 51.88 -5.27 7.12
CA TYR X 48 51.55 -6.64 7.44
C TYR X 48 50.04 -6.82 7.54
N THR X 49 49.31 -6.16 6.67
CA THR X 49 47.86 -6.13 6.76
C THR X 49 47.24 -5.96 5.39
N GLY X 50 46.11 -6.64 5.19
CA GLY X 50 45.39 -6.57 3.94
C GLY X 50 43.90 -6.62 4.18
N MET X 51 43.14 -6.30 3.14
CA MET X 51 41.70 -6.25 3.24
C MET X 51 41.06 -6.67 1.93
N THR X 52 39.88 -7.27 2.04
CA THR X 52 39.04 -7.58 0.89
C THR X 52 37.71 -6.84 1.04
N ILE X 53 36.96 -6.80 -0.04
CA ILE X 53 35.69 -6.09 -0.09
C ILE X 53 34.70 -6.86 -0.92
N ALA X 54 33.43 -6.68 -0.61
CA ALA X 54 32.35 -7.28 -1.38
C ALA X 54 31.09 -6.43 -1.18
N GLY X 55 30.44 -6.10 -2.28
CA GLY X 55 29.24 -5.28 -2.24
C GLY X 55 29.39 -4.06 -3.12
N LEU X 56 28.77 -2.97 -2.68
CA LEU X 56 28.80 -1.74 -3.45
C LEU X 56 30.23 -1.26 -3.60
N VAL X 57 30.65 -1.07 -4.85
CA VAL X 57 32.04 -0.74 -5.14
C VAL X 57 32.40 0.62 -4.56
N GLY X 58 31.56 1.62 -4.79
CA GLY X 58 31.89 2.95 -4.33
C GLY X 58 32.08 3.02 -2.83
N ASP X 59 31.14 2.46 -2.08
CA ASP X 59 31.25 2.50 -0.63
C ASP X 59 32.51 1.79 -0.15
N ALA X 60 32.96 0.80 -0.90
CA ALA X 60 34.16 0.06 -0.48
C ALA X 60 35.42 0.83 -0.80
N GLN X 61 35.55 1.31 -2.03
CA GLN X 61 36.74 2.08 -2.40
C GLN X 61 36.97 3.23 -1.43
N VAL X 62 35.90 3.89 -1.01
CA VAL X 62 36.03 4.98 -0.04
C VAL X 62 36.74 4.50 1.21
N LEU X 63 36.19 3.47 1.84
CA LEU X 63 36.78 2.95 3.07
C LEU X 63 38.27 2.66 2.89
N VAL X 64 38.62 1.93 1.84
CA VAL X 64 40.01 1.56 1.61
C VAL X 64 40.89 2.80 1.64
N ARG X 65 40.35 3.95 1.24
CA ARG X 65 41.13 5.17 1.28
C ARG X 65 41.21 5.72 2.70
N TYR X 66 40.11 5.64 3.44
CA TYR X 66 40.14 6.06 4.84
C TYR X 66 41.13 5.21 5.64
N MET X 67 41.06 3.91 5.47
CA MET X 67 41.89 3.02 6.28
C MET X 67 43.37 3.20 5.96
N LYS X 68 43.71 3.24 4.67
CA LYS X 68 45.10 3.45 4.29
C LYS X 68 45.66 4.70 4.96
N ALA X 69 44.81 5.70 5.19
CA ALA X 69 45.28 6.95 5.76
C ALA X 69 45.45 6.83 7.27
N GLU X 70 44.43 6.32 7.95
CA GLU X 70 44.48 6.19 9.40
C GLU X 70 45.65 5.33 9.83
N LEU X 71 46.05 4.36 9.00
CA LEU X 71 47.09 3.44 9.40
C LEU X 71 48.47 3.96 9.03
N GLU X 72 48.56 4.75 7.96
CA GLU X 72 49.84 5.35 7.62
C GLU X 72 50.16 6.51 8.54
N LEU X 73 49.12 7.21 9.00
CA LEU X 73 49.31 8.23 10.01
C LEU X 73 49.86 7.63 11.29
N TYR X 74 49.12 6.71 11.90
CA TYR X 74 49.57 6.01 13.09
C TYR X 74 51.02 5.56 12.95
N ARG X 75 51.34 4.90 11.83
CA ARG X 75 52.67 4.32 11.68
C ARG X 75 53.76 5.40 11.72
N LEU X 76 53.43 6.61 11.29
CA LEU X 76 54.43 7.67 11.25
C LEU X 76 54.55 8.36 12.59
N GLN X 77 53.41 8.67 13.22
CA GLN X 77 53.44 9.31 14.51
C GLN X 77 54.02 8.38 15.57
N ARG X 78 53.45 7.17 15.71
CA ARG X 78 53.84 6.21 16.77
C ARG X 78 55.03 5.34 16.36
N ARG X 79 55.35 5.23 15.07
CA ARG X 79 56.55 4.55 14.60
C ARG X 79 56.40 3.03 14.55
N VAL X 80 55.18 2.51 14.75
CA VAL X 80 54.94 1.09 14.64
C VAL X 80 53.52 0.86 14.10
N ASN X 81 53.27 -0.36 13.67
CA ASN X 81 52.03 -0.72 13.03
C ASN X 81 50.95 -1.02 14.05
N MET X 82 49.72 -0.65 13.72
CA MET X 82 48.60 -0.93 14.59
C MET X 82 48.32 -2.44 14.59
N PRO X 83 47.93 -3.00 15.73
CA PRO X 83 47.51 -4.40 15.74
C PRO X 83 46.30 -4.61 14.84
N ILE X 84 45.83 -5.86 14.81
CA ILE X 84 44.74 -6.21 13.91
C ILE X 84 43.41 -6.11 14.62
N GLU X 85 43.36 -6.52 15.89
CA GLU X 85 42.13 -6.36 16.67
C GLU X 85 41.68 -4.92 16.68
N ALA X 86 42.62 -3.99 16.66
CA ALA X 86 42.27 -2.58 16.71
C ALA X 86 41.76 -2.08 15.37
N VAL X 87 42.38 -2.54 14.28
CA VAL X 87 41.90 -2.18 12.95
C VAL X 87 40.44 -2.54 12.80
N ALA X 88 40.08 -3.77 13.16
CA ALA X 88 38.70 -4.21 13.05
C ALA X 88 37.79 -3.41 13.96
N THR X 89 38.26 -3.07 15.15
CA THR X 89 37.46 -2.27 16.06
C THR X 89 37.23 -0.88 15.50
N LEU X 90 38.26 -0.28 14.92
CA LEU X 90 38.12 1.03 14.32
C LEU X 90 37.02 1.04 13.26
N LEU X 91 37.04 0.06 12.37
CA LEU X 91 35.98 -0.06 11.38
C LEU X 91 34.62 -0.25 12.04
N SER X 92 34.52 -1.24 12.93
CA SER X 92 33.26 -1.55 13.59
C SER X 92 32.56 -0.28 14.07
N ASN X 93 33.33 0.69 14.57
CA ASN X 93 32.73 1.93 15.03
C ASN X 93 32.39 2.84 13.87
N MET X 94 33.23 2.85 12.83
CA MET X 94 32.99 3.74 11.71
C MET X 94 31.76 3.31 10.92
N LEU X 95 31.31 2.07 11.11
CA LEU X 95 30.14 1.60 10.38
C LEU X 95 28.88 1.67 11.25
N ASN X 96 28.98 1.24 12.51
CA ASN X 96 27.84 1.32 13.40
C ASN X 96 27.35 2.75 13.54
N GLN X 97 28.25 3.73 13.40
N GLN X 97 28.25 3.73 13.40
CA GLN X 97 27.87 5.13 13.55
CA GLN X 97 27.87 5.13 13.55
C GLN X 97 26.91 5.59 12.45
C GLN X 97 26.91 5.59 12.45
N VAL X 98 26.77 4.82 11.38
CA VAL X 98 25.88 5.18 10.28
C VAL X 98 25.04 3.98 9.89
N LYS X 99 24.65 3.18 10.88
CA LYS X 99 23.93 1.95 10.59
C LYS X 99 22.57 2.20 9.98
N TYR X 100 22.11 3.45 9.98
CA TYR X 100 20.83 3.81 9.36
C TYR X 100 21.01 4.55 8.04
N MET X 101 22.22 4.98 7.73
CA MET X 101 22.58 5.47 6.39
C MET X 101 23.88 4.78 5.99
N PRO X 102 23.85 3.46 5.87
CA PRO X 102 25.07 2.66 6.00
C PRO X 102 25.81 2.39 4.71
N TYR X 103 27.01 1.84 4.86
CA TYR X 103 27.75 1.24 3.77
C TYR X 103 27.26 -0.18 3.57
N MET X 104 26.99 -0.54 2.33
CA MET X 104 26.49 -1.87 2.01
C MET X 104 27.66 -2.73 1.50
N VAL X 105 28.39 -3.28 2.45
CA VAL X 105 29.61 -4.03 2.16
C VAL X 105 29.79 -5.17 3.15
N GLN X 106 30.66 -6.08 2.78
CA GLN X 106 31.16 -7.13 3.66
C GLN X 106 32.67 -7.17 3.52
N LEU X 107 33.37 -7.23 4.64
CA LEU X 107 34.81 -7.05 4.66
C LEU X 107 35.50 -8.19 5.38
N LEU X 108 36.77 -8.38 5.03
CA LEU X 108 37.67 -9.26 5.73
C LEU X 108 38.97 -8.51 6.00
N VAL X 109 39.53 -8.72 7.18
CA VAL X 109 40.77 -8.09 7.58
C VAL X 109 41.72 -9.18 8.04
N GLY X 110 42.94 -9.14 7.52
CA GLY X 110 43.93 -10.14 7.86
C GLY X 110 45.30 -9.52 7.91
N GLY X 111 46.10 -10.00 8.86
CA GLY X 111 47.43 -9.47 9.03
C GLY X 111 48.22 -10.28 10.03
N ILE X 112 49.34 -9.70 10.44
CA ILE X 112 50.27 -10.32 11.36
C ILE X 112 50.67 -9.28 12.39
N ASP X 113 50.65 -9.67 13.66
CA ASP X 113 51.27 -8.89 14.72
C ASP X 113 52.23 -9.74 15.53
N THR X 114 51.81 -10.27 16.67
CA THR X 114 52.56 -11.31 17.34
C THR X 114 52.13 -12.66 16.81
N ALA X 115 50.96 -12.71 16.21
CA ALA X 115 50.41 -13.92 15.64
C ALA X 115 49.48 -13.56 14.49
N PRO X 116 49.07 -14.54 13.70
CA PRO X 116 48.12 -14.26 12.62
C PRO X 116 46.71 -14.04 13.16
N HIS X 117 45.94 -13.28 12.40
CA HIS X 117 44.56 -12.98 12.78
C HIS X 117 43.76 -12.70 11.52
N VAL X 118 42.50 -13.13 11.54
CA VAL X 118 41.55 -12.84 10.48
C VAL X 118 40.24 -12.42 11.11
N PHE X 119 39.63 -11.39 10.56
CA PHE X 119 38.39 -10.84 11.08
C PHE X 119 37.37 -10.66 9.97
N SER X 120 36.13 -10.99 10.26
CA SER X 120 35.00 -10.73 9.38
C SER X 120 34.20 -9.58 9.95
N ILE X 121 33.69 -8.73 9.08
CA ILE X 121 33.02 -7.49 9.47
C ILE X 121 31.81 -7.27 8.59
N ASP X 122 30.70 -6.89 9.20
CA ASP X 122 29.46 -6.67 8.50
C ASP X 122 29.18 -5.18 8.38
N ALA X 123 28.05 -4.86 7.76
CA ALA X 123 27.71 -3.47 7.50
C ALA X 123 27.34 -2.72 8.77
N ALA X 124 26.86 -3.43 9.78
CA ALA X 124 26.42 -2.78 11.01
C ALA X 124 27.54 -2.61 12.02
N GLY X 125 28.69 -3.24 11.80
CA GLY X 125 29.83 -3.09 12.68
C GLY X 125 30.24 -4.35 13.39
N GLY X 126 29.57 -5.47 13.16
CA GLY X 126 29.91 -6.68 13.87
C GLY X 126 31.23 -7.24 13.39
N SER X 127 32.15 -7.45 14.33
CA SER X 127 33.48 -7.97 14.03
C SER X 127 33.68 -9.26 14.79
N VAL X 128 34.16 -10.29 14.09
CA VAL X 128 34.39 -11.60 14.67
C VAL X 128 35.67 -12.17 14.12
N GLU X 129 36.49 -12.72 15.01
CA GLU X 129 37.73 -13.37 14.63
C GLU X 129 37.49 -14.84 14.35
N ASP X 130 38.19 -15.36 13.35
CA ASP X 130 38.00 -16.77 12.93
C ASP X 130 39.28 -17.25 12.24
N ILE X 131 39.42 -18.54 12.05
CA ILE X 131 40.60 -19.12 11.41
C ILE X 131 40.48 -19.04 9.91
N TYR X 132 39.26 -19.03 9.39
CA TYR X 132 39.05 -18.81 7.97
C TYR X 132 37.64 -18.29 7.77
N ALA X 133 37.48 -17.50 6.71
CA ALA X 133 36.21 -16.88 6.40
C ALA X 133 36.14 -16.59 4.92
N SER X 134 34.95 -16.18 4.48
CA SER X 134 34.71 -15.89 3.08
C SER X 134 33.50 -14.98 2.96
N THR X 135 33.51 -14.16 1.93
CA THR X 135 32.38 -13.23 1.68
C THR X 135 31.99 -13.36 0.23
N GLY X 136 30.82 -12.85 -0.12
CA GLY X 136 30.32 -12.80 -1.48
C GLY X 136 29.29 -13.87 -1.74
N SER X 137 28.73 -13.78 -2.95
CA SER X 137 27.72 -14.74 -3.37
C SER X 137 28.28 -16.14 -3.47
N GLY X 138 29.57 -16.27 -3.67
CA GLY X 138 30.23 -17.56 -3.76
C GLY X 138 30.79 -18.07 -2.46
N SER X 139 30.53 -17.38 -1.36
CA SER X 139 31.03 -17.80 -0.06
C SER X 139 30.68 -19.24 0.26
N PRO X 140 29.41 -19.67 0.18
CA PRO X 140 29.08 -21.03 0.60
C PRO X 140 29.81 -22.11 -0.16
N PHE X 141 30.01 -21.95 -1.46
CA PHE X 141 30.75 -22.94 -2.21
C PHE X 141 32.19 -23.04 -1.73
N VAL X 142 32.65 -22.03 -0.99
CA VAL X 142 34.00 -22.07 -0.44
C VAL X 142 34.01 -22.75 0.91
N TYR X 143 33.04 -22.41 1.76
CA TYR X 143 32.96 -23.05 3.07
C TYR X 143 32.83 -24.55 2.94
N GLY X 144 32.24 -25.02 1.85
CA GLY X 144 32.12 -26.45 1.64
C GLY X 144 33.46 -27.11 1.35
N VAL X 145 34.38 -26.36 0.74
CA VAL X 145 35.68 -26.92 0.41
C VAL X 145 36.59 -26.88 1.63
N LEU X 146 36.46 -25.83 2.43
CA LEU X 146 37.34 -25.69 3.59
C LEU X 146 36.96 -26.65 4.70
N GLU X 147 35.65 -26.80 4.96
CA GLU X 147 35.19 -27.77 5.94
C GLU X 147 35.72 -29.18 5.65
N SER X 148 36.08 -29.45 4.42
CA SER X 148 36.47 -30.80 4.01
C SER X 148 37.97 -30.98 3.83
N GLN X 149 38.72 -29.90 3.60
CA GLN X 149 40.13 -30.01 3.27
C GLN X 149 41.04 -29.13 4.10
N TYR X 150 40.51 -28.20 4.88
CA TYR X 150 41.35 -27.34 5.68
C TYR X 150 42.01 -28.13 6.80
N SER X 151 43.23 -27.72 7.15
CA SER X 151 43.95 -28.30 8.26
C SER X 151 45.00 -27.31 8.74
N GLU X 152 44.93 -26.93 10.01
CA GLU X 152 45.87 -25.96 10.61
C GLU X 152 47.32 -26.41 10.39
N LYS X 153 47.57 -27.71 10.20
CA LYS X 153 48.92 -28.22 10.07
C LYS X 153 49.50 -28.02 8.68
N MET X 154 48.77 -27.36 7.79
CA MET X 154 49.21 -27.25 6.41
C MET X 154 50.29 -26.19 6.26
N THR X 155 51.02 -26.29 5.16
CA THR X 155 52.05 -25.34 4.82
C THR X 155 51.46 -24.18 4.04
N VAL X 156 52.33 -23.36 3.47
CA VAL X 156 51.89 -22.24 2.66
C VAL X 156 51.56 -22.70 1.26
N ASP X 157 52.43 -23.50 0.66
CA ASP X 157 52.17 -24.00 -0.68
C ASP X 157 50.87 -24.79 -0.72
N GLU X 158 50.55 -25.49 0.36
CA GLU X 158 49.31 -26.26 0.40
C GLU X 158 48.11 -25.35 0.58
N GLY X 159 48.28 -24.26 1.32
CA GLY X 159 47.16 -23.35 1.54
C GLY X 159 46.84 -22.53 0.30
N VAL X 160 47.85 -22.22 -0.50
CA VAL X 160 47.61 -21.51 -1.75
C VAL X 160 46.83 -22.38 -2.70
N ASP X 161 47.22 -23.64 -2.83
CA ASP X 161 46.50 -24.55 -3.72
C ASP X 161 45.06 -24.73 -3.25
N LEU X 162 44.81 -24.55 -1.96
CA LEU X 162 43.48 -24.75 -1.43
C LEU X 162 42.55 -23.62 -1.81
N VAL X 163 42.97 -22.38 -1.54
CA VAL X 163 42.15 -21.23 -1.87
C VAL X 163 41.86 -21.19 -3.37
N ILE X 164 42.75 -21.77 -4.17
CA ILE X 164 42.52 -21.83 -5.60
C ILE X 164 41.48 -22.88 -5.94
N ARG X 165 41.61 -24.07 -5.35
CA ARG X 165 40.58 -25.10 -5.54
C ARG X 165 39.23 -24.61 -5.09
N ALA X 166 39.19 -23.69 -4.13
CA ALA X 166 37.93 -23.24 -3.58
C ALA X 166 37.25 -22.22 -4.48
N ILE X 167 37.99 -21.18 -4.87
CA ILE X 167 37.42 -20.15 -5.72
C ILE X 167 37.12 -20.69 -7.11
N SER X 168 37.97 -21.59 -7.60
CA SER X 168 37.72 -22.20 -8.90
C SER X 168 36.38 -22.92 -8.90
N ALA X 169 35.91 -23.32 -7.72
CA ALA X 169 34.63 -24.01 -7.63
C ALA X 169 33.48 -23.04 -7.64
N ALA X 170 33.61 -21.93 -6.93
CA ALA X 170 32.57 -20.91 -6.94
C ALA X 170 32.38 -20.34 -8.33
N LYS X 171 33.46 -20.17 -9.07
CA LYS X 171 33.36 -19.69 -10.44
C LYS X 171 32.56 -20.64 -11.30
N GLN X 172 32.57 -21.93 -10.98
CA GLN X 172 31.82 -22.91 -11.72
C GLN X 172 30.35 -22.94 -11.35
N ARG X 173 29.95 -22.28 -10.27
CA ARG X 173 28.59 -22.37 -9.77
C ARG X 173 27.96 -21.04 -9.40
N ASP X 174 28.74 -19.97 -9.24
CA ASP X 174 28.22 -18.64 -9.01
C ASP X 174 28.43 -17.81 -10.27
N SER X 175 27.35 -17.21 -10.76
CA SER X 175 27.41 -16.47 -12.01
C SER X 175 28.07 -15.11 -11.86
N ALA X 176 28.02 -14.54 -10.67
CA ALA X 176 28.61 -13.24 -10.40
C ALA X 176 30.07 -13.31 -9.99
N SER X 177 30.70 -14.47 -10.14
CA SER X 177 32.10 -14.64 -9.82
C SER X 177 32.84 -15.15 -11.05
N GLY X 178 34.01 -14.57 -11.30
CA GLY X 178 34.79 -14.97 -12.44
C GLY X 178 36.01 -14.10 -12.58
N GLY X 179 36.90 -14.53 -13.46
CA GLY X 179 38.12 -13.81 -13.73
C GLY X 179 39.34 -14.54 -13.20
N MET X 180 40.49 -13.91 -13.44
CA MET X 180 41.73 -14.43 -12.89
C MET X 180 41.74 -14.22 -11.38
N ILE X 181 42.52 -15.06 -10.71
CA ILE X 181 42.56 -15.11 -9.26
C ILE X 181 43.76 -14.31 -8.76
N ASP X 182 43.51 -13.41 -7.82
CA ASP X 182 44.55 -12.63 -7.17
C ASP X 182 44.78 -13.20 -5.78
N VAL X 183 46.03 -13.44 -5.44
CA VAL X 183 46.40 -14.08 -4.19
C VAL X 183 47.48 -13.26 -3.51
N ALA X 184 47.42 -13.22 -2.18
CA ALA X 184 48.40 -12.53 -1.36
C ALA X 184 48.83 -13.43 -0.23
N VAL X 185 50.07 -13.23 0.22
CA VAL X 185 50.63 -13.99 1.33
C VAL X 185 51.33 -13.01 2.26
N ILE X 186 51.20 -13.25 3.55
CA ILE X 186 51.69 -12.34 4.58
C ILE X 186 52.50 -13.12 5.58
N THR X 187 53.71 -12.63 5.87
CA THR X 187 54.57 -13.21 6.87
C THR X 187 55.42 -12.12 7.48
N ARG X 188 55.78 -12.32 8.75
CA ARG X 188 56.65 -11.37 9.42
C ARG X 188 58.01 -11.27 8.73
N LYS X 189 58.39 -12.31 8.01
CA LYS X 189 59.69 -12.32 7.36
C LYS X 189 59.67 -11.51 6.07
N ASP X 190 58.93 -11.98 5.07
CA ASP X 190 58.87 -11.36 3.77
C ASP X 190 57.80 -10.29 3.65
N GLY X 191 56.87 -10.22 4.58
CA GLY X 191 55.84 -9.21 4.54
C GLY X 191 54.74 -9.56 3.55
N TYR X 192 53.94 -8.54 3.26
CA TYR X 192 52.86 -8.68 2.30
C TYR X 192 53.44 -8.92 0.91
N VAL X 193 52.97 -9.97 0.24
CA VAL X 193 53.47 -10.36 -1.06
C VAL X 193 52.29 -10.77 -1.92
N GLN X 194 52.12 -10.10 -3.05
CA GLN X 194 51.11 -10.45 -4.04
C GLN X 194 51.77 -11.38 -5.05
N LEU X 195 51.17 -12.55 -5.25
CA LEU X 195 51.81 -13.56 -6.06
C LEU X 195 51.74 -13.18 -7.54
N PRO X 196 52.79 -13.47 -8.31
CA PRO X 196 52.71 -13.22 -9.75
C PRO X 196 51.65 -14.09 -10.41
N THR X 197 51.11 -13.57 -11.51
CA THR X 197 50.04 -14.28 -12.20
C THR X 197 50.55 -15.60 -12.77
N ASP X 198 51.81 -15.64 -13.20
CA ASP X 198 52.34 -16.86 -13.80
C ASP X 198 52.38 -18.01 -12.80
N GLN X 199 52.69 -17.72 -11.54
CA GLN X 199 52.69 -18.78 -10.54
C GLN X 199 51.30 -19.34 -10.33
N ILE X 200 50.27 -18.50 -10.48
CA ILE X 200 48.90 -18.98 -10.32
C ILE X 200 48.55 -19.90 -11.47
N GLU X 201 48.73 -19.43 -12.70
CA GLU X 201 48.45 -20.26 -13.87
C GLU X 201 49.20 -21.57 -13.79
N SER X 202 50.43 -21.55 -13.28
CA SER X 202 51.21 -22.77 -13.16
C SER X 202 50.52 -23.77 -12.24
N ARG X 203 50.19 -23.34 -11.02
CA ARG X 203 49.56 -24.25 -10.08
C ARG X 203 48.23 -24.76 -10.61
N ILE X 204 47.52 -23.93 -11.37
CA ILE X 204 46.23 -24.34 -11.91
C ILE X 204 46.39 -25.54 -12.83
N ARG X 205 47.23 -25.39 -13.87
CA ARG X 205 47.51 -26.53 -14.74
C ARG X 205 47.99 -27.72 -13.94
N LYS X 206 48.80 -27.48 -12.91
CA LYS X 206 49.30 -28.57 -12.08
C LYS X 206 48.17 -29.28 -11.35
N LEU X 207 47.05 -28.60 -11.15
CA LEU X 207 45.92 -29.19 -10.45
C LEU X 207 44.82 -29.67 -11.36
N GLY X 208 44.73 -29.15 -12.58
CA GLY X 208 43.72 -29.58 -13.51
C GLY X 208 42.42 -28.81 -13.40
N LEU X 209 42.48 -27.49 -13.57
CA LEU X 209 41.32 -26.64 -13.45
C LEU X 209 41.15 -25.69 -14.63
N ILE X 210 41.47 -26.16 -15.84
CA ILE X 210 41.35 -25.32 -17.03
C ILE X 210 41.17 -26.18 -18.26
N THR Y 9 20.77 6.64 -25.24
CA THR Y 9 22.13 7.22 -25.30
C THR Y 9 23.14 6.11 -25.54
N THR Y 10 24.27 6.47 -26.15
CA THR Y 10 25.32 5.49 -26.42
C THR Y 10 26.66 6.20 -26.46
N THR Y 11 27.53 5.86 -25.50
CA THR Y 11 28.91 6.41 -25.45
C THR Y 11 29.87 5.24 -25.52
N VAL Y 12 31.11 5.46 -25.91
CA VAL Y 12 32.14 4.43 -26.03
C VAL Y 12 33.50 5.09 -25.89
N GLY Y 13 34.40 4.41 -25.21
CA GLY Y 13 35.77 4.83 -25.09
C GLY Y 13 36.70 3.65 -25.04
N ILE Y 14 37.73 3.66 -25.88
CA ILE Y 14 38.69 2.56 -25.94
C ILE Y 14 40.08 3.08 -25.65
N THR Y 15 41.04 2.19 -25.77
CA THR Y 15 42.42 2.44 -25.44
C THR Y 15 43.32 1.67 -26.39
N LEU Y 16 44.35 2.35 -26.89
CA LEU Y 16 45.33 1.70 -27.76
C LEU Y 16 46.72 1.84 -27.17
N LYS Y 17 47.74 1.73 -28.02
CA LYS Y 17 49.11 1.77 -27.53
C LYS Y 17 49.47 3.16 -27.00
N ASP Y 18 49.29 4.18 -27.83
CA ASP Y 18 49.66 5.54 -27.46
C ASP Y 18 48.54 6.52 -27.76
N ALA Y 19 47.29 6.09 -27.66
CA ALA Y 19 46.17 6.94 -27.99
C ALA Y 19 44.94 6.52 -27.21
N VAL Y 20 43.95 7.40 -27.22
CA VAL Y 20 42.64 7.15 -26.66
C VAL Y 20 41.60 7.67 -27.63
N ILE Y 21 40.47 6.99 -27.70
CA ILE Y 21 39.42 7.30 -28.65
C ILE Y 21 38.08 7.24 -27.93
N MET Y 22 37.26 8.25 -28.11
CA MET Y 22 35.97 8.36 -27.48
C MET Y 22 34.96 8.84 -28.51
N ALA Y 23 33.72 8.39 -28.38
CA ALA Y 23 32.70 8.70 -29.37
C ALA Y 23 31.33 8.62 -28.73
N THR Y 24 30.39 9.34 -29.34
CA THR Y 24 29.01 9.34 -28.88
C THR Y 24 28.09 9.57 -30.07
N GLU Y 25 26.81 9.50 -29.79
CA GLU Y 25 25.78 10.01 -30.68
C GLU Y 25 25.25 11.31 -30.06
N ARG Y 26 24.27 11.91 -30.73
CA ARG Y 26 23.81 13.23 -30.38
C ARG Y 26 22.34 13.31 -30.00
N ARG Y 27 21.57 12.25 -30.19
CA ARG Y 27 20.14 12.32 -29.95
C ARG Y 27 19.84 12.53 -28.48
N VAL Y 28 18.87 13.38 -28.21
CA VAL Y 28 18.38 13.64 -26.85
C VAL Y 28 16.89 13.41 -26.85
N THR Y 29 16.36 13.00 -25.70
CA THR Y 29 14.96 12.65 -25.57
C THR Y 29 14.40 13.26 -24.30
N MET Y 30 13.51 14.23 -24.45
CA MET Y 30 12.80 14.84 -23.34
C MET Y 30 11.31 14.76 -23.63
N GLU Y 31 10.55 14.46 -22.58
CA GLU Y 31 9.10 14.36 -22.66
C GLU Y 31 8.66 13.14 -23.46
N ASN Y 32 9.54 12.13 -23.52
CA ASN Y 32 9.21 10.83 -24.12
C ASN Y 32 9.09 10.93 -25.64
N PHE Y 33 9.84 11.86 -26.24
CA PHE Y 33 9.92 11.93 -27.69
C PHE Y 33 11.22 12.62 -28.05
N ILE Y 34 11.53 12.58 -29.35
CA ILE Y 34 12.80 13.10 -29.86
C ILE Y 34 12.67 14.62 -29.96
N MET Y 35 13.21 15.31 -28.97
CA MET Y 35 13.12 16.75 -28.91
C MET Y 35 14.33 17.44 -29.51
N HIS Y 36 15.49 16.80 -29.48
CA HIS Y 36 16.71 17.37 -30.03
C HIS Y 36 17.50 16.28 -30.73
N LYS Y 37 18.10 16.63 -31.85
CA LYS Y 37 18.88 15.70 -32.66
C LYS Y 37 20.37 15.95 -32.61
N ASN Y 38 20.79 17.18 -32.32
CA ASN Y 38 22.21 17.51 -32.33
C ASN Y 38 22.67 17.93 -30.94
N GLY Y 39 22.32 17.14 -29.94
CA GLY Y 39 22.82 17.38 -28.61
C GLY Y 39 24.32 17.21 -28.53
N LYS Y 40 24.83 17.32 -27.31
CA LYS Y 40 26.25 17.17 -27.04
C LYS Y 40 26.46 16.34 -25.79
N LYS Y 41 27.35 15.37 -25.87
CA LYS Y 41 27.63 14.48 -24.76
C LYS Y 41 29.11 14.18 -24.60
N LEU Y 42 29.97 14.71 -25.45
CA LEU Y 42 31.41 14.49 -25.37
C LEU Y 42 32.09 15.82 -25.15
N PHE Y 43 32.90 15.89 -24.09
CA PHE Y 43 33.48 17.15 -23.65
C PHE Y 43 34.98 16.99 -23.43
N GLN Y 44 35.69 18.09 -23.65
CA GLN Y 44 37.10 18.21 -23.29
C GLN Y 44 37.20 18.96 -21.98
N ILE Y 45 37.66 18.28 -20.94
CA ILE Y 45 37.78 18.87 -19.61
C ILE Y 45 39.22 19.20 -19.27
N ASP Y 46 40.15 18.80 -20.12
CA ASP Y 46 41.58 19.06 -19.88
C ASP Y 46 42.30 18.96 -21.21
N THR Y 47 43.59 19.26 -21.23
CA THR Y 47 44.38 19.28 -22.44
C THR Y 47 44.53 17.89 -23.03
N TYR Y 48 44.64 16.88 -22.18
CA TYR Y 48 44.79 15.49 -22.61
C TYR Y 48 43.74 14.62 -21.94
N THR Y 49 42.53 15.14 -21.81
CA THR Y 49 41.50 14.47 -21.06
C THR Y 49 40.12 14.82 -21.61
N GLY Y 50 39.24 13.83 -21.61
CA GLY Y 50 37.89 14.02 -22.08
C GLY Y 50 36.91 13.21 -21.25
N MET Y 51 35.63 13.50 -21.43
CA MET Y 51 34.60 12.84 -20.67
C MET Y 51 33.33 12.69 -21.51
N THR Y 52 32.59 11.64 -21.22
CA THR Y 52 31.27 11.41 -21.78
C THR Y 52 30.25 11.34 -20.65
N ILE Y 53 28.99 11.44 -21.01
CA ILE Y 53 27.90 11.46 -20.05
C ILE Y 53 26.72 10.67 -20.60
N ALA Y 54 25.92 10.12 -19.70
CA ALA Y 54 24.69 9.43 -20.06
C ALA Y 54 23.76 9.46 -18.86
N GLY Y 55 22.51 9.84 -19.11
CA GLY Y 55 21.52 9.94 -18.07
C GLY Y 55 20.89 11.32 -18.04
N LEU Y 56 20.55 11.75 -16.83
CA LEU Y 56 19.92 13.04 -16.66
C LEU Y 56 20.84 14.15 -17.16
N VAL Y 57 20.34 14.95 -18.08
CA VAL Y 57 21.16 15.96 -18.74
C VAL Y 57 21.61 17.01 -17.74
N GLY Y 58 20.69 17.52 -16.93
CA GLY Y 58 21.04 18.59 -16.01
C GLY Y 58 22.13 18.18 -15.05
N ASP Y 59 21.97 17.01 -14.42
CA ASP Y 59 22.97 16.56 -13.46
C ASP Y 59 24.32 16.39 -14.12
N ALA Y 60 24.34 16.08 -15.41
CA ALA Y 60 25.61 15.86 -16.10
C ALA Y 60 26.27 17.18 -16.46
N GLN Y 61 25.51 18.09 -17.08
CA GLN Y 61 26.07 19.38 -17.44
C GLN Y 61 26.70 20.07 -16.24
N VAL Y 62 26.06 19.96 -15.08
CA VAL Y 62 26.62 20.54 -13.86
C VAL Y 62 28.02 20.02 -13.62
N LEU Y 63 28.16 18.70 -13.53
CA LEU Y 63 29.47 18.11 -13.26
C LEU Y 63 30.51 18.62 -14.23
N VAL Y 64 30.21 18.56 -15.52
CA VAL Y 64 31.18 18.99 -16.53
C VAL Y 64 31.69 20.39 -16.21
N ARG Y 65 30.86 21.22 -15.59
CA ARG Y 65 31.31 22.55 -15.21
C ARG Y 65 32.20 22.50 -13.98
N TYR Y 66 31.85 21.67 -13.01
CA TYR Y 66 32.70 21.50 -11.84
C TYR Y 66 34.07 20.99 -12.23
N MET Y 67 34.10 19.95 -13.06
CA MET Y 67 35.37 19.32 -13.40
C MET Y 67 36.25 20.26 -14.20
N LYS Y 68 35.70 20.92 -15.21
CA LYS Y 68 36.49 21.87 -15.99
C LYS Y 68 37.15 22.89 -15.09
N ALA Y 69 36.52 23.22 -13.98
CA ALA Y 69 37.06 24.24 -13.08
C ALA Y 69 38.16 23.66 -12.21
N GLU Y 70 37.88 22.53 -11.56
CA GLU Y 70 38.87 21.93 -10.67
C GLU Y 70 40.15 21.60 -11.42
N LEU Y 71 40.06 21.30 -12.71
CA LEU Y 71 41.24 20.89 -13.46
C LEU Y 71 41.98 22.07 -14.05
N GLU Y 72 41.25 23.15 -14.37
CA GLU Y 72 41.92 24.35 -14.86
C GLU Y 72 42.59 25.10 -13.71
N LEU Y 73 42.00 25.01 -12.52
CA LEU Y 73 42.64 25.55 -11.34
C LEU Y 73 43.96 24.86 -11.05
N TYR Y 74 43.90 23.54 -10.82
CA TYR Y 74 45.11 22.75 -10.64
C TYR Y 74 46.18 23.10 -11.66
N ARG Y 75 45.81 23.13 -12.93
CA ARG Y 75 46.80 23.33 -13.99
C ARG Y 75 47.50 24.67 -13.85
N LEU Y 76 46.81 25.67 -13.29
CA LEU Y 76 47.39 26.99 -13.19
C LEU Y 76 48.24 27.12 -11.94
N GLN Y 77 47.73 26.61 -10.81
CA GLN Y 77 48.48 26.66 -9.58
C GLN Y 77 49.73 25.78 -9.65
N ARG Y 78 49.55 24.50 -9.99
CA ARG Y 78 50.66 23.50 -10.00
C ARG Y 78 51.42 23.50 -11.33
N ARG Y 79 50.87 24.04 -12.40
CA ARG Y 79 51.57 24.21 -13.67
C ARG Y 79 51.63 22.93 -14.50
N VAL Y 80 50.91 21.87 -14.11
CA VAL Y 80 50.85 20.64 -14.86
C VAL Y 80 49.49 20.02 -14.71
N ASN Y 81 49.19 19.07 -15.58
CA ASN Y 81 47.87 18.45 -15.64
C ASN Y 81 47.75 17.33 -14.63
N MET Y 82 46.55 17.20 -14.07
CA MET Y 82 46.30 16.13 -13.13
C MET Y 82 46.30 14.79 -13.85
N PRO Y 83 46.80 13.73 -13.22
CA PRO Y 83 46.68 12.41 -13.82
C PRO Y 83 45.23 12.00 -13.98
N ILE Y 84 45.03 10.80 -14.50
CA ILE Y 84 43.68 10.34 -14.82
C ILE Y 84 43.11 9.56 -13.65
N GLU Y 85 43.94 8.74 -12.99
CA GLU Y 85 43.48 8.00 -11.82
C GLU Y 85 42.94 8.96 -10.77
N ALA Y 86 43.51 10.17 -10.69
CA ALA Y 86 43.07 11.12 -9.70
C ALA Y 86 41.76 11.78 -10.09
N VAL Y 87 41.60 12.10 -11.37
CA VAL Y 87 40.35 12.66 -11.85
C VAL Y 87 39.18 11.75 -11.47
N ALA Y 88 39.32 10.46 -11.77
CA ALA Y 88 38.27 9.51 -11.46
C ALA Y 88 38.04 9.41 -9.97
N THR Y 89 39.11 9.46 -9.18
CA THR Y 89 38.97 9.40 -7.74
C THR Y 89 38.24 10.63 -7.22
N LEU Y 90 38.57 11.80 -7.74
CA LEU Y 90 37.90 13.02 -7.34
C LEU Y 90 36.39 12.92 -7.54
N LEU Y 91 35.97 12.46 -8.72
CA LEU Y 91 34.55 12.23 -8.96
C LEU Y 91 33.97 11.21 -8.00
N SER Y 92 34.61 10.05 -7.91
CA SER Y 92 34.10 8.98 -7.06
C SER Y 92 33.70 9.51 -5.68
N ASN Y 93 34.48 10.45 -5.15
CA ASN Y 93 34.13 11.02 -3.85
C ASN Y 93 33.01 12.02 -3.96
N MET Y 94 32.98 12.80 -5.05
CA MET Y 94 31.96 13.82 -5.19
C MET Y 94 30.58 13.20 -5.41
N LEU Y 95 30.54 11.92 -5.78
CA LEU Y 95 29.26 11.27 -5.99
C LEU Y 95 28.85 10.44 -4.79
N ASN Y 96 29.78 9.68 -4.22
CA ASN Y 96 29.47 8.89 -3.03
C ASN Y 96 28.99 9.76 -1.90
N GLN Y 97 29.44 11.02 -1.85
N GLN Y 97 29.44 11.02 -1.85
CA GLN Y 97 29.05 11.92 -0.79
CA GLN Y 97 29.05 11.92 -0.79
C GLN Y 97 27.57 12.25 -0.82
C GLN Y 97 27.57 12.25 -0.82
N VAL Y 98 26.88 11.96 -1.92
CA VAL Y 98 25.46 12.26 -2.05
C VAL Y 98 24.74 11.05 -2.62
N LYS Y 99 25.17 9.86 -2.20
CA LYS Y 99 24.63 8.63 -2.78
C LYS Y 99 23.17 8.44 -2.41
N TYR Y 100 22.64 9.24 -1.49
CA TYR Y 100 21.24 9.18 -1.13
C TYR Y 100 20.42 10.34 -1.67
N MET Y 101 21.08 11.36 -2.20
CA MET Y 101 20.44 12.41 -3.00
C MET Y 101 21.26 12.60 -4.26
N PRO Y 102 21.35 11.56 -5.08
CA PRO Y 102 22.47 11.42 -6.01
C PRO Y 102 22.25 12.02 -7.38
N TYR Y 103 23.34 12.06 -8.15
CA TYR Y 103 23.30 12.32 -9.58
C TYR Y 103 23.00 11.02 -10.30
N MET Y 104 22.05 11.06 -11.22
CA MET Y 104 21.65 9.88 -11.97
C MET Y 104 22.33 9.90 -13.34
N VAL Y 105 23.58 9.45 -13.35
CA VAL Y 105 24.43 9.51 -14.53
C VAL Y 105 25.33 8.30 -14.60
N GLN Y 106 25.90 8.09 -15.78
CA GLN Y 106 26.98 7.15 -16.01
C GLN Y 106 28.04 7.86 -16.83
N LEU Y 107 29.30 7.71 -16.42
CA LEU Y 107 30.38 8.52 -16.97
C LEU Y 107 31.52 7.65 -17.45
N LEU Y 108 32.28 8.20 -18.38
CA LEU Y 108 33.55 7.66 -18.84
C LEU Y 108 34.59 8.75 -18.83
N VAL Y 109 35.80 8.40 -18.39
CA VAL Y 109 36.90 9.33 -18.34
C VAL Y 109 38.07 8.72 -19.10
N GLY Y 110 38.66 9.49 -19.98
CA GLY Y 110 39.76 9.02 -20.79
C GLY Y 110 40.76 10.13 -21.02
N GLY Y 111 42.03 9.75 -21.04
CA GLY Y 111 43.07 10.73 -21.23
C GLY Y 111 44.42 10.07 -21.37
N ILE Y 112 45.45 10.90 -21.29
CA ILE Y 112 46.83 10.49 -21.45
C ILE Y 112 47.64 11.14 -20.34
N ASP Y 113 48.49 10.35 -19.69
CA ASP Y 113 49.52 10.87 -18.81
C ASP Y 113 50.89 10.32 -19.20
N THR Y 114 51.37 9.28 -18.53
CA THR Y 114 52.51 8.53 -19.00
C THR Y 114 52.04 7.43 -19.94
N ALA Y 115 50.77 7.08 -19.84
CA ALA Y 115 50.16 6.06 -20.66
C ALA Y 115 48.68 6.35 -20.80
N PRO Y 116 48.00 5.66 -21.71
CA PRO Y 116 46.55 5.84 -21.84
C PRO Y 116 45.80 5.19 -20.71
N HIS Y 117 44.62 5.72 -20.41
CA HIS Y 117 43.77 5.20 -19.36
C HIS Y 117 42.33 5.52 -19.67
N VAL Y 118 41.44 4.59 -19.32
CA VAL Y 118 40.01 4.78 -19.45
C VAL Y 118 39.35 4.28 -18.17
N PHE Y 119 38.39 5.05 -17.67
CA PHE Y 119 37.71 4.72 -16.43
C PHE Y 119 36.21 4.81 -16.62
N SER Y 120 35.49 3.87 -16.03
CA SER Y 120 34.04 3.90 -15.96
C SER Y 120 33.63 4.24 -14.54
N ILE Y 121 32.57 5.02 -14.40
CA ILE Y 121 32.15 5.57 -13.13
C ILE Y 121 30.64 5.52 -13.04
N ASP Y 122 30.12 5.09 -11.90
CA ASP Y 122 28.70 4.96 -11.67
C ASP Y 122 28.21 6.08 -10.77
N ALA Y 123 26.91 6.05 -10.48
CA ALA Y 123 26.29 7.12 -9.72
C ALA Y 123 26.72 7.09 -8.26
N ALA Y 124 27.08 5.92 -7.75
CA ALA Y 124 27.45 5.79 -6.34
C ALA Y 124 28.92 6.08 -6.08
N GLY Y 125 29.74 6.17 -7.12
CA GLY Y 125 31.14 6.50 -6.97
C GLY Y 125 32.09 5.41 -7.39
N GLY Y 126 31.58 4.26 -7.86
CA GLY Y 126 32.47 3.18 -8.24
C GLY Y 126 33.24 3.51 -9.49
N SER Y 127 34.56 3.42 -9.40
CA SER Y 127 35.45 3.71 -10.51
C SER Y 127 36.27 2.48 -10.83
N VAL Y 128 36.33 2.13 -12.12
CA VAL Y 128 37.06 0.96 -12.58
C VAL Y 128 37.78 1.29 -13.87
N GLU Y 129 39.03 0.89 -13.96
CA GLU Y 129 39.83 1.07 -15.16
C GLU Y 129 39.67 -0.13 -16.08
N ASP Y 130 39.64 0.14 -17.38
CA ASP Y 130 39.42 -0.92 -18.39
C ASP Y 130 40.03 -0.47 -19.70
N ILE Y 131 40.20 -1.39 -20.64
CA ILE Y 131 40.77 -1.07 -21.94
C ILE Y 131 39.71 -0.51 -22.88
N TYR Y 132 38.45 -0.89 -22.66
CA TYR Y 132 37.35 -0.28 -23.38
C TYR Y 132 36.08 -0.42 -22.57
N ALA Y 133 35.18 0.52 -22.78
CA ALA Y 133 33.93 0.56 -22.03
C ALA Y 133 32.89 1.30 -22.85
N SER Y 134 31.66 1.26 -22.37
CA SER Y 134 30.54 1.90 -23.04
C SER Y 134 29.42 2.12 -22.04
N THR Y 135 28.65 3.17 -22.27
CA THR Y 135 27.51 3.51 -21.39
C THR Y 135 26.30 3.76 -22.27
N GLY Y 136 25.13 3.76 -21.67
CA GLY Y 136 23.87 4.07 -22.33
C GLY Y 136 23.07 2.83 -22.65
N SER Y 137 21.87 3.09 -23.16
CA SER Y 137 20.97 2.00 -23.51
C SER Y 137 21.53 1.16 -24.65
N GLY Y 138 22.40 1.72 -25.46
CA GLY Y 138 23.03 1.02 -26.56
C GLY Y 138 24.35 0.38 -26.23
N SER Y 139 24.76 0.42 -24.96
CA SER Y 139 26.02 -0.18 -24.57
C SER Y 139 26.16 -1.62 -25.00
N PRO Y 140 25.20 -2.51 -24.72
CA PRO Y 140 25.41 -3.92 -25.05
C PRO Y 140 25.64 -4.19 -26.52
N PHE Y 141 24.93 -3.49 -27.39
CA PHE Y 141 25.17 -3.66 -28.82
C PHE Y 141 26.58 -3.26 -29.21
N VAL Y 142 27.26 -2.51 -28.35
CA VAL Y 142 28.63 -2.13 -28.63
C VAL Y 142 29.59 -3.18 -28.10
N TYR Y 143 29.36 -3.66 -26.88
CA TYR Y 143 30.21 -4.69 -26.32
C TYR Y 143 30.25 -5.92 -27.20
N GLY Y 144 29.17 -6.17 -27.94
CA GLY Y 144 29.15 -7.31 -28.84
C GLY Y 144 30.07 -7.12 -30.03
N VAL Y 145 30.27 -5.87 -30.44
CA VAL Y 145 31.13 -5.60 -31.59
C VAL Y 145 32.59 -5.60 -31.16
N LEU Y 146 32.86 -5.11 -29.96
CA LEU Y 146 34.24 -5.02 -29.50
C LEU Y 146 34.78 -6.38 -29.11
N GLU Y 147 33.98 -7.19 -28.42
CA GLU Y 147 34.39 -8.55 -28.10
C GLU Y 147 34.81 -9.33 -29.33
N SER Y 148 34.34 -8.94 -30.51
CA SER Y 148 34.56 -9.70 -31.73
C SER Y 148 35.60 -9.09 -32.65
N GLN Y 149 35.88 -7.80 -32.53
CA GLN Y 149 36.75 -7.11 -33.46
C GLN Y 149 37.85 -6.29 -32.83
N TYR Y 150 37.81 -6.07 -31.53
CA TYR Y 150 38.84 -5.27 -30.88
C TYR Y 150 40.16 -6.02 -30.87
N SER Y 151 41.25 -5.26 -30.96
CA SER Y 151 42.59 -5.82 -30.88
C SER Y 151 43.55 -4.71 -30.48
N GLU Y 152 44.24 -4.90 -29.36
CA GLU Y 152 45.21 -3.91 -28.83
C GLU Y 152 46.23 -3.53 -29.92
N LYS Y 153 46.48 -4.39 -30.90
CA LYS Y 153 47.51 -4.14 -31.90
C LYS Y 153 47.03 -3.20 -33.01
N MET Y 154 45.82 -2.67 -32.90
CA MET Y 154 45.26 -1.87 -33.97
C MET Y 154 45.82 -0.46 -33.96
N THR Y 155 45.70 0.19 -35.11
CA THR Y 155 46.14 1.56 -35.28
C THR Y 155 45.02 2.51 -34.87
N VAL Y 156 45.22 3.79 -35.19
CA VAL Y 156 44.21 4.79 -34.89
C VAL Y 156 43.13 4.77 -35.95
N ASP Y 157 43.52 4.75 -37.22
CA ASP Y 157 42.54 4.71 -38.30
C ASP Y 157 41.64 3.49 -38.18
N GLU Y 158 42.18 2.38 -37.69
CA GLU Y 158 41.37 1.18 -37.53
C GLU Y 158 40.45 1.30 -36.33
N GLY Y 159 40.89 1.99 -35.29
CA GLY Y 159 40.06 2.14 -34.10
C GLY Y 159 38.91 3.10 -34.33
N VAL Y 160 39.13 4.12 -35.16
CA VAL Y 160 38.06 5.04 -35.49
C VAL Y 160 36.97 4.33 -36.28
N ASP Y 161 37.36 3.53 -37.27
CA ASP Y 161 36.38 2.79 -38.05
C ASP Y 161 35.61 1.81 -37.17
N LEU Y 162 36.22 1.38 -36.08
CA LEU Y 162 35.57 0.40 -35.22
C LEU Y 162 34.47 1.04 -34.39
N VAL Y 163 34.78 2.13 -33.70
CA VAL Y 163 33.79 2.81 -32.89
C VAL Y 163 32.61 3.25 -33.75
N ILE Y 164 32.85 3.49 -35.03
CA ILE Y 164 31.78 3.87 -35.93
C ILE Y 164 30.93 2.65 -36.28
N ARG Y 165 31.56 1.54 -36.61
CA ARG Y 165 30.82 0.31 -36.86
C ARG Y 165 29.99 -0.08 -35.65
N ALA Y 166 30.45 0.29 -34.46
CA ALA Y 166 29.77 -0.13 -33.24
C ALA Y 166 28.55 0.72 -32.96
N ILE Y 167 28.71 2.05 -32.98
CA ILE Y 167 27.60 2.93 -32.69
C ILE Y 167 26.57 2.86 -33.81
N SER Y 168 27.03 2.71 -35.05
CA SER Y 168 26.10 2.58 -36.16
C SER Y 168 25.18 1.38 -35.96
N ALA Y 169 25.62 0.42 -35.16
CA ALA Y 169 24.81 -0.77 -34.91
C ALA Y 169 23.79 -0.51 -33.82
N ALA Y 170 24.19 0.20 -32.76
CA ALA Y 170 23.25 0.54 -31.71
C ALA Y 170 22.14 1.42 -32.24
N LYS Y 171 22.47 2.33 -33.15
CA LYS Y 171 21.46 3.19 -33.76
C LYS Y 171 20.42 2.36 -34.51
N GLN Y 172 20.82 1.21 -35.03
CA GLN Y 172 19.92 0.34 -35.75
C GLN Y 172 19.05 -0.51 -34.83
N ARG Y 173 19.34 -0.54 -33.53
CA ARG Y 173 18.64 -1.42 -32.62
C ARG Y 173 18.20 -0.76 -31.32
N ASP Y 174 18.75 0.39 -30.96
CA ASP Y 174 18.30 1.15 -29.80
C ASP Y 174 17.55 2.38 -30.29
N SER Y 175 16.34 2.55 -29.79
CA SER Y 175 15.48 3.64 -30.23
C SER Y 175 15.89 4.98 -29.65
N ALA Y 176 16.54 4.98 -28.50
CA ALA Y 176 16.96 6.22 -27.85
C ALA Y 176 18.34 6.67 -28.29
N SER Y 177 18.89 6.08 -29.34
CA SER Y 177 20.19 6.46 -29.87
C SER Y 177 20.04 6.85 -31.33
N GLY Y 178 20.69 7.93 -31.72
CA GLY Y 178 20.60 8.39 -33.08
C GLY Y 178 21.32 9.70 -33.25
N GLY Y 179 21.49 10.08 -34.50
CA GLY Y 179 22.15 11.33 -34.85
C GLY Y 179 23.51 11.11 -35.45
N MET Y 180 24.15 12.22 -35.79
CA MET Y 180 25.51 12.17 -36.28
C MET Y 180 26.45 11.79 -35.16
N ILE Y 181 27.58 11.23 -35.54
CA ILE Y 181 28.55 10.67 -34.60
C ILE Y 181 29.65 11.68 -34.36
N ASP Y 182 29.94 11.95 -33.09
CA ASP Y 182 31.03 12.81 -32.69
C ASP Y 182 32.17 11.94 -32.18
N VAL Y 183 33.37 12.20 -32.66
CA VAL Y 183 34.54 11.39 -32.35
C VAL Y 183 35.67 12.30 -31.91
N ALA Y 184 36.46 11.82 -30.97
CA ALA Y 184 37.63 12.52 -30.47
C ALA Y 184 38.81 11.57 -30.41
N VAL Y 185 40.00 12.13 -30.57
CA VAL Y 185 41.25 11.38 -30.51
C VAL Y 185 42.22 12.14 -29.65
N ILE Y 186 42.99 11.41 -28.85
CA ILE Y 186 43.88 11.99 -27.85
C ILE Y 186 45.25 11.37 -27.99
N THR Y 187 46.27 12.22 -28.08
CA THR Y 187 47.65 11.77 -28.14
C THR Y 187 48.53 12.82 -27.50
N ARG Y 188 49.63 12.36 -26.92
CA ARG Y 188 50.58 13.27 -26.31
C ARG Y 188 51.16 14.23 -27.35
N LYS Y 189 51.14 13.83 -28.62
CA LYS Y 189 51.72 14.66 -29.67
C LYS Y 189 50.77 15.78 -30.07
N ASP Y 190 49.63 15.42 -30.66
CA ASP Y 190 48.68 16.38 -31.17
C ASP Y 190 47.64 16.80 -30.15
N GLY Y 191 47.53 16.08 -29.04
CA GLY Y 191 46.56 16.44 -28.02
C GLY Y 191 45.15 16.02 -28.38
N TYR Y 192 44.22 16.58 -27.63
CA TYR Y 192 42.80 16.34 -27.86
C TYR Y 192 42.40 16.91 -29.20
N VAL Y 193 41.77 16.10 -30.03
CA VAL Y 193 41.37 16.49 -31.38
C VAL Y 193 39.98 15.93 -31.65
N GLN Y 194 39.05 16.82 -31.95
CA GLN Y 194 37.71 16.43 -32.36
C GLN Y 194 37.69 16.35 -33.88
N LEU Y 195 37.27 15.21 -34.40
CA LEU Y 195 37.38 14.99 -35.83
C LEU Y 195 36.33 15.79 -36.58
N PRO Y 196 36.67 16.33 -37.75
CA PRO Y 196 35.67 17.02 -38.56
C PRO Y 196 34.57 16.08 -39.00
N THR Y 197 33.38 16.65 -39.20
CA THR Y 197 32.24 15.85 -39.59
C THR Y 197 32.44 15.22 -40.96
N ASP Y 198 33.14 15.92 -41.86
CA ASP Y 198 33.33 15.41 -43.21
C ASP Y 198 34.15 14.12 -43.21
N GLN Y 199 35.14 14.03 -42.32
CA GLN Y 199 35.93 12.82 -42.24
C GLN Y 199 35.09 11.63 -41.78
N ILE Y 200 34.10 11.90 -40.93
CA ILE Y 200 33.22 10.84 -40.46
C ILE Y 200 32.35 10.35 -41.61
N GLU Y 201 31.64 11.26 -42.26
CA GLU Y 201 30.81 10.89 -43.39
C GLU Y 201 31.62 10.14 -44.44
N SER Y 202 32.86 10.54 -44.65
CA SER Y 202 33.71 9.86 -45.62
C SER Y 202 33.91 8.40 -45.25
N ARG Y 203 34.37 8.15 -44.03
CA ARG Y 203 34.62 6.78 -43.61
C ARG Y 203 33.35 5.95 -43.64
N ILE Y 204 32.20 6.58 -43.36
CA ILE Y 204 30.94 5.84 -43.37
C ILE Y 204 30.65 5.30 -44.75
N ARG Y 205 30.60 6.18 -45.75
CA ARG Y 205 30.42 5.72 -47.12
C ARG Y 205 31.46 4.67 -47.48
N LYS Y 206 32.69 4.86 -47.01
CA LYS Y 206 33.75 3.90 -47.32
C LYS Y 206 33.48 2.54 -46.70
N LEU Y 207 32.64 2.50 -45.66
CA LEU Y 207 32.33 1.25 -44.99
C LEU Y 207 30.96 0.69 -45.38
N GLY Y 208 30.06 1.52 -45.87
CA GLY Y 208 28.75 1.05 -46.28
C GLY Y 208 27.73 1.04 -45.16
N LEU Y 209 27.48 2.19 -44.56
CA LEU Y 209 26.55 2.31 -43.44
C LEU Y 209 25.54 3.43 -43.64
N ILE Y 210 25.08 3.64 -44.87
CA ILE Y 210 24.13 4.71 -45.14
C ILE Y 210 23.32 4.37 -46.38
N THR Z 9 -1.22 24.17 -22.95
CA THR Z 9 -0.30 25.28 -23.30
C THR Z 9 0.47 24.94 -24.56
N THR Z 10 0.89 25.97 -25.29
CA THR Z 10 1.65 25.75 -26.52
C THR Z 10 2.54 26.96 -26.75
N THR Z 11 3.85 26.74 -26.71
CA THR Z 11 4.85 27.79 -26.99
C THR Z 11 5.71 27.30 -28.15
N VAL Z 12 6.38 28.20 -28.87
CA VAL Z 12 7.23 27.87 -30.01
C VAL Z 12 8.25 28.98 -30.17
N GLY Z 13 9.47 28.58 -30.51
CA GLY Z 13 10.52 29.52 -30.82
C GLY Z 13 11.42 28.97 -31.90
N ILE Z 14 11.67 29.76 -32.94
CA ILE Z 14 12.51 29.33 -34.04
C ILE Z 14 13.68 30.28 -34.19
N THR Z 15 14.47 30.03 -35.23
CA THR Z 15 15.69 30.76 -35.51
C THR Z 15 15.88 30.89 -37.00
N LEU Z 16 16.24 32.09 -37.43
CA LEU Z 16 16.51 32.34 -38.84
C LEU Z 16 17.93 32.87 -39.01
N LYS Z 17 18.18 33.56 -40.12
CA LYS Z 17 19.53 34.04 -40.40
C LYS Z 17 19.94 35.12 -39.42
N ASP Z 18 19.13 36.18 -39.31
CA ASP Z 18 19.46 37.32 -38.46
C ASP Z 18 18.28 37.71 -37.58
N ALA Z 19 17.46 36.75 -37.19
CA ALA Z 19 16.28 37.05 -36.40
C ALA Z 19 15.89 35.86 -35.55
N VAL Z 20 15.01 36.13 -34.59
CA VAL Z 20 14.41 35.12 -33.75
C VAL Z 20 12.93 35.42 -33.63
N ILE Z 21 12.13 34.38 -33.53
CA ILE Z 21 10.68 34.49 -33.52
C ILE Z 21 10.14 33.56 -32.45
N MET Z 22 9.25 34.09 -31.62
CA MET Z 22 8.65 33.34 -30.52
C MET Z 22 7.17 33.65 -30.49
N ALA Z 23 6.37 32.67 -30.08
CA ALA Z 23 4.93 32.82 -30.10
C ALA Z 23 4.30 31.89 -29.08
N THR Z 24 3.11 32.26 -28.65
CA THR Z 24 2.34 31.47 -27.70
C THR Z 24 0.86 31.67 -27.95
N GLU Z 25 0.07 30.92 -27.21
CA GLU Z 25 -1.34 31.19 -27.03
C GLU Z 25 -1.54 31.77 -25.63
N ARG Z 26 -2.79 32.05 -25.29
CA ARG Z 26 -3.10 32.78 -24.08
C ARG Z 26 -3.99 32.05 -23.11
N ARG Z 27 -4.54 30.90 -23.48
CA ARG Z 27 -5.48 30.22 -22.62
C ARG Z 27 -4.79 29.70 -21.37
N VAL Z 28 -5.48 29.85 -20.24
CA VAL Z 28 -5.03 29.34 -18.96
C VAL Z 28 -6.13 28.47 -18.38
N THR Z 29 -5.75 27.47 -17.59
CA THR Z 29 -6.68 26.49 -17.06
C THR Z 29 -6.38 26.26 -15.59
N MET Z 30 -7.29 26.70 -14.73
CA MET Z 30 -7.21 26.46 -13.30
C MET Z 30 -8.50 25.82 -12.84
N GLU Z 31 -8.39 24.84 -11.96
CA GLU Z 31 -9.52 24.13 -11.40
C GLU Z 31 -10.19 23.23 -12.44
N ASN Z 32 -9.42 22.84 -13.46
CA ASN Z 32 -9.86 21.87 -14.45
C ASN Z 32 -10.94 22.44 -15.37
N PHE Z 33 -10.87 23.75 -15.59
CA PHE Z 33 -11.74 24.39 -16.57
C PHE Z 33 -11.09 25.68 -17.03
N ILE Z 34 -11.67 26.27 -18.08
CA ILE Z 34 -11.11 27.44 -18.71
C ILE Z 34 -11.48 28.65 -17.86
N MET Z 35 -10.54 29.09 -17.03
CA MET Z 35 -10.77 30.21 -16.13
C MET Z 35 -10.33 31.54 -16.71
N HIS Z 36 -9.34 31.53 -17.59
CA HIS Z 36 -8.86 32.76 -18.20
C HIS Z 36 -8.54 32.50 -19.66
N LYS Z 37 -8.85 33.47 -20.51
CA LYS Z 37 -8.64 33.37 -21.94
C LYS Z 37 -7.51 34.24 -22.45
N ASN Z 38 -7.18 35.31 -21.77
CA ASN Z 38 -6.15 36.23 -22.23
C ASN Z 38 -4.98 36.27 -21.27
N GLY Z 39 -4.50 35.10 -20.87
CA GLY Z 39 -3.31 35.04 -20.06
C GLY Z 39 -2.09 35.56 -20.81
N LYS Z 40 -0.95 35.43 -20.14
CA LYS Z 40 0.32 35.87 -20.70
C LYS Z 40 1.39 34.83 -20.42
N LYS Z 41 2.15 34.48 -21.45
CA LYS Z 41 3.19 33.48 -21.34
C LYS Z 41 4.47 33.85 -22.07
N LEU Z 42 4.51 34.98 -22.75
CA LEU Z 42 5.68 35.44 -23.49
C LEU Z 42 6.15 36.74 -22.89
N PHE Z 43 7.42 36.79 -22.51
CA PHE Z 43 7.97 37.91 -21.77
C PHE Z 43 9.27 38.38 -22.40
N GLN Z 44 9.52 39.68 -22.25
CA GLN Z 44 10.79 40.29 -22.59
C GLN Z 44 11.60 40.46 -21.31
N ILE Z 45 12.71 39.74 -21.21
CA ILE Z 45 13.55 39.79 -20.04
C ILE Z 45 14.82 40.58 -20.27
N ASP Z 46 15.05 40.99 -21.51
CA ASP Z 46 16.24 41.78 -21.86
C ASP Z 46 15.96 42.52 -23.16
N THR Z 47 16.89 43.36 -23.59
CA THR Z 47 16.72 44.18 -24.78
C THR Z 47 16.65 43.34 -26.04
N TYR Z 48 17.41 42.26 -26.09
CA TYR Z 48 17.45 41.36 -27.23
C TYR Z 48 17.20 39.93 -26.80
N THR Z 49 16.29 39.75 -25.85
CA THR Z 49 16.08 38.45 -25.23
C THR Z 49 14.64 38.31 -24.78
N GLY Z 50 14.10 37.10 -24.93
CA GLY Z 50 12.75 36.82 -24.51
C GLY Z 50 12.65 35.41 -23.97
N MET Z 51 11.52 35.12 -23.34
CA MET Z 51 11.31 33.84 -22.71
C MET Z 51 9.85 33.44 -22.79
N THR Z 52 9.61 32.14 -22.85
CA THR Z 52 8.28 31.57 -22.74
C THR Z 52 8.24 30.63 -21.55
N ILE Z 53 7.03 30.26 -21.15
CA ILE Z 53 6.82 29.42 -19.98
C ILE Z 53 5.69 28.45 -20.27
N ALA Z 54 5.73 27.31 -19.59
CA ALA Z 54 4.66 26.32 -19.66
C ALA Z 54 4.72 25.47 -18.40
N GLY Z 55 3.56 25.30 -17.77
CA GLY Z 55 3.45 24.54 -16.56
C GLY Z 55 2.80 25.36 -15.45
N LEU Z 56 3.25 25.11 -14.23
CA LEU Z 56 2.70 25.81 -13.08
C LEU Z 56 2.93 27.31 -13.22
N VAL Z 57 1.84 28.07 -13.16
CA VAL Z 57 1.91 29.50 -13.41
C VAL Z 57 2.74 30.19 -12.34
N GLY Z 58 2.47 29.89 -11.07
CA GLY Z 58 3.18 30.57 -10.00
C GLY Z 58 4.68 30.38 -10.08
N ASP Z 59 5.13 29.14 -10.25
CA ASP Z 59 6.55 28.87 -10.32
C ASP Z 59 7.19 29.61 -11.49
N ALA Z 60 6.42 29.83 -12.56
CA ALA Z 60 6.97 30.48 -13.73
C ALA Z 60 7.05 31.99 -13.53
N GLN Z 61 5.97 32.61 -13.08
CA GLN Z 61 5.97 34.04 -12.84
C GLN Z 61 7.12 34.44 -11.93
N VAL Z 62 7.39 33.63 -10.91
CA VAL Z 62 8.51 33.91 -10.01
C VAL Z 62 9.80 34.05 -10.80
N LEU Z 63 10.16 33.01 -11.54
CA LEU Z 63 11.39 33.03 -12.31
C LEU Z 63 11.49 34.27 -13.16
N VAL Z 64 10.46 34.57 -13.94
CA VAL Z 64 10.49 35.73 -14.81
C VAL Z 64 10.89 36.98 -14.05
N ARG Z 65 10.54 37.03 -12.76
CA ARG Z 65 10.93 38.18 -11.96
C ARG Z 65 12.39 38.09 -11.55
N TYR Z 66 12.86 36.90 -11.21
CA TYR Z 66 14.28 36.73 -10.91
C TYR Z 66 15.14 37.08 -12.10
N MET Z 67 14.78 36.56 -13.27
CA MET Z 67 15.61 36.76 -14.45
C MET Z 67 15.65 38.21 -14.87
N LYS Z 68 14.49 38.87 -14.92
CA LYS Z 68 14.46 40.29 -15.26
C LYS Z 68 15.39 41.09 -14.38
N ALA Z 69 15.57 40.65 -13.14
CA ALA Z 69 16.41 41.40 -12.21
C ALA Z 69 17.88 41.11 -12.45
N GLU Z 70 18.24 39.83 -12.53
CA GLU Z 70 19.64 39.47 -12.72
C GLU Z 70 20.19 40.06 -14.01
N LEU Z 71 19.33 40.26 -15.02
CA LEU Z 71 19.81 40.74 -16.31
C LEU Z 71 19.83 42.25 -16.37
N GLU Z 72 18.93 42.91 -15.64
CA GLU Z 72 18.96 44.36 -15.60
C GLU Z 72 20.09 44.85 -14.70
N LEU Z 73 20.40 44.08 -13.67
CA LEU Z 73 21.57 44.37 -12.85
C LEU Z 73 22.84 44.31 -13.67
N TYR Z 74 23.13 43.14 -14.24
CA TYR Z 74 24.29 42.97 -15.12
C TYR Z 74 24.40 44.12 -16.10
N ARG Z 75 23.30 44.44 -16.80
CA ARG Z 75 23.35 45.46 -17.85
C ARG Z 75 23.78 46.81 -17.31
N LEU Z 76 23.47 47.09 -16.05
CA LEU Z 76 23.79 48.39 -15.49
C LEU Z 76 25.23 48.42 -14.96
N GLN Z 77 25.62 47.37 -14.25
CA GLN Z 77 26.97 47.29 -13.73
C GLN Z 77 27.98 47.19 -14.86
N ARG Z 78 27.82 46.19 -15.75
CA ARG Z 78 28.80 45.89 -16.83
C ARG Z 78 28.54 46.73 -18.08
N ARG Z 79 27.34 47.31 -18.24
CA ARG Z 79 27.05 48.23 -19.34
C ARG Z 79 26.75 47.52 -20.66
N VAL Z 80 26.62 46.20 -20.66
CA VAL Z 80 26.25 45.46 -21.85
C VAL Z 80 25.40 44.27 -21.47
N ASN Z 81 24.75 43.69 -22.46
CA ASN Z 81 23.80 42.60 -22.25
C ASN Z 81 24.51 41.27 -22.14
N MET Z 82 23.98 40.41 -21.29
CA MET Z 82 24.53 39.08 -21.14
C MET Z 82 24.26 38.26 -22.40
N PRO Z 83 25.19 37.40 -22.81
CA PRO Z 83 24.91 36.50 -23.91
C PRO Z 83 23.75 35.57 -23.58
N ILE Z 84 23.44 34.69 -24.53
CA ILE Z 84 22.29 33.82 -24.37
C ILE Z 84 22.70 32.49 -23.77
N GLU Z 85 23.86 31.97 -24.17
CA GLU Z 85 24.36 30.73 -23.58
C GLU Z 85 24.48 30.87 -22.07
N ALA Z 86 24.80 32.07 -21.60
CA ALA Z 86 24.96 32.29 -20.17
C ALA Z 86 23.63 32.37 -19.45
N VAL Z 87 22.65 33.02 -20.07
CA VAL Z 87 21.32 33.07 -19.50
C VAL Z 87 20.80 31.67 -19.22
N ALA Z 88 20.89 30.80 -20.23
CA ALA Z 88 20.42 29.43 -20.06
C ALA Z 88 21.22 28.69 -19.00
N THR Z 89 22.52 28.94 -18.93
CA THR Z 89 23.34 28.29 -17.92
C THR Z 89 22.94 28.76 -16.53
N LEU Z 90 22.69 30.06 -16.38
CA LEU Z 90 22.27 30.58 -15.08
C LEU Z 90 21.01 29.89 -14.60
N LEU Z 91 20.01 29.76 -15.46
CA LEU Z 91 18.81 29.02 -15.09
C LEU Z 91 19.12 27.57 -14.76
N SER Z 92 19.82 26.88 -15.66
CA SER Z 92 20.14 25.47 -15.45
C SER Z 92 20.63 25.22 -14.04
N ASN Z 93 21.43 26.13 -13.49
CA ASN Z 93 21.92 25.96 -12.13
C ASN Z 93 20.85 26.30 -11.11
N MET Z 94 20.03 27.31 -11.39
CA MET Z 94 19.01 27.73 -10.44
C MET Z 94 17.92 26.68 -10.29
N LEU Z 95 17.83 25.75 -11.25
CA LEU Z 95 16.82 24.72 -11.18
C LEU Z 95 17.38 23.41 -10.64
N ASN Z 96 18.57 23.02 -11.13
CA ASN Z 96 19.19 21.79 -10.63
C ASN Z 96 19.43 21.87 -9.13
N GLN Z 97 19.62 23.08 -8.60
N GLN Z 97 19.62 23.08 -8.60
CA GLN Z 97 19.88 23.24 -7.17
CA GLN Z 97 19.88 23.24 -7.17
C GLN Z 97 18.68 22.84 -6.33
C GLN Z 97 18.68 22.84 -6.33
N VAL Z 98 17.50 22.70 -6.92
CA VAL Z 98 16.30 22.34 -6.18
C VAL Z 98 15.56 21.23 -6.92
N LYS Z 99 16.32 20.32 -7.52
CA LYS Z 99 15.71 19.29 -8.36
C LYS Z 99 14.87 18.33 -7.55
N TYR Z 100 14.94 18.39 -6.22
CA TYR Z 100 14.11 17.55 -5.36
C TYR Z 100 12.99 18.33 -4.69
N MET Z 101 13.00 19.66 -4.77
CA MET Z 101 11.86 20.50 -4.41
C MET Z 101 11.65 21.50 -5.55
N PRO Z 102 11.35 21.00 -6.74
CA PRO Z 102 11.63 21.74 -7.96
C PRO Z 102 10.50 22.64 -8.46
N TYR Z 103 10.84 23.44 -9.45
CA TYR Z 103 9.87 24.15 -10.25
C TYR Z 103 9.36 23.23 -11.35
N MET Z 104 8.05 23.18 -11.51
CA MET Z 104 7.43 22.31 -12.51
C MET Z 104 7.07 23.14 -13.74
N VAL Z 105 8.08 23.36 -14.58
CA VAL Z 105 7.97 24.23 -15.74
C VAL Z 105 8.79 23.68 -16.90
N GLN Z 106 8.49 24.21 -18.08
CA GLN Z 106 9.30 24.03 -19.27
C GLN Z 106 9.48 25.39 -19.92
N LEU Z 107 10.71 25.70 -20.30
CA LEU Z 107 11.07 27.04 -20.71
C LEU Z 107 11.75 27.04 -22.07
N LEU Z 108 11.66 28.18 -22.74
CA LEU Z 108 12.41 28.48 -23.94
C LEU Z 108 13.06 29.84 -23.79
N VAL Z 109 14.30 29.95 -24.25
CA VAL Z 109 15.05 31.19 -24.20
C VAL Z 109 15.53 31.51 -25.60
N GLY Z 110 15.31 32.73 -26.04
CA GLY Z 110 15.70 33.15 -27.37
C GLY Z 110 16.15 34.59 -27.36
N GLY Z 111 17.16 34.87 -28.16
CA GLY Z 111 17.69 36.21 -28.22
C GLY Z 111 18.71 36.35 -29.32
N ILE Z 112 19.43 37.46 -29.27
CA ILE Z 112 20.44 37.82 -30.25
C ILE Z 112 21.67 38.31 -29.50
N ASP Z 113 22.83 37.82 -29.90
CA ASP Z 113 24.10 38.38 -29.48
C ASP Z 113 24.98 38.71 -30.69
N THR Z 114 25.91 37.84 -31.05
CA THR Z 114 26.58 37.93 -32.33
C THR Z 114 25.78 37.18 -33.37
N ALA Z 115 24.94 36.27 -32.92
CA ALA Z 115 24.09 35.46 -33.78
C ALA Z 115 22.84 35.08 -33.03
N PRO Z 116 21.84 34.54 -33.71
CA PRO Z 116 20.63 34.07 -33.04
C PRO Z 116 20.87 32.78 -32.28
N HIS Z 117 20.08 32.57 -31.24
CA HIS Z 117 20.19 31.37 -30.43
C HIS Z 117 18.84 31.09 -29.80
N VAL Z 118 18.52 29.80 -29.68
CA VAL Z 118 17.33 29.34 -28.99
C VAL Z 118 17.71 28.17 -28.10
N PHE Z 119 17.20 28.16 -26.88
CA PHE Z 119 17.51 27.13 -25.90
C PHE Z 119 16.24 26.59 -25.29
N SER Z 120 16.21 25.27 -25.09
CA SER Z 120 15.14 24.60 -24.36
C SER Z 120 15.69 24.18 -23.01
N ILE Z 121 14.86 24.28 -21.99
CA ILE Z 121 15.27 24.05 -20.61
C ILE Z 121 14.19 23.29 -19.88
N ASP Z 122 14.59 22.28 -19.12
CA ASP Z 122 13.67 21.45 -18.38
C ASP Z 122 13.71 21.80 -16.90
N ALA Z 123 12.91 21.08 -16.12
CA ALA Z 123 12.78 21.37 -14.70
C ALA Z 123 14.03 21.01 -13.92
N ALA Z 124 14.80 20.05 -14.42
CA ALA Z 124 15.99 19.58 -13.70
C ALA Z 124 17.23 20.39 -14.05
N GLY Z 125 17.18 21.23 -15.07
CA GLY Z 125 18.30 22.07 -15.44
C GLY Z 125 18.90 21.78 -16.78
N GLY Z 126 18.37 20.81 -17.52
CA GLY Z 126 18.96 20.46 -18.80
C GLY Z 126 18.71 21.55 -19.82
N SER Z 127 19.78 22.05 -20.43
CA SER Z 127 19.70 23.10 -21.42
C SER Z 127 20.30 22.60 -22.73
N VAL Z 128 19.57 22.81 -23.82
CA VAL Z 128 20.00 22.37 -25.14
C VAL Z 128 19.67 23.44 -26.16
N GLU Z 129 20.63 23.72 -27.04
CA GLU Z 129 20.44 24.68 -28.11
C GLU Z 129 19.90 23.97 -29.34
N ASP Z 130 19.02 24.65 -30.06
CA ASP Z 130 18.37 24.06 -31.25
C ASP Z 130 17.92 25.19 -32.16
N ILE Z 131 17.58 24.87 -33.40
CA ILE Z 131 17.14 25.86 -34.38
C ILE Z 131 15.67 26.18 -34.19
N TYR Z 132 14.90 25.22 -33.67
CA TYR Z 132 13.52 25.48 -33.31
C TYR Z 132 13.09 24.48 -32.25
N ALA Z 133 12.14 24.91 -31.44
CA ALA Z 133 11.67 24.09 -30.34
C ALA Z 133 10.25 24.53 -29.98
N SER Z 134 9.63 23.74 -29.10
CA SER Z 134 8.27 24.00 -28.68
C SER Z 134 8.02 23.29 -27.36
N THR Z 135 7.14 23.88 -26.56
CA THR Z 135 6.79 23.31 -25.25
C THR Z 135 5.28 23.27 -25.14
N GLY Z 136 4.77 22.52 -24.20
CA GLY Z 136 3.35 22.44 -23.88
C GLY Z 136 2.71 21.19 -24.43
N SER Z 137 1.44 21.03 -24.07
CA SER Z 137 0.68 19.87 -24.52
C SER Z 137 0.50 19.86 -26.02
N GLY Z 138 0.57 21.02 -26.66
CA GLY Z 138 0.45 21.14 -28.10
C GLY Z 138 1.75 21.10 -28.85
N SER Z 139 2.86 20.86 -28.15
CA SER Z 139 4.16 20.81 -28.82
C SER Z 139 4.19 19.85 -29.99
N PRO Z 140 3.77 18.60 -29.88
CA PRO Z 140 3.92 17.67 -31.00
C PRO Z 140 3.18 18.10 -32.25
N PHE Z 141 1.99 18.68 -32.11
CA PHE Z 141 1.29 19.16 -33.29
C PHE Z 141 2.06 20.27 -33.99
N VAL Z 142 3.02 20.88 -33.29
CA VAL Z 142 3.83 21.92 -33.89
C VAL Z 142 5.04 21.32 -34.57
N TYR Z 143 5.71 20.37 -33.91
CA TYR Z 143 6.86 19.72 -34.52
C TYR Z 143 6.50 19.06 -35.84
N GLY Z 144 5.25 18.64 -35.98
CA GLY Z 144 4.81 18.04 -37.23
C GLY Z 144 4.73 19.05 -38.36
N VAL Z 145 4.45 20.31 -38.02
CA VAL Z 145 4.33 21.34 -39.04
C VAL Z 145 5.71 21.85 -39.41
N LEU Z 146 6.62 21.93 -38.45
CA LEU Z 146 7.93 22.47 -38.72
C LEU Z 146 8.79 21.47 -39.49
N GLU Z 147 8.73 20.19 -39.12
CA GLU Z 147 9.44 19.17 -39.86
C GLU Z 147 9.08 19.18 -41.33
N SER Z 148 7.92 19.71 -41.69
CA SER Z 148 7.42 19.64 -43.06
C SER Z 148 7.54 20.95 -43.82
N GLN Z 149 7.64 22.08 -43.13
CA GLN Z 149 7.62 23.38 -43.78
C GLN Z 149 8.75 24.31 -43.38
N TYR Z 150 9.50 24.00 -42.35
CA TYR Z 150 10.59 24.88 -41.94
C TYR Z 150 11.71 24.87 -42.97
N SER Z 151 12.37 26.02 -43.10
CA SER Z 151 13.51 26.15 -43.99
C SER Z 151 14.34 27.34 -43.52
N GLU Z 152 15.61 27.09 -43.19
CA GLU Z 152 16.53 28.15 -42.72
C GLU Z 152 16.57 29.31 -43.71
N LYS Z 153 16.26 29.09 -44.99
CA LYS Z 153 16.36 30.14 -45.99
C LYS Z 153 15.17 31.08 -45.99
N MET Z 154 14.24 30.92 -45.05
CA MET Z 154 13.02 31.70 -45.08
C MET Z 154 13.26 33.09 -44.52
N THR Z 155 12.35 33.99 -44.88
CA THR Z 155 12.37 35.36 -44.40
C THR Z 155 11.66 35.47 -43.07
N VAL Z 156 11.42 36.71 -42.64
CA VAL Z 156 10.70 36.95 -41.41
C VAL Z 156 9.20 36.83 -41.63
N ASP Z 157 8.70 37.47 -42.69
CA ASP Z 157 7.28 37.38 -42.99
C ASP Z 157 6.84 35.93 -43.18
N GLU Z 158 7.72 35.10 -43.74
CA GLU Z 158 7.38 33.70 -43.94
C GLU Z 158 7.42 32.93 -42.63
N GLY Z 159 8.33 33.31 -41.74
CA GLY Z 159 8.42 32.62 -40.46
C GLY Z 159 7.28 32.95 -39.54
N VAL Z 160 6.77 34.18 -39.62
CA VAL Z 160 5.62 34.56 -38.83
C VAL Z 160 4.39 33.78 -39.25
N ASP Z 161 4.17 33.68 -40.56
CA ASP Z 161 3.04 32.92 -41.06
C ASP Z 161 3.15 31.45 -40.68
N LEU Z 162 4.36 30.97 -40.45
CA LEU Z 162 4.55 29.56 -40.13
C LEU Z 162 4.15 29.27 -38.70
N VAL Z 163 4.67 30.04 -37.75
CA VAL Z 163 4.34 29.84 -36.35
C VAL Z 163 2.84 29.98 -36.14
N ILE Z 164 2.18 30.75 -36.99
CA ILE Z 164 0.73 30.91 -36.89
C ILE Z 164 0.03 29.65 -37.41
N ARG Z 165 0.46 29.16 -38.57
CA ARG Z 165 -0.08 27.92 -39.10
C ARG Z 165 0.11 26.78 -38.11
N ALA Z 166 1.16 26.85 -37.31
CA ALA Z 166 1.49 25.76 -36.41
C ALA Z 166 0.62 25.78 -35.17
N ILE Z 167 0.55 26.93 -34.50
CA ILE Z 167 -0.24 27.03 -33.29
C ILE Z 167 -1.73 26.92 -33.60
N SER Z 168 -2.15 27.47 -34.74
CA SER Z 168 -3.54 27.34 -35.14
C SER Z 168 -3.94 25.88 -35.27
N ALA Z 169 -2.96 25.01 -35.48
CA ALA Z 169 -3.25 23.58 -35.61
C ALA Z 169 -3.37 22.92 -34.25
N ALA Z 170 -2.50 23.29 -33.32
CA ALA Z 170 -2.59 22.75 -31.97
C ALA Z 170 -3.89 23.15 -31.32
N LYS Z 171 -4.35 24.37 -31.56
CA LYS Z 171 -5.62 24.82 -31.02
C LYS Z 171 -6.77 23.96 -31.53
N GLN Z 172 -6.63 23.41 -32.72
CA GLN Z 172 -7.66 22.54 -33.28
C GLN Z 172 -7.62 21.13 -32.74
N ARG Z 173 -6.57 20.76 -32.01
CA ARG Z 173 -6.40 19.39 -31.56
C ARG Z 173 -5.99 19.24 -30.11
N ASP Z 174 -5.51 20.29 -29.46
CA ASP Z 174 -5.22 20.28 -28.04
C ASP Z 174 -6.26 21.10 -27.31
N SER Z 175 -6.90 20.50 -26.31
CA SER Z 175 -7.98 21.16 -25.61
C SER Z 175 -7.49 22.22 -24.64
N ALA Z 176 -6.26 22.10 -24.15
CA ALA Z 176 -5.71 23.04 -23.21
C ALA Z 176 -5.00 24.20 -23.89
N SER Z 177 -5.18 24.37 -25.19
CA SER Z 177 -4.58 25.47 -25.93
C SER Z 177 -5.67 26.25 -26.63
N GLY Z 178 -5.57 27.55 -26.58
CA GLY Z 178 -6.57 28.40 -27.21
C GLY Z 178 -6.31 29.85 -26.89
N GLY Z 179 -7.03 30.70 -27.60
CA GLY Z 179 -6.93 32.13 -27.44
C GLY Z 179 -6.25 32.80 -28.61
N MET Z 180 -6.14 34.11 -28.49
CA MET Z 180 -5.42 34.87 -29.49
C MET Z 180 -3.93 34.59 -29.38
N ILE Z 181 -3.22 34.79 -30.48
CA ILE Z 181 -1.82 34.43 -30.60
C ILE Z 181 -0.98 35.67 -30.39
N ASP Z 182 0.00 35.55 -29.49
CA ASP Z 182 0.97 36.60 -29.25
C ASP Z 182 2.28 36.23 -29.91
N VAL Z 183 2.85 37.17 -30.66
CA VAL Z 183 4.05 36.93 -31.44
C VAL Z 183 5.06 38.03 -31.15
N ALA Z 184 6.33 37.65 -31.16
CA ALA Z 184 7.43 38.58 -30.95
C ALA Z 184 8.50 38.32 -32.00
N VAL Z 185 9.23 39.38 -32.34
CA VAL Z 185 10.31 39.32 -33.31
C VAL Z 185 11.50 40.06 -32.74
N ILE Z 186 12.69 39.52 -32.96
CA ILE Z 186 13.91 40.04 -32.36
C ILE Z 186 14.95 40.22 -33.46
N THR Z 187 15.56 41.40 -33.50
CA THR Z 187 16.62 41.69 -34.43
C THR Z 187 17.56 42.71 -33.81
N ARG Z 188 18.83 42.62 -34.20
CA ARG Z 188 19.81 43.58 -33.70
C ARG Z 188 19.45 45.00 -34.13
N LYS Z 189 18.69 45.13 -35.20
CA LYS Z 189 18.34 46.45 -35.70
C LYS Z 189 17.21 47.07 -34.90
N ASP Z 190 16.01 46.48 -34.99
CA ASP Z 190 14.83 47.01 -34.34
C ASP Z 190 14.64 46.49 -32.93
N GLY Z 191 15.35 45.46 -32.53
CA GLY Z 191 15.22 44.93 -31.19
C GLY Z 191 13.99 44.07 -31.02
N TYR Z 192 13.67 43.83 -29.75
CA TYR Z 192 12.48 43.06 -29.40
C TYR Z 192 11.24 43.84 -29.79
N VAL Z 193 10.34 43.20 -30.52
CA VAL Z 193 9.14 43.83 -31.03
C VAL Z 193 7.99 42.85 -30.90
N GLN Z 194 6.97 43.24 -30.16
CA GLN Z 194 5.74 42.47 -30.04
C GLN Z 194 4.77 42.95 -31.11
N LEU Z 195 4.29 42.03 -31.92
CA LEU Z 195 3.49 42.42 -33.07
C LEU Z 195 2.11 42.88 -32.63
N PRO Z 196 1.55 43.89 -33.28
CA PRO Z 196 0.18 44.29 -32.96
C PRO Z 196 -0.81 43.19 -33.30
N THR Z 197 -1.92 43.19 -32.56
CA THR Z 197 -2.92 42.15 -32.75
C THR Z 197 -3.56 42.24 -34.13
N ASP Z 198 -3.70 43.45 -34.67
CA ASP Z 198 -4.34 43.62 -35.96
C ASP Z 198 -3.53 42.96 -37.07
N GLN Z 199 -2.20 43.01 -36.98
CA GLN Z 199 -1.38 42.36 -38.00
C GLN Z 199 -1.57 40.85 -37.96
N ILE Z 200 -1.80 40.31 -36.77
CA ILE Z 200 -2.03 38.87 -36.65
C ILE Z 200 -3.35 38.49 -37.31
N GLU Z 201 -4.43 39.15 -36.90
CA GLU Z 201 -5.73 38.89 -37.50
C GLU Z 201 -5.68 39.03 -39.00
N SER Z 202 -4.92 40.01 -39.49
CA SER Z 202 -4.80 40.20 -40.94
C SER Z 202 -4.20 38.97 -41.61
N ARG Z 203 -3.05 38.52 -41.13
CA ARG Z 203 -2.39 37.37 -41.74
C ARG Z 203 -3.27 36.13 -41.66
N ILE Z 204 -4.05 36.01 -40.58
CA ILE Z 204 -4.91 34.85 -40.41
C ILE Z 204 -5.93 34.78 -41.53
N ARG Z 205 -6.72 35.84 -41.69
CA ARG Z 205 -7.67 35.89 -42.80
C ARG Z 205 -6.96 35.65 -44.12
N LYS Z 206 -5.76 36.20 -44.27
CA LYS Z 206 -5.00 36.02 -45.50
C LYS Z 206 -4.64 34.56 -45.73
N LEU Z 207 -4.60 33.76 -44.67
CA LEU Z 207 -4.24 32.36 -44.78
C LEU Z 207 -5.44 31.43 -44.74
N GLY Z 208 -6.56 31.87 -44.17
CA GLY Z 208 -7.75 31.03 -44.11
C GLY Z 208 -7.80 30.16 -42.88
N LEU Z 209 -7.77 30.75 -41.70
CA LEU Z 209 -7.78 30.01 -40.44
C LEU Z 209 -8.84 30.52 -39.48
N ILE Z 210 -9.99 30.94 -39.97
CA ILE Z 210 -11.04 31.47 -39.11
C ILE Z 210 -12.40 31.28 -39.77
N THR AA 9 -18.91 27.45 -1.22
CA THR AA 9 -18.59 28.89 -1.25
C THR AA 9 -18.76 29.43 -2.66
N THR AA 10 -19.05 30.72 -2.76
CA THR AA 10 -19.23 31.35 -4.06
C THR AA 10 -18.86 32.82 -3.96
N THR AA 11 -17.80 33.22 -4.66
CA THR AA 11 -17.37 34.65 -4.71
C THR AA 11 -17.40 35.07 -6.18
N VAL AA 12 -17.48 36.36 -6.46
CA VAL AA 12 -17.51 36.91 -7.81
C VAL AA 12 -16.99 38.33 -7.76
N GLY AA 13 -16.22 38.70 -8.78
CA GLY AA 13 -15.76 40.05 -8.95
C GLY AA 13 -15.68 40.42 -10.41
N ILE AA 14 -16.26 41.54 -10.78
CA ILE AA 14 -16.27 41.99 -12.16
C ILE AA 14 -15.61 43.35 -12.26
N THR AA 15 -15.65 43.90 -13.47
CA THR AA 15 -14.98 45.13 -13.81
C THR AA 15 -15.81 45.88 -14.85
N LEU AA 16 -15.98 47.18 -14.62
CA LEU AA 16 -16.70 48.03 -15.55
C LEU AA 16 -15.81 49.17 -16.02
N LYS AA 17 -16.42 50.24 -16.50
CA LYS AA 17 -15.65 51.36 -17.04
C LYS AA 17 -14.86 52.06 -15.94
N ASP AA 18 -15.55 52.51 -14.90
CA ASP AA 18 -14.92 53.26 -13.82
C ASP AA 18 -15.32 52.72 -12.46
N ALA AA 19 -15.55 51.42 -12.36
CA ALA AA 19 -16.00 50.83 -11.10
C ALA AA 19 -15.58 49.38 -11.03
N VAL AA 20 -15.67 48.84 -9.82
CA VAL AA 20 -15.45 47.44 -9.54
C VAL AA 20 -16.54 46.95 -8.60
N ILE AA 21 -16.95 45.71 -8.76
CA ILE AA 21 -18.05 45.13 -8.01
C ILE AA 21 -17.65 43.75 -7.57
N MET AA 22 -17.87 43.45 -6.29
CA MET AA 22 -17.52 42.17 -5.70
C MET AA 22 -18.67 41.74 -4.82
N ALA AA 23 -18.88 40.42 -4.73
CA ALA AA 23 -20.01 39.89 -3.99
C ALA AA 23 -19.70 38.48 -3.54
N THR AA 24 -20.38 38.08 -2.48
CA THR AA 24 -20.25 36.73 -1.94
C THR AA 24 -21.56 36.31 -1.30
N GLU AA 25 -21.59 35.07 -0.86
CA GLU AA 25 -22.58 34.57 0.06
C GLU AA 25 -21.94 34.44 1.44
N ARG AA 26 -22.70 33.96 2.41
CA ARG AA 26 -22.28 33.97 3.79
C ARG AA 26 -22.22 32.60 4.45
N ARG AA 27 -22.72 31.57 3.79
CA ARG AA 27 -22.79 30.27 4.43
C ARG AA 27 -21.40 29.70 4.66
N VAL AA 28 -21.23 29.09 5.83
CA VAL AA 28 -19.99 28.41 6.20
C VAL AA 28 -20.34 26.99 6.60
N THR AA 29 -19.42 26.08 6.39
CA THR AA 29 -19.64 24.66 6.62
C THR AA 29 -18.44 24.07 7.36
N MET AA 30 -18.65 23.69 8.61
CA MET AA 30 -17.64 23.01 9.40
C MET AA 30 -18.25 21.73 9.95
N GLU AA 31 -17.46 20.66 9.93
CA GLU AA 31 -17.87 19.36 10.44
C GLU AA 31 -18.90 18.71 9.52
N ASN AA 32 -18.91 19.12 8.25
CA ASN AA 32 -19.75 18.50 7.23
C ASN AA 32 -21.23 18.81 7.43
N PHE AA 33 -21.50 19.98 8.00
CA PHE AA 33 -22.88 20.45 8.10
C PHE AA 33 -22.86 21.96 8.23
N ILE AA 34 -24.04 22.57 8.12
CA ILE AA 34 -24.19 24.01 8.10
C ILE AA 34 -24.09 24.50 9.54
N MET AA 35 -22.92 24.98 9.91
CA MET AA 35 -22.67 25.45 11.26
C MET AA 35 -22.90 26.94 11.44
N HIS AA 36 -22.71 27.71 10.38
CA HIS AA 36 -22.90 29.15 10.43
C HIS AA 36 -23.55 29.63 9.14
N LYS AA 37 -24.46 30.58 9.27
CA LYS AA 37 -25.19 31.11 8.13
C LYS AA 37 -24.79 32.53 7.76
N ASN AA 38 -24.25 33.30 8.70
CA ASN AA 38 -23.90 34.68 8.43
C ASN AA 38 -22.40 34.90 8.56
N GLY AA 39 -21.62 34.03 7.94
CA GLY AA 39 -20.19 34.23 7.90
C GLY AA 39 -19.81 35.47 7.13
N LYS AA 40 -18.51 35.66 6.98
CA LYS AA 40 -17.96 36.79 6.25
C LYS AA 40 -16.82 36.33 5.36
N LYS AA 41 -16.85 36.79 4.12
CA LYS AA 41 -15.84 36.41 3.14
C LYS AA 41 -15.39 37.56 2.26
N LEU AA 42 -15.96 38.74 2.43
CA LEU AA 42 -15.60 39.92 1.65
C LEU AA 42 -15.05 40.98 2.58
N PHE AA 43 -13.85 41.46 2.27
CA PHE AA 43 -13.12 42.34 3.16
C PHE AA 43 -12.60 43.55 2.41
N GLN AA 44 -12.49 44.66 3.13
CA GLN AA 44 -11.84 45.86 2.65
C GLN AA 44 -10.44 45.90 3.24
N ILE AA 45 -9.43 45.78 2.39
CA ILE AA 45 -8.04 45.78 2.82
C ILE AA 45 -7.35 47.09 2.54
N ASP AA 46 -8.02 47.98 1.82
CA ASP AA 46 -7.44 49.30 1.47
C ASP AA 46 -8.59 50.24 1.14
N THR AA 47 -8.26 51.51 0.91
CA THR AA 47 -9.28 52.53 0.65
C THR AA 47 -10.00 52.28 -0.66
N TYR AA 48 -9.31 51.77 -1.66
CA TYR AA 48 -9.89 51.49 -2.97
C TYR AA 48 -9.60 50.05 -3.37
N THR AA 49 -9.66 49.14 -2.41
CA THR AA 49 -9.25 47.77 -2.63
C THR AA 49 -10.03 46.83 -1.74
N GLY AA 50 -10.37 45.66 -2.29
CA GLY AA 50 -11.08 44.66 -1.54
C GLY AA 50 -10.61 43.27 -1.94
N MET AA 51 -11.03 42.29 -1.14
CA MET AA 51 -10.61 40.92 -1.35
C MET AA 51 -11.71 39.96 -0.94
N THR AA 52 -11.75 38.82 -1.62
CA THR AA 52 -12.61 37.71 -1.26
C THR AA 52 -11.74 36.49 -0.97
N ILE AA 53 -12.36 35.49 -0.35
CA ILE AA 53 -11.66 34.29 0.07
C ILE AA 53 -12.56 33.08 -0.16
N ALA AA 54 -11.94 31.93 -0.38
CA ALA AA 54 -12.65 30.67 -0.49
C ALA AA 54 -11.70 29.56 -0.14
N GLY AA 55 -12.15 28.64 0.72
CA GLY AA 55 -11.35 27.53 1.16
C GLY AA 55 -11.26 27.49 2.68
N LEU AA 56 -10.11 27.05 3.17
CA LEU AA 56 -9.90 26.94 4.60
C LEU AA 56 -10.02 28.30 5.25
N VAL AA 57 -10.92 28.40 6.23
CA VAL AA 57 -11.22 29.68 6.84
C VAL AA 57 -10.00 30.23 7.58
N GLY AA 58 -9.36 29.39 8.38
CA GLY AA 58 -8.24 29.87 9.17
C GLY AA 58 -7.13 30.45 8.31
N ASP AA 59 -6.72 29.70 7.30
CA ASP AA 59 -5.64 30.16 6.43
C ASP AA 59 -6.01 31.48 5.76
N ALA AA 60 -7.30 31.70 5.52
CA ALA AA 60 -7.72 32.91 4.84
C ALA AA 60 -7.75 34.10 5.79
N GLN AA 61 -8.36 33.93 6.96
CA GLN AA 61 -8.41 35.01 7.93
C GLN AA 61 -7.02 35.52 8.26
N VAL AA 62 -6.05 34.62 8.36
CA VAL AA 62 -4.68 35.02 8.61
C VAL AA 62 -4.21 36.01 7.56
N LEU AA 63 -4.27 35.61 6.29
CA LEU AA 63 -3.82 36.47 5.21
C LEU AA 63 -4.46 37.85 5.29
N VAL AA 64 -5.78 37.89 5.42
CA VAL AA 64 -6.48 39.17 5.47
C VAL AA 64 -5.86 40.08 6.52
N ARG AA 65 -5.32 39.49 7.59
CA ARG AA 65 -4.68 40.31 8.61
C ARG AA 65 -3.30 40.76 8.15
N TYR AA 66 -2.55 39.88 7.49
CA TYR AA 66 -1.26 40.27 6.94
C TYR AA 66 -1.41 41.40 5.93
N MET AA 67 -2.36 41.25 5.01
CA MET AA 67 -2.50 42.22 3.94
C MET AA 67 -2.95 43.56 4.47
N LYS AA 68 -3.95 43.58 5.34
CA LYS AA 68 -4.39 44.84 5.93
C LYS AA 68 -3.24 45.59 6.55
N ALA AA 69 -2.25 44.86 7.06
CA ALA AA 69 -1.12 45.51 7.73
C ALA AA 69 -0.12 46.04 6.73
N GLU AA 70 0.28 45.20 5.78
CA GLU AA 70 1.27 45.62 4.79
C GLU AA 70 0.78 46.82 4.00
N LEU AA 71 -0.53 46.97 3.83
CA LEU AA 71 -1.05 48.04 3.00
C LEU AA 71 -1.30 49.30 3.81
N GLU AA 72 -1.60 49.15 5.10
CA GLU AA 72 -1.76 50.33 5.95
C GLU AA 72 -0.40 50.90 6.31
N LEU AA 73 0.61 50.04 6.41
CA LEU AA 73 1.97 50.51 6.61
C LEU AA 73 2.42 51.36 5.42
N TYR AA 74 2.45 50.74 4.23
CA TYR AA 74 2.78 51.46 3.01
C TYR AA 74 2.08 52.81 2.95
N ARG AA 75 0.76 52.83 3.17
CA ARG AA 75 -0.01 54.05 3.00
C ARG AA 75 0.46 55.14 3.94
N LEU AA 76 0.99 54.77 5.10
CA LEU AA 76 1.42 55.76 6.08
C LEU AA 76 2.83 56.24 5.79
N GLN AA 77 3.73 55.31 5.50
CA GLN AA 77 5.10 55.69 5.18
C GLN AA 77 5.16 56.47 3.88
N ARG AA 78 4.61 55.91 2.79
CA ARG AA 78 4.71 56.52 1.43
C ARG AA 78 3.60 57.54 1.18
N ARG AA 79 2.51 57.52 1.95
CA ARG AA 79 1.46 58.54 1.86
C ARG AA 79 0.50 58.32 0.71
N VAL AA 80 0.57 57.18 0.02
CA VAL AA 80 -0.36 56.85 -1.05
C VAL AA 80 -0.59 55.36 -1.07
N ASN AA 81 -1.64 54.95 -1.78
CA ASN AA 81 -2.07 53.56 -1.81
C ASN AA 81 -1.27 52.77 -2.83
N MET AA 82 -1.01 51.52 -2.49
CA MET AA 82 -0.31 50.64 -3.41
C MET AA 82 -1.20 50.31 -4.61
N PRO AA 83 -0.63 50.20 -5.80
CA PRO AA 83 -1.43 49.74 -6.94
C PRO AA 83 -1.97 48.34 -6.71
N ILE AA 84 -2.67 47.84 -7.70
CA ILE AA 84 -3.33 46.54 -7.56
C ILE AA 84 -2.44 45.44 -8.10
N GLU AA 85 -1.75 45.69 -9.21
CA GLU AA 85 -0.81 44.71 -9.74
C GLU AA 85 0.21 44.32 -8.70
N ALA AA 86 0.59 45.27 -7.83
CA ALA AA 86 1.59 44.99 -6.82
C ALA AA 86 1.02 44.19 -5.67
N VAL AA 87 -0.21 44.48 -5.27
CA VAL AA 87 -0.87 43.71 -4.23
C VAL AA 87 -0.88 42.23 -4.60
N ALA AA 88 -1.33 41.93 -5.83
CA ALA AA 88 -1.39 40.56 -6.28
C ALA AA 88 -0.01 39.93 -6.34
N THR AA 89 0.99 40.71 -6.77
CA THR AA 89 2.35 40.19 -6.82
C THR AA 89 2.87 39.86 -5.43
N LEU AA 90 2.59 40.74 -4.47
CA LEU AA 90 3.01 40.50 -3.10
C LEU AA 90 2.47 39.18 -2.58
N LEU AA 91 1.18 38.93 -2.78
CA LEU AA 91 0.60 37.65 -2.39
C LEU AA 91 1.26 36.50 -3.14
N SER AA 92 1.32 36.60 -4.46
CA SER AA 92 1.89 35.53 -5.27
C SER AA 92 3.19 35.02 -4.69
N ASN AA 93 4.01 35.93 -4.16
CA ASN AA 93 5.28 35.51 -3.56
C ASN AA 93 5.06 34.92 -2.19
N MET AA 94 4.12 35.46 -1.42
CA MET AA 94 3.90 34.99 -0.07
C MET AA 94 3.31 33.58 -0.06
N LEU AA 95 2.76 33.15 -1.20
CA LEU AA 95 2.18 31.82 -1.27
C LEU AA 95 3.14 30.83 -1.92
N ASN AA 96 3.79 31.23 -3.02
CA ASN AA 96 4.75 30.34 -3.65
C ASN AA 96 5.86 29.96 -2.71
N GLN AA 97 6.19 30.83 -1.76
N GLN AA 97 6.19 30.83 -1.76
CA GLN AA 97 7.25 30.55 -0.81
CA GLN AA 97 7.25 30.55 -0.81
C GLN AA 97 6.94 29.37 0.09
C GLN AA 97 6.94 29.37 0.09
N VAL AA 98 5.70 28.93 0.16
CA VAL AA 98 5.31 27.82 1.01
C VAL AA 98 4.43 26.86 0.21
N LYS AA 99 4.75 26.68 -1.07
CA LYS AA 99 3.90 25.89 -1.94
C LYS AA 99 3.91 24.41 -1.55
N TYR AA 100 4.80 24.02 -0.65
CA TYR AA 100 4.84 22.65 -0.15
C TYR AA 100 4.31 22.51 1.27
N MET AA 101 4.07 23.62 1.96
CA MET AA 101 3.32 23.65 3.21
C MET AA 101 2.30 24.78 3.11
N PRO AA 102 1.38 24.67 2.16
CA PRO AA 102 0.72 25.86 1.62
C PRO AA 102 -0.59 26.23 2.31
N TYR AA 103 -1.07 27.41 1.94
CA TYR AA 103 -2.43 27.84 2.25
C TYR AA 103 -3.37 27.26 1.22
N MET AA 104 -4.47 26.67 1.69
CA MET AA 104 -5.45 26.06 0.80
C MET AA 104 -6.62 27.02 0.61
N VAL AA 105 -6.42 27.97 -0.32
CA VAL AA 105 -7.37 29.04 -0.55
C VAL AA 105 -7.41 29.41 -2.02
N GLN AA 106 -8.45 30.13 -2.39
CA GLN AA 106 -8.57 30.79 -3.67
C GLN AA 106 -9.03 32.22 -3.43
N LEU AA 107 -8.39 33.17 -4.08
CA LEU AA 107 -8.57 34.58 -3.76
C LEU AA 107 -8.91 35.39 -4.99
N LEU AA 108 -9.57 36.51 -4.75
CA LEU AA 108 -9.80 37.54 -5.75
C LEU AA 108 -9.41 38.88 -5.17
N VAL AA 109 -8.78 39.71 -5.99
CA VAL AA 109 -8.36 41.04 -5.60
C VAL AA 109 -8.92 42.03 -6.60
N GLY AA 110 -9.54 43.08 -6.08
CA GLY AA 110 -10.13 44.09 -6.93
C GLY AA 110 -9.99 45.46 -6.31
N GLY AA 111 -9.78 46.44 -7.17
CA GLY AA 111 -9.59 47.79 -6.68
C GLY AA 111 -9.54 48.77 -7.82
N ILE AA 112 -9.13 49.98 -7.49
CA ILE AA 112 -9.03 51.09 -8.42
C ILE AA 112 -7.69 51.78 -8.20
N ASP AA 113 -6.99 52.06 -9.29
CA ASP AA 113 -5.84 52.96 -9.27
C ASP AA 113 -5.99 54.06 -10.30
N THR AA 114 -5.39 53.91 -11.48
CA THR AA 114 -5.71 54.78 -12.60
C THR AA 114 -6.88 54.18 -13.37
N ALA AA 115 -7.10 52.88 -13.19
CA ALA AA 115 -8.18 52.16 -13.84
C ALA AA 115 -8.59 50.99 -12.97
N PRO AA 116 -9.71 50.36 -13.29
CA PRO AA 116 -10.13 49.18 -12.53
C PRO AA 116 -9.30 47.96 -12.87
N HIS AA 117 -9.20 47.05 -11.92
CA HIS AA 117 -8.43 45.83 -12.10
C HIS AA 117 -9.00 44.75 -11.22
N VAL AA 118 -9.00 43.52 -11.72
CA VAL AA 118 -9.40 42.34 -10.96
C VAL AA 118 -8.38 41.25 -11.20
N PHE AA 119 -7.99 40.56 -10.14
CA PHE AA 119 -6.99 39.51 -10.21
C PHE AA 119 -7.49 38.25 -9.51
N SER AA 120 -7.21 37.11 -10.11
CA SER AA 120 -7.45 35.81 -9.51
C SER AA 120 -6.12 35.22 -9.08
N ILE AA 121 -6.12 34.54 -7.95
CA ILE AA 121 -4.88 34.05 -7.33
C ILE AA 121 -5.14 32.66 -6.76
N ASP AA 122 -4.22 31.75 -7.01
CA ASP AA 122 -4.32 30.37 -6.56
C ASP AA 122 -3.40 30.14 -5.38
N ALA AA 123 -3.41 28.90 -4.89
CA ALA AA 123 -2.65 28.56 -3.71
C ALA AA 123 -1.16 28.55 -3.96
N ALA AA 124 -0.74 28.31 -5.20
CA ALA AA 124 0.67 28.22 -5.53
C ALA AA 124 1.29 29.56 -5.86
N GLY AA 125 0.47 30.59 -6.07
CA GLY AA 125 0.97 31.92 -6.35
C GLY AA 125 0.62 32.46 -7.71
N GLY AA 126 -0.12 31.71 -8.52
CA GLY AA 126 -0.43 32.16 -9.86
C GLY AA 126 -1.43 33.30 -9.82
N SER AA 127 -1.08 34.41 -10.44
CA SER AA 127 -1.91 35.60 -10.48
C SER AA 127 -2.22 35.94 -11.93
N VAL AA 128 -3.49 36.19 -12.21
CA VAL AA 128 -3.94 36.51 -13.56
C VAL AA 128 -4.99 37.60 -13.48
N GLU AA 129 -4.87 38.59 -14.36
CA GLU AA 129 -5.83 39.67 -14.45
C GLU AA 129 -6.92 39.31 -15.45
N ASP AA 130 -8.15 39.72 -15.14
CA ASP AA 130 -9.31 39.38 -15.98
C ASP AA 130 -10.39 40.43 -15.75
N ILE AA 131 -11.39 40.46 -16.62
CA ILE AA 131 -12.48 41.43 -16.50
C ILE AA 131 -13.53 40.94 -15.52
N TYR AA 132 -13.64 39.62 -15.36
CA TYR AA 132 -14.49 39.06 -14.33
C TYR AA 132 -14.00 37.67 -13.98
N ALA AA 133 -14.27 37.29 -12.75
CA ALA AA 133 -13.82 36.00 -12.24
C ALA AA 133 -14.73 35.57 -11.10
N SER AA 134 -14.53 34.33 -10.67
CA SER AA 134 -15.33 33.76 -9.60
C SER AA 134 -14.58 32.59 -8.99
N THR AA 135 -14.82 32.37 -7.71
CA THR AA 135 -14.17 31.26 -6.99
C THR AA 135 -15.24 30.50 -6.22
N GLY AA 136 -14.92 29.31 -5.78
CA GLY AA 136 -15.78 28.48 -4.96
C GLY AA 136 -16.45 27.38 -5.75
N SER AA 137 -17.16 26.54 -5.00
CA SER AA 137 -17.85 25.42 -5.62
C SER AA 137 -18.95 25.88 -6.57
N GLY AA 138 -19.46 27.08 -6.38
CA GLY AA 138 -20.48 27.65 -7.22
C GLY AA 138 -19.97 28.49 -8.35
N SER AA 139 -18.66 28.55 -8.53
CA SER AA 139 -18.07 29.34 -9.61
C SER AA 139 -18.68 29.02 -10.97
N PRO AA 140 -18.74 27.77 -11.41
CA PRO AA 140 -19.21 27.49 -12.77
C PRO AA 140 -20.63 27.97 -13.04
N PHE AA 141 -21.53 27.84 -12.06
CA PHE AA 141 -22.88 28.35 -12.27
C PHE AA 141 -22.89 29.86 -12.46
N VAL AA 142 -21.80 30.52 -12.08
CA VAL AA 142 -21.71 31.96 -12.27
C VAL AA 142 -21.14 32.28 -13.64
N TYR AA 143 -20.09 31.57 -14.04
CA TYR AA 143 -19.50 31.80 -15.35
C TYR AA 143 -20.53 31.59 -16.45
N GLY AA 144 -21.51 30.72 -16.21
CA GLY AA 144 -22.54 30.50 -17.20
C GLY AA 144 -23.47 31.69 -17.35
N VAL AA 145 -23.65 32.46 -16.28
CA VAL AA 145 -24.53 33.62 -16.32
C VAL AA 145 -23.80 34.80 -16.93
N LEU AA 146 -22.50 34.92 -16.64
CA LEU AA 146 -21.75 36.06 -17.14
C LEU AA 146 -21.45 35.93 -18.62
N GLU AA 147 -21.08 34.73 -19.07
CA GLU AA 147 -20.87 34.50 -20.49
C GLU AA 147 -22.08 34.89 -21.32
N SER AA 148 -23.26 34.92 -20.72
CA SER AA 148 -24.49 35.14 -21.44
C SER AA 148 -25.07 36.54 -21.27
N GLN AA 149 -24.71 37.24 -20.20
CA GLN AA 149 -25.34 38.52 -19.89
C GLN AA 149 -24.36 39.64 -19.63
N TYR AA 150 -23.08 39.35 -19.45
CA TYR AA 150 -22.11 40.41 -19.17
C TYR AA 150 -21.93 41.30 -20.39
N SER AA 151 -21.67 42.58 -20.14
CA SER AA 151 -21.38 43.53 -21.19
C SER AA 151 -20.62 44.70 -20.58
N GLU AA 152 -19.42 44.96 -21.09
CA GLU AA 152 -18.57 46.07 -20.59
C GLU AA 152 -19.33 47.38 -20.60
N LYS AA 153 -20.35 47.54 -21.46
CA LYS AA 153 -21.07 48.80 -21.59
C LYS AA 153 -22.10 49.02 -20.50
N MET AA 154 -22.17 48.11 -19.53
CA MET AA 154 -23.22 48.20 -18.53
C MET AA 154 -22.90 49.23 -17.47
N THR AA 155 -23.94 49.67 -16.77
CA THR AA 155 -23.80 50.62 -15.69
C THR AA 155 -23.51 49.89 -14.39
N VAL AA 156 -23.60 50.63 -13.28
CA VAL AA 156 -23.39 50.03 -11.98
C VAL AA 156 -24.66 49.34 -11.51
N ASP AA 157 -25.80 50.01 -11.63
CA ASP AA 157 -27.06 49.40 -11.23
C ASP AA 157 -27.31 48.10 -11.98
N GLU AA 158 -26.88 48.04 -13.24
CA GLU AA 158 -27.07 46.82 -14.02
C GLU AA 158 -26.10 45.73 -13.58
N GLY AA 159 -24.89 46.12 -13.17
CA GLY AA 159 -23.91 45.14 -12.75
C GLY AA 159 -24.24 44.54 -11.41
N VAL AA 160 -24.85 45.34 -10.53
CA VAL AA 160 -25.28 44.83 -9.23
C VAL AA 160 -26.37 43.78 -9.41
N ASP AA 161 -27.36 44.09 -10.26
CA ASP AA 161 -28.43 43.14 -10.50
C ASP AA 161 -27.90 41.86 -11.12
N LEU AA 162 -26.76 41.95 -11.81
CA LEU AA 162 -26.21 40.78 -12.49
C LEU AA 162 -25.56 39.82 -11.49
N VAL AA 163 -24.67 40.34 -10.64
CA VAL AA 163 -24.01 39.51 -9.65
C VAL AA 163 -25.03 38.85 -8.74
N ILE AA 164 -26.18 39.49 -8.57
CA ILE AA 164 -27.23 38.92 -7.75
C ILE AA 164 -27.93 37.78 -8.49
N ARG AA 165 -28.27 38.00 -9.76
CA ARG AA 165 -28.84 36.94 -10.56
C ARG AA 165 -27.91 35.75 -10.65
N ALA AA 166 -26.61 35.98 -10.54
CA ALA AA 166 -25.64 34.92 -10.70
C ALA AA 166 -25.51 34.08 -9.44
N ILE AA 167 -25.31 34.74 -8.30
CA ILE AA 167 -25.15 34.01 -7.05
C ILE AA 167 -26.46 33.36 -6.66
N SER AA 168 -27.57 34.02 -6.91
CA SER AA 168 -28.87 33.43 -6.62
C SER AA 168 -29.05 32.10 -7.35
N ALA AA 169 -28.31 31.93 -8.45
CA ALA AA 169 -28.43 30.69 -9.21
C ALA AA 169 -27.55 29.61 -8.61
N ALA AA 170 -26.35 29.96 -8.18
CA ALA AA 170 -25.49 28.99 -7.53
C ALA AA 170 -26.12 28.47 -6.24
N LYS AA 171 -26.79 29.35 -5.50
CA LYS AA 171 -27.47 28.92 -4.30
C LYS AA 171 -28.54 27.89 -4.60
N GLN AA 172 -29.12 27.94 -5.79
CA GLN AA 172 -30.14 26.98 -6.19
C GLN AA 172 -29.56 25.65 -6.64
N ARG AA 173 -28.25 25.57 -6.85
CA ARG AA 173 -27.64 24.37 -7.40
C ARG AA 173 -26.39 23.91 -6.69
N ASP AA 174 -25.77 24.74 -5.87
CA ASP AA 174 -24.63 24.34 -5.05
C ASP AA 174 -25.09 24.26 -3.60
N SER AA 175 -24.84 23.11 -2.97
CA SER AA 175 -25.31 22.89 -1.62
C SER AA 175 -24.47 23.61 -0.58
N ALA AA 176 -23.21 23.90 -0.89
CA ALA AA 176 -22.32 24.57 0.04
C ALA AA 176 -22.38 26.09 -0.09
N SER AA 177 -23.36 26.62 -0.80
CA SER AA 177 -23.53 28.05 -0.95
C SER AA 177 -24.92 28.44 -0.49
N GLY AA 178 -25.00 29.53 0.26
CA GLY AA 178 -26.28 29.98 0.77
C GLY AA 178 -26.08 31.15 1.69
N GLY AA 179 -27.21 31.78 2.03
CA GLY AA 179 -27.22 32.92 2.91
C GLY AA 179 -27.54 34.20 2.19
N MET AA 180 -27.57 35.27 2.96
CA MET AA 180 -27.76 36.59 2.39
C MET AA 180 -26.52 37.00 1.61
N ILE AA 181 -26.72 37.90 0.66
CA ILE AA 181 -25.68 38.29 -0.28
C ILE AA 181 -25.07 39.60 0.17
N ASP AA 182 -23.75 39.63 0.26
CA ASP AA 182 -23.00 40.82 0.59
C ASP AA 182 -22.37 41.37 -0.69
N VAL AA 183 -22.55 42.67 -0.92
CA VAL AA 183 -22.10 43.31 -2.14
C VAL AA 183 -21.31 44.55 -1.79
N ALA AA 184 -20.29 44.83 -2.60
CA ALA AA 184 -19.46 46.01 -2.44
C ALA AA 184 -19.29 46.68 -3.79
N VAL AA 185 -19.09 47.99 -3.76
CA VAL AA 185 -18.88 48.80 -4.94
C VAL AA 185 -17.72 49.73 -4.69
N ILE AA 186 -16.87 49.93 -5.69
CA ILE AA 186 -15.65 50.69 -5.56
C ILE AA 186 -15.57 51.71 -6.68
N THR AA 187 -15.31 52.95 -6.32
CA THR AA 187 -15.14 54.02 -7.28
C THR AA 187 -14.16 55.04 -6.71
N ARG AA 188 -13.43 55.71 -7.61
CA ARG AA 188 -12.52 56.74 -7.18
C ARG AA 188 -13.25 57.88 -6.49
N LYS AA 189 -14.54 58.03 -6.79
CA LYS AA 189 -15.31 59.13 -6.22
C LYS AA 189 -15.75 58.81 -4.80
N ASP AA 190 -16.62 57.82 -4.65
CA ASP AA 190 -17.18 57.47 -3.36
C ASP AA 190 -16.36 56.44 -2.60
N GLY AA 191 -15.42 55.78 -3.26
CA GLY AA 191 -14.59 54.81 -2.58
C GLY AA 191 -15.30 53.48 -2.38
N TYR AA 192 -14.70 52.67 -1.52
CA TYR AA 192 -15.27 51.38 -1.16
C TYR AA 192 -16.57 51.59 -0.42
N VAL AA 193 -17.62 50.93 -0.86
CA VAL AA 193 -18.95 51.07 -0.30
C VAL AA 193 -19.61 49.70 -0.23
N GLN AA 194 -19.96 49.27 0.97
CA GLN AA 194 -20.71 48.05 1.18
C GLN AA 194 -22.19 48.39 1.18
N LEU AA 195 -22.95 47.72 0.33
CA LEU AA 195 -24.33 48.10 0.14
C LEU AA 195 -25.17 47.67 1.33
N PRO AA 196 -26.15 48.47 1.73
CA PRO AA 196 -27.05 48.05 2.81
C PRO AA 196 -27.85 46.83 2.42
N THR AA 197 -28.23 46.05 3.43
CA THR AA 197 -28.97 44.82 3.17
C THR AA 197 -30.34 45.11 2.58
N ASP AA 198 -30.95 46.22 2.98
CA ASP AA 198 -32.28 46.54 2.49
C ASP AA 198 -32.28 46.78 0.98
N GLN AA 199 -31.22 47.41 0.45
CA GLN AA 199 -31.16 47.63 -0.98
C GLN AA 199 -31.06 46.31 -1.73
N ILE AA 200 -30.41 45.31 -1.13
CA ILE AA 200 -30.30 44.01 -1.77
C ILE AA 200 -31.67 43.34 -1.82
N GLU AA 201 -32.32 43.23 -0.66
CA GLU AA 201 -33.65 42.64 -0.61
C GLU AA 201 -34.59 43.33 -1.58
N SER AA 202 -34.46 44.64 -1.71
CA SER AA 202 -35.32 45.39 -2.63
C SER AA 202 -35.12 44.92 -4.06
N ARG AA 203 -33.88 44.92 -4.54
CA ARG AA 203 -33.61 44.51 -5.91
C ARG AA 203 -34.04 43.07 -6.15
N ILE AA 204 -33.93 42.22 -5.12
CA ILE AA 204 -34.32 40.83 -5.28
C ILE AA 204 -35.79 40.71 -5.60
N ARG AA 205 -36.64 41.27 -4.74
CA ARG AA 205 -38.07 41.28 -5.03
C ARG AA 205 -38.34 41.90 -6.39
N LYS AA 206 -37.60 42.94 -6.74
CA LYS AA 206 -37.79 43.60 -8.02
C LYS AA 206 -37.45 42.67 -9.18
N LEU AA 207 -36.64 41.65 -8.93
CA LEU AA 207 -36.23 40.71 -9.97
C LEU AA 207 -36.99 39.40 -9.91
N GLY AA 208 -37.54 39.03 -8.77
CA GLY AA 208 -38.28 37.79 -8.66
C GLY AA 208 -37.43 36.60 -8.29
N LEU AA 209 -36.72 36.67 -7.16
CA LEU AA 209 -35.84 35.59 -6.73
C LEU AA 209 -36.09 35.18 -5.29
N ILE AA 210 -37.34 35.16 -4.85
CA ILE AA 210 -37.66 34.80 -3.49
C ILE AA 210 -39.09 34.26 -3.41
N THR BA 9 -19.00 14.01 23.57
CA THR BA 9 -18.96 15.33 24.23
C THR BA 9 -20.07 16.21 23.67
N THR BA 10 -20.54 17.16 24.47
CA THR BA 10 -21.59 18.07 24.03
C THR BA 10 -21.45 19.39 24.76
N THR BA 11 -21.15 20.45 24.03
CA THR BA 11 -21.06 21.82 24.60
C THR BA 11 -22.06 22.69 23.86
N VAL BA 12 -22.48 23.80 24.44
CA VAL BA 12 -23.44 24.73 23.85
C VAL BA 12 -23.22 26.10 24.45
N GLY BA 13 -23.33 27.12 23.62
CA GLY BA 13 -23.28 28.49 24.06
C GLY BA 13 -24.20 29.36 23.24
N ILE BA 14 -25.03 30.16 23.90
CA ILE BA 14 -25.98 31.01 23.22
C ILE BA 14 -25.73 32.46 23.63
N THR BA 15 -26.61 33.32 23.13
CA THR BA 15 -26.50 34.76 23.30
C THR BA 15 -27.88 35.36 23.41
N LEU BA 16 -28.05 36.24 24.39
CA LEU BA 16 -29.31 36.95 24.56
C LEU BA 16 -29.09 38.45 24.49
N LYS BA 17 -30.00 39.22 25.06
CA LYS BA 17 -29.92 40.68 24.97
C LYS BA 17 -28.73 41.20 25.75
N ASP BA 18 -28.65 40.87 27.03
CA ASP BA 18 -27.59 41.37 27.90
C ASP BA 18 -26.95 40.24 28.71
N ALA BA 19 -26.88 39.04 28.13
CA ALA BA 19 -26.35 37.91 28.86
C ALA BA 19 -25.77 36.89 27.89
N VAL BA 20 -25.00 35.97 28.45
CA VAL BA 20 -24.46 34.83 27.72
C VAL BA 20 -24.61 33.60 28.60
N ILE BA 21 -24.86 32.46 27.96
CA ILE BA 21 -25.14 31.21 28.65
C ILE BA 21 -24.36 30.11 27.98
N MET BA 22 -23.68 29.30 28.78
CA MET BA 22 -22.86 28.21 28.29
C MET BA 22 -23.10 27.00 29.17
N ALA BA 23 -23.02 25.82 28.58
CA ALA BA 23 -23.32 24.60 29.30
C ALA BA 23 -22.61 23.42 28.66
N THR BA 24 -22.40 22.40 29.47
CA THR BA 24 -21.77 21.17 29.01
C THR BA 24 -22.31 19.99 29.80
N GLU BA 25 -21.86 18.82 29.40
CA GLU BA 25 -21.96 17.62 30.22
C GLU BA 25 -20.58 17.31 30.77
N ARG BA 26 -20.48 16.22 31.51
CA ARG BA 26 -19.27 15.90 32.26
C ARG BA 26 -18.63 14.58 31.89
N ARG BA 27 -19.28 13.75 31.09
CA ARG BA 27 -18.74 12.43 30.80
C ARG BA 27 -17.46 12.53 30.00
N VAL BA 28 -16.50 11.68 30.37
CA VAL BA 28 -15.23 11.56 29.66
C VAL BA 28 -15.04 10.10 29.28
N THR BA 29 -14.34 9.86 28.18
CA THR BA 29 -14.16 8.53 27.64
C THR BA 29 -12.71 8.33 27.25
N MET BA 30 -12.02 7.47 27.98
CA MET BA 30 -10.66 7.08 27.67
C MET BA 30 -10.59 5.57 27.59
N GLU BA 31 -9.84 5.08 26.61
CA GLU BA 31 -9.65 3.64 26.39
C GLU BA 31 -10.93 2.99 25.88
N ASN BA 32 -11.80 3.77 25.26
CA ASN BA 32 -13.00 3.27 24.59
C ASN BA 32 -14.04 2.78 25.60
N PHE BA 33 -14.05 3.38 26.77
CA PHE BA 33 -15.09 3.10 27.74
C PHE BA 33 -15.21 4.29 28.69
N ILE BA 34 -16.26 4.26 29.50
CA ILE BA 34 -16.59 5.38 30.38
C ILE BA 34 -15.67 5.29 31.60
N MET BA 35 -14.60 6.08 31.58
CA MET BA 35 -13.64 6.07 32.65
C MET BA 35 -13.90 7.11 33.71
N HIS BA 36 -14.53 8.22 33.35
CA HIS BA 36 -14.85 9.27 34.29
C HIS BA 36 -16.23 9.83 33.99
N LYS BA 37 -16.97 10.14 35.05
CA LYS BA 37 -18.32 10.66 34.92
C LYS BA 37 -18.46 12.12 35.29
N ASN BA 38 -17.56 12.65 36.12
CA ASN BA 38 -17.66 14.04 36.56
C ASN BA 38 -16.46 14.84 36.07
N GLY BA 39 -16.15 14.73 34.80
CA GLY BA 39 -15.11 15.55 34.22
C GLY BA 39 -15.49 17.01 34.23
N LYS BA 40 -14.62 17.82 33.63
CA LYS BA 40 -14.82 19.25 33.54
C LYS BA 40 -14.47 19.74 32.14
N LYS BA 41 -15.34 20.54 31.56
CA LYS BA 41 -15.15 21.06 30.22
C LYS BA 41 -15.53 22.52 30.08
N LEU BA 42 -16.02 23.16 31.13
CA LEU BA 42 -16.41 24.56 31.11
C LEU BA 42 -15.54 25.33 32.08
N PHE BA 43 -14.89 26.37 31.59
CA PHE BA 43 -13.90 27.10 32.37
C PHE BA 43 -14.15 28.59 32.29
N GLN BA 44 -13.76 29.27 33.37
CA GLN BA 44 -13.74 30.73 33.43
C GLN BA 44 -12.31 31.18 33.21
N ILE BA 45 -12.07 31.86 32.10
CA ILE BA 45 -10.74 32.33 31.74
C ILE BA 45 -10.58 33.81 31.97
N ASP BA 46 -11.67 34.49 32.31
CA ASP BA 46 -11.63 35.95 32.55
C ASP BA 46 -12.84 36.31 33.40
N THR BA 47 -12.93 37.57 33.81
CA THR BA 47 -14.00 38.03 34.69
C THR BA 47 -15.35 37.97 34.00
N TYR BA 48 -15.40 38.26 32.71
CA TYR BA 48 -16.62 38.24 31.92
C TYR BA 48 -16.45 37.35 30.69
N THR BA 49 -15.76 36.24 30.86
CA THR BA 49 -15.41 35.40 29.73
C THR BA 49 -15.30 33.95 30.16
N GLY BA 50 -15.73 33.05 29.28
CA GLY BA 50 -15.66 31.63 29.55
C GLY BA 50 -15.36 30.87 28.27
N MET BA 51 -15.04 29.60 28.45
CA MET BA 51 -14.66 28.76 27.33
C MET BA 51 -15.10 27.32 27.56
N THR BA 52 -15.41 26.64 26.48
CA THR BA 52 -15.67 25.21 26.48
C THR BA 52 -14.66 24.51 25.59
N ILE BA 53 -14.59 23.20 25.72
CA ILE BA 53 -13.63 22.38 24.99
C ILE BA 53 -14.28 21.08 24.57
N ALA BA 54 -13.79 20.51 23.49
CA ALA BA 54 -14.23 19.21 23.01
C ALA BA 54 -13.12 18.61 22.17
N GLY BA 55 -12.79 17.35 22.45
CA GLY BA 55 -11.74 16.65 21.74
C GLY BA 55 -10.71 16.11 22.71
N LEU BA 56 -9.46 16.10 22.25
CA LEU BA 56 -8.38 15.57 23.05
C LEU BA 56 -8.25 16.38 24.34
N VAL BA 57 -8.31 15.69 25.48
CA VAL BA 57 -8.34 16.37 26.76
C VAL BA 57 -7.03 17.09 27.01
N GLY BA 58 -5.91 16.42 26.78
CA GLY BA 58 -4.63 17.03 27.07
C GLY BA 58 -4.41 18.31 26.30
N ASP BA 59 -4.64 18.27 24.99
CA ASP BA 59 -4.45 19.46 24.18
C ASP BA 59 -5.33 20.61 24.64
N ALA BA 60 -6.49 20.28 25.20
CA ALA BA 60 -7.41 21.33 25.63
C ALA BA 60 -6.99 21.92 26.97
N GLN BA 61 -6.70 21.07 27.94
CA GLN BA 61 -6.26 21.56 29.24
C GLN BA 61 -5.07 22.50 29.11
N VAL BA 62 -4.14 22.17 28.21
CA VAL BA 62 -3.00 23.04 27.98
C VAL BA 62 -3.45 24.44 27.61
N LEU BA 63 -4.25 24.55 26.55
CA LEU BA 63 -4.71 25.85 26.09
C LEU BA 63 -5.33 26.64 27.24
N VAL BA 64 -6.27 26.03 27.96
CA VAL BA 64 -6.94 26.72 29.04
C VAL BA 64 -5.93 27.35 29.99
N ARG BA 65 -4.77 26.74 30.13
CA ARG BA 65 -3.75 27.31 30.99
C ARG BA 65 -3.05 28.48 30.30
N TYR BA 66 -2.78 28.35 29.00
CA TYR BA 66 -2.20 29.46 28.26
C TYR BA 66 -3.12 30.67 28.28
N MET BA 67 -4.40 30.45 28.01
CA MET BA 67 -5.33 31.58 27.90
C MET BA 67 -5.52 32.27 29.23
N LYS BA 68 -5.73 31.50 30.30
CA LYS BA 68 -5.87 32.09 31.62
C LYS BA 68 -4.70 33.01 31.94
N ALA BA 69 -3.52 32.68 31.42
CA ALA BA 69 -2.33 33.47 31.72
C ALA BA 69 -2.28 34.73 30.87
N GLU BA 70 -2.46 34.59 29.56
CA GLU BA 70 -2.41 35.74 28.67
C GLU BA 70 -3.44 36.78 29.05
N LEU BA 71 -4.57 36.35 29.62
CA LEU BA 71 -5.64 37.29 29.92
C LEU BA 71 -5.48 37.90 31.30
N GLU BA 72 -4.88 37.17 32.22
CA GLU BA 72 -4.62 37.74 33.54
C GLU BA 72 -3.44 38.69 33.50
N LEU BA 73 -2.49 38.42 32.61
CA LEU BA 73 -1.41 39.35 32.38
C LEU BA 73 -1.92 40.67 31.84
N TYR BA 74 -2.58 40.63 30.68
CA TYR BA 74 -3.21 41.82 30.11
C TYR BA 74 -3.97 42.61 31.15
N ARG BA 75 -4.82 41.94 31.92
CA ARG BA 75 -5.68 42.63 32.86
C ARG BA 75 -4.89 43.39 33.90
N LEU BA 76 -3.69 42.90 34.24
CA LEU BA 76 -2.90 43.54 35.27
C LEU BA 76 -2.07 44.68 34.69
N GLN BA 77 -1.45 44.45 33.54
CA GLN BA 77 -0.66 45.49 32.90
C GLN BA 77 -1.55 46.64 32.45
N ARG BA 78 -2.58 46.34 31.64
CA ARG BA 78 -3.45 47.37 31.02
C ARG BA 78 -4.59 47.78 31.94
N ARG BA 79 -4.94 46.99 32.96
CA ARG BA 79 -5.92 47.36 33.97
C ARG BA 79 -7.36 47.17 33.50
N VAL BA 80 -7.58 46.54 32.35
CA VAL BA 80 -8.92 46.23 31.87
C VAL BA 80 -8.90 44.93 31.10
N ASN BA 81 -10.09 44.38 30.89
CA ASN BA 81 -10.24 43.08 30.27
C ASN BA 81 -10.18 43.17 28.76
N MET BA 82 -9.59 42.15 28.15
CA MET BA 82 -9.51 42.10 26.70
C MET BA 82 -10.91 41.87 26.12
N PRO BA 83 -11.22 42.47 24.98
CA PRO BA 83 -12.47 42.15 24.31
C PRO BA 83 -12.54 40.69 23.92
N ILE BA 84 -13.65 40.33 23.28
CA ILE BA 84 -13.88 38.93 22.95
C ILE BA 84 -13.38 38.63 21.54
N GLU BA 85 -13.60 39.57 20.61
CA GLU BA 85 -13.09 39.40 19.27
C GLU BA 85 -11.60 39.17 19.28
N ALA BA 86 -10.90 39.79 20.22
CA ALA BA 86 -9.44 39.65 20.29
C ALA BA 86 -9.04 38.31 20.86
N VAL BA 87 -9.76 37.84 21.88
CA VAL BA 87 -9.49 36.53 22.45
C VAL BA 87 -9.53 35.47 21.37
N ALA BA 88 -10.60 35.47 20.58
CA ALA BA 88 -10.74 34.49 19.51
C ALA BA 88 -9.65 34.65 18.47
N THR BA 89 -9.27 35.88 18.16
CA THR BA 89 -8.20 36.11 17.19
C THR BA 89 -6.88 35.57 17.71
N LEU BA 90 -6.60 35.81 19.00
CA LEU BA 90 -5.38 35.30 19.60
C LEU BA 90 -5.27 33.79 19.44
N LEU BA 91 -6.34 33.07 19.77
CA LEU BA 91 -6.36 31.63 19.56
C LEU BA 91 -6.17 31.27 18.11
N SER BA 92 -6.98 31.86 17.22
CA SER BA 92 -6.92 31.55 15.80
C SER BA 92 -5.47 31.53 15.31
N ASN BA 93 -4.64 32.45 15.80
CA ASN BA 93 -3.25 32.47 15.39
C ASN BA 93 -2.45 31.38 16.09
N MET BA 94 -2.75 31.11 17.35
CA MET BA 94 -1.99 30.12 18.10
C MET BA 94 -2.25 28.72 17.57
N LEU BA 95 -3.32 28.53 16.81
CA LEU BA 95 -3.62 27.21 16.27
C LEU BA 95 -3.17 27.09 14.82
N ASN BA 96 -3.43 28.10 14.01
CA ASN BA 96 -3.00 28.07 12.62
C ASN BA 96 -1.48 27.93 12.53
N GLN BA 97 -0.76 28.43 13.52
N GLN BA 97 -0.76 28.43 13.52
CA GLN BA 97 0.69 28.34 13.51
CA GLN BA 97 0.69 28.34 13.51
C GLN BA 97 1.20 26.91 13.59
C GLN BA 97 1.20 26.91 13.59
N VAL BA 98 0.35 25.96 13.96
CA VAL BA 98 0.75 24.57 14.09
C VAL BA 98 -0.28 23.69 13.40
N LYS BA 99 -0.83 24.17 12.29
CA LYS BA 99 -1.91 23.44 11.64
C LYS BA 99 -1.46 22.12 11.06
N TYR BA 100 -0.15 21.87 11.03
CA TYR BA 100 0.39 20.60 10.56
C TYR BA 100 0.91 19.72 11.70
N MET BA 101 1.02 20.27 12.91
CA MET BA 101 1.23 19.48 14.13
C MET BA 101 0.23 19.96 15.16
N PRO BA 102 -1.06 19.80 14.89
CA PRO BA 102 -2.07 20.65 15.51
C PRO BA 102 -2.66 20.11 16.80
N TYR BA 103 -3.44 20.98 17.45
CA TYR BA 103 -4.32 20.59 18.53
C TYR BA 103 -5.62 20.07 17.94
N MET BA 104 -6.07 18.92 18.42
CA MET BA 104 -7.30 18.30 17.92
C MET BA 104 -8.44 18.62 18.89
N VAL BA 105 -9.01 19.81 18.70
CA VAL BA 105 -10.03 20.33 19.60
C VAL BA 105 -11.04 21.16 18.82
N GLN BA 106 -12.17 21.40 19.47
CA GLN BA 106 -13.18 22.35 19.04
C GLN BA 106 -13.56 23.20 20.24
N LEU BA 107 -13.62 24.51 20.03
CA LEU BA 107 -13.75 25.45 21.13
C LEU BA 107 -14.91 26.40 20.91
N LEU BA 108 -15.41 26.92 22.02
CA LEU BA 108 -16.37 28.01 22.05
C LEU BA 108 -15.89 29.06 23.02
N VAL BA 109 -16.05 30.32 22.63
CA VAL BA 109 -15.66 31.45 23.46
C VAL BA 109 -16.86 32.36 23.62
N GLY BA 110 -17.16 32.74 24.85
CA GLY BA 110 -18.29 33.60 25.13
C GLY BA 110 -17.98 34.54 26.26
N GLY BA 111 -18.50 35.74 26.15
CA GLY BA 111 -18.25 36.75 27.16
C GLY BA 111 -19.08 37.99 26.92
N ILE BA 112 -18.70 39.04 27.64
CA ILE BA 112 -19.38 40.31 27.61
C ILE BA 112 -18.33 41.40 27.52
N ASP BA 113 -18.53 42.35 26.62
CA ASP BA 113 -17.76 43.59 26.61
C ASP BA 113 -18.69 44.80 26.61
N THR BA 114 -18.97 45.38 25.45
CA THR BA 114 -20.04 46.35 25.33
C THR BA 114 -21.33 45.63 25.00
N ALA BA 115 -21.21 44.40 24.49
CA ALA BA 115 -22.33 43.56 24.14
C ALA BA 115 -21.93 42.11 24.25
N PRO BA 116 -22.90 41.20 24.20
CA PRO BA 116 -22.56 39.77 24.23
C PRO BA 116 -21.97 39.30 22.93
N HIS BA 117 -21.17 38.25 23.00
CA HIS BA 117 -20.53 37.69 21.83
C HIS BA 117 -20.25 36.22 22.08
N VAL BA 118 -20.39 35.41 21.04
CA VAL BA 118 -20.05 34.00 21.06
C VAL BA 118 -19.28 33.67 19.80
N PHE BA 119 -18.21 32.90 19.95
CA PHE BA 119 -17.35 32.53 18.84
C PHE BA 119 -17.10 31.03 18.83
N SER BA 120 -17.11 30.45 17.63
CA SER BA 120 -16.73 29.08 17.42
C SER BA 120 -15.37 29.05 16.75
N ILE BA 121 -14.55 28.08 17.13
CA ILE BA 121 -13.16 28.01 16.70
C ILE BA 121 -12.80 26.57 16.41
N ASP BA 122 -12.12 26.35 15.30
CA ASP BA 122 -11.73 25.03 14.87
C ASP BA 122 -10.24 24.82 15.11
N ALA BA 123 -9.76 23.63 14.74
CA ALA BA 123 -8.38 23.26 15.00
C ALA BA 123 -7.40 24.03 14.12
N ALA BA 124 -7.85 24.48 12.95
CA ALA BA 124 -6.97 25.18 12.03
C ALA BA 124 -6.91 26.67 12.27
N GLY BA 125 -7.81 27.21 13.10
CA GLY BA 125 -7.79 28.62 13.45
C GLY BA 125 -9.00 29.39 12.99
N GLY BA 126 -9.97 28.74 12.35
CA GLY BA 126 -11.12 29.46 11.85
C GLY BA 126 -12.01 29.91 12.99
N SER BA 127 -12.29 31.20 13.04
CA SER BA 127 -13.12 31.80 14.08
C SER BA 127 -14.32 32.46 13.43
N VAL BA 128 -15.50 32.18 13.97
CA VAL BA 128 -16.74 32.73 13.44
C VAL BA 128 -17.64 33.11 14.61
N GLU BA 129 -18.25 34.29 14.51
CA GLU BA 129 -19.19 34.76 15.51
C GLU BA 129 -20.59 34.33 15.13
N ASP BA 130 -21.38 33.98 16.15
CA ASP BA 130 -22.76 33.49 15.92
C ASP BA 130 -23.58 33.76 17.17
N ILE BA 131 -24.90 33.65 17.07
CA ILE BA 131 -25.78 33.89 18.20
C ILE BA 131 -25.89 32.65 19.07
N TYR BA 132 -25.69 31.48 18.49
CA TYR BA 132 -25.61 30.26 19.26
C TYR BA 132 -24.82 29.23 18.48
N ALA BA 133 -24.17 28.33 19.22
CA ALA BA 133 -23.33 27.32 18.62
C ALA BA 133 -23.24 26.13 19.57
N SER BA 134 -22.64 25.05 19.06
CA SER BA 134 -22.49 23.84 19.83
C SER BA 134 -21.36 23.01 19.23
N THR BA 135 -20.70 22.25 20.08
CA THR BA 135 -19.60 21.39 19.64
C THR BA 135 -19.82 20.00 20.22
N GLY BA 136 -19.12 19.02 19.70
CA GLY BA 136 -19.15 17.65 20.19
C GLY BA 136 -19.99 16.75 19.33
N SER BA 137 -19.95 15.46 19.68
CA SER BA 137 -20.71 14.46 18.95
C SER BA 137 -22.20 14.69 19.07
N GLY BA 138 -22.64 15.35 20.13
CA GLY BA 138 -24.03 15.65 20.35
C GLY BA 138 -24.48 16.99 19.83
N SER BA 139 -23.61 17.71 19.13
CA SER BA 139 -23.96 19.00 18.58
C SER BA 139 -25.23 18.97 17.76
N PRO BA 140 -25.39 18.09 16.77
CA PRO BA 140 -26.57 18.16 15.91
C PRO BA 140 -27.88 17.99 16.65
N PHE BA 141 -27.93 17.12 17.66
CA PHE BA 141 -29.15 16.98 18.43
C PHE BA 141 -29.49 18.27 19.17
N VAL BA 142 -28.53 19.17 19.30
CA VAL BA 142 -28.78 20.45 19.95
C VAL BA 142 -29.26 21.47 18.94
N TYR BA 143 -28.62 21.52 17.78
CA TYR BA 143 -29.04 22.46 16.75
C TYR BA 143 -30.48 22.21 16.35
N GLY BA 144 -30.95 20.98 16.48
CA GLY BA 144 -32.34 20.70 16.16
C GLY BA 144 -33.30 21.29 17.17
N VAL BA 145 -32.86 21.43 18.42
CA VAL BA 145 -33.72 21.98 19.44
C VAL BA 145 -33.72 23.50 19.38
N LEU BA 146 -32.58 24.09 19.04
CA LEU BA 146 -32.47 25.54 19.01
C LEU BA 146 -33.17 26.11 17.78
N GLU BA 147 -33.00 25.48 16.62
CA GLU BA 147 -33.71 25.90 15.43
C GLU BA 147 -35.21 25.97 15.65
N SER BA 148 -35.74 25.24 16.62
CA SER BA 148 -37.17 25.12 16.82
C SER BA 148 -37.69 25.92 18.00
N GLN BA 149 -36.84 26.26 18.96
CA GLN BA 149 -37.30 26.89 20.19
C GLN BA 149 -36.53 28.15 20.57
N TYR BA 150 -35.41 28.44 19.93
CA TYR BA 150 -34.65 29.63 20.27
C TYR BA 150 -35.42 30.89 19.87
N SER BA 151 -35.23 31.94 20.65
CA SER BA 151 -35.81 33.24 20.35
C SER BA 151 -35.02 34.32 21.07
N GLU BA 152 -34.46 35.26 20.32
CA GLU BA 152 -33.65 36.36 20.90
C GLU BA 152 -34.43 37.09 21.99
N LYS BA 153 -35.77 37.06 21.97
CA LYS BA 153 -36.57 37.80 22.92
C LYS BA 153 -36.68 37.10 24.27
N MET BA 154 -36.01 35.97 24.45
CA MET BA 154 -36.18 35.19 25.66
C MET BA 154 -35.39 35.80 26.82
N THR BA 155 -35.81 35.42 28.02
CA THR BA 155 -35.15 35.85 29.24
C THR BA 155 -34.00 34.91 29.57
N VAL BA 156 -33.48 35.06 30.79
CA VAL BA 156 -32.40 34.19 31.23
C VAL BA 156 -32.96 32.88 31.75
N ASP BA 157 -34.01 32.94 32.57
CA ASP BA 157 -34.61 31.73 33.08
C ASP BA 157 -35.10 30.84 31.94
N GLU BA 158 -35.56 31.45 30.86
CA GLU BA 158 -36.03 30.66 29.72
C GLU BA 158 -34.86 30.07 28.94
N GLY BA 159 -33.75 30.79 28.88
CA GLY BA 159 -32.61 30.28 28.16
C GLY BA 159 -31.91 29.15 28.88
N VAL BA 160 -31.93 29.19 30.22
CA VAL BA 160 -31.35 28.11 30.99
C VAL BA 160 -32.15 26.83 30.79
N ASP BA 161 -33.47 26.93 30.85
CA ASP BA 161 -34.31 25.76 30.64
C ASP BA 161 -34.13 25.20 29.24
N LEU BA 162 -33.72 26.05 28.29
CA LEU BA 162 -33.55 25.60 26.92
C LEU BA 162 -32.30 24.76 26.75
N VAL BA 163 -31.16 25.28 27.21
CA VAL BA 163 -29.92 24.55 27.10
C VAL BA 163 -30.01 23.21 27.81
N ILE BA 164 -30.87 23.13 28.83
CA ILE BA 164 -31.07 21.88 29.54
C ILE BA 164 -31.91 20.93 28.71
N ARG BA 165 -33.00 21.41 28.13
CA ARG BA 165 -33.81 20.58 27.25
C ARG BA 165 -32.98 20.07 26.08
N ALA BA 166 -31.95 20.83 25.70
CA ALA BA 166 -31.17 20.46 24.51
C ALA BA 166 -30.15 19.39 24.84
N ILE BA 167 -29.37 19.59 25.89
CA ILE BA 167 -28.36 18.61 26.25
C ILE BA 167 -29.00 17.33 26.75
N SER BA 168 -30.11 17.46 27.48
CA SER BA 168 -30.82 16.27 27.94
C SER BA 168 -31.23 15.40 26.78
N ALA BA 169 -31.35 15.99 25.58
CA ALA BA 169 -31.74 15.23 24.42
C ALA BA 169 -30.55 14.51 23.80
N ALA BA 170 -29.41 15.20 23.73
CA ALA BA 170 -28.21 14.57 23.22
C ALA BA 170 -27.80 13.39 24.09
N LYS BA 171 -27.96 13.51 25.40
CA LYS BA 171 -27.65 12.41 26.30
C LYS BA 171 -28.51 11.19 25.99
N GLN BA 172 -29.71 11.41 25.49
CA GLN BA 172 -30.60 10.32 25.13
C GLN BA 172 -30.27 9.67 23.81
N ARG BA 173 -29.39 10.28 23.01
CA ARG BA 173 -29.12 9.80 21.67
C ARG BA 173 -27.65 9.73 21.31
N ASP BA 174 -26.77 10.39 22.05
CA ASP BA 174 -25.33 10.28 21.85
C ASP BA 174 -24.74 9.48 23.00
N SER BA 175 -24.00 8.43 22.66
CA SER BA 175 -23.47 7.54 23.67
C SER BA 175 -22.27 8.13 24.39
N ALA BA 176 -21.55 9.04 23.77
CA ALA BA 176 -20.37 9.66 24.37
C ALA BA 176 -20.71 10.90 25.17
N SER BA 177 -21.99 11.15 25.45
CA SER BA 177 -22.42 12.29 26.24
C SER BA 177 -23.22 11.79 27.43
N GLY BA 178 -22.96 12.35 28.59
CA GLY BA 178 -23.66 11.95 29.78
C GLY BA 178 -23.11 12.65 30.99
N GLY BA 179 -23.82 12.52 32.09
CA GLY BA 179 -23.43 13.11 33.35
C GLY BA 179 -24.32 14.27 33.74
N MET BA 180 -24.00 14.84 34.89
CA MET BA 180 -24.70 16.03 35.34
C MET BA 180 -24.31 17.21 34.46
N ILE BA 181 -25.19 18.20 34.42
CA ILE BA 181 -25.05 19.34 33.53
C ILE BA 181 -24.48 20.50 34.31
N ASP BA 182 -23.43 21.11 33.77
CA ASP BA 182 -22.82 22.30 34.32
C ASP BA 182 -23.23 23.49 33.48
N VAL BA 183 -23.69 24.55 34.14
CA VAL BA 183 -24.22 25.72 33.47
C VAL BA 183 -23.57 26.97 34.05
N ALA BA 184 -23.35 27.95 33.20
CA ALA BA 184 -22.79 29.23 33.58
C ALA BA 184 -23.60 30.35 32.98
N VAL BA 185 -23.62 31.48 33.66
CA VAL BA 185 -24.33 32.67 33.21
C VAL BA 185 -23.40 33.87 33.38
N ILE BA 186 -23.44 34.78 32.42
CA ILE BA 186 -22.53 35.90 32.37
C ILE BA 186 -23.33 37.18 32.15
N THR BA 187 -23.07 38.18 32.99
CA THR BA 187 -23.71 39.48 32.86
C THR BA 187 -22.75 40.53 33.39
N ARG BA 188 -22.86 41.73 32.82
CA ARG BA 188 -22.03 42.84 33.28
C ARG BA 188 -22.31 43.17 34.73
N LYS BA 189 -23.50 42.81 35.22
CA LYS BA 189 -23.88 43.15 36.59
C LYS BA 189 -23.27 42.16 37.57
N ASP BA 190 -23.69 40.90 37.52
CA ASP BA 190 -23.24 39.89 38.45
C ASP BA 190 -22.00 39.15 37.99
N GLY BA 191 -21.60 39.30 36.74
CA GLY BA 191 -20.42 38.63 36.26
C GLY BA 191 -20.63 37.16 35.97
N TYR BA 192 -19.52 36.47 35.81
CA TYR BA 192 -19.54 35.03 35.57
C TYR BA 192 -20.08 34.33 36.81
N VAL BA 193 -21.08 33.47 36.61
CA VAL BA 193 -21.74 32.77 37.70
C VAL BA 193 -22.01 31.34 37.26
N GLN BA 194 -21.46 30.39 38.00
CA GLN BA 194 -21.72 28.97 37.79
C GLN BA 194 -22.89 28.57 38.67
N LEU BA 195 -23.92 28.00 38.06
CA LEU BA 195 -25.14 27.74 38.78
C LEU BA 195 -24.95 26.57 39.74
N PRO BA 196 -25.55 26.62 40.93
CA PRO BA 196 -25.49 25.48 41.84
C PRO BA 196 -26.19 24.26 41.24
N THR BA 197 -25.71 23.08 41.65
CA THR BA 197 -26.27 21.85 41.12
C THR BA 197 -27.72 21.68 41.52
N ASP BA 198 -28.09 22.16 42.70
CA ASP BA 198 -29.47 21.99 43.17
C ASP BA 198 -30.46 22.73 42.28
N GLN BA 199 -30.07 23.91 41.80
CA GLN BA 199 -30.97 24.65 40.91
C GLN BA 199 -31.18 23.91 39.61
N ILE BA 200 -30.16 23.17 39.15
CA ILE BA 200 -30.30 22.40 37.92
C ILE BA 200 -31.29 21.25 38.14
N GLU BA 201 -31.03 20.44 39.17
CA GLU BA 201 -31.92 19.33 39.48
C GLU BA 201 -33.34 19.82 39.65
N SER BA 202 -33.52 21.00 40.26
CA SER BA 202 -34.86 21.54 40.45
C SER BA 202 -35.55 21.77 39.12
N ARG BA 203 -34.90 22.52 38.22
CA ARG BA 203 -35.52 22.81 36.93
C ARG BA 203 -35.80 21.54 36.15
N ILE BA 204 -34.94 20.53 36.31
CA ILE BA 204 -35.13 19.28 35.58
C ILE BA 204 -36.45 18.62 35.99
N ARG BA 205 -36.62 18.36 37.28
CA ARG BA 205 -37.89 17.83 37.75
C ARG BA 205 -39.05 18.71 37.30
N LYS BA 206 -38.86 20.02 37.32
CA LYS BA 206 -39.91 20.94 36.92
C LYS BA 206 -40.26 20.77 35.44
N LEU BA 207 -39.33 20.23 34.65
CA LEU BA 207 -39.56 20.03 33.23
C LEU BA 207 -39.91 18.60 32.86
N GLY BA 208 -39.55 17.64 33.69
CA GLY BA 208 -39.86 16.25 33.41
C GLY BA 208 -38.83 15.55 32.57
N LEU BA 209 -37.59 15.50 33.05
CA LEU BA 209 -36.49 14.88 32.33
C LEU BA 209 -35.71 13.90 33.18
N ILE BA 210 -36.37 13.15 34.05
CA ILE BA 210 -35.70 12.21 34.91
C ILE BA 210 -36.66 11.09 35.32
#